data_7MTA
#
_entry.id   7MTA
#
loop_
_entity.id
_entity.type
_entity.pdbx_description
1 polymer 'Rhodopsin kinase GRK1'
2 polymer 'Fab1 Heavy chain'
3 polymer 'Fab1 Light chain'
4 polymer Rhodopsin
5 non-polymer SANGIVAMYCIN
6 non-polymer RETINAL
#
loop_
_entity_poly.entity_id
_entity_poly.type
_entity_poly.pdbx_seq_one_letter_code
_entity_poly.pdbx_strand_id
1 'polypeptide(L)'
;MDFGELETVVANSAFIAARGSFDASSGPASRDRKYLARLKLPPLSKCEALRESLDLGFEGMCLEQPIGKRLFQQFLRTHE
QHGPALQLWKDIEDYDTADDALRPQKAQALRAAYLEPQAQLFCSFLDAETVARARAGAGDGLFQPLLRAVLAHLGQAPFQ
EFLDSLYFLRFLQWKWLEAQPMGEDWFLDFRVLGRGGFGEVFACQMKATGKLYACKKLNKKRLKKRKGYQGAMVEKKILA
KVHSRFIVSLAYAFETKTDLCLVMTIMNGGDIRYHIYNVDEDNPGFQEPRAIFYTAQIVSGLEHLHQRNIIYRDLKPENV
LLDDDGNVRISDLGLAVELKAGQTKTKGYAGTPGFMAPELLLGEEYDFSVDYFALGVTLYEMIAARGPFRARGEKVENKE
LKQRVLEQAVTYPDKFSPASKDFCEALLQKDPEKRLGFRDGSCDGLRTHPLFRDISWRQLEAGMLTPPFVPDSRTVYAKN
IQDVGAFEEVKGVAFEKADTEFFQEFASGTCPIPWQEEMIETGVFGDLNVWRPDGVDHHHHHH
;
G
2 'polypeptide(L)'
;EISEVQLVESGGGLVQPGGSLRLSCAASGFNLYSSSIHWVRQAPGKGLEWVASIYSYYGSTSYADSVKGRFTISADTSKN
TAYLQMNSLRAEDTAVYYCARYEGWWWANTYALDYWGQGTLVTVSSASTKGPSVFPLAPSSKSTSGGTAALGCLVKDYFP
EPVTVSWNSGALTSGVHTFPAVLQSSGLYSLSSVVTVPSSSLGTQTYICNVNHKPSNTKVDKKVEPKSCDKTHT
;
H
3 'polypeptide(L)'
;SDIQMTQSPSSLSASVGDRVTITCRASQSVSSAVAWYQQKPGKAPKLLIYSASSLYSGVPSRFSGSRSGTDFTLTISSLQ
PEDFATYYCQQYYEWLSLFTFGQGTKVEIKRTVAAPSVFIFPPSDSQLKSGTASVVCLLNNFYPREAKVQWKVDNALQSG
NSQESVTEQDSKDSTYSLSSTLTLSKADYEKHKVYACEVTHQGLSSPVTKSFNRGEC
;
L
4 'polypeptide(L)'
;MNGTEGPNFYVPFSNKTGVVRSPFEAPQYYLAEPWQFSMLAAYMFLLIMLGFPINFLTLYVTVQHKKLRTPLNYILLNLA
VADLFMVFGGFTTTLYTSLHGYFVFGPTGCNLEGFFATLGGEIALWSLVVLAIERYVVVCKPMSNFRFGENHAIMGVAFT
WVMALACAAPPLVGWSRYIPEGMQCSCGIDYYTPHEETNNESFVIYMFVVHFIIPLIVIFFCYGQLVFTVKEAAAQQQES
ATTQKAEKEVTRMVIIMVIAFLICWLPYAGVAFYIFTHQGSDFGPIFMTIPAFFAKTSAVYNPVIYIMMNKQFRNCMVTT
LCCGKNPLGDDEASTTVSKTETSQVAPA
;
R
#
loop_
_chem_comp.id
_chem_comp.type
_chem_comp.name
_chem_comp.formula
RET non-polymer RETINAL 'C20 H28 O'
SGV non-polymer SANGIVAMYCIN 'C12 H15 N5 O5'
#
# COMPACT_ATOMS: atom_id res chain seq x y z
N LEU A 6 -1.15 4.68 34.56
CA LEU A 6 -1.18 4.60 35.98
C LEU A 6 0.09 3.90 36.36
N GLU A 7 0.03 2.56 36.59
CA GLU A 7 1.19 1.70 36.74
C GLU A 7 1.96 1.66 35.43
N THR A 8 1.23 1.71 34.30
CA THR A 8 1.76 1.81 32.97
C THR A 8 2.55 3.08 32.77
N VAL A 9 2.07 4.21 33.34
CA VAL A 9 2.80 5.46 33.35
C VAL A 9 4.09 5.36 34.17
N VAL A 10 4.09 4.62 35.31
CA VAL A 10 5.28 4.35 36.10
C VAL A 10 6.29 3.57 35.29
N ALA A 11 5.81 2.54 34.53
CA ALA A 11 6.64 1.77 33.66
C ALA A 11 7.23 2.60 32.54
N ASN A 12 6.41 3.51 31.97
CA ASN A 12 6.81 4.46 30.94
C ASN A 12 7.83 5.44 31.47
N SER A 13 7.66 5.90 32.73
CA SER A 13 8.62 6.74 33.40
C SER A 13 9.92 6.04 33.62
N ALA A 14 9.89 4.73 34.00
CA ALA A 14 11.07 3.93 34.15
C ALA A 14 11.83 3.74 32.85
N PHE A 15 11.07 3.66 31.71
CA PHE A 15 11.62 3.57 30.38
C PHE A 15 12.38 4.82 30.04
N ILE A 16 11.79 6.00 30.37
CA ILE A 16 12.37 7.31 30.16
C ILE A 16 13.66 7.43 30.94
N ALA A 17 13.67 6.87 32.18
CA ALA A 17 14.82 6.85 33.06
C ALA A 17 15.96 6.06 32.46
N ALA A 18 15.61 4.86 31.89
CA ALA A 18 16.54 3.95 31.26
C ALA A 18 17.17 4.54 30.02
N ARG A 19 16.37 5.28 29.21
CA ARG A 19 16.76 5.96 28.00
C ARG A 19 17.80 7.00 28.29
N GLY A 20 17.61 7.74 29.42
CA GLY A 20 18.47 8.79 29.90
C GLY A 20 19.84 8.26 30.21
N SER A 21 19.89 7.09 30.92
CA SER A 21 21.11 6.39 31.24
C SER A 21 21.80 5.89 29.99
N PHE A 22 21.02 5.35 29.02
CA PHE A 22 21.50 4.84 27.76
C PHE A 22 22.11 5.93 26.91
N ASP A 23 21.43 7.10 26.85
CA ASP A 23 21.86 8.28 26.12
C ASP A 23 23.14 8.84 26.71
N ALA A 24 23.26 8.83 28.06
CA ALA A 24 24.44 9.24 28.78
C ALA A 24 25.34 8.05 28.93
N MET A 182 21.25 -14.67 29.55
CA MET A 182 20.26 -13.85 28.93
C MET A 182 18.93 -14.53 29.09
N GLY A 183 18.00 -13.89 29.82
CA GLY A 183 17.35 -14.62 30.88
C GLY A 183 16.50 -13.67 31.65
N GLU A 184 16.22 -14.03 32.94
CA GLU A 184 15.35 -13.29 33.80
C GLU A 184 16.14 -12.42 34.73
N ASP A 185 17.46 -12.30 34.51
CA ASP A 185 18.36 -11.66 35.44
C ASP A 185 19.35 -10.96 34.54
N TRP A 186 18.83 -10.30 33.49
CA TRP A 186 19.62 -9.84 32.39
C TRP A 186 18.82 -8.83 31.64
N PHE A 187 17.49 -8.74 31.88
CA PHE A 187 16.67 -7.76 31.23
C PHE A 187 15.69 -7.13 32.15
N LEU A 188 15.71 -5.77 32.20
CA LEU A 188 14.76 -4.94 32.88
C LEU A 188 13.58 -4.86 31.96
N ASP A 189 12.34 -5.01 32.46
CA ASP A 189 11.18 -5.11 31.63
C ASP A 189 10.45 -3.81 31.76
N PHE A 190 9.91 -3.31 30.62
CA PHE A 190 9.07 -2.15 30.63
C PHE A 190 7.77 -2.61 30.01
N ARG A 191 6.86 -1.64 29.72
CA ARG A 191 5.58 -1.86 29.09
C ARG A 191 5.66 -2.58 27.76
N VAL A 192 4.58 -3.36 27.48
CA VAL A 192 4.32 -3.95 26.19
C VAL A 192 3.94 -2.84 25.25
N LEU A 193 4.13 -3.08 23.94
CA LEU A 193 3.96 -2.05 22.93
C LEU A 193 2.88 -2.48 22.00
N GLY A 194 2.37 -3.73 22.18
CA GLY A 194 1.30 -4.25 21.39
C GLY A 194 1.29 -5.72 21.66
N ARG A 195 0.25 -6.41 21.17
CA ARG A 195 0.19 -7.85 21.21
C ARG A 195 0.15 -8.20 19.75
N GLY A 196 1.28 -8.77 19.26
CA GLY A 196 1.49 -9.30 17.93
C GLY A 196 0.66 -10.52 17.61
N GLY A 197 1.20 -11.36 16.70
CA GLY A 197 0.54 -12.57 16.24
C GLY A 197 0.52 -13.67 17.25
N PHE A 198 1.62 -13.81 18.05
CA PHE A 198 1.81 -14.96 18.90
C PHE A 198 2.09 -14.52 20.31
N GLY A 199 2.21 -13.20 20.56
CA GLY A 199 2.41 -12.72 21.91
C GLY A 199 2.81 -11.29 21.85
N GLU A 200 3.06 -10.73 23.06
CA GLU A 200 3.36 -9.34 23.30
C GLU A 200 4.77 -9.00 22.90
N VAL A 201 5.02 -7.71 22.60
CA VAL A 201 6.33 -7.24 22.19
C VAL A 201 6.61 -6.06 23.07
N PHE A 202 7.53 -6.21 24.05
CA PHE A 202 7.83 -5.19 25.03
C PHE A 202 9.22 -4.71 24.86
N ALA A 203 9.46 -3.46 25.33
CA ALA A 203 10.78 -2.91 25.46
C ALA A 203 11.48 -3.53 26.65
N CYS A 204 12.82 -3.50 26.63
CA CYS A 204 13.63 -4.19 27.62
C CYS A 204 15.00 -3.57 27.54
N GLN A 205 15.88 -3.86 28.53
CA GLN A 205 17.18 -3.22 28.63
C GLN A 205 18.15 -4.22 29.19
N MET A 206 19.35 -4.27 28.57
CA MET A 206 20.53 -5.00 28.97
C MET A 206 21.13 -4.61 30.29
N LYS A 207 21.34 -5.63 31.15
CA LYS A 207 21.91 -5.55 32.46
C LYS A 207 23.31 -4.96 32.46
N ALA A 208 24.16 -5.41 31.51
CA ALA A 208 25.57 -5.13 31.56
C ALA A 208 25.97 -4.09 30.56
N THR A 209 25.01 -3.58 29.74
CA THR A 209 25.33 -2.72 28.62
C THR A 209 24.59 -1.43 28.84
N GLY A 210 23.31 -1.53 29.31
CA GLY A 210 22.49 -0.38 29.63
C GLY A 210 21.94 0.16 28.34
N LYS A 211 21.66 -0.76 27.39
CA LYS A 211 21.23 -0.47 26.06
C LYS A 211 19.86 -1.05 25.88
N LEU A 212 19.01 -0.35 25.09
CA LEU A 212 17.61 -0.68 24.91
C LEU A 212 17.49 -1.59 23.73
N TYR A 213 16.62 -2.61 23.85
CA TYR A 213 16.37 -3.58 22.80
C TYR A 213 14.88 -3.79 22.84
N ALA A 214 14.28 -4.18 21.69
CA ALA A 214 12.96 -4.76 21.67
C ALA A 214 13.06 -6.25 21.79
N CYS A 215 12.10 -6.83 22.54
CA CYS A 215 11.98 -8.25 22.77
C CYS A 215 10.63 -8.64 22.25
N LYS A 216 10.61 -9.27 21.05
CA LYS A 216 9.43 -9.84 20.45
C LYS A 216 9.25 -11.16 21.17
N LYS A 217 8.25 -11.18 22.07
CA LYS A 217 7.87 -12.34 22.86
C LYS A 217 6.85 -13.09 22.04
N LEU A 218 6.96 -14.42 22.00
CA LEU A 218 5.95 -15.27 21.44
C LEU A 218 5.60 -16.09 22.63
N ASN A 219 4.44 -15.78 23.28
CA ASN A 219 3.98 -16.43 24.47
C ASN A 219 3.70 -17.89 24.20
N LYS A 220 4.23 -18.79 25.07
CA LYS A 220 4.13 -20.23 24.98
C LYS A 220 2.71 -20.74 24.97
N LYS A 221 1.85 -20.11 25.78
CA LYS A 221 0.45 -20.44 25.96
C LYS A 221 -0.29 -20.19 24.67
N ARG A 222 -0.18 -18.95 24.13
CA ARG A 222 -0.75 -18.53 22.86
C ARG A 222 -0.25 -19.32 21.68
N LEU A 223 1.02 -19.78 21.71
CA LEU A 223 1.64 -20.64 20.72
C LEU A 223 0.96 -21.97 20.64
N LYS A 224 0.70 -22.61 21.81
CA LYS A 224 0.06 -23.90 21.93
C LYS A 224 -1.35 -23.86 21.40
N LYS A 225 -2.08 -22.76 21.71
CA LYS A 225 -3.43 -22.53 21.28
C LYS A 225 -3.58 -22.45 19.79
N ARG A 226 -2.76 -21.59 19.15
CA ARG A 226 -2.77 -21.34 17.72
C ARG A 226 -2.02 -22.37 16.92
N LYS A 227 -1.24 -23.25 17.60
CA LYS A 227 -0.31 -24.18 17.00
C LYS A 227 0.64 -23.48 16.04
N GLY A 228 1.29 -22.40 16.55
CA GLY A 228 2.02 -21.45 15.76
C GLY A 228 3.49 -21.75 15.74
N TYR A 229 3.86 -23.05 15.84
CA TYR A 229 5.23 -23.49 15.99
C TYR A 229 6.00 -23.34 14.72
N GLN A 230 5.37 -23.62 13.55
CA GLN A 230 5.98 -23.50 12.24
C GLN A 230 6.34 -22.07 11.93
N GLY A 231 5.38 -21.14 12.19
CA GLY A 231 5.46 -19.73 11.86
C GLY A 231 6.58 -19.05 12.58
N ALA A 232 6.84 -19.49 13.83
CA ALA A 232 7.86 -18.98 14.69
C ALA A 232 9.23 -19.29 14.14
N MET A 233 9.48 -20.55 13.74
CA MET A 233 10.76 -21.01 13.24
C MET A 233 11.16 -20.35 11.95
N VAL A 234 10.17 -20.04 11.07
CA VAL A 234 10.40 -19.44 9.77
C VAL A 234 10.91 -18.03 9.94
N GLU A 235 10.19 -17.23 10.75
CA GLU A 235 10.52 -15.85 11.05
C GLU A 235 11.89 -15.68 11.67
N LYS A 236 12.27 -16.63 12.56
CA LYS A 236 13.53 -16.67 13.27
C LYS A 236 14.65 -16.83 12.29
N LYS A 237 14.70 -18.00 11.60
CA LYS A 237 15.77 -18.40 10.71
C LYS A 237 16.05 -17.43 9.60
N ILE A 238 14.99 -16.82 9.02
CA ILE A 238 15.08 -15.88 7.92
C ILE A 238 15.70 -14.60 8.39
N LEU A 239 15.09 -13.91 9.41
CA LEU A 239 15.62 -12.67 9.96
C LEU A 239 17.04 -12.79 10.47
N ALA A 240 17.39 -13.96 11.05
CA ALA A 240 18.69 -14.29 11.57
C ALA A 240 19.78 -14.30 10.52
N LYS A 241 19.43 -14.67 9.27
CA LYS A 241 20.38 -14.95 8.23
C LYS A 241 20.59 -13.77 7.31
N VAL A 242 19.52 -12.97 7.06
CA VAL A 242 19.55 -11.96 6.02
C VAL A 242 19.57 -10.62 6.69
N HIS A 243 20.54 -9.77 6.27
CA HIS A 243 20.77 -8.48 6.86
C HIS A 243 21.32 -7.58 5.79
N SER A 244 21.10 -6.26 5.94
CA SER A 244 21.66 -5.23 5.11
C SER A 244 21.71 -4.02 6.00
N ARG A 245 21.60 -2.79 5.44
CA ARG A 245 21.52 -1.58 6.22
C ARG A 245 20.09 -1.14 6.28
N PHE A 246 19.19 -1.92 5.65
CA PHE A 246 17.77 -1.69 5.63
C PHE A 246 17.10 -2.91 6.20
N ILE A 247 17.88 -3.85 6.78
CA ILE A 247 17.35 -4.96 7.52
C ILE A 247 18.16 -4.97 8.78
N VAL A 248 17.47 -4.88 9.94
CA VAL A 248 18.07 -4.86 11.25
C VAL A 248 18.53 -6.24 11.67
N SER A 249 19.64 -6.28 12.45
CA SER A 249 20.18 -7.47 13.08
C SER A 249 19.32 -8.03 14.18
N LEU A 250 19.43 -9.37 14.36
CA LEU A 250 18.86 -10.13 15.45
C LEU A 250 20.05 -10.38 16.34
N ALA A 251 19.91 -10.18 17.68
CA ALA A 251 21.04 -10.22 18.57
C ALA A 251 21.01 -11.46 19.44
N TYR A 252 19.83 -11.95 19.86
CA TYR A 252 19.74 -13.06 20.77
C TYR A 252 18.45 -13.79 20.51
N ALA A 253 18.46 -15.12 20.76
CA ALA A 253 17.28 -15.95 20.71
C ALA A 253 17.40 -16.86 21.90
N PHE A 254 16.61 -16.57 22.95
CA PHE A 254 16.54 -17.35 24.16
C PHE A 254 15.10 -17.57 24.48
N GLU A 255 14.81 -18.29 25.59
CA GLU A 255 13.48 -18.53 26.09
C GLU A 255 13.61 -18.24 27.55
N THR A 256 12.48 -17.94 28.23
CA THR A 256 12.46 -17.69 29.66
C THR A 256 11.79 -18.87 30.31
N LYS A 257 10.44 -18.91 30.34
CA LYS A 257 9.72 -19.94 31.04
C LYS A 257 8.29 -19.86 30.59
N THR A 258 7.97 -18.94 29.65
CA THR A 258 6.61 -18.55 29.39
C THR A 258 6.58 -17.94 28.01
N ASP A 259 7.76 -17.77 27.36
CA ASP A 259 7.79 -17.14 26.06
C ASP A 259 9.09 -17.50 25.42
N LEU A 260 9.10 -17.44 24.07
CA LEU A 260 10.27 -17.48 23.23
C LEU A 260 10.58 -16.04 22.94
N CYS A 261 11.87 -15.67 22.92
CA CYS A 261 12.29 -14.30 22.82
C CYS A 261 13.10 -14.17 21.58
N LEU A 262 12.85 -13.10 20.80
CA LEU A 262 13.80 -12.61 19.83
C LEU A 262 14.11 -11.24 20.34
N VAL A 263 15.40 -10.99 20.66
CA VAL A 263 15.87 -9.71 21.12
C VAL A 263 16.66 -9.13 19.99
N MET A 264 16.19 -8.01 19.41
CA MET A 264 16.76 -7.49 18.19
C MET A 264 17.26 -6.10 18.43
N THR A 265 18.17 -5.65 17.54
CA THR A 265 18.89 -4.39 17.59
C THR A 265 18.05 -3.15 17.48
N ILE A 266 18.49 -2.11 18.25
CA ILE A 266 18.01 -0.75 18.36
C ILE A 266 17.36 -0.18 17.12
N MET A 267 16.24 0.52 17.39
CA MET A 267 15.38 1.23 16.48
C MET A 267 14.48 1.83 17.50
N ASN A 268 14.94 2.93 18.13
CA ASN A 268 14.31 3.55 19.28
C ASN A 268 13.42 4.67 18.82
N GLY A 269 13.17 4.73 17.51
CA GLY A 269 12.54 5.84 16.85
C GLY A 269 11.09 5.51 16.60
N GLY A 270 10.63 4.28 16.98
CA GLY A 270 9.26 3.85 16.78
C GLY A 270 9.06 3.30 15.40
N ASP A 271 7.82 2.85 15.10
CA ASP A 271 7.48 2.24 13.83
C ASP A 271 6.70 3.28 13.08
N ILE A 272 6.68 3.16 11.74
CA ILE A 272 6.02 4.04 10.82
C ILE A 272 4.55 4.19 11.09
N ARG A 273 3.86 3.08 11.50
CA ARG A 273 2.44 3.08 11.76
C ARG A 273 2.06 4.02 12.88
N TYR A 274 2.86 4.03 13.98
CA TYR A 274 2.74 4.94 15.10
C TYR A 274 2.84 6.37 14.66
N HIS A 275 3.81 6.67 13.77
CA HIS A 275 4.21 7.99 13.36
C HIS A 275 3.21 8.64 12.46
N ILE A 276 2.38 7.85 11.74
CA ILE A 276 1.23 8.29 10.97
C ILE A 276 0.27 9.05 11.84
N TYR A 277 0.02 8.54 13.06
CA TYR A 277 -0.97 9.06 13.97
C TYR A 277 -0.35 9.97 15.00
N ASN A 278 0.99 9.90 15.25
CA ASN A 278 1.63 10.66 16.29
C ASN A 278 2.00 12.04 15.82
N VAL A 279 2.24 12.21 14.49
CA VAL A 279 2.42 13.49 13.81
C VAL A 279 1.23 14.39 14.05
N ASP A 280 0.04 13.74 14.10
CA ASP A 280 -1.30 14.25 14.31
C ASP A 280 -2.13 13.29 13.51
N GLU A 281 -3.39 13.08 13.95
CA GLU A 281 -4.29 12.14 13.32
C GLU A 281 -5.18 12.89 12.36
N ASP A 282 -5.05 14.24 12.33
CA ASP A 282 -5.76 15.12 11.43
C ASP A 282 -4.81 15.47 10.32
N ASN A 283 -3.57 14.94 10.36
CA ASN A 283 -2.59 15.06 9.34
C ASN A 283 -2.43 13.65 8.84
N PRO A 284 -2.83 13.28 7.62
CA PRO A 284 -2.80 11.89 7.21
C PRO A 284 -1.43 11.62 6.67
N GLY A 285 -0.70 10.67 7.31
CA GLY A 285 0.64 10.32 6.95
C GLY A 285 1.60 11.45 7.10
N PHE A 286 2.69 11.39 6.30
CA PHE A 286 3.77 12.36 6.33
C PHE A 286 3.59 13.28 5.19
N GLN A 287 4.31 14.43 5.26
CA GLN A 287 4.49 15.38 4.18
C GLN A 287 5.17 14.69 3.04
N GLU A 288 4.85 15.10 1.78
CA GLU A 288 5.29 14.43 0.58
C GLU A 288 6.80 14.21 0.47
N PRO A 289 7.74 15.15 0.63
CA PRO A 289 9.17 14.88 0.58
C PRO A 289 9.65 13.82 1.56
N ARG A 290 9.09 13.85 2.79
CA ARG A 290 9.42 12.94 3.86
C ARG A 290 8.98 11.54 3.59
N ALA A 291 7.78 11.39 2.98
CA ALA A 291 7.23 10.12 2.57
C ALA A 291 8.02 9.54 1.44
N ILE A 292 8.40 10.38 0.45
CA ILE A 292 9.17 10.01 -0.73
C ILE A 292 10.50 9.45 -0.35
N PHE A 293 11.20 10.12 0.61
CA PHE A 293 12.48 9.67 1.12
C PHE A 293 12.39 8.26 1.67
N TYR A 294 11.39 8.03 2.57
CA TYR A 294 11.15 6.75 3.19
C TYR A 294 10.81 5.67 2.20
N THR A 295 9.98 5.97 1.16
CA THR A 295 9.64 5.06 0.09
C THR A 295 10.86 4.59 -0.65
N ALA A 296 11.79 5.51 -0.94
CA ALA A 296 13.03 5.22 -1.61
C ALA A 296 13.88 4.24 -0.82
N GLN A 297 13.95 4.42 0.52
CA GLN A 297 14.67 3.56 1.42
C GLN A 297 14.07 2.18 1.56
N ILE A 298 12.71 2.07 1.61
CA ILE A 298 11.98 0.80 1.67
C ILE A 298 12.24 0.00 0.42
N VAL A 299 12.19 0.66 -0.76
CA VAL A 299 12.45 0.11 -2.07
C VAL A 299 13.82 -0.51 -2.14
N SER A 300 14.86 0.18 -1.62
CA SER A 300 16.22 -0.29 -1.56
C SER A 300 16.35 -1.56 -0.74
N GLY A 301 15.61 -1.65 0.39
CA GLY A 301 15.59 -2.83 1.24
C GLY A 301 14.98 -4.03 0.56
N LEU A 302 13.83 -3.83 -0.14
CA LEU A 302 13.18 -4.85 -0.94
C LEU A 302 14.06 -5.34 -2.05
N GLU A 303 14.76 -4.40 -2.73
CA GLU A 303 15.65 -4.63 -3.84
C GLU A 303 16.76 -5.58 -3.43
N HIS A 304 17.31 -5.37 -2.21
CA HIS A 304 18.36 -6.19 -1.64
C HIS A 304 17.91 -7.62 -1.43
N LEU A 305 16.62 -7.82 -1.01
CA LEU A 305 16.02 -9.14 -0.87
C LEU A 305 15.88 -9.81 -2.22
N HIS A 306 15.41 -9.07 -3.25
CA HIS A 306 15.15 -9.57 -4.57
C HIS A 306 16.40 -9.98 -5.31
N GLN A 307 17.52 -9.25 -5.08
CA GLN A 307 18.84 -9.56 -5.57
C GLN A 307 19.41 -10.84 -4.98
N ARG A 308 18.89 -11.26 -3.82
CA ARG A 308 19.28 -12.48 -3.13
C ARG A 308 18.28 -13.57 -3.42
N ASN A 309 17.24 -13.26 -4.24
CA ASN A 309 16.21 -14.15 -4.69
C ASN A 309 15.34 -14.61 -3.54
N ILE A 310 14.82 -13.64 -2.76
CA ILE A 310 14.04 -13.90 -1.58
C ILE A 310 12.66 -13.37 -1.85
N ILE A 311 11.63 -14.22 -1.63
CA ILE A 311 10.26 -13.80 -1.67
C ILE A 311 9.92 -13.60 -0.22
N TYR A 312 9.40 -12.41 0.13
CA TYR A 312 9.14 -12.02 1.48
C TYR A 312 7.72 -12.42 1.80
N ARG A 313 6.76 -12.11 0.89
CA ARG A 313 5.33 -12.40 1.03
C ARG A 313 4.70 -11.51 2.08
N ASP A 314 5.48 -10.52 2.57
CA ASP A 314 5.09 -9.65 3.66
C ASP A 314 5.81 -8.35 3.42
N LEU A 315 5.53 -7.39 4.32
CA LEU A 315 6.05 -6.06 4.46
C LEU A 315 4.84 -5.35 4.95
N LYS A 316 4.99 -4.50 5.98
CA LYS A 316 3.88 -3.73 6.46
C LYS A 316 4.47 -2.54 7.17
N PRO A 317 3.72 -1.45 7.40
CA PRO A 317 4.13 -0.27 8.13
C PRO A 317 4.74 -0.57 9.48
N GLU A 318 4.15 -1.55 10.20
CA GLU A 318 4.54 -1.91 11.55
C GLU A 318 5.87 -2.62 11.59
N ASN A 319 6.36 -3.05 10.41
CA ASN A 319 7.64 -3.70 10.25
C ASN A 319 8.61 -2.74 9.60
N VAL A 320 8.20 -1.49 9.30
CA VAL A 320 9.14 -0.48 8.87
C VAL A 320 9.35 0.42 10.05
N LEU A 321 10.58 0.37 10.59
CA LEU A 321 10.99 1.03 11.80
C LEU A 321 11.80 2.23 11.45
N LEU A 322 11.70 3.30 12.27
CA LEU A 322 12.54 4.47 12.18
C LEU A 322 13.60 4.27 13.23
N ASP A 323 14.85 4.70 12.91
CA ASP A 323 15.91 4.81 13.88
C ASP A 323 15.85 6.26 14.31
N ASP A 324 16.71 6.68 15.27
CA ASP A 324 16.70 8.02 15.81
C ASP A 324 17.26 9.02 14.83
N ASP A 325 18.05 8.56 13.82
CA ASP A 325 18.55 9.40 12.74
C ASP A 325 17.39 9.92 11.91
N GLY A 326 16.44 9.02 11.59
CA GLY A 326 15.25 9.28 10.83
C GLY A 326 15.20 8.42 9.61
N ASN A 327 16.30 7.69 9.31
CA ASN A 327 16.37 6.68 8.28
C ASN A 327 15.42 5.55 8.58
N VAL A 328 14.76 4.96 7.56
CA VAL A 328 13.84 3.88 7.82
C VAL A 328 14.50 2.64 7.31
N ARG A 329 14.09 1.50 7.89
CA ARG A 329 14.60 0.19 7.56
C ARG A 329 13.41 -0.71 7.67
N ILE A 330 13.34 -1.79 6.85
CA ILE A 330 12.40 -2.86 7.11
C ILE A 330 13.02 -3.67 8.22
N SER A 331 12.20 -4.42 8.97
CA SER A 331 12.65 -5.09 10.15
C SER A 331 11.69 -6.20 10.39
N ASP A 332 12.19 -7.31 10.99
CA ASP A 332 11.46 -8.50 11.33
C ASP A 332 10.99 -9.21 10.09
N LEU A 333 11.77 -10.23 9.64
CA LEU A 333 11.48 -10.93 8.42
C LEU A 333 10.70 -12.14 8.83
N GLY A 334 9.37 -12.07 8.60
CA GLY A 334 8.39 -13.02 9.07
C GLY A 334 8.32 -14.21 8.17
N LEU A 335 7.07 -14.65 7.88
CA LEU A 335 6.74 -15.76 7.02
C LEU A 335 7.20 -15.43 5.63
N ALA A 336 8.27 -16.13 5.17
CA ALA A 336 8.94 -15.81 3.94
C ALA A 336 9.57 -17.09 3.49
N VAL A 337 10.15 -17.08 2.26
CA VAL A 337 10.98 -18.18 1.83
C VAL A 337 12.13 -17.53 1.11
N GLU A 338 13.35 -18.04 1.38
CA GLU A 338 14.53 -17.64 0.65
C GLU A 338 14.71 -18.71 -0.39
N LEU A 339 14.65 -18.31 -1.68
CA LEU A 339 14.82 -19.21 -2.80
C LEU A 339 16.24 -19.10 -3.28
N LYS A 340 16.69 -20.17 -3.95
CA LYS A 340 17.97 -20.26 -4.60
C LYS A 340 17.80 -19.72 -5.99
N ALA A 341 18.93 -19.58 -6.72
CA ALA A 341 18.91 -19.27 -8.12
C ALA A 341 18.66 -20.56 -8.84
N GLY A 342 17.52 -20.63 -9.57
CA GLY A 342 17.10 -21.79 -10.32
C GLY A 342 15.68 -22.12 -9.98
N GLN A 343 15.02 -21.28 -9.16
CA GLN A 343 13.60 -21.34 -8.97
C GLN A 343 13.18 -19.96 -8.58
N THR A 344 11.93 -19.60 -8.93
CA THR A 344 11.38 -18.29 -8.65
C THR A 344 9.92 -18.49 -8.34
N LYS A 345 9.33 -19.63 -8.76
CA LYS A 345 7.93 -19.90 -8.60
C LYS A 345 7.75 -20.93 -7.53
N THR A 346 6.83 -20.64 -6.58
CA THR A 346 6.55 -21.51 -5.47
C THR A 346 5.11 -21.27 -5.12
N LYS A 347 4.39 -22.36 -4.75
CA LYS A 347 3.02 -22.34 -4.27
C LYS A 347 3.04 -22.08 -2.79
N GLY A 348 1.83 -21.97 -2.20
CA GLY A 348 1.65 -21.83 -0.77
C GLY A 348 0.70 -20.72 -0.47
N TYR A 349 0.29 -20.65 0.81
CA TYR A 349 -0.54 -19.62 1.37
C TYR A 349 0.31 -19.23 2.55
N ALA A 350 0.85 -18.00 2.55
CA ALA A 350 1.76 -17.58 3.58
C ALA A 350 1.75 -16.09 3.65
N GLY A 351 2.11 -15.55 4.83
CA GLY A 351 2.16 -14.13 5.09
C GLY A 351 0.88 -13.73 5.75
N THR A 352 0.81 -12.48 6.21
CA THR A 352 -0.31 -11.93 6.92
C THR A 352 -1.24 -11.36 5.88
N PRO A 353 -2.53 -11.73 5.78
CA PRO A 353 -3.51 -11.16 4.86
C PRO A 353 -3.51 -9.66 4.75
N GLY A 354 -3.63 -9.14 3.51
CA GLY A 354 -3.64 -7.73 3.22
C GLY A 354 -2.30 -7.27 2.76
N PHE A 355 -1.25 -8.10 2.99
CA PHE A 355 0.10 -7.87 2.58
C PHE A 355 0.47 -9.06 1.72
N MET A 356 -0.56 -9.74 1.19
CA MET A 356 -0.48 -10.89 0.33
C MET A 356 -1.16 -10.47 -0.93
N ALA A 357 -0.61 -10.89 -2.08
CA ALA A 357 -1.08 -10.53 -3.40
C ALA A 357 -2.11 -11.55 -3.81
N PRO A 358 -2.89 -11.33 -4.87
CA PRO A 358 -3.87 -12.27 -5.42
C PRO A 358 -3.41 -13.69 -5.58
N GLU A 359 -2.21 -13.90 -6.17
CA GLU A 359 -1.63 -15.21 -6.43
C GLU A 359 -1.59 -16.16 -5.25
N LEU A 360 -1.21 -15.67 -4.05
CA LEU A 360 -1.12 -16.46 -2.84
C LEU A 360 -2.47 -16.90 -2.36
N LEU A 361 -3.42 -15.95 -2.35
CA LEU A 361 -4.76 -16.14 -1.84
C LEU A 361 -5.54 -17.17 -2.63
N LEU A 362 -5.30 -17.24 -3.96
CA LEU A 362 -5.96 -18.15 -4.86
C LEU A 362 -5.27 -19.49 -4.91
N GLY A 363 -4.13 -19.65 -4.19
CA GLY A 363 -3.44 -20.92 -4.06
C GLY A 363 -2.71 -21.29 -5.33
N GLU A 364 -1.94 -20.33 -5.87
CA GLU A 364 -1.26 -20.46 -7.13
C GLU A 364 0.17 -20.11 -6.88
N GLU A 365 1.07 -20.45 -7.83
CA GLU A 365 2.46 -20.04 -7.82
C GLU A 365 2.63 -18.56 -7.95
N TYR A 366 3.74 -18.03 -7.38
CA TYR A 366 4.02 -16.63 -7.32
C TYR A 366 5.50 -16.46 -7.32
N ASP A 367 5.97 -15.28 -7.80
CA ASP A 367 7.36 -14.91 -7.78
C ASP A 367 7.45 -13.61 -7.02
N PHE A 368 8.58 -12.87 -7.22
CA PHE A 368 8.95 -11.64 -6.58
C PHE A 368 7.94 -10.52 -6.61
N SER A 369 6.97 -10.59 -7.57
CA SER A 369 5.90 -9.64 -7.77
C SER A 369 5.11 -9.31 -6.53
N VAL A 370 4.83 -10.32 -5.69
CA VAL A 370 4.01 -10.24 -4.50
C VAL A 370 4.55 -9.31 -3.44
N ASP A 371 5.90 -9.18 -3.33
CA ASP A 371 6.55 -8.32 -2.38
C ASP A 371 6.31 -6.88 -2.72
N TYR A 372 6.26 -6.61 -4.04
CA TYR A 372 5.95 -5.33 -4.61
C TYR A 372 4.51 -4.99 -4.45
N PHE A 373 3.61 -6.01 -4.33
CA PHE A 373 2.22 -5.79 -4.02
C PHE A 373 2.10 -5.26 -2.59
N ALA A 374 2.86 -5.86 -1.65
CA ALA A 374 2.92 -5.47 -0.26
C ALA A 374 3.42 -4.06 -0.09
N LEU A 375 4.44 -3.66 -0.90
CA LEU A 375 5.00 -2.32 -0.95
C LEU A 375 3.95 -1.29 -1.28
N GLY A 376 3.06 -1.62 -2.23
CA GLY A 376 1.99 -0.77 -2.70
C GLY A 376 1.04 -0.47 -1.58
N VAL A 377 0.62 -1.52 -0.85
CA VAL A 377 -0.23 -1.42 0.33
C VAL A 377 0.40 -0.55 1.41
N THR A 378 1.73 -0.71 1.63
CA THR A 378 2.51 -0.01 2.65
C THR A 378 2.58 1.46 2.37
N LEU A 379 3.02 1.83 1.15
CA LEU A 379 3.14 3.16 0.63
C LEU A 379 1.85 3.93 0.63
N TYR A 380 0.74 3.26 0.26
CA TYR A 380 -0.57 3.85 0.21
C TYR A 380 -1.01 4.24 1.61
N GLU A 381 -0.78 3.35 2.61
CA GLU A 381 -1.09 3.57 4.01
C GLU A 381 -0.23 4.62 4.64
N MET A 382 1.06 4.72 4.21
CA MET A 382 2.00 5.69 4.68
C MET A 382 1.62 7.12 4.39
N ILE A 383 1.01 7.37 3.22
CA ILE A 383 0.66 8.69 2.77
C ILE A 383 -0.76 9.06 3.13
N ALA A 384 -1.72 8.12 3.02
CA ALA A 384 -3.13 8.46 3.14
C ALA A 384 -3.68 8.17 4.50
N ALA A 385 -2.92 7.45 5.36
CA ALA A 385 -3.28 7.06 6.72
C ALA A 385 -4.31 5.97 6.74
N ARG A 386 -4.58 5.35 5.58
CA ARG A 386 -5.41 4.19 5.46
C ARG A 386 -4.88 3.41 4.30
N GLY A 387 -5.06 2.07 4.35
CA GLY A 387 -4.63 1.18 3.31
C GLY A 387 -5.61 1.24 2.18
N PRO A 388 -5.35 0.59 1.05
CA PRO A 388 -6.28 0.51 -0.05
C PRO A 388 -7.37 -0.48 0.29
N PHE A 389 -7.12 -1.39 1.26
CA PHE A 389 -7.98 -2.50 1.57
C PHE A 389 -8.39 -2.41 3.01
N ARG A 390 -8.23 -1.23 3.66
CA ARG A 390 -8.72 -1.03 5.00
C ARG A 390 -8.85 0.44 5.23
N ALA A 391 -9.67 0.83 6.23
CA ALA A 391 -9.94 2.20 6.60
C ALA A 391 -8.92 2.66 7.61
N ARG A 392 -9.01 3.96 8.02
CA ARG A 392 -8.03 4.64 8.84
C ARG A 392 -7.98 4.06 10.23
N GLY A 393 -6.83 3.44 10.58
CA GLY A 393 -6.57 2.83 11.86
C GLY A 393 -7.47 1.64 12.11
N GLU A 394 -7.78 0.87 11.04
CA GLU A 394 -8.64 -0.27 11.11
C GLU A 394 -8.00 -1.37 10.32
N LYS A 395 -8.47 -2.61 10.59
CA LYS A 395 -8.03 -3.81 9.94
C LYS A 395 -9.28 -4.63 9.93
N VAL A 396 -9.60 -5.28 8.80
CA VAL A 396 -10.78 -6.10 8.66
C VAL A 396 -10.38 -7.55 8.71
N GLU A 397 -11.39 -8.43 8.92
CA GLU A 397 -11.29 -9.87 9.00
C GLU A 397 -10.69 -10.45 7.76
N ASN A 398 -9.99 -11.61 7.88
CA ASN A 398 -9.18 -12.22 6.85
C ASN A 398 -9.95 -12.53 5.60
N LYS A 399 -11.18 -13.09 5.73
CA LYS A 399 -12.06 -13.41 4.62
C LYS A 399 -12.45 -12.21 3.80
N GLU A 400 -12.79 -11.08 4.46
CA GLU A 400 -13.18 -9.85 3.83
C GLU A 400 -12.00 -9.20 3.16
N LEU A 401 -10.82 -9.28 3.82
CA LEU A 401 -9.55 -8.76 3.37
C LEU A 401 -9.09 -9.42 2.10
N LYS A 402 -9.29 -10.76 2.01
CA LYS A 402 -9.03 -11.57 0.84
C LYS A 402 -9.86 -11.13 -0.33
N GLN A 403 -11.16 -10.82 -0.09
CA GLN A 403 -12.07 -10.34 -1.10
C GLN A 403 -11.66 -8.97 -1.60
N ARG A 404 -11.21 -8.07 -0.68
CA ARG A 404 -10.70 -6.76 -0.98
C ARG A 404 -9.50 -6.78 -1.89
N VAL A 405 -8.49 -7.62 -1.58
CA VAL A 405 -7.26 -7.74 -2.34
C VAL A 405 -7.54 -8.16 -3.77
N LEU A 406 -8.48 -9.12 -3.95
CA LEU A 406 -8.84 -9.65 -5.24
C LEU A 406 -9.71 -8.74 -6.07
N GLU A 407 -10.60 -7.92 -5.43
CA GLU A 407 -11.69 -7.27 -6.14
C GLU A 407 -11.64 -5.76 -6.12
N GLN A 408 -11.15 -5.14 -5.02
CA GLN A 408 -11.29 -3.72 -4.78
C GLN A 408 -10.29 -2.92 -5.56
N ALA A 409 -10.80 -2.06 -6.48
CA ALA A 409 -10.05 -1.08 -7.23
C ALA A 409 -9.58 0.01 -6.31
N VAL A 410 -8.37 0.56 -6.57
CA VAL A 410 -7.75 1.55 -5.73
C VAL A 410 -8.12 2.91 -6.27
N THR A 411 -8.54 3.83 -5.37
CA THR A 411 -8.86 5.20 -5.67
C THR A 411 -7.80 6.00 -4.96
N TYR A 412 -7.43 7.17 -5.51
CA TYR A 412 -6.29 7.94 -5.05
C TYR A 412 -6.70 9.31 -4.57
N PRO A 413 -6.53 9.62 -3.29
CA PRO A 413 -6.65 10.96 -2.73
C PRO A 413 -5.74 11.97 -3.38
N ASP A 414 -5.95 13.27 -3.09
CA ASP A 414 -5.19 14.35 -3.66
C ASP A 414 -4.04 14.67 -2.74
N LYS A 415 -3.90 13.90 -1.63
CA LYS A 415 -2.79 13.98 -0.70
C LYS A 415 -1.52 13.57 -1.40
N PHE A 416 -1.61 12.52 -2.24
CA PHE A 416 -0.57 12.06 -3.14
C PHE A 416 -0.20 13.11 -4.13
N SER A 417 1.11 13.20 -4.47
CA SER A 417 1.63 13.94 -5.60
C SER A 417 1.38 13.11 -6.85
N PRO A 418 1.45 13.61 -8.08
CA PRO A 418 1.24 12.82 -9.30
C PRO A 418 2.19 11.66 -9.45
N ALA A 419 3.49 11.86 -9.14
CA ALA A 419 4.49 10.83 -9.20
C ALA A 419 4.18 9.67 -8.29
N SER A 420 3.73 9.97 -7.03
CA SER A 420 3.38 8.96 -6.06
C SER A 420 2.11 8.22 -6.41
N LYS A 421 1.09 8.89 -7.01
CA LYS A 421 -0.13 8.24 -7.49
C LYS A 421 0.19 7.17 -8.49
N ASP A 422 0.98 7.54 -9.52
CA ASP A 422 1.35 6.69 -10.63
C ASP A 422 2.13 5.48 -10.15
N PHE A 423 3.07 5.69 -9.20
CA PHE A 423 3.87 4.65 -8.59
C PHE A 423 3.03 3.64 -7.82
N CYS A 424 2.05 4.12 -7.02
CA CYS A 424 1.14 3.28 -6.28
C CYS A 424 0.27 2.43 -7.17
N GLU A 425 -0.26 3.01 -8.28
CA GLU A 425 -1.03 2.32 -9.31
C GLU A 425 -0.28 1.16 -9.91
N ALA A 426 1.03 1.36 -10.17
CA ALA A 426 1.90 0.39 -10.76
C ALA A 426 2.10 -0.84 -9.91
N LEU A 427 2.13 -0.68 -8.57
CA LEU A 427 2.35 -1.74 -7.61
C LEU A 427 1.11 -2.50 -7.26
N LEU A 428 -0.07 -1.84 -7.30
CA LEU A 428 -1.32 -2.37 -6.80
C LEU A 428 -2.14 -3.07 -7.84
N GLN A 429 -1.63 -3.27 -9.08
CA GLN A 429 -2.26 -4.15 -10.06
C GLN A 429 -2.37 -5.57 -9.57
N LYS A 430 -3.53 -6.20 -9.84
CA LYS A 430 -3.88 -7.51 -9.34
C LYS A 430 -3.22 -8.65 -10.08
N ASP A 431 -2.86 -8.45 -11.37
CA ASP A 431 -2.19 -9.47 -12.15
C ASP A 431 -0.71 -9.21 -12.04
N PRO A 432 0.15 -10.22 -11.90
CA PRO A 432 1.59 -10.04 -11.77
C PRO A 432 2.19 -9.43 -13.02
N GLU A 433 1.64 -9.79 -14.21
CA GLU A 433 2.06 -9.33 -15.52
C GLU A 433 1.94 -7.84 -15.71
N LYS A 434 0.94 -7.20 -15.05
CA LYS A 434 0.69 -5.79 -15.17
C LYS A 434 1.24 -5.04 -13.99
N ARG A 435 1.93 -5.76 -13.06
CA ARG A 435 2.39 -5.21 -11.82
C ARG A 435 3.85 -4.96 -11.98
N LEU A 436 4.28 -3.73 -11.66
CA LEU A 436 5.64 -3.27 -11.68
C LEU A 436 6.44 -4.03 -10.66
N GLY A 437 7.70 -4.35 -11.02
CA GLY A 437 8.55 -5.14 -10.18
C GLY A 437 9.42 -5.85 -11.14
N PHE A 438 9.33 -7.21 -11.15
CA PHE A 438 10.14 -8.04 -12.00
C PHE A 438 9.41 -8.09 -13.32
N ARG A 439 10.06 -7.57 -14.38
CA ARG A 439 9.49 -7.44 -15.70
C ARG A 439 10.19 -8.39 -16.63
N ASP A 440 10.87 -9.41 -16.06
CA ASP A 440 11.38 -10.57 -16.75
C ASP A 440 12.76 -10.30 -17.26
N GLY A 441 13.50 -9.38 -16.61
CA GLY A 441 14.86 -9.12 -17.01
C GLY A 441 15.49 -8.15 -16.05
N SER A 442 14.67 -7.43 -15.26
CA SER A 442 15.20 -6.53 -14.27
C SER A 442 14.09 -6.22 -13.31
N CYS A 443 14.48 -5.73 -12.11
CA CYS A 443 13.60 -5.06 -11.18
C CYS A 443 14.06 -3.63 -11.10
N ASP A 444 14.90 -3.20 -12.07
CA ASP A 444 15.47 -1.88 -12.14
C ASP A 444 14.67 -1.04 -13.09
N GLY A 445 13.59 -1.61 -13.68
CA GLY A 445 12.65 -0.89 -14.48
C GLY A 445 11.75 -0.09 -13.58
N LEU A 446 11.49 -0.64 -12.36
CA LEU A 446 10.77 -0.01 -11.29
C LEU A 446 11.44 1.26 -10.85
N ARG A 447 12.79 1.21 -10.72
CA ARG A 447 13.67 2.29 -10.31
C ARG A 447 13.71 3.49 -11.23
N THR A 448 13.12 3.38 -12.45
CA THR A 448 13.18 4.39 -13.48
C THR A 448 12.04 5.36 -13.31
N HIS A 449 11.05 5.03 -12.44
CA HIS A 449 9.84 5.82 -12.25
C HIS A 449 10.17 7.22 -11.77
N PRO A 450 9.48 8.28 -12.22
CA PRO A 450 9.75 9.66 -11.87
C PRO A 450 9.71 10.03 -10.41
N LEU A 451 9.01 9.25 -9.55
CA LEU A 451 8.99 9.41 -8.11
C LEU A 451 10.37 9.52 -7.48
N PHE A 452 11.35 8.81 -8.08
CA PHE A 452 12.71 8.70 -7.62
C PHE A 452 13.64 9.63 -8.33
N ARG A 453 13.12 10.71 -8.97
CA ARG A 453 13.94 11.70 -9.64
C ARG A 453 14.47 12.64 -8.58
N ASP A 454 13.80 12.65 -7.39
CA ASP A 454 14.11 13.48 -6.27
C ASP A 454 15.27 12.90 -5.49
N ILE A 455 15.41 11.56 -5.52
CA ILE A 455 16.37 10.84 -4.71
C ILE A 455 17.35 10.14 -5.62
N SER A 456 18.65 10.53 -5.54
CA SER A 456 19.75 9.84 -6.19
C SER A 456 19.95 8.49 -5.57
N TRP A 457 20.05 7.44 -6.41
CA TRP A 457 20.15 6.06 -5.99
C TRP A 457 21.48 5.74 -5.36
N ARG A 458 22.58 6.32 -5.87
CA ARG A 458 23.91 6.03 -5.41
C ARG A 458 24.15 6.45 -3.97
N GLN A 459 23.62 7.64 -3.60
CA GLN A 459 23.76 8.19 -2.28
C GLN A 459 22.84 7.53 -1.30
N LEU A 460 21.63 7.17 -1.77
CA LEU A 460 20.61 6.46 -1.04
C LEU A 460 21.03 5.11 -0.54
N GLU A 461 21.62 4.28 -1.43
CA GLU A 461 22.06 2.94 -1.11
C GLU A 461 23.21 2.88 -0.13
N ALA A 462 23.99 3.98 -0.03
CA ALA A 462 25.13 4.04 0.86
C ALA A 462 24.77 4.76 2.14
N GLY A 463 23.51 5.25 2.26
CA GLY A 463 22.98 5.85 3.46
C GLY A 463 23.59 7.19 3.75
N MET A 464 23.80 8.01 2.69
CA MET A 464 24.54 9.25 2.77
C MET A 464 23.58 10.41 2.67
N LEU A 465 22.26 10.13 2.70
CA LEU A 465 21.23 11.14 2.52
C LEU A 465 20.60 11.38 3.86
N THR A 466 20.37 12.67 4.16
CA THR A 466 19.86 13.14 5.42
C THR A 466 18.35 13.04 5.36
N PRO A 467 17.66 12.54 6.38
CA PRO A 467 16.21 12.40 6.36
C PRO A 467 15.61 13.74 6.76
N PRO A 468 14.47 14.19 6.21
CA PRO A 468 13.86 15.47 6.55
C PRO A 468 13.10 15.41 7.87
N PHE A 469 13.33 14.38 8.72
CA PHE A 469 12.76 14.33 10.04
C PHE A 469 13.77 13.58 10.84
N VAL A 470 13.97 14.00 12.11
CA VAL A 470 14.88 13.34 13.02
C VAL A 470 14.04 13.08 14.25
N PRO A 471 13.76 11.83 14.63
CA PRO A 471 13.02 11.51 15.85
C PRO A 471 13.71 12.02 17.09
N ASP A 472 12.98 12.81 17.91
CA ASP A 472 13.42 13.33 19.20
C ASP A 472 13.58 12.22 20.21
N SER A 473 14.59 12.34 21.10
CA SER A 473 14.91 11.36 22.11
C SER A 473 14.42 11.81 23.47
N ARG A 474 13.69 12.96 23.52
CA ARG A 474 13.13 13.51 24.73
C ARG A 474 11.68 13.11 24.85
N THR A 475 11.21 12.28 23.90
CA THR A 475 9.90 11.71 23.88
C THR A 475 10.15 10.29 23.50
N VAL A 476 9.23 9.37 23.86
CA VAL A 476 9.38 7.96 23.61
C VAL A 476 8.22 7.55 22.75
N TYR A 477 8.55 6.78 21.68
CA TYR A 477 7.61 6.34 20.67
C TYR A 477 7.07 5.00 21.07
N ALA A 478 6.02 4.55 20.35
CA ALA A 478 5.31 3.31 20.51
C ALA A 478 4.35 3.39 21.66
N LYS A 479 3.24 2.64 21.55
CA LYS A 479 2.18 2.58 22.53
C LYS A 479 2.62 2.11 23.89
N ASN A 480 1.87 2.58 24.91
CA ASN A 480 1.99 2.14 26.28
C ASN A 480 0.66 1.51 26.51
N ILE A 481 0.59 0.35 27.21
CA ILE A 481 -0.59 -0.49 27.27
C ILE A 481 -1.79 0.25 27.80
N GLN A 482 -2.93 0.08 27.09
CA GLN A 482 -4.14 0.80 27.39
C GLN A 482 -5.25 0.13 26.64
N ASP A 483 -4.90 -0.92 25.86
CA ASP A 483 -5.74 -1.73 25.03
C ASP A 483 -4.74 -2.28 24.07
N VAL A 484 -4.43 -3.59 24.23
CA VAL A 484 -3.60 -4.34 23.33
C VAL A 484 -4.37 -5.62 23.14
N GLY A 485 -4.07 -6.36 22.05
CA GLY A 485 -4.75 -7.58 21.67
C GLY A 485 -4.53 -8.67 22.66
N ALA A 486 -5.22 -9.81 22.46
CA ALA A 486 -5.05 -10.93 23.34
C ALA A 486 -5.61 -12.14 22.64
N PHE A 487 -5.20 -13.33 23.11
CA PHE A 487 -5.64 -14.58 22.56
C PHE A 487 -5.44 -15.51 23.73
N GLU A 488 -6.07 -16.71 23.68
CA GLU A 488 -6.18 -17.63 24.78
C GLU A 488 -4.86 -18.04 25.37
N GLU A 489 -4.84 -18.12 26.71
CA GLU A 489 -3.80 -18.74 27.47
C GLU A 489 -4.42 -19.96 28.09
N VAL A 490 -3.57 -20.99 28.37
CA VAL A 490 -3.98 -22.37 28.49
C VAL A 490 -4.93 -22.59 29.64
N LYS A 491 -5.89 -23.52 29.43
CA LYS A 491 -6.93 -23.83 30.38
C LYS A 491 -6.59 -25.16 30.98
N GLY A 492 -6.98 -26.26 30.29
CA GLY A 492 -6.65 -27.61 30.65
C GLY A 492 -5.49 -28.07 29.81
N VAL A 493 -5.04 -27.22 28.86
CA VAL A 493 -4.23 -27.62 27.75
C VAL A 493 -2.80 -27.68 28.22
N ALA A 494 -2.17 -28.86 28.05
CA ALA A 494 -0.89 -29.17 28.64
C ALA A 494 0.04 -29.47 27.51
N PHE A 495 1.29 -28.94 27.60
CA PHE A 495 2.28 -28.97 26.55
C PHE A 495 2.69 -30.37 26.21
N GLU A 496 2.87 -30.61 24.89
CA GLU A 496 3.41 -31.82 24.34
C GLU A 496 4.90 -31.83 24.50
N LYS A 497 5.50 -33.05 24.53
CA LYS A 497 6.93 -33.28 24.52
C LYS A 497 7.60 -32.59 23.35
N ALA A 498 6.94 -32.66 22.17
CA ALA A 498 7.33 -32.05 20.92
C ALA A 498 7.52 -30.55 21.02
N ASP A 499 6.58 -29.87 21.73
CA ASP A 499 6.59 -28.45 21.99
C ASP A 499 7.79 -28.02 22.78
N THR A 500 8.12 -28.75 23.88
CA THR A 500 9.29 -28.52 24.72
C THR A 500 10.59 -28.60 23.94
N GLU A 501 10.66 -29.58 23.00
CA GLU A 501 11.79 -29.80 22.13
C GLU A 501 11.95 -28.69 21.14
N PHE A 502 10.82 -28.13 20.65
CA PHE A 502 10.79 -26.99 19.77
C PHE A 502 11.31 -25.76 20.49
N PHE A 503 10.93 -25.55 21.77
CA PHE A 503 11.33 -24.39 22.53
C PHE A 503 12.81 -24.31 22.75
N GLN A 504 13.45 -25.44 23.13
CA GLN A 504 14.90 -25.55 23.24
C GLN A 504 15.61 -25.33 21.92
N GLU A 505 15.06 -25.91 20.83
CA GLU A 505 15.60 -25.89 19.48
C GLU A 505 15.62 -24.52 18.89
N PHE A 506 14.51 -23.74 19.09
CA PHE A 506 14.34 -22.36 18.72
C PHE A 506 15.45 -21.50 19.28
N ALA A 507 15.74 -21.67 20.60
CA ALA A 507 16.76 -20.94 21.29
C ALA A 507 18.12 -21.35 20.79
N SER A 508 19.04 -20.37 20.69
CA SER A 508 20.33 -20.53 20.06
C SER A 508 21.35 -20.71 21.15
N GLU B 4 -16.08 13.46 -25.35
CA GLU B 4 -14.90 12.70 -25.13
C GLU B 4 -13.78 13.69 -24.91
N VAL B 5 -12.56 13.15 -24.63
CA VAL B 5 -11.31 13.86 -24.76
C VAL B 5 -11.11 14.26 -26.19
N GLN B 6 -10.53 15.46 -26.41
CA GLN B 6 -10.43 16.01 -27.73
C GLN B 6 -9.18 16.84 -27.70
N LEU B 7 -8.48 16.87 -28.85
CA LEU B 7 -7.34 17.71 -29.06
C LEU B 7 -7.63 18.47 -30.33
N VAL B 8 -7.50 19.83 -30.32
CA VAL B 8 -7.64 20.64 -31.51
C VAL B 8 -6.33 21.35 -31.66
N GLU B 9 -5.57 20.95 -32.69
CA GLU B 9 -4.36 21.57 -33.16
C GLU B 9 -4.57 22.85 -33.90
N SER B 10 -3.56 23.75 -33.86
CA SER B 10 -3.49 24.95 -34.66
C SER B 10 -2.01 25.24 -34.86
N GLY B 11 -1.68 26.23 -35.71
CA GLY B 11 -0.33 26.76 -35.84
C GLY B 11 0.42 26.20 -37.01
N GLY B 12 -0.26 25.50 -37.94
CA GLY B 12 0.30 25.05 -39.20
C GLY B 12 0.44 26.17 -40.19
N GLY B 13 0.89 25.85 -41.43
CA GLY B 13 1.12 26.84 -42.45
C GLY B 13 2.22 26.37 -43.34
N LEU B 14 2.63 27.25 -44.29
CA LEU B 14 3.75 27.05 -45.16
C LEU B 14 4.94 27.63 -44.48
N VAL B 15 6.09 26.93 -44.58
CA VAL B 15 7.31 27.33 -43.91
C VAL B 15 8.44 26.91 -44.82
N GLN B 16 9.48 27.76 -44.92
CA GLN B 16 10.68 27.52 -45.69
C GLN B 16 11.47 26.33 -45.18
N PRO B 17 12.16 25.55 -46.02
CA PRO B 17 13.14 24.54 -45.62
C PRO B 17 14.27 25.13 -44.80
N GLY B 18 14.63 24.47 -43.68
CA GLY B 18 15.70 24.89 -42.81
C GLY B 18 15.28 25.99 -41.90
N GLY B 19 13.95 26.29 -41.86
CA GLY B 19 13.35 27.30 -41.03
C GLY B 19 12.97 26.68 -39.72
N SER B 20 11.89 27.24 -39.12
CA SER B 20 11.42 26.75 -37.86
C SER B 20 9.97 27.15 -37.76
N LEU B 21 9.21 26.36 -36.98
CA LEU B 21 7.79 26.57 -36.84
C LEU B 21 7.45 25.99 -35.50
N ARG B 22 6.38 26.50 -34.85
CA ARG B 22 5.93 26.02 -33.58
C ARG B 22 4.49 25.68 -33.79
N LEU B 23 4.14 24.42 -33.45
CA LEU B 23 2.81 23.88 -33.51
C LEU B 23 2.27 23.91 -32.12
N SER B 24 0.95 24.12 -32.00
CA SER B 24 0.25 24.12 -30.74
C SER B 24 -0.83 23.10 -30.85
N CYS B 25 -1.06 22.35 -29.75
CA CYS B 25 -2.10 21.36 -29.63
C CYS B 25 -2.81 21.73 -28.38
N ALA B 26 -4.07 22.21 -28.53
CA ALA B 26 -4.90 22.62 -27.41
C ALA B 26 -5.65 21.40 -26.98
N ALA B 27 -5.58 21.11 -25.67
CA ALA B 27 -6.07 19.90 -25.08
C ALA B 27 -7.27 20.20 -24.25
N SER B 28 -8.26 19.27 -24.27
CA SER B 28 -9.44 19.43 -23.45
C SER B 28 -9.96 18.06 -23.14
N GLY B 29 -10.75 17.99 -22.04
CA GLY B 29 -11.38 16.79 -21.55
C GLY B 29 -10.52 16.14 -20.49
N PHE B 30 -9.39 16.78 -20.13
CA PHE B 30 -8.50 16.24 -19.13
C PHE B 30 -7.63 17.38 -18.66
N ASN B 31 -6.94 17.17 -17.51
CA ASN B 31 -6.00 18.10 -16.94
C ASN B 31 -4.67 17.71 -17.48
N LEU B 32 -3.95 18.68 -18.09
CA LEU B 32 -2.71 18.46 -18.79
C LEU B 32 -1.62 17.91 -17.89
N TYR B 33 -1.51 18.41 -16.64
CA TYR B 33 -0.51 18.00 -15.67
C TYR B 33 -0.72 16.56 -15.22
N SER B 34 -1.90 15.97 -15.53
CA SER B 34 -2.27 14.62 -15.14
C SER B 34 -2.20 13.67 -16.31
N SER B 35 -1.60 14.07 -17.45
CA SER B 35 -1.48 13.20 -18.61
C SER B 35 -0.21 13.56 -19.32
N SER B 36 0.55 12.54 -19.75
CA SER B 36 1.67 12.66 -20.66
C SER B 36 1.20 13.09 -22.03
N ILE B 37 2.07 13.77 -22.81
CA ILE B 37 1.69 14.22 -24.12
C ILE B 37 2.84 13.87 -25.04
N HIS B 38 2.50 13.54 -26.31
CA HIS B 38 3.44 13.12 -27.31
C HIS B 38 3.07 13.78 -28.61
N TRP B 39 3.99 13.73 -29.61
CA TRP B 39 3.76 14.11 -30.98
C TRP B 39 4.05 12.90 -31.83
N VAL B 40 3.22 12.65 -32.87
CA VAL B 40 3.36 11.57 -33.84
C VAL B 40 3.15 12.27 -35.16
N ARG B 41 3.80 11.86 -36.27
CA ARG B 41 3.62 12.50 -37.56
C ARG B 41 3.32 11.43 -38.55
N GLN B 42 2.65 11.82 -39.67
CA GLN B 42 2.31 10.96 -40.76
C GLN B 42 2.66 11.63 -42.06
N ALA B 43 3.65 11.05 -42.78
CA ALA B 43 3.97 11.41 -44.15
C ALA B 43 2.79 11.01 -45.02
N PRO B 44 2.38 11.77 -46.05
CA PRO B 44 1.17 11.53 -46.80
C PRO B 44 1.09 10.17 -47.47
N GLY B 45 0.08 9.36 -47.07
CA GLY B 45 -0.19 8.05 -47.61
C GLY B 45 0.80 7.02 -47.16
N LYS B 46 1.34 7.18 -45.93
CA LYS B 46 2.38 6.33 -45.39
C LYS B 46 1.96 5.97 -44.00
N GLY B 47 2.86 5.27 -43.27
CA GLY B 47 2.75 4.92 -41.87
C GLY B 47 2.79 6.08 -40.93
N LEU B 48 3.01 5.77 -39.63
CA LEU B 48 3.08 6.72 -38.55
C LEU B 48 4.44 6.61 -37.94
N GLU B 49 5.12 7.75 -37.68
CA GLU B 49 6.36 7.80 -36.98
C GLU B 49 6.12 8.60 -35.74
N TRP B 50 6.45 8.03 -34.55
CA TRP B 50 6.47 8.74 -33.29
C TRP B 50 7.61 9.73 -33.27
N VAL B 51 7.38 10.94 -32.71
CA VAL B 51 8.32 12.03 -32.74
C VAL B 51 8.94 12.19 -31.38
N ALA B 52 8.13 12.43 -30.32
CA ALA B 52 8.67 12.76 -29.03
C ALA B 52 7.61 12.60 -27.99
N SER B 53 8.01 12.41 -26.71
CA SER B 53 7.12 12.37 -25.59
C SER B 53 7.70 13.25 -24.52
N ILE B 54 6.81 13.73 -23.61
CA ILE B 54 7.23 14.40 -22.40
C ILE B 54 6.25 13.97 -21.35
N TYR B 55 6.80 13.61 -20.16
CA TYR B 55 6.17 13.13 -18.95
C TYR B 55 4.92 13.88 -18.53
N SER B 56 4.07 13.19 -17.74
CA SER B 56 2.77 13.56 -17.29
C SER B 56 2.78 14.82 -16.46
N TYR B 57 3.74 14.92 -15.51
CA TYR B 57 3.88 16.05 -14.63
C TYR B 57 5.12 16.80 -15.06
N TYR B 58 5.73 16.36 -16.18
CA TYR B 58 6.70 17.08 -16.99
C TYR B 58 8.06 17.10 -16.34
N GLY B 59 9.07 16.49 -17.01
CA GLY B 59 10.37 16.33 -16.41
C GLY B 59 11.24 15.40 -17.20
N SER B 60 10.65 14.36 -17.85
CA SER B 60 11.40 13.39 -18.62
C SER B 60 10.92 13.47 -20.04
N THR B 61 11.84 13.31 -21.01
CA THR B 61 11.59 13.44 -22.43
C THR B 61 12.22 12.25 -23.10
N SER B 62 11.59 11.79 -24.22
CA SER B 62 12.19 10.77 -25.06
C SER B 62 11.95 11.25 -26.46
N TYR B 63 12.75 10.75 -27.43
CA TYR B 63 12.75 11.22 -28.79
C TYR B 63 13.03 10.04 -29.67
N ALA B 64 12.44 10.04 -30.89
CA ALA B 64 12.84 9.16 -31.98
C ALA B 64 14.10 9.76 -32.55
N ASP B 65 15.09 8.90 -32.91
CA ASP B 65 16.43 9.30 -33.29
C ASP B 65 16.53 10.27 -34.45
N SER B 66 15.65 10.12 -35.48
CA SER B 66 15.66 10.95 -36.66
C SER B 66 15.32 12.41 -36.42
N VAL B 67 14.50 12.70 -35.38
CA VAL B 67 14.01 14.01 -35.04
C VAL B 67 14.63 14.49 -33.76
N LYS B 68 15.44 13.63 -33.09
CA LYS B 68 16.01 13.88 -31.79
C LYS B 68 16.91 15.07 -31.77
N GLY B 69 16.63 16.00 -30.83
CA GLY B 69 17.36 17.23 -30.65
C GLY B 69 16.81 18.33 -31.52
N ARG B 70 16.55 18.02 -32.81
CA ARG B 70 16.06 18.96 -33.80
C ARG B 70 14.73 19.53 -33.41
N PHE B 71 13.82 18.67 -32.91
CA PHE B 71 12.51 19.08 -32.47
C PHE B 71 12.55 18.90 -30.99
N THR B 72 11.94 19.86 -30.28
CA THR B 72 11.92 19.96 -28.84
C THR B 72 10.46 20.02 -28.49
N ILE B 73 9.98 18.98 -27.78
CA ILE B 73 8.64 18.92 -27.25
C ILE B 73 8.62 19.72 -25.98
N SER B 74 7.48 20.41 -25.71
CA SER B 74 7.33 21.20 -24.53
C SER B 74 5.85 21.34 -24.29
N ALA B 75 5.49 21.89 -23.12
CA ALA B 75 4.11 22.02 -22.75
C ALA B 75 4.04 23.07 -21.68
N ASP B 76 2.81 23.61 -21.48
CA ASP B 76 2.50 24.55 -20.43
C ASP B 76 1.24 24.03 -19.83
N THR B 77 1.29 23.72 -18.52
CA THR B 77 0.20 23.12 -17.78
C THR B 77 -0.66 24.23 -17.22
N SER B 78 -0.27 25.49 -17.50
CA SER B 78 -0.93 26.69 -17.07
C SER B 78 -1.76 27.20 -18.23
N LYS B 79 -1.80 26.45 -19.34
CA LYS B 79 -2.53 26.80 -20.53
C LYS B 79 -3.29 25.56 -20.96
N ASN B 80 -2.84 24.37 -20.51
CA ASN B 80 -3.30 23.06 -20.93
C ASN B 80 -3.07 22.86 -22.42
N THR B 81 -1.83 23.15 -22.87
CA THR B 81 -1.50 23.21 -24.27
C THR B 81 -0.14 22.60 -24.34
N ALA B 82 0.08 21.74 -25.36
CA ALA B 82 1.34 21.14 -25.67
C ALA B 82 1.81 21.79 -26.92
N TYR B 83 3.14 21.96 -27.05
CA TYR B 83 3.75 22.66 -28.14
C TYR B 83 4.80 21.74 -28.67
N LEU B 84 5.12 21.88 -29.98
CA LEU B 84 6.25 21.22 -30.56
C LEU B 84 6.96 22.32 -31.28
N GLN B 85 8.20 22.60 -30.82
CA GLN B 85 9.08 23.57 -31.43
C GLN B 85 9.93 22.78 -32.37
N MET B 86 9.89 23.15 -33.67
CA MET B 86 10.53 22.41 -34.71
C MET B 86 11.58 23.32 -35.27
N ASN B 87 12.85 22.92 -35.08
CA ASN B 87 14.01 23.63 -35.53
C ASN B 87 14.64 22.71 -36.53
N SER B 88 15.03 23.25 -37.72
CA SER B 88 15.62 22.52 -38.83
C SER B 88 14.54 21.75 -39.52
N LEU B 89 14.21 22.13 -40.77
CA LEU B 89 13.17 21.51 -41.53
C LEU B 89 13.80 20.96 -42.77
N ARG B 90 13.25 19.81 -43.24
CA ARG B 90 13.82 19.02 -44.29
C ARG B 90 12.67 18.59 -45.15
N ALA B 91 12.95 18.03 -46.34
CA ALA B 91 11.95 17.60 -47.29
C ALA B 91 11.05 16.51 -46.74
N GLU B 92 11.63 15.53 -46.00
CA GLU B 92 10.91 14.45 -45.34
C GLU B 92 10.05 14.90 -44.18
N ASP B 93 10.27 16.13 -43.67
CA ASP B 93 9.52 16.71 -42.57
C ASP B 93 8.17 17.20 -43.02
N THR B 94 7.96 17.34 -44.36
CA THR B 94 6.68 17.72 -44.93
C THR B 94 5.66 16.68 -44.58
N ALA B 95 4.71 17.01 -43.68
CA ALA B 95 3.80 16.01 -43.18
C ALA B 95 2.66 16.69 -42.50
N VAL B 96 1.57 15.92 -42.30
CA VAL B 96 0.54 16.19 -41.31
C VAL B 96 1.11 15.76 -39.97
N TYR B 97 1.00 16.64 -38.95
CA TYR B 97 1.51 16.43 -37.61
C TYR B 97 0.36 16.26 -36.67
N TYR B 98 0.42 15.19 -35.86
CA TYR B 98 -0.56 14.78 -34.88
C TYR B 98 0.02 14.92 -33.51
N CYS B 99 -0.77 15.42 -32.54
CA CYS B 99 -0.49 15.23 -31.13
C CYS B 99 -1.29 14.03 -30.72
N ALA B 100 -0.87 13.35 -29.64
CA ALA B 100 -1.61 12.25 -29.09
C ALA B 100 -1.42 12.36 -27.62
N ARG B 101 -2.21 11.56 -26.87
CA ARG B 101 -2.22 11.53 -25.44
C ARG B 101 -1.70 10.20 -25.05
N TYR B 102 -1.33 10.07 -23.76
CA TYR B 102 -0.76 8.88 -23.19
C TYR B 102 -1.08 9.07 -21.73
N GLU B 103 -1.26 7.97 -20.98
CA GLU B 103 -1.51 8.02 -19.56
C GLU B 103 -0.40 7.31 -18.85
N GLY B 104 0.02 7.84 -17.67
CA GLY B 104 1.05 7.32 -16.80
C GLY B 104 2.35 7.12 -17.51
N TRP B 105 3.21 6.23 -16.98
CA TRP B 105 4.58 6.14 -17.45
C TRP B 105 5.29 5.18 -16.53
N TRP B 106 5.84 4.11 -17.15
CA TRP B 106 6.52 3.00 -16.51
C TRP B 106 5.56 2.07 -15.83
N TRP B 107 4.55 1.59 -16.59
CA TRP B 107 3.59 0.57 -16.22
C TRP B 107 2.56 1.16 -15.30
N ALA B 108 1.33 1.32 -15.80
CA ALA B 108 0.35 2.15 -15.13
C ALA B 108 -0.97 1.79 -15.74
N ASN B 109 -1.29 0.48 -15.61
CA ASN B 109 -2.49 -0.16 -16.12
C ASN B 109 -2.24 -0.51 -17.57
N THR B 110 -0.94 -0.51 -17.97
CA THR B 110 -0.39 -0.85 -19.27
C THR B 110 -1.13 -0.19 -20.42
N TYR B 111 -1.16 1.16 -20.35
CA TYR B 111 -1.63 2.11 -21.34
C TYR B 111 -1.40 1.87 -22.80
N ALA B 112 -2.09 2.63 -23.68
CA ALA B 112 -1.65 2.80 -25.04
C ALA B 112 -2.29 4.05 -25.52
N LEU B 113 -1.81 4.61 -26.67
CA LEU B 113 -2.02 5.98 -27.11
C LEU B 113 -3.46 6.09 -27.50
N ASP B 114 -4.26 6.81 -26.67
CA ASP B 114 -5.68 6.64 -26.65
C ASP B 114 -6.45 7.75 -27.30
N TYR B 115 -5.90 8.97 -27.40
CA TYR B 115 -6.59 10.07 -28.03
C TYR B 115 -5.61 10.79 -28.88
N TRP B 116 -6.03 11.10 -30.13
CA TRP B 116 -5.20 11.71 -31.13
C TRP B 116 -5.95 12.92 -31.60
N GLY B 117 -5.20 13.93 -32.12
CA GLY B 117 -5.75 15.05 -32.84
C GLY B 117 -6.22 14.65 -34.21
N GLN B 118 -6.63 15.66 -35.00
CA GLN B 118 -7.11 15.47 -36.36
C GLN B 118 -5.99 15.83 -37.29
N GLY B 119 -4.82 16.24 -36.74
CA GLY B 119 -3.65 16.65 -37.46
C GLY B 119 -3.74 18.09 -37.86
N THR B 120 -2.55 18.70 -38.09
CA THR B 120 -2.40 20.06 -38.55
C THR B 120 -1.35 19.94 -39.61
N LEU B 121 -1.57 20.61 -40.76
CA LEU B 121 -0.73 20.45 -41.92
C LEU B 121 0.45 21.37 -41.78
N VAL B 122 1.65 20.80 -41.95
CA VAL B 122 2.88 21.54 -42.03
C VAL B 122 3.37 21.25 -43.41
N THR B 123 3.71 22.30 -44.19
CA THR B 123 4.22 22.11 -45.52
C THR B 123 5.56 22.75 -45.51
N VAL B 124 6.62 21.95 -45.77
CA VAL B 124 7.97 22.45 -45.84
C VAL B 124 8.23 22.52 -47.33
N SER B 125 8.35 23.75 -47.89
CA SER B 125 8.59 23.90 -49.30
C SER B 125 8.97 25.34 -49.54
N SER B 126 9.69 25.59 -50.65
CA SER B 126 10.10 26.91 -51.09
C SER B 126 9.58 27.05 -52.49
N ALA B 127 8.84 28.16 -52.74
CA ALA B 127 8.26 28.54 -54.00
C ALA B 127 7.07 29.38 -53.63
N SER B 128 6.72 30.34 -54.52
CA SER B 128 5.55 31.18 -54.39
C SER B 128 4.42 30.50 -55.10
N THR B 129 3.16 30.92 -54.79
CA THR B 129 1.96 30.40 -55.41
C THR B 129 2.00 30.66 -56.90
N LYS B 130 1.50 29.67 -57.68
CA LYS B 130 1.66 29.63 -59.10
C LYS B 130 0.43 29.00 -59.68
N GLY B 131 -0.20 29.68 -60.67
CA GLY B 131 -1.35 29.18 -61.40
C GLY B 131 -0.92 28.06 -62.33
N PRO B 132 -1.80 27.20 -62.81
CA PRO B 132 -1.42 26.07 -63.63
C PRO B 132 -1.35 26.46 -65.08
N SER B 133 -0.39 25.86 -65.82
CA SER B 133 -0.43 25.81 -67.27
C SER B 133 -1.15 24.53 -67.59
N VAL B 134 -2.13 24.62 -68.51
CA VAL B 134 -3.03 23.54 -68.82
C VAL B 134 -2.80 23.22 -70.27
N PHE B 135 -2.41 21.97 -70.56
CA PHE B 135 -2.11 21.55 -71.91
C PHE B 135 -3.11 20.48 -72.24
N PRO B 136 -3.69 20.45 -73.43
CA PRO B 136 -4.57 19.36 -73.83
C PRO B 136 -3.75 18.13 -74.15
N LEU B 137 -4.25 16.94 -73.76
CA LEU B 137 -3.72 15.67 -74.18
C LEU B 137 -4.65 15.19 -75.25
N ALA B 138 -4.27 15.42 -76.53
CA ALA B 138 -5.07 15.07 -77.68
C ALA B 138 -5.31 13.57 -77.77
N PRO B 139 -6.50 13.08 -78.12
CA PRO B 139 -6.75 11.68 -78.45
C PRO B 139 -5.95 11.23 -79.64
N SER B 140 -5.87 9.90 -79.84
CA SER B 140 -5.07 9.30 -80.87
C SER B 140 -6.08 8.78 -81.86
N SER B 141 -5.62 8.59 -83.12
CA SER B 141 -6.41 8.02 -84.17
C SER B 141 -6.02 6.56 -84.31
N LYS B 142 -5.15 6.08 -83.39
CA LYS B 142 -4.66 4.72 -83.34
C LYS B 142 -5.24 4.03 -82.14
N SER B 143 -6.06 4.76 -81.32
CA SER B 143 -6.78 4.17 -80.21
C SER B 143 -8.20 3.93 -80.62
N THR B 144 -8.59 4.45 -81.82
CA THR B 144 -9.82 4.22 -82.56
C THR B 144 -10.11 2.75 -82.79
N SER B 145 -9.06 1.90 -82.71
CA SER B 145 -9.06 0.45 -82.87
C SER B 145 -9.95 -0.33 -81.92
N GLY B 146 -10.45 0.29 -80.83
CA GLY B 146 -11.35 -0.35 -79.88
C GLY B 146 -12.69 0.31 -79.91
N GLY B 147 -12.80 1.45 -80.62
CA GLY B 147 -14.00 2.24 -80.71
C GLY B 147 -14.08 3.26 -79.63
N THR B 148 -13.10 3.28 -78.70
CA THR B 148 -13.07 4.18 -77.57
C THR B 148 -11.73 4.86 -77.61
N ALA B 149 -11.72 6.19 -77.37
CA ALA B 149 -10.53 6.99 -77.30
C ALA B 149 -10.50 7.60 -75.94
N ALA B 150 -9.30 7.70 -75.32
CA ALA B 150 -9.16 8.45 -74.10
C ALA B 150 -8.42 9.72 -74.44
N LEU B 151 -8.86 10.84 -73.85
CA LEU B 151 -8.23 12.13 -74.02
C LEU B 151 -8.28 12.76 -72.67
N GLY B 152 -7.51 13.85 -72.46
CA GLY B 152 -7.40 14.39 -71.14
C GLY B 152 -6.70 15.69 -71.17
N CYS B 153 -6.26 16.16 -69.99
CA CYS B 153 -5.54 17.41 -69.84
C CYS B 153 -4.48 17.14 -68.83
N LEU B 154 -3.28 17.70 -69.10
CA LEU B 154 -2.15 17.65 -68.22
C LEU B 154 -2.04 19.01 -67.61
N VAL B 155 -2.21 19.08 -66.27
CA VAL B 155 -2.23 20.30 -65.51
C VAL B 155 -0.92 20.26 -64.79
N LYS B 156 0.01 21.14 -65.25
CA LYS B 156 1.42 20.96 -65.03
C LYS B 156 1.93 22.24 -64.42
N ASP B 157 2.90 22.12 -63.49
CA ASP B 157 3.70 23.22 -62.97
C ASP B 157 2.90 24.19 -62.14
N TYR B 158 2.12 23.69 -61.16
CA TYR B 158 1.37 24.52 -60.23
C TYR B 158 1.97 24.29 -58.87
N PHE B 159 1.76 25.25 -57.96
CA PHE B 159 2.13 25.09 -56.58
C PHE B 159 1.23 26.03 -55.81
N PRO B 160 0.75 25.75 -54.60
CA PRO B 160 0.72 24.46 -53.95
C PRO B 160 -0.59 23.79 -54.28
N GLU B 161 -0.77 22.53 -53.83
CA GLU B 161 -2.04 21.81 -53.82
C GLU B 161 -3.12 22.54 -53.05
N PRO B 162 -4.41 22.42 -53.38
CA PRO B 162 -4.93 21.43 -54.31
C PRO B 162 -5.48 22.10 -55.54
N VAL B 163 -5.39 21.42 -56.71
CA VAL B 163 -6.18 21.75 -57.88
C VAL B 163 -7.34 20.79 -57.91
N THR B 164 -8.43 21.21 -58.58
CA THR B 164 -9.55 20.35 -58.91
C THR B 164 -9.62 20.40 -60.41
N VAL B 165 -9.87 19.24 -61.06
CA VAL B 165 -10.08 19.16 -62.48
C VAL B 165 -11.40 18.46 -62.63
N SER B 166 -12.29 19.06 -63.44
CA SER B 166 -13.58 18.52 -63.77
C SER B 166 -13.68 18.57 -65.27
N TRP B 167 -14.68 17.85 -65.83
CA TRP B 167 -14.92 17.81 -67.25
C TRP B 167 -16.32 18.27 -67.50
N ASN B 168 -16.46 19.23 -68.45
CA ASN B 168 -17.70 19.83 -68.88
C ASN B 168 -18.45 20.45 -67.72
N SER B 169 -17.70 21.15 -66.84
CA SER B 169 -18.17 21.90 -65.69
C SER B 169 -18.72 21.01 -64.60
N GLY B 170 -18.26 19.74 -64.53
CA GLY B 170 -18.71 18.79 -63.54
C GLY B 170 -19.82 17.92 -64.04
N ALA B 171 -20.28 18.11 -65.30
CA ALA B 171 -21.36 17.35 -65.88
C ALA B 171 -20.89 15.97 -66.29
N LEU B 172 -19.56 15.82 -66.49
CA LEU B 172 -18.91 14.59 -66.86
C LEU B 172 -17.94 14.37 -65.76
N THR B 173 -18.11 13.26 -65.02
CA THR B 173 -17.37 12.95 -63.82
C THR B 173 -17.33 11.44 -63.68
N SER B 174 -18.05 10.71 -64.55
CA SER B 174 -18.10 9.27 -64.55
C SER B 174 -17.29 8.84 -65.73
N GLY B 175 -16.20 8.10 -65.46
CA GLY B 175 -15.21 7.69 -66.42
C GLY B 175 -14.06 8.65 -66.33
N VAL B 176 -14.24 9.75 -65.56
CA VAL B 176 -13.23 10.74 -65.27
C VAL B 176 -12.39 10.18 -64.18
N HIS B 177 -11.07 10.08 -64.44
CA HIS B 177 -10.13 9.64 -63.46
C HIS B 177 -9.20 10.79 -63.32
N THR B 178 -9.27 11.45 -62.14
CA THR B 178 -8.42 12.55 -61.78
C THR B 178 -7.51 11.89 -60.79
N PHE B 179 -6.22 11.76 -61.17
CA PHE B 179 -5.25 11.03 -60.41
C PHE B 179 -4.74 11.93 -59.31
N PRO B 180 -4.36 11.43 -58.14
CA PRO B 180 -3.54 12.11 -57.15
C PRO B 180 -2.40 12.92 -57.72
N ALA B 181 -2.15 14.12 -57.15
CA ALA B 181 -1.03 14.96 -57.49
C ALA B 181 0.26 14.25 -57.20
N VAL B 182 1.25 14.38 -58.11
CA VAL B 182 2.57 13.86 -57.90
C VAL B 182 3.44 15.08 -57.82
N LEU B 183 4.41 15.04 -56.87
CA LEU B 183 5.38 16.09 -56.70
C LEU B 183 6.51 15.79 -57.65
N GLN B 184 6.77 16.76 -58.56
CA GLN B 184 7.81 16.68 -59.55
C GLN B 184 9.11 17.10 -58.92
N SER B 185 10.21 16.98 -59.70
CA SER B 185 11.54 17.32 -59.27
C SER B 185 11.83 18.77 -59.59
N SER B 186 10.78 19.53 -59.99
CA SER B 186 10.84 20.96 -60.18
C SER B 186 10.31 21.64 -58.94
N GLY B 187 9.80 20.85 -57.96
CA GLY B 187 9.21 21.35 -56.74
C GLY B 187 7.84 21.91 -56.98
N LEU B 188 7.21 21.52 -58.12
CA LEU B 188 5.89 21.94 -58.49
C LEU B 188 5.13 20.66 -58.68
N TYR B 189 3.81 20.70 -58.41
CA TYR B 189 2.95 19.54 -58.51
C TYR B 189 2.43 19.47 -59.91
N SER B 190 2.05 18.25 -60.35
CA SER B 190 1.48 18.00 -61.64
C SER B 190 0.52 16.86 -61.49
N LEU B 191 -0.60 16.91 -62.23
CA LEU B 191 -1.49 15.78 -62.34
C LEU B 191 -2.08 15.78 -63.70
N SER B 192 -2.56 14.62 -64.15
CA SER B 192 -3.31 14.50 -65.37
C SER B 192 -4.66 14.02 -64.97
N SER B 193 -5.68 14.46 -65.72
CA SER B 193 -7.05 14.04 -65.54
C SER B 193 -7.42 13.60 -66.92
N VAL B 194 -8.01 12.40 -67.02
CA VAL B 194 -8.32 11.80 -68.29
C VAL B 194 -9.72 11.31 -68.22
N VAL B 195 -10.34 11.13 -69.39
CA VAL B 195 -11.67 10.62 -69.51
C VAL B 195 -11.65 9.78 -70.77
N THR B 196 -12.30 8.59 -70.71
CA THR B 196 -12.47 7.74 -71.86
C THR B 196 -13.85 8.02 -72.37
N VAL B 197 -13.91 8.28 -73.69
CA VAL B 197 -15.11 8.64 -74.40
C VAL B 197 -15.14 7.70 -75.58
N PRO B 198 -16.26 7.46 -76.23
CA PRO B 198 -16.31 6.89 -77.57
C PRO B 198 -15.49 7.68 -78.56
N SER B 199 -14.63 7.00 -79.37
CA SER B 199 -13.82 7.61 -80.40
C SER B 199 -14.72 8.28 -81.42
N SER B 200 -15.87 7.61 -81.71
CA SER B 200 -16.93 8.04 -82.57
C SER B 200 -17.57 9.36 -82.20
N SER B 201 -17.58 9.71 -80.89
CA SER B 201 -18.22 10.92 -80.39
C SER B 201 -17.26 12.09 -80.43
N LEU B 202 -15.97 11.86 -80.76
CA LEU B 202 -15.01 12.93 -80.98
C LEU B 202 -15.39 13.68 -82.23
N GLY B 203 -15.55 15.02 -82.12
CA GLY B 203 -15.96 15.86 -83.21
C GLY B 203 -17.45 15.81 -83.39
N THR B 204 -18.17 15.46 -82.30
CA THR B 204 -19.61 15.44 -82.23
C THR B 204 -19.93 15.96 -80.85
N GLN B 205 -18.94 15.87 -79.93
CA GLN B 205 -19.04 16.33 -78.58
C GLN B 205 -17.68 16.84 -78.27
N THR B 206 -17.62 18.05 -77.67
CA THR B 206 -16.40 18.70 -77.28
C THR B 206 -16.16 18.35 -75.83
N TYR B 207 -14.88 18.11 -75.48
CA TYR B 207 -14.47 17.73 -74.15
C TYR B 207 -13.53 18.80 -73.69
N ILE B 208 -13.91 19.47 -72.59
CA ILE B 208 -13.24 20.62 -72.04
C ILE B 208 -12.96 20.26 -70.62
N CYS B 209 -11.68 20.40 -70.20
CA CYS B 209 -11.27 20.27 -68.83
C CYS B 209 -11.34 21.63 -68.22
N ASN B 210 -11.93 21.69 -67.00
CA ASN B 210 -12.13 22.88 -66.24
C ASN B 210 -11.17 22.71 -65.11
N VAL B 211 -10.15 23.57 -65.03
CA VAL B 211 -9.08 23.45 -64.07
C VAL B 211 -9.23 24.64 -63.18
N ASN B 212 -9.29 24.39 -61.85
CA ASN B 212 -9.33 25.43 -60.85
C ASN B 212 -8.18 25.16 -59.94
N HIS B 213 -7.40 26.21 -59.62
CA HIS B 213 -6.34 26.19 -58.66
C HIS B 213 -6.70 27.21 -57.64
N LYS B 214 -7.23 26.76 -56.49
CA LYS B 214 -7.68 27.59 -55.40
C LYS B 214 -6.62 28.44 -54.72
N PRO B 215 -5.36 28.03 -54.47
CA PRO B 215 -4.37 28.86 -53.78
C PRO B 215 -3.80 30.01 -54.58
N SER B 216 -4.45 30.43 -55.69
CA SER B 216 -4.07 31.61 -56.45
C SER B 216 -5.33 32.08 -57.12
N ASN B 217 -6.42 31.27 -57.06
CA ASN B 217 -7.71 31.49 -57.67
C ASN B 217 -7.61 31.64 -59.17
N THR B 218 -6.87 30.70 -59.80
CA THR B 218 -6.53 30.73 -61.21
C THR B 218 -7.37 29.66 -61.81
N LYS B 219 -8.10 29.97 -62.91
CA LYS B 219 -9.00 29.04 -63.54
C LYS B 219 -8.73 29.10 -65.01
N VAL B 220 -8.46 27.91 -65.61
CA VAL B 220 -8.13 27.77 -67.00
C VAL B 220 -8.98 26.64 -67.51
N ASP B 221 -9.74 26.90 -68.59
CA ASP B 221 -10.56 25.92 -69.27
C ASP B 221 -9.91 25.63 -70.60
N LYS B 222 -9.53 24.35 -70.85
CA LYS B 222 -8.89 23.95 -72.08
C LYS B 222 -9.71 22.92 -72.78
N LYS B 223 -10.18 23.28 -74.00
CA LYS B 223 -10.85 22.40 -74.93
C LYS B 223 -9.81 21.51 -75.54
N VAL B 224 -10.08 20.18 -75.51
CA VAL B 224 -9.17 19.16 -75.96
C VAL B 224 -9.73 18.70 -77.26
N GLU B 225 -8.88 18.78 -78.31
CA GLU B 225 -9.21 18.61 -79.72
C GLU B 225 -9.81 17.25 -79.98
N PRO B 226 -10.68 17.07 -80.97
CA PRO B 226 -11.16 15.77 -81.38
C PRO B 226 -10.08 15.04 -82.12
N ASP C 2 17.61 -2.69 -32.22
CA ASP C 2 16.56 -1.80 -32.60
C ASP C 2 15.32 -2.63 -32.70
N ILE C 3 14.16 -1.97 -32.92
CA ILE C 3 12.85 -2.58 -32.87
C ILE C 3 12.35 -2.57 -34.29
N GLN C 4 11.93 -3.76 -34.76
CA GLN C 4 11.52 -3.99 -36.12
C GLN C 4 10.19 -4.63 -35.93
N MET C 5 9.14 -4.09 -36.59
CA MET C 5 7.79 -4.58 -36.50
C MET C 5 7.49 -5.16 -37.84
N THR C 6 6.97 -6.40 -37.85
CA THR C 6 6.58 -7.08 -39.05
C THR C 6 5.15 -7.45 -38.82
N GLN C 7 4.38 -7.57 -39.92
CA GLN C 7 3.03 -8.06 -39.90
C GLN C 7 2.97 -9.05 -41.03
N SER C 8 1.96 -9.94 -41.00
CA SER C 8 1.68 -10.83 -42.08
C SER C 8 0.19 -11.08 -42.00
N PRO C 9 -0.48 -11.45 -43.08
CA PRO C 9 -0.16 -11.17 -44.48
C PRO C 9 0.17 -9.71 -44.73
N SER C 10 1.06 -9.41 -45.71
CA SER C 10 1.38 -8.06 -46.13
C SER C 10 0.15 -7.37 -46.70
N SER C 11 -0.60 -8.10 -47.56
CA SER C 11 -1.89 -7.70 -48.04
C SER C 11 -2.69 -8.96 -48.08
N LEU C 12 -4.04 -8.83 -47.97
CA LEU C 12 -4.91 -9.98 -48.10
C LEU C 12 -6.18 -9.53 -48.77
N SER C 13 -6.75 -10.41 -49.62
CA SER C 13 -7.98 -10.19 -50.32
C SER C 13 -9.07 -10.86 -49.54
N ALA C 14 -10.07 -10.08 -49.10
CA ALA C 14 -11.17 -10.54 -48.29
C ALA C 14 -12.43 -9.91 -48.82
N SER C 15 -13.58 -10.44 -48.38
CA SER C 15 -14.89 -9.97 -48.73
C SER C 15 -15.56 -9.68 -47.41
N VAL C 16 -16.70 -8.95 -47.43
CA VAL C 16 -17.51 -8.71 -46.26
C VAL C 16 -18.06 -9.98 -45.67
N GLY C 17 -18.13 -10.03 -44.32
CA GLY C 17 -18.60 -11.17 -43.56
C GLY C 17 -17.62 -12.32 -43.59
N ASP C 18 -16.30 -12.02 -43.62
CA ASP C 18 -15.25 -13.02 -43.60
C ASP C 18 -14.59 -13.00 -42.26
N ARG C 19 -13.86 -14.09 -41.94
CA ARG C 19 -13.01 -14.20 -40.79
C ARG C 19 -11.61 -13.89 -41.25
N VAL C 20 -11.11 -12.70 -40.87
CA VAL C 20 -9.79 -12.22 -41.25
C VAL C 20 -8.95 -12.36 -40.02
N THR C 21 -7.75 -12.94 -40.19
CA THR C 21 -6.80 -13.15 -39.12
C THR C 21 -5.51 -12.61 -39.64
N ILE C 22 -4.91 -11.65 -38.88
CA ILE C 22 -3.61 -11.10 -39.17
C ILE C 22 -2.80 -11.27 -37.93
N THR C 23 -1.46 -11.31 -38.09
CA THR C 23 -0.52 -11.55 -37.02
C THR C 23 0.44 -10.41 -37.07
N CYS C 24 1.13 -10.15 -35.94
CA CYS C 24 2.17 -9.16 -35.83
C CYS C 24 3.25 -9.82 -35.06
N ARG C 25 4.50 -9.44 -35.36
CA ARG C 25 5.68 -10.02 -34.76
C ARG C 25 6.64 -8.89 -34.50
N ALA C 26 7.22 -8.89 -33.27
CA ALA C 26 8.27 -7.99 -32.86
C ALA C 26 9.56 -8.78 -32.90
N SER C 27 10.68 -8.10 -33.23
CA SER C 27 11.99 -8.71 -33.39
C SER C 27 12.64 -9.07 -32.08
N GLN C 28 12.21 -8.40 -30.98
CA GLN C 28 12.68 -8.71 -29.65
C GLN C 28 11.47 -8.63 -28.77
N SER C 29 11.58 -9.21 -27.56
CA SER C 29 10.50 -9.28 -26.61
C SER C 29 10.37 -7.93 -25.96
N VAL C 30 9.17 -7.34 -26.11
CA VAL C 30 8.78 -6.06 -25.58
C VAL C 30 7.68 -6.31 -24.59
N SER C 31 7.59 -7.57 -24.10
CA SER C 31 6.56 -8.12 -23.25
C SER C 31 5.21 -8.08 -23.91
N SER C 32 4.16 -8.55 -23.20
CA SER C 32 2.79 -8.45 -23.63
C SER C 32 2.42 -7.00 -23.63
N ALA C 33 2.25 -6.43 -24.84
CA ALA C 33 2.25 -5.02 -25.00
C ALA C 33 2.00 -4.81 -26.45
N VAL C 34 0.71 -4.87 -26.86
CA VAL C 34 0.36 -4.73 -28.25
C VAL C 34 -0.95 -4.00 -28.28
N ALA C 35 -0.97 -2.94 -29.12
CA ALA C 35 -2.16 -2.23 -29.45
C ALA C 35 -2.37 -2.49 -30.90
N TRP C 36 -3.64 -2.48 -31.37
CA TRP C 36 -3.95 -2.59 -32.77
C TRP C 36 -4.74 -1.39 -33.16
N TYR C 37 -4.36 -0.73 -34.28
CA TYR C 37 -4.96 0.47 -34.78
C TYR C 37 -5.49 0.19 -36.15
N GLN C 38 -6.58 0.89 -36.51
CA GLN C 38 -7.13 0.93 -37.84
C GLN C 38 -6.88 2.32 -38.33
N GLN C 39 -6.42 2.43 -39.59
CA GLN C 39 -6.26 3.70 -40.24
C GLN C 39 -6.89 3.50 -41.59
N LYS C 40 -7.65 4.51 -42.03
CA LYS C 40 -8.26 4.52 -43.33
C LYS C 40 -8.38 5.98 -43.70
N PRO C 41 -8.26 6.36 -44.98
CA PRO C 41 -8.19 7.74 -45.44
C PRO C 41 -9.27 8.66 -44.91
N GLY C 42 -8.86 9.90 -44.57
CA GLY C 42 -9.73 10.96 -44.10
C GLY C 42 -9.98 10.84 -42.62
N LYS C 43 -9.16 10.03 -41.92
CA LYS C 43 -9.32 9.80 -40.50
C LYS C 43 -7.93 9.86 -39.93
N ALA C 44 -7.87 10.07 -38.59
CA ALA C 44 -6.66 9.94 -37.82
C ALA C 44 -6.66 8.51 -37.33
N PRO C 45 -5.52 7.86 -37.07
CA PRO C 45 -5.40 6.60 -36.33
C PRO C 45 -6.35 6.40 -35.17
N LYS C 46 -6.95 5.19 -35.05
CA LYS C 46 -7.94 4.90 -34.03
C LYS C 46 -7.66 3.55 -33.45
N LEU C 47 -7.54 3.53 -32.10
CA LEU C 47 -7.31 2.38 -31.25
C LEU C 47 -8.43 1.36 -31.32
N LEU C 48 -8.06 0.07 -31.44
CA LEU C 48 -8.98 -1.05 -31.48
C LEU C 48 -8.80 -1.89 -30.26
N ILE C 49 -7.53 -2.28 -29.96
CA ILE C 49 -7.19 -3.25 -28.95
C ILE C 49 -6.02 -2.62 -28.25
N TYR C 50 -5.95 -2.77 -26.90
CA TYR C 50 -4.90 -2.22 -26.08
C TYR C 50 -4.54 -3.28 -25.07
N SER C 51 -3.33 -3.13 -24.46
CA SER C 51 -2.78 -3.95 -23.40
C SER C 51 -2.08 -5.16 -23.96
N ALA C 52 -2.85 -6.13 -24.47
CA ALA C 52 -2.25 -7.33 -25.03
C ALA C 52 -3.27 -8.05 -25.86
N SER C 53 -4.56 -7.67 -25.74
CA SER C 53 -5.66 -8.42 -26.30
C SER C 53 -6.96 -7.91 -25.72
N SER C 54 -6.94 -6.76 -24.99
CA SER C 54 -8.09 -6.28 -24.28
C SER C 54 -8.77 -5.30 -25.17
N LEU C 55 -10.11 -5.46 -25.37
CA LEU C 55 -10.86 -4.62 -26.28
C LEU C 55 -10.98 -3.25 -25.67
N TYR C 56 -10.61 -2.21 -26.46
CA TYR C 56 -10.74 -0.82 -26.10
C TYR C 56 -12.18 -0.41 -26.07
N SER C 57 -12.52 0.52 -25.14
CA SER C 57 -13.85 1.07 -24.95
C SER C 57 -14.31 1.82 -26.16
N GLY C 58 -15.60 1.61 -26.54
CA GLY C 58 -16.23 2.24 -27.66
C GLY C 58 -15.75 1.71 -28.99
N VAL C 59 -15.29 0.43 -29.01
CA VAL C 59 -14.84 -0.24 -30.21
C VAL C 59 -15.73 -1.45 -30.32
N PRO C 60 -16.36 -1.77 -31.47
CA PRO C 60 -17.06 -3.02 -31.73
C PRO C 60 -16.33 -4.27 -31.31
N SER C 61 -17.09 -5.34 -30.97
CA SER C 61 -16.55 -6.55 -30.40
C SER C 61 -16.26 -7.54 -31.50
N ARG C 62 -16.40 -7.09 -32.77
CA ARG C 62 -15.96 -7.75 -33.97
C ARG C 62 -14.47 -7.93 -33.96
N PHE C 63 -13.75 -6.88 -33.48
CA PHE C 63 -12.32 -6.94 -33.30
C PHE C 63 -12.06 -7.63 -31.99
N SER C 64 -11.08 -8.53 -32.00
CA SER C 64 -10.62 -9.21 -30.82
C SER C 64 -9.20 -9.57 -31.09
N GLY C 65 -8.41 -9.83 -30.03
CA GLY C 65 -7.02 -10.21 -30.16
C GLY C 65 -6.78 -11.38 -29.29
N SER C 66 -5.71 -12.14 -29.60
CA SER C 66 -5.31 -13.27 -28.80
C SER C 66 -3.81 -13.32 -28.81
N ARG C 67 -3.27 -14.34 -28.09
CA ARG C 67 -1.88 -14.73 -28.05
C ARG C 67 -1.07 -13.78 -27.21
N SER C 68 0.21 -14.15 -27.00
CA SER C 68 1.14 -13.39 -26.22
C SER C 68 2.50 -13.81 -26.70
N GLY C 69 3.56 -13.23 -26.10
CA GLY C 69 4.93 -13.52 -26.45
C GLY C 69 5.32 -12.49 -27.45
N THR C 70 5.95 -12.94 -28.56
CA THR C 70 6.45 -12.05 -29.59
C THR C 70 5.49 -12.09 -30.75
N ASP C 71 4.39 -12.88 -30.66
CA ASP C 71 3.49 -13.12 -31.76
C ASP C 71 2.12 -12.78 -31.27
N PHE C 72 1.53 -11.73 -31.88
CA PHE C 72 0.27 -11.15 -31.45
C PHE C 72 -0.68 -11.41 -32.58
N THR C 73 -2.01 -11.45 -32.29
CA THR C 73 -3.00 -11.71 -33.32
C THR C 73 -4.10 -10.69 -33.17
N LEU C 74 -4.68 -10.26 -34.31
CA LEU C 74 -5.87 -9.46 -34.42
C LEU C 74 -6.78 -10.23 -35.33
N THR C 75 -8.01 -10.50 -34.86
CA THR C 75 -9.00 -11.24 -35.59
C THR C 75 -10.20 -10.35 -35.74
N ILE C 76 -10.77 -10.29 -36.96
CA ILE C 76 -12.04 -9.63 -37.22
C ILE C 76 -12.96 -10.76 -37.59
N SER C 77 -13.97 -11.03 -36.71
CA SER C 77 -14.90 -12.12 -36.83
C SER C 77 -15.81 -12.03 -38.03
N SER C 78 -16.33 -10.81 -38.31
CA SER C 78 -17.16 -10.55 -39.45
C SER C 78 -16.77 -9.20 -39.94
N LEU C 79 -16.54 -9.08 -41.27
CA LEU C 79 -16.15 -7.85 -41.90
C LEU C 79 -17.38 -7.05 -42.22
N GLN C 80 -17.18 -5.73 -42.30
CA GLN C 80 -18.19 -4.74 -42.58
C GLN C 80 -17.56 -3.95 -43.70
N PRO C 81 -18.29 -3.14 -44.45
CA PRO C 81 -17.72 -2.42 -45.59
C PRO C 81 -17.15 -1.10 -45.10
N GLU C 82 -15.94 -1.17 -44.50
CA GLU C 82 -15.19 -0.08 -43.92
C GLU C 82 -14.02 -0.71 -43.21
N ASP C 83 -13.85 -2.05 -43.37
CA ASP C 83 -12.80 -2.82 -42.75
C ASP C 83 -11.76 -3.12 -43.80
N PHE C 84 -11.91 -2.52 -45.00
CA PHE C 84 -10.90 -2.54 -46.02
C PHE C 84 -10.07 -1.33 -45.72
N ALA C 85 -8.88 -1.57 -45.12
CA ALA C 85 -8.16 -0.52 -44.46
C ALA C 85 -6.79 -1.06 -44.18
N THR C 86 -5.92 -0.20 -43.59
CA THR C 86 -4.59 -0.59 -43.17
C THR C 86 -4.61 -0.74 -41.68
N TYR C 87 -4.09 -1.88 -41.18
CA TYR C 87 -4.09 -2.18 -39.77
C TYR C 87 -2.67 -2.24 -39.31
N TYR C 88 -2.36 -1.53 -38.20
CA TYR C 88 -1.04 -1.35 -37.63
C TYR C 88 -1.05 -1.88 -36.23
N CYS C 89 0.02 -2.60 -35.82
CA CYS C 89 0.28 -2.95 -34.44
C CYS C 89 1.28 -1.96 -33.91
N GLN C 90 1.31 -1.77 -32.57
CA GLN C 90 2.26 -0.89 -31.92
C GLN C 90 2.59 -1.59 -30.64
N GLN C 91 3.76 -1.24 -30.04
CA GLN C 91 4.29 -1.92 -28.90
C GLN C 91 4.54 -0.99 -27.75
N TYR C 92 4.56 0.34 -28.01
CA TYR C 92 4.62 1.44 -27.05
C TYR C 92 5.58 1.27 -25.88
N TYR C 93 6.86 0.96 -26.14
CA TYR C 93 7.87 0.98 -25.12
C TYR C 93 9.16 1.50 -25.70
N GLU C 94 10.05 1.91 -24.78
CA GLU C 94 11.23 2.68 -25.06
C GLU C 94 12.27 2.23 -24.09
N TRP C 95 13.55 2.49 -24.41
CA TRP C 95 14.62 2.43 -23.45
C TRP C 95 15.55 3.59 -23.75
N LEU C 96 15.51 4.09 -25.01
CA LEU C 96 14.92 5.38 -25.28
C LEU C 96 14.42 5.30 -26.70
N SER C 97 14.33 4.05 -27.23
CA SER C 97 13.99 3.68 -28.58
C SER C 97 12.59 4.09 -28.95
N LEU C 98 12.37 4.32 -30.26
CA LEU C 98 11.15 4.85 -30.81
C LEU C 98 9.99 3.94 -30.58
N PHE C 99 8.77 4.52 -30.53
CA PHE C 99 7.56 3.73 -30.45
C PHE C 99 7.30 3.29 -31.86
N THR C 100 7.23 1.96 -32.06
CA THR C 100 7.40 1.37 -33.36
C THR C 100 6.07 0.83 -33.78
N PHE C 101 5.74 1.08 -35.06
CA PHE C 101 4.50 0.68 -35.67
C PHE C 101 4.90 -0.20 -36.80
N GLY C 102 4.03 -1.19 -37.14
CA GLY C 102 4.07 -1.96 -38.37
C GLY C 102 4.05 -1.15 -39.63
N GLN C 103 4.06 -1.85 -40.78
CA GLN C 103 4.12 -1.24 -42.09
C GLN C 103 2.75 -1.21 -42.70
N GLY C 104 1.73 -1.60 -41.91
CA GLY C 104 0.34 -1.68 -42.29
C GLY C 104 0.04 -2.94 -43.05
N THR C 105 -1.14 -3.54 -42.78
CA THR C 105 -1.63 -4.68 -43.52
C THR C 105 -2.87 -4.20 -44.19
N LYS C 106 -2.87 -4.23 -45.55
CA LYS C 106 -3.95 -3.79 -46.35
C LYS C 106 -4.91 -4.90 -46.60
N VAL C 107 -6.14 -4.75 -46.07
CA VAL C 107 -7.25 -5.61 -46.35
C VAL C 107 -7.94 -4.96 -47.51
N GLU C 108 -8.03 -5.68 -48.66
CA GLU C 108 -8.56 -5.15 -49.90
C GLU C 108 -9.71 -6.01 -50.32
N ILE C 109 -10.51 -5.50 -51.28
CA ILE C 109 -11.74 -6.10 -51.74
C ILE C 109 -11.38 -7.11 -52.81
N LYS C 110 -11.70 -8.39 -52.55
CA LYS C 110 -11.56 -9.51 -53.45
C LYS C 110 -12.54 -9.36 -54.59
N ARG C 111 -12.07 -9.59 -55.84
CA ARG C 111 -12.93 -9.58 -57.00
C ARG C 111 -12.24 -10.30 -58.12
N THR C 112 -13.00 -10.53 -59.23
CA THR C 112 -12.54 -11.04 -60.50
C THR C 112 -11.49 -10.18 -61.16
N VAL C 113 -10.57 -10.85 -61.91
CA VAL C 113 -9.58 -10.26 -62.80
C VAL C 113 -10.29 -9.51 -63.91
N ALA C 114 -9.73 -8.35 -64.33
CA ALA C 114 -10.22 -7.63 -65.48
C ALA C 114 -9.03 -7.07 -66.19
N ALA C 115 -9.01 -7.21 -67.53
CA ALA C 115 -8.00 -6.65 -68.41
C ALA C 115 -8.08 -5.14 -68.48
N PRO C 116 -6.99 -4.41 -68.70
CA PRO C 116 -6.99 -2.97 -68.80
C PRO C 116 -7.35 -2.55 -70.21
N SER C 117 -8.12 -1.44 -70.34
CA SER C 117 -8.31 -0.78 -71.62
C SER C 117 -7.14 0.15 -71.75
N VAL C 118 -6.34 -0.02 -72.83
CA VAL C 118 -5.09 0.68 -72.99
C VAL C 118 -5.31 1.77 -74.01
N PHE C 119 -4.97 3.02 -73.62
CA PHE C 119 -5.09 4.17 -74.47
C PHE C 119 -3.76 4.86 -74.38
N ILE C 120 -3.27 5.38 -75.53
CA ILE C 120 -2.06 6.16 -75.60
C ILE C 120 -2.48 7.48 -76.20
N PHE C 121 -1.97 8.60 -75.63
CA PHE C 121 -2.43 9.94 -75.90
C PHE C 121 -1.28 10.73 -76.48
N PRO C 122 -1.39 11.30 -77.70
CA PRO C 122 -0.54 12.35 -78.22
C PRO C 122 -0.49 13.59 -77.37
N PRO C 123 0.64 14.27 -77.11
CA PRO C 123 0.66 15.66 -76.68
C PRO C 123 0.08 16.54 -77.77
N SER C 124 -0.58 17.67 -77.38
CA SER C 124 -1.07 18.63 -78.33
C SER C 124 0.04 19.57 -78.70
N ASP C 125 -0.20 20.44 -79.70
CA ASP C 125 0.69 21.50 -80.13
C ASP C 125 1.06 22.44 -79.00
N SER C 126 0.08 22.75 -78.12
CA SER C 126 0.22 23.59 -76.95
C SER C 126 1.21 23.05 -75.96
N GLN C 127 1.21 21.71 -75.75
CA GLN C 127 2.13 21.04 -74.85
C GLN C 127 3.55 21.15 -75.36
N LEU C 128 3.77 20.97 -76.67
CA LEU C 128 5.08 21.04 -77.28
C LEU C 128 5.70 22.42 -77.27
N LYS C 129 4.86 23.49 -77.22
CA LYS C 129 5.33 24.86 -77.13
C LYS C 129 6.01 25.23 -75.85
N SER C 130 5.71 24.53 -74.71
CA SER C 130 6.30 24.86 -73.44
C SER C 130 7.77 24.49 -73.38
N GLY C 131 8.14 23.36 -74.02
CA GLY C 131 9.51 22.94 -74.22
C GLY C 131 9.64 21.53 -73.76
N THR C 132 8.50 20.92 -73.36
CA THR C 132 8.40 19.59 -72.81
C THR C 132 7.33 18.91 -73.60
N ALA C 133 7.42 17.58 -73.74
CA ALA C 133 6.42 16.80 -74.41
C ALA C 133 6.04 15.77 -73.41
N SER C 134 4.72 15.69 -73.09
CA SER C 134 4.22 14.71 -72.16
C SER C 134 3.26 13.80 -72.88
N VAL C 135 3.57 12.50 -72.84
CA VAL C 135 2.83 11.45 -73.53
C VAL C 135 2.17 10.69 -72.41
N VAL C 136 0.83 10.50 -72.48
CA VAL C 136 0.07 9.97 -71.37
C VAL C 136 -0.48 8.63 -71.79
N CYS C 137 -0.38 7.61 -70.91
CA CYS C 137 -0.94 6.30 -71.10
C CYS C 137 -1.92 6.04 -69.99
N LEU C 138 -3.15 5.59 -70.35
CA LEU C 138 -4.20 5.29 -69.40
C LEU C 138 -4.46 3.82 -69.50
N LEU C 139 -4.42 3.13 -68.32
CA LEU C 139 -4.80 1.76 -68.14
C LEU C 139 -6.04 1.87 -67.32
N ASN C 140 -7.22 1.52 -67.87
CA ASN C 140 -8.46 1.85 -67.24
C ASN C 140 -9.15 0.57 -66.85
N ASN C 141 -9.66 0.55 -65.60
CA ASN C 141 -10.58 -0.42 -65.06
C ASN C 141 -10.08 -1.85 -65.02
N PHE C 142 -8.86 -2.06 -64.45
CA PHE C 142 -8.26 -3.38 -64.36
C PHE C 142 -8.26 -3.79 -62.91
N TYR C 143 -8.07 -5.10 -62.66
CA TYR C 143 -7.88 -5.66 -61.34
C TYR C 143 -7.06 -6.90 -61.59
N PRO C 144 -6.11 -7.34 -60.75
CA PRO C 144 -5.61 -6.68 -59.55
C PRO C 144 -4.43 -5.83 -59.95
N ARG C 145 -3.63 -5.35 -58.97
CA ARG C 145 -2.50 -4.48 -59.18
C ARG C 145 -1.25 -5.27 -59.51
N GLU C 146 -1.41 -6.41 -60.22
CA GLU C 146 -0.31 -7.20 -60.71
C GLU C 146 -0.18 -6.81 -62.15
N ALA C 147 0.21 -5.53 -62.35
CA ALA C 147 0.34 -4.96 -63.66
C ALA C 147 1.49 -4.02 -63.58
N LYS C 148 2.18 -3.89 -64.73
CA LYS C 148 3.36 -3.08 -64.91
C LYS C 148 3.12 -2.31 -66.18
N VAL C 149 3.34 -0.98 -66.14
CA VAL C 149 3.25 -0.17 -67.33
C VAL C 149 4.69 0.02 -67.69
N GLN C 150 4.97 0.11 -68.99
CA GLN C 150 6.30 0.33 -69.49
C GLN C 150 6.11 1.24 -70.66
N TRP C 151 7.06 2.17 -70.82
CA TRP C 151 7.07 3.12 -71.88
C TRP C 151 8.22 2.75 -72.73
N LYS C 152 8.00 2.70 -74.07
CA LYS C 152 9.08 2.54 -75.00
C LYS C 152 8.91 3.65 -75.96
N VAL C 153 10.01 4.37 -76.29
CA VAL C 153 10.00 5.34 -77.34
C VAL C 153 11.09 4.87 -78.26
N ASP C 154 10.69 4.51 -79.51
CA ASP C 154 11.54 3.96 -80.54
C ASP C 154 12.11 2.63 -80.10
N ASN C 155 11.31 1.88 -79.29
CA ASN C 155 11.61 0.59 -78.72
C ASN C 155 12.54 0.68 -77.53
N ALA C 156 13.11 1.88 -77.23
CA ALA C 156 14.04 2.08 -76.14
C ALA C 156 13.25 2.27 -74.88
N LEU C 157 13.66 1.61 -73.78
CA LEU C 157 12.91 1.55 -72.54
C LEU C 157 13.12 2.83 -71.80
N GLN C 158 12.01 3.49 -71.41
CA GLN C 158 12.02 4.75 -70.72
C GLN C 158 11.65 4.44 -69.30
N SER C 159 12.59 4.73 -68.38
CA SER C 159 12.41 4.53 -66.97
C SER C 159 13.24 5.62 -66.35
N GLY C 160 12.74 6.22 -65.25
CA GLY C 160 13.44 7.24 -64.51
C GLY C 160 13.13 8.59 -65.09
N ASN C 161 11.98 8.70 -65.80
CA ASN C 161 11.54 9.90 -66.46
C ASN C 161 10.09 9.67 -66.77
N SER C 162 9.49 8.64 -66.12
CA SER C 162 8.11 8.28 -66.23
C SER C 162 7.65 8.32 -64.81
N GLN C 163 6.38 8.72 -64.58
CA GLN C 163 5.81 8.76 -63.26
C GLN C 163 4.49 8.08 -63.39
N GLU C 164 4.12 7.27 -62.37
CA GLU C 164 2.88 6.55 -62.31
C GLU C 164 2.09 7.11 -61.17
N SER C 165 0.75 7.01 -61.27
CA SER C 165 -0.14 7.33 -60.19
C SER C 165 -1.25 6.34 -60.37
N VAL C 166 -1.74 5.79 -59.24
CA VAL C 166 -2.71 4.72 -59.21
C VAL C 166 -3.80 5.21 -58.31
N THR C 167 -5.08 5.09 -58.72
CA THR C 167 -6.20 5.31 -57.85
C THR C 167 -6.49 4.01 -57.13
N GLU C 168 -7.09 4.10 -55.91
CA GLU C 168 -7.68 2.99 -55.21
C GLU C 168 -9.03 2.66 -55.77
N GLN C 169 -9.64 1.53 -55.29
CA GLN C 169 -10.96 1.02 -55.61
C GLN C 169 -11.99 2.08 -55.90
N ASP C 170 -12.65 1.97 -57.07
CA ASP C 170 -13.64 2.92 -57.53
C ASP C 170 -14.96 2.65 -56.87
N SER C 171 -15.91 3.59 -57.05
CA SER C 171 -17.25 3.53 -56.52
C SER C 171 -18.17 3.40 -57.71
N LYS C 172 -17.58 3.31 -58.93
CA LYS C 172 -18.29 3.28 -60.17
C LYS C 172 -18.30 1.89 -60.73
N ASP C 173 -17.37 1.03 -60.25
CA ASP C 173 -17.23 -0.31 -60.79
C ASP C 173 -16.26 -1.09 -59.95
N SER C 174 -15.61 -0.45 -58.94
CA SER C 174 -14.70 -1.08 -58.01
C SER C 174 -13.53 -1.77 -58.68
N THR C 175 -12.75 -1.01 -59.46
CA THR C 175 -11.58 -1.50 -60.16
C THR C 175 -10.47 -0.52 -59.82
N TYR C 176 -9.31 -0.62 -60.50
CA TYR C 176 -8.23 0.32 -60.37
C TYR C 176 -8.02 0.91 -61.73
N SER C 177 -7.50 2.17 -61.73
CA SER C 177 -7.09 2.84 -62.94
C SER C 177 -5.71 3.32 -62.64
N LEU C 178 -4.88 3.48 -63.67
CA LEU C 178 -3.51 3.90 -63.51
C LEU C 178 -3.30 4.84 -64.65
N SER C 179 -2.68 6.02 -64.38
CA SER C 179 -2.27 6.93 -65.42
C SER C 179 -0.80 7.09 -65.21
N SER C 180 -0.03 6.89 -66.30
CA SER C 180 1.39 7.03 -66.29
C SER C 180 1.67 8.10 -67.30
N THR C 181 2.49 9.09 -66.92
CA THR C 181 2.81 10.24 -67.72
C THR C 181 4.29 10.16 -67.90
N LEU C 182 4.70 10.02 -69.19
CA LEU C 182 6.06 10.01 -69.64
C LEU C 182 6.35 11.42 -70.03
N THR C 183 7.40 12.02 -69.42
CA THR C 183 7.75 13.40 -69.62
C THR C 183 9.09 13.34 -70.29
N LEU C 184 9.18 14.04 -71.44
CA LEU C 184 10.34 14.07 -72.29
C LEU C 184 10.57 15.53 -72.58
N SER C 185 11.78 15.84 -73.09
CA SER C 185 12.07 17.08 -73.76
C SER C 185 11.29 17.16 -75.05
N LYS C 186 10.97 18.40 -75.50
CA LYS C 186 10.43 18.68 -76.82
C LYS C 186 11.38 18.19 -77.88
N ALA C 187 12.70 18.42 -77.65
CA ALA C 187 13.76 18.01 -78.54
C ALA C 187 13.84 16.52 -78.73
N ASP C 188 13.72 15.74 -77.62
CA ASP C 188 13.70 14.30 -77.66
C ASP C 188 12.52 13.77 -78.41
N TYR C 189 11.33 14.37 -78.19
CA TYR C 189 10.08 14.06 -78.83
C TYR C 189 10.14 14.25 -80.33
N GLU C 190 10.87 15.28 -80.80
CA GLU C 190 10.97 15.62 -82.20
C GLU C 190 12.13 14.89 -82.87
N LYS C 191 12.81 14.00 -82.11
CA LYS C 191 13.84 13.12 -82.59
C LYS C 191 13.37 11.70 -82.47
N HIS C 192 12.03 11.53 -82.25
CA HIS C 192 11.40 10.27 -81.98
C HIS C 192 10.17 10.25 -82.84
N LYS C 193 9.53 9.07 -82.98
CA LYS C 193 8.51 8.86 -83.98
C LYS C 193 7.48 7.95 -83.35
N VAL C 194 7.88 6.74 -82.94
CA VAL C 194 6.99 5.76 -82.38
C VAL C 194 7.02 5.96 -80.89
N TYR C 195 5.84 6.23 -80.29
CA TYR C 195 5.71 6.37 -78.85
C TYR C 195 4.79 5.25 -78.54
N ALA C 196 5.19 4.35 -77.62
CA ALA C 196 4.50 3.12 -77.38
C ALA C 196 4.35 2.94 -75.91
N CYS C 197 3.15 2.52 -75.49
CA CYS C 197 2.84 2.18 -74.14
C CYS C 197 2.57 0.71 -74.21
N GLU C 198 3.36 -0.08 -73.44
CA GLU C 198 3.25 -1.51 -73.39
C GLU C 198 2.73 -1.80 -72.02
N VAL C 199 1.67 -2.63 -71.96
CA VAL C 199 0.94 -2.88 -70.75
C VAL C 199 1.04 -4.34 -70.49
N THR C 200 1.49 -4.70 -69.27
CA THR C 200 1.68 -6.06 -68.83
C THR C 200 0.66 -6.26 -67.75
N HIS C 201 -0.13 -7.35 -67.86
CA HIS C 201 -1.15 -7.66 -66.89
C HIS C 201 -1.38 -9.14 -67.01
N GLN C 202 -1.94 -9.76 -65.93
CA GLN C 202 -2.17 -11.18 -65.86
C GLN C 202 -3.42 -11.61 -66.58
N GLY C 203 -4.33 -10.64 -66.87
CA GLY C 203 -5.56 -10.86 -67.59
C GLY C 203 -5.29 -10.92 -69.07
N LEU C 204 -4.15 -10.33 -69.49
CA LEU C 204 -3.69 -10.34 -70.85
C LEU C 204 -2.80 -11.54 -70.99
N SER C 205 -2.95 -12.28 -72.12
CA SER C 205 -2.17 -13.45 -72.47
C SER C 205 -0.71 -13.11 -72.62
N SER C 206 -0.44 -11.95 -73.28
CA SER C 206 0.87 -11.42 -73.47
C SER C 206 0.65 -9.93 -73.53
N PRO C 207 1.61 -9.08 -73.16
CA PRO C 207 1.53 -7.62 -73.23
C PRO C 207 0.89 -7.02 -74.45
N VAL C 208 0.00 -6.01 -74.26
CA VAL C 208 -0.67 -5.31 -75.33
C VAL C 208 0.02 -3.99 -75.44
N THR C 209 0.46 -3.65 -76.68
CA THR C 209 1.14 -2.42 -76.97
C THR C 209 0.19 -1.59 -77.78
N LYS C 210 0.01 -0.31 -77.37
CA LYS C 210 -0.71 0.68 -78.12
C LYS C 210 0.28 1.77 -78.35
N SER C 211 0.40 2.24 -79.61
CA SER C 211 1.40 3.19 -79.99
C SER C 211 0.76 4.16 -80.94
N PHE C 212 1.41 5.33 -81.14
CA PHE C 212 0.99 6.27 -82.14
C PHE C 212 2.25 6.85 -82.75
N ASN C 213 2.06 7.42 -83.95
CA ASN C 213 3.01 8.23 -84.65
C ASN C 213 2.49 9.63 -84.48
N ARG C 214 3.39 10.55 -84.08
CA ARG C 214 3.19 11.97 -83.77
C ARG C 214 1.97 12.65 -84.34
N GLY C 215 1.22 13.35 -83.44
CA GLY C 215 0.00 14.05 -83.74
C GLY C 215 -1.12 13.13 -84.16
N GLU C 216 -2.24 13.75 -84.61
CA GLU C 216 -3.39 13.04 -85.13
C GLU C 216 -3.21 12.89 -86.62
N MET D 1 -6.63 -4.21 87.54
CA MET D 1 -6.89 -4.73 86.23
C MET D 1 -6.74 -3.58 85.28
N ASN D 2 -7.75 -3.39 84.40
CA ASN D 2 -7.78 -2.42 83.33
C ASN D 2 -9.04 -2.70 82.56
N GLY D 3 -9.87 -3.66 83.06
CA GLY D 3 -11.18 -3.93 82.53
C GLY D 3 -11.70 -4.98 83.45
N THR D 4 -11.92 -6.19 82.92
CA THR D 4 -12.28 -7.35 83.70
C THR D 4 -11.58 -8.45 83.02
N GLU D 5 -10.59 -9.06 83.74
CA GLU D 5 -9.75 -10.09 83.21
C GLU D 5 -10.45 -11.39 83.45
N GLY D 6 -10.17 -12.38 82.58
CA GLY D 6 -10.71 -13.71 82.67
C GLY D 6 -9.67 -14.61 82.12
N PRO D 7 -9.80 -15.93 82.29
CA PRO D 7 -8.84 -16.88 81.76
C PRO D 7 -9.37 -17.38 80.43
N ASN D 8 -10.59 -16.94 80.04
CA ASN D 8 -11.18 -17.31 78.78
C ASN D 8 -12.04 -16.16 78.31
N PHE D 9 -11.75 -14.92 78.74
CA PHE D 9 -12.47 -13.78 78.24
C PHE D 9 -11.73 -12.55 78.68
N TYR D 10 -12.04 -11.42 78.02
CA TYR D 10 -11.60 -10.11 78.44
C TYR D 10 -12.72 -9.17 78.13
N VAL D 11 -13.64 -8.93 79.08
CA VAL D 11 -14.64 -7.89 78.93
C VAL D 11 -13.93 -6.56 79.09
N PRO D 12 -13.90 -5.62 78.14
CA PRO D 12 -13.13 -4.38 78.28
C PRO D 12 -13.72 -3.48 79.33
N PHE D 13 -15.06 -3.51 79.49
CA PHE D 13 -15.81 -2.82 80.51
C PHE D 13 -15.36 -3.31 81.87
N SER D 14 -15.21 -2.40 82.85
CA SER D 14 -14.80 -2.72 84.19
C SER D 14 -16.00 -3.28 84.92
N ASN D 15 -15.76 -4.26 85.83
CA ASN D 15 -16.79 -4.93 86.59
C ASN D 15 -17.34 -3.96 87.61
N LYS D 16 -18.66 -3.73 87.58
CA LYS D 16 -19.31 -2.77 88.44
C LYS D 16 -20.79 -3.02 88.36
N THR D 17 -21.22 -3.96 87.48
CA THR D 17 -22.60 -4.36 87.36
C THR D 17 -22.78 -5.70 88.04
N GLY D 18 -21.64 -6.35 88.40
CA GLY D 18 -21.60 -7.56 89.20
C GLY D 18 -22.07 -8.76 88.45
N VAL D 19 -21.97 -8.73 87.09
CA VAL D 19 -22.43 -9.78 86.23
C VAL D 19 -21.48 -9.86 85.07
N VAL D 20 -20.29 -9.22 85.20
CA VAL D 20 -19.29 -9.18 84.16
C VAL D 20 -18.46 -10.44 84.32
N ARG D 21 -18.83 -11.48 83.53
CA ARG D 21 -18.20 -12.77 83.50
C ARG D 21 -17.90 -13.01 82.05
N SER D 22 -17.70 -14.31 81.68
CA SER D 22 -17.53 -14.75 80.31
C SER D 22 -18.77 -14.44 79.50
N PRO D 23 -18.67 -13.89 78.28
CA PRO D 23 -19.82 -13.62 77.45
C PRO D 23 -19.95 -14.71 76.41
N PHE D 24 -19.83 -15.99 76.84
CA PHE D 24 -20.15 -17.12 76.00
C PHE D 24 -21.48 -17.68 76.42
N GLU D 25 -22.08 -17.12 77.49
CA GLU D 25 -23.27 -17.65 78.11
C GLU D 25 -23.96 -16.52 78.82
N ALA D 26 -23.36 -15.30 78.79
CA ALA D 26 -23.92 -14.14 79.44
C ALA D 26 -24.28 -13.17 78.34
N PRO D 27 -25.49 -12.61 78.29
CA PRO D 27 -25.87 -11.73 77.21
C PRO D 27 -25.46 -10.34 77.59
N GLN D 28 -24.78 -9.61 76.69
CA GLN D 28 -24.23 -8.32 76.99
C GLN D 28 -25.29 -7.30 76.68
N TYR D 29 -25.68 -6.55 77.72
CA TYR D 29 -26.77 -5.59 77.73
C TYR D 29 -26.57 -4.80 79.00
N TYR D 30 -25.49 -5.12 79.75
CA TYR D 30 -25.07 -4.45 80.95
C TYR D 30 -23.86 -3.62 80.63
N LEU D 31 -23.59 -3.41 79.33
CA LEU D 31 -22.50 -2.58 78.87
C LEU D 31 -22.76 -2.19 77.44
N ALA D 32 -23.95 -2.54 76.91
CA ALA D 32 -24.34 -2.20 75.58
C ALA D 32 -25.84 -2.13 75.56
N GLU D 33 -26.41 -1.68 74.44
CA GLU D 33 -27.83 -1.51 74.27
C GLU D 33 -28.19 -2.21 72.98
N PRO D 34 -29.45 -2.61 72.75
CA PRO D 34 -29.89 -3.24 71.52
C PRO D 34 -29.62 -2.47 70.26
N TRP D 35 -29.63 -1.12 70.30
CA TRP D 35 -29.47 -0.30 69.12
C TRP D 35 -28.04 -0.39 68.63
N GLN D 36 -27.06 -0.38 69.56
CA GLN D 36 -25.65 -0.56 69.27
C GLN D 36 -25.32 -1.87 68.60
N PHE D 37 -26.08 -2.95 68.95
CA PHE D 37 -26.01 -4.22 68.28
C PHE D 37 -26.55 -4.19 66.89
N SER D 38 -27.62 -3.41 66.65
CA SER D 38 -28.19 -3.22 65.32
C SER D 38 -27.21 -2.52 64.42
N MET D 39 -26.51 -1.47 64.94
CA MET D 39 -25.46 -0.77 64.24
C MET D 39 -24.26 -1.64 63.93
N LEU D 40 -23.89 -2.54 64.88
CA LEU D 40 -22.85 -3.53 64.69
C LEU D 40 -23.20 -4.46 63.55
N ALA D 41 -24.43 -5.01 63.55
CA ALA D 41 -24.95 -5.90 62.54
C ALA D 41 -25.07 -5.22 61.20
N ALA D 42 -25.51 -3.93 61.18
CA ALA D 42 -25.57 -3.08 60.02
C ALA D 42 -24.23 -2.92 59.37
N TYR D 43 -23.18 -2.64 60.19
CA TYR D 43 -21.82 -2.48 59.75
C TYR D 43 -21.27 -3.75 59.14
N MET D 44 -21.55 -4.93 59.75
CA MET D 44 -21.15 -6.21 59.22
C MET D 44 -21.83 -6.53 57.91
N PHE D 45 -23.09 -6.07 57.74
CA PHE D 45 -23.90 -6.23 56.56
C PHE D 45 -23.28 -5.50 55.41
N LEU D 46 -22.93 -4.20 55.62
CA LEU D 46 -22.18 -3.35 54.73
C LEU D 46 -20.94 -4.02 54.18
N LEU D 47 -20.05 -4.49 55.09
CA LEU D 47 -18.81 -5.15 54.74
C LEU D 47 -18.96 -6.40 53.89
N ILE D 48 -20.07 -7.14 54.03
CA ILE D 48 -20.38 -8.32 53.24
C ILE D 48 -20.85 -7.86 51.86
N MET D 49 -21.86 -6.97 51.83
CA MET D 49 -22.47 -6.40 50.64
C MET D 49 -21.52 -5.73 49.69
N LEU D 50 -20.48 -5.04 50.21
CA LEU D 50 -19.46 -4.44 49.38
C LEU D 50 -18.36 -5.44 49.12
N GLY D 51 -17.85 -6.09 50.17
CA GLY D 51 -16.68 -6.95 50.12
C GLY D 51 -16.78 -8.13 49.19
N PHE D 52 -17.93 -8.85 49.18
CA PHE D 52 -18.09 -10.02 48.33
C PHE D 52 -18.14 -9.71 46.85
N PRO D 53 -18.91 -8.75 46.31
CA PRO D 53 -18.89 -8.41 44.89
C PRO D 53 -17.55 -7.95 44.40
N ILE D 54 -16.91 -6.99 45.11
CA ILE D 54 -15.61 -6.44 44.83
C ILE D 54 -14.53 -7.50 44.67
N ASN D 55 -14.49 -8.49 45.59
CA ASN D 55 -13.46 -9.51 45.63
C ASN D 55 -13.77 -10.60 44.66
N PHE D 56 -15.06 -10.92 44.43
CA PHE D 56 -15.47 -11.92 43.47
C PHE D 56 -15.11 -11.48 42.07
N LEU D 57 -15.43 -10.21 41.73
CA LEU D 57 -15.09 -9.55 40.49
C LEU D 57 -13.62 -9.62 40.15
N THR D 58 -12.72 -9.45 41.16
CA THR D 58 -11.28 -9.50 40.99
C THR D 58 -10.80 -10.83 40.45
N LEU D 59 -11.38 -11.93 40.99
CA LEU D 59 -11.09 -13.27 40.52
C LEU D 59 -11.69 -13.52 39.17
N TYR D 60 -12.94 -13.03 38.97
CA TYR D 60 -13.76 -13.28 37.82
C TYR D 60 -13.21 -12.68 36.54
N VAL D 61 -12.88 -11.37 36.58
CA VAL D 61 -12.41 -10.61 35.44
C VAL D 61 -11.14 -11.16 34.84
N THR D 62 -10.25 -11.76 35.68
CA THR D 62 -8.99 -12.32 35.26
C THR D 62 -9.17 -13.59 34.46
N VAL D 63 -10.20 -14.40 34.80
CA VAL D 63 -10.54 -15.64 34.12
C VAL D 63 -11.07 -15.41 32.72
N GLN D 64 -11.65 -14.21 32.44
CA GLN D 64 -12.31 -13.95 31.18
C GLN D 64 -11.55 -12.94 30.36
N HIS D 65 -10.42 -12.42 30.88
CA HIS D 65 -9.53 -11.59 30.11
C HIS D 65 -8.18 -12.20 30.26
N LYS D 66 -7.78 -12.88 29.16
CA LYS D 66 -6.53 -13.52 28.86
C LYS D 66 -5.31 -12.77 29.36
N LYS D 67 -5.22 -11.49 28.94
CA LYS D 67 -4.14 -10.56 29.19
C LYS D 67 -3.85 -10.27 30.65
N LEU D 68 -4.84 -10.52 31.55
CA LEU D 68 -4.71 -10.33 32.98
C LEU D 68 -3.97 -11.45 33.64
N ARG D 69 -3.95 -12.66 33.05
CA ARG D 69 -3.30 -13.80 33.65
C ARG D 69 -1.81 -13.68 33.44
N THR D 70 -1.13 -13.07 34.43
CA THR D 70 0.27 -12.74 34.41
C THR D 70 0.73 -12.89 35.85
N PRO D 71 2.01 -13.20 36.13
CA PRO D 71 2.55 -13.37 37.47
C PRO D 71 2.27 -12.27 38.47
N LEU D 72 2.32 -10.99 38.04
CA LEU D 72 2.20 -9.85 38.92
C LEU D 72 0.82 -9.65 39.48
N ASN D 73 -0.19 -10.40 38.95
CA ASN D 73 -1.56 -10.33 39.39
C ASN D 73 -1.90 -11.42 40.36
N TYR D 74 -1.12 -12.53 40.45
CA TYR D 74 -1.32 -13.63 41.38
C TYR D 74 -1.59 -13.18 42.81
N ILE D 75 -0.75 -12.25 43.31
CA ILE D 75 -0.81 -11.68 44.64
C ILE D 75 -2.07 -10.89 44.86
N LEU D 76 -2.60 -10.24 43.80
CA LEU D 76 -3.82 -9.49 43.81
C LEU D 76 -5.03 -10.41 43.93
N LEU D 77 -5.01 -11.56 43.21
CA LEU D 77 -6.02 -12.59 43.37
C LEU D 77 -6.03 -13.13 44.78
N ASN D 78 -4.83 -13.34 45.35
CA ASN D 78 -4.62 -13.77 46.71
C ASN D 78 -5.23 -12.80 47.71
N LEU D 79 -4.98 -11.47 47.55
CA LEU D 79 -5.58 -10.40 48.32
C LEU D 79 -7.08 -10.49 48.36
N ALA D 80 -7.72 -10.75 47.20
CA ALA D 80 -9.16 -10.88 47.10
C ALA D 80 -9.70 -12.05 47.87
N VAL D 81 -8.97 -13.20 47.84
CA VAL D 81 -9.28 -14.40 48.61
C VAL D 81 -9.18 -14.16 50.10
N ALA D 82 -8.08 -13.50 50.55
CA ALA D 82 -7.83 -13.09 51.92
C ALA D 82 -8.97 -12.31 52.52
N ASP D 83 -9.44 -11.29 51.77
CA ASP D 83 -10.56 -10.45 52.10
C ASP D 83 -11.82 -11.25 52.29
N LEU D 84 -12.04 -12.29 51.46
CA LEU D 84 -13.20 -13.16 51.52
C LEU D 84 -13.17 -14.06 52.72
N PHE D 85 -11.97 -14.53 53.16
CA PHE D 85 -11.79 -15.21 54.43
C PHE D 85 -12.32 -14.39 55.58
N MET D 86 -11.96 -13.08 55.62
CA MET D 86 -12.49 -12.16 56.61
C MET D 86 -13.99 -11.99 56.55
N VAL D 87 -14.60 -12.11 55.33
CA VAL D 87 -16.02 -11.88 55.11
C VAL D 87 -16.82 -13.03 55.66
N PHE D 88 -16.42 -14.28 55.37
CA PHE D 88 -17.24 -15.43 55.70
C PHE D 88 -16.85 -16.03 57.02
N GLY D 89 -15.57 -15.89 57.43
CA GLY D 89 -15.10 -16.34 58.72
C GLY D 89 -15.45 -15.39 59.81
N GLY D 90 -15.22 -14.07 59.58
CA GLY D 90 -15.36 -13.08 60.61
C GLY D 90 -16.70 -12.41 60.57
N PHE D 91 -16.97 -11.66 59.48
CA PHE D 91 -18.06 -10.70 59.38
C PHE D 91 -19.42 -11.32 59.55
N THR D 92 -19.67 -12.47 58.87
CA THR D 92 -20.94 -13.16 58.87
C THR D 92 -21.26 -13.69 60.25
N THR D 93 -20.30 -14.41 60.87
CA THR D 93 -20.36 -14.86 62.25
C THR D 93 -20.72 -13.75 63.21
N THR D 94 -20.01 -12.59 63.13
CA THR D 94 -20.20 -11.46 64.00
C THR D 94 -21.57 -10.82 63.84
N LEU D 95 -22.13 -10.82 62.61
CA LEU D 95 -23.48 -10.37 62.30
C LEU D 95 -24.51 -11.22 63.00
N TYR D 96 -24.33 -12.57 62.95
CA TYR D 96 -25.19 -13.54 63.59
C TYR D 96 -25.22 -13.36 65.09
N THR D 97 -24.01 -13.34 65.72
CA THR D 97 -23.81 -13.25 67.15
C THR D 97 -24.33 -11.97 67.75
N SER D 98 -24.07 -10.80 67.10
CA SER D 98 -24.46 -9.48 67.56
C SER D 98 -25.92 -9.33 67.92
N LEU D 99 -26.82 -10.04 67.20
CA LEU D 99 -28.26 -9.94 67.37
C LEU D 99 -28.75 -10.70 68.60
N HIS D 100 -27.93 -11.64 69.14
CA HIS D 100 -28.17 -12.24 70.43
C HIS D 100 -27.61 -11.36 71.52
N GLY D 101 -26.60 -10.54 71.17
CA GLY D 101 -25.97 -9.58 72.05
C GLY D 101 -24.75 -10.15 72.70
N TYR D 102 -24.33 -11.38 72.31
CA TYR D 102 -23.14 -11.98 72.84
C TYR D 102 -22.77 -13.06 71.88
N PHE D 103 -21.58 -13.66 72.11
CA PHE D 103 -20.99 -14.64 71.22
C PHE D 103 -21.56 -15.97 71.68
N VAL D 104 -22.32 -16.66 70.80
CA VAL D 104 -23.13 -17.80 71.19
C VAL D 104 -22.51 -19.11 70.78
N PHE D 105 -21.33 -19.09 70.12
CA PHE D 105 -20.71 -20.31 69.62
C PHE D 105 -19.71 -20.87 70.60
N GLY D 106 -19.48 -20.18 71.76
CA GLY D 106 -18.68 -20.74 72.81
C GLY D 106 -17.20 -20.63 72.55
N PRO D 107 -16.36 -21.09 73.48
CA PRO D 107 -14.92 -20.99 73.45
C PRO D 107 -14.29 -21.55 72.19
N THR D 108 -14.79 -22.70 71.69
CA THR D 108 -14.25 -23.36 70.51
C THR D 108 -14.59 -22.54 69.30
N GLY D 109 -15.86 -22.06 69.20
CA GLY D 109 -16.33 -21.14 68.19
C GLY D 109 -15.53 -19.87 68.10
N CYS D 110 -15.19 -19.28 69.27
CA CYS D 110 -14.36 -18.11 69.42
C CYS D 110 -12.99 -18.28 68.82
N ASN D 111 -12.40 -19.48 69.03
CA ASN D 111 -11.10 -19.83 68.52
C ASN D 111 -11.13 -19.98 67.02
N LEU D 112 -12.19 -20.63 66.47
CA LEU D 112 -12.44 -20.76 65.06
C LEU D 112 -12.62 -19.44 64.34
N GLU D 113 -13.63 -18.64 64.76
CA GLU D 113 -13.95 -17.33 64.20
C GLU D 113 -12.80 -16.37 64.26
N GLY D 114 -12.09 -16.35 65.41
CA GLY D 114 -10.94 -15.53 65.69
C GLY D 114 -9.78 -15.92 64.83
N PHE D 115 -9.65 -17.23 64.51
CA PHE D 115 -8.62 -17.78 63.68
C PHE D 115 -8.82 -17.32 62.25
N PHE D 116 -10.07 -17.44 61.72
CA PHE D 116 -10.37 -17.12 60.35
C PHE D 116 -10.25 -15.63 60.09
N ALA D 117 -10.68 -14.79 61.06
CA ALA D 117 -10.57 -13.36 60.99
C ALA D 117 -9.14 -12.89 60.97
N THR D 118 -8.30 -13.46 61.88
CA THR D 118 -6.88 -13.18 61.97
C THR D 118 -6.15 -13.62 60.75
N LEU D 119 -6.37 -14.89 60.30
CA LEU D 119 -5.80 -15.48 59.11
C LEU D 119 -5.99 -14.60 57.90
N GLY D 120 -7.28 -14.25 57.63
CA GLY D 120 -7.74 -13.33 56.61
C GLY D 120 -6.98 -12.03 56.61
N GLY D 121 -7.09 -11.29 57.74
CA GLY D 121 -6.46 -10.01 57.98
C GLY D 121 -4.96 -10.00 57.84
N GLU D 122 -4.29 -11.15 58.15
CA GLU D 122 -2.86 -11.28 58.10
C GLU D 122 -2.39 -11.53 56.71
N ILE D 123 -3.11 -12.40 55.94
CA ILE D 123 -2.81 -12.62 54.52
C ILE D 123 -2.94 -11.31 53.77
N ALA D 124 -3.98 -10.51 54.07
CA ALA D 124 -4.19 -9.16 53.56
C ALA D 124 -3.03 -8.25 53.87
N LEU D 125 -2.66 -8.13 55.18
CA LEU D 125 -1.55 -7.35 55.71
C LEU D 125 -0.28 -7.61 54.95
N TRP D 126 0.12 -8.90 54.86
CA TRP D 126 1.33 -9.35 54.23
C TRP D 126 1.29 -9.25 52.72
N SER D 127 0.08 -9.28 52.11
CA SER D 127 -0.15 -9.04 50.70
C SER D 127 0.31 -7.65 50.38
N LEU D 128 -0.19 -6.62 51.10
CA LEU D 128 0.22 -5.24 50.97
C LEU D 128 1.71 -5.02 51.04
N VAL D 129 2.43 -5.84 51.86
CA VAL D 129 3.87 -5.81 52.00
C VAL D 129 4.50 -6.38 50.75
N VAL D 130 4.15 -7.62 50.37
CA VAL D 130 4.62 -8.31 49.18
C VAL D 130 4.44 -7.49 47.93
N LEU D 131 3.27 -6.83 47.76
CA LEU D 131 2.94 -5.95 46.67
C LEU D 131 3.90 -4.78 46.53
N ALA D 132 4.26 -4.14 47.67
CA ALA D 132 5.26 -3.09 47.74
C ALA D 132 6.63 -3.59 47.34
N ILE D 133 7.00 -4.81 47.79
CA ILE D 133 8.21 -5.51 47.43
C ILE D 133 8.26 -5.70 45.93
N GLU D 134 7.22 -6.31 45.32
CA GLU D 134 7.10 -6.54 43.90
C GLU D 134 7.24 -5.28 43.07
N ARG D 135 6.62 -4.16 43.51
CA ARG D 135 6.75 -2.87 42.86
C ARG D 135 8.16 -2.32 42.89
N TYR D 136 8.85 -2.49 44.04
CA TYR D 136 10.24 -2.17 44.24
C TYR D 136 11.12 -3.01 43.33
N VAL D 137 10.86 -4.33 43.26
CA VAL D 137 11.58 -5.28 42.45
C VAL D 137 11.54 -4.90 40.99
N VAL D 138 10.31 -4.64 40.46
CA VAL D 138 10.14 -4.31 39.06
C VAL D 138 10.80 -3.00 38.68
N VAL D 139 10.69 -1.93 39.51
CA VAL D 139 11.18 -0.64 39.05
C VAL D 139 12.59 -0.35 39.52
N CYS D 140 12.86 -0.52 40.83
CA CYS D 140 14.13 -0.25 41.46
C CYS D 140 15.22 -1.27 41.24
N LYS D 141 14.85 -2.53 40.85
CA LYS D 141 15.74 -3.62 40.49
C LYS D 141 16.35 -4.26 41.74
N PRO D 142 16.13 -5.53 42.11
CA PRO D 142 16.69 -6.13 43.32
C PRO D 142 18.15 -6.41 43.06
N MET D 143 18.44 -6.87 41.82
CA MET D 143 19.71 -7.18 41.26
C MET D 143 19.49 -6.51 39.94
N SER D 144 20.44 -5.63 39.52
CA SER D 144 20.36 -4.80 38.33
C SER D 144 19.80 -5.51 37.14
N ASN D 145 18.60 -5.08 36.70
CA ASN D 145 17.85 -5.56 35.56
C ASN D 145 17.32 -6.94 35.86
N PHE D 146 15.98 -7.06 36.05
CA PHE D 146 15.39 -8.31 36.43
C PHE D 146 14.02 -8.40 35.82
N ARG D 147 13.64 -9.61 35.35
CA ARG D 147 12.33 -9.94 34.85
C ARG D 147 11.61 -10.60 35.97
N PHE D 148 10.32 -10.24 36.18
CA PHE D 148 9.51 -10.80 37.23
C PHE D 148 8.76 -11.95 36.60
N GLY D 149 9.04 -13.19 37.09
CA GLY D 149 8.52 -14.41 36.52
C GLY D 149 7.63 -15.10 37.50
N GLU D 150 6.95 -16.16 36.99
CA GLU D 150 5.97 -17.01 37.65
C GLU D 150 6.36 -17.50 39.02
N ASN D 151 7.61 -17.98 39.16
CA ASN D 151 8.13 -18.58 40.38
C ASN D 151 8.13 -17.62 41.54
N HIS D 152 8.54 -16.35 41.29
CA HIS D 152 8.61 -15.32 42.30
C HIS D 152 7.25 -14.96 42.83
N ALA D 153 6.25 -14.82 41.92
CA ALA D 153 4.86 -14.59 42.22
C ALA D 153 4.26 -15.59 43.17
N ILE D 154 4.50 -16.89 42.89
CA ILE D 154 4.03 -18.02 43.66
C ILE D 154 4.62 -18.01 45.06
N MET D 155 5.96 -17.78 45.15
CA MET D 155 6.69 -17.61 46.38
C MET D 155 6.12 -16.51 47.25
N GLY D 156 5.87 -15.32 46.64
CA GLY D 156 5.20 -14.18 47.25
C GLY D 156 3.87 -14.51 47.87
N VAL D 157 3.02 -15.26 47.15
CA VAL D 157 1.71 -15.70 47.60
C VAL D 157 1.84 -16.64 48.78
N ALA D 158 2.70 -17.67 48.64
CA ALA D 158 3.01 -18.63 49.68
C ALA D 158 3.50 -17.99 50.96
N PHE D 159 4.41 -16.99 50.83
CA PHE D 159 4.97 -16.22 51.92
C PHE D 159 3.95 -15.54 52.81
N THR D 160 2.85 -15.00 52.23
CA THR D 160 1.84 -14.30 52.99
C THR D 160 1.08 -15.28 53.83
N TRP D 161 0.73 -16.45 53.24
CA TRP D 161 0.08 -17.55 53.93
C TRP D 161 0.86 -18.03 55.12
N VAL D 162 2.19 -18.28 54.95
CA VAL D 162 3.10 -18.76 55.97
C VAL D 162 3.22 -17.80 57.13
N MET D 163 3.45 -16.49 56.84
CA MET D 163 3.50 -15.44 57.83
C MET D 163 2.21 -15.26 58.60
N ALA D 164 1.06 -15.51 57.92
CA ALA D 164 -0.25 -15.36 58.50
C ALA D 164 -0.51 -16.47 59.48
N LEU D 165 -0.19 -17.73 59.09
CA LEU D 165 -0.20 -18.89 59.96
C LEU D 165 0.72 -18.72 61.15
N ALA D 166 1.91 -18.11 60.96
CA ALA D 166 2.84 -17.73 62.01
C ALA D 166 2.27 -16.79 63.07
N CYS D 167 1.08 -16.20 62.82
CA CYS D 167 0.46 -15.23 63.68
C CYS D 167 -0.82 -15.83 64.23
N ALA D 168 -1.65 -16.41 63.34
CA ALA D 168 -2.94 -16.97 63.63
C ALA D 168 -2.88 -18.26 64.41
N ALA D 169 -1.81 -19.08 64.20
CA ALA D 169 -1.67 -20.38 64.83
C ALA D 169 -1.25 -20.29 66.29
N PRO D 170 -0.29 -19.48 66.77
CA PRO D 170 0.06 -19.36 68.19
C PRO D 170 -1.09 -19.22 69.17
N PRO D 171 -2.15 -18.39 69.06
CA PRO D 171 -3.19 -18.35 70.08
C PRO D 171 -4.00 -19.63 70.22
N LEU D 172 -3.85 -20.61 69.29
CA LEU D 172 -4.54 -21.89 69.38
C LEU D 172 -3.77 -22.88 70.22
N VAL D 173 -2.47 -22.61 70.54
CA VAL D 173 -1.63 -23.54 71.25
C VAL D 173 -1.20 -22.93 72.55
N GLY D 174 -1.79 -21.77 72.93
CA GLY D 174 -1.73 -21.27 74.28
C GLY D 174 -0.72 -20.18 74.46
N TRP D 175 -0.05 -19.72 73.38
CA TRP D 175 0.81 -18.55 73.46
C TRP D 175 -0.08 -17.47 72.93
N SER D 176 -0.62 -16.65 73.86
CA SER D 176 -1.80 -15.81 73.69
C SER D 176 -3.02 -16.70 73.51
N ARG D 177 -4.19 -16.09 73.26
CA ARG D 177 -5.41 -16.82 73.10
C ARG D 177 -6.34 -15.91 72.37
N TYR D 178 -7.40 -16.50 71.77
CA TYR D 178 -8.48 -15.72 71.20
C TYR D 178 -9.49 -15.64 72.30
N ILE D 179 -10.04 -14.42 72.50
CA ILE D 179 -11.04 -14.16 73.50
C ILE D 179 -11.81 -12.99 72.92
N PRO D 180 -13.11 -12.82 73.21
CA PRO D 180 -13.91 -11.73 72.69
C PRO D 180 -13.32 -10.33 72.81
N GLU D 181 -13.47 -9.52 71.74
CA GLU D 181 -13.10 -8.13 71.67
C GLU D 181 -14.40 -7.39 71.42
N GLY D 182 -14.34 -6.04 71.41
CA GLY D 182 -15.45 -5.19 71.04
C GLY D 182 -16.60 -5.30 72.00
N MET D 183 -17.82 -5.53 71.45
CA MET D 183 -19.05 -5.63 72.23
C MET D 183 -19.27 -7.07 72.63
N GLN D 184 -18.26 -7.93 72.34
CA GLN D 184 -18.08 -9.28 72.80
C GLN D 184 -18.77 -10.22 71.87
N CYS D 185 -18.88 -9.82 70.58
CA CYS D 185 -19.58 -10.58 69.56
C CYS D 185 -18.61 -10.87 68.45
N SER D 186 -17.32 -10.51 68.63
CA SER D 186 -16.27 -10.93 67.74
C SER D 186 -15.13 -11.25 68.64
N CYS D 187 -14.22 -12.14 68.19
CA CYS D 187 -13.08 -12.59 68.93
C CYS D 187 -11.85 -12.05 68.29
N GLY D 188 -10.96 -11.43 69.09
CA GLY D 188 -9.71 -10.93 68.61
C GLY D 188 -8.63 -11.58 69.42
N ILE D 189 -7.42 -11.02 69.29
CA ILE D 189 -6.19 -11.42 69.93
C ILE D 189 -6.14 -10.88 71.33
N ASP D 190 -5.67 -11.72 72.29
CA ASP D 190 -5.44 -11.31 73.65
C ASP D 190 -4.14 -10.54 73.70
N TYR D 191 -4.24 -9.21 73.92
CA TYR D 191 -3.11 -8.30 73.96
C TYR D 191 -3.43 -7.27 75.00
N TYR D 192 -4.73 -7.19 75.37
CA TYR D 192 -5.32 -6.18 76.22
C TYR D 192 -5.55 -6.69 77.63
N THR D 193 -5.09 -7.92 77.93
CA THR D 193 -5.23 -8.53 79.24
C THR D 193 -3.81 -8.75 79.69
N PRO D 194 -3.39 -8.39 80.90
CA PRO D 194 -2.08 -8.72 81.41
C PRO D 194 -2.23 -10.04 82.15
N HIS D 195 -2.29 -11.17 81.41
CA HIS D 195 -2.62 -12.45 81.99
C HIS D 195 -1.46 -13.39 81.72
N GLU D 196 -0.81 -13.82 82.84
CA GLU D 196 0.42 -14.57 82.88
C GLU D 196 0.36 -15.91 82.19
N GLU D 197 -0.78 -16.64 82.37
CA GLU D 197 -1.00 -18.00 81.90
C GLU D 197 -0.86 -18.22 80.41
N THR D 198 -0.88 -17.14 79.59
CA THR D 198 -0.80 -17.24 78.16
C THR D 198 0.39 -16.47 77.67
N ASN D 199 1.07 -15.71 78.57
CA ASN D 199 2.34 -15.06 78.34
C ASN D 199 2.19 -13.97 77.32
N ASN D 200 1.13 -13.14 77.52
CA ASN D 200 0.71 -12.04 76.68
C ASN D 200 1.81 -11.05 76.38
N GLU D 201 2.65 -10.70 77.38
CA GLU D 201 3.68 -9.67 77.26
C GLU D 201 4.66 -9.92 76.13
N SER D 202 5.24 -11.14 76.07
CA SER D 202 6.16 -11.54 75.02
C SER D 202 5.51 -11.58 73.66
N PHE D 203 4.22 -12.05 73.61
CA PHE D 203 3.43 -12.10 72.41
C PHE D 203 3.19 -10.72 71.84
N VAL D 204 2.84 -9.72 72.69
CA VAL D 204 2.58 -8.35 72.30
C VAL D 204 3.79 -7.71 71.68
N ILE D 205 4.99 -7.99 72.22
CA ILE D 205 6.24 -7.52 71.67
C ILE D 205 6.48 -8.14 70.31
N TYR D 206 6.32 -9.49 70.20
CA TYR D 206 6.43 -10.23 68.96
C TYR D 206 5.53 -9.70 67.86
N MET D 207 4.22 -9.53 68.17
CA MET D 207 3.20 -8.95 67.32
C MET D 207 3.54 -7.59 66.81
N PHE D 208 3.89 -6.66 67.73
CA PHE D 208 4.22 -5.29 67.42
C PHE D 208 5.42 -5.20 66.51
N VAL D 209 6.47 -6.02 66.76
CA VAL D 209 7.69 -5.95 65.99
C VAL D 209 7.53 -6.62 64.65
N VAL D 210 7.22 -7.94 64.63
CA VAL D 210 7.27 -8.74 63.43
C VAL D 210 6.12 -8.45 62.48
N HIS D 211 4.93 -8.14 63.02
CA HIS D 211 3.74 -8.02 62.22
C HIS D 211 3.26 -6.59 62.05
N PHE D 212 3.91 -5.58 62.68
CA PHE D 212 3.58 -4.19 62.38
C PHE D 212 4.80 -3.44 61.93
N ILE D 213 5.84 -3.34 62.80
CA ILE D 213 7.03 -2.54 62.56
C ILE D 213 7.79 -2.94 61.31
N ILE D 214 8.16 -4.24 61.18
CA ILE D 214 8.75 -4.83 59.98
C ILE D 214 7.98 -4.45 58.72
N PRO D 215 6.70 -4.84 58.51
CA PRO D 215 5.86 -4.36 57.42
C PRO D 215 5.91 -2.88 57.13
N LEU D 216 5.74 -2.02 58.18
CA LEU D 216 5.75 -0.58 58.11
C LEU D 216 7.04 -0.05 57.53
N ILE D 217 8.20 -0.60 57.99
CA ILE D 217 9.52 -0.27 57.52
C ILE D 217 9.68 -0.64 56.06
N VAL D 218 9.32 -1.90 55.69
CA VAL D 218 9.42 -2.41 54.33
C VAL D 218 8.65 -1.54 53.36
N ILE D 219 7.38 -1.18 53.70
CA ILE D 219 6.52 -0.29 52.95
C ILE D 219 7.14 1.06 52.71
N PHE D 220 7.72 1.68 53.77
CA PHE D 220 8.37 2.98 53.70
C PHE D 220 9.57 2.97 52.77
N PHE D 221 10.41 1.90 52.87
CA PHE D 221 11.56 1.70 52.03
C PHE D 221 11.20 1.66 50.56
N CYS D 222 10.40 0.63 50.18
CA CYS D 222 9.93 0.36 48.84
C CYS D 222 9.32 1.54 48.14
N TYR D 223 8.29 2.16 48.77
CA TYR D 223 7.59 3.28 48.18
C TYR D 223 8.41 4.55 48.19
N GLY D 224 9.28 4.74 49.20
CA GLY D 224 10.24 5.82 49.26
C GLY D 224 11.17 5.83 48.08
N GLN D 225 11.81 4.67 47.82
CA GLN D 225 12.59 4.41 46.63
C GLN D 225 11.85 4.70 45.35
N LEU D 226 10.63 4.12 45.20
CA LEU D 226 9.79 4.29 44.03
C LEU D 226 9.44 5.73 43.71
N VAL D 227 8.99 6.52 44.73
CA VAL D 227 8.67 7.93 44.57
C VAL D 227 9.90 8.73 44.21
N PHE D 228 11.07 8.37 44.79
CA PHE D 228 12.35 8.96 44.50
C PHE D 228 12.70 8.76 43.03
N THR D 229 12.74 7.49 42.57
CA THR D 229 12.96 7.10 41.18
C THR D 229 12.12 7.88 40.18
N VAL D 230 10.79 8.00 40.44
CA VAL D 230 9.85 8.66 39.53
C VAL D 230 10.08 10.16 39.50
N LYS D 231 10.41 10.79 40.66
CA LYS D 231 10.77 12.17 40.77
C LYS D 231 12.01 12.50 39.96
N GLU D 232 13.04 11.63 40.07
CA GLU D 232 14.29 11.70 39.37
C GLU D 232 14.08 11.62 37.88
N ALA D 233 13.35 10.59 37.39
CA ALA D 233 12.99 10.40 36.01
C ALA D 233 12.36 11.61 35.35
N ALA D 234 11.41 12.25 36.08
CA ALA D 234 10.70 13.45 35.66
C ALA D 234 11.62 14.64 35.57
N ALA D 235 12.53 14.78 36.57
CA ALA D 235 13.54 15.81 36.63
C ALA D 235 14.49 15.78 35.46
N GLN D 236 14.85 14.55 35.00
CA GLN D 236 15.73 14.31 33.87
C GLN D 236 14.99 14.36 32.56
N GLN D 237 13.70 14.78 32.56
CA GLN D 237 12.90 14.76 31.37
C GLN D 237 11.83 15.79 31.58
N GLN D 238 12.25 17.09 31.56
CA GLN D 238 11.39 18.23 31.76
C GLN D 238 10.36 18.34 30.68
N GLU D 239 10.78 18.06 29.42
CA GLU D 239 9.94 18.00 28.25
C GLU D 239 8.91 16.91 28.40
N SER D 240 7.69 17.18 27.89
CA SER D 240 6.53 16.32 27.91
C SER D 240 5.79 16.53 29.20
N ALA D 241 4.48 16.86 29.06
CA ALA D 241 3.51 17.08 30.12
C ALA D 241 3.37 15.87 30.99
N THR D 242 3.31 14.69 30.33
CA THR D 242 3.11 13.38 30.91
C THR D 242 4.02 13.08 32.07
N THR D 243 5.36 13.23 31.91
CA THR D 243 6.31 12.96 32.98
C THR D 243 6.10 13.80 34.23
N GLN D 244 5.70 15.09 34.06
CA GLN D 244 5.40 16.00 35.15
C GLN D 244 4.17 15.59 35.91
N LYS D 245 3.13 15.13 35.16
CA LYS D 245 1.89 14.62 35.68
C LYS D 245 2.11 13.37 36.49
N ALA D 246 2.89 12.42 35.91
CA ALA D 246 3.31 11.18 36.50
C ALA D 246 3.95 11.36 37.84
N GLU D 247 4.84 12.37 37.98
CA GLU D 247 5.53 12.67 39.22
C GLU D 247 4.59 13.06 40.33
N LYS D 248 3.59 13.91 39.99
CA LYS D 248 2.55 14.35 40.90
C LYS D 248 1.64 13.21 41.31
N GLU D 249 1.19 12.41 40.32
CA GLU D 249 0.32 11.28 40.51
C GLU D 249 0.94 10.22 41.38
N VAL D 250 2.20 9.83 41.10
CA VAL D 250 2.96 8.85 41.85
C VAL D 250 3.14 9.24 43.29
N THR D 251 3.44 10.54 43.56
CA THR D 251 3.57 11.03 44.92
C THR D 251 2.25 10.92 45.66
N ARG D 252 1.13 11.30 45.00
CA ARG D 252 -0.21 11.22 45.53
C ARG D 252 -0.60 9.80 45.89
N MET D 253 -0.46 8.86 44.94
CA MET D 253 -0.65 7.43 45.11
C MET D 253 0.11 6.82 46.25
N VAL D 254 1.41 7.17 46.41
CA VAL D 254 2.28 6.64 47.45
C VAL D 254 1.80 7.06 48.81
N ILE D 255 1.28 8.31 48.93
CA ILE D 255 0.67 8.82 50.14
C ILE D 255 -0.58 8.02 50.48
N ILE D 256 -1.44 7.71 49.48
CA ILE D 256 -2.62 6.88 49.65
C ILE D 256 -2.26 5.48 50.13
N MET D 257 -1.26 4.83 49.49
CA MET D 257 -0.80 3.50 49.80
C MET D 257 -0.27 3.34 51.20
N VAL D 258 0.49 4.35 51.69
CA VAL D 258 1.10 4.35 53.00
C VAL D 258 0.01 4.52 54.04
N ILE D 259 -0.84 5.58 53.88
CA ILE D 259 -2.02 5.85 54.69
C ILE D 259 -2.94 4.67 54.84
N ALA D 260 -3.18 3.88 53.78
CA ALA D 260 -4.07 2.74 53.84
C ALA D 260 -3.56 1.64 54.74
N PHE D 261 -2.23 1.41 54.77
CA PHE D 261 -1.61 0.47 55.68
C PHE D 261 -1.69 0.97 57.10
N LEU D 262 -1.49 2.31 57.30
CA LEU D 262 -1.54 2.94 58.58
C LEU D 262 -2.89 2.81 59.22
N ILE D 263 -3.96 3.27 58.54
CA ILE D 263 -5.34 3.17 59.00
C ILE D 263 -5.70 1.76 59.41
N CYS D 264 -5.26 0.75 58.62
CA CYS D 264 -5.65 -0.61 58.89
C CYS D 264 -5.04 -1.21 60.14
N TRP D 265 -3.74 -0.96 60.43
CA TRP D 265 -3.06 -1.66 61.52
C TRP D 265 -2.58 -0.80 62.66
N LEU D 266 -2.45 0.53 62.44
CA LEU D 266 -2.07 1.49 63.47
C LEU D 266 -2.99 1.48 64.68
N PRO D 267 -4.33 1.46 64.60
CA PRO D 267 -5.21 1.38 65.76
C PRO D 267 -4.92 0.24 66.70
N TYR D 268 -4.81 -1.01 66.19
CA TYR D 268 -4.43 -2.18 66.95
C TYR D 268 -3.10 -2.02 67.65
N ALA D 269 -2.08 -1.53 66.89
CA ALA D 269 -0.74 -1.33 67.40
C ALA D 269 -0.70 -0.27 68.48
N GLY D 270 -1.34 0.89 68.21
CA GLY D 270 -1.47 2.01 69.12
C GLY D 270 -2.09 1.66 70.45
N VAL D 271 -3.31 1.05 70.40
CA VAL D 271 -4.04 0.59 71.57
C VAL D 271 -3.25 -0.42 72.37
N ALA D 272 -2.73 -1.49 71.70
CA ALA D 272 -1.92 -2.52 72.32
C ALA D 272 -0.71 -1.99 73.05
N PHE D 273 -0.01 -1.01 72.42
CA PHE D 273 1.17 -0.37 72.95
C PHE D 273 0.86 0.44 74.19
N TYR D 274 -0.24 1.22 74.16
CA TYR D 274 -0.67 2.09 75.24
C TYR D 274 -0.96 1.31 76.50
N ILE D 275 -1.74 0.21 76.38
CA ILE D 275 -2.07 -0.70 77.45
C ILE D 275 -0.84 -1.35 78.05
N PHE D 276 0.17 -1.68 77.19
CA PHE D 276 1.41 -2.29 77.61
C PHE D 276 2.28 -1.34 78.41
N THR D 277 2.38 -0.07 77.95
CA THR D 277 3.19 0.96 78.55
C THR D 277 2.59 1.48 79.84
N HIS D 278 1.24 1.53 79.92
CA HIS D 278 0.54 2.09 81.04
C HIS D 278 -0.48 1.09 81.48
N GLN D 279 -0.43 0.69 82.77
CA GLN D 279 -1.34 -0.28 83.33
C GLN D 279 -2.52 0.49 83.86
N GLY D 280 -3.73 -0.13 83.80
CA GLY D 280 -4.95 0.47 84.24
C GLY D 280 -5.55 1.33 83.16
N SER D 281 -5.25 1.00 81.87
CA SER D 281 -5.77 1.72 80.74
C SER D 281 -7.07 1.06 80.38
N ASP D 282 -8.18 1.64 80.90
CA ASP D 282 -9.51 1.16 80.67
C ASP D 282 -10.04 1.81 79.42
N PHE D 283 -10.41 0.97 78.44
CA PHE D 283 -11.08 1.36 77.23
C PHE D 283 -12.35 0.55 77.23
N GLY D 284 -13.48 1.20 76.85
CA GLY D 284 -14.79 0.61 76.88
C GLY D 284 -14.92 -0.47 75.83
N PRO D 285 -16.05 -1.17 75.80
CA PRO D 285 -16.29 -2.24 74.85
C PRO D 285 -16.56 -1.66 73.50
N ILE D 286 -17.32 -0.54 73.43
CA ILE D 286 -17.64 0.17 72.22
C ILE D 286 -16.36 0.72 71.61
N PHE D 287 -15.47 1.28 72.47
CA PHE D 287 -14.17 1.80 72.12
C PHE D 287 -13.26 0.75 71.48
N MET D 288 -13.37 -0.53 71.92
CA MET D 288 -12.62 -1.64 71.40
C MET D 288 -13.10 -2.15 70.06
N THR D 289 -14.25 -1.64 69.57
CA THR D 289 -14.79 -1.99 68.28
C THR D 289 -14.18 -1.07 67.25
N ILE D 290 -13.68 0.12 67.68
CA ILE D 290 -13.05 1.11 66.82
C ILE D 290 -11.85 0.58 66.02
N PRO D 291 -10.81 -0.08 66.57
CA PRO D 291 -9.74 -0.70 65.79
C PRO D 291 -10.21 -1.68 64.75
N ALA D 292 -11.31 -2.42 65.05
CA ALA D 292 -11.86 -3.43 64.17
C ALA D 292 -12.50 -2.79 62.98
N PHE D 293 -13.20 -1.64 63.18
CA PHE D 293 -13.83 -0.87 62.14
C PHE D 293 -12.83 -0.45 61.08
N PHE D 294 -11.70 0.13 61.55
CA PHE D 294 -10.63 0.59 60.70
C PHE D 294 -9.99 -0.52 59.91
N ALA D 295 -9.69 -1.66 60.56
CA ALA D 295 -9.06 -2.81 59.95
C ALA D 295 -9.96 -3.45 58.92
N LYS D 296 -11.23 -3.74 59.30
CA LYS D 296 -12.20 -4.43 58.49
C LYS D 296 -12.57 -3.75 57.20
N THR D 297 -12.57 -2.38 57.19
CA THR D 297 -12.89 -1.61 56.01
C THR D 297 -11.86 -1.77 54.91
N SER D 298 -10.63 -2.26 55.24
CA SER D 298 -9.58 -2.49 54.26
C SER D 298 -9.95 -3.58 53.29
N ALA D 299 -10.96 -4.42 53.61
CA ALA D 299 -11.48 -5.43 52.72
C ALA D 299 -12.13 -4.83 51.50
N VAL D 300 -12.54 -3.53 51.59
CA VAL D 300 -13.10 -2.79 50.49
C VAL D 300 -12.03 -1.92 49.86
N TYR D 301 -11.29 -1.10 50.67
CA TYR D 301 -10.44 -0.06 50.09
C TYR D 301 -9.16 -0.59 49.50
N ASN D 302 -8.59 -1.70 50.02
CA ASN D 302 -7.44 -2.36 49.42
C ASN D 302 -7.71 -2.72 47.96
N PRO D 303 -8.78 -3.40 47.55
CA PRO D 303 -9.04 -3.62 46.14
C PRO D 303 -9.29 -2.37 45.32
N VAL D 304 -9.83 -1.27 45.90
CA VAL D 304 -9.98 -0.02 45.17
C VAL D 304 -8.62 0.51 44.75
N ILE D 305 -7.68 0.62 45.72
CA ILE D 305 -6.33 1.11 45.51
C ILE D 305 -5.53 0.21 44.59
N TYR D 306 -5.55 -1.11 44.84
CA TYR D 306 -4.60 -2.05 44.29
C TYR D 306 -5.03 -2.74 43.03
N ILE D 307 -6.30 -2.55 42.59
CA ILE D 307 -6.85 -3.22 41.43
C ILE D 307 -7.32 -2.15 40.50
N MET D 308 -8.33 -1.33 40.89
CA MET D 308 -8.97 -0.33 40.04
C MET D 308 -8.00 0.70 39.49
N MET D 309 -6.98 1.09 40.29
CA MET D 309 -6.01 2.10 39.92
C MET D 309 -4.83 1.46 39.21
N ASN D 310 -5.05 0.31 38.54
CA ASN D 310 -4.08 -0.34 37.70
C ASN D 310 -4.77 -0.40 36.36
N LYS D 311 -4.09 0.20 35.34
CA LYS D 311 -4.51 0.39 33.97
C LYS D 311 -5.14 -0.81 33.30
N GLN D 312 -4.51 -2.00 33.41
CA GLN D 312 -4.93 -3.22 32.76
C GLN D 312 -6.27 -3.68 33.22
N PHE D 313 -6.44 -3.84 34.57
CA PHE D 313 -7.70 -4.19 35.22
C PHE D 313 -8.80 -3.25 34.84
N ARG D 314 -8.51 -1.92 34.84
CA ARG D 314 -9.43 -0.85 34.50
C ARG D 314 -10.05 -1.08 33.15
N ASN D 315 -9.22 -1.22 32.08
CA ASN D 315 -9.66 -1.50 30.73
C ASN D 315 -10.59 -2.71 30.63
N CYS D 316 -10.15 -3.86 31.20
CA CYS D 316 -10.92 -5.09 31.29
C CYS D 316 -12.26 -4.95 31.97
N MET D 317 -12.29 -4.21 33.11
CA MET D 317 -13.48 -3.87 33.85
C MET D 317 -14.46 -3.04 33.05
N VAL D 318 -13.95 -2.04 32.30
CA VAL D 318 -14.72 -1.20 31.40
C VAL D 318 -15.34 -2.04 30.32
N THR D 319 -14.55 -2.95 29.68
CA THR D 319 -15.01 -3.91 28.69
C THR D 319 -16.16 -4.74 29.21
N THR D 320 -16.04 -5.29 30.44
CA THR D 320 -17.01 -6.16 31.06
C THR D 320 -18.28 -5.40 31.42
N LEU D 321 -18.15 -4.13 31.91
CA LEU D 321 -19.26 -3.27 32.25
C LEU D 321 -20.02 -2.83 31.03
N CYS D 322 -19.32 -2.67 29.88
CA CYS D 322 -19.91 -2.33 28.61
C CYS D 322 -20.07 -3.62 27.83
N CYS D 323 -20.67 -4.64 28.49
CA CYS D 323 -21.14 -5.88 27.92
C CYS D 323 -19.96 -6.80 27.68
N GLY D 324 -19.81 -7.82 28.54
CA GLY D 324 -18.72 -8.75 28.43
C GLY D 324 -18.74 -9.60 29.65
N1 SGV E . 11.77 -1.90 17.90
C2 SGV E . 10.80 -1.10 18.37
N3 SGV E . 9.45 -1.30 18.35
C4 SGV E . 9.12 -2.46 17.73
C5 SGV E . 10.01 -3.37 17.17
C6 SGV E . 11.40 -3.07 17.29
N6 SGV E . 12.41 -3.93 16.84
C7 SGV E . 9.22 -4.44 16.62
C8 SGV E . 7.90 -4.12 16.89
N9 SGV E . 7.85 -2.96 17.61
C1' SGV E . 6.67 -2.37 18.24
C10 SGV E . 9.66 -5.61 15.90
N11 SGV E . 8.85 -6.71 16.02
O12 SGV E . 10.68 -5.61 15.23
C2' SGV E . 5.84 -1.56 17.26
O2' SGV E . 5.36 -0.42 17.96
C3' SGV E . 4.72 -2.52 16.94
O3' SGV E . 3.51 -1.89 16.48
C4' SGV E . 4.52 -3.20 18.26
O4' SGV E . 5.83 -3.43 18.75
C5' SGV E . 3.73 -4.50 18.18
O5' SGV E . 4.25 -5.35 17.17
C1 RET F . -0.47 -5.56 65.31
C2 RET F . 0.33 -4.63 66.20
C3 RET F . 0.55 -5.15 67.60
C4 RET F . -0.79 -5.37 68.28
C5 RET F . -1.73 -6.23 67.42
C6 RET F . -1.63 -6.29 66.07
C7 RET F . -2.54 -7.03 65.17
C8 RET F . -3.87 -7.13 65.34
C9 RET F . -4.74 -7.83 64.41
C10 RET F . -6.10 -7.71 64.55
C11 RET F . -7.07 -8.22 63.68
C12 RET F . -8.39 -7.99 63.88
C13 RET F . -9.43 -8.35 63.02
C14 RET F . -10.74 -7.93 63.31
C15 RET F . -11.82 -8.11 62.50
C16 RET F . 0.48 -6.61 64.71
C17 RET F . -1.04 -4.71 64.16
C18 RET F . -2.76 -7.04 68.21
C19 RET F . -4.13 -8.66 63.28
C20 RET F . -9.11 -9.13 61.74
N LEU A 6 -1.09 5.29 35.07
CA LEU A 6 -0.64 5.27 36.42
C LEU A 6 0.62 4.47 36.46
N GLU A 7 0.53 3.17 36.81
CA GLU A 7 1.64 2.23 36.83
C GLU A 7 2.22 2.02 35.45
N THR A 8 1.35 2.03 34.41
CA THR A 8 1.77 1.98 33.03
C THR A 8 2.61 3.17 32.64
N VAL A 9 2.25 4.38 33.12
CA VAL A 9 3.04 5.58 33.02
C VAL A 9 4.35 5.51 33.78
N VAL A 10 4.36 4.87 34.98
CA VAL A 10 5.56 4.64 35.78
C VAL A 10 6.55 3.79 35.05
N ALA A 11 6.06 2.72 34.38
CA ALA A 11 6.90 1.87 33.58
C ALA A 11 7.49 2.61 32.41
N ASN A 12 6.68 3.49 31.76
CA ASN A 12 7.11 4.35 30.69
C ASN A 12 8.14 5.37 31.14
N SER A 13 7.93 5.93 32.35
CA SER A 13 8.83 6.86 32.99
C SER A 13 10.15 6.22 33.30
N ALA A 14 10.15 4.95 33.79
CA ALA A 14 11.36 4.21 34.05
C ALA A 14 12.16 3.95 32.79
N PHE A 15 11.46 3.74 31.65
CA PHE A 15 12.07 3.57 30.35
C PHE A 15 12.79 4.81 29.92
N ILE A 16 12.13 5.99 30.11
CA ILE A 16 12.70 7.29 29.78
C ILE A 16 13.96 7.53 30.59
N ALA A 17 13.93 7.11 31.88
CA ALA A 17 15.02 7.25 32.82
C ALA A 17 16.21 6.45 32.39
N ALA A 18 15.96 5.18 31.97
CA ALA A 18 16.97 4.26 31.51
C ALA A 18 17.66 4.71 30.27
N ARG A 19 16.88 5.30 29.32
CA ARG A 19 17.38 5.81 28.06
C ARG A 19 18.36 6.92 28.28
N GLY A 20 18.06 7.81 29.27
CA GLY A 20 18.88 8.93 29.63
C GLY A 20 20.22 8.51 30.14
N SER A 21 20.25 7.47 31.01
CA SER A 21 21.47 6.86 31.52
C SER A 21 22.25 6.21 30.40
N PHE A 22 21.55 5.49 29.50
CA PHE A 22 22.12 4.78 28.37
C PHE A 22 22.76 5.73 27.38
N ASP A 23 22.08 6.86 27.08
CA ASP A 23 22.53 7.90 26.18
C ASP A 23 23.76 8.58 26.73
N ALA A 24 23.78 8.81 28.07
CA ALA A 24 24.90 9.38 28.78
C ALA A 24 25.81 8.27 29.20
N MET A 182 15.90 -20.05 30.26
CA MET A 182 16.80 -18.95 30.48
C MET A 182 16.06 -17.98 31.36
N GLY A 183 16.44 -16.68 31.30
CA GLY A 183 16.77 -15.93 32.49
C GLY A 183 15.57 -15.30 33.13
N GLU A 184 15.85 -14.57 34.23
CA GLU A 184 14.87 -13.91 35.06
C GLU A 184 15.66 -13.01 35.97
N ASP A 185 16.90 -12.66 35.53
CA ASP A 185 17.93 -12.07 36.34
C ASP A 185 19.01 -11.70 35.34
N TRP A 186 18.60 -11.41 34.08
CA TRP A 186 19.52 -11.37 32.96
C TRP A 186 19.07 -10.26 32.03
N PHE A 187 17.78 -9.89 32.07
CA PHE A 187 17.29 -8.75 31.33
C PHE A 187 16.34 -8.01 32.22
N LEU A 188 16.59 -6.69 32.38
CA LEU A 188 15.73 -5.78 33.10
C LEU A 188 14.62 -5.41 32.16
N ASP A 189 13.37 -5.39 32.67
CA ASP A 189 12.19 -5.35 31.85
C ASP A 189 11.63 -3.97 31.94
N PHE A 190 11.12 -3.47 30.79
CA PHE A 190 10.40 -2.22 30.75
C PHE A 190 9.06 -2.59 30.20
N ARG A 191 8.25 -1.56 29.87
CA ARG A 191 6.96 -1.71 29.25
C ARG A 191 6.95 -2.51 27.98
N VAL A 192 5.83 -3.22 27.72
CA VAL A 192 5.56 -3.85 26.46
C VAL A 192 5.30 -2.75 25.46
N LEU A 193 5.50 -3.04 24.15
CA LEU A 193 5.47 -2.03 23.12
C LEU A 193 4.36 -2.36 22.18
N GLY A 194 3.69 -3.52 22.40
CA GLY A 194 2.56 -3.91 21.62
C GLY A 194 2.33 -5.35 21.92
N ARG A 195 1.19 -5.89 21.44
CA ARG A 195 0.86 -7.29 21.49
C ARG A 195 0.78 -7.64 20.03
N GLY A 196 1.79 -8.42 19.56
CA GLY A 196 1.90 -8.99 18.24
C GLY A 196 0.87 -10.05 17.94
N GLY A 197 1.25 -10.99 17.04
CA GLY A 197 0.38 -12.08 16.63
C GLY A 197 0.40 -13.22 17.60
N PHE A 198 1.57 -13.48 18.23
CA PHE A 198 1.78 -14.65 19.05
C PHE A 198 2.18 -14.22 20.43
N GLY A 199 2.35 -12.90 20.68
CA GLY A 199 2.66 -12.43 21.99
C GLY A 199 3.27 -11.07 21.88
N GLU A 200 3.62 -10.50 23.05
CA GLU A 200 4.09 -9.16 23.25
C GLU A 200 5.52 -8.98 22.83
N VAL A 201 5.91 -7.73 22.51
CA VAL A 201 7.25 -7.36 22.13
C VAL A 201 7.57 -6.19 23.00
N PHE A 202 8.45 -6.39 24.01
CA PHE A 202 8.72 -5.41 25.04
C PHE A 202 10.16 -4.98 24.91
N ALA A 203 10.46 -3.73 25.38
CA ALA A 203 11.83 -3.28 25.51
C ALA A 203 12.51 -3.91 26.70
N CYS A 204 13.86 -3.99 26.65
CA CYS A 204 14.64 -4.71 27.61
C CYS A 204 16.06 -4.25 27.48
N GLN A 205 16.92 -4.61 28.46
CA GLN A 205 18.30 -4.20 28.45
C GLN A 205 19.08 -5.33 29.05
N MET A 206 20.21 -5.64 28.39
CA MET A 206 21.24 -6.60 28.73
C MET A 206 21.96 -6.32 30.00
N LYS A 207 21.99 -7.34 30.89
CA LYS A 207 22.70 -7.36 32.14
C LYS A 207 24.19 -7.28 31.91
N ALA A 208 24.67 -8.01 30.87
CA ALA A 208 26.07 -8.29 30.67
C ALA A 208 26.69 -7.46 29.57
N THR A 209 25.92 -6.56 28.91
CA THR A 209 26.39 -5.88 27.71
C THR A 209 25.99 -4.43 27.82
N GLY A 210 24.87 -4.15 28.54
CA GLY A 210 24.44 -2.80 28.84
C GLY A 210 23.88 -2.11 27.62
N LYS A 211 23.33 -2.91 26.68
CA LYS A 211 22.77 -2.44 25.43
C LYS A 211 21.32 -2.80 25.44
N LEU A 212 20.48 -1.92 24.82
CA LEU A 212 19.04 -2.08 24.77
C LEU A 212 18.73 -2.85 23.52
N TYR A 213 17.75 -3.78 23.65
CA TYR A 213 17.33 -4.66 22.60
C TYR A 213 15.83 -4.69 22.71
N ALA A 214 15.14 -4.98 21.59
CA ALA A 214 13.75 -5.39 21.63
C ALA A 214 13.71 -6.88 21.74
N CYS A 215 12.75 -7.38 22.54
CA CYS A 215 12.57 -8.78 22.80
C CYS A 215 11.19 -9.14 22.34
N LYS A 216 11.09 -9.78 21.15
CA LYS A 216 9.86 -10.34 20.67
C LYS A 216 9.61 -11.64 21.36
N LYS A 217 8.65 -11.62 22.31
CA LYS A 217 8.16 -12.77 23.01
C LYS A 217 7.03 -13.35 22.22
N LEU A 218 7.01 -14.69 22.13
CA LEU A 218 5.92 -15.43 21.55
C LEU A 218 5.50 -16.27 22.71
N ASN A 219 4.38 -15.86 23.36
CA ASN A 219 3.83 -16.48 24.53
C ASN A 219 3.41 -17.91 24.25
N LYS A 220 3.82 -18.85 25.14
CA LYS A 220 3.58 -20.27 25.05
C LYS A 220 2.13 -20.64 24.97
N LYS A 221 1.29 -19.91 25.73
CA LYS A 221 -0.14 -20.08 25.81
C LYS A 221 -0.77 -19.74 24.48
N ARG A 222 -0.48 -18.53 23.95
CA ARG A 222 -0.91 -18.07 22.64
C ARG A 222 -0.43 -18.92 21.48
N LEU A 223 0.78 -19.52 21.60
CA LEU A 223 1.37 -20.43 20.63
C LEU A 223 0.53 -21.67 20.49
N LYS A 224 0.14 -22.29 21.63
CA LYS A 224 -0.68 -23.47 21.68
C LYS A 224 -2.04 -23.25 21.06
N LYS A 225 -2.64 -22.08 21.34
CA LYS A 225 -3.93 -21.67 20.82
C LYS A 225 -3.96 -21.53 19.31
N ARG A 226 -3.01 -20.75 18.75
CA ARG A 226 -2.91 -20.48 17.33
C ARG A 226 -2.23 -21.57 16.55
N LYS A 227 -1.60 -22.55 17.24
CA LYS A 227 -0.73 -23.56 16.67
C LYS A 227 0.36 -22.93 15.82
N GLY A 228 1.08 -21.95 16.44
CA GLY A 228 1.97 -21.04 15.76
C GLY A 228 3.39 -21.51 15.83
N TYR A 229 3.59 -22.85 15.87
CA TYR A 229 4.87 -23.49 16.05
C TYR A 229 5.66 -23.38 14.77
N GLN A 230 4.98 -23.50 13.61
CA GLN A 230 5.60 -23.40 12.29
C GLN A 230 6.16 -22.01 12.06
N GLY A 231 5.34 -20.98 12.38
CA GLY A 231 5.62 -19.58 12.13
C GLY A 231 6.83 -19.10 12.88
N ALA A 232 7.02 -19.64 14.11
CA ALA A 232 8.12 -19.33 14.98
C ALA A 232 9.42 -19.81 14.41
N MET A 233 9.48 -21.09 13.96
CA MET A 233 10.68 -21.72 13.44
C MET A 233 11.20 -21.06 12.18
N VAL A 234 10.26 -20.56 11.34
CA VAL A 234 10.57 -19.92 10.08
C VAL A 234 11.26 -18.61 10.35
N GLU A 235 10.66 -17.77 11.24
CA GLU A 235 11.17 -16.47 11.60
C GLU A 235 12.56 -16.51 12.17
N LYS A 236 12.85 -17.54 12.99
CA LYS A 236 14.14 -17.79 13.61
C LYS A 236 15.17 -18.05 12.54
N LYS A 237 15.02 -19.18 11.81
CA LYS A 237 15.98 -19.67 10.85
C LYS A 237 16.34 -18.69 9.76
N ILE A 238 15.33 -17.95 9.24
CA ILE A 238 15.52 -16.98 8.19
C ILE A 238 16.27 -15.78 8.68
N LEU A 239 15.74 -15.05 9.71
CA LEU A 239 16.38 -13.86 10.26
C LEU A 239 17.78 -14.09 10.74
N ALA A 240 18.06 -15.28 11.34
CA ALA A 240 19.36 -15.68 11.84
C ALA A 240 20.41 -15.74 10.76
N LYS A 241 19.99 -16.10 9.53
CA LYS A 241 20.85 -16.41 8.42
C LYS A 241 21.01 -15.20 7.53
N VAL A 242 19.95 -14.37 7.39
CA VAL A 242 19.90 -13.31 6.42
C VAL A 242 19.89 -12.01 7.17
N HIS A 243 20.88 -11.14 6.84
CA HIS A 243 21.07 -9.86 7.46
C HIS A 243 21.68 -9.00 6.41
N SER A 244 21.42 -7.68 6.48
CA SER A 244 22.07 -6.71 5.64
C SER A 244 22.01 -5.42 6.41
N ARG A 245 21.99 -4.27 5.69
CA ARG A 245 21.86 -2.96 6.30
C ARG A 245 20.44 -2.49 6.12
N PHE A 246 19.58 -3.35 5.53
CA PHE A 246 18.18 -3.05 5.30
C PHE A 246 17.39 -4.15 5.95
N ILE A 247 18.05 -5.06 6.70
CA ILE A 247 17.40 -6.10 7.47
C ILE A 247 18.06 -6.04 8.81
N VAL A 248 17.25 -5.98 9.90
CA VAL A 248 17.71 -5.94 11.27
C VAL A 248 18.50 -7.18 11.66
N SER A 249 19.56 -6.98 12.48
CA SER A 249 20.32 -8.03 13.10
C SER A 249 19.52 -8.71 14.18
N LEU A 250 19.66 -10.05 14.29
CA LEU A 250 19.12 -10.87 15.34
C LEU A 250 20.31 -11.17 16.20
N ALA A 251 20.18 -11.03 17.54
CA ALA A 251 21.31 -11.13 18.42
C ALA A 251 21.27 -12.40 19.25
N TYR A 252 20.07 -12.87 19.65
CA TYR A 252 19.96 -14.02 20.54
C TYR A 252 18.63 -14.68 20.24
N ALA A 253 18.58 -16.01 20.44
CA ALA A 253 17.38 -16.79 20.35
C ALA A 253 17.45 -17.73 21.53
N PHE A 254 16.66 -17.42 22.57
CA PHE A 254 16.55 -18.21 23.78
C PHE A 254 15.10 -18.38 24.09
N GLU A 255 14.78 -19.09 25.20
CA GLU A 255 13.42 -19.29 25.65
C GLU A 255 13.49 -18.96 27.11
N THR A 256 12.32 -18.66 27.69
CA THR A 256 12.13 -18.47 29.10
C THR A 256 11.02 -19.42 29.46
N LYS A 257 10.51 -19.31 30.72
CA LYS A 257 9.51 -20.17 31.30
C LYS A 257 8.21 -20.18 30.55
N THR A 258 7.75 -18.99 30.12
CA THR A 258 6.39 -18.77 29.68
C THR A 258 6.35 -18.23 28.28
N ASP A 259 7.51 -18.12 27.58
CA ASP A 259 7.56 -17.49 26.27
C ASP A 259 8.81 -17.96 25.59
N LEU A 260 8.83 -17.91 24.24
CA LEU A 260 10.00 -18.06 23.40
C LEU A 260 10.43 -16.67 23.06
N CYS A 261 11.76 -16.40 23.03
CA CYS A 261 12.26 -15.05 22.85
C CYS A 261 13.13 -15.01 21.62
N LEU A 262 12.95 -13.94 20.80
CA LEU A 262 13.91 -13.52 19.82
C LEU A 262 14.29 -12.13 20.25
N VAL A 263 15.59 -11.92 20.53
CA VAL A 263 16.11 -10.65 20.96
C VAL A 263 16.88 -10.10 19.80
N MET A 264 16.41 -8.97 19.23
CA MET A 264 16.97 -8.39 18.02
C MET A 264 17.39 -7.00 18.39
N THR A 265 18.29 -6.41 17.55
CA THR A 265 18.83 -5.07 17.71
C THR A 265 17.81 -3.97 17.61
N ILE A 266 17.98 -2.94 18.46
CA ILE A 266 17.17 -1.74 18.52
C ILE A 266 17.23 -0.91 17.27
N MET A 267 16.09 -0.23 17.06
CA MET A 267 15.89 0.74 16.04
C MET A 267 15.28 1.80 16.90
N ASN A 268 16.06 2.90 17.09
CA ASN A 268 15.88 3.94 18.09
C ASN A 268 14.56 4.67 17.99
N GLY A 269 14.13 4.97 16.76
CA GLY A 269 13.14 5.97 16.49
C GLY A 269 11.75 5.42 16.44
N GLY A 270 11.55 4.09 16.61
CA GLY A 270 10.24 3.48 16.49
C GLY A 270 9.97 3.19 15.04
N ASP A 271 8.78 2.63 14.74
CA ASP A 271 8.45 2.08 13.44
C ASP A 271 7.57 3.07 12.75
N ILE A 272 7.54 2.97 11.39
CA ILE A 272 6.82 3.87 10.51
C ILE A 272 5.36 3.96 10.87
N ARG A 273 4.74 2.84 11.33
CA ARG A 273 3.35 2.79 11.72
C ARG A 273 3.05 3.70 12.90
N TYR A 274 3.95 3.72 13.91
CA TYR A 274 3.92 4.61 15.07
C TYR A 274 3.97 6.07 14.65
N HIS A 275 4.84 6.39 13.67
CA HIS A 275 5.19 7.73 13.29
C HIS A 275 4.09 8.40 12.52
N ILE A 276 3.19 7.63 11.87
CA ILE A 276 1.99 8.12 11.20
C ILE A 276 1.14 8.91 12.17
N TYR A 277 1.00 8.40 13.42
CA TYR A 277 0.13 8.99 14.40
C TYR A 277 0.90 9.86 15.38
N ASN A 278 2.24 9.72 15.50
CA ASN A 278 2.98 10.47 16.48
C ASN A 278 3.38 11.84 15.98
N VAL A 279 3.52 12.01 14.63
CA VAL A 279 3.75 13.27 13.95
C VAL A 279 2.66 14.26 14.28
N ASP A 280 1.42 13.71 14.41
CA ASP A 280 0.18 14.33 14.73
C ASP A 280 -0.77 13.31 14.18
N GLU A 281 -1.76 12.90 15.00
CA GLU A 281 -2.73 11.88 14.68
C GLU A 281 -3.58 12.26 13.50
N ASP A 282 -3.98 13.56 13.45
CA ASP A 282 -4.84 14.10 12.43
C ASP A 282 -4.09 14.35 11.14
N ASN A 283 -2.75 14.51 11.18
CA ASN A 283 -1.91 14.68 10.01
C ASN A 283 -1.87 13.35 9.27
N PRO A 284 -2.19 13.26 7.97
CA PRO A 284 -2.28 11.97 7.32
C PRO A 284 -0.91 11.61 6.80
N GLY A 285 -0.24 10.64 7.48
CA GLY A 285 1.07 10.19 7.11
C GLY A 285 2.09 11.26 7.28
N PHE A 286 2.92 11.47 6.23
CA PHE A 286 4.00 12.42 6.24
C PHE A 286 3.80 13.33 5.08
N GLN A 287 4.53 14.46 5.11
CA GLN A 287 4.73 15.40 4.03
C GLN A 287 5.41 14.69 2.89
N GLU A 288 5.14 15.12 1.64
CA GLU A 288 5.62 14.45 0.45
C GLU A 288 7.11 14.18 0.38
N PRO A 289 8.08 15.10 0.56
CA PRO A 289 9.51 14.78 0.55
C PRO A 289 9.94 13.73 1.54
N ARG A 290 9.36 13.76 2.76
CA ARG A 290 9.69 12.89 3.86
C ARG A 290 9.26 11.48 3.58
N ALA A 291 8.07 11.32 2.97
CA ALA A 291 7.54 10.06 2.54
C ALA A 291 8.33 9.47 1.42
N ILE A 292 8.73 10.31 0.43
CA ILE A 292 9.50 9.93 -0.73
C ILE A 292 10.82 9.34 -0.34
N PHE A 293 11.51 9.99 0.63
CA PHE A 293 12.78 9.54 1.15
C PHE A 293 12.68 8.14 1.70
N TYR A 294 11.68 7.88 2.59
CA TYR A 294 11.45 6.59 3.19
C TYR A 294 11.10 5.53 2.17
N THR A 295 10.27 5.86 1.15
CA THR A 295 9.91 4.97 0.06
C THR A 295 11.11 4.48 -0.68
N ALA A 296 12.06 5.40 -0.97
CA ALA A 296 13.29 5.09 -1.65
C ALA A 296 14.13 4.09 -0.88
N GLN A 297 14.22 4.26 0.46
CA GLN A 297 14.95 3.35 1.32
C GLN A 297 14.32 1.98 1.43
N ILE A 298 12.96 1.91 1.48
CA ILE A 298 12.22 0.65 1.49
C ILE A 298 12.46 -0.13 0.23
N VAL A 299 12.45 0.57 -0.93
CA VAL A 299 12.72 0.02 -2.25
C VAL A 299 14.07 -0.65 -2.31
N SER A 300 15.11 0.00 -1.75
CA SER A 300 16.45 -0.54 -1.68
C SER A 300 16.52 -1.84 -0.90
N GLY A 301 15.74 -1.92 0.21
CA GLY A 301 15.63 -3.11 1.02
C GLY A 301 14.97 -4.26 0.34
N LEU A 302 13.83 -4.01 -0.37
CA LEU A 302 13.13 -5.00 -1.17
C LEU A 302 13.99 -5.54 -2.29
N GLU A 303 14.73 -4.64 -2.98
CA GLU A 303 15.62 -4.97 -4.07
C GLU A 303 16.67 -5.95 -3.61
N HIS A 304 17.25 -5.72 -2.41
CA HIS A 304 18.25 -6.54 -1.79
C HIS A 304 17.74 -7.94 -1.52
N LEU A 305 16.45 -8.08 -1.10
CA LEU A 305 15.80 -9.35 -0.87
C LEU A 305 15.67 -10.11 -2.18
N HIS A 306 15.25 -9.41 -3.25
CA HIS A 306 15.02 -9.98 -4.58
C HIS A 306 16.31 -10.45 -5.20
N GLN A 307 17.43 -9.72 -4.95
CA GLN A 307 18.77 -10.08 -5.37
C GLN A 307 19.29 -11.33 -4.69
N ARG A 308 18.71 -11.71 -3.53
CA ARG A 308 19.05 -12.92 -2.81
C ARG A 308 18.00 -13.99 -3.08
N ASN A 309 17.01 -13.65 -3.93
CA ASN A 309 15.95 -14.54 -4.39
C ASN A 309 15.05 -14.92 -3.24
N ILE A 310 14.49 -13.90 -2.55
CA ILE A 310 13.69 -14.10 -1.38
C ILE A 310 12.34 -13.59 -1.74
N ILE A 311 11.29 -14.42 -1.51
CA ILE A 311 9.92 -13.98 -1.58
C ILE A 311 9.57 -13.78 -0.14
N TYR A 312 9.07 -12.60 0.23
CA TYR A 312 8.77 -12.23 1.59
C TYR A 312 7.33 -12.60 1.82
N ARG A 313 6.44 -12.29 0.85
CA ARG A 313 5.01 -12.55 0.89
C ARG A 313 4.32 -11.58 1.82
N ASP A 314 5.07 -10.59 2.35
CA ASP A 314 4.61 -9.63 3.31
C ASP A 314 5.53 -8.44 3.24
N LEU A 315 5.18 -7.42 4.04
CA LEU A 315 5.88 -6.18 4.29
C LEU A 315 4.77 -5.42 4.92
N LYS A 316 5.03 -4.72 6.04
CA LYS A 316 4.00 -3.92 6.67
C LYS A 316 4.70 -2.68 7.15
N PRO A 317 4.03 -1.52 7.27
CA PRO A 317 4.59 -0.30 7.84
C PRO A 317 5.21 -0.53 9.21
N GLU A 318 4.57 -1.37 10.06
CA GLU A 318 5.01 -1.69 11.40
C GLU A 318 6.22 -2.59 11.44
N ASN A 319 6.59 -3.17 10.28
CA ASN A 319 7.74 -4.02 10.16
C ASN A 319 8.82 -3.26 9.44
N VAL A 320 8.58 -1.98 9.06
CA VAL A 320 9.63 -1.12 8.58
C VAL A 320 9.91 -0.19 9.72
N LEU A 321 11.13 -0.35 10.30
CA LEU A 321 11.50 0.32 11.50
C LEU A 321 12.40 1.46 11.10
N LEU A 322 12.28 2.60 11.83
CA LEU A 322 13.11 3.77 11.77
C LEU A 322 14.05 3.76 12.93
N ASP A 323 15.30 4.23 12.69
CA ASP A 323 16.25 4.50 13.73
C ASP A 323 16.57 5.96 13.59
N ASP A 324 17.58 6.46 14.34
CA ASP A 324 17.94 7.87 14.35
C ASP A 324 19.09 8.08 13.40
N ASP A 325 19.51 7.02 12.66
CA ASP A 325 20.51 7.12 11.62
C ASP A 325 19.82 7.59 10.35
N GLY A 326 18.48 7.40 10.27
CA GLY A 326 17.69 7.78 9.13
C GLY A 326 17.80 6.78 8.02
N ASN A 327 18.04 5.49 8.36
CA ASN A 327 18.05 4.40 7.43
C ASN A 327 17.03 3.45 7.98
N VAL A 328 16.17 2.86 7.11
CA VAL A 328 15.08 2.02 7.56
C VAL A 328 15.45 0.61 7.24
N ARG A 329 14.82 -0.32 7.98
CA ARG A 329 15.09 -1.73 7.78
C ARG A 329 13.81 -2.46 7.93
N ILE A 330 13.65 -3.56 7.16
CA ILE A 330 12.57 -4.50 7.30
C ILE A 330 12.90 -5.40 8.47
N SER A 331 11.86 -6.06 9.03
CA SER A 331 12.00 -6.90 10.18
C SER A 331 10.92 -7.93 10.04
N ASP A 332 11.15 -9.15 10.59
CA ASP A 332 10.26 -10.29 10.52
C ASP A 332 10.33 -10.92 9.14
N LEU A 333 10.83 -12.17 9.09
CA LEU A 333 10.97 -12.93 7.89
C LEU A 333 10.54 -14.30 8.32
N GLY A 334 9.26 -14.40 8.73
CA GLY A 334 8.71 -15.56 9.39
C GLY A 334 7.53 -16.07 8.66
N LEU A 335 7.12 -15.34 7.62
CA LEU A 335 6.08 -15.72 6.72
C LEU A 335 6.68 -15.64 5.34
N ALA A 336 8.04 -15.70 5.29
CA ALA A 336 8.87 -15.60 4.11
C ALA A 336 9.32 -16.97 3.71
N VAL A 337 9.88 -17.08 2.48
CA VAL A 337 10.52 -18.28 2.00
C VAL A 337 11.76 -17.81 1.29
N GLU A 338 12.85 -18.55 1.52
CA GLU A 338 14.14 -18.36 0.93
C GLU A 338 14.22 -19.31 -0.23
N LEU A 339 14.38 -18.75 -1.45
CA LEU A 339 14.54 -19.50 -2.67
C LEU A 339 15.93 -19.18 -3.16
N LYS A 340 16.26 -19.69 -4.36
CA LYS A 340 17.52 -19.48 -5.02
C LYS A 340 17.15 -19.16 -6.42
N ALA A 341 18.12 -18.63 -7.21
CA ALA A 341 17.96 -18.40 -8.63
C ALA A 341 17.72 -19.69 -9.35
N GLY A 342 16.74 -19.69 -10.29
CA GLY A 342 16.38 -20.84 -11.08
C GLY A 342 15.16 -21.52 -10.51
N GLN A 343 14.53 -20.89 -9.48
CA GLN A 343 13.23 -21.28 -9.01
C GLN A 343 12.60 -20.03 -8.49
N THR A 344 11.28 -19.87 -8.74
CA THR A 344 10.57 -18.68 -8.33
C THR A 344 9.17 -19.09 -7.94
N LYS A 345 8.68 -20.23 -8.46
CA LYS A 345 7.31 -20.64 -8.25
C LYS A 345 7.20 -21.35 -6.93
N THR A 346 6.24 -20.88 -6.11
CA THR A 346 5.97 -21.39 -4.79
C THR A 346 4.48 -21.19 -4.67
N LYS A 347 3.80 -22.09 -3.93
CA LYS A 347 2.40 -22.00 -3.63
C LYS A 347 2.25 -21.99 -2.14
N GLY A 348 1.15 -21.39 -1.64
CA GLY A 348 0.89 -21.31 -0.23
C GLY A 348 -0.07 -20.19 0.02
N TYR A 349 -0.56 -20.10 1.28
CA TYR A 349 -1.43 -19.07 1.75
C TYR A 349 -0.63 -18.28 2.78
N ALA A 350 0.72 -18.34 2.69
CA ALA A 350 1.65 -17.66 3.56
C ALA A 350 1.51 -16.16 3.50
N GLY A 351 1.72 -15.49 4.65
CA GLY A 351 1.65 -14.06 4.76
C GLY A 351 0.46 -13.72 5.61
N THR A 352 0.19 -12.42 5.73
CA THR A 352 -0.87 -11.86 6.54
C THR A 352 -1.76 -11.19 5.52
N PRO A 353 -3.07 -11.47 5.42
CA PRO A 353 -4.00 -10.81 4.52
C PRO A 353 -3.90 -9.31 4.49
N GLY A 354 -4.00 -8.71 3.27
CA GLY A 354 -3.88 -7.29 3.06
C GLY A 354 -2.45 -6.90 2.89
N PHE A 355 -1.57 -7.91 2.69
CA PHE A 355 -0.15 -7.75 2.44
C PHE A 355 0.22 -8.99 1.64
N MET A 356 -0.81 -9.67 1.11
CA MET A 356 -0.74 -10.84 0.29
C MET A 356 -1.43 -10.44 -0.99
N ALA A 357 -0.85 -10.84 -2.14
CA ALA A 357 -1.31 -10.46 -3.45
C ALA A 357 -2.40 -11.43 -3.86
N PRO A 358 -3.18 -11.20 -4.93
CA PRO A 358 -4.19 -12.11 -5.45
C PRO A 358 -3.76 -13.55 -5.57
N GLU A 359 -2.57 -13.80 -6.18
CA GLU A 359 -1.97 -15.10 -6.35
C GLU A 359 -1.87 -15.95 -5.09
N LEU A 360 -1.46 -15.33 -3.97
CA LEU A 360 -1.28 -15.99 -2.69
C LEU A 360 -2.59 -16.44 -2.12
N LEU A 361 -3.60 -15.54 -2.16
CA LEU A 361 -4.91 -15.77 -1.61
C LEU A 361 -5.66 -16.89 -2.28
N LEU A 362 -5.46 -17.05 -3.61
CA LEU A 362 -6.12 -18.07 -4.40
C LEU A 362 -5.36 -19.37 -4.38
N GLY A 363 -4.18 -19.41 -3.70
CA GLY A 363 -3.40 -20.61 -3.50
C GLY A 363 -2.65 -21.02 -4.74
N GLU A 364 -2.40 -20.04 -5.63
CA GLU A 364 -1.79 -20.24 -6.92
C GLU A 364 -0.30 -20.03 -6.78
N GLU A 365 0.45 -20.34 -7.86
CA GLU A 365 1.86 -20.07 -8.00
C GLU A 365 2.11 -18.58 -8.08
N TYR A 366 3.30 -18.13 -7.62
CA TYR A 366 3.64 -16.72 -7.58
C TYR A 366 5.13 -16.64 -7.57
N ASP A 367 5.65 -15.44 -7.94
CA ASP A 367 7.05 -15.11 -7.91
C ASP A 367 7.19 -13.91 -7.00
N PHE A 368 8.33 -13.18 -7.11
CA PHE A 368 8.71 -12.01 -6.36
C PHE A 368 7.71 -10.88 -6.34
N SER A 369 6.77 -10.89 -7.30
CA SER A 369 5.72 -9.92 -7.54
C SER A 369 4.92 -9.53 -6.32
N VAL A 370 4.61 -10.52 -5.46
CA VAL A 370 3.77 -10.39 -4.30
C VAL A 370 4.31 -9.43 -3.27
N ASP A 371 5.66 -9.31 -3.18
CA ASP A 371 6.36 -8.43 -2.26
C ASP A 371 6.15 -6.99 -2.66
N TYR A 372 6.08 -6.74 -3.98
CA TYR A 372 5.80 -5.45 -4.54
C TYR A 372 4.36 -5.07 -4.37
N PHE A 373 3.44 -6.06 -4.24
CA PHE A 373 2.06 -5.79 -3.90
C PHE A 373 1.99 -5.24 -2.50
N ALA A 374 2.74 -5.87 -1.57
CA ALA A 374 2.85 -5.47 -0.18
C ALA A 374 3.41 -4.07 -0.02
N LEU A 375 4.41 -3.70 -0.86
CA LEU A 375 5.01 -2.38 -0.93
C LEU A 375 3.99 -1.34 -1.24
N GLY A 376 3.06 -1.66 -2.17
CA GLY A 376 2.00 -0.79 -2.62
C GLY A 376 1.10 -0.45 -1.48
N VAL A 377 0.66 -1.49 -0.70
CA VAL A 377 -0.13 -1.30 0.50
C VAL A 377 0.57 -0.44 1.54
N THR A 378 1.90 -0.66 1.74
CA THR A 378 2.72 0.00 2.74
C THR A 378 2.84 1.48 2.45
N LEU A 379 3.29 1.82 1.23
CA LEU A 379 3.42 3.14 0.68
C LEU A 379 2.14 3.92 0.67
N TYR A 380 1.02 3.27 0.31
CA TYR A 380 -0.26 3.90 0.22
C TYR A 380 -0.71 4.38 1.58
N GLU A 381 -0.54 3.51 2.61
CA GLU A 381 -0.85 3.80 3.99
C GLU A 381 0.08 4.82 4.61
N MET A 382 1.37 4.81 4.19
CA MET A 382 2.38 5.73 4.67
C MET A 382 2.06 7.17 4.36
N ILE A 383 1.48 7.44 3.17
CA ILE A 383 1.20 8.77 2.71
C ILE A 383 -0.20 9.20 3.06
N ALA A 384 -1.20 8.29 2.90
CA ALA A 384 -2.60 8.69 3.00
C ALA A 384 -3.20 8.39 4.34
N ALA A 385 -2.50 7.61 5.20
CA ALA A 385 -2.95 7.18 6.52
C ALA A 385 -4.23 6.40 6.45
N ARG A 386 -4.32 5.46 5.49
CA ARG A 386 -5.44 4.57 5.39
C ARG A 386 -5.00 3.41 4.56
N GLY A 387 -5.68 2.25 4.69
CA GLY A 387 -5.37 1.06 3.93
C GLY A 387 -6.03 1.20 2.58
N PRO A 388 -5.52 0.65 1.48
CA PRO A 388 -6.19 0.66 0.19
C PRO A 388 -7.25 -0.42 0.12
N PHE A 389 -7.48 -1.16 1.22
CA PHE A 389 -8.34 -2.32 1.25
C PHE A 389 -8.95 -2.39 2.63
N ARG A 390 -8.78 -1.33 3.45
CA ARG A 390 -9.39 -1.29 4.76
C ARG A 390 -9.43 0.12 5.25
N ALA A 391 -10.37 0.37 6.20
CA ALA A 391 -10.57 1.63 6.88
C ALA A 391 -9.38 1.97 7.74
N ARG A 392 -9.11 3.28 7.93
CA ARG A 392 -7.94 3.78 8.61
C ARG A 392 -7.92 3.42 10.07
N GLY A 393 -6.74 2.96 10.55
CA GLY A 393 -6.51 2.55 11.91
C GLY A 393 -7.31 1.34 12.30
N GLU A 394 -7.58 0.44 11.32
CA GLU A 394 -8.36 -0.74 11.55
C GLU A 394 -7.79 -1.82 10.69
N LYS A 395 -7.96 -3.08 11.14
CA LYS A 395 -7.56 -4.27 10.44
C LYS A 395 -8.82 -5.07 10.44
N VAL A 396 -9.40 -5.31 9.24
CA VAL A 396 -10.63 -6.04 9.07
C VAL A 396 -10.34 -7.52 9.05
N GLU A 397 -11.42 -8.35 9.12
CA GLU A 397 -11.38 -9.79 9.11
C GLU A 397 -10.73 -10.32 7.86
N ASN A 398 -10.03 -11.47 7.98
CA ASN A 398 -9.19 -12.06 6.95
C ASN A 398 -9.98 -12.37 5.70
N LYS A 399 -11.19 -12.94 5.85
CA LYS A 399 -12.08 -13.28 4.77
C LYS A 399 -12.52 -12.08 3.94
N GLU A 400 -12.88 -10.96 4.63
CA GLU A 400 -13.30 -9.75 3.98
C GLU A 400 -12.16 -9.06 3.28
N LEU A 401 -10.97 -9.06 3.92
CA LEU A 401 -9.74 -8.48 3.44
C LEU A 401 -9.28 -9.15 2.17
N LYS A 402 -9.43 -10.49 2.12
CA LYS A 402 -9.18 -11.32 0.97
C LYS A 402 -10.06 -10.95 -0.19
N GLN A 403 -11.36 -10.65 0.08
CA GLN A 403 -12.28 -10.20 -0.94
C GLN A 403 -11.92 -8.83 -1.46
N ARG A 404 -11.46 -7.90 -0.58
CA ARG A 404 -11.01 -6.58 -0.98
C ARG A 404 -9.83 -6.63 -1.93
N VAL A 405 -8.78 -7.43 -1.62
CA VAL A 405 -7.60 -7.56 -2.43
C VAL A 405 -7.89 -8.09 -3.82
N LEU A 406 -8.81 -9.09 -3.91
CA LEU A 406 -9.17 -9.72 -5.14
C LEU A 406 -10.08 -8.91 -6.03
N GLU A 407 -10.97 -8.06 -5.45
CA GLU A 407 -12.07 -7.49 -6.19
C GLU A 407 -12.01 -5.99 -6.29
N GLN A 408 -11.51 -5.30 -5.24
CA GLN A 408 -11.61 -3.87 -5.11
C GLN A 408 -10.46 -3.21 -5.82
N ALA A 409 -10.79 -2.24 -6.71
CA ALA A 409 -9.82 -1.41 -7.38
C ALA A 409 -9.62 -0.18 -6.54
N VAL A 410 -8.33 0.11 -6.24
CA VAL A 410 -7.89 1.18 -5.37
C VAL A 410 -8.23 2.53 -5.97
N THR A 411 -8.65 3.49 -5.10
CA THR A 411 -8.92 4.86 -5.43
C THR A 411 -7.91 5.65 -4.63
N TYR A 412 -7.41 6.76 -5.21
CA TYR A 412 -6.26 7.47 -4.68
C TYR A 412 -6.65 8.87 -4.28
N PRO A 413 -6.49 9.25 -2.99
CA PRO A 413 -6.63 10.60 -2.50
C PRO A 413 -5.78 11.64 -3.21
N ASP A 414 -6.03 12.93 -2.90
CA ASP A 414 -5.34 14.03 -3.52
C ASP A 414 -4.14 14.41 -2.68
N LYS A 415 -3.90 13.65 -1.57
CA LYS A 415 -2.74 13.76 -0.72
C LYS A 415 -1.48 13.42 -1.49
N PHE A 416 -1.57 12.39 -2.35
CA PHE A 416 -0.54 11.99 -3.27
C PHE A 416 -0.25 13.09 -4.27
N SER A 417 1.04 13.25 -4.64
CA SER A 417 1.49 14.02 -5.78
C SER A 417 1.23 13.18 -7.02
N PRO A 418 1.31 13.67 -8.25
CA PRO A 418 1.12 12.84 -9.43
C PRO A 418 2.11 11.71 -9.56
N ALA A 419 3.41 11.95 -9.25
CA ALA A 419 4.43 10.93 -9.29
C ALA A 419 4.19 9.80 -8.32
N SER A 420 3.79 10.12 -7.06
CA SER A 420 3.54 9.13 -6.04
C SER A 420 2.29 8.34 -6.31
N LYS A 421 1.23 9.00 -6.84
CA LYS A 421 -0.03 8.41 -7.23
C LYS A 421 0.18 7.32 -8.25
N ASP A 422 0.92 7.67 -9.33
CA ASP A 422 1.23 6.80 -10.44
C ASP A 422 2.02 5.60 -9.99
N PHE A 423 3.02 5.81 -9.11
CA PHE A 423 3.85 4.77 -8.54
C PHE A 423 3.05 3.76 -7.73
N CYS A 424 2.11 4.24 -6.87
CA CYS A 424 1.23 3.41 -6.09
C CYS A 424 0.32 2.57 -6.96
N GLU A 425 -0.26 3.17 -8.04
CA GLU A 425 -1.07 2.49 -9.04
C GLU A 425 -0.37 1.33 -9.69
N ALA A 426 0.93 1.50 -10.03
CA ALA A 426 1.73 0.47 -10.65
C ALA A 426 1.94 -0.75 -9.78
N LEU A 427 2.07 -0.57 -8.44
CA LEU A 427 2.32 -1.65 -7.50
C LEU A 427 1.07 -2.38 -7.06
N LEU A 428 -0.08 -1.66 -7.02
CA LEU A 428 -1.34 -2.19 -6.52
C LEU A 428 -2.16 -2.73 -7.66
N GLN A 429 -1.59 -2.76 -8.89
CA GLN A 429 -2.16 -3.39 -10.04
C GLN A 429 -2.12 -4.89 -9.87
N LYS A 430 -3.30 -5.55 -9.97
CA LYS A 430 -3.50 -6.97 -9.83
C LYS A 430 -2.85 -7.71 -10.97
N ASP A 431 -2.35 -8.94 -10.70
CA ASP A 431 -1.74 -9.87 -11.63
C ASP A 431 -0.28 -9.51 -11.79
N PRO A 432 0.67 -10.45 -11.83
CA PRO A 432 2.10 -10.16 -11.90
C PRO A 432 2.49 -9.49 -13.20
N GLU A 433 1.84 -9.83 -14.34
CA GLU A 433 2.17 -9.31 -15.64
C GLU A 433 2.01 -7.82 -15.77
N LYS A 434 1.04 -7.24 -15.02
CA LYS A 434 0.70 -5.85 -15.05
C LYS A 434 1.27 -5.09 -13.88
N ARG A 435 2.06 -5.76 -13.00
CA ARG A 435 2.54 -5.17 -11.78
C ARG A 435 4.01 -4.89 -11.95
N LEU A 436 4.42 -3.65 -11.63
CA LEU A 436 5.76 -3.13 -11.71
C LEU A 436 6.72 -3.89 -10.84
N GLY A 437 7.98 -4.06 -11.32
CA GLY A 437 9.02 -4.77 -10.63
C GLY A 437 9.62 -5.72 -11.61
N PHE A 438 10.50 -6.63 -11.12
CA PHE A 438 11.22 -7.58 -11.93
C PHE A 438 10.29 -8.65 -12.44
N ARG A 439 10.02 -8.62 -13.76
CA ARG A 439 9.19 -9.58 -14.43
C ARG A 439 10.00 -9.90 -15.65
N ASP A 440 11.28 -10.23 -15.42
CA ASP A 440 12.25 -10.72 -16.38
C ASP A 440 12.91 -9.53 -17.04
N GLY A 441 12.83 -8.36 -16.36
CA GLY A 441 13.43 -7.12 -16.78
C GLY A 441 14.51 -6.83 -15.80
N SER A 442 14.23 -5.92 -14.85
CA SER A 442 15.13 -5.57 -13.79
C SER A 442 14.29 -5.04 -12.67
N CYS A 443 14.91 -4.85 -11.48
CA CYS A 443 14.33 -4.12 -10.39
C CYS A 443 14.72 -2.67 -10.49
N ASP A 444 15.46 -2.31 -11.58
CA ASP A 444 15.92 -0.96 -11.83
C ASP A 444 14.97 -0.32 -12.81
N GLY A 445 13.98 -1.09 -13.32
CA GLY A 445 12.94 -0.57 -14.17
C GLY A 445 11.93 0.13 -13.33
N LEU A 446 11.67 -0.44 -12.13
CA LEU A 446 10.85 0.13 -11.08
C LEU A 446 11.39 1.47 -10.63
N ARG A 447 12.73 1.53 -10.46
CA ARG A 447 13.52 2.69 -10.10
C ARG A 447 13.53 3.84 -11.07
N THR A 448 12.99 3.67 -12.29
CA THR A 448 13.07 4.66 -13.35
C THR A 448 11.92 5.62 -13.24
N HIS A 449 10.91 5.30 -12.39
CA HIS A 449 9.72 6.09 -12.21
C HIS A 449 10.08 7.49 -11.71
N PRO A 450 9.46 8.58 -12.20
CA PRO A 450 9.81 9.95 -11.87
C PRO A 450 9.75 10.35 -10.43
N LEU A 451 9.00 9.63 -9.56
CA LEU A 451 8.95 9.81 -8.12
C LEU A 451 10.32 9.92 -7.47
N PHE A 452 11.30 9.19 -8.03
CA PHE A 452 12.65 9.02 -7.55
C PHE A 452 13.63 9.92 -8.24
N ARG A 453 13.17 11.04 -8.86
CA ARG A 453 14.04 11.96 -9.58
C ARG A 453 14.58 12.98 -8.59
N ASP A 454 14.24 12.80 -7.28
CA ASP A 454 14.65 13.62 -6.18
C ASP A 454 15.67 12.83 -5.40
N ILE A 455 15.97 11.58 -5.84
CA ILE A 455 16.82 10.64 -5.16
C ILE A 455 17.93 10.26 -6.10
N SER A 456 19.16 10.12 -5.54
CA SER A 456 20.29 9.55 -6.23
C SER A 456 20.46 8.23 -5.56
N TRP A 457 20.39 7.12 -6.34
CA TRP A 457 20.36 5.77 -5.82
C TRP A 457 21.66 5.33 -5.21
N ARG A 458 22.80 5.73 -5.81
CA ARG A 458 24.12 5.34 -5.35
C ARG A 458 24.41 5.87 -3.97
N GLN A 459 24.01 7.14 -3.71
CA GLN A 459 24.24 7.80 -2.46
C GLN A 459 23.27 7.34 -1.40
N LEU A 460 22.02 7.04 -1.80
CA LEU A 460 20.97 6.51 -0.95
C LEU A 460 21.34 5.18 -0.33
N GLU A 461 21.82 4.24 -1.18
CA GLU A 461 22.23 2.90 -0.79
C GLU A 461 23.43 2.87 0.12
N ALA A 462 24.27 3.94 0.07
CA ALA A 462 25.48 4.01 0.85
C ALA A 462 25.25 4.81 2.10
N GLY A 463 24.00 5.33 2.29
CA GLY A 463 23.56 5.99 3.49
C GLY A 463 24.12 7.37 3.64
N MET A 464 24.30 8.09 2.52
CA MET A 464 24.97 9.36 2.47
C MET A 464 23.93 10.44 2.36
N LEU A 465 22.63 10.05 2.35
CA LEU A 465 21.52 10.95 2.22
C LEU A 465 20.77 10.83 3.51
N THR A 466 20.24 11.97 4.00
CA THR A 466 19.60 12.07 5.29
C THR A 466 18.12 12.32 5.06
N PRO A 467 17.24 12.00 6.00
CA PRO A 467 15.81 12.21 5.86
C PRO A 467 15.51 13.61 6.33
N PRO A 468 14.34 14.18 6.07
CA PRO A 468 13.99 15.51 6.55
C PRO A 468 13.15 15.33 7.80
N PHE A 469 13.63 14.50 8.75
CA PHE A 469 13.06 14.29 10.05
C PHE A 469 13.84 13.15 10.63
N VAL A 470 14.48 13.39 11.79
CA VAL A 470 15.21 12.40 12.54
C VAL A 470 14.48 12.38 13.87
N PRO A 471 13.96 11.25 14.36
CA PRO A 471 13.26 11.16 15.64
C PRO A 471 14.06 11.66 16.82
N ASP A 472 13.39 12.34 17.78
CA ASP A 472 13.91 12.80 19.05
C ASP A 472 14.34 11.62 19.91
N SER A 473 15.39 11.79 20.73
CA SER A 473 15.92 10.76 21.58
C SER A 473 15.60 11.03 23.02
N ARG A 474 14.83 12.12 23.31
CA ARG A 474 14.45 12.47 24.66
C ARG A 474 13.00 12.16 24.90
N THR A 475 12.25 11.80 23.83
CA THR A 475 10.89 11.35 23.93
C THR A 475 10.98 9.98 23.35
N VAL A 476 10.28 9.00 23.98
CA VAL A 476 10.35 7.62 23.60
C VAL A 476 9.30 7.33 22.56
N TYR A 477 9.71 6.58 21.51
CA TYR A 477 8.89 6.26 20.37
C TYR A 477 8.57 4.80 20.44
N ALA A 478 7.29 4.51 20.71
CA ALA A 478 6.68 3.20 20.77
C ALA A 478 5.47 3.40 21.62
N LYS A 479 4.38 2.67 21.30
CA LYS A 479 3.14 2.69 22.04
C LYS A 479 3.33 2.16 23.43
N ASN A 480 2.73 2.85 24.43
CA ASN A 480 2.73 2.46 25.81
C ASN A 480 1.58 1.53 26.02
N ILE A 481 1.68 0.66 27.05
CA ILE A 481 0.78 -0.42 27.34
C ILE A 481 -0.57 0.10 27.74
N GLN A 482 -1.52 -0.01 26.80
CA GLN A 482 -2.91 0.38 26.89
C GLN A 482 -3.46 0.37 25.50
N ASP A 483 -2.64 -0.06 24.52
CA ASP A 483 -2.97 -0.15 23.12
C ASP A 483 -2.77 -1.59 22.72
N VAL A 484 -2.33 -2.44 23.68
CA VAL A 484 -2.17 -3.86 23.54
C VAL A 484 -3.46 -4.56 23.23
N GLY A 485 -3.35 -5.62 22.40
CA GLY A 485 -4.46 -6.44 21.97
C GLY A 485 -4.46 -7.64 22.86
N ALA A 486 -5.27 -8.66 22.52
CA ALA A 486 -5.32 -9.86 23.31
C ALA A 486 -5.87 -10.95 22.47
N PHE A 487 -5.48 -12.20 22.80
CA PHE A 487 -5.92 -13.39 22.14
C PHE A 487 -5.72 -14.45 23.17
N GLU A 488 -6.56 -15.52 23.10
CA GLU A 488 -6.69 -16.66 23.99
C GLU A 488 -5.42 -17.12 24.66
N GLU A 489 -5.52 -17.37 25.97
CA GLU A 489 -4.52 -18.08 26.74
C GLU A 489 -5.25 -19.17 27.46
N VAL A 490 -4.50 -20.16 27.99
CA VAL A 490 -4.99 -21.47 28.30
C VAL A 490 -5.97 -21.43 29.45
N LYS A 491 -6.97 -22.34 29.41
CA LYS A 491 -8.03 -22.42 30.38
C LYS A 491 -7.80 -23.61 31.27
N GLY A 492 -6.52 -24.02 31.41
CA GLY A 492 -6.11 -25.10 32.28
C GLY A 492 -5.52 -26.17 31.43
N VAL A 493 -5.04 -25.81 30.22
CA VAL A 493 -4.78 -26.73 29.16
C VAL A 493 -3.28 -26.79 29.10
N ALA A 494 -2.72 -27.97 29.44
CA ALA A 494 -1.31 -28.15 29.64
C ALA A 494 -0.71 -28.54 28.33
N PHE A 495 0.52 -28.03 28.04
CA PHE A 495 1.18 -28.16 26.77
C PHE A 495 1.54 -29.59 26.48
N GLU A 496 1.39 -29.98 25.19
CA GLU A 496 1.79 -31.25 24.64
C GLU A 496 3.27 -31.48 24.77
N LYS A 497 3.69 -32.77 24.84
CA LYS A 497 5.07 -33.19 24.80
C LYS A 497 5.80 -32.63 23.60
N ALA A 498 5.14 -32.66 22.42
CA ALA A 498 5.58 -32.12 21.17
C ALA A 498 5.94 -30.65 21.24
N ASP A 499 5.09 -29.85 21.91
CA ASP A 499 5.25 -28.44 22.15
C ASP A 499 6.49 -28.14 22.95
N THR A 500 6.69 -28.88 24.07
CA THR A 500 7.84 -28.79 24.95
C THR A 500 9.15 -29.06 24.23
N GLU A 501 9.13 -30.05 23.30
CA GLU A 501 10.26 -30.45 22.50
C GLU A 501 10.61 -29.39 21.49
N PHE A 502 9.58 -28.71 20.93
CA PHE A 502 9.74 -27.58 20.06
C PHE A 502 10.38 -26.41 20.78
N PHE A 503 9.96 -26.15 22.05
CA PHE A 503 10.45 -25.04 22.85
C PHE A 503 11.92 -25.15 23.15
N GLN A 504 12.41 -26.35 23.54
CA GLN A 504 13.83 -26.62 23.72
C GLN A 504 14.62 -26.48 22.45
N GLU A 505 14.07 -26.98 21.32
CA GLU A 505 14.68 -26.99 20.01
C GLU A 505 14.89 -25.59 19.47
N PHE A 506 13.86 -24.73 19.64
CA PHE A 506 13.86 -23.32 19.33
C PHE A 506 15.01 -22.60 20.02
N ALA A 507 15.17 -22.85 21.34
CA ALA A 507 16.18 -22.22 22.17
C ALA A 507 17.56 -22.67 21.76
N SER A 508 18.54 -21.75 21.85
CA SER A 508 19.86 -21.97 21.34
C SER A 508 20.75 -20.97 22.02
N GLU B 4 -15.21 11.93 -25.67
CA GLU B 4 -14.51 12.15 -24.43
C GLU B 4 -13.55 13.27 -24.73
N VAL B 5 -12.30 13.14 -24.23
CA VAL B 5 -11.09 13.83 -24.61
C VAL B 5 -11.02 14.19 -26.08
N GLN B 6 -10.52 15.41 -26.38
CA GLN B 6 -10.46 15.89 -27.73
C GLN B 6 -9.26 16.79 -27.74
N LEU B 7 -8.55 16.81 -28.88
CA LEU B 7 -7.46 17.71 -29.12
C LEU B 7 -7.76 18.41 -30.41
N VAL B 8 -7.68 19.76 -30.42
CA VAL B 8 -7.90 20.56 -31.60
C VAL B 8 -6.60 21.31 -31.79
N GLU B 9 -5.89 20.92 -32.87
CA GLU B 9 -4.67 21.52 -33.34
C GLU B 9 -4.90 22.88 -33.95
N SER B 10 -3.86 23.74 -33.88
CA SER B 10 -3.79 25.00 -34.60
C SER B 10 -2.33 25.27 -34.83
N GLY B 11 -2.00 26.31 -35.62
CA GLY B 11 -0.66 26.83 -35.77
C GLY B 11 0.09 26.27 -36.93
N GLY B 12 -0.59 25.56 -37.86
CA GLY B 12 -0.01 25.10 -39.11
C GLY B 12 0.14 26.21 -40.10
N GLY B 13 0.61 25.89 -41.32
CA GLY B 13 0.86 26.87 -42.35
C GLY B 13 1.99 26.41 -43.21
N LEU B 14 2.40 27.29 -44.15
CA LEU B 14 3.54 27.07 -45.00
C LEU B 14 4.72 27.67 -44.30
N VAL B 15 5.88 26.99 -44.39
CA VAL B 15 7.10 27.39 -43.73
C VAL B 15 8.22 26.97 -44.63
N GLN B 16 9.26 27.81 -44.76
CA GLN B 16 10.46 27.53 -45.53
C GLN B 16 11.24 26.39 -44.90
N PRO B 17 11.92 25.52 -45.64
CA PRO B 17 12.89 24.56 -45.10
C PRO B 17 14.05 25.29 -44.49
N GLY B 18 14.43 24.91 -43.25
CA GLY B 18 15.53 25.47 -42.50
C GLY B 18 15.04 26.59 -41.62
N GLY B 19 13.71 26.86 -41.68
CA GLY B 19 13.04 27.86 -40.88
C GLY B 19 12.62 27.24 -39.58
N SER B 20 11.52 27.75 -39.01
CA SER B 20 11.03 27.26 -37.77
C SER B 20 9.56 27.56 -37.69
N LEU B 21 8.82 26.75 -36.92
CA LEU B 21 7.39 26.88 -36.81
C LEU B 21 7.07 26.29 -35.47
N ARG B 22 5.97 26.75 -34.85
CA ARG B 22 5.54 26.23 -33.58
C ARG B 22 4.12 25.82 -33.78
N LEU B 23 3.82 24.54 -33.47
CA LEU B 23 2.52 23.96 -33.54
C LEU B 23 1.96 23.94 -32.15
N SER B 24 0.63 24.10 -32.04
CA SER B 24 -0.09 24.11 -30.80
C SER B 24 -1.15 23.05 -30.89
N CYS B 25 -1.38 22.33 -29.77
CA CYS B 25 -2.43 21.35 -29.63
C CYS B 25 -3.15 21.74 -28.39
N ALA B 26 -4.40 22.23 -28.53
CA ALA B 26 -5.21 22.60 -27.40
C ALA B 26 -5.95 21.37 -27.01
N ALA B 27 -5.83 21.01 -25.72
CA ALA B 27 -6.30 19.78 -25.15
C ALA B 27 -7.45 20.06 -24.25
N SER B 28 -8.44 19.15 -24.23
CA SER B 28 -9.58 19.30 -23.37
C SER B 28 -10.10 17.93 -23.05
N GLY B 29 -10.82 17.83 -21.92
CA GLY B 29 -11.46 16.63 -21.44
C GLY B 29 -10.59 15.94 -20.42
N PHE B 30 -9.44 16.55 -20.05
CA PHE B 30 -8.55 15.98 -19.07
C PHE B 30 -7.70 17.10 -18.55
N ASN B 31 -7.02 16.86 -17.40
CA ASN B 31 -6.09 17.79 -16.80
C ASN B 31 -4.75 17.45 -17.35
N LEU B 32 -4.08 18.45 -17.97
CA LEU B 32 -2.83 18.28 -18.68
C LEU B 32 -1.72 17.80 -17.79
N TYR B 33 -1.62 18.32 -16.54
CA TYR B 33 -0.60 17.96 -15.58
C TYR B 33 -0.74 16.52 -15.11
N SER B 34 -1.88 15.86 -15.41
CA SER B 34 -2.17 14.50 -15.01
C SER B 34 -2.06 13.54 -16.17
N SER B 35 -1.50 13.96 -17.33
CA SER B 35 -1.36 13.08 -18.47
C SER B 35 -0.13 13.50 -19.23
N SER B 36 0.70 12.52 -19.65
CA SER B 36 1.78 12.68 -20.58
C SER B 36 1.24 13.04 -21.95
N ILE B 37 2.06 13.75 -22.76
CA ILE B 37 1.62 14.20 -24.07
C ILE B 37 2.74 13.89 -25.02
N HIS B 38 2.37 13.57 -26.28
CA HIS B 38 3.29 13.18 -27.31
C HIS B 38 2.89 13.85 -28.59
N TRP B 39 3.81 13.81 -29.59
CA TRP B 39 3.58 14.18 -30.97
C TRP B 39 3.88 12.96 -31.79
N VAL B 40 3.05 12.69 -32.83
CA VAL B 40 3.21 11.62 -33.79
C VAL B 40 2.98 12.31 -35.11
N ARG B 41 3.65 11.92 -36.21
CA ARG B 41 3.44 12.55 -37.50
C ARG B 41 3.17 11.46 -38.48
N GLN B 42 2.49 11.82 -39.58
CA GLN B 42 2.17 10.92 -40.66
C GLN B 42 2.49 11.61 -41.96
N ALA B 43 3.51 11.09 -42.69
CA ALA B 43 3.83 11.47 -44.05
C ALA B 43 2.67 11.08 -44.95
N PRO B 44 2.29 11.85 -45.98
CA PRO B 44 1.10 11.61 -46.79
C PRO B 44 1.06 10.25 -47.45
N GLY B 45 0.04 9.42 -47.09
CA GLY B 45 -0.17 8.11 -47.66
C GLY B 45 0.87 7.12 -47.20
N LYS B 46 1.26 7.19 -45.90
CA LYS B 46 2.33 6.40 -45.34
C LYS B 46 1.91 6.07 -43.93
N GLY B 47 2.78 5.32 -43.23
CA GLY B 47 2.67 4.95 -41.83
C GLY B 47 2.70 6.10 -40.87
N LEU B 48 2.91 5.76 -39.57
CA LEU B 48 2.95 6.69 -38.47
C LEU B 48 4.30 6.60 -37.83
N GLU B 49 4.97 7.76 -37.60
CA GLU B 49 6.22 7.82 -36.88
C GLU B 49 5.99 8.65 -35.65
N TRP B 50 6.32 8.09 -34.46
CA TRP B 50 6.34 8.82 -33.20
C TRP B 50 7.48 9.81 -33.20
N VAL B 51 7.24 11.03 -32.66
CA VAL B 51 8.17 12.13 -32.73
C VAL B 51 8.80 12.30 -31.37
N ALA B 52 7.99 12.55 -30.31
CA ALA B 52 8.55 12.85 -29.01
C ALA B 52 7.48 12.70 -27.98
N SER B 53 7.87 12.47 -26.70
CA SER B 53 6.97 12.46 -25.58
C SER B 53 7.59 13.30 -24.51
N ILE B 54 6.74 13.81 -23.58
CA ILE B 54 7.18 14.48 -22.39
C ILE B 54 6.22 14.06 -21.32
N TYR B 55 6.80 13.70 -20.15
CA TYR B 55 6.19 13.22 -18.93
C TYR B 55 4.95 13.96 -18.48
N SER B 56 4.12 13.27 -17.67
CA SER B 56 2.81 13.62 -17.19
C SER B 56 2.81 14.87 -16.37
N TYR B 57 3.78 14.99 -15.44
CA TYR B 57 3.91 16.13 -14.55
C TYR B 57 5.12 16.91 -15.00
N TYR B 58 5.73 16.46 -16.14
CA TYR B 58 6.68 17.20 -16.95
C TYR B 58 8.04 17.27 -16.33
N GLY B 59 9.06 16.71 -17.02
CA GLY B 59 10.37 16.60 -16.44
C GLY B 59 11.27 15.72 -17.24
N SER B 60 10.73 14.65 -17.89
CA SER B 60 11.52 13.72 -18.68
C SER B 60 10.97 13.71 -20.07
N THR B 61 11.88 13.60 -21.07
CA THR B 61 11.57 13.66 -22.47
C THR B 61 12.26 12.51 -23.15
N SER B 62 11.64 11.95 -24.21
CA SER B 62 12.29 11.01 -25.08
C SER B 62 11.91 11.38 -26.48
N TYR B 63 12.72 10.93 -27.47
CA TYR B 63 12.62 11.37 -28.84
C TYR B 63 12.95 10.20 -29.72
N ALA B 64 12.30 10.13 -30.91
CA ALA B 64 12.73 9.27 -32.00
C ALA B 64 13.96 9.88 -32.60
N ASP B 65 14.94 9.05 -33.02
CA ASP B 65 16.26 9.47 -33.45
C ASP B 65 16.28 10.45 -34.61
N SER B 66 15.37 10.28 -35.59
CA SER B 66 15.30 11.11 -36.78
C SER B 66 14.96 12.56 -36.54
N VAL B 67 14.19 12.85 -35.46
CA VAL B 67 13.71 14.17 -35.12
C VAL B 67 14.38 14.68 -33.89
N LYS B 68 15.23 13.84 -33.24
CA LYS B 68 15.84 14.13 -31.96
C LYS B 68 16.78 15.29 -32.03
N GLY B 69 16.59 16.26 -31.12
CA GLY B 69 17.40 17.45 -30.98
C GLY B 69 17.18 18.46 -32.08
N ARG B 70 16.04 18.36 -32.81
CA ARG B 70 15.70 19.28 -33.86
C ARG B 70 14.37 19.85 -33.48
N PHE B 71 13.49 18.99 -32.94
CA PHE B 71 12.17 19.37 -32.51
C PHE B 71 12.22 19.21 -31.03
N THR B 72 11.61 20.17 -30.31
CA THR B 72 11.61 20.25 -28.87
C THR B 72 10.16 20.28 -28.48
N ILE B 73 9.73 19.23 -27.76
CA ILE B 73 8.40 19.13 -27.21
C ILE B 73 8.36 19.93 -25.94
N SER B 74 7.21 20.59 -25.68
CA SER B 74 7.02 21.37 -24.49
C SER B 74 5.54 21.46 -24.27
N ALA B 75 5.13 22.01 -23.10
CA ALA B 75 3.74 22.09 -22.74
C ALA B 75 3.61 23.13 -21.69
N ASP B 76 2.37 23.64 -21.50
CA ASP B 76 2.03 24.56 -20.45
C ASP B 76 0.76 24.00 -19.87
N THR B 77 0.81 23.66 -18.56
CA THR B 77 -0.25 22.97 -17.87
C THR B 77 -1.37 23.90 -17.47
N SER B 78 -1.12 25.23 -17.42
CA SER B 78 -2.09 26.20 -16.98
C SER B 78 -3.07 26.53 -18.09
N LYS B 79 -2.68 26.27 -19.36
CA LYS B 79 -3.50 26.53 -20.52
C LYS B 79 -4.03 25.25 -21.08
N ASN B 80 -3.53 24.09 -20.58
CA ASN B 80 -3.81 22.77 -21.09
C ASN B 80 -3.47 22.61 -22.55
N THR B 81 -2.21 22.95 -22.93
CA THR B 81 -1.83 23.07 -24.32
C THR B 81 -0.44 22.48 -24.39
N ALA B 82 -0.20 21.68 -25.45
CA ALA B 82 1.09 21.12 -25.77
C ALA B 82 1.57 21.82 -26.99
N TYR B 83 2.89 22.03 -27.09
CA TYR B 83 3.50 22.76 -28.17
C TYR B 83 4.59 21.88 -28.72
N LEU B 84 4.91 22.06 -30.01
CA LEU B 84 6.07 21.45 -30.61
C LEU B 84 6.74 22.57 -31.30
N GLN B 85 7.98 22.88 -30.87
CA GLN B 85 8.82 23.88 -31.47
C GLN B 85 9.66 23.11 -32.43
N MET B 86 9.58 23.49 -33.73
CA MET B 86 10.17 22.74 -34.80
C MET B 86 11.21 23.64 -35.39
N ASN B 87 12.48 23.20 -35.24
CA ASN B 87 13.65 23.90 -35.69
C ASN B 87 14.31 23.04 -36.74
N SER B 88 14.69 23.65 -37.89
CA SER B 88 15.42 23.01 -38.96
C SER B 88 14.58 22.04 -39.75
N LEU B 89 13.39 22.48 -40.20
CA LEU B 89 12.48 21.70 -41.01
C LEU B 89 13.09 21.32 -42.33
N ARG B 90 12.66 20.17 -42.88
CA ARG B 90 13.26 19.55 -44.05
C ARG B 90 12.10 19.15 -44.92
N ALA B 91 12.38 18.78 -46.19
CA ALA B 91 11.36 18.43 -47.15
C ALA B 91 10.54 17.22 -46.75
N GLU B 92 11.19 16.17 -46.19
CA GLU B 92 10.55 14.98 -45.68
C GLU B 92 9.70 15.21 -44.45
N ASP B 93 9.85 16.38 -43.78
CA ASP B 93 9.12 16.75 -42.59
C ASP B 93 7.74 17.21 -42.96
N THR B 94 7.46 17.49 -44.26
CA THR B 94 6.16 17.84 -44.78
C THR B 94 5.18 16.74 -44.45
N ALA B 95 4.24 17.02 -43.54
CA ALA B 95 3.38 16.00 -43.03
C ALA B 95 2.23 16.66 -42.36
N VAL B 96 1.16 15.87 -42.13
CA VAL B 96 0.14 16.14 -41.14
C VAL B 96 0.73 15.73 -39.81
N TYR B 97 0.63 16.63 -38.80
CA TYR B 97 1.16 16.43 -37.48
C TYR B 97 0.02 16.23 -36.52
N TYR B 98 0.12 15.14 -35.73
CA TYR B 98 -0.83 14.68 -34.76
C TYR B 98 -0.27 14.80 -33.38
N CYS B 99 -1.10 15.22 -32.42
CA CYS B 99 -0.83 15.04 -31.02
C CYS B 99 -1.54 13.79 -30.60
N ALA B 100 -1.07 13.17 -29.50
CA ALA B 100 -1.79 12.07 -28.90
C ALA B 100 -1.58 12.22 -27.44
N ARG B 101 -2.37 11.45 -26.66
CA ARG B 101 -2.39 11.45 -25.23
C ARG B 101 -1.89 10.12 -24.78
N TYR B 102 -1.55 10.04 -23.48
CA TYR B 102 -1.03 8.88 -22.83
C TYR B 102 -1.69 8.95 -21.47
N GLU B 103 -1.63 7.86 -20.68
CA GLU B 103 -2.08 7.88 -19.30
C GLU B 103 -0.92 7.38 -18.50
N GLY B 104 -0.23 8.30 -17.79
CA GLY B 104 0.91 8.04 -16.92
C GLY B 104 2.05 7.38 -17.63
N TRP B 105 3.09 6.96 -16.89
CA TRP B 105 4.31 6.55 -17.51
C TRP B 105 4.95 5.59 -16.55
N TRP B 106 5.53 4.50 -17.11
CA TRP B 106 6.15 3.39 -16.41
C TRP B 106 5.16 2.50 -15.72
N TRP B 107 4.43 1.68 -16.52
CA TRP B 107 3.56 0.61 -16.08
C TRP B 107 2.35 1.15 -15.37
N ALA B 108 1.71 2.18 -15.98
CA ALA B 108 0.72 2.99 -15.31
C ALA B 108 -0.62 2.58 -15.83
N ASN B 109 -0.96 1.30 -15.55
CA ASN B 109 -2.18 0.65 -15.98
C ASN B 109 -1.96 0.16 -17.39
N THR B 110 -0.67 0.04 -17.80
CA THR B 110 -0.17 -0.42 -19.08
C THR B 110 -0.90 0.20 -20.24
N TYR B 111 -0.89 1.56 -20.27
CA TYR B 111 -1.39 2.46 -21.28
C TYR B 111 -1.27 2.10 -22.74
N ALA B 112 -2.09 2.76 -23.58
CA ALA B 112 -1.81 2.85 -25.00
C ALA B 112 -2.31 4.20 -25.41
N LEU B 113 -1.96 4.65 -26.64
CA LEU B 113 -2.06 6.03 -27.06
C LEU B 113 -3.51 6.20 -27.43
N ASP B 114 -4.29 6.78 -26.50
CA ASP B 114 -5.71 6.56 -26.46
C ASP B 114 -6.52 7.66 -27.08
N TYR B 115 -5.99 8.89 -27.19
CA TYR B 115 -6.74 9.97 -27.78
C TYR B 115 -5.79 10.68 -28.68
N TRP B 116 -6.24 10.98 -29.92
CA TRP B 116 -5.45 11.61 -30.94
C TRP B 116 -6.23 12.81 -31.40
N GLY B 117 -5.52 13.84 -31.92
CA GLY B 117 -6.13 14.93 -32.64
C GLY B 117 -6.47 14.53 -34.05
N GLN B 118 -6.93 15.51 -34.87
CA GLN B 118 -7.30 15.29 -36.25
C GLN B 118 -6.16 15.81 -37.11
N GLY B 119 -5.08 16.27 -36.45
CA GLY B 119 -3.88 16.81 -37.03
C GLY B 119 -4.02 18.15 -37.70
N THR B 120 -2.85 18.77 -37.97
CA THR B 120 -2.70 20.07 -38.58
C THR B 120 -1.61 19.92 -39.61
N LEU B 121 -1.85 20.50 -40.80
CA LEU B 121 -0.98 20.33 -41.94
C LEU B 121 0.13 21.32 -41.85
N VAL B 122 1.37 20.82 -41.99
CA VAL B 122 2.57 21.60 -42.07
C VAL B 122 3.08 21.31 -43.45
N THR B 123 3.40 22.37 -44.23
CA THR B 123 3.92 22.20 -45.56
C THR B 123 5.24 22.88 -45.53
N VAL B 124 6.32 22.10 -45.79
CA VAL B 124 7.67 22.61 -45.85
C VAL B 124 7.98 22.72 -47.31
N SER B 125 8.12 23.97 -47.83
CA SER B 125 8.38 24.16 -49.25
C SER B 125 8.81 25.60 -49.44
N SER B 126 9.40 25.87 -50.63
CA SER B 126 9.78 27.20 -51.07
C SER B 126 9.17 27.34 -52.45
N ALA B 127 8.34 28.38 -52.64
CA ALA B 127 7.65 28.73 -53.87
C ALA B 127 6.44 29.51 -53.46
N SER B 128 6.00 30.43 -54.35
CA SER B 128 4.80 31.23 -54.19
C SER B 128 3.70 30.55 -54.93
N THR B 129 2.43 30.90 -54.61
CA THR B 129 1.24 30.38 -55.27
C THR B 129 1.27 30.71 -56.75
N LYS B 130 0.86 29.73 -57.57
CA LYS B 130 1.02 29.75 -58.99
C LYS B 130 -0.16 29.04 -59.59
N GLY B 131 -0.84 29.71 -60.57
CA GLY B 131 -1.94 29.12 -61.31
C GLY B 131 -1.45 28.04 -62.25
N PRO B 132 -2.30 27.15 -62.76
CA PRO B 132 -1.86 26.06 -63.59
C PRO B 132 -1.82 26.49 -65.04
N SER B 133 -0.87 25.92 -65.82
CA SER B 133 -0.96 25.90 -67.25
C SER B 133 -1.65 24.61 -67.56
N VAL B 134 -2.68 24.68 -68.44
CA VAL B 134 -3.54 23.58 -68.76
C VAL B 134 -3.37 23.32 -70.21
N PHE B 135 -2.96 22.09 -70.57
CA PHE B 135 -2.71 21.72 -71.94
C PHE B 135 -3.69 20.61 -72.24
N PRO B 136 -4.36 20.56 -73.39
CA PRO B 136 -5.21 19.43 -73.75
C PRO B 136 -4.33 18.27 -74.16
N LEU B 137 -4.71 17.03 -73.79
CA LEU B 137 -4.09 15.81 -74.22
C LEU B 137 -4.96 15.22 -75.29
N ALA B 138 -4.60 15.46 -76.57
CA ALA B 138 -5.35 15.02 -77.73
C ALA B 138 -5.51 13.52 -77.79
N PRO B 139 -6.69 12.95 -78.09
CA PRO B 139 -6.85 11.55 -78.42
C PRO B 139 -6.09 11.18 -79.68
N SER B 140 -5.89 9.87 -79.92
CA SER B 140 -5.11 9.39 -81.02
C SER B 140 -6.11 8.90 -82.04
N SER B 141 -5.64 8.74 -83.29
CA SER B 141 -6.41 8.17 -84.37
C SER B 141 -5.98 6.72 -84.52
N LYS B 142 -5.08 6.25 -83.63
CA LYS B 142 -4.55 4.92 -83.60
C LYS B 142 -5.06 4.21 -82.36
N SER B 143 -5.88 4.92 -81.53
CA SER B 143 -6.54 4.32 -80.39
C SER B 143 -7.96 4.00 -80.77
N THR B 144 -8.37 4.47 -81.99
CA THR B 144 -9.59 4.16 -82.72
C THR B 144 -9.80 2.67 -82.92
N SER B 145 -8.70 1.88 -82.82
CA SER B 145 -8.63 0.44 -82.95
C SER B 145 -9.46 -0.37 -81.99
N GLY B 146 -10.01 0.24 -80.91
CA GLY B 146 -10.86 -0.43 -79.95
C GLY B 146 -12.25 0.14 -80.00
N GLY B 147 -12.42 1.26 -80.73
CA GLY B 147 -13.66 1.99 -80.85
C GLY B 147 -13.82 3.01 -79.77
N THR B 148 -12.88 3.05 -78.80
CA THR B 148 -12.91 3.94 -77.67
C THR B 148 -11.59 4.65 -77.67
N ALA B 149 -11.61 5.97 -77.41
CA ALA B 149 -10.44 6.80 -77.32
C ALA B 149 -10.44 7.41 -75.96
N ALA B 150 -9.25 7.52 -75.32
CA ALA B 150 -9.12 8.26 -74.09
C ALA B 150 -8.39 9.53 -74.40
N LEU B 151 -8.85 10.64 -73.79
CA LEU B 151 -8.31 11.95 -73.96
C LEU B 151 -8.32 12.54 -72.59
N GLY B 152 -7.63 13.68 -72.40
CA GLY B 152 -7.53 14.21 -71.07
C GLY B 152 -6.95 15.57 -71.13
N CYS B 153 -6.51 16.07 -69.96
CA CYS B 153 -5.90 17.35 -69.81
C CYS B 153 -4.79 17.15 -68.84
N LEU B 154 -3.64 17.81 -69.13
CA LEU B 154 -2.47 17.79 -68.30
C LEU B 154 -2.44 19.12 -67.62
N VAL B 155 -2.56 19.11 -66.28
CA VAL B 155 -2.62 20.30 -65.46
C VAL B 155 -1.29 20.32 -64.78
N LYS B 156 -0.41 21.24 -65.22
CA LYS B 156 1.01 21.13 -64.98
C LYS B 156 1.45 22.41 -64.35
N ASP B 157 2.44 22.31 -63.43
CA ASP B 157 3.19 23.43 -62.89
C ASP B 157 2.37 24.39 -62.06
N TYR B 158 1.61 23.87 -61.08
CA TYR B 158 0.85 24.67 -60.15
C TYR B 158 1.46 24.45 -58.79
N PHE B 159 1.23 25.41 -57.87
CA PHE B 159 1.62 25.27 -56.50
C PHE B 159 0.65 26.13 -55.72
N PRO B 160 0.19 25.80 -54.52
CA PRO B 160 0.27 24.50 -53.88
C PRO B 160 -0.97 23.74 -54.27
N GLU B 161 -1.14 22.50 -53.76
CA GLU B 161 -2.38 21.75 -53.83
C GLU B 161 -3.54 22.48 -53.16
N PRO B 162 -4.80 22.34 -53.60
CA PRO B 162 -5.23 21.33 -54.56
C PRO B 162 -5.82 22.01 -55.78
N VAL B 163 -5.75 21.33 -56.96
CA VAL B 163 -6.58 21.64 -58.10
C VAL B 163 -7.71 20.65 -58.09
N THR B 164 -8.84 21.04 -58.72
CA THR B 164 -9.94 20.17 -59.01
C THR B 164 -10.06 20.22 -60.51
N VAL B 165 -10.29 19.06 -61.16
CA VAL B 165 -10.50 18.98 -62.58
C VAL B 165 -11.80 18.25 -62.72
N SER B 166 -12.72 18.83 -63.53
CA SER B 166 -14.00 18.26 -63.85
C SER B 166 -14.09 18.32 -65.34
N TRP B 167 -15.06 17.60 -65.92
CA TRP B 167 -15.28 17.55 -67.35
C TRP B 167 -16.67 18.00 -67.60
N ASN B 168 -16.81 18.97 -68.55
CA ASN B 168 -18.05 19.58 -68.99
C ASN B 168 -18.82 20.17 -67.83
N SER B 169 -18.08 20.84 -66.92
CA SER B 169 -18.57 21.56 -65.76
C SER B 169 -19.12 20.63 -64.70
N GLY B 170 -18.65 19.36 -64.67
CA GLY B 170 -19.09 18.37 -63.72
C GLY B 170 -20.19 17.50 -64.27
N ALA B 171 -20.63 17.74 -65.53
CA ALA B 171 -21.69 16.98 -66.16
C ALA B 171 -21.21 15.64 -66.62
N LEU B 172 -19.88 15.51 -66.81
CA LEU B 172 -19.23 14.30 -67.23
C LEU B 172 -18.28 13.97 -66.12
N THR B 173 -18.47 12.77 -65.52
CA THR B 173 -17.77 12.31 -64.35
C THR B 173 -17.68 10.81 -64.46
N SER B 174 -18.31 10.22 -65.51
CA SER B 174 -18.33 8.79 -65.74
C SER B 174 -17.11 8.43 -66.52
N GLY B 175 -16.24 7.61 -65.89
CA GLY B 175 -14.97 7.19 -66.44
C GLY B 175 -13.93 8.25 -66.28
N VAL B 176 -14.26 9.36 -65.55
CA VAL B 176 -13.36 10.44 -65.26
C VAL B 176 -12.50 10.00 -64.13
N HIS B 177 -11.18 9.96 -64.36
CA HIS B 177 -10.22 9.66 -63.35
C HIS B 177 -9.33 10.85 -63.25
N THR B 178 -9.41 11.57 -62.11
CA THR B 178 -8.56 12.68 -61.81
C THR B 178 -7.66 12.03 -60.79
N PHE B 179 -6.37 11.86 -61.17
CA PHE B 179 -5.42 11.14 -60.38
C PHE B 179 -4.91 12.03 -59.28
N PRO B 180 -4.52 11.50 -58.11
CA PRO B 180 -3.69 12.18 -57.12
C PRO B 180 -2.58 13.01 -57.69
N ALA B 181 -2.34 14.22 -57.13
CA ALA B 181 -1.23 15.07 -57.48
C ALA B 181 0.07 14.40 -57.18
N VAL B 182 1.06 14.56 -58.08
CA VAL B 182 2.40 14.07 -57.85
C VAL B 182 3.23 15.31 -57.77
N LEU B 183 4.20 15.32 -56.83
CA LEU B 183 5.14 16.40 -56.66
C LEU B 183 6.26 16.08 -57.61
N GLN B 184 6.51 17.01 -58.55
CA GLN B 184 7.53 16.91 -59.57
C GLN B 184 8.86 17.32 -59.00
N SER B 185 9.92 17.22 -59.83
CA SER B 185 11.26 17.58 -59.45
C SER B 185 11.51 19.03 -59.80
N SER B 186 10.43 19.77 -60.15
CA SER B 186 10.45 21.20 -60.35
C SER B 186 9.94 21.89 -59.11
N GLY B 187 9.46 21.09 -58.12
CA GLY B 187 8.90 21.59 -56.88
C GLY B 187 7.51 22.13 -57.08
N LEU B 188 6.84 21.72 -58.17
CA LEU B 188 5.50 22.12 -58.49
C LEU B 188 4.74 20.85 -58.70
N TYR B 189 3.41 20.89 -58.45
CA TYR B 189 2.57 19.73 -58.54
C TYR B 189 2.06 19.63 -59.95
N SER B 190 1.70 18.39 -60.37
CA SER B 190 1.16 18.09 -61.67
C SER B 190 0.22 16.94 -61.51
N LEU B 191 -0.89 16.95 -62.27
CA LEU B 191 -1.78 15.82 -62.34
C LEU B 191 -2.35 15.75 -63.72
N SER B 192 -2.85 14.55 -64.09
CA SER B 192 -3.52 14.35 -65.34
C SER B 192 -4.89 13.97 -64.93
N SER B 193 -5.88 14.40 -65.74
CA SER B 193 -7.26 14.03 -65.59
C SER B 193 -7.61 13.49 -66.93
N VAL B 194 -8.24 12.31 -66.98
CA VAL B 194 -8.52 11.65 -68.22
C VAL B 194 -9.96 11.22 -68.18
N VAL B 195 -10.52 10.99 -69.38
CA VAL B 195 -11.84 10.47 -69.56
C VAL B 195 -11.75 9.61 -70.78
N THR B 196 -12.39 8.42 -70.75
CA THR B 196 -12.51 7.56 -71.90
C THR B 196 -13.87 7.81 -72.46
N VAL B 197 -13.91 8.06 -73.78
CA VAL B 197 -15.09 8.39 -74.52
C VAL B 197 -15.09 7.45 -75.70
N PRO B 198 -16.19 7.18 -76.38
CA PRO B 198 -16.20 6.61 -77.72
C PRO B 198 -15.37 7.41 -78.70
N SER B 199 -14.50 6.75 -79.50
CA SER B 199 -13.69 7.36 -80.53
C SER B 199 -14.61 8.00 -81.57
N SER B 200 -15.73 7.30 -81.85
CA SER B 200 -16.81 7.69 -82.74
C SER B 200 -17.49 9.00 -82.37
N SER B 201 -17.52 9.36 -81.07
CA SER B 201 -18.21 10.54 -80.58
C SER B 201 -17.33 11.77 -80.62
N LEU B 202 -16.02 11.60 -80.94
CA LEU B 202 -15.10 12.71 -81.10
C LEU B 202 -15.49 13.55 -82.29
N GLY B 203 -15.67 14.87 -82.07
CA GLY B 203 -16.06 15.83 -83.07
C GLY B 203 -17.54 15.93 -83.27
N THR B 204 -18.32 15.08 -82.56
CA THR B 204 -19.76 15.15 -82.52
C THR B 204 -20.14 15.34 -81.08
N GLN B 205 -19.16 15.75 -80.24
CA GLN B 205 -19.31 15.99 -78.84
C GLN B 205 -17.94 16.44 -78.44
N THR B 206 -17.86 17.69 -77.93
CA THR B 206 -16.62 18.30 -77.51
C THR B 206 -16.41 17.95 -76.06
N TYR B 207 -15.14 17.72 -75.68
CA TYR B 207 -14.77 17.36 -74.34
C TYR B 207 -13.85 18.44 -73.86
N ILE B 208 -14.29 19.13 -72.79
CA ILE B 208 -13.65 20.29 -72.24
C ILE B 208 -13.41 19.96 -70.80
N CYS B 209 -12.14 20.15 -70.35
CA CYS B 209 -11.77 20.05 -68.96
C CYS B 209 -11.88 21.41 -68.35
N ASN B 210 -12.49 21.46 -67.15
CA ASN B 210 -12.68 22.67 -66.40
C ASN B 210 -11.75 22.49 -65.25
N VAL B 211 -10.71 23.36 -65.16
CA VAL B 211 -9.66 23.25 -64.18
C VAL B 211 -9.81 24.46 -63.32
N ASN B 212 -9.91 24.23 -61.99
CA ASN B 212 -9.94 25.29 -61.00
C ASN B 212 -8.80 25.03 -60.07
N HIS B 213 -8.03 26.08 -59.76
CA HIS B 213 -6.96 26.07 -58.79
C HIS B 213 -7.33 27.11 -57.78
N LYS B 214 -7.87 26.67 -56.63
CA LYS B 214 -8.33 27.51 -55.55
C LYS B 214 -7.29 28.42 -54.90
N PRO B 215 -6.01 28.08 -54.68
CA PRO B 215 -5.09 28.96 -53.97
C PRO B 215 -4.74 30.24 -54.70
N SER B 216 -4.74 30.28 -56.05
CA SER B 216 -4.52 31.49 -56.80
C SER B 216 -5.83 31.96 -57.38
N ASN B 217 -6.88 31.12 -57.25
CA ASN B 217 -8.21 31.32 -57.82
C ASN B 217 -8.15 31.46 -59.33
N THR B 218 -7.39 30.56 -59.98
CA THR B 218 -7.07 30.61 -61.38
C THR B 218 -7.88 29.50 -61.97
N LYS B 219 -8.66 29.79 -63.04
CA LYS B 219 -9.55 28.83 -63.63
C LYS B 219 -9.33 28.89 -65.11
N VAL B 220 -9.05 27.71 -65.72
CA VAL B 220 -8.72 27.59 -67.11
C VAL B 220 -9.56 26.44 -67.63
N ASP B 221 -10.34 26.70 -68.71
CA ASP B 221 -11.13 25.70 -69.37
C ASP B 221 -10.47 25.43 -70.70
N LYS B 222 -10.07 24.16 -70.96
CA LYS B 222 -9.38 23.77 -72.16
C LYS B 222 -10.18 22.74 -72.90
N LYS B 223 -10.59 23.11 -74.13
CA LYS B 223 -11.22 22.25 -75.09
C LYS B 223 -10.17 21.33 -75.65
N VAL B 224 -10.48 20.01 -75.65
CA VAL B 224 -9.59 18.99 -76.09
C VAL B 224 -10.14 18.59 -77.42
N GLU B 225 -9.25 18.68 -78.44
CA GLU B 225 -9.53 18.55 -79.83
C GLU B 225 -9.98 17.13 -80.17
N PRO B 226 -10.79 16.90 -81.20
CA PRO B 226 -11.13 15.56 -81.67
C PRO B 226 -9.92 14.82 -82.17
N ASP C 2 16.95 -3.17 -35.02
CA ASP C 2 16.57 -3.20 -33.64
C ASP C 2 15.20 -3.82 -33.63
N ILE C 3 14.13 -2.97 -33.60
CA ILE C 3 12.77 -3.40 -33.43
C ILE C 3 12.15 -3.15 -34.77
N GLN C 4 11.59 -4.23 -35.37
CA GLN C 4 11.11 -4.22 -36.72
C GLN C 4 9.86 -5.03 -36.62
N MET C 5 8.75 -4.50 -37.17
CA MET C 5 7.46 -5.14 -37.15
C MET C 5 7.11 -5.54 -38.54
N THR C 6 6.71 -6.82 -38.69
CA THR C 6 6.23 -7.36 -39.94
C THR C 6 4.87 -7.87 -39.58
N GLN C 7 4.00 -7.91 -40.61
CA GLN C 7 2.67 -8.43 -40.48
C GLN C 7 2.50 -9.32 -41.65
N SER C 8 1.49 -10.22 -41.58
CA SER C 8 1.16 -11.08 -42.68
C SER C 8 -0.31 -11.35 -42.52
N PRO C 9 -1.03 -11.69 -43.60
CA PRO C 9 -0.77 -11.36 -45.00
C PRO C 9 -0.38 -9.91 -45.22
N SER C 10 0.50 -9.62 -46.21
CA SER C 10 0.87 -8.27 -46.61
C SER C 10 -0.32 -7.51 -47.13
N SER C 11 -1.13 -8.19 -47.97
CA SER C 11 -2.42 -7.73 -48.40
C SER C 11 -3.25 -8.97 -48.43
N LEU C 12 -4.58 -8.82 -48.28
CA LEU C 12 -5.49 -9.94 -48.36
C LEU C 12 -6.77 -9.47 -48.99
N SER C 13 -7.38 -10.34 -49.82
CA SER C 13 -8.62 -10.10 -50.48
C SER C 13 -9.68 -10.75 -49.64
N ALA C 14 -10.66 -9.93 -49.18
CA ALA C 14 -11.73 -10.34 -48.32
C ALA C 14 -12.97 -9.67 -48.83
N SER C 15 -14.13 -10.15 -48.35
CA SER C 15 -15.43 -9.64 -48.70
C SER C 15 -16.09 -9.42 -47.37
N VAL C 16 -17.19 -8.65 -47.32
CA VAL C 16 -17.98 -8.44 -46.12
C VAL C 16 -18.55 -9.74 -45.59
N GLY C 17 -18.56 -9.87 -44.24
CA GLY C 17 -19.02 -11.04 -43.54
C GLY C 17 -18.03 -12.17 -43.61
N ASP C 18 -16.72 -11.87 -43.77
CA ASP C 18 -15.66 -12.87 -43.79
C ASP C 18 -14.96 -12.77 -42.47
N ARG C 19 -14.20 -13.84 -42.11
CA ARG C 19 -13.33 -13.84 -40.96
C ARG C 19 -11.95 -13.60 -41.45
N VAL C 20 -11.38 -12.43 -41.07
CA VAL C 20 -10.04 -12.02 -41.45
C VAL C 20 -9.23 -12.20 -40.20
N THR C 21 -8.06 -12.85 -40.34
CA THR C 21 -7.14 -13.07 -39.26
C THR C 21 -5.82 -12.63 -39.80
N ILE C 22 -5.16 -11.69 -39.08
CA ILE C 22 -3.85 -11.19 -39.44
C ILE C 22 -3.00 -11.39 -38.23
N THR C 23 -1.67 -11.48 -38.47
CA THR C 23 -0.69 -11.78 -37.46
C THR C 23 0.30 -10.66 -37.56
N CYS C 24 1.06 -10.45 -36.46
CA CYS C 24 2.13 -9.49 -36.39
C CYS C 24 3.22 -10.22 -35.68
N ARG C 25 4.47 -9.88 -36.04
CA ARG C 25 5.66 -10.48 -35.50
C ARG C 25 6.64 -9.36 -35.31
N ALA C 26 7.28 -9.33 -34.12
CA ALA C 26 8.35 -8.42 -33.80
C ALA C 26 9.63 -9.20 -33.93
N SER C 27 10.72 -8.52 -34.36
CA SER C 27 12.01 -9.12 -34.61
C SER C 27 12.75 -9.43 -33.32
N GLN C 28 12.37 -8.74 -32.23
CA GLN C 28 12.87 -9.03 -30.92
C GLN C 28 11.77 -8.65 -29.98
N SER C 29 11.72 -9.32 -28.81
CA SER C 29 10.68 -9.15 -27.82
C SER C 29 10.78 -7.77 -27.21
N VAL C 30 9.62 -7.08 -27.14
CA VAL C 30 9.48 -5.76 -26.58
C VAL C 30 8.51 -5.86 -25.44
N SER C 31 8.16 -7.10 -25.03
CA SER C 31 7.19 -7.44 -24.01
C SER C 31 5.80 -7.21 -24.53
N SER C 32 4.81 -7.91 -23.92
CA SER C 32 3.41 -7.74 -24.21
C SER C 32 3.00 -6.31 -23.97
N ALA C 33 2.38 -5.71 -24.99
CA ALA C 33 2.20 -4.28 -25.06
C ALA C 33 1.52 -4.06 -26.38
N VAL C 34 0.74 -5.06 -26.85
CA VAL C 34 0.16 -5.08 -28.16
C VAL C 34 -1.04 -4.19 -28.20
N ALA C 35 -0.97 -3.14 -29.04
CA ALA C 35 -2.12 -2.39 -29.41
C ALA C 35 -2.29 -2.66 -30.87
N TRP C 36 -3.54 -2.59 -31.39
CA TRP C 36 -3.80 -2.73 -32.80
C TRP C 36 -4.53 -1.50 -33.22
N TYR C 37 -4.09 -0.85 -34.33
CA TYR C 37 -4.72 0.35 -34.82
C TYR C 37 -5.24 0.10 -36.20
N GLN C 38 -6.34 0.80 -36.54
CA GLN C 38 -6.93 0.87 -37.86
C GLN C 38 -6.75 2.25 -38.36
N GLN C 39 -6.34 2.39 -39.63
CA GLN C 39 -6.34 3.68 -40.28
C GLN C 39 -6.99 3.50 -41.61
N LYS C 40 -7.83 4.47 -41.97
CA LYS C 40 -8.44 4.57 -43.27
C LYS C 40 -8.01 5.92 -43.73
N PRO C 41 -7.53 6.15 -44.96
CA PRO C 41 -7.05 7.45 -45.44
C PRO C 41 -8.03 8.58 -45.23
N GLY C 42 -7.53 9.74 -44.75
CA GLY C 42 -8.32 10.92 -44.50
C GLY C 42 -8.91 10.91 -43.12
N LYS C 43 -8.33 10.08 -42.21
CA LYS C 43 -8.80 9.95 -40.86
C LYS C 43 -7.55 9.90 -40.04
N ALA C 44 -7.69 10.15 -38.72
CA ALA C 44 -6.64 9.98 -37.75
C ALA C 44 -6.65 8.52 -37.34
N PRO C 45 -5.54 7.89 -36.97
CA PRO C 45 -5.44 6.59 -36.29
C PRO C 45 -6.48 6.32 -35.21
N LYS C 46 -6.93 5.05 -35.11
CA LYS C 46 -7.97 4.68 -34.18
C LYS C 46 -7.53 3.41 -33.51
N LEU C 47 -7.50 3.41 -32.16
CA LEU C 47 -7.24 2.29 -31.29
C LEU C 47 -8.31 1.23 -31.42
N LEU C 48 -7.92 -0.06 -31.52
CA LEU C 48 -8.83 -1.18 -31.57
C LEU C 48 -8.67 -2.02 -30.34
N ILE C 49 -7.41 -2.37 -30.02
CA ILE C 49 -7.07 -3.34 -29.00
C ILE C 49 -5.93 -2.70 -28.28
N TYR C 50 -5.88 -2.85 -26.94
CA TYR C 50 -4.86 -2.28 -26.08
C TYR C 50 -4.50 -3.36 -25.09
N SER C 51 -3.31 -3.20 -24.45
CA SER C 51 -2.75 -4.05 -23.41
C SER C 51 -1.98 -5.18 -24.02
N ALA C 52 -2.69 -6.18 -24.58
CA ALA C 52 -2.05 -7.31 -25.20
C ALA C 52 -3.08 -8.06 -26.01
N SER C 53 -4.39 -7.74 -25.82
CA SER C 53 -5.47 -8.55 -26.33
C SER C 53 -6.78 -8.06 -25.74
N SER C 54 -6.78 -6.92 -25.03
CA SER C 54 -7.93 -6.45 -24.31
C SER C 54 -8.63 -5.46 -25.19
N LEU C 55 -9.96 -5.63 -25.40
CA LEU C 55 -10.71 -4.78 -26.29
C LEU C 55 -10.84 -3.41 -25.66
N TYR C 56 -10.46 -2.37 -26.45
CA TYR C 56 -10.59 -0.97 -26.08
C TYR C 56 -12.03 -0.55 -26.04
N SER C 57 -12.35 0.39 -25.12
CA SER C 57 -13.67 0.94 -24.93
C SER C 57 -14.13 1.69 -26.14
N GLY C 58 -15.42 1.51 -26.52
CA GLY C 58 -16.04 2.15 -27.66
C GLY C 58 -15.56 1.59 -28.97
N VAL C 59 -15.12 0.32 -28.99
CA VAL C 59 -14.68 -0.36 -30.18
C VAL C 59 -15.61 -1.56 -30.27
N PRO C 60 -16.25 -1.88 -31.40
CA PRO C 60 -16.98 -3.11 -31.64
C PRO C 60 -16.29 -4.39 -31.21
N SER C 61 -17.07 -5.43 -30.87
CA SER C 61 -16.56 -6.65 -30.30
C SER C 61 -16.26 -7.65 -31.40
N ARG C 62 -16.42 -7.19 -32.67
CA ARG C 62 -15.99 -7.87 -33.87
C ARG C 62 -14.50 -8.04 -33.88
N PHE C 63 -13.76 -6.99 -33.42
CA PHE C 63 -12.33 -7.03 -33.28
C PHE C 63 -12.03 -7.72 -31.97
N SER C 64 -11.04 -8.63 -32.00
CA SER C 64 -10.52 -9.23 -30.82
C SER C 64 -9.11 -9.62 -31.14
N GLY C 65 -8.27 -9.82 -30.10
CA GLY C 65 -6.91 -10.24 -30.28
C GLY C 65 -6.65 -11.34 -29.32
N SER C 66 -5.62 -12.16 -29.62
CA SER C 66 -5.16 -13.20 -28.74
C SER C 66 -3.67 -13.30 -28.90
N ARG C 67 -3.07 -14.24 -28.14
CA ARG C 67 -1.70 -14.68 -28.26
C ARG C 67 -0.74 -13.75 -27.57
N SER C 68 0.41 -14.31 -27.16
CA SER C 68 1.49 -13.60 -26.52
C SER C 68 2.75 -14.04 -27.22
N GLY C 69 3.92 -13.86 -26.56
CA GLY C 69 5.20 -14.21 -27.12
C GLY C 69 5.63 -13.05 -27.95
N THR C 70 5.99 -13.31 -29.22
CA THR C 70 6.44 -12.28 -30.12
C THR C 70 5.50 -12.27 -31.30
N ASP C 71 4.45 -13.12 -31.29
CA ASP C 71 3.57 -13.31 -32.42
C ASP C 71 2.18 -13.08 -31.91
N PHE C 72 1.56 -11.99 -32.40
CA PHE C 72 0.30 -11.47 -31.90
C PHE C 72 -0.68 -11.64 -33.01
N THR C 73 -2.00 -11.71 -32.70
CA THR C 73 -3.02 -11.86 -33.72
C THR C 73 -4.15 -10.91 -33.45
N LEU C 74 -4.77 -10.40 -34.55
CA LEU C 74 -5.97 -9.60 -34.56
C LEU C 74 -6.90 -10.31 -35.49
N THR C 75 -8.12 -10.64 -35.02
CA THR C 75 -9.13 -11.31 -35.78
C THR C 75 -10.34 -10.42 -35.80
N ILE C 76 -10.95 -10.27 -36.99
CA ILE C 76 -12.21 -9.59 -37.19
C ILE C 76 -13.11 -10.71 -37.62
N SER C 77 -14.09 -11.07 -36.74
CA SER C 77 -14.99 -12.18 -36.90
C SER C 77 -15.90 -12.09 -38.09
N SER C 78 -16.47 -10.88 -38.33
CA SER C 78 -17.30 -10.62 -39.48
C SER C 78 -16.97 -9.24 -39.94
N LEU C 79 -16.79 -9.08 -41.26
CA LEU C 79 -16.44 -7.80 -41.84
C LEU C 79 -17.68 -7.02 -42.12
N GLN C 80 -17.47 -5.69 -42.19
CA GLN C 80 -18.49 -4.69 -42.41
C GLN C 80 -17.89 -3.87 -43.53
N PRO C 81 -18.65 -3.03 -44.23
CA PRO C 81 -18.11 -2.26 -45.34
C PRO C 81 -17.55 -0.96 -44.79
N GLU C 82 -16.32 -1.04 -44.23
CA GLU C 82 -15.60 0.00 -43.57
C GLU C 82 -14.42 -0.66 -42.89
N ASP C 83 -14.15 -1.95 -43.20
CA ASP C 83 -13.08 -2.72 -42.61
C ASP C 83 -12.06 -2.99 -43.68
N PHE C 84 -12.19 -2.33 -44.84
CA PHE C 84 -11.20 -2.36 -45.89
C PHE C 84 -10.33 -1.18 -45.57
N ALA C 85 -9.10 -1.47 -45.07
CA ALA C 85 -8.33 -0.48 -44.39
C ALA C 85 -6.94 -1.02 -44.23
N THR C 86 -6.03 -0.20 -43.63
CA THR C 86 -4.70 -0.62 -43.29
C THR C 86 -4.67 -0.84 -41.80
N TYR C 87 -4.13 -2.01 -41.39
CA TYR C 87 -4.08 -2.43 -40.01
C TYR C 87 -2.65 -2.54 -39.58
N TYR C 88 -2.34 -1.93 -38.41
CA TYR C 88 -1.02 -1.79 -37.82
C TYR C 88 -1.06 -2.45 -36.47
N CYS C 89 0.03 -3.18 -36.11
CA CYS C 89 0.25 -3.58 -34.73
C CYS C 89 1.19 -2.55 -34.18
N GLN C 90 1.17 -2.37 -32.85
CA GLN C 90 1.94 -1.34 -32.21
C GLN C 90 2.39 -1.85 -30.87
N GLN C 91 3.46 -1.22 -30.33
CA GLN C 91 4.11 -1.64 -29.12
C GLN C 91 4.51 -0.38 -28.45
N TYR C 92 4.49 -0.39 -27.09
CA TYR C 92 4.89 0.71 -26.25
C TYR C 92 5.75 0.15 -25.17
N TYR C 93 6.50 1.05 -24.51
CA TYR C 93 7.39 0.88 -23.39
C TYR C 93 8.70 1.36 -23.93
N GLU C 94 9.25 2.44 -23.34
CA GLU C 94 10.41 3.12 -23.85
C GLU C 94 11.61 2.42 -23.26
N TRP C 95 12.70 2.34 -24.06
CA TRP C 95 14.01 1.96 -23.57
C TRP C 95 14.79 3.24 -23.48
N LEU C 96 15.20 3.82 -24.63
CA LEU C 96 14.56 5.03 -25.10
C LEU C 96 14.07 4.80 -26.50
N SER C 97 13.97 3.51 -26.92
CA SER C 97 13.65 3.08 -28.26
C SER C 97 12.28 3.56 -28.69
N LEU C 98 12.19 3.97 -29.99
CA LEU C 98 11.02 4.60 -30.54
C LEU C 98 9.93 3.58 -30.69
N PHE C 99 8.66 4.04 -30.56
CA PHE C 99 7.51 3.18 -30.66
C PHE C 99 7.37 2.69 -32.08
N THR C 100 7.15 1.37 -32.24
CA THR C 100 7.26 0.72 -33.52
C THR C 100 5.87 0.40 -33.94
N PHE C 101 5.56 0.74 -35.21
CA PHE C 101 4.26 0.60 -35.81
C PHE C 101 4.49 -0.26 -37.02
N GLY C 102 3.54 -1.19 -37.28
CA GLY C 102 3.39 -1.95 -38.51
C GLY C 102 3.41 -1.12 -39.76
N GLN C 103 3.63 -1.79 -40.91
CA GLN C 103 3.77 -1.15 -42.20
C GLN C 103 2.46 -1.15 -42.94
N GLY C 104 1.38 -1.60 -42.26
CA GLY C 104 0.04 -1.67 -42.77
C GLY C 104 -0.23 -2.93 -43.52
N THR C 105 -1.40 -3.55 -43.22
CA THR C 105 -1.91 -4.70 -43.93
C THR C 105 -3.16 -4.22 -44.56
N LYS C 106 -3.22 -4.26 -45.91
CA LYS C 106 -4.35 -3.79 -46.67
C LYS C 106 -5.34 -4.90 -46.87
N VAL C 107 -6.55 -4.70 -46.30
CA VAL C 107 -7.70 -5.53 -46.52
C VAL C 107 -8.43 -4.87 -47.66
N GLU C 108 -8.60 -5.58 -48.80
CA GLU C 108 -9.18 -5.02 -50.01
C GLU C 108 -10.37 -5.87 -50.39
N ILE C 109 -11.22 -5.33 -51.30
CA ILE C 109 -12.45 -5.96 -51.73
C ILE C 109 -12.09 -6.89 -52.87
N LYS C 110 -12.35 -8.21 -52.65
CA LYS C 110 -12.17 -9.29 -53.59
C LYS C 110 -13.07 -9.13 -54.81
N ARG C 111 -12.52 -9.42 -56.01
CA ARG C 111 -13.31 -9.54 -57.21
C ARG C 111 -12.49 -10.30 -58.23
N THR C 112 -13.15 -10.68 -59.34
CA THR C 112 -12.59 -11.29 -60.54
C THR C 112 -11.55 -10.42 -61.22
N VAL C 113 -10.60 -11.08 -61.93
CA VAL C 113 -9.62 -10.47 -62.82
C VAL C 113 -10.32 -9.73 -63.93
N ALA C 114 -9.77 -8.55 -64.34
CA ALA C 114 -10.23 -7.83 -65.50
C ALA C 114 -9.01 -7.26 -66.16
N ALA C 115 -8.94 -7.40 -67.51
CA ALA C 115 -7.89 -6.85 -68.34
C ALA C 115 -7.99 -5.34 -68.42
N PRO C 116 -6.89 -4.61 -68.61
CA PRO C 116 -6.92 -3.15 -68.71
C PRO C 116 -7.29 -2.72 -70.11
N SER C 117 -8.07 -1.62 -70.22
CA SER C 117 -8.29 -0.98 -71.50
C SER C 117 -7.14 -0.02 -71.66
N VAL C 118 -6.35 -0.17 -72.75
CA VAL C 118 -5.11 0.56 -72.93
C VAL C 118 -5.37 1.64 -73.94
N PHE C 119 -5.04 2.90 -73.57
CA PHE C 119 -5.17 4.05 -74.42
C PHE C 119 -3.87 4.76 -74.35
N ILE C 120 -3.39 5.29 -75.50
CA ILE C 120 -2.19 6.10 -75.57
C ILE C 120 -2.61 7.42 -76.18
N PHE C 121 -2.11 8.54 -75.60
CA PHE C 121 -2.55 9.89 -75.88
C PHE C 121 -1.40 10.69 -76.45
N PRO C 122 -1.51 11.26 -77.66
CA PRO C 122 -0.64 12.33 -78.15
C PRO C 122 -0.66 13.58 -77.30
N PRO C 123 0.43 14.28 -76.98
CA PRO C 123 0.40 15.68 -76.56
C PRO C 123 -0.16 16.57 -77.65
N SER C 124 -0.78 17.71 -77.27
CA SER C 124 -1.25 18.68 -78.21
C SER C 124 -0.10 19.57 -78.61
N ASP C 125 -0.30 20.37 -79.68
CA ASP C 125 0.59 21.40 -80.15
C ASP C 125 0.92 22.41 -79.06
N SER C 126 -0.11 22.77 -78.24
CA SER C 126 -0.05 23.69 -77.13
C SER C 126 0.92 23.26 -76.07
N GLN C 127 0.93 21.94 -75.77
CA GLN C 127 1.84 21.34 -74.81
C GLN C 127 3.27 21.44 -75.26
N LEU C 128 3.54 21.21 -76.56
CA LEU C 128 4.87 21.28 -77.13
C LEU C 128 5.44 22.68 -77.15
N LYS C 129 4.59 23.73 -77.14
CA LYS C 129 5.05 25.10 -77.07
C LYS C 129 5.68 25.49 -75.76
N SER C 130 5.35 24.80 -74.63
CA SER C 130 5.90 25.16 -73.34
C SER C 130 7.32 24.67 -73.20
N GLY C 131 7.66 23.54 -73.86
CA GLY C 131 9.02 23.06 -74.00
C GLY C 131 9.08 21.64 -73.54
N THR C 132 7.90 21.06 -73.21
CA THR C 132 7.77 19.75 -72.62
C THR C 132 6.75 19.02 -73.44
N ALA C 133 6.86 17.69 -73.51
CA ALA C 133 5.93 16.85 -74.20
C ALA C 133 5.52 15.85 -73.17
N SER C 134 4.20 15.71 -72.91
CA SER C 134 3.70 14.71 -72.00
C SER C 134 2.83 13.78 -72.78
N VAL C 135 3.20 12.48 -72.76
CA VAL C 135 2.53 11.43 -73.46
C VAL C 135 1.89 10.65 -72.35
N VAL C 136 0.56 10.43 -72.42
CA VAL C 136 -0.18 9.88 -71.31
C VAL C 136 -0.68 8.54 -71.75
N CYS C 137 -0.54 7.52 -70.87
CA CYS C 137 -1.09 6.20 -71.08
C CYS C 137 -2.06 5.94 -69.97
N LEU C 138 -3.28 5.50 -70.31
CA LEU C 138 -4.33 5.21 -69.37
C LEU C 138 -4.60 3.74 -69.45
N LEU C 139 -4.57 3.07 -68.27
CA LEU C 139 -4.95 1.70 -68.10
C LEU C 139 -6.19 1.81 -67.26
N ASN C 140 -7.37 1.46 -67.82
CA ASN C 140 -8.63 1.79 -67.19
C ASN C 140 -9.33 0.51 -66.82
N ASN C 141 -9.84 0.47 -65.57
CA ASN C 141 -10.77 -0.52 -65.05
C ASN C 141 -10.27 -1.94 -65.04
N PHE C 142 -9.06 -2.16 -64.45
CA PHE C 142 -8.44 -3.45 -64.38
C PHE C 142 -8.46 -3.89 -62.94
N TYR C 143 -8.24 -5.21 -62.69
CA TYR C 143 -8.11 -5.78 -61.37
C TYR C 143 -7.25 -7.00 -61.58
N PRO C 144 -6.36 -7.48 -60.69
CA PRO C 144 -5.89 -6.86 -59.45
C PRO C 144 -5.15 -5.58 -59.71
N ARG C 145 -4.63 -4.93 -58.65
CA ARG C 145 -3.98 -3.64 -58.72
C ARG C 145 -2.61 -3.77 -59.34
N GLU C 146 -2.07 -5.02 -59.41
CA GLU C 146 -0.79 -5.29 -60.03
C GLU C 146 -0.88 -5.20 -61.53
N ALA C 147 -0.29 -4.11 -62.07
CA ALA C 147 -0.18 -3.84 -63.47
C ALA C 147 1.13 -3.13 -63.55
N LYS C 148 1.85 -3.27 -64.68
CA LYS C 148 3.13 -2.61 -64.86
C LYS C 148 3.04 -1.98 -66.21
N VAL C 149 3.37 -0.67 -66.28
CA VAL C 149 3.43 0.07 -67.51
C VAL C 149 4.88 0.17 -67.83
N GLN C 150 5.22 0.19 -69.13
CA GLN C 150 6.54 0.41 -69.60
C GLN C 150 6.33 1.25 -70.82
N TRP C 151 7.22 2.22 -71.01
CA TRP C 151 7.16 3.16 -72.09
C TRP C 151 8.30 2.84 -72.98
N LYS C 152 8.05 2.78 -74.31
CA LYS C 152 9.10 2.65 -75.26
C LYS C 152 8.86 3.77 -76.22
N VAL C 153 9.93 4.52 -76.56
CA VAL C 153 9.89 5.52 -77.59
C VAL C 153 10.97 5.08 -78.52
N ASP C 154 10.59 4.73 -79.77
CA ASP C 154 11.44 4.21 -80.82
C ASP C 154 12.09 2.90 -80.39
N ASN C 155 11.35 2.10 -79.60
CA ASN C 155 11.74 0.81 -79.04
C ASN C 155 12.67 0.97 -77.83
N ALA C 156 13.18 2.19 -77.56
CA ALA C 156 14.11 2.45 -76.48
C ALA C 156 13.33 2.64 -75.22
N LEU C 157 13.80 2.03 -74.10
CA LEU C 157 13.07 1.98 -72.86
C LEU C 157 13.22 3.31 -72.16
N GLN C 158 12.07 3.92 -71.80
CA GLN C 158 12.00 5.19 -71.14
C GLN C 158 11.63 4.88 -69.72
N SER C 159 12.55 5.23 -68.79
CA SER C 159 12.36 5.01 -67.38
C SER C 159 13.15 6.13 -66.74
N GLY C 160 12.67 6.61 -65.58
CA GLY C 160 13.34 7.65 -64.82
C GLY C 160 12.97 9.00 -65.37
N ASN C 161 11.77 9.06 -65.98
CA ASN C 161 11.27 10.23 -66.66
C ASN C 161 9.78 10.00 -66.85
N SER C 162 9.24 8.96 -66.18
CA SER C 162 7.86 8.59 -66.21
C SER C 162 7.45 8.59 -64.77
N GLN C 163 6.18 8.96 -64.51
CA GLN C 163 5.63 8.98 -63.18
C GLN C 163 4.33 8.27 -63.32
N GLU C 164 3.99 7.44 -62.31
CA GLU C 164 2.77 6.68 -62.28
C GLU C 164 1.96 7.22 -61.14
N SER C 165 0.62 7.09 -61.25
CA SER C 165 -0.27 7.40 -60.18
C SER C 165 -1.37 6.40 -60.37
N VAL C 166 -1.86 5.84 -59.24
CA VAL C 166 -2.83 4.78 -59.23
C VAL C 166 -3.90 5.28 -58.31
N THR C 167 -5.18 5.18 -58.70
CA THR C 167 -6.29 5.47 -57.81
C THR C 167 -6.57 4.23 -57.01
N GLU C 168 -7.15 4.40 -55.81
CA GLU C 168 -7.75 3.33 -55.03
C GLU C 168 -9.06 2.93 -55.65
N GLN C 169 -9.58 1.75 -55.24
CA GLN C 169 -10.83 1.14 -55.67
C GLN C 169 -11.96 2.09 -56.00
N ASP C 170 -12.54 1.88 -57.19
CA ASP C 170 -13.61 2.67 -57.73
C ASP C 170 -14.92 2.26 -57.14
N SER C 171 -15.96 3.09 -57.39
CA SER C 171 -17.30 2.87 -56.91
C SER C 171 -18.07 2.23 -58.03
N LYS C 172 -17.41 2.07 -59.21
CA LYS C 172 -17.93 1.49 -60.41
C LYS C 172 -18.28 0.04 -60.22
N ASP C 173 -17.38 -0.70 -59.52
CA ASP C 173 -17.46 -2.12 -59.29
C ASP C 173 -16.14 -2.56 -58.69
N SER C 174 -15.39 -1.61 -58.09
CA SER C 174 -14.15 -1.87 -57.38
C SER C 174 -13.02 -2.31 -58.26
N THR C 175 -12.79 -1.54 -59.34
CA THR C 175 -11.68 -1.74 -60.26
C THR C 175 -10.69 -0.65 -59.95
N TYR C 176 -9.50 -0.71 -60.58
CA TYR C 176 -8.46 0.29 -60.44
C TYR C 176 -8.19 0.87 -61.79
N SER C 177 -7.72 2.14 -61.82
CA SER C 177 -7.25 2.77 -63.01
C SER C 177 -5.90 3.33 -62.65
N LEU C 178 -5.02 3.47 -63.66
CA LEU C 178 -3.66 3.90 -63.49
C LEU C 178 -3.41 4.81 -64.63
N SER C 179 -2.77 5.98 -64.37
CA SER C 179 -2.34 6.88 -65.39
C SER C 179 -0.87 7.02 -65.20
N SER C 180 -0.11 6.83 -66.29
CA SER C 180 1.32 6.97 -66.30
C SER C 180 1.57 8.03 -67.32
N THR C 181 2.40 9.04 -66.94
CA THR C 181 2.69 10.18 -67.76
C THR C 181 4.17 10.13 -67.97
N LEU C 182 4.57 9.99 -69.26
CA LEU C 182 5.92 10.04 -69.72
C LEU C 182 6.17 11.46 -70.13
N THR C 183 7.17 12.10 -69.53
CA THR C 183 7.48 13.49 -69.73
C THR C 183 8.82 13.50 -70.41
N LEU C 184 8.89 14.20 -71.57
CA LEU C 184 10.06 14.27 -72.40
C LEU C 184 10.25 15.73 -72.68
N SER C 185 11.46 16.08 -73.18
CA SER C 185 11.75 17.34 -73.85
C SER C 185 10.98 17.45 -75.13
N LYS C 186 10.70 18.71 -75.55
CA LYS C 186 10.13 19.06 -76.84
C LYS C 186 11.04 18.58 -77.93
N ALA C 187 12.37 18.73 -77.72
CA ALA C 187 13.42 18.32 -78.62
C ALA C 187 13.41 16.82 -78.85
N ASP C 188 13.24 16.02 -77.76
CA ASP C 188 13.13 14.58 -77.85
C ASP C 188 11.91 14.16 -78.62
N TYR C 189 10.77 14.84 -78.38
CA TYR C 189 9.50 14.61 -79.03
C TYR C 189 9.58 14.81 -80.54
N GLU C 190 10.37 15.80 -80.99
CA GLU C 190 10.49 16.15 -82.38
C GLU C 190 11.60 15.38 -83.06
N LYS C 191 12.26 14.44 -82.34
CA LYS C 191 13.30 13.59 -82.87
C LYS C 191 12.88 12.14 -82.81
N HIS C 192 11.61 11.87 -82.44
CA HIS C 192 11.13 10.52 -82.26
C HIS C 192 9.74 10.54 -82.80
N LYS C 193 9.24 9.36 -83.26
CA LYS C 193 8.00 9.31 -84.01
C LYS C 193 7.12 8.30 -83.34
N VAL C 194 7.67 7.14 -82.93
CA VAL C 194 6.90 6.04 -82.38
C VAL C 194 6.86 6.20 -80.89
N TYR C 195 5.63 6.30 -80.34
CA TYR C 195 5.38 6.37 -78.92
C TYR C 195 4.59 5.15 -78.65
N ALA C 196 5.05 4.30 -77.71
CA ALA C 196 4.40 3.04 -77.44
C ALA C 196 4.27 2.93 -75.97
N CYS C 197 3.08 2.48 -75.53
CA CYS C 197 2.78 2.16 -74.16
C CYS C 197 2.55 0.69 -74.21
N GLU C 198 3.36 -0.05 -73.42
CA GLU C 198 3.29 -1.49 -73.34
C GLU C 198 2.76 -1.76 -71.97
N VAL C 199 1.73 -2.61 -71.88
CA VAL C 199 0.99 -2.85 -70.67
C VAL C 199 1.11 -4.31 -70.37
N THR C 200 1.56 -4.62 -69.14
CA THR C 200 1.78 -5.96 -68.64
C THR C 200 0.76 -6.16 -67.56
N HIS C 201 0.01 -7.27 -67.65
CA HIS C 201 -1.03 -7.60 -66.71
C HIS C 201 -1.15 -9.10 -66.85
N GLN C 202 -1.69 -9.78 -65.81
CA GLN C 202 -1.79 -11.22 -65.76
C GLN C 202 -3.10 -11.72 -66.31
N GLY C 203 -3.92 -10.79 -66.85
CA GLY C 203 -5.18 -11.05 -67.49
C GLY C 203 -4.94 -11.01 -68.98
N LEU C 204 -3.69 -10.67 -69.38
CA LEU C 204 -3.23 -10.62 -70.73
C LEU C 204 -2.23 -11.74 -70.84
N SER C 205 -2.32 -12.54 -71.92
CA SER C 205 -1.43 -13.64 -72.22
C SER C 205 -0.01 -13.17 -72.41
N SER C 206 0.14 -12.04 -73.13
CA SER C 206 1.41 -11.40 -73.36
C SER C 206 1.05 -9.93 -73.42
N PRO C 207 1.93 -9.01 -73.04
CA PRO C 207 1.74 -7.56 -73.11
C PRO C 207 1.05 -7.01 -74.33
N VAL C 208 0.14 -6.03 -74.14
CA VAL C 208 -0.59 -5.38 -75.21
C VAL C 208 0.06 -4.03 -75.35
N THR C 209 0.46 -3.70 -76.60
CA THR C 209 1.11 -2.46 -76.94
C THR C 209 0.11 -1.65 -77.72
N LYS C 210 -0.08 -0.38 -77.31
CA LYS C 210 -0.83 0.60 -78.05
C LYS C 210 0.13 1.72 -78.31
N SER C 211 0.18 2.18 -79.57
CA SER C 211 1.17 3.13 -80.00
C SER C 211 0.50 4.12 -80.92
N PHE C 212 1.17 5.28 -81.13
CA PHE C 212 0.75 6.25 -82.11
C PHE C 212 2.00 6.77 -82.73
N ASN C 213 1.85 7.37 -83.94
CA ASN C 213 2.89 8.10 -84.60
C ASN C 213 2.50 9.54 -84.41
N ARG C 214 3.47 10.38 -83.97
CA ARG C 214 3.38 11.79 -83.68
C ARG C 214 2.39 12.60 -84.48
N GLY C 215 1.58 13.42 -83.76
CA GLY C 215 0.49 14.18 -84.31
C GLY C 215 -0.72 13.31 -84.51
N GLU C 216 -1.87 13.92 -84.85
CA GLU C 216 -3.08 13.22 -85.16
C GLU C 216 -3.11 12.99 -86.65
N MET D 1 -7.20 -7.48 84.82
CA MET D 1 -6.56 -6.40 85.51
C MET D 1 -7.34 -5.18 85.14
N ASN D 2 -7.17 -4.71 83.88
CA ASN D 2 -7.82 -3.54 83.36
C ASN D 2 -9.04 -3.99 82.58
N GLY D 3 -9.26 -5.33 82.56
CA GLY D 3 -10.44 -5.96 82.05
C GLY D 3 -10.89 -6.86 83.15
N THR D 4 -11.28 -8.10 82.77
CA THR D 4 -11.67 -9.10 83.70
C THR D 4 -11.13 -10.35 83.09
N GLU D 5 -10.14 -10.96 83.78
CA GLU D 5 -9.49 -12.15 83.31
C GLU D 5 -10.28 -13.32 83.82
N GLY D 6 -10.23 -14.43 83.07
CA GLY D 6 -10.92 -15.64 83.38
C GLY D 6 -10.04 -16.73 82.86
N PRO D 7 -10.32 -17.98 83.21
CA PRO D 7 -9.58 -19.14 82.75
C PRO D 7 -10.02 -19.53 81.36
N ASN D 8 -10.86 -18.72 80.67
CA ASN D 8 -11.28 -19.02 79.32
C ASN D 8 -11.79 -17.76 78.67
N PHE D 9 -11.44 -16.55 79.18
CA PHE D 9 -11.91 -15.34 78.54
C PHE D 9 -11.14 -14.19 79.10
N TYR D 10 -11.21 -13.05 78.37
CA TYR D 10 -10.67 -11.79 78.79
C TYR D 10 -11.61 -10.71 78.32
N VAL D 11 -12.59 -10.29 79.16
CA VAL D 11 -13.46 -9.19 78.82
C VAL D 11 -12.64 -7.91 78.89
N PRO D 12 -12.44 -7.07 77.86
CA PRO D 12 -11.61 -5.88 77.92
C PRO D 12 -12.32 -4.74 78.62
N PHE D 13 -13.43 -5.02 79.34
CA PHE D 13 -14.16 -4.10 80.16
C PHE D 13 -13.96 -4.60 81.55
N SER D 14 -13.51 -3.71 82.46
CA SER D 14 -13.26 -3.99 83.85
C SER D 14 -14.56 -4.29 84.54
N ASN D 15 -14.52 -5.21 85.54
CA ASN D 15 -15.68 -5.59 86.31
C ASN D 15 -15.90 -4.46 87.29
N LYS D 16 -17.09 -3.83 87.20
CA LYS D 16 -17.40 -2.66 87.96
C LYS D 16 -18.89 -2.45 87.87
N THR D 17 -19.58 -3.31 87.08
CA THR D 17 -21.02 -3.35 86.99
C THR D 17 -21.47 -4.54 87.81
N GLY D 18 -20.51 -5.38 88.26
CA GLY D 18 -20.72 -6.47 89.19
C GLY D 18 -21.41 -7.63 88.56
N VAL D 19 -21.30 -7.75 87.21
CA VAL D 19 -21.99 -8.78 86.46
C VAL D 19 -21.11 -9.20 85.30
N VAL D 20 -19.84 -8.73 85.23
CA VAL D 20 -18.94 -9.07 84.14
C VAL D 20 -18.43 -10.46 84.40
N ARG D 21 -18.93 -11.42 83.60
CA ARG D 21 -18.58 -12.82 83.64
C ARG D 21 -18.14 -13.17 82.24
N SER D 22 -18.17 -14.49 81.91
CA SER D 22 -17.88 -15.04 80.61
C SER D 22 -18.85 -14.48 79.57
N PRO D 23 -18.41 -14.19 78.35
CA PRO D 23 -19.28 -13.75 77.27
C PRO D 23 -19.56 -14.92 76.37
N PHE D 24 -19.58 -16.15 76.94
CA PHE D 24 -20.05 -17.34 76.26
C PHE D 24 -21.21 -17.88 77.02
N GLU D 25 -21.64 -17.13 78.07
CA GLU D 25 -22.61 -17.58 79.03
C GLU D 25 -23.59 -16.45 79.14
N ALA D 26 -23.23 -15.42 79.92
CA ALA D 26 -24.03 -14.24 80.17
C ALA D 26 -24.18 -13.43 78.90
N PRO D 27 -25.30 -12.73 78.67
CA PRO D 27 -25.48 -11.94 77.46
C PRO D 27 -24.92 -10.58 77.77
N GLN D 28 -24.06 -10.04 76.87
CA GLN D 28 -23.37 -8.80 77.12
C GLN D 28 -24.28 -7.71 76.62
N TYR D 29 -24.59 -6.75 77.50
CA TYR D 29 -25.56 -5.70 77.32
C TYR D 29 -25.35 -4.76 78.47
N TYR D 30 -24.43 -5.12 79.40
CA TYR D 30 -24.07 -4.34 80.56
C TYR D 30 -22.74 -3.68 80.34
N LEU D 31 -22.10 -3.96 79.18
CA LEU D 31 -20.86 -3.31 78.81
C LEU D 31 -21.07 -2.60 77.50
N ALA D 32 -22.30 -2.64 76.97
CA ALA D 32 -22.67 -1.90 75.79
C ALA D 32 -24.14 -1.64 75.96
N GLU D 33 -24.88 -1.52 74.84
CA GLU D 33 -26.29 -1.28 74.83
C GLU D 33 -26.84 -2.07 73.67
N PRO D 34 -28.10 -2.49 73.65
CA PRO D 34 -28.70 -3.20 72.51
C PRO D 34 -28.61 -2.46 71.20
N TRP D 35 -28.65 -1.11 71.21
CA TRP D 35 -28.61 -0.32 70.00
C TRP D 35 -27.23 -0.40 69.38
N GLN D 36 -26.17 -0.35 70.23
CA GLN D 36 -24.79 -0.53 69.81
C GLN D 36 -24.52 -1.86 69.15
N PHE D 37 -25.24 -2.93 69.58
CA PHE D 37 -25.22 -4.23 68.94
C PHE D 37 -25.86 -4.22 67.58
N SER D 38 -26.96 -3.44 67.42
CA SER D 38 -27.62 -3.26 66.13
C SER D 38 -26.70 -2.56 65.14
N MET D 39 -25.97 -1.51 65.60
CA MET D 39 -24.98 -0.81 64.80
C MET D 39 -23.81 -1.69 64.42
N LEU D 40 -23.38 -2.58 65.34
CA LEU D 40 -22.37 -3.60 65.10
C LEU D 40 -22.81 -4.52 63.99
N ALA D 41 -24.06 -5.04 64.08
CA ALA D 41 -24.65 -5.93 63.10
C ALA D 41 -24.83 -5.26 61.76
N ALA D 42 -25.25 -3.96 61.76
CA ALA D 42 -25.35 -3.13 60.57
C ALA D 42 -24.02 -3.03 59.85
N TYR D 43 -22.94 -2.75 60.62
CA TYR D 43 -21.60 -2.63 60.12
C TYR D 43 -21.08 -3.93 59.51
N MET D 44 -21.34 -5.09 60.17
CA MET D 44 -20.96 -6.38 59.65
C MET D 44 -21.67 -6.76 58.38
N PHE D 45 -22.94 -6.31 58.24
CA PHE D 45 -23.76 -6.52 57.06
C PHE D 45 -23.15 -5.78 55.89
N LEU D 46 -22.82 -4.48 56.09
CA LEU D 46 -22.11 -3.62 55.18
C LEU D 46 -20.87 -4.27 54.61
N LEU D 47 -19.94 -4.73 55.49
CA LEU D 47 -18.69 -5.35 55.13
C LEU D 47 -18.82 -6.58 54.26
N ILE D 48 -19.92 -7.36 54.41
CA ILE D 48 -20.21 -8.52 53.60
C ILE D 48 -20.68 -8.06 52.25
N MET D 49 -21.73 -7.18 52.25
CA MET D 49 -22.37 -6.62 51.08
C MET D 49 -21.46 -5.91 50.11
N LEU D 50 -20.42 -5.21 50.61
CA LEU D 50 -19.43 -4.58 49.78
C LEU D 50 -18.31 -5.54 49.48
N GLY D 51 -17.75 -6.20 50.53
CA GLY D 51 -16.57 -7.02 50.44
C GLY D 51 -16.65 -8.18 49.49
N PHE D 52 -17.78 -8.94 49.50
CA PHE D 52 -17.92 -10.10 48.64
C PHE D 52 -18.00 -9.76 47.15
N PRO D 53 -18.82 -8.83 46.64
CA PRO D 53 -18.84 -8.47 45.24
C PRO D 53 -17.53 -7.95 44.71
N ILE D 54 -16.92 -6.96 45.40
CA ILE D 54 -15.65 -6.34 45.06
C ILE D 54 -14.53 -7.34 44.88
N ASN D 55 -14.41 -8.32 45.81
CA ASN D 55 -13.34 -9.29 45.82
C ASN D 55 -13.61 -10.43 44.89
N PHE D 56 -14.90 -10.81 44.69
CA PHE D 56 -15.29 -11.84 43.76
C PHE D 56 -14.99 -11.39 42.34
N LEU D 57 -15.37 -10.13 42.00
CA LEU D 57 -15.08 -9.47 40.76
C LEU D 57 -13.61 -9.48 40.38
N THR D 58 -12.71 -9.27 41.37
CA THR D 58 -11.27 -9.28 41.19
C THR D 58 -10.76 -10.60 40.66
N LEU D 59 -11.30 -11.72 41.19
CA LEU D 59 -10.97 -13.04 40.72
C LEU D 59 -11.58 -13.30 39.37
N TYR D 60 -12.83 -12.84 39.17
CA TYR D 60 -13.64 -13.10 38.00
C TYR D 60 -13.08 -12.48 36.73
N VAL D 61 -12.78 -11.15 36.77
CA VAL D 61 -12.29 -10.41 35.63
C VAL D 61 -10.98 -10.93 35.06
N THR D 62 -10.10 -11.49 35.94
CA THR D 62 -8.81 -12.02 35.57
C THR D 62 -8.93 -13.32 34.79
N VAL D 63 -9.95 -14.13 35.13
CA VAL D 63 -10.23 -15.41 34.50
C VAL D 63 -10.69 -15.27 33.08
N GLN D 64 -11.27 -14.09 32.69
CA GLN D 64 -11.84 -13.91 31.38
C GLN D 64 -11.04 -12.90 30.58
N HIS D 65 -9.96 -12.32 31.15
CA HIS D 65 -9.10 -11.43 30.41
C HIS D 65 -7.70 -11.90 30.57
N LYS D 66 -7.17 -12.45 29.47
CA LYS D 66 -5.82 -12.91 29.22
C LYS D 66 -4.73 -12.04 29.79
N LYS D 67 -4.76 -10.73 29.44
CA LYS D 67 -3.75 -9.75 29.78
C LYS D 67 -3.55 -9.52 31.27
N LEU D 68 -4.56 -9.86 32.09
CA LEU D 68 -4.51 -9.76 33.53
C LEU D 68 -3.77 -10.91 34.16
N ARG D 69 -3.71 -12.06 33.46
CA ARG D 69 -3.14 -13.30 33.96
C ARG D 69 -1.65 -13.19 33.75
N THR D 70 -0.94 -12.75 34.82
CA THR D 70 0.49 -12.53 34.80
C THR D 70 0.97 -12.84 36.19
N PRO D 71 2.24 -13.20 36.42
CA PRO D 71 2.81 -13.45 37.74
C PRO D 71 2.57 -12.38 38.77
N LEU D 72 2.65 -11.09 38.38
CA LEU D 72 2.51 -9.95 39.24
C LEU D 72 1.09 -9.73 39.72
N ASN D 73 0.13 -10.49 39.15
CA ASN D 73 -1.27 -10.39 39.48
C ASN D 73 -1.64 -11.47 40.47
N TYR D 74 -0.82 -12.56 40.59
CA TYR D 74 -1.00 -13.64 41.56
C TYR D 74 -1.29 -13.16 42.96
N ILE D 75 -0.45 -12.19 43.44
CA ILE D 75 -0.53 -11.60 44.75
C ILE D 75 -1.82 -10.81 44.95
N LEU D 76 -2.34 -10.19 43.87
CA LEU D 76 -3.58 -9.45 43.88
C LEU D 76 -4.77 -10.38 44.00
N LEU D 77 -4.76 -11.53 43.30
CA LEU D 77 -5.74 -12.57 43.46
C LEU D 77 -5.75 -13.13 44.86
N ASN D 78 -4.53 -13.33 45.43
CA ASN D 78 -4.30 -13.79 46.77
C ASN D 78 -4.91 -12.86 47.80
N LEU D 79 -4.66 -11.54 47.66
CA LEU D 79 -5.26 -10.47 48.43
C LEU D 79 -6.77 -10.54 48.46
N ALA D 80 -7.39 -10.77 47.28
CA ALA D 80 -8.83 -10.88 47.14
C ALA D 80 -9.40 -12.07 47.89
N VAL D 81 -8.69 -13.22 47.85
CA VAL D 81 -9.02 -14.43 48.57
C VAL D 81 -8.93 -14.22 50.07
N ALA D 82 -7.84 -13.56 50.54
CA ALA D 82 -7.60 -13.17 51.91
C ALA D 82 -8.74 -12.39 52.51
N ASP D 83 -9.21 -11.36 51.77
CA ASP D 83 -10.33 -10.53 52.13
C ASP D 83 -11.59 -11.34 52.30
N LEU D 84 -11.81 -12.36 51.44
CA LEU D 84 -12.95 -13.24 51.48
C LEU D 84 -12.92 -14.17 52.66
N PHE D 85 -11.71 -14.64 53.07
CA PHE D 85 -11.50 -15.34 54.33
C PHE D 85 -12.02 -14.55 55.51
N MET D 86 -11.71 -13.23 55.57
CA MET D 86 -12.25 -12.34 56.58
C MET D 86 -13.76 -12.22 56.53
N VAL D 87 -14.38 -12.33 55.33
CA VAL D 87 -15.81 -12.16 55.14
C VAL D 87 -16.56 -13.35 55.68
N PHE D 88 -16.10 -14.58 55.34
CA PHE D 88 -16.87 -15.77 55.65
C PHE D 88 -16.44 -16.39 56.94
N GLY D 89 -15.18 -16.19 57.36
CA GLY D 89 -14.69 -16.64 58.63
C GLY D 89 -15.08 -15.70 59.74
N GLY D 90 -14.89 -14.38 59.51
CA GLY D 90 -15.05 -13.39 60.54
C GLY D 90 -16.40 -12.74 60.53
N PHE D 91 -16.70 -11.99 59.45
CA PHE D 91 -17.80 -11.04 59.37
C PHE D 91 -19.15 -11.66 59.56
N THR D 92 -19.41 -12.81 58.89
CA THR D 92 -20.67 -13.51 58.94
C THR D 92 -20.96 -14.05 60.33
N THR D 93 -19.97 -14.76 60.95
CA THR D 93 -20.00 -15.19 62.32
C THR D 93 -20.35 -14.07 63.28
N THR D 94 -19.63 -12.92 63.17
CA THR D 94 -19.81 -11.76 64.02
C THR D 94 -21.17 -11.12 63.87
N LEU D 95 -21.74 -11.15 62.65
CA LEU D 95 -23.08 -10.71 62.34
C LEU D 95 -24.11 -11.53 63.06
N TYR D 96 -23.94 -12.87 63.05
CA TYR D 96 -24.79 -13.83 63.73
C TYR D 96 -24.79 -13.59 65.23
N THR D 97 -23.58 -13.56 65.83
CA THR D 97 -23.36 -13.42 67.26
C THR D 97 -23.86 -12.11 67.83
N SER D 98 -23.59 -10.97 67.13
CA SER D 98 -23.98 -9.62 67.55
C SER D 98 -25.45 -9.46 67.87
N LEU D 99 -26.33 -10.20 67.18
CA LEU D 99 -27.77 -10.11 67.34
C LEU D 99 -28.25 -10.84 68.59
N HIS D 100 -27.43 -11.76 69.14
CA HIS D 100 -27.65 -12.35 70.46
C HIS D 100 -27.07 -11.46 71.52
N GLY D 101 -26.06 -10.63 71.16
CA GLY D 101 -25.41 -9.68 72.02
C GLY D 101 -24.22 -10.28 72.70
N TYR D 102 -23.87 -11.54 72.37
CA TYR D 102 -22.70 -12.17 72.93
C TYR D 102 -22.37 -13.29 71.98
N PHE D 103 -21.20 -13.92 72.20
CA PHE D 103 -20.64 -14.91 71.32
C PHE D 103 -21.25 -16.22 71.76
N VAL D 104 -22.03 -16.88 70.86
CA VAL D 104 -22.86 -18.00 71.24
C VAL D 104 -22.27 -19.31 70.77
N PHE D 105 -21.10 -19.29 70.09
CA PHE D 105 -20.48 -20.51 69.58
C PHE D 105 -19.47 -21.04 70.56
N GLY D 106 -19.25 -20.34 71.71
CA GLY D 106 -18.44 -20.85 72.78
C GLY D 106 -16.96 -20.71 72.50
N PRO D 107 -16.12 -21.14 73.46
CA PRO D 107 -14.66 -21.03 73.41
C PRO D 107 -14.05 -21.64 72.18
N THR D 108 -14.55 -22.82 71.72
CA THR D 108 -14.01 -23.51 70.57
C THR D 108 -14.32 -22.72 69.31
N GLY D 109 -15.59 -22.24 69.21
CA GLY D 109 -16.05 -21.34 68.18
C GLY D 109 -15.23 -20.07 68.07
N CYS D 110 -14.89 -19.47 69.23
CA CYS D 110 -14.05 -18.29 69.35
C CYS D 110 -12.67 -18.50 68.77
N ASN D 111 -12.08 -19.69 68.98
CA ASN D 111 -10.79 -20.06 68.47
C ASN D 111 -10.84 -20.24 66.98
N LEU D 112 -11.90 -20.90 66.45
CA LEU D 112 -12.15 -21.05 65.02
C LEU D 112 -12.33 -19.75 64.29
N GLU D 113 -13.33 -18.93 64.70
CA GLU D 113 -13.66 -17.64 64.12
C GLU D 113 -12.50 -16.68 64.15
N GLY D 114 -11.79 -16.65 65.30
CA GLY D 114 -10.63 -15.84 65.55
C GLY D 114 -9.48 -16.22 64.68
N PHE D 115 -9.36 -17.54 64.37
CA PHE D 115 -8.32 -18.09 63.53
C PHE D 115 -8.53 -17.64 62.11
N PHE D 116 -9.79 -17.75 61.59
CA PHE D 116 -10.09 -17.42 60.22
C PHE D 116 -9.97 -15.92 59.96
N ALA D 117 -10.42 -15.10 60.95
CA ALA D 117 -10.32 -13.66 60.90
C ALA D 117 -8.89 -13.18 60.86
N THR D 118 -8.04 -13.75 61.76
CA THR D 118 -6.63 -13.45 61.86
C THR D 118 -5.90 -13.88 60.62
N LEU D 119 -6.13 -15.14 60.15
CA LEU D 119 -5.56 -15.70 58.94
C LEU D 119 -5.76 -14.79 57.75
N GLY D 120 -7.05 -14.43 57.50
CA GLY D 120 -7.51 -13.48 56.51
C GLY D 120 -6.76 -12.19 56.54
N GLY D 121 -6.86 -11.46 57.69
CA GLY D 121 -6.24 -10.18 57.94
C GLY D 121 -4.74 -10.16 57.80
N GLU D 122 -4.06 -11.29 58.09
CA GLU D 122 -2.63 -11.40 58.05
C GLU D 122 -2.16 -11.64 56.64
N ILE D 123 -2.86 -12.50 55.86
CA ILE D 123 -2.57 -12.70 54.45
C ILE D 123 -2.72 -11.39 53.70
N ALA D 124 -3.78 -10.61 54.02
CA ALA D 124 -4.01 -9.27 53.49
C ALA D 124 -2.87 -8.34 53.80
N LEU D 125 -2.50 -8.22 55.11
CA LEU D 125 -1.40 -7.43 55.62
C LEU D 125 -0.12 -7.67 54.86
N TRP D 126 0.28 -8.96 54.77
CA TRP D 126 1.50 -9.39 54.12
C TRP D 126 1.46 -9.27 52.62
N SER D 127 0.25 -9.32 52.00
CA SER D 127 0.06 -9.03 50.59
C SER D 127 0.49 -7.63 50.30
N LEU D 128 -0.05 -6.63 51.04
CA LEU D 128 0.36 -5.23 50.94
C LEU D 128 1.84 -5.00 51.03
N VAL D 129 2.57 -5.83 51.83
CA VAL D 129 4.02 -5.77 51.98
C VAL D 129 4.66 -6.29 50.73
N VAL D 130 4.32 -7.54 50.31
CA VAL D 130 4.81 -8.19 49.10
C VAL D 130 4.64 -7.32 47.87
N LEU D 131 3.46 -6.68 47.72
CA LEU D 131 3.13 -5.77 46.64
C LEU D 131 4.07 -4.59 46.55
N ALA D 132 4.42 -3.99 47.71
CA ALA D 132 5.39 -2.91 47.81
C ALA D 132 6.77 -3.36 47.38
N ILE D 133 7.17 -4.59 47.79
CA ILE D 133 8.40 -5.24 47.40
C ILE D 133 8.44 -5.38 45.90
N GLU D 134 7.43 -6.03 45.27
CA GLU D 134 7.33 -6.23 43.84
C GLU D 134 7.45 -4.96 43.04
N ARG D 135 6.76 -3.87 43.48
CA ARG D 135 6.85 -2.58 42.83
C ARG D 135 8.24 -1.98 42.89
N TYR D 136 8.90 -2.11 44.07
CA TYR D 136 10.27 -1.68 44.26
C TYR D 136 11.26 -2.43 43.40
N VAL D 137 11.19 -3.78 43.36
CA VAL D 137 12.05 -4.62 42.56
C VAL D 137 11.95 -4.33 41.09
N VAL D 138 10.70 -4.31 40.57
CA VAL D 138 10.42 -4.12 39.16
C VAL D 138 10.83 -2.76 38.65
N VAL D 139 10.58 -1.67 39.43
CA VAL D 139 10.75 -0.33 38.90
C VAL D 139 12.11 0.22 39.23
N CYS D 140 12.56 0.11 40.50
CA CYS D 140 13.84 0.65 40.94
C CYS D 140 15.05 -0.13 40.51
N LYS D 141 14.88 -1.42 40.13
CA LYS D 141 15.94 -2.31 39.67
C LYS D 141 17.08 -2.44 40.68
N PRO D 142 16.87 -2.94 41.91
CA PRO D 142 17.90 -2.95 42.95
C PRO D 142 18.94 -3.99 42.65
N MET D 143 18.54 -5.14 42.05
CA MET D 143 19.41 -6.23 41.69
C MET D 143 19.97 -5.90 40.33
N SER D 144 20.98 -6.69 39.88
CA SER D 144 21.59 -6.53 38.58
C SER D 144 20.73 -7.29 37.61
N ASN D 145 19.62 -6.63 37.19
CA ASN D 145 18.62 -7.06 36.23
C ASN D 145 17.71 -8.07 36.88
N PHE D 146 16.41 -7.99 36.57
CA PHE D 146 15.46 -8.92 37.14
C PHE D 146 14.25 -8.82 36.26
N ARG D 147 13.38 -9.86 36.29
CA ARG D 147 12.15 -9.87 35.54
C ARG D 147 11.02 -10.08 36.50
N PHE D 148 11.33 -10.65 37.69
CA PHE D 148 10.39 -11.03 38.73
C PHE D 148 9.44 -12.05 38.16
N GLY D 149 10.01 -13.19 37.68
CA GLY D 149 9.32 -14.25 36.99
C GLY D 149 8.34 -14.98 37.88
N GLU D 150 7.65 -15.98 37.26
CA GLU D 150 6.62 -16.83 37.83
C GLU D 150 6.96 -17.42 39.17
N ASN D 151 8.21 -17.95 39.31
CA ASN D 151 8.69 -18.60 40.51
C ASN D 151 8.69 -17.68 41.71
N HIS D 152 9.14 -16.42 41.51
CA HIS D 152 9.21 -15.40 42.54
C HIS D 152 7.85 -15.02 43.04
N ALA D 153 6.88 -14.84 42.11
CA ALA D 153 5.48 -14.56 42.39
C ALA D 153 4.84 -15.56 43.32
N ILE D 154 5.05 -16.87 43.03
CA ILE D 154 4.54 -17.99 43.78
C ILE D 154 5.10 -17.99 45.19
N MET D 155 6.44 -17.80 45.31
CA MET D 155 7.15 -17.65 46.57
C MET D 155 6.58 -16.55 47.43
N GLY D 156 6.38 -15.35 46.83
CA GLY D 156 5.73 -14.20 47.43
C GLY D 156 4.37 -14.49 48.02
N VAL D 157 3.51 -15.23 47.27
CA VAL D 157 2.19 -15.65 47.67
C VAL D 157 2.26 -16.60 48.85
N ALA D 158 3.12 -17.64 48.72
CA ALA D 158 3.39 -18.62 49.75
C ALA D 158 3.85 -18.01 51.05
N PHE D 159 4.76 -17.00 50.97
CA PHE D 159 5.28 -16.23 52.09
C PHE D 159 4.22 -15.57 52.94
N THR D 160 3.13 -15.03 52.33
CA THR D 160 2.09 -14.33 53.06
C THR D 160 1.31 -15.33 53.88
N TRP D 161 1.01 -16.51 53.28
CA TRP D 161 0.35 -17.62 53.93
C TRP D 161 1.10 -18.09 55.14
N VAL D 162 2.43 -18.32 54.99
CA VAL D 162 3.32 -18.82 56.02
C VAL D 162 3.40 -17.88 57.20
N MET D 163 3.60 -16.57 56.95
CA MET D 163 3.61 -15.54 57.97
C MET D 163 2.30 -15.41 58.72
N ALA D 164 1.17 -15.66 58.02
CA ALA D 164 -0.14 -15.55 58.58
C ALA D 164 -0.41 -16.69 59.52
N LEU D 165 -0.07 -17.94 59.10
CA LEU D 165 -0.08 -19.11 59.94
C LEU D 165 0.81 -18.97 61.14
N ALA D 166 2.00 -18.34 60.98
CA ALA D 166 2.92 -17.98 62.04
C ALA D 166 2.34 -17.08 63.11
N CYS D 167 1.13 -16.51 62.89
CA CYS D 167 0.48 -15.59 63.79
C CYS D 167 -0.78 -16.23 64.29
N ALA D 168 -1.60 -16.78 63.38
CA ALA D 168 -2.90 -17.33 63.68
C ALA D 168 -2.83 -18.65 64.42
N ALA D 169 -1.78 -19.46 64.17
CA ALA D 169 -1.63 -20.78 64.76
C ALA D 169 -1.16 -20.75 66.21
N PRO D 170 -0.18 -19.97 66.69
CA PRO D 170 0.21 -19.91 68.09
C PRO D 170 -0.90 -19.80 69.12
N PRO D 171 -1.93 -18.93 69.10
CA PRO D 171 -2.96 -18.89 70.14
C PRO D 171 -3.81 -20.14 70.19
N LEU D 172 -3.73 -21.07 69.21
CA LEU D 172 -4.46 -22.31 69.25
C LEU D 172 -3.74 -23.37 70.04
N VAL D 173 -2.43 -23.18 70.34
CA VAL D 173 -1.63 -24.19 71.00
C VAL D 173 -1.17 -23.69 72.33
N GLY D 174 -1.36 -22.39 72.63
CA GLY D 174 -1.26 -21.88 73.98
C GLY D 174 -0.34 -20.72 74.10
N TRP D 175 0.25 -20.21 72.98
CA TRP D 175 1.08 -19.02 73.03
C TRP D 175 0.15 -17.90 72.66
N SER D 176 -0.31 -17.15 73.69
CA SER D 176 -1.47 -16.29 73.68
C SER D 176 -2.71 -17.13 73.49
N ARG D 177 -3.87 -16.48 73.23
CA ARG D 177 -5.13 -17.16 73.13
C ARG D 177 -6.06 -16.26 72.39
N TYR D 178 -7.14 -16.87 71.85
CA TYR D 178 -8.23 -16.13 71.28
C TYR D 178 -9.22 -15.96 72.40
N ILE D 179 -9.75 -14.74 72.50
CA ILE D 179 -10.74 -14.36 73.47
C ILE D 179 -11.50 -13.26 72.79
N PRO D 180 -12.79 -13.04 73.05
CA PRO D 180 -13.54 -11.93 72.50
C PRO D 180 -12.90 -10.58 72.67
N GLU D 181 -12.95 -9.73 71.62
CA GLU D 181 -12.52 -8.36 71.61
C GLU D 181 -13.76 -7.57 71.30
N GLY D 182 -13.66 -6.22 71.33
CA GLY D 182 -14.75 -5.33 70.98
C GLY D 182 -15.90 -5.43 71.94
N MET D 183 -17.13 -5.63 71.40
CA MET D 183 -18.33 -5.70 72.18
C MET D 183 -18.63 -7.15 72.53
N GLN D 184 -17.67 -8.05 72.23
CA GLN D 184 -17.59 -9.42 72.68
C GLN D 184 -18.25 -10.35 71.71
N CYS D 185 -18.27 -9.98 70.41
CA CYS D 185 -18.94 -10.76 69.39
C CYS D 185 -17.98 -11.08 68.29
N SER D 186 -16.69 -10.71 68.43
CA SER D 186 -15.66 -11.20 67.54
C SER D 186 -14.51 -11.47 68.45
N CYS D 187 -13.63 -12.40 68.04
CA CYS D 187 -12.49 -12.86 68.79
C CYS D 187 -11.24 -12.41 68.14
N GLY D 188 -10.32 -11.79 68.92
CA GLY D 188 -9.00 -11.47 68.42
C GLY D 188 -8.04 -12.13 69.34
N ILE D 189 -6.75 -11.76 69.22
CA ILE D 189 -5.66 -12.19 70.05
C ILE D 189 -5.61 -11.40 71.31
N ASP D 190 -5.34 -12.07 72.47
CA ASP D 190 -5.27 -11.40 73.74
C ASP D 190 -3.92 -10.70 73.82
N TYR D 191 -3.94 -9.35 73.72
CA TYR D 191 -2.76 -8.52 73.64
C TYR D 191 -2.77 -7.55 74.80
N TYR D 192 -3.77 -7.68 75.69
CA TYR D 192 -4.07 -6.73 76.72
C TYR D 192 -3.22 -7.04 77.93
N THR D 193 -3.80 -7.80 78.90
CA THR D 193 -3.16 -8.22 80.12
C THR D 193 -2.03 -9.18 79.82
N PRO D 194 -0.98 -9.26 80.64
CA PRO D 194 0.08 -10.24 80.44
C PRO D 194 -0.34 -11.49 81.18
N HIS D 195 -1.37 -12.21 80.66
CA HIS D 195 -1.95 -13.38 81.26
C HIS D 195 -0.95 -14.49 81.18
N GLU D 196 -0.38 -14.86 82.35
CA GLU D 196 0.79 -15.68 82.51
C GLU D 196 0.66 -17.06 81.92
N GLU D 197 -0.54 -17.69 82.11
CA GLU D 197 -0.84 -19.05 81.68
C GLU D 197 -0.70 -19.28 80.19
N THR D 198 -0.68 -18.20 79.38
CA THR D 198 -0.58 -18.29 77.94
C THR D 198 0.61 -17.51 77.43
N ASN D 199 1.30 -16.74 78.31
CA ASN D 199 2.54 -16.05 78.01
C ASN D 199 2.32 -14.93 77.01
N ASN D 200 1.26 -14.12 77.25
CA ASN D 200 0.83 -12.99 76.43
C ASN D 200 1.92 -12.00 76.16
N GLU D 201 2.75 -11.67 77.17
CA GLU D 201 3.75 -10.61 77.11
C GLU D 201 4.74 -10.76 75.98
N SER D 202 5.35 -11.96 75.85
CA SER D 202 6.28 -12.28 74.78
C SER D 202 5.62 -12.24 73.42
N PHE D 203 4.34 -12.71 73.34
CA PHE D 203 3.55 -12.69 72.13
C PHE D 203 3.31 -11.27 71.65
N VAL D 204 2.97 -10.32 72.56
CA VAL D 204 2.72 -8.93 72.24
C VAL D 204 3.93 -8.26 71.65
N ILE D 205 5.14 -8.57 72.18
CA ILE D 205 6.40 -8.07 71.66
C ILE D 205 6.64 -8.62 70.27
N TYR D 206 6.47 -9.96 70.09
CA TYR D 206 6.59 -10.64 68.82
C TYR D 206 5.69 -10.05 67.74
N MET D 207 4.39 -9.87 68.05
CA MET D 207 3.40 -9.24 67.22
C MET D 207 3.76 -7.85 66.78
N PHE D 208 4.11 -6.98 67.75
CA PHE D 208 4.46 -5.60 67.49
C PHE D 208 5.66 -5.48 66.58
N VAL D 209 6.71 -6.30 66.81
CA VAL D 209 7.93 -6.23 66.03
C VAL D 209 7.76 -6.86 64.67
N VAL D 210 7.42 -8.17 64.61
CA VAL D 210 7.46 -8.93 63.38
C VAL D 210 6.33 -8.60 62.45
N HIS D 211 5.13 -8.29 62.99
CA HIS D 211 3.94 -8.13 62.21
C HIS D 211 3.48 -6.70 62.08
N PHE D 212 4.15 -5.71 62.72
CA PHE D 212 3.84 -4.31 62.45
C PHE D 212 5.07 -3.57 62.03
N ILE D 213 6.13 -3.53 62.89
CA ILE D 213 7.33 -2.74 62.64
C ILE D 213 8.04 -3.13 61.37
N ILE D 214 8.38 -4.44 61.18
CA ILE D 214 8.93 -4.99 59.95
C ILE D 214 8.14 -4.55 58.72
N PRO D 215 6.84 -4.89 58.52
CA PRO D 215 5.99 -4.37 57.46
C PRO D 215 6.07 -2.87 57.22
N LEU D 216 5.96 -2.06 58.30
CA LEU D 216 6.00 -0.61 58.27
C LEU D 216 7.28 -0.10 57.68
N ILE D 217 8.43 -0.68 58.11
CA ILE D 217 9.75 -0.34 57.60
C ILE D 217 9.87 -0.68 56.14
N VAL D 218 9.50 -1.93 55.74
CA VAL D 218 9.58 -2.41 54.38
C VAL D 218 8.80 -1.56 53.40
N ILE D 219 7.53 -1.23 53.74
CA ILE D 219 6.64 -0.38 52.98
C ILE D 219 7.23 1.01 52.75
N PHE D 220 7.74 1.64 53.83
CA PHE D 220 8.33 2.97 53.78
C PHE D 220 9.55 3.03 52.91
N PHE D 221 10.43 2.01 53.03
CA PHE D 221 11.63 1.84 52.24
C PHE D 221 11.33 1.78 50.77
N CYS D 222 10.56 0.75 50.34
CA CYS D 222 10.15 0.46 48.99
C CYS D 222 9.56 1.64 48.27
N TYR D 223 8.51 2.29 48.88
CA TYR D 223 7.85 3.41 48.26
C TYR D 223 8.69 4.66 48.27
N GLY D 224 9.58 4.83 49.30
CA GLY D 224 10.57 5.87 49.33
C GLY D 224 11.51 5.82 48.15
N GLN D 225 12.08 4.62 47.88
CA GLN D 225 12.85 4.29 46.70
C GLN D 225 12.12 4.64 45.43
N LEU D 226 10.85 4.18 45.29
CA LEU D 226 10.00 4.43 44.14
C LEU D 226 9.84 5.91 43.85
N VAL D 227 9.54 6.74 44.89
CA VAL D 227 9.41 8.18 44.78
C VAL D 227 10.72 8.83 44.36
N PHE D 228 11.86 8.32 44.87
CA PHE D 228 13.19 8.76 44.49
C PHE D 228 13.44 8.55 43.02
N THR D 229 13.30 7.28 42.54
CA THR D 229 13.39 6.86 41.16
C THR D 229 12.59 7.74 40.21
N VAL D 230 11.30 8.00 40.56
CA VAL D 230 10.37 8.77 39.75
C VAL D 230 10.75 10.23 39.70
N LYS D 231 11.27 10.79 40.82
CA LYS D 231 11.83 12.14 40.89
C LYS D 231 13.00 12.31 39.96
N GLU D 232 13.93 11.33 39.95
CA GLU D 232 15.08 11.29 39.08
C GLU D 232 14.65 11.27 37.63
N ALA D 233 13.76 10.32 37.26
CA ALA D 233 13.18 10.17 35.92
C ALA D 233 12.59 11.45 35.36
N ALA D 234 11.82 12.19 36.22
CA ALA D 234 11.16 13.43 35.91
C ALA D 234 12.16 14.52 35.68
N ALA D 235 13.23 14.58 36.49
CA ALA D 235 14.34 15.50 36.37
C ALA D 235 15.07 15.36 35.05
N GLN D 236 15.22 14.11 34.56
CA GLN D 236 15.91 13.81 33.32
C GLN D 236 15.03 13.97 32.09
N GLN D 237 13.80 14.53 32.23
CA GLN D 237 12.91 14.67 31.12
C GLN D 237 11.73 15.44 31.64
N GLN D 238 11.72 16.76 31.36
CA GLN D 238 10.72 17.67 31.86
C GLN D 238 10.01 18.25 30.67
N GLU D 239 10.47 17.90 29.44
CA GLU D 239 9.89 18.28 28.17
C GLU D 239 8.49 17.76 27.98
N SER D 240 8.22 16.50 28.38
CA SER D 240 6.91 15.90 28.21
C SER D 240 6.01 16.26 29.36
N ALA D 241 4.72 16.54 29.03
CA ALA D 241 3.63 16.80 29.94
C ALA D 241 3.41 15.60 30.85
N THR D 242 3.45 14.41 30.22
CA THR D 242 3.26 13.10 30.80
C THR D 242 4.14 12.88 32.00
N THR D 243 5.47 13.09 31.89
CA THR D 243 6.41 12.89 32.99
C THR D 243 6.11 13.76 34.20
N GLN D 244 5.63 15.01 33.98
CA GLN D 244 5.21 15.93 35.03
C GLN D 244 3.98 15.47 35.76
N LYS D 245 3.00 14.91 35.00
CA LYS D 245 1.78 14.34 35.51
C LYS D 245 2.09 13.15 36.38
N ALA D 246 2.96 12.25 35.86
CA ALA D 246 3.47 11.07 36.51
C ALA D 246 4.07 11.38 37.86
N GLU D 247 4.86 12.46 37.97
CA GLU D 247 5.50 12.87 39.20
C GLU D 247 4.50 13.22 40.28
N LYS D 248 3.43 13.94 39.89
CA LYS D 248 2.34 14.32 40.77
C LYS D 248 1.55 13.13 41.21
N GLU D 249 1.21 12.23 40.25
CA GLU D 249 0.47 11.02 40.49
C GLU D 249 1.20 10.07 41.40
N VAL D 250 2.50 9.81 41.17
CA VAL D 250 3.32 8.94 41.98
C VAL D 250 3.42 9.39 43.41
N THR D 251 3.57 10.72 43.64
CA THR D 251 3.59 11.25 44.99
C THR D 251 2.25 11.03 45.69
N ARG D 252 1.13 11.31 44.97
CA ARG D 252 -0.21 11.10 45.47
C ARG D 252 -0.51 9.66 45.87
N MET D 253 -0.30 8.71 44.93
CA MET D 253 -0.42 7.29 45.11
C MET D 253 0.35 6.73 46.27
N VAL D 254 1.63 7.14 46.44
CA VAL D 254 2.49 6.64 47.50
C VAL D 254 1.98 7.07 48.86
N ILE D 255 1.43 8.30 48.95
CA ILE D 255 0.80 8.80 50.16
C ILE D 255 -0.44 7.98 50.49
N ILE D 256 -1.27 7.66 49.47
CA ILE D 256 -2.45 6.81 49.62
C ILE D 256 -2.10 5.42 50.09
N MET D 257 -1.08 4.78 49.48
CA MET D 257 -0.60 3.46 49.80
C MET D 257 -0.07 3.31 51.20
N VAL D 258 0.69 4.34 51.67
CA VAL D 258 1.31 4.34 52.97
C VAL D 258 0.23 4.50 54.02
N ILE D 259 -0.63 5.54 53.88
CA ILE D 259 -1.79 5.79 54.72
C ILE D 259 -2.71 4.59 54.85
N ALA D 260 -2.96 3.82 53.76
CA ALA D 260 -3.86 2.69 53.83
C ALA D 260 -3.35 1.56 54.70
N PHE D 261 -2.01 1.32 54.70
CA PHE D 261 -1.40 0.36 55.60
C PHE D 261 -1.44 0.84 57.03
N LEU D 262 -1.19 2.17 57.24
CA LEU D 262 -1.17 2.77 58.55
C LEU D 262 -2.51 2.68 59.21
N ILE D 263 -3.59 3.20 58.57
CA ILE D 263 -4.95 3.13 59.03
C ILE D 263 -5.36 1.73 59.41
N CYS D 264 -4.95 0.71 58.61
CA CYS D 264 -5.37 -0.65 58.87
C CYS D 264 -4.76 -1.27 60.11
N TRP D 265 -3.45 -1.06 60.40
CA TRP D 265 -2.79 -1.78 61.49
C TRP D 265 -2.28 -0.94 62.62
N LEU D 266 -2.09 0.39 62.42
CA LEU D 266 -1.67 1.33 63.43
C LEU D 266 -2.58 1.38 64.64
N PRO D 267 -3.93 1.41 64.57
CA PRO D 267 -4.80 1.39 65.73
C PRO D 267 -4.54 0.25 66.68
N TYR D 268 -4.48 -1.01 66.17
CA TYR D 268 -4.13 -2.18 66.95
C TYR D 268 -2.79 -2.06 67.62
N ALA D 269 -1.76 -1.61 66.86
CA ALA D 269 -0.42 -1.46 67.35
C ALA D 269 -0.31 -0.42 68.42
N GLY D 270 -0.89 0.79 68.16
CA GLY D 270 -0.93 1.89 69.09
C GLY D 270 -1.56 1.57 70.41
N VAL D 271 -2.83 1.05 70.38
CA VAL D 271 -3.57 0.63 71.55
C VAL D 271 -2.86 -0.44 72.34
N ALA D 272 -2.44 -1.55 71.67
CA ALA D 272 -1.72 -2.65 72.29
C ALA D 272 -0.45 -2.23 72.99
N PHE D 273 0.34 -1.33 72.35
CA PHE D 273 1.59 -0.84 72.86
C PHE D 273 1.39 0.00 74.10
N TYR D 274 0.40 0.92 74.07
CA TYR D 274 0.12 1.82 75.17
C TYR D 274 -0.26 1.07 76.43
N ILE D 275 -1.19 0.09 76.31
CA ILE D 275 -1.63 -0.76 77.40
C ILE D 275 -0.50 -1.59 77.97
N PHE D 276 0.44 -2.05 77.11
CA PHE D 276 1.59 -2.83 77.53
C PHE D 276 2.58 -2.01 78.32
N THR D 277 2.86 -0.77 77.86
CA THR D 277 3.80 0.15 78.47
C THR D 277 3.25 0.73 79.76
N HIS D 278 1.92 0.93 79.80
CA HIS D 278 1.22 1.53 80.91
C HIS D 278 0.21 0.52 81.35
N GLN D 279 0.68 -0.58 81.99
CA GLN D 279 -0.16 -1.69 82.39
C GLN D 279 -1.12 -1.25 83.46
N GLY D 280 -2.42 -1.58 83.26
CA GLY D 280 -3.49 -1.22 84.16
C GLY D 280 -4.31 -0.10 83.60
N SER D 281 -4.09 0.28 82.32
CA SER D 281 -4.86 1.32 81.66
C SER D 281 -6.09 0.69 81.08
N ASP D 282 -7.27 1.08 81.62
CA ASP D 282 -8.56 0.61 81.19
C ASP D 282 -9.13 1.58 80.21
N PHE D 283 -9.55 1.06 79.03
CA PHE D 283 -10.28 1.79 78.04
C PHE D 283 -11.45 0.88 77.76
N GLY D 284 -12.60 1.47 77.34
CA GLY D 284 -13.85 0.78 77.17
C GLY D 284 -13.81 -0.32 76.13
N PRO D 285 -14.82 -1.18 76.07
CA PRO D 285 -14.91 -2.27 75.12
C PRO D 285 -15.27 -1.73 73.75
N ILE D 286 -16.05 -0.62 73.71
CA ILE D 286 -16.50 0.08 72.54
C ILE D 286 -15.30 0.62 71.80
N PHE D 287 -14.34 1.19 72.57
CA PHE D 287 -13.06 1.68 72.11
C PHE D 287 -12.23 0.62 71.41
N MET D 288 -12.32 -0.66 71.86
CA MET D 288 -11.60 -1.77 71.27
C MET D 288 -12.22 -2.26 69.98
N THR D 289 -13.42 -1.73 69.62
CA THR D 289 -14.09 -2.09 68.38
C THR D 289 -13.58 -1.15 67.31
N ILE D 290 -13.06 0.03 67.71
CA ILE D 290 -12.48 1.02 66.81
C ILE D 290 -11.32 0.47 65.96
N PRO D 291 -10.26 -0.17 66.49
CA PRO D 291 -9.23 -0.83 65.69
C PRO D 291 -9.74 -1.86 64.73
N ALA D 292 -10.83 -2.58 65.08
CA ALA D 292 -11.41 -3.61 64.25
C ALA D 292 -12.09 -3.00 63.06
N PHE D 293 -12.77 -1.85 63.26
CA PHE D 293 -13.46 -1.10 62.23
C PHE D 293 -12.49 -0.70 61.14
N PHE D 294 -11.34 -0.11 61.54
CA PHE D 294 -10.29 0.31 60.63
C PHE D 294 -9.69 -0.83 59.86
N ALA D 295 -9.38 -1.95 60.55
CA ALA D 295 -8.76 -3.10 59.94
C ALA D 295 -9.68 -3.76 58.95
N LYS D 296 -10.94 -4.04 59.35
CA LYS D 296 -11.94 -4.72 58.56
C LYS D 296 -12.33 -4.00 57.29
N THR D 297 -12.32 -2.64 57.31
CA THR D 297 -12.68 -1.83 56.15
C THR D 297 -11.66 -1.96 55.04
N SER D 298 -10.42 -2.46 55.33
CA SER D 298 -9.40 -2.66 54.31
C SER D 298 -9.78 -3.73 53.33
N ALA D 299 -10.78 -4.58 53.67
CA ALA D 299 -11.33 -5.57 52.76
C ALA D 299 -12.05 -4.92 51.60
N VAL D 300 -12.45 -3.63 51.75
CA VAL D 300 -13.05 -2.84 50.71
C VAL D 300 -12.01 -1.96 50.07
N TYR D 301 -11.22 -1.16 50.84
CA TYR D 301 -10.40 -0.14 50.24
C TYR D 301 -9.14 -0.66 49.57
N ASN D 302 -8.54 -1.77 50.06
CA ASN D 302 -7.41 -2.39 49.39
C ASN D 302 -7.68 -2.78 47.94
N PRO D 303 -8.72 -3.54 47.56
CA PRO D 303 -9.01 -3.81 46.17
C PRO D 303 -9.39 -2.58 45.38
N VAL D 304 -9.98 -1.53 45.99
CA VAL D 304 -10.25 -0.29 45.29
C VAL D 304 -8.96 0.34 44.80
N ILE D 305 -7.97 0.51 45.71
CA ILE D 305 -6.67 1.07 45.42
C ILE D 305 -5.88 0.22 44.44
N TYR D 306 -5.80 -1.11 44.70
CA TYR D 306 -4.83 -1.99 44.07
C TYR D 306 -5.31 -2.69 42.84
N ILE D 307 -6.62 -2.59 42.48
CA ILE D 307 -7.18 -3.30 41.36
C ILE D 307 -7.82 -2.29 40.46
N MET D 308 -8.88 -1.58 40.94
CA MET D 308 -9.69 -0.69 40.13
C MET D 308 -8.88 0.38 39.45
N MET D 309 -7.89 0.97 40.16
CA MET D 309 -7.00 1.98 39.64
C MET D 309 -6.05 1.34 38.65
N ASN D 310 -5.72 2.10 37.57
CA ASN D 310 -4.79 1.80 36.52
C ASN D 310 -5.54 1.35 35.30
N LYS D 311 -5.10 1.88 34.14
CA LYS D 311 -5.61 1.75 32.79
C LYS D 311 -6.02 0.37 32.35
N GLN D 312 -5.17 -0.65 32.59
CA GLN D 312 -5.36 -2.01 32.12
C GLN D 312 -6.61 -2.63 32.69
N PHE D 313 -6.73 -2.65 34.04
CA PHE D 313 -7.88 -3.14 34.78
C PHE D 313 -9.16 -2.48 34.33
N ARG D 314 -9.12 -1.14 34.16
CA ARG D 314 -10.21 -0.30 33.70
C ARG D 314 -10.80 -0.79 32.39
N ASN D 315 -9.95 -0.92 31.34
CA ASN D 315 -10.30 -1.43 30.03
C ASN D 315 -11.01 -2.76 30.10
N CYS D 316 -10.41 -3.75 30.82
CA CYS D 316 -10.98 -5.07 31.06
C CYS D 316 -12.33 -5.03 31.73
N MET D 317 -12.50 -4.16 32.76
CA MET D 317 -13.77 -3.94 33.43
C MET D 317 -14.84 -3.38 32.52
N VAL D 318 -14.49 -2.42 31.64
CA VAL D 318 -15.38 -1.83 30.67
C VAL D 318 -15.84 -2.89 29.70
N THR D 319 -14.90 -3.72 29.19
CA THR D 319 -15.19 -4.87 28.34
C THR D 319 -16.18 -5.81 28.98
N THR D 320 -15.99 -6.15 30.28
CA THR D 320 -16.81 -7.10 31.01
C THR D 320 -18.19 -6.53 31.27
N LEU D 321 -18.28 -5.21 31.58
CA LEU D 321 -19.54 -4.52 31.79
C LEU D 321 -20.34 -4.39 30.52
N CYS D 322 -19.65 -4.28 29.36
CA CYS D 322 -20.25 -4.25 28.04
C CYS D 322 -20.17 -5.65 27.47
N CYS D 323 -20.62 -6.65 28.27
CA CYS D 323 -20.84 -8.03 27.91
C CYS D 323 -19.55 -8.79 27.92
N GLY D 324 -19.41 -9.70 28.90
CA GLY D 324 -18.21 -10.49 29.04
C GLY D 324 -18.43 -11.35 30.25
N1 SGV E . 13.25 -2.28 17.70
C2 SGV E . 12.26 -1.51 18.21
N3 SGV E . 10.92 -1.75 18.21
C4 SGV E . 10.61 -2.91 17.59
C5 SGV E . 11.51 -3.81 17.01
C6 SGV E . 12.89 -3.46 17.10
N6 SGV E . 13.90 -4.28 16.59
C7 SGV E . 10.72 -4.90 16.49
C8 SGV E . 9.40 -4.59 16.75
N9 SGV E . 9.34 -3.41 17.45
C1' SGV E . 8.14 -2.76 17.97
C10 SGV E . 11.17 -6.09 15.78
N11 SGV E . 10.30 -7.14 15.82
O12 SGV E . 12.25 -6.15 15.22
C2' SGV E . 7.48 -1.88 16.96
O2' SGV E . 8.10 -0.59 16.90
C3' SGV E . 6.06 -1.84 17.44
O3' SGV E . 5.91 -0.99 18.58
C4' SGV E . 5.87 -3.27 17.93
O4' SGV E . 7.16 -3.76 18.31
C5' SGV E . 5.35 -4.15 16.81
O5' SGV E . 4.03 -3.77 16.48
C1 RET F . -0.18 -5.62 65.42
C2 RET F . 0.78 -4.80 66.31
C3 RET F . 0.92 -5.35 67.71
C4 RET F . -0.44 -5.36 68.38
C5 RET F . -1.44 -6.18 67.58
C6 RET F . -1.33 -6.30 66.22
C7 RET F . -2.26 -7.07 65.36
C8 RET F . -3.58 -7.23 65.55
C9 RET F . -4.44 -7.95 64.63
C10 RET F . -5.79 -7.87 64.78
C11 RET F . -6.75 -8.41 63.89
C12 RET F . -8.09 -8.20 64.07
C13 RET F . -9.10 -8.58 63.18
C14 RET F . -10.42 -8.18 63.46
C15 RET F . -11.48 -8.38 62.62
C16 RET F . 0.67 -6.67 64.68
C17 RET F . -0.77 -4.65 64.37
C18 RET F . -2.54 -6.82 68.42
C19 RET F . -3.82 -8.76 63.48
C20 RET F . -8.75 -9.38 61.93
N LEU A 6 -1.11 5.06 35.36
CA LEU A 6 -0.68 5.06 36.72
C LEU A 6 0.64 4.38 36.77
N GLU A 7 0.66 3.06 37.11
CA GLU A 7 1.83 2.21 37.13
C GLU A 7 2.43 2.04 35.75
N THR A 8 1.58 2.01 34.70
CA THR A 8 2.04 2.00 33.33
C THR A 8 2.82 3.23 32.96
N VAL A 9 2.39 4.42 33.45
CA VAL A 9 3.14 5.64 33.32
C VAL A 9 4.45 5.61 34.09
N VAL A 10 4.49 4.97 35.29
CA VAL A 10 5.69 4.75 36.07
C VAL A 10 6.68 3.91 35.31
N ALA A 11 6.19 2.84 34.64
CA ALA A 11 7.01 1.99 33.82
C ALA A 11 7.56 2.73 32.62
N ASN A 12 6.74 3.63 32.01
CA ASN A 12 7.13 4.50 30.93
C ASN A 12 8.17 5.51 31.38
N SER A 13 8.01 6.06 32.60
CA SER A 13 8.98 6.94 33.20
C SER A 13 10.28 6.25 33.45
N ALA A 14 10.25 4.98 33.93
CA ALA A 14 11.43 4.17 34.12
C ALA A 14 12.15 3.89 32.81
N PHE A 15 11.38 3.74 31.70
CA PHE A 15 11.90 3.56 30.37
C PHE A 15 12.68 4.78 29.94
N ILE A 16 12.13 6.00 30.20
CA ILE A 16 12.78 7.26 29.93
C ILE A 16 14.08 7.36 30.72
N ALA A 17 14.07 6.87 31.98
CA ALA A 17 15.21 6.89 32.87
C ALA A 17 16.33 6.03 32.32
N ALA A 18 15.99 4.82 31.83
CA ALA A 18 16.91 3.87 31.23
C ALA A 18 17.53 4.40 29.97
N ARG A 19 16.72 5.09 29.14
CA ARG A 19 17.09 5.71 27.89
C ARG A 19 18.14 6.75 28.12
N GLY A 20 17.96 7.54 29.21
CA GLY A 20 18.83 8.61 29.64
C GLY A 20 20.20 8.10 29.97
N SER A 21 20.26 6.97 30.71
CA SER A 21 21.48 6.28 31.06
C SER A 21 22.17 5.74 29.82
N PHE A 22 21.38 5.16 28.88
CA PHE A 22 21.85 4.61 27.63
C PHE A 22 22.44 5.70 26.73
N ASP A 23 21.74 6.86 26.65
CA ASP A 23 22.15 8.02 25.87
C ASP A 23 23.43 8.60 26.40
N ALA A 24 23.56 8.64 27.74
CA ALA A 24 24.76 9.10 28.42
C ALA A 24 25.67 7.93 28.64
N MET A 182 22.42 -15.14 28.19
CA MET A 182 21.32 -14.29 27.86
C MET A 182 20.06 -15.09 27.99
N GLY A 183 19.00 -14.47 28.54
CA GLY A 183 18.29 -15.08 29.63
C GLY A 183 17.67 -13.99 30.43
N GLU A 184 17.30 -14.30 31.70
CA GLU A 184 16.60 -13.39 32.56
C GLU A 184 17.58 -12.67 33.43
N ASP A 185 18.87 -13.06 33.35
CA ASP A 185 19.93 -12.62 34.24
C ASP A 185 20.71 -11.60 33.45
N TRP A 186 20.06 -10.95 32.46
CA TRP A 186 20.73 -10.21 31.43
C TRP A 186 19.78 -9.21 30.85
N PHE A 187 18.47 -9.26 31.22
CA PHE A 187 17.57 -8.26 30.74
C PHE A 187 16.63 -7.79 31.80
N LEU A 188 16.63 -6.44 31.96
CA LEU A 188 15.74 -5.62 32.76
C LEU A 188 14.52 -5.45 31.92
N ASP A 189 13.30 -5.57 32.48
CA ASP A 189 12.12 -5.55 31.66
C ASP A 189 11.50 -4.22 31.91
N PHE A 190 11.00 -3.58 30.83
CA PHE A 190 10.25 -2.36 30.90
C PHE A 190 8.93 -2.69 30.26
N ARG A 191 8.13 -1.63 30.03
CA ARG A 191 6.87 -1.65 29.31
C ARG A 191 6.95 -2.27 27.94
N VAL A 192 5.83 -2.91 27.52
CA VAL A 192 5.65 -3.40 26.18
C VAL A 192 5.51 -2.22 25.27
N LEU A 193 5.80 -2.45 23.98
CA LEU A 193 5.90 -1.42 22.97
C LEU A 193 4.83 -1.73 21.96
N GLY A 194 4.15 -2.88 22.14
CA GLY A 194 3.08 -3.32 21.30
C GLY A 194 2.88 -4.74 21.68
N ARG A 195 1.79 -5.35 21.16
CA ARG A 195 1.55 -6.76 21.32
C ARG A 195 1.56 -7.24 19.90
N GLY A 196 2.64 -8.00 19.56
CA GLY A 196 2.87 -8.69 18.30
C GLY A 196 1.86 -9.76 17.98
N GLY A 197 2.24 -10.67 17.05
CA GLY A 197 1.40 -11.75 16.58
C GLY A 197 1.19 -12.84 17.59
N PHE A 198 2.24 -13.21 18.35
CA PHE A 198 2.21 -14.39 19.19
C PHE A 198 2.51 -14.01 20.61
N GLY A 199 2.71 -12.71 20.91
CA GLY A 199 2.93 -12.28 22.27
C GLY A 199 3.44 -10.89 22.23
N GLU A 200 3.83 -10.37 23.41
CA GLU A 200 4.25 -9.01 23.63
C GLU A 200 5.65 -8.80 23.10
N VAL A 201 5.99 -7.53 22.77
CA VAL A 201 7.30 -7.14 22.33
C VAL A 201 7.64 -5.95 23.19
N PHE A 202 8.57 -6.11 24.16
CA PHE A 202 8.91 -5.10 25.14
C PHE A 202 10.32 -4.66 24.96
N ALA A 203 10.59 -3.42 25.44
CA ALA A 203 11.93 -2.91 25.60
C ALA A 203 12.58 -3.55 26.78
N CYS A 204 13.93 -3.58 26.79
CA CYS A 204 14.69 -4.28 27.79
C CYS A 204 16.09 -3.74 27.73
N GLN A 205 16.93 -4.05 28.76
CA GLN A 205 18.23 -3.43 28.91
C GLN A 205 19.20 -4.41 29.51
N MET A 206 20.41 -4.45 28.91
CA MET A 206 21.58 -5.19 29.26
C MET A 206 22.19 -4.90 30.60
N LYS A 207 22.43 -5.99 31.38
CA LYS A 207 23.00 -5.98 32.71
C LYS A 207 24.35 -5.31 32.75
N ALA A 208 25.24 -5.64 31.78
CA ALA A 208 26.63 -5.27 31.84
C ALA A 208 26.99 -4.26 30.79
N THR A 209 26.04 -3.86 29.92
CA THR A 209 26.35 -3.05 28.75
C THR A 209 25.55 -1.79 28.86
N GLY A 210 24.28 -1.91 29.34
CA GLY A 210 23.41 -0.78 29.58
C GLY A 210 22.88 -0.28 28.27
N LYS A 211 22.60 -1.23 27.35
CA LYS A 211 22.18 -0.98 26.00
C LYS A 211 20.80 -1.54 25.86
N LEU A 212 19.96 -0.86 25.05
CA LEU A 212 18.57 -1.20 24.86
C LEU A 212 18.44 -2.14 23.70
N TYR A 213 17.54 -3.12 23.85
CA TYR A 213 17.26 -4.11 22.84
C TYR A 213 15.76 -4.26 22.86
N ALA A 214 15.16 -4.66 21.71
CA ALA A 214 13.82 -5.18 21.71
C ALA A 214 13.85 -6.66 21.89
N CYS A 215 12.86 -7.17 22.67
CA CYS A 215 12.68 -8.56 22.97
C CYS A 215 11.32 -8.89 22.46
N LYS A 216 11.27 -9.54 21.28
CA LYS A 216 10.07 -10.11 20.72
C LYS A 216 9.82 -11.42 21.41
N LYS A 217 8.83 -11.42 22.33
CA LYS A 217 8.36 -12.59 23.03
C LYS A 217 7.27 -13.22 22.22
N LEU A 218 7.30 -14.56 22.14
CA LEU A 218 6.23 -15.32 21.58
C LEU A 218 5.86 -16.17 22.75
N ASN A 219 4.75 -15.79 23.43
CA ASN A 219 4.23 -16.43 24.61
C ASN A 219 3.80 -17.85 24.32
N LYS A 220 4.22 -18.81 25.18
CA LYS A 220 3.94 -20.22 25.05
C LYS A 220 2.49 -20.58 25.03
N LYS A 221 1.66 -19.88 25.85
CA LYS A 221 0.22 -20.09 25.90
C LYS A 221 -0.42 -19.71 24.60
N ARG A 222 -0.15 -18.45 24.14
CA ARG A 222 -0.67 -17.89 22.91
C ARG A 222 -0.25 -18.67 21.68
N LEU A 223 0.97 -19.27 21.71
CA LEU A 223 1.50 -20.16 20.70
C LEU A 223 0.65 -21.39 20.57
N LYS A 224 0.29 -22.05 21.70
CA LYS A 224 -0.54 -23.23 21.73
C LYS A 224 -1.92 -22.98 21.19
N LYS A 225 -2.53 -21.82 21.55
CA LYS A 225 -3.85 -21.42 21.12
C LYS A 225 -3.95 -21.28 19.62
N ARG A 226 -3.01 -20.49 19.04
CA ARG A 226 -2.95 -20.19 17.61
C ARG A 226 -2.29 -21.28 16.80
N LYS A 227 -1.63 -22.26 17.45
CA LYS A 227 -0.77 -23.26 16.84
C LYS A 227 0.28 -22.64 15.95
N GLY A 228 1.03 -21.66 16.53
CA GLY A 228 1.89 -20.75 15.81
C GLY A 228 3.32 -21.19 15.79
N TYR A 229 3.57 -22.53 15.80
CA TYR A 229 4.90 -23.08 15.93
C TYR A 229 5.68 -22.93 14.66
N GLN A 230 5.02 -23.08 13.48
CA GLN A 230 5.64 -22.94 12.18
C GLN A 230 6.12 -21.52 11.96
N GLY A 231 5.25 -20.52 12.29
CA GLY A 231 5.47 -19.11 12.06
C GLY A 231 6.66 -18.60 12.82
N ALA A 232 6.87 -19.15 14.03
CA ALA A 232 7.95 -18.82 14.93
C ALA A 232 9.28 -19.24 14.35
N MET A 233 9.35 -20.50 13.87
CA MET A 233 10.54 -21.14 13.35
C MET A 233 11.07 -20.44 12.11
N VAL A 234 10.13 -19.91 11.29
CA VAL A 234 10.39 -19.23 10.05
C VAL A 234 11.08 -17.92 10.36
N GLU A 235 10.49 -17.14 11.29
CA GLU A 235 10.97 -15.83 11.70
C GLU A 235 12.37 -15.87 12.24
N LYS A 236 12.72 -16.93 13.02
CA LYS A 236 14.05 -17.14 13.54
C LYS A 236 15.05 -17.35 12.45
N LYS A 237 14.90 -18.48 11.71
CA LYS A 237 15.85 -18.94 10.72
C LYS A 237 16.14 -17.94 9.63
N ILE A 238 15.11 -17.21 9.17
CA ILE A 238 15.22 -16.20 8.15
C ILE A 238 15.96 -14.99 8.67
N LEU A 239 15.48 -14.32 9.76
CA LEU A 239 16.14 -13.15 10.33
C LEU A 239 17.58 -13.36 10.70
N ALA A 240 17.94 -14.58 11.18
CA ALA A 240 19.28 -14.94 11.57
C ALA A 240 20.26 -14.86 10.43
N LYS A 241 19.80 -15.16 9.19
CA LYS A 241 20.62 -15.25 8.02
C LYS A 241 20.57 -13.97 7.22
N VAL A 242 19.40 -13.30 7.22
CA VAL A 242 19.09 -12.21 6.33
C VAL A 242 19.14 -10.92 7.10
N HIS A 243 20.11 -10.07 6.70
CA HIS A 243 20.35 -8.80 7.30
C HIS A 243 21.22 -8.07 6.32
N SER A 244 21.19 -6.73 6.38
CA SER A 244 22.06 -5.89 5.59
C SER A 244 22.19 -4.62 6.40
N ARG A 245 22.34 -3.46 5.73
CA ARG A 245 22.42 -2.17 6.37
C ARG A 245 21.09 -1.48 6.30
N PHE A 246 20.04 -2.18 5.82
CA PHE A 246 18.70 -1.64 5.71
C PHE A 246 17.74 -2.77 5.98
N ILE A 247 18.24 -3.87 6.58
CA ILE A 247 17.45 -4.94 7.13
C ILE A 247 18.08 -5.16 8.48
N VAL A 248 17.27 -5.19 9.57
CA VAL A 248 17.71 -5.41 10.93
C VAL A 248 18.30 -6.79 11.13
N SER A 249 19.28 -6.89 12.07
CA SER A 249 19.88 -8.14 12.49
C SER A 249 19.20 -8.68 13.72
N LEU A 250 19.39 -10.00 13.96
CA LEU A 250 18.96 -10.74 15.11
C LEU A 250 20.20 -10.92 15.95
N ALA A 251 20.11 -10.69 17.28
CA ALA A 251 21.28 -10.65 18.13
C ALA A 251 21.36 -11.85 19.02
N TYR A 252 20.21 -12.40 19.52
CA TYR A 252 20.21 -13.51 20.44
C TYR A 252 18.92 -14.25 20.22
N ALA A 253 18.94 -15.59 20.43
CA ALA A 253 17.75 -16.40 20.39
C ALA A 253 17.86 -17.37 21.55
N PHE A 254 17.09 -17.10 22.62
CA PHE A 254 17.00 -17.95 23.79
C PHE A 254 15.53 -18.12 24.09
N GLU A 255 15.22 -18.88 25.16
CA GLU A 255 13.87 -19.08 25.61
C GLU A 255 13.94 -18.87 27.09
N THR A 256 12.77 -18.58 27.70
CA THR A 256 12.58 -18.49 29.13
C THR A 256 11.43 -19.43 29.42
N LYS A 257 10.92 -19.41 30.67
CA LYS A 257 9.91 -20.31 31.18
C LYS A 257 8.60 -20.25 30.43
N THR A 258 8.14 -19.02 30.09
CA THR A 258 6.78 -18.79 29.68
C THR A 258 6.73 -18.33 28.25
N ASP A 259 7.89 -18.14 27.57
CA ASP A 259 7.90 -17.54 26.26
C ASP A 259 9.21 -17.86 25.61
N LEU A 260 9.22 -17.83 24.26
CA LEU A 260 10.38 -17.93 23.42
C LEU A 260 10.79 -16.52 23.07
N CYS A 261 12.10 -16.22 23.02
CA CYS A 261 12.56 -14.86 22.84
C CYS A 261 13.38 -14.81 21.58
N LEU A 262 13.15 -13.76 20.77
CA LEU A 262 14.08 -13.32 19.76
C LEU A 262 14.41 -11.92 20.20
N VAL A 263 15.71 -11.66 20.47
CA VAL A 263 16.20 -10.38 20.90
C VAL A 263 16.94 -9.80 19.73
N MET A 264 16.44 -8.69 19.16
CA MET A 264 16.97 -8.15 17.93
C MET A 264 17.46 -6.75 18.18
N THR A 265 18.30 -6.24 17.25
CA THR A 265 18.94 -4.95 17.32
C THR A 265 17.94 -3.82 17.29
N ILE A 266 18.24 -2.77 18.09
CA ILE A 266 17.44 -1.58 18.26
C ILE A 266 17.27 -0.72 17.05
N MET A 267 16.08 -0.10 17.06
CA MET A 267 15.61 0.92 16.18
C MET A 267 14.87 1.70 17.22
N ASN A 268 15.39 2.89 17.60
CA ASN A 268 14.93 3.62 18.77
C ASN A 268 13.93 4.67 18.40
N GLY A 269 13.54 4.71 17.13
CA GLY A 269 12.81 5.81 16.56
C GLY A 269 11.36 5.45 16.42
N GLY A 270 10.95 4.20 16.77
CA GLY A 270 9.58 3.75 16.62
C GLY A 270 9.34 3.27 15.22
N ASP A 271 8.11 2.81 14.92
CA ASP A 271 7.76 2.25 13.63
C ASP A 271 6.95 3.29 12.91
N ILE A 272 6.92 3.19 11.57
CA ILE A 272 6.25 4.09 10.65
C ILE A 272 4.78 4.22 10.95
N ARG A 273 4.12 3.10 11.36
CA ARG A 273 2.69 3.07 11.65
C ARG A 273 2.32 4.00 12.79
N TYR A 274 3.14 4.01 13.87
CA TYR A 274 3.04 4.89 15.02
C TYR A 274 3.13 6.34 14.60
N HIS A 275 4.06 6.64 13.68
CA HIS A 275 4.48 7.95 13.28
C HIS A 275 3.47 8.64 12.42
N ILE A 276 2.59 7.87 11.73
CA ILE A 276 1.44 8.37 10.99
C ILE A 276 0.55 9.19 11.90
N TYR A 277 0.33 8.70 13.13
CA TYR A 277 -0.56 9.31 14.08
C TYR A 277 0.18 10.18 15.08
N ASN A 278 1.51 10.00 15.26
CA ASN A 278 2.24 10.71 16.28
C ASN A 278 2.67 12.08 15.81
N VAL A 279 2.84 12.26 14.48
CA VAL A 279 3.08 13.54 13.83
C VAL A 279 1.97 14.52 14.17
N ASP A 280 0.74 13.96 14.26
CA ASP A 280 -0.50 14.60 14.59
C ASP A 280 -1.49 13.54 14.17
N GLU A 281 -2.48 13.28 15.07
CA GLU A 281 -3.48 12.25 14.96
C GLU A 281 -4.34 12.39 13.73
N ASP A 282 -4.70 13.64 13.38
CA ASP A 282 -5.61 13.93 12.29
C ASP A 282 -4.86 14.34 11.05
N ASN A 283 -3.51 14.32 11.07
CA ASN A 283 -2.69 14.59 9.91
C ASN A 283 -2.51 13.27 9.19
N PRO A 284 -2.88 13.12 7.90
CA PRO A 284 -2.82 11.82 7.26
C PRO A 284 -1.41 11.64 6.76
N GLY A 285 -0.75 10.55 7.20
CA GLY A 285 0.59 10.18 6.84
C GLY A 285 1.60 11.25 7.09
N PHE A 286 2.47 11.47 6.07
CA PHE A 286 3.57 12.37 6.14
C PHE A 286 3.46 13.31 4.99
N GLN A 287 4.22 14.42 5.10
CA GLN A 287 4.52 15.37 4.06
C GLN A 287 5.26 14.67 2.96
N GLU A 288 5.06 15.10 1.69
CA GLU A 288 5.57 14.44 0.51
C GLU A 288 7.07 14.16 0.50
N PRO A 289 8.06 15.04 0.71
CA PRO A 289 9.47 14.69 0.73
C PRO A 289 9.84 13.60 1.72
N ARG A 290 9.22 13.63 2.93
CA ARG A 290 9.49 12.71 4.01
C ARG A 290 9.03 11.32 3.66
N ALA A 291 7.86 11.21 3.00
CA ALA A 291 7.29 9.98 2.51
C ALA A 291 8.09 9.40 1.39
N ILE A 292 8.55 10.25 0.44
CA ILE A 292 9.33 9.87 -0.72
C ILE A 292 10.62 9.23 -0.29
N PHE A 293 11.31 9.85 0.71
CA PHE A 293 12.52 9.32 1.28
C PHE A 293 12.34 7.91 1.82
N TYR A 294 11.32 7.70 2.70
CA TYR A 294 11.08 6.41 3.31
C TYR A 294 10.74 5.33 2.31
N THR A 295 9.91 5.66 1.29
CA THR A 295 9.57 4.78 0.19
C THR A 295 10.78 4.32 -0.58
N ALA A 296 11.73 5.26 -0.85
CA ALA A 296 12.97 4.99 -1.52
C ALA A 296 13.82 3.99 -0.77
N GLN A 297 13.90 4.13 0.58
CA GLN A 297 14.64 3.24 1.44
C GLN A 297 14.05 1.86 1.53
N ILE A 298 12.69 1.74 1.57
CA ILE A 298 11.98 0.47 1.57
C ILE A 298 12.27 -0.28 0.30
N VAL A 299 12.24 0.43 -0.86
CA VAL A 299 12.51 -0.08 -2.18
C VAL A 299 13.88 -0.71 -2.25
N SER A 300 14.91 -0.04 -1.68
CA SER A 300 16.25 -0.56 -1.61
C SER A 300 16.35 -1.85 -0.83
N GLY A 301 15.60 -1.96 0.29
CA GLY A 301 15.54 -3.14 1.11
C GLY A 301 14.91 -4.32 0.43
N LEU A 302 13.77 -4.09 -0.28
CA LEU A 302 13.07 -5.08 -1.07
C LEU A 302 13.93 -5.60 -2.19
N GLU A 303 14.66 -4.68 -2.86
CA GLU A 303 15.58 -4.99 -3.94
C GLU A 303 16.67 -5.93 -3.48
N HIS A 304 17.22 -5.71 -2.27
CA HIS A 304 18.26 -6.53 -1.68
C HIS A 304 17.78 -7.94 -1.45
N LEU A 305 16.50 -8.13 -1.04
CA LEU A 305 15.87 -9.42 -0.88
C LEU A 305 15.74 -10.14 -2.20
N HIS A 306 15.30 -9.41 -3.26
CA HIS A 306 15.06 -9.94 -4.59
C HIS A 306 16.33 -10.39 -5.25
N GLN A 307 17.46 -9.67 -4.98
CA GLN A 307 18.80 -10.01 -5.41
C GLN A 307 19.33 -11.29 -4.79
N ARG A 308 18.75 -11.72 -3.64
CA ARG A 308 19.10 -12.96 -2.98
C ARG A 308 18.04 -14.00 -3.26
N ASN A 309 17.01 -13.64 -4.07
CA ASN A 309 15.93 -14.49 -4.51
C ASN A 309 15.06 -14.90 -3.36
N ILE A 310 14.57 -13.91 -2.58
CA ILE A 310 13.79 -14.14 -1.40
C ILE A 310 12.44 -13.56 -1.70
N ILE A 311 11.38 -14.37 -1.47
CA ILE A 311 10.01 -13.91 -1.56
C ILE A 311 9.65 -13.66 -0.12
N TYR A 312 9.17 -12.44 0.17
CA TYR A 312 8.94 -11.99 1.50
C TYR A 312 7.47 -12.06 1.80
N ARG A 313 6.61 -12.01 0.76
CA ARG A 313 5.18 -12.05 0.84
C ARG A 313 4.68 -10.78 1.50
N ASP A 314 4.50 -10.82 2.84
CA ASP A 314 4.12 -9.71 3.67
C ASP A 314 5.22 -8.70 3.79
N LEU A 315 4.79 -7.43 3.96
CA LEU A 315 5.57 -6.29 4.37
C LEU A 315 4.48 -5.50 5.03
N LYS A 316 4.77 -4.76 6.12
CA LYS A 316 3.76 -3.93 6.73
C LYS A 316 4.42 -2.65 7.18
N PRO A 317 3.72 -1.51 7.24
CA PRO A 317 4.20 -0.23 7.76
C PRO A 317 4.82 -0.36 9.14
N GLU A 318 4.20 -1.19 10.00
CA GLU A 318 4.56 -1.43 11.38
C GLU A 318 5.83 -2.24 11.52
N ASN A 319 6.29 -2.81 10.39
CA ASN A 319 7.49 -3.61 10.29
C ASN A 319 8.55 -2.79 9.59
N VAL A 320 8.24 -1.52 9.24
CA VAL A 320 9.24 -0.60 8.76
C VAL A 320 9.50 0.31 9.93
N LEU A 321 10.73 0.22 10.47
CA LEU A 321 11.16 0.86 11.68
C LEU A 321 12.02 2.04 11.31
N LEU A 322 11.95 3.12 12.12
CA LEU A 322 12.78 4.29 12.03
C LEU A 322 13.84 4.13 13.07
N ASP A 323 15.09 4.57 12.74
CA ASP A 323 16.14 4.77 13.71
C ASP A 323 16.10 6.27 13.95
N ASP A 324 16.94 6.77 14.88
CA ASP A 324 16.94 8.18 15.24
C ASP A 324 17.58 9.03 14.17
N ASP A 325 18.41 8.46 13.26
CA ASP A 325 18.98 9.18 12.14
C ASP A 325 17.89 9.64 11.20
N GLY A 326 16.93 8.74 10.92
CA GLY A 326 15.80 8.97 10.05
C GLY A 326 15.78 7.94 8.96
N ASN A 327 16.85 7.10 8.84
CA ASN A 327 16.91 5.98 7.94
C ASN A 327 15.94 4.91 8.37
N VAL A 328 15.19 4.30 7.41
CA VAL A 328 14.24 3.26 7.74
C VAL A 328 14.77 1.93 7.26
N ARG A 329 14.29 0.85 7.91
CA ARG A 329 14.69 -0.50 7.61
C ARG A 329 13.48 -1.36 7.76
N ILE A 330 13.39 -2.43 6.94
CA ILE A 330 12.41 -3.47 7.11
C ILE A 330 12.87 -4.39 8.22
N SER A 331 11.92 -5.15 8.82
CA SER A 331 12.18 -6.01 9.93
C SER A 331 11.08 -7.04 9.93
N ASP A 332 11.28 -8.18 10.64
CA ASP A 332 10.35 -9.28 10.76
C ASP A 332 10.25 -10.03 9.44
N LEU A 333 10.75 -11.29 9.40
CA LEU A 333 10.80 -12.07 8.19
C LEU A 333 10.23 -13.41 8.56
N GLY A 334 9.00 -13.38 9.15
CA GLY A 334 8.36 -14.51 9.77
C GLY A 334 7.35 -15.19 8.92
N LEU A 335 7.01 -14.61 7.77
CA LEU A 335 6.07 -15.19 6.85
C LEU A 335 6.68 -14.96 5.51
N ALA A 336 7.90 -15.55 5.33
CA ALA A 336 8.71 -15.39 4.16
C ALA A 336 9.24 -16.75 3.81
N VAL A 337 9.79 -16.91 2.59
CA VAL A 337 10.51 -18.10 2.21
C VAL A 337 11.69 -17.59 1.43
N GLU A 338 12.88 -18.17 1.70
CA GLU A 338 14.09 -17.88 0.97
C GLU A 338 14.27 -18.95 -0.07
N LEU A 339 14.28 -18.54 -1.36
CA LEU A 339 14.53 -19.42 -2.47
C LEU A 339 15.95 -19.21 -2.90
N LYS A 340 16.48 -20.17 -3.69
CA LYS A 340 17.79 -20.08 -4.28
C LYS A 340 17.61 -19.44 -5.62
N ALA A 341 18.74 -19.14 -6.31
CA ALA A 341 18.71 -18.70 -7.68
C ALA A 341 18.62 -19.95 -8.52
N GLY A 342 17.51 -20.08 -9.27
CA GLY A 342 17.24 -21.21 -10.14
C GLY A 342 15.87 -21.74 -9.85
N GLN A 343 15.12 -21.07 -8.95
CA GLN A 343 13.72 -21.32 -8.77
C GLN A 343 13.19 -19.99 -8.33
N THR A 344 11.94 -19.68 -8.73
CA THR A 344 11.31 -18.41 -8.43
C THR A 344 9.85 -18.65 -8.19
N LYS A 345 9.31 -19.80 -8.67
CA LYS A 345 7.90 -20.08 -8.57
C LYS A 345 7.69 -21.01 -7.43
N THR A 346 6.81 -20.60 -6.49
CA THR A 346 6.48 -21.35 -5.32
C THR A 346 5.03 -21.03 -5.10
N LYS A 347 4.20 -22.07 -4.84
CA LYS A 347 2.80 -21.95 -4.51
C LYS A 347 2.62 -22.09 -3.03
N GLY A 348 1.43 -21.69 -2.53
CA GLY A 348 1.11 -21.82 -1.14
C GLY A 348 0.29 -20.64 -0.72
N TYR A 349 -0.23 -20.71 0.53
CA TYR A 349 -0.98 -19.67 1.18
C TYR A 349 -0.12 -19.43 2.39
N ALA A 350 0.25 -18.15 2.63
CA ALA A 350 1.13 -17.79 3.70
C ALA A 350 1.27 -16.31 3.67
N GLY A 351 0.90 -15.66 4.79
CA GLY A 351 0.98 -14.24 4.95
C GLY A 351 -0.23 -13.83 5.75
N THR A 352 -0.48 -12.52 5.78
CA THR A 352 -1.57 -11.90 6.50
C THR A 352 -2.31 -11.18 5.40
N PRO A 353 -3.59 -11.43 5.12
CA PRO A 353 -4.40 -10.72 4.13
C PRO A 353 -4.24 -9.23 4.15
N GLY A 354 -4.24 -8.60 2.95
CA GLY A 354 -4.06 -7.17 2.79
C GLY A 354 -2.60 -6.85 2.70
N PHE A 355 -1.74 -7.88 2.57
CA PHE A 355 -0.31 -7.78 2.40
C PHE A 355 0.09 -9.03 1.64
N MET A 356 -0.93 -9.70 1.07
CA MET A 356 -0.82 -10.88 0.26
C MET A 356 -1.46 -10.47 -1.04
N ALA A 357 -0.83 -10.85 -2.17
CA ALA A 357 -1.25 -10.49 -3.49
C ALA A 357 -2.29 -11.49 -3.94
N PRO A 358 -3.05 -11.28 -5.02
CA PRO A 358 -4.01 -12.22 -5.57
C PRO A 358 -3.50 -13.64 -5.70
N GLU A 359 -2.30 -13.85 -6.27
CA GLU A 359 -1.65 -15.13 -6.43
C GLU A 359 -1.56 -15.98 -5.18
N LEU A 360 -1.18 -15.36 -4.05
CA LEU A 360 -1.03 -16.02 -2.77
C LEU A 360 -2.35 -16.49 -2.23
N LEU A 361 -3.37 -15.62 -2.29
CA LEU A 361 -4.69 -15.87 -1.76
C LEU A 361 -5.40 -17.00 -2.46
N LEU A 362 -5.18 -17.14 -3.79
CA LEU A 362 -5.81 -18.16 -4.61
C LEU A 362 -5.04 -19.46 -4.60
N GLY A 363 -3.87 -19.51 -3.90
CA GLY A 363 -3.11 -20.73 -3.71
C GLY A 363 -2.36 -21.11 -4.96
N GLU A 364 -1.93 -20.11 -5.74
CA GLU A 364 -1.29 -20.26 -7.02
C GLU A 364 0.17 -19.97 -6.81
N GLU A 365 1.02 -20.33 -7.80
CA GLU A 365 2.42 -19.97 -7.84
C GLU A 365 2.60 -18.47 -7.98
N TYR A 366 3.74 -17.96 -7.47
CA TYR A 366 4.04 -16.55 -7.42
C TYR A 366 5.54 -16.40 -7.44
N ASP A 367 6.01 -15.19 -7.82
CA ASP A 367 7.40 -14.81 -7.77
C ASP A 367 7.44 -13.54 -6.95
N PHE A 368 8.56 -12.78 -7.07
CA PHE A 368 8.87 -11.55 -6.36
C PHE A 368 7.83 -10.47 -6.43
N SER A 369 6.92 -10.53 -7.44
CA SER A 369 5.83 -9.60 -7.68
C SER A 369 4.97 -9.31 -6.48
N VAL A 370 4.67 -10.34 -5.67
CA VAL A 370 3.80 -10.28 -4.51
C VAL A 370 4.32 -9.37 -3.42
N ASP A 371 5.66 -9.25 -3.29
CA ASP A 371 6.34 -8.43 -2.31
C ASP A 371 6.14 -6.98 -2.66
N TYR A 372 6.08 -6.70 -3.97
CA TYR A 372 5.81 -5.41 -4.53
C TYR A 372 4.36 -5.04 -4.38
N PHE A 373 3.44 -6.03 -4.28
CA PHE A 373 2.05 -5.77 -3.97
C PHE A 373 1.94 -5.24 -2.56
N ALA A 374 2.67 -5.88 -1.61
CA ALA A 374 2.75 -5.47 -0.22
C ALA A 374 3.30 -4.09 -0.04
N LEU A 375 4.34 -3.71 -0.85
CA LEU A 375 4.94 -2.40 -0.89
C LEU A 375 3.93 -1.35 -1.23
N GLY A 376 3.02 -1.66 -2.18
CA GLY A 376 1.98 -0.78 -2.66
C GLY A 376 1.05 -0.44 -1.55
N VAL A 377 0.59 -1.46 -0.78
CA VAL A 377 -0.22 -1.27 0.40
C VAL A 377 0.48 -0.41 1.44
N THR A 378 1.80 -0.63 1.66
CA THR A 378 2.61 0.04 2.66
C THR A 378 2.75 1.52 2.38
N LEU A 379 3.21 1.87 1.16
CA LEU A 379 3.35 3.19 0.62
C LEU A 379 2.06 3.96 0.61
N TYR A 380 0.95 3.30 0.24
CA TYR A 380 -0.35 3.92 0.16
C TYR A 380 -0.81 4.35 1.53
N GLU A 381 -0.62 3.46 2.53
CA GLU A 381 -0.97 3.65 3.92
C GLU A 381 -0.10 4.67 4.61
N MET A 382 1.18 4.75 4.20
CA MET A 382 2.16 5.67 4.73
C MET A 382 1.76 7.10 4.50
N ILE A 383 1.16 7.39 3.32
CA ILE A 383 0.83 8.71 2.88
C ILE A 383 -0.58 9.08 3.23
N ALA A 384 -1.54 8.14 3.10
CA ALA A 384 -2.95 8.47 3.24
C ALA A 384 -3.48 8.14 4.60
N ALA A 385 -2.69 7.39 5.42
CA ALA A 385 -3.01 6.97 6.78
C ALA A 385 -4.08 5.91 6.81
N ARG A 386 -4.42 5.34 5.64
CA ARG A 386 -5.39 4.28 5.54
C ARG A 386 -4.92 3.45 4.40
N GLY A 387 -5.25 2.14 4.42
CA GLY A 387 -4.88 1.22 3.37
C GLY A 387 -5.74 1.46 2.16
N PRO A 388 -5.42 0.88 1.02
CA PRO A 388 -6.24 0.97 -0.18
C PRO A 388 -7.42 0.02 -0.11
N PHE A 389 -7.67 -0.63 1.06
CA PHE A 389 -8.65 -1.67 1.21
C PHE A 389 -9.30 -1.49 2.57
N ARG A 390 -8.96 -0.41 3.31
CA ARG A 390 -9.55 -0.14 4.60
C ARG A 390 -9.38 1.30 4.94
N ALA A 391 -10.18 1.79 5.92
CA ALA A 391 -10.17 3.16 6.42
C ALA A 391 -9.15 3.33 7.51
N ARG A 392 -9.01 4.59 8.01
CA ARG A 392 -7.99 5.01 8.95
C ARG A 392 -8.19 4.32 10.28
N GLY A 393 -7.13 3.61 10.76
CA GLY A 393 -7.13 2.90 12.03
C GLY A 393 -8.12 1.76 12.05
N GLU A 394 -8.33 1.12 10.88
CA GLU A 394 -9.25 0.03 10.73
C GLU A 394 -8.59 -0.93 9.78
N LYS A 395 -9.18 -2.13 9.65
CA LYS A 395 -8.75 -3.16 8.76
C LYS A 395 -9.75 -4.24 8.95
N VAL A 396 -10.56 -4.49 7.89
CA VAL A 396 -11.60 -5.49 7.82
C VAL A 396 -11.07 -6.89 8.00
N GLU A 397 -11.94 -7.80 8.49
CA GLU A 397 -11.72 -9.23 8.72
C GLU A 397 -11.09 -9.92 7.54
N ASN A 398 -10.41 -11.07 7.77
CA ASN A 398 -9.58 -11.74 6.77
C ASN A 398 -10.35 -12.12 5.53
N LYS A 399 -11.57 -12.68 5.68
CA LYS A 399 -12.43 -13.04 4.57
C LYS A 399 -12.82 -11.87 3.69
N GLU A 400 -13.18 -10.73 4.31
CA GLU A 400 -13.60 -9.54 3.61
C GLU A 400 -12.43 -8.89 2.91
N LEU A 401 -11.26 -8.89 3.58
CA LEU A 401 -9.99 -8.38 3.12
C LEU A 401 -9.50 -9.11 1.91
N LYS A 402 -9.70 -10.45 1.88
CA LYS A 402 -9.40 -11.31 0.77
C LYS A 402 -10.21 -10.91 -0.44
N GLN A 403 -11.50 -10.56 -0.22
CA GLN A 403 -12.38 -10.06 -1.27
C GLN A 403 -11.91 -8.72 -1.77
N ARG A 404 -11.45 -7.81 -0.87
CA ARG A 404 -10.93 -6.51 -1.22
C ARG A 404 -9.73 -6.59 -2.15
N VAL A 405 -8.74 -7.44 -1.82
CA VAL A 405 -7.52 -7.59 -2.60
C VAL A 405 -7.81 -8.06 -4.00
N LEU A 406 -8.76 -9.01 -4.14
CA LEU A 406 -9.12 -9.57 -5.42
C LEU A 406 -9.99 -8.69 -6.27
N GLU A 407 -10.88 -7.85 -5.66
CA GLU A 407 -11.95 -7.19 -6.39
C GLU A 407 -11.89 -5.69 -6.39
N GLN A 408 -11.40 -5.05 -5.30
CA GLN A 408 -11.51 -3.63 -5.11
C GLN A 408 -10.50 -2.87 -5.92
N ALA A 409 -11.00 -1.96 -6.79
CA ALA A 409 -10.17 -1.02 -7.53
C ALA A 409 -9.86 0.12 -6.61
N VAL A 410 -8.59 0.59 -6.66
CA VAL A 410 -8.08 1.60 -5.76
C VAL A 410 -8.34 2.95 -6.35
N THR A 411 -8.77 3.90 -5.48
CA THR A 411 -9.01 5.29 -5.81
C THR A 411 -7.99 6.01 -4.99
N TYR A 412 -7.36 7.06 -5.57
CA TYR A 412 -6.21 7.72 -5.00
C TYR A 412 -6.56 9.14 -4.60
N PRO A 413 -6.46 9.50 -3.31
CA PRO A 413 -6.60 10.87 -2.82
C PRO A 413 -5.68 11.87 -3.47
N ASP A 414 -5.93 13.17 -3.20
CA ASP A 414 -5.18 14.26 -3.79
C ASP A 414 -4.03 14.62 -2.86
N LYS A 415 -3.88 13.85 -1.76
CA LYS A 415 -2.77 13.89 -0.83
C LYS A 415 -1.49 13.51 -1.54
N PHE A 416 -1.59 12.47 -2.40
CA PHE A 416 -0.56 12.01 -3.30
C PHE A 416 -0.17 13.08 -4.29
N SER A 417 1.11 13.08 -4.71
CA SER A 417 1.60 13.82 -5.85
C SER A 417 1.17 13.07 -7.09
N PRO A 418 1.23 13.60 -8.31
CA PRO A 418 0.97 12.87 -9.55
C PRO A 418 1.91 11.71 -9.71
N ALA A 419 3.20 11.92 -9.39
CA ALA A 419 4.23 10.92 -9.39
C ALA A 419 3.91 9.81 -8.42
N SER A 420 3.42 10.16 -7.22
CA SER A 420 3.08 9.21 -6.17
C SER A 420 1.85 8.40 -6.53
N LYS A 421 0.83 9.02 -7.19
CA LYS A 421 -0.37 8.34 -7.66
C LYS A 421 -0.01 7.23 -8.61
N ASP A 422 0.79 7.57 -9.64
CA ASP A 422 1.21 6.67 -10.68
C ASP A 422 1.99 5.50 -10.14
N PHE A 423 2.92 5.77 -9.18
CA PHE A 423 3.72 4.76 -8.52
C PHE A 423 2.89 3.77 -7.73
N CYS A 424 1.89 4.25 -6.96
CA CYS A 424 0.97 3.43 -6.20
C CYS A 424 0.15 2.54 -7.09
N GLU A 425 -0.38 3.09 -8.22
CA GLU A 425 -1.12 2.36 -9.25
C GLU A 425 -0.37 1.20 -9.82
N ALA A 426 0.93 1.38 -10.08
CA ALA A 426 1.79 0.37 -10.65
C ALA A 426 1.97 -0.84 -9.75
N LEU A 427 2.03 -0.63 -8.42
CA LEU A 427 2.23 -1.68 -7.44
C LEU A 427 0.97 -2.38 -7.02
N LEU A 428 -0.19 -1.68 -7.03
CA LEU A 428 -1.45 -2.18 -6.54
C LEU A 428 -2.27 -2.79 -7.64
N GLN A 429 -1.70 -2.88 -8.87
CA GLN A 429 -2.30 -3.59 -9.98
C GLN A 429 -2.39 -5.07 -9.66
N LYS A 430 -3.54 -5.70 -10.04
CA LYS A 430 -3.83 -7.09 -9.79
C LYS A 430 -3.39 -7.83 -11.01
N ASP A 431 -2.65 -8.94 -10.80
CA ASP A 431 -2.09 -9.86 -11.77
C ASP A 431 -0.63 -9.49 -11.86
N PRO A 432 0.31 -10.42 -11.79
CA PRO A 432 1.73 -10.11 -11.73
C PRO A 432 2.25 -9.45 -12.99
N GLU A 433 1.74 -9.83 -14.19
CA GLU A 433 2.17 -9.34 -15.48
C GLU A 433 2.03 -7.86 -15.68
N LYS A 434 0.99 -7.26 -15.05
CA LYS A 434 0.67 -5.85 -15.21
C LYS A 434 1.16 -5.06 -14.02
N ARG A 435 1.85 -5.73 -13.08
CA ARG A 435 2.27 -5.13 -11.84
C ARG A 435 3.75 -4.90 -11.97
N LEU A 436 4.19 -3.66 -11.66
CA LEU A 436 5.57 -3.24 -11.68
C LEU A 436 6.35 -4.02 -10.67
N GLY A 437 7.58 -4.41 -11.03
CA GLY A 437 8.41 -5.19 -10.18
C GLY A 437 9.44 -5.76 -11.08
N PHE A 438 9.55 -7.10 -11.08
CA PHE A 438 10.52 -7.83 -11.86
C PHE A 438 9.71 -8.59 -12.86
N ARG A 439 9.78 -8.16 -14.14
CA ARG A 439 9.06 -8.75 -15.24
C ARG A 439 10.05 -9.40 -16.16
N ASP A 440 11.32 -9.51 -15.71
CA ASP A 440 12.41 -10.28 -16.28
C ASP A 440 13.39 -9.30 -16.86
N GLY A 441 13.30 -8.02 -16.43
CA GLY A 441 14.17 -6.95 -16.83
C GLY A 441 15.10 -6.72 -15.69
N SER A 442 14.66 -5.85 -14.76
CA SER A 442 15.42 -5.52 -13.58
C SER A 442 14.43 -5.02 -12.57
N CYS A 443 14.92 -4.85 -11.32
CA CYS A 443 14.20 -4.15 -10.28
C CYS A 443 14.64 -2.70 -10.26
N ASP A 444 15.46 -2.30 -11.27
CA ASP A 444 15.95 -0.96 -11.43
C ASP A 444 15.11 -0.29 -12.49
N GLY A 445 14.13 -1.03 -13.08
CA GLY A 445 13.16 -0.50 -14.00
C GLY A 445 12.12 0.22 -13.21
N LEU A 446 11.79 -0.33 -12.01
CA LEU A 446 10.94 0.26 -11.01
C LEU A 446 11.46 1.60 -10.55
N ARG A 447 12.80 1.67 -10.31
CA ARG A 447 13.54 2.84 -9.91
C ARG A 447 13.56 4.01 -10.88
N THR A 448 13.08 3.81 -12.14
CA THR A 448 13.17 4.80 -13.19
C THR A 448 11.97 5.72 -13.15
N HIS A 449 10.93 5.35 -12.35
CA HIS A 449 9.68 6.06 -12.23
C HIS A 449 9.90 7.49 -11.78
N PRO A 450 9.15 8.50 -12.25
CA PRO A 450 9.40 9.92 -11.97
C PRO A 450 9.39 10.31 -10.51
N LEU A 451 8.72 9.55 -9.62
CA LEU A 451 8.73 9.72 -8.18
C LEU A 451 10.10 9.85 -7.57
N PHE A 452 11.10 9.17 -8.16
CA PHE A 452 12.44 9.04 -7.67
C PHE A 452 13.39 9.99 -8.34
N ARG A 453 12.88 11.09 -8.94
CA ARG A 453 13.69 12.11 -9.57
C ARG A 453 14.23 13.01 -8.46
N ASP A 454 13.64 12.88 -7.24
CA ASP A 454 13.95 13.64 -6.06
C ASP A 454 14.92 12.85 -5.20
N ILE A 455 15.36 11.67 -5.70
CA ILE A 455 16.22 10.76 -4.98
C ILE A 455 17.41 10.50 -5.86
N SER A 456 18.63 10.55 -5.26
CA SER A 456 19.83 10.09 -5.88
C SER A 456 20.09 8.77 -5.20
N TRP A 457 20.22 7.69 -5.99
CA TRP A 457 20.33 6.34 -5.48
C TRP A 457 21.62 6.08 -4.78
N ARG A 458 22.74 6.65 -5.28
CA ARG A 458 24.06 6.45 -4.72
C ARG A 458 24.17 7.01 -3.32
N GLN A 459 23.55 8.21 -3.09
CA GLN A 459 23.57 8.91 -1.84
C GLN A 459 22.63 8.27 -0.86
N LEU A 460 21.48 7.76 -1.35
CA LEU A 460 20.50 7.01 -0.59
C LEU A 460 21.10 5.76 0.03
N GLU A 461 21.83 4.97 -0.79
CA GLU A 461 22.50 3.75 -0.43
C GLU A 461 23.62 3.95 0.57
N ALA A 462 24.18 5.18 0.63
CA ALA A 462 25.29 5.50 1.49
C ALA A 462 24.79 6.14 2.76
N GLY A 463 23.45 6.33 2.86
CA GLY A 463 22.75 6.80 4.03
C GLY A 463 22.80 8.28 4.22
N MET A 464 23.39 9.01 3.23
CA MET A 464 23.66 10.43 3.29
C MET A 464 22.40 11.23 3.37
N LEU A 465 21.39 10.84 2.56
CA LEU A 465 20.11 11.49 2.48
C LEU A 465 19.33 11.21 3.74
N THR A 466 18.52 12.18 4.19
CA THR A 466 17.74 12.09 5.39
C THR A 466 16.47 12.87 5.12
N PRO A 467 15.33 12.53 5.73
CA PRO A 467 14.06 13.19 5.46
C PRO A 467 13.93 14.37 6.38
N PRO A 468 12.92 15.22 6.21
CA PRO A 468 12.63 16.27 7.17
C PRO A 468 11.84 15.56 8.23
N PHE A 469 12.25 15.77 9.51
CA PHE A 469 11.75 15.15 10.72
C PHE A 469 12.83 14.18 11.07
N VAL A 470 13.43 14.36 12.28
CA VAL A 470 14.47 13.51 12.79
C VAL A 470 13.92 13.11 14.14
N PRO A 471 13.73 11.82 14.48
CA PRO A 471 13.19 11.39 15.77
C PRO A 471 13.99 11.89 16.96
N ASP A 472 13.29 12.47 17.96
CA ASP A 472 13.80 12.88 19.26
C ASP A 472 14.26 11.66 20.03
N SER A 473 15.36 11.79 20.82
CA SER A 473 15.90 10.71 21.59
C SER A 473 15.51 10.82 23.04
N ARG A 474 14.67 11.84 23.38
CA ARG A 474 14.21 12.08 24.73
C ARG A 474 12.73 11.86 24.85
N THR A 475 12.08 11.38 23.76
CA THR A 475 10.68 11.06 23.78
C THR A 475 10.61 9.73 23.09
N VAL A 476 10.02 8.74 23.79
CA VAL A 476 9.91 7.37 23.31
C VAL A 476 8.73 7.25 22.40
N TYR A 477 8.84 6.32 21.41
CA TYR A 477 7.84 6.08 20.40
C TYR A 477 7.45 4.65 20.60
N ALA A 478 6.15 4.40 20.85
CA ALA A 478 5.53 3.11 21.02
C ALA A 478 4.26 3.32 21.80
N LYS A 479 3.30 2.37 21.65
CA LYS A 479 2.02 2.39 22.33
C LYS A 479 2.16 1.56 23.58
N ASN A 480 1.71 2.15 24.73
CA ASN A 480 1.66 1.58 26.07
C ASN A 480 1.01 0.22 26.16
N ILE A 481 1.17 -0.42 27.36
CA ILE A 481 0.73 -1.77 27.64
C ILE A 481 -0.76 -1.77 27.90
N GLN A 482 -1.31 -0.59 28.25
CA GLN A 482 -2.71 -0.39 28.54
C GLN A 482 -3.43 0.09 27.31
N ASP A 483 -2.70 0.30 26.19
CA ASP A 483 -3.26 0.76 24.95
C ASP A 483 -3.28 -0.37 23.96
N VAL A 484 -2.68 -1.54 24.29
CA VAL A 484 -2.72 -2.72 23.44
C VAL A 484 -3.35 -3.86 24.17
N GLY A 485 -4.09 -4.69 23.41
CA GLY A 485 -4.81 -5.84 23.90
C GLY A 485 -3.90 -7.02 23.72
N ALA A 486 -4.44 -8.25 23.86
CA ALA A 486 -3.64 -9.44 23.72
C ALA A 486 -4.55 -10.58 23.40
N PHE A 487 -3.95 -11.71 22.95
CA PHE A 487 -4.67 -12.90 22.55
C PHE A 487 -4.68 -13.81 23.76
N GLU A 488 -5.57 -14.83 23.72
CA GLU A 488 -5.88 -15.70 24.82
C GLU A 488 -4.69 -16.47 25.32
N GLU A 489 -4.56 -16.55 26.66
CA GLU A 489 -3.77 -17.53 27.34
C GLU A 489 -4.75 -18.56 27.83
N VAL A 490 -4.24 -19.78 28.16
CA VAL A 490 -5.01 -20.99 28.19
C VAL A 490 -6.09 -20.95 29.24
N LYS A 491 -7.26 -21.59 28.95
CA LYS A 491 -8.41 -21.62 29.81
C LYS A 491 -8.52 -22.97 30.46
N GLY A 492 -7.48 -23.81 30.33
CA GLY A 492 -7.44 -25.10 30.96
C GLY A 492 -6.31 -25.85 30.33
N VAL A 493 -6.07 -25.57 29.03
CA VAL A 493 -5.29 -26.37 28.12
C VAL A 493 -3.87 -26.47 28.59
N ALA A 494 -3.30 -27.70 28.55
CA ALA A 494 -2.02 -28.00 29.13
C ALA A 494 -1.19 -28.49 28.00
N PHE A 495 0.10 -28.06 27.96
CA PHE A 495 1.00 -28.27 26.85
C PHE A 495 1.26 -29.73 26.60
N GLU A 496 1.26 -30.10 25.31
CA GLU A 496 1.62 -31.41 24.81
C GLU A 496 3.12 -31.54 24.82
N LYS A 497 3.60 -32.82 24.82
CA LYS A 497 5.00 -33.18 24.68
C LYS A 497 5.62 -32.57 23.45
N ALA A 498 4.88 -32.57 22.32
CA ALA A 498 5.25 -32.00 21.04
C ALA A 498 5.61 -30.54 21.13
N ASP A 499 4.78 -29.77 21.88
CA ASP A 499 4.95 -28.35 22.13
C ASP A 499 6.25 -28.06 22.83
N THR A 500 6.52 -28.82 23.93
CA THR A 500 7.71 -28.76 24.75
C THR A 500 8.96 -29.03 23.93
N GLU A 501 8.88 -30.01 22.99
CA GLU A 501 9.95 -30.39 22.11
C GLU A 501 10.27 -29.32 21.12
N PHE A 502 9.24 -28.60 20.61
CA PHE A 502 9.43 -27.44 19.76
C PHE A 502 10.13 -26.32 20.50
N PHE A 503 9.74 -26.07 21.78
CA PHE A 503 10.28 -24.99 22.57
C PHE A 503 11.76 -25.14 22.86
N GLN A 504 12.20 -26.36 23.24
CA GLN A 504 13.61 -26.68 23.42
C GLN A 504 14.41 -26.57 22.15
N GLU A 505 13.84 -27.06 21.03
CA GLU A 505 14.45 -27.09 19.73
C GLU A 505 14.70 -25.71 19.17
N PHE A 506 13.70 -24.83 19.33
CA PHE A 506 13.74 -23.43 18.95
C PHE A 506 14.92 -22.70 19.58
N ALA A 507 15.12 -22.89 20.91
CA ALA A 507 16.16 -22.23 21.66
C ALA A 507 17.53 -22.69 21.21
N SER A 508 18.51 -21.77 21.24
CA SER A 508 19.82 -22.01 20.70
C SER A 508 20.77 -21.21 21.55
N GLU B 4 -16.05 13.42 -25.72
CA GLU B 4 -14.88 12.64 -25.43
C GLU B 4 -13.81 13.60 -24.99
N VAL B 5 -12.65 13.05 -24.59
CA VAL B 5 -11.37 13.73 -24.54
C VAL B 5 -11.02 14.17 -25.93
N GLN B 6 -10.47 15.39 -26.10
CA GLN B 6 -10.31 15.91 -27.44
C GLN B 6 -9.12 16.80 -27.41
N LEU B 7 -8.37 16.80 -28.53
CA LEU B 7 -7.27 17.69 -28.75
C LEU B 7 -7.53 18.38 -30.06
N VAL B 8 -7.44 19.73 -30.09
CA VAL B 8 -7.60 20.51 -31.30
C VAL B 8 -6.31 21.26 -31.50
N GLU B 9 -5.56 20.86 -32.54
CA GLU B 9 -4.37 21.50 -33.04
C GLU B 9 -4.63 22.77 -33.78
N SER B 10 -3.63 23.69 -33.76
CA SER B 10 -3.59 24.88 -34.57
C SER B 10 -2.14 25.22 -34.79
N GLY B 11 -1.85 26.22 -35.67
CA GLY B 11 -0.52 26.77 -35.83
C GLY B 11 0.22 26.22 -37.00
N GLY B 12 -0.48 25.52 -37.93
CA GLY B 12 0.07 25.07 -39.19
C GLY B 12 0.24 26.20 -40.17
N GLY B 13 0.69 25.89 -41.40
CA GLY B 13 0.96 26.90 -42.39
C GLY B 13 2.05 26.44 -43.30
N LEU B 14 2.47 27.35 -44.20
CA LEU B 14 3.60 27.16 -45.09
C LEU B 14 4.81 27.67 -44.37
N VAL B 15 5.95 26.97 -44.51
CA VAL B 15 7.17 27.32 -43.84
C VAL B 15 8.27 26.93 -44.77
N GLN B 16 9.33 27.77 -44.86
CA GLN B 16 10.52 27.54 -45.64
C GLN B 16 11.31 26.35 -45.12
N PRO B 17 11.97 25.54 -45.96
CA PRO B 17 12.94 24.55 -45.51
C PRO B 17 14.13 25.20 -44.86
N GLY B 18 14.49 24.73 -43.64
CA GLY B 18 15.61 25.22 -42.88
C GLY B 18 15.17 26.32 -41.96
N GLY B 19 13.85 26.65 -41.97
CA GLY B 19 13.24 27.64 -41.12
C GLY B 19 12.85 27.01 -39.82
N SER B 20 11.78 27.54 -39.22
CA SER B 20 11.31 27.03 -37.95
C SER B 20 9.86 27.38 -37.85
N LEU B 21 9.11 26.57 -37.06
CA LEU B 21 7.69 26.72 -36.91
C LEU B 21 7.38 26.12 -35.58
N ARG B 22 6.30 26.60 -34.93
CA ARG B 22 5.86 26.10 -33.65
C ARG B 22 4.43 25.73 -33.85
N LEU B 23 4.11 24.46 -33.52
CA LEU B 23 2.78 23.91 -33.56
C LEU B 23 2.27 23.93 -32.16
N SER B 24 0.94 24.14 -32.02
CA SER B 24 0.28 24.14 -30.75
C SER B 24 -0.78 23.10 -30.85
N CYS B 25 -0.97 22.33 -29.76
CA CYS B 25 -2.01 21.34 -29.64
C CYS B 25 -2.68 21.70 -28.36
N ALA B 26 -3.94 22.18 -28.43
CA ALA B 26 -4.68 22.53 -27.25
C ALA B 26 -5.41 21.28 -26.84
N ALA B 27 -5.24 20.90 -25.57
CA ALA B 27 -5.70 19.67 -25.02
C ALA B 27 -6.81 19.96 -24.05
N SER B 28 -7.83 19.09 -24.01
CA SER B 28 -8.90 19.24 -23.06
C SER B 28 -9.46 17.88 -22.77
N GLY B 29 -10.11 17.78 -21.58
CA GLY B 29 -10.76 16.59 -21.10
C GLY B 29 -9.86 15.87 -20.12
N PHE B 30 -8.70 16.46 -19.75
CA PHE B 30 -7.79 15.84 -18.83
C PHE B 30 -6.87 16.89 -18.29
N ASN B 31 -6.15 16.53 -17.19
CA ASN B 31 -5.15 17.35 -16.56
C ASN B 31 -3.86 17.01 -17.23
N LEU B 32 -3.27 17.99 -17.95
CA LEU B 32 -2.07 17.82 -18.74
C LEU B 32 -0.89 17.42 -17.89
N TYR B 33 -0.73 18.05 -16.70
CA TYR B 33 0.40 17.81 -15.81
C TYR B 33 0.41 16.42 -15.20
N SER B 34 -0.70 15.67 -15.32
CA SER B 34 -0.84 14.33 -14.78
C SER B 34 -0.77 13.31 -15.89
N SER B 35 -0.35 13.74 -17.10
CA SER B 35 -0.28 12.91 -18.26
C SER B 35 1.00 13.27 -18.95
N SER B 36 1.45 12.37 -19.86
CA SER B 36 2.53 12.65 -20.77
C SER B 36 1.85 13.02 -22.07
N ILE B 37 2.60 13.72 -22.97
CA ILE B 37 2.06 14.18 -24.21
C ILE B 37 3.12 13.84 -25.23
N HIS B 38 2.69 13.55 -26.48
CA HIS B 38 3.59 13.12 -27.52
C HIS B 38 3.19 13.83 -28.78
N TRP B 39 4.09 13.79 -29.80
CA TRP B 39 3.83 14.16 -31.16
C TRP B 39 4.13 12.94 -31.98
N VAL B 40 3.27 12.65 -32.98
CA VAL B 40 3.41 11.58 -33.93
C VAL B 40 3.13 12.26 -35.25
N ARG B 41 3.78 11.85 -36.36
CA ARG B 41 3.58 12.48 -37.65
C ARG B 41 3.29 11.41 -38.66
N GLN B 42 2.63 11.82 -39.77
CA GLN B 42 2.30 10.95 -40.89
C GLN B 42 2.67 11.65 -42.16
N ALA B 43 3.69 11.10 -42.87
CA ALA B 43 4.02 11.48 -44.23
C ALA B 43 2.87 11.05 -45.12
N PRO B 44 2.42 11.81 -46.11
CA PRO B 44 1.22 11.54 -46.90
C PRO B 44 1.23 10.21 -47.60
N GLY B 45 0.22 9.35 -47.32
CA GLY B 45 0.05 8.05 -47.93
C GLY B 45 1.07 7.06 -47.44
N LYS B 46 1.43 7.12 -46.14
CA LYS B 46 2.47 6.31 -45.54
C LYS B 46 1.99 6.00 -44.15
N GLY B 47 2.79 5.19 -43.41
CA GLY B 47 2.61 4.90 -42.00
C GLY B 47 2.81 6.10 -41.12
N LEU B 48 2.92 5.85 -39.79
CA LEU B 48 3.13 6.89 -38.82
C LEU B 48 4.40 6.65 -38.07
N GLU B 49 5.14 7.77 -37.81
CA GLU B 49 6.37 7.77 -37.05
C GLU B 49 6.13 8.60 -35.83
N TRP B 50 6.41 8.03 -34.63
CA TRP B 50 6.45 8.76 -33.38
C TRP B 50 7.63 9.71 -33.38
N VAL B 51 7.44 10.94 -32.84
CA VAL B 51 8.43 11.98 -32.94
C VAL B 51 9.07 12.12 -31.58
N ALA B 52 8.29 12.42 -30.52
CA ALA B 52 8.87 12.64 -29.21
C ALA B 52 7.77 12.59 -28.20
N SER B 53 8.11 12.31 -26.93
CA SER B 53 7.18 12.45 -25.85
C SER B 53 7.91 13.19 -24.76
N ILE B 54 7.15 13.89 -23.89
CA ILE B 54 7.68 14.51 -22.71
C ILE B 54 6.63 14.39 -21.66
N TYR B 55 7.03 14.02 -20.42
CA TYR B 55 6.13 13.99 -19.30
C TYR B 55 5.95 15.45 -18.93
N SER B 56 4.71 15.87 -18.61
CA SER B 56 4.40 17.28 -18.50
C SER B 56 4.59 17.74 -17.08
N TYR B 57 5.04 16.82 -16.19
CA TYR B 57 5.37 17.12 -14.82
C TYR B 57 6.89 17.10 -14.76
N TYR B 58 7.54 16.66 -15.87
CA TYR B 58 8.95 16.76 -16.17
C TYR B 58 9.81 15.83 -15.36
N GLY B 59 10.88 15.30 -16.01
CA GLY B 59 11.76 14.33 -15.40
C GLY B 59 11.95 13.13 -16.27
N SER B 60 11.42 13.14 -17.52
CA SER B 60 11.53 12.01 -18.41
C SER B 60 11.01 12.45 -19.75
N THR B 61 11.91 12.47 -20.75
CA THR B 61 11.61 12.82 -22.11
C THR B 61 12.27 11.73 -22.92
N SER B 62 11.66 11.34 -24.06
CA SER B 62 12.28 10.43 -25.00
C SER B 62 12.02 10.96 -26.37
N TYR B 63 12.84 10.52 -27.35
CA TYR B 63 12.86 11.06 -28.69
C TYR B 63 13.14 9.93 -29.64
N ALA B 64 12.55 10.02 -30.85
CA ALA B 64 12.92 9.23 -32.00
C ALA B 64 14.15 9.87 -32.56
N ASP B 65 15.19 9.05 -32.86
CA ASP B 65 16.54 9.48 -33.20
C ASP B 65 16.64 10.42 -34.39
N SER B 66 15.83 10.20 -35.44
CA SER B 66 15.87 10.97 -36.66
C SER B 66 15.47 12.43 -36.49
N VAL B 67 14.60 12.72 -35.50
CA VAL B 67 14.06 14.04 -35.24
C VAL B 67 14.62 14.57 -33.95
N LYS B 68 15.43 13.75 -33.23
CA LYS B 68 15.96 14.05 -31.92
C LYS B 68 16.86 15.26 -31.95
N GLY B 69 16.58 16.23 -31.05
CA GLY B 69 17.33 17.45 -30.93
C GLY B 69 16.80 18.52 -31.85
N ARG B 70 16.55 18.17 -33.13
CA ARG B 70 16.06 19.07 -34.15
C ARG B 70 14.73 19.64 -33.78
N PHE B 71 13.83 18.79 -33.26
CA PHE B 71 12.53 19.21 -32.80
C PHE B 71 12.61 18.99 -31.32
N THR B 72 12.05 19.95 -30.57
CA THR B 72 12.04 19.96 -29.13
C THR B 72 10.60 20.08 -28.73
N ILE B 73 10.09 19.02 -28.06
CA ILE B 73 8.77 18.96 -27.51
C ILE B 73 8.77 19.70 -26.20
N SER B 74 7.64 20.37 -25.90
CA SER B 74 7.50 21.15 -24.70
C SER B 74 6.03 21.25 -24.44
N ALA B 75 5.67 21.80 -23.26
CA ALA B 75 4.30 21.92 -22.86
C ALA B 75 4.26 22.96 -21.79
N ASP B 76 3.05 23.52 -21.56
CA ASP B 76 2.80 24.46 -20.51
C ASP B 76 1.53 23.97 -19.87
N THR B 77 1.63 23.64 -18.57
CA THR B 77 0.61 22.99 -17.80
C THR B 77 -0.41 23.97 -17.28
N SER B 78 -0.13 25.29 -17.41
CA SER B 78 -0.99 26.34 -16.92
C SER B 78 -1.86 26.81 -18.06
N LYS B 79 -1.72 26.17 -19.24
CA LYS B 79 -2.47 26.49 -20.43
C LYS B 79 -3.16 25.22 -20.88
N ASN B 80 -2.66 24.04 -20.42
CA ASN B 80 -3.06 22.72 -20.87
C ASN B 80 -2.83 22.57 -22.35
N THR B 81 -1.61 22.92 -22.82
CA THR B 81 -1.31 23.03 -24.22
C THR B 81 0.06 22.46 -24.35
N ALA B 82 0.27 21.64 -25.39
CA ALA B 82 1.54 21.08 -25.76
C ALA B 82 1.98 21.78 -27.00
N TYR B 83 3.30 21.97 -27.14
CA TYR B 83 3.87 22.69 -28.24
C TYR B 83 4.92 21.80 -28.80
N LEU B 84 5.21 21.95 -30.11
CA LEU B 84 6.34 21.29 -30.72
C LEU B 84 7.03 22.39 -31.44
N GLN B 85 8.28 22.67 -31.01
CA GLN B 85 9.13 23.65 -31.63
C GLN B 85 9.97 22.87 -32.60
N MET B 86 9.89 23.24 -33.90
CA MET B 86 10.49 22.52 -34.97
C MET B 86 11.52 23.41 -35.57
N ASN B 87 12.79 23.00 -35.45
CA ASN B 87 13.95 23.72 -35.92
C ASN B 87 14.61 22.86 -36.97
N SER B 88 14.97 23.47 -38.12
CA SER B 88 15.69 22.83 -39.21
C SER B 88 14.84 21.87 -39.99
N LEU B 89 13.66 22.34 -40.45
CA LEU B 89 12.73 21.58 -41.26
C LEU B 89 13.34 21.16 -42.59
N ARG B 90 12.86 20.02 -43.11
CA ARG B 90 13.42 19.38 -44.28
C ARG B 90 12.23 18.98 -45.11
N ALA B 91 12.49 18.55 -46.37
CA ALA B 91 11.46 18.17 -47.32
C ALA B 91 10.63 16.99 -46.83
N GLU B 92 11.29 15.97 -46.22
CA GLU B 92 10.66 14.80 -45.64
C GLU B 92 9.82 15.08 -44.42
N ASP B 93 9.99 16.28 -43.81
CA ASP B 93 9.28 16.73 -42.64
C ASP B 93 7.90 17.20 -43.00
N THR B 94 7.62 17.43 -44.32
CA THR B 94 6.32 17.79 -44.84
C THR B 94 5.34 16.70 -44.49
N ALA B 95 4.39 17.00 -43.59
CA ALA B 95 3.54 15.98 -43.06
C ALA B 95 2.38 16.64 -42.40
N VAL B 96 1.31 15.85 -42.18
CA VAL B 96 0.29 16.10 -41.19
C VAL B 96 0.87 15.69 -39.86
N TYR B 97 0.77 16.58 -38.85
CA TYR B 97 1.28 16.38 -37.52
C TYR B 97 0.16 16.18 -36.55
N TYR B 98 0.28 15.11 -35.74
CA TYR B 98 -0.65 14.67 -34.74
C TYR B 98 -0.01 14.82 -33.38
N CYS B 99 -0.78 15.29 -32.38
CA CYS B 99 -0.46 15.13 -30.98
C CYS B 99 -1.21 13.92 -30.52
N ALA B 100 -0.76 13.27 -29.43
CA ALA B 100 -1.47 12.16 -28.87
C ALA B 100 -1.31 12.27 -27.39
N ARG B 101 -2.10 11.45 -26.66
CA ARG B 101 -2.18 11.44 -25.23
C ARG B 101 -1.61 10.13 -24.79
N TYR B 102 -1.31 10.05 -23.47
CA TYR B 102 -0.70 8.90 -22.87
C TYR B 102 -1.08 9.06 -21.42
N GLU B 103 -0.94 7.99 -20.60
CA GLU B 103 -1.15 8.07 -19.18
C GLU B 103 0.04 7.43 -18.52
N GLY B 104 0.65 8.11 -17.52
CA GLY B 104 1.77 7.67 -16.71
C GLY B 104 2.94 7.14 -17.48
N TRP B 105 3.77 6.30 -16.82
CA TRP B 105 5.03 5.87 -17.37
C TRP B 105 5.39 4.54 -16.81
N TRP B 106 6.04 3.70 -17.68
CA TRP B 106 6.37 2.29 -17.50
C TRP B 106 5.14 1.47 -17.14
N TRP B 107 5.30 0.28 -16.50
CA TRP B 107 4.18 -0.49 -16.00
C TRP B 107 3.47 0.35 -14.97
N ALA B 108 2.12 0.41 -15.07
CA ALA B 108 1.40 1.47 -14.44
C ALA B 108 -0.05 1.17 -14.60
N ASN B 109 -0.45 0.83 -15.84
CA ASN B 109 -1.80 0.48 -16.15
C ASN B 109 -1.77 -0.15 -17.52
N THR B 110 -0.55 -0.31 -18.10
CA THR B 110 -0.24 -0.90 -19.39
C THR B 110 -1.08 -0.27 -20.50
N TYR B 111 -1.06 1.09 -20.50
CA TYR B 111 -1.62 1.99 -21.46
C TYR B 111 -1.45 1.74 -22.94
N ALA B 112 -2.15 2.53 -23.77
CA ALA B 112 -1.77 2.71 -25.15
C ALA B 112 -2.29 4.06 -25.53
N LEU B 113 -1.92 4.56 -26.73
CA LEU B 113 -2.02 5.96 -27.11
C LEU B 113 -3.45 6.13 -27.51
N ASP B 114 -4.26 6.72 -26.60
CA ASP B 114 -5.68 6.52 -26.62
C ASP B 114 -6.45 7.68 -27.20
N TYR B 115 -5.85 8.89 -27.26
CA TYR B 115 -6.53 10.02 -27.84
C TYR B 115 -5.53 10.73 -28.68
N TRP B 116 -5.95 11.10 -29.91
CA TRP B 116 -5.11 11.69 -30.92
C TRP B 116 -5.79 12.95 -31.34
N GLY B 117 -4.98 13.92 -31.85
CA GLY B 117 -5.44 15.09 -32.55
C GLY B 117 -6.11 14.77 -33.85
N GLN B 118 -6.52 15.83 -34.57
CA GLN B 118 -7.21 15.74 -35.83
C GLN B 118 -6.24 15.95 -36.97
N GLY B 119 -4.96 16.22 -36.62
CA GLY B 119 -3.91 16.52 -37.56
C GLY B 119 -3.92 17.99 -37.89
N THR B 120 -2.73 18.58 -38.07
CA THR B 120 -2.56 19.95 -38.49
C THR B 120 -1.49 19.87 -39.55
N LEU B 121 -1.71 20.58 -40.67
CA LEU B 121 -0.88 20.46 -41.83
C LEU B 121 0.30 21.37 -41.70
N VAL B 122 1.50 20.80 -41.92
CA VAL B 122 2.72 21.54 -42.03
C VAL B 122 3.17 21.26 -43.43
N THR B 123 3.47 22.32 -44.20
CA THR B 123 3.94 22.17 -45.55
C THR B 123 5.28 22.83 -45.58
N VAL B 124 6.35 22.07 -45.91
CA VAL B 124 7.68 22.58 -46.01
C VAL B 124 7.90 22.74 -47.50
N SER B 125 7.98 24.00 -47.99
CA SER B 125 8.12 24.30 -49.39
C SER B 125 8.66 25.69 -49.53
N SER B 126 9.13 26.04 -50.75
CA SER B 126 9.65 27.34 -51.08
C SER B 126 9.12 27.64 -52.46
N ALA B 127 7.86 28.15 -52.51
CA ALA B 127 7.21 28.49 -53.75
C ALA B 127 6.09 29.42 -53.40
N SER B 128 5.60 30.18 -54.41
CA SER B 128 4.48 31.08 -54.29
C SER B 128 3.33 30.45 -55.00
N THR B 129 2.08 30.88 -54.67
CA THR B 129 0.86 30.42 -55.31
C THR B 129 0.89 30.76 -56.79
N LYS B 130 0.44 29.79 -57.62
CA LYS B 130 0.63 29.81 -59.03
C LYS B 130 -0.55 29.14 -59.67
N GLY B 131 -1.17 29.80 -60.67
CA GLY B 131 -2.26 29.24 -61.45
C GLY B 131 -1.78 28.13 -62.35
N PRO B 132 -2.62 27.25 -62.86
CA PRO B 132 -2.19 26.13 -63.66
C PRO B 132 -2.10 26.50 -65.12
N SER B 133 -1.11 25.92 -65.84
CA SER B 133 -1.12 25.87 -67.27
C SER B 133 -1.79 24.57 -67.61
N VAL B 134 -2.76 24.62 -68.55
CA VAL B 134 -3.61 23.51 -68.88
C VAL B 134 -3.34 23.21 -70.33
N PHE B 135 -2.90 21.98 -70.62
CA PHE B 135 -2.54 21.58 -71.95
C PHE B 135 -3.49 20.46 -72.31
N PRO B 136 -4.04 20.39 -73.52
CA PRO B 136 -4.85 19.25 -73.92
C PRO B 136 -3.95 18.07 -74.20
N LEU B 137 -4.39 16.86 -73.81
CA LEU B 137 -3.76 15.62 -74.21
C LEU B 137 -4.65 15.11 -75.29
N ALA B 138 -4.26 15.36 -76.56
CA ALA B 138 -5.01 15.02 -77.74
C ALA B 138 -5.23 13.53 -77.86
N PRO B 139 -6.40 13.04 -78.30
CA PRO B 139 -6.61 11.64 -78.64
C PRO B 139 -5.73 11.19 -79.78
N SER B 140 -5.61 9.86 -79.96
CA SER B 140 -4.75 9.26 -80.94
C SER B 140 -5.65 8.72 -81.99
N SER B 141 -5.09 8.48 -83.20
CA SER B 141 -5.78 7.85 -84.30
C SER B 141 -5.39 6.39 -84.33
N LYS B 142 -4.57 5.95 -83.35
CA LYS B 142 -4.10 4.60 -83.20
C LYS B 142 -4.72 3.99 -81.97
N SER B 143 -5.55 4.75 -81.23
CA SER B 143 -6.31 4.23 -80.10
C SER B 143 -7.69 3.87 -80.60
N THR B 144 -8.02 4.33 -81.83
CA THR B 144 -9.17 4.00 -82.65
C THR B 144 -9.36 2.50 -82.85
N SER B 145 -8.26 1.73 -82.67
CA SER B 145 -8.18 0.29 -82.78
C SER B 145 -9.08 -0.52 -81.87
N GLY B 146 -9.68 0.11 -80.83
CA GLY B 146 -10.60 -0.56 -79.91
C GLY B 146 -11.97 0.03 -80.05
N GLY B 147 -12.10 1.15 -80.80
CA GLY B 147 -13.33 1.89 -80.98
C GLY B 147 -13.54 2.91 -79.91
N THR B 148 -12.64 2.95 -78.90
CA THR B 148 -12.71 3.85 -77.78
C THR B 148 -11.39 4.55 -77.73
N ALA B 149 -11.42 5.88 -77.50
CA ALA B 149 -10.25 6.69 -77.38
C ALA B 149 -10.27 7.32 -76.02
N ALA B 150 -9.10 7.44 -75.36
CA ALA B 150 -9.00 8.21 -74.15
C ALA B 150 -8.26 9.47 -74.48
N LEU B 151 -8.73 10.59 -73.91
CA LEU B 151 -8.14 11.90 -74.08
C LEU B 151 -8.21 12.53 -72.74
N GLY B 152 -7.49 13.65 -72.53
CA GLY B 152 -7.42 14.18 -71.19
C GLY B 152 -6.79 15.53 -71.23
N CYS B 153 -6.39 16.02 -70.04
CA CYS B 153 -5.76 17.31 -69.87
C CYS B 153 -4.69 17.11 -68.87
N LEU B 154 -3.53 17.76 -69.12
CA LEU B 154 -2.40 17.75 -68.22
C LEU B 154 -2.42 19.11 -67.58
N VAL B 155 -2.62 19.12 -66.25
CA VAL B 155 -2.74 20.31 -65.46
C VAL B 155 -1.44 20.36 -64.72
N LYS B 156 -0.55 21.28 -65.15
CA LYS B 156 0.86 21.19 -64.89
C LYS B 156 1.26 22.50 -64.26
N ASP B 157 2.21 22.43 -63.30
CA ASP B 157 2.93 23.56 -62.76
C ASP B 157 2.07 24.50 -61.97
N TYR B 158 1.29 23.96 -61.00
CA TYR B 158 0.47 24.75 -60.10
C TYR B 158 1.05 24.55 -58.73
N PHE B 159 0.79 25.51 -57.82
CA PHE B 159 1.14 25.37 -56.43
C PHE B 159 0.15 26.23 -55.69
N PRO B 160 -0.32 25.92 -54.49
CA PRO B 160 -0.25 24.64 -53.83
C PRO B 160 -1.49 23.86 -54.22
N GLU B 161 -1.64 22.61 -53.72
CA GLU B 161 -2.88 21.86 -53.74
C GLU B 161 -3.98 22.58 -52.98
N PRO B 162 -5.27 22.45 -53.32
CA PRO B 162 -5.78 21.46 -54.26
C PRO B 162 -6.29 22.13 -55.52
N VAL B 163 -6.18 21.43 -56.67
CA VAL B 163 -6.94 21.73 -57.86
C VAL B 163 -8.09 20.76 -57.89
N THR B 164 -9.17 21.14 -58.59
CA THR B 164 -10.26 20.26 -58.92
C THR B 164 -10.28 20.28 -60.43
N VAL B 165 -10.48 19.11 -61.06
CA VAL B 165 -10.64 19.01 -62.50
C VAL B 165 -11.93 18.27 -62.66
N SER B 166 -12.82 18.83 -63.50
CA SER B 166 -14.09 18.26 -63.86
C SER B 166 -14.12 18.32 -65.35
N TRP B 167 -15.07 17.59 -65.97
CA TRP B 167 -15.23 17.56 -67.40
C TRP B 167 -16.63 17.99 -67.71
N ASN B 168 -16.76 18.95 -68.65
CA ASN B 168 -18.01 19.53 -69.09
C ASN B 168 -18.81 20.12 -67.96
N SER B 169 -18.09 20.82 -67.04
CA SER B 169 -18.62 21.55 -65.91
C SER B 169 -19.18 20.64 -64.84
N GLY B 170 -18.69 19.38 -64.76
CA GLY B 170 -19.16 18.41 -63.79
C GLY B 170 -20.22 17.51 -64.33
N ALA B 171 -20.64 17.70 -65.61
CA ALA B 171 -21.67 16.89 -66.23
C ALA B 171 -21.13 15.54 -66.63
N LEU B 172 -19.79 15.45 -66.78
CA LEU B 172 -19.08 14.26 -67.13
C LEU B 172 -18.11 14.09 -66.01
N THR B 173 -18.24 12.98 -65.25
CA THR B 173 -17.49 12.72 -64.05
C THR B 173 -17.40 11.23 -63.87
N SER B 174 -18.15 10.46 -64.70
CA SER B 174 -18.15 9.02 -64.67
C SER B 174 -17.27 8.59 -65.80
N GLY B 175 -16.17 7.89 -65.46
CA GLY B 175 -15.14 7.48 -66.37
C GLY B 175 -14.03 8.49 -66.33
N VAL B 176 -14.26 9.62 -65.60
CA VAL B 176 -13.28 10.64 -65.36
C VAL B 176 -12.44 10.14 -64.25
N HIS B 177 -11.11 10.04 -64.49
CA HIS B 177 -10.19 9.64 -63.48
C HIS B 177 -9.25 10.79 -63.35
N THR B 178 -9.34 11.48 -62.20
CA THR B 178 -8.49 12.57 -61.84
C THR B 178 -7.61 11.90 -60.83
N PHE B 179 -6.32 11.75 -61.17
CA PHE B 179 -5.38 11.01 -60.37
C PHE B 179 -4.88 11.88 -59.25
N PRO B 180 -4.46 11.34 -58.11
CA PRO B 180 -3.65 12.02 -57.11
C PRO B 180 -2.57 12.91 -57.68
N ALA B 181 -2.39 14.12 -57.12
CA ALA B 181 -1.33 15.02 -57.47
C ALA B 181 0.00 14.40 -57.16
N VAL B 182 0.99 14.61 -58.04
CA VAL B 182 2.34 14.15 -57.82
C VAL B 182 3.14 15.41 -57.70
N LEU B 183 4.09 15.42 -56.74
CA LEU B 183 5.01 16.51 -56.53
C LEU B 183 6.15 16.26 -57.47
N GLN B 184 6.39 17.24 -58.36
CA GLN B 184 7.45 17.19 -59.34
C GLN B 184 8.72 17.71 -58.71
N SER B 185 9.82 17.67 -59.47
CA SER B 185 11.13 18.11 -59.03
C SER B 185 11.30 19.57 -59.36
N SER B 186 10.21 20.26 -59.75
CA SER B 186 10.17 21.69 -59.93
C SER B 186 9.59 22.32 -58.70
N GLY B 187 9.08 21.51 -57.74
CA GLY B 187 8.45 21.97 -56.53
C GLY B 187 7.06 22.46 -56.80
N LEU B 188 6.47 22.04 -57.94
CA LEU B 188 5.13 22.39 -58.34
C LEU B 188 4.45 21.09 -58.59
N TYR B 189 3.12 21.05 -58.34
CA TYR B 189 2.33 19.86 -58.45
C TYR B 189 1.86 19.74 -59.87
N SER B 190 1.56 18.49 -60.30
CA SER B 190 1.06 18.19 -61.61
C SER B 190 0.15 17.00 -61.47
N LEU B 191 -0.94 16.97 -62.27
CA LEU B 191 -1.81 15.83 -62.34
C LEU B 191 -2.33 15.74 -63.73
N SER B 192 -2.82 14.53 -64.10
CA SER B 192 -3.48 14.33 -65.36
C SER B 192 -4.86 13.94 -64.96
N SER B 193 -5.84 14.37 -65.78
CA SER B 193 -7.22 13.97 -65.64
C SER B 193 -7.54 13.47 -67.00
N VAL B 194 -8.15 12.26 -67.09
CA VAL B 194 -8.42 11.64 -68.35
C VAL B 194 -9.84 11.16 -68.31
N VAL B 195 -10.42 10.97 -69.52
CA VAL B 195 -11.73 10.42 -69.68
C VAL B 195 -11.67 9.59 -70.94
N THR B 196 -12.29 8.39 -70.91
CA THR B 196 -12.41 7.54 -72.07
C THR B 196 -13.78 7.79 -72.64
N VAL B 197 -13.79 8.04 -73.97
CA VAL B 197 -14.94 8.39 -74.74
C VAL B 197 -14.91 7.45 -75.93
N PRO B 198 -16.00 7.20 -76.64
CA PRO B 198 -15.97 6.60 -77.97
C PRO B 198 -15.08 7.36 -78.93
N SER B 199 -14.19 6.66 -79.67
CA SER B 199 -13.31 7.22 -80.67
C SER B 199 -14.14 7.86 -81.78
N SER B 200 -15.26 7.19 -82.11
CA SER B 200 -16.25 7.61 -83.08
C SER B 200 -16.90 8.95 -82.80
N SER B 201 -17.02 9.34 -81.51
CA SER B 201 -17.67 10.57 -81.12
C SER B 201 -16.71 11.74 -81.10
N LEU B 202 -15.40 11.50 -81.27
CA LEU B 202 -14.40 12.55 -81.38
C LEU B 202 -14.66 13.44 -82.58
N GLY B 203 -14.53 14.77 -82.37
CA GLY B 203 -14.71 15.78 -83.39
C GLY B 203 -16.15 16.15 -83.61
N THR B 204 -17.10 15.23 -83.33
CA THR B 204 -18.53 15.48 -83.39
C THR B 204 -19.04 15.75 -82.01
N GLN B 205 -18.14 15.70 -81.00
CA GLN B 205 -18.45 15.99 -79.63
C GLN B 205 -17.16 16.53 -79.12
N THR B 206 -17.25 17.55 -78.25
CA THR B 206 -16.12 18.19 -77.64
C THR B 206 -16.13 17.79 -76.20
N TYR B 207 -14.92 17.47 -75.69
CA TYR B 207 -14.69 17.05 -74.33
C TYR B 207 -13.76 18.09 -73.85
N ILE B 208 -14.21 18.83 -72.80
CA ILE B 208 -13.58 20.02 -72.32
C ILE B 208 -13.32 19.76 -70.87
N CYS B 209 -12.06 19.98 -70.44
CA CYS B 209 -11.70 19.91 -69.05
C CYS B 209 -11.83 21.29 -68.49
N ASN B 210 -12.46 21.36 -67.31
CA ASN B 210 -12.71 22.57 -66.57
C ASN B 210 -11.78 22.42 -65.41
N VAL B 211 -10.77 23.30 -65.32
CA VAL B 211 -9.72 23.20 -64.34
C VAL B 211 -9.92 24.41 -63.48
N ASN B 212 -10.02 24.17 -62.15
CA ASN B 212 -10.13 25.21 -61.17
C ASN B 212 -8.98 24.99 -60.23
N HIS B 213 -8.27 26.08 -59.89
CA HIS B 213 -7.24 26.10 -58.90
C HIS B 213 -7.69 27.12 -57.91
N LYS B 214 -8.24 26.64 -56.79
CA LYS B 214 -8.80 27.44 -55.72
C LYS B 214 -7.85 28.39 -55.02
N PRO B 215 -6.57 28.12 -54.75
CA PRO B 215 -5.71 29.06 -54.02
C PRO B 215 -5.41 30.36 -54.74
N SER B 216 -5.31 30.37 -56.09
CA SER B 216 -5.12 31.59 -56.85
C SER B 216 -6.41 32.01 -57.48
N ASN B 217 -7.46 31.15 -57.37
CA ASN B 217 -8.76 31.31 -57.98
C ASN B 217 -8.67 31.46 -59.48
N THR B 218 -7.86 30.57 -60.11
CA THR B 218 -7.51 30.62 -61.51
C THR B 218 -8.28 29.50 -62.13
N LYS B 219 -9.01 29.77 -63.23
CA LYS B 219 -9.87 28.79 -63.85
C LYS B 219 -9.59 28.85 -65.32
N VAL B 220 -9.25 27.67 -65.91
CA VAL B 220 -8.89 27.55 -67.30
C VAL B 220 -9.67 26.38 -67.82
N ASP B 221 -10.43 26.59 -68.93
CA ASP B 221 -11.17 25.56 -69.61
C ASP B 221 -10.48 25.29 -70.92
N LYS B 222 -10.04 24.02 -71.15
CA LYS B 222 -9.37 23.62 -72.36
C LYS B 222 -10.13 22.54 -73.06
N LYS B 223 -10.61 22.84 -74.29
CA LYS B 223 -11.25 21.89 -75.17
C LYS B 223 -10.21 20.99 -75.77
N VAL B 224 -10.45 19.67 -75.66
CA VAL B 224 -9.61 18.61 -76.12
C VAL B 224 -10.32 18.05 -77.31
N GLU B 225 -9.63 18.00 -78.48
CA GLU B 225 -10.27 17.72 -79.74
C GLU B 225 -9.24 16.98 -80.55
N PRO B 226 -9.61 16.15 -81.52
CA PRO B 226 -8.68 15.54 -82.45
C PRO B 226 -8.20 16.59 -83.42
N ASP C 2 17.31 -1.62 -35.17
CA ASP C 2 16.80 -1.84 -33.85
C ASP C 2 15.54 -2.63 -34.04
N ILE C 3 14.36 -1.99 -33.78
CA ILE C 3 13.08 -2.65 -33.75
C ILE C 3 12.51 -2.59 -35.13
N GLN C 4 12.20 -3.77 -35.69
CA GLN C 4 11.74 -3.95 -37.04
C GLN C 4 10.41 -4.59 -36.81
N MET C 5 9.34 -4.03 -37.41
CA MET C 5 8.01 -4.55 -37.26
C MET C 5 7.64 -5.10 -38.60
N THR C 6 7.17 -6.36 -38.61
CA THR C 6 6.67 -7.00 -39.79
C THR C 6 5.29 -7.45 -39.46
N GLN C 7 4.44 -7.57 -40.50
CA GLN C 7 3.12 -8.15 -40.39
C GLN C 7 3.03 -9.09 -41.54
N SER C 8 2.07 -10.03 -41.47
CA SER C 8 1.76 -10.91 -42.56
C SER C 8 0.31 -11.26 -42.40
N PRO C 9 -0.41 -11.63 -43.45
CA PRO C 9 -0.21 -11.27 -44.85
C PRO C 9 0.11 -9.81 -45.08
N SER C 10 0.97 -9.48 -46.07
CA SER C 10 1.28 -8.12 -46.48
C SER C 10 0.06 -7.40 -46.98
N SER C 11 -0.74 -8.10 -47.84
CA SER C 11 -2.03 -7.66 -48.27
C SER C 11 -2.85 -8.91 -48.31
N LEU C 12 -4.18 -8.77 -48.16
CA LEU C 12 -5.07 -9.90 -48.31
C LEU C 12 -6.35 -9.42 -48.93
N SER C 13 -6.92 -10.28 -49.82
CA SER C 13 -8.17 -10.06 -50.47
C SER C 13 -9.21 -10.80 -49.70
N ALA C 14 -10.23 -10.07 -49.20
CA ALA C 14 -11.29 -10.61 -48.39
C ALA C 14 -12.58 -10.00 -48.87
N SER C 15 -13.70 -10.59 -48.44
CA SER C 15 -15.04 -10.16 -48.74
C SER C 15 -15.67 -10.02 -47.39
N VAL C 16 -16.80 -9.28 -47.30
CA VAL C 16 -17.56 -9.14 -46.07
C VAL C 16 -18.04 -10.46 -45.53
N GLY C 17 -18.03 -10.59 -44.19
CA GLY C 17 -18.40 -11.79 -43.47
C GLY C 17 -17.34 -12.84 -43.53
N ASP C 18 -16.04 -12.43 -43.64
CA ASP C 18 -14.93 -13.35 -43.63
C ASP C 18 -14.22 -13.18 -42.32
N ARG C 19 -13.46 -14.23 -41.90
CA ARG C 19 -12.61 -14.17 -40.75
C ARG C 19 -11.24 -13.83 -41.26
N VAL C 20 -10.71 -12.67 -40.81
CA VAL C 20 -9.41 -12.17 -41.22
C VAL C 20 -8.52 -12.40 -40.04
N THR C 21 -7.33 -12.99 -40.25
CA THR C 21 -6.38 -13.23 -39.21
C THR C 21 -5.07 -12.70 -39.73
N ILE C 22 -4.43 -11.78 -38.96
CA ILE C 22 -3.14 -11.25 -39.29
C ILE C 22 -2.28 -11.45 -38.09
N THR C 23 -0.95 -11.52 -38.31
CA THR C 23 0.04 -11.78 -37.31
C THR C 23 1.00 -10.63 -37.43
N CYS C 24 1.76 -10.37 -36.35
CA CYS C 24 2.78 -9.36 -36.32
C CYS C 24 3.93 -9.98 -35.60
N ARG C 25 5.15 -9.56 -36.00
CA ARG C 25 6.36 -10.05 -35.40
C ARG C 25 7.28 -8.88 -35.25
N ALA C 26 7.88 -8.75 -34.05
CA ALA C 26 8.91 -7.78 -33.75
C ALA C 26 10.20 -8.55 -33.76
N SER C 27 11.31 -7.89 -34.19
CA SER C 27 12.61 -8.53 -34.29
C SER C 27 13.29 -8.59 -32.94
N GLN C 28 12.88 -7.70 -32.02
CA GLN C 28 13.32 -7.70 -30.65
C GLN C 28 12.08 -7.74 -29.82
N SER C 29 12.10 -8.52 -28.71
CA SER C 29 10.98 -8.71 -27.82
C SER C 29 10.67 -7.41 -27.11
N VAL C 30 9.37 -7.05 -27.08
CA VAL C 30 8.89 -5.83 -26.47
C VAL C 30 7.95 -6.19 -25.35
N SER C 31 7.95 -7.49 -24.95
CA SER C 31 7.06 -8.09 -23.97
C SER C 31 5.61 -7.98 -24.38
N SER C 32 4.70 -8.42 -23.48
CA SER C 32 3.26 -8.28 -23.64
C SER C 32 2.94 -6.82 -23.60
N ALA C 33 2.66 -6.24 -24.78
CA ALA C 33 2.62 -4.82 -24.94
C ALA C 33 2.37 -4.63 -26.39
N VAL C 34 1.12 -4.89 -26.82
CA VAL C 34 0.78 -4.79 -28.20
C VAL C 34 -0.59 -4.17 -28.27
N ALA C 35 -0.67 -3.07 -29.04
CA ALA C 35 -1.90 -2.42 -29.37
C ALA C 35 -2.04 -2.62 -30.85
N TRP C 36 -3.29 -2.66 -31.36
CA TRP C 36 -3.53 -2.77 -32.79
C TRP C 36 -4.36 -1.61 -33.20
N TYR C 37 -3.97 -0.92 -34.31
CA TYR C 37 -4.63 0.26 -34.80
C TYR C 37 -5.13 -0.01 -36.18
N GLN C 38 -6.25 0.64 -36.53
CA GLN C 38 -6.81 0.70 -37.86
C GLN C 38 -6.65 2.11 -38.29
N GLN C 39 -6.21 2.34 -39.55
CA GLN C 39 -6.24 3.66 -40.12
C GLN C 39 -6.84 3.49 -41.47
N LYS C 40 -7.73 4.43 -41.84
CA LYS C 40 -8.31 4.54 -43.15
C LYS C 40 -7.92 5.93 -43.58
N PRO C 41 -7.41 6.19 -44.78
CA PRO C 41 -6.93 7.48 -45.25
C PRO C 41 -7.77 8.70 -44.89
N GLY C 42 -7.11 9.79 -44.46
CA GLY C 42 -7.73 11.04 -44.12
C GLY C 42 -8.28 11.04 -42.73
N LYS C 43 -7.73 10.17 -41.85
CA LYS C 43 -8.17 10.05 -40.48
C LYS C 43 -6.92 9.89 -39.67
N ALA C 44 -7.03 10.12 -38.35
CA ALA C 44 -5.99 9.82 -37.40
C ALA C 44 -6.18 8.36 -37.04
N PRO C 45 -5.16 7.58 -36.69
CA PRO C 45 -5.28 6.25 -36.08
C PRO C 45 -6.35 6.08 -35.03
N LYS C 46 -6.94 4.88 -34.96
CA LYS C 46 -7.95 4.57 -33.99
C LYS C 46 -7.64 3.20 -33.45
N LEU C 47 -7.53 3.15 -32.10
CA LEU C 47 -7.23 2.03 -31.26
C LEU C 47 -8.28 0.94 -31.36
N LEU C 48 -7.84 -0.33 -31.49
CA LEU C 48 -8.70 -1.48 -31.55
C LEU C 48 -8.47 -2.31 -30.32
N ILE C 49 -7.19 -2.60 -30.00
CA ILE C 49 -6.81 -3.53 -28.97
C ILE C 49 -5.69 -2.82 -28.26
N TYR C 50 -5.64 -2.96 -26.91
CA TYR C 50 -4.64 -2.37 -26.06
C TYR C 50 -4.28 -3.43 -25.06
N SER C 51 -3.10 -3.27 -24.41
CA SER C 51 -2.53 -4.11 -23.37
C SER C 51 -1.80 -5.26 -23.98
N ALA C 52 -2.53 -6.24 -24.52
CA ALA C 52 -1.93 -7.38 -25.16
C ALA C 52 -2.97 -8.12 -25.95
N SER C 53 -4.27 -7.79 -25.76
CA SER C 53 -5.36 -8.58 -26.28
C SER C 53 -6.67 -8.09 -25.73
N SER C 54 -6.67 -6.92 -25.02
CA SER C 54 -7.84 -6.44 -24.34
C SER C 54 -8.53 -5.47 -25.25
N LEU C 55 -9.85 -5.66 -25.46
CA LEU C 55 -10.62 -4.84 -26.37
C LEU C 55 -10.78 -3.48 -25.76
N TYR C 56 -10.43 -2.44 -26.54
CA TYR C 56 -10.58 -1.04 -26.18
C TYR C 56 -12.03 -0.65 -26.14
N SER C 57 -12.37 0.28 -25.21
CA SER C 57 -13.71 0.80 -25.01
C SER C 57 -14.19 1.54 -26.22
N GLY C 58 -15.48 1.34 -26.58
CA GLY C 58 -16.12 1.97 -27.72
C GLY C 58 -15.64 1.43 -29.03
N VAL C 59 -15.21 0.14 -29.06
CA VAL C 59 -14.77 -0.52 -30.27
C VAL C 59 -15.69 -1.72 -30.38
N PRO C 60 -16.40 -1.97 -31.49
CA PRO C 60 -17.14 -3.20 -31.75
C PRO C 60 -16.40 -4.47 -31.43
N SER C 61 -17.10 -5.48 -30.86
CA SER C 61 -16.48 -6.67 -30.35
C SER C 61 -16.41 -7.68 -31.47
N ARG C 62 -15.28 -7.65 -32.21
CA ARG C 62 -14.97 -8.59 -33.25
C ARG C 62 -13.48 -8.75 -33.26
N PHE C 63 -12.77 -7.73 -32.75
CA PHE C 63 -11.33 -7.75 -32.61
C PHE C 63 -10.99 -8.48 -31.35
N SER C 64 -9.95 -9.35 -31.45
CA SER C 64 -9.43 -10.06 -30.32
C SER C 64 -7.99 -10.32 -30.65
N GLY C 65 -7.17 -10.60 -29.62
CA GLY C 65 -5.77 -10.90 -29.80
C GLY C 65 -5.44 -12.10 -28.99
N SER C 66 -4.34 -12.77 -29.39
CA SER C 66 -3.80 -13.89 -28.66
C SER C 66 -2.31 -13.77 -28.83
N ARG C 67 -1.55 -14.73 -28.25
CA ARG C 67 -0.14 -14.90 -28.48
C ARG C 67 0.70 -13.92 -27.72
N SER C 68 1.99 -14.28 -27.49
CA SER C 68 2.91 -13.44 -26.79
C SER C 68 4.28 -13.81 -27.27
N GLY C 69 5.30 -13.09 -26.73
CA GLY C 69 6.69 -13.29 -27.08
C GLY C 69 7.00 -12.27 -28.12
N THR C 70 7.55 -12.72 -29.26
CA THR C 70 7.94 -11.85 -30.36
C THR C 70 6.87 -11.93 -31.41
N ASP C 71 5.79 -12.71 -31.18
CA ASP C 71 4.77 -13.02 -32.15
C ASP C 71 3.45 -12.68 -31.53
N PHE C 72 2.75 -11.67 -32.10
CA PHE C 72 1.49 -11.20 -31.59
C PHE C 72 0.49 -11.54 -32.66
N THR C 73 -0.81 -11.70 -32.31
CA THR C 73 -1.81 -12.03 -33.29
C THR C 73 -2.99 -11.13 -33.04
N LEU C 74 -3.66 -10.72 -34.15
CA LEU C 74 -4.91 -10.00 -34.18
C LEU C 74 -5.83 -10.79 -35.05
N THR C 75 -7.03 -11.12 -34.52
CA THR C 75 -8.02 -11.89 -35.22
C THR C 75 -9.23 -10.99 -35.26
N ILE C 76 -9.85 -10.89 -36.45
CA ILE C 76 -11.10 -10.21 -36.68
C ILE C 76 -12.05 -11.31 -37.04
N SER C 77 -13.04 -11.58 -36.15
CA SER C 77 -13.98 -12.67 -36.27
C SER C 77 -14.90 -12.59 -37.48
N SER C 78 -15.42 -11.37 -37.78
CA SER C 78 -16.26 -11.14 -38.92
C SER C 78 -15.77 -9.87 -39.55
N LEU C 79 -16.11 -9.66 -40.84
CA LEU C 79 -15.67 -8.51 -41.59
C LEU C 79 -16.92 -7.76 -41.94
N GLN C 80 -16.81 -6.41 -41.94
CA GLN C 80 -17.89 -5.50 -42.16
C GLN C 80 -17.41 -4.60 -43.27
N PRO C 81 -18.28 -3.83 -43.94
CA PRO C 81 -17.87 -2.98 -45.05
C PRO C 81 -17.46 -1.63 -44.49
N GLU C 82 -16.23 -1.58 -43.94
CA GLU C 82 -15.62 -0.44 -43.28
C GLU C 82 -14.35 -0.96 -42.65
N ASP C 83 -14.01 -2.24 -42.94
CA ASP C 83 -12.87 -2.92 -42.38
C ASP C 83 -11.90 -3.19 -43.50
N PHE C 84 -12.11 -2.55 -44.68
CA PHE C 84 -11.16 -2.55 -45.75
C PHE C 84 -10.33 -1.35 -45.45
N ALA C 85 -9.09 -1.59 -44.95
CA ALA C 85 -8.34 -0.58 -44.26
C ALA C 85 -6.94 -1.08 -44.12
N THR C 86 -6.07 -0.25 -43.52
CA THR C 86 -4.70 -0.60 -43.25
C THR C 86 -4.63 -0.88 -41.77
N TYR C 87 -4.02 -2.03 -41.39
CA TYR C 87 -3.93 -2.50 -40.03
C TYR C 87 -2.50 -2.56 -39.60
N TYR C 88 -2.22 -1.98 -38.40
CA TYR C 88 -0.92 -1.77 -37.81
C TYR C 88 -0.90 -2.47 -36.48
N CYS C 89 0.24 -3.12 -36.14
CA CYS C 89 0.52 -3.52 -34.76
C CYS C 89 1.38 -2.42 -34.24
N GLN C 90 1.37 -2.25 -32.91
CA GLN C 90 2.08 -1.18 -32.26
C GLN C 90 2.56 -1.71 -30.96
N GLN C 91 3.58 -1.07 -30.35
CA GLN C 91 4.19 -1.54 -29.15
C GLN C 91 4.66 -0.32 -28.44
N TYR C 92 4.75 -0.41 -27.09
CA TYR C 92 5.17 0.68 -26.26
C TYR C 92 6.13 0.15 -25.22
N TYR C 93 6.83 1.10 -24.57
CA TYR C 93 7.77 0.98 -23.47
C TYR C 93 9.10 1.34 -24.04
N GLU C 94 9.65 2.50 -23.59
CA GLU C 94 10.81 3.10 -24.19
C GLU C 94 11.99 2.52 -23.50
N TRP C 95 13.11 2.44 -24.25
CA TRP C 95 14.43 2.18 -23.72
C TRP C 95 15.14 3.51 -23.70
N LEU C 96 15.43 4.09 -24.90
CA LEU C 96 14.70 5.26 -25.36
C LEU C 96 14.12 4.94 -26.72
N SER C 97 13.99 3.62 -27.03
CA SER C 97 13.60 3.08 -28.31
C SER C 97 12.23 3.55 -28.74
N LEU C 98 12.07 3.68 -30.07
CA LEU C 98 10.93 4.26 -30.75
C LEU C 98 9.71 3.44 -30.50
N PHE C 99 8.53 4.11 -30.48
CA PHE C 99 7.26 3.44 -30.35
C PHE C 99 6.85 3.12 -31.75
N THR C 100 7.19 1.89 -32.19
CA THR C 100 7.16 1.50 -33.56
C THR C 100 5.80 0.99 -33.94
N PHE C 101 5.48 1.16 -35.24
CA PHE C 101 4.23 0.81 -35.84
C PHE C 101 4.62 -0.09 -36.97
N GLY C 102 3.76 -1.10 -37.27
CA GLY C 102 3.79 -1.91 -38.47
C GLY C 102 3.85 -1.14 -39.76
N GLN C 103 4.04 -1.88 -40.88
CA GLN C 103 4.20 -1.30 -42.19
C GLN C 103 2.88 -1.29 -42.91
N GLY C 104 1.80 -1.67 -42.19
CA GLY C 104 0.44 -1.73 -42.68
C GLY C 104 0.13 -2.96 -43.46
N THR C 105 -1.06 -3.56 -43.16
CA THR C 105 -1.62 -4.68 -43.89
C THR C 105 -2.87 -4.17 -44.53
N LYS C 106 -2.94 -4.21 -45.88
CA LYS C 106 -4.08 -3.74 -46.62
C LYS C 106 -5.06 -4.85 -46.82
N VAL C 107 -6.27 -4.69 -46.23
CA VAL C 107 -7.40 -5.56 -46.46
C VAL C 107 -8.17 -4.91 -47.58
N GLU C 108 -8.33 -5.61 -48.73
CA GLU C 108 -8.96 -5.07 -49.90
C GLU C 108 -10.12 -5.94 -50.29
N ILE C 109 -11.01 -5.40 -51.18
CA ILE C 109 -12.23 -6.05 -51.62
C ILE C 109 -11.87 -6.94 -52.78
N LYS C 110 -12.11 -8.26 -52.61
CA LYS C 110 -11.94 -9.29 -53.61
C LYS C 110 -12.93 -9.14 -54.75
N ARG C 111 -12.47 -9.37 -56.00
CA ARG C 111 -13.33 -9.44 -57.16
C ARG C 111 -12.59 -10.19 -58.24
N THR C 112 -13.30 -10.49 -59.34
CA THR C 112 -12.78 -11.07 -60.57
C THR C 112 -11.73 -10.21 -61.24
N VAL C 113 -10.75 -10.89 -61.91
CA VAL C 113 -9.74 -10.31 -62.78
C VAL C 113 -10.41 -9.61 -63.95
N ALA C 114 -9.84 -8.46 -64.39
CA ALA C 114 -10.27 -7.79 -65.58
C ALA C 114 -9.03 -7.23 -66.22
N ALA C 115 -8.95 -7.34 -67.57
CA ALA C 115 -7.88 -6.80 -68.38
C ALA C 115 -7.97 -5.28 -68.46
N PRO C 116 -6.86 -4.55 -68.64
CA PRO C 116 -6.87 -3.10 -68.74
C PRO C 116 -7.19 -2.67 -70.14
N SER C 117 -7.96 -1.57 -70.30
CA SER C 117 -8.12 -0.92 -71.59
C SER C 117 -6.96 0.02 -71.72
N VAL C 118 -6.15 -0.15 -72.79
CA VAL C 118 -4.90 0.57 -72.95
C VAL C 118 -5.12 1.64 -73.98
N PHE C 119 -4.80 2.90 -73.60
CA PHE C 119 -4.91 4.04 -74.48
C PHE C 119 -3.60 4.76 -74.38
N ILE C 120 -3.09 5.29 -75.53
CA ILE C 120 -1.89 6.10 -75.57
C ILE C 120 -2.31 7.42 -76.19
N PHE C 121 -1.84 8.55 -75.61
CA PHE C 121 -2.30 9.88 -75.90
C PHE C 121 -1.14 10.70 -76.44
N PRO C 122 -1.23 11.27 -77.65
CA PRO C 122 -0.37 12.35 -78.14
C PRO C 122 -0.42 13.61 -77.30
N PRO C 123 0.65 14.36 -77.01
CA PRO C 123 0.58 15.75 -76.60
C PRO C 123 -0.01 16.60 -77.70
N SER C 124 -0.67 17.73 -77.35
CA SER C 124 -1.19 18.67 -78.31
C SER C 124 -0.10 19.64 -78.66
N ASP C 125 -0.36 20.50 -79.67
CA ASP C 125 0.48 21.60 -80.10
C ASP C 125 0.79 22.56 -78.98
N SER C 126 -0.21 22.83 -78.11
CA SER C 126 -0.15 23.71 -76.95
C SER C 126 0.87 23.26 -75.95
N GLN C 127 0.96 21.92 -75.72
CA GLN C 127 1.91 21.32 -74.81
C GLN C 127 3.33 21.53 -75.30
N LEU C 128 3.56 21.38 -76.62
CA LEU C 128 4.85 21.55 -77.27
C LEU C 128 5.32 22.99 -77.27
N LYS C 129 4.40 23.97 -77.16
CA LYS C 129 4.74 25.38 -77.06
C LYS C 129 5.44 25.75 -75.77
N SER C 130 5.26 24.96 -74.69
CA SER C 130 5.87 25.25 -73.40
C SER C 130 7.20 24.54 -73.30
N GLY C 131 7.60 23.78 -74.35
CA GLY C 131 8.92 23.21 -74.48
C GLY C 131 9.00 21.87 -73.82
N THR C 132 7.82 21.27 -73.54
CA THR C 132 7.69 20.03 -72.81
C THR C 132 6.78 19.22 -73.70
N ALA C 133 6.93 17.88 -73.66
CA ALA C 133 6.06 16.97 -74.36
C ALA C 133 5.61 16.02 -73.29
N SER C 134 4.28 15.86 -73.11
CA SER C 134 3.75 14.92 -72.15
C SER C 134 2.97 13.90 -72.92
N VAL C 135 3.37 12.62 -72.77
CA VAL C 135 2.73 11.50 -73.42
C VAL C 135 2.07 10.76 -72.30
N VAL C 136 0.74 10.50 -72.40
CA VAL C 136 -0.03 9.94 -71.30
C VAL C 136 -0.50 8.58 -71.72
N CYS C 137 -0.38 7.57 -70.82
CA CYS C 137 -0.92 6.25 -71.03
C CYS C 137 -1.92 5.98 -69.95
N LEU C 138 -3.12 5.52 -70.32
CA LEU C 138 -4.19 5.21 -69.40
C LEU C 138 -4.45 3.73 -69.47
N LEU C 139 -4.44 3.08 -68.30
CA LEU C 139 -4.82 1.70 -68.10
C LEU C 139 -6.08 1.81 -67.30
N ASN C 140 -7.25 1.46 -67.88
CA ASN C 140 -8.52 1.79 -67.27
C ASN C 140 -9.24 0.52 -66.89
N ASN C 141 -9.78 0.50 -65.65
CA ASN C 141 -10.73 -0.46 -65.13
C ASN C 141 -10.24 -1.88 -65.08
N PHE C 142 -9.05 -2.11 -64.49
CA PHE C 142 -8.46 -3.43 -64.40
C PHE C 142 -8.52 -3.87 -62.97
N TYR C 143 -8.35 -5.19 -62.72
CA TYR C 143 -8.24 -5.74 -61.39
C TYR C 143 -7.35 -6.95 -61.59
N PRO C 144 -6.43 -7.33 -60.70
CA PRO C 144 -6.10 -6.66 -59.45
C PRO C 144 -5.09 -5.58 -59.74
N ARG C 145 -4.45 -5.03 -58.68
CA ARG C 145 -3.61 -3.86 -58.79
C ARG C 145 -2.20 -4.27 -59.18
N GLU C 146 -2.03 -5.54 -59.62
CA GLU C 146 -0.78 -6.09 -60.08
C GLU C 146 -0.70 -5.82 -61.57
N ALA C 147 -0.12 -4.66 -61.94
CA ALA C 147 0.03 -4.25 -63.31
C ALA C 147 1.31 -3.50 -63.34
N LYS C 148 2.01 -3.54 -64.50
CA LYS C 148 3.26 -2.85 -64.71
C LYS C 148 3.13 -2.15 -66.02
N VAL C 149 3.43 -0.84 -66.05
CA VAL C 149 3.47 -0.06 -67.26
C VAL C 149 4.94 0.08 -67.53
N GLN C 150 5.29 0.15 -68.83
CA GLN C 150 6.63 0.42 -69.27
C GLN C 150 6.42 1.28 -70.47
N TRP C 151 7.32 2.28 -70.61
CA TRP C 151 7.28 3.23 -71.68
C TRP C 151 8.47 2.92 -72.51
N LYS C 152 8.29 2.85 -73.84
CA LYS C 152 9.39 2.72 -74.74
C LYS C 152 9.20 3.82 -75.73
N VAL C 153 10.27 4.57 -76.04
CA VAL C 153 10.26 5.54 -77.09
C VAL C 153 11.38 5.12 -77.99
N ASP C 154 11.01 4.77 -79.25
CA ASP C 154 11.89 4.26 -80.28
C ASP C 154 12.49 2.94 -79.86
N ASN C 155 11.70 2.16 -79.07
CA ASN C 155 12.02 0.87 -78.51
C ASN C 155 12.93 0.98 -77.29
N ALA C 156 13.47 2.18 -76.99
CA ALA C 156 14.38 2.41 -75.90
C ALA C 156 13.58 2.60 -74.65
N LEU C 157 14.00 1.96 -73.53
CA LEU C 157 13.23 1.89 -72.31
C LEU C 157 13.38 3.20 -71.57
N GLN C 158 12.23 3.81 -71.21
CA GLN C 158 12.15 5.08 -70.54
C GLN C 158 11.78 4.78 -69.13
N SER C 159 12.70 5.14 -68.20
CA SER C 159 12.51 4.97 -66.79
C SER C 159 13.30 6.11 -66.20
N GLY C 160 12.78 6.71 -65.09
CA GLY C 160 13.46 7.77 -64.38
C GLY C 160 13.08 9.09 -64.97
N ASN C 161 11.93 9.13 -65.67
CA ASN C 161 11.42 10.30 -66.36
C ASN C 161 9.97 9.99 -66.66
N SER C 162 9.44 8.94 -65.99
CA SER C 162 8.07 8.51 -66.10
C SER C 162 7.62 8.52 -64.66
N GLN C 163 6.33 8.87 -64.43
CA GLN C 163 5.75 8.90 -63.12
C GLN C 163 4.47 8.16 -63.26
N GLU C 164 4.11 7.35 -62.24
CA GLU C 164 2.88 6.61 -62.21
C GLU C 164 2.07 7.18 -61.10
N SER C 165 0.73 7.06 -61.23
CA SER C 165 -0.19 7.38 -60.19
C SER C 165 -1.29 6.39 -60.37
N VAL C 166 -1.80 5.85 -59.23
CA VAL C 166 -2.76 4.79 -59.22
C VAL C 166 -3.85 5.29 -58.33
N THR C 167 -5.12 5.16 -58.73
CA THR C 167 -6.23 5.42 -57.85
C THR C 167 -6.50 4.16 -57.08
N GLU C 168 -7.08 4.30 -55.87
CA GLU C 168 -7.62 3.21 -55.10
C GLU C 168 -8.95 2.80 -55.69
N GLN C 169 -9.47 1.63 -55.22
CA GLN C 169 -10.73 1.02 -55.60
C GLN C 169 -11.86 1.99 -55.88
N ASP C 170 -12.48 1.81 -57.06
CA ASP C 170 -13.53 2.65 -57.58
C ASP C 170 -14.84 2.32 -56.92
N SER C 171 -15.85 3.18 -57.19
CA SER C 171 -17.20 3.01 -56.68
C SER C 171 -18.01 2.35 -57.78
N LYS C 172 -17.37 2.20 -58.97
CA LYS C 172 -17.92 1.61 -60.17
C LYS C 172 -18.24 0.15 -59.98
N ASP C 173 -17.33 -0.57 -59.27
CA ASP C 173 -17.40 -1.99 -59.05
C ASP C 173 -16.08 -2.43 -58.43
N SER C 174 -15.27 -1.45 -57.95
CA SER C 174 -14.03 -1.67 -57.24
C SER C 174 -12.90 -2.14 -58.12
N THR C 175 -12.77 -1.50 -59.31
CA THR C 175 -11.66 -1.70 -60.22
C THR C 175 -10.61 -0.66 -59.87
N TYR C 176 -9.45 -0.72 -60.55
CA TYR C 176 -8.39 0.25 -60.41
C TYR C 176 -8.16 0.87 -61.75
N SER C 177 -7.66 2.13 -61.74
CA SER C 177 -7.22 2.80 -62.93
C SER C 177 -5.85 3.28 -62.61
N LEU C 178 -5.00 3.45 -63.64
CA LEU C 178 -3.64 3.85 -63.47
C LEU C 178 -3.38 4.80 -64.61
N SER C 179 -2.75 5.95 -64.33
CA SER C 179 -2.30 6.87 -65.35
C SER C 179 -0.83 6.99 -65.14
N SER C 180 -0.06 6.80 -66.22
CA SER C 180 1.38 6.93 -66.20
C SER C 180 1.64 7.99 -67.21
N THR C 181 2.45 8.99 -66.81
CA THR C 181 2.74 10.15 -67.60
C THR C 181 4.22 10.12 -67.81
N LEU C 182 4.61 10.03 -69.10
CA LEU C 182 5.97 10.10 -69.56
C LEU C 182 6.18 11.53 -69.94
N THR C 183 7.19 12.17 -69.32
CA THR C 183 7.47 13.56 -69.51
C THR C 183 8.79 13.59 -70.20
N LEU C 184 8.84 14.30 -71.34
CA LEU C 184 10.00 14.41 -72.19
C LEU C 184 10.13 15.88 -72.46
N SER C 185 11.31 16.32 -72.96
CA SER C 185 11.47 17.59 -73.63
C SER C 185 10.71 17.57 -74.93
N LYS C 186 10.25 18.75 -75.40
CA LYS C 186 9.74 18.96 -76.73
C LYS C 186 10.77 18.61 -77.76
N ALA C 187 12.05 18.99 -77.48
CA ALA C 187 13.18 18.73 -78.32
C ALA C 187 13.43 17.25 -78.51
N ASP C 188 13.33 16.45 -77.42
CA ASP C 188 13.43 15.00 -77.44
C ASP C 188 12.34 14.38 -78.26
N TYR C 189 11.09 14.89 -78.09
CA TYR C 189 9.89 14.50 -78.76
C TYR C 189 9.99 14.67 -80.27
N GLU C 190 10.69 15.73 -80.74
CA GLU C 190 10.84 16.03 -82.13
C GLU C 190 12.05 15.32 -82.72
N LYS C 191 12.71 14.47 -81.89
CA LYS C 191 13.79 13.60 -82.29
C LYS C 191 13.33 12.17 -82.14
N HIS C 192 12.00 11.97 -81.96
CA HIS C 192 11.41 10.70 -81.65
C HIS C 192 10.21 10.57 -82.54
N LYS C 193 9.65 9.35 -82.65
CA LYS C 193 8.65 9.03 -83.62
C LYS C 193 7.68 8.07 -82.98
N VAL C 194 8.16 6.88 -82.56
CA VAL C 194 7.32 5.85 -82.01
C VAL C 194 7.30 6.05 -80.52
N TYR C 195 6.10 6.24 -79.95
CA TYR C 195 5.90 6.35 -78.52
C TYR C 195 5.03 5.19 -78.26
N ALA C 196 5.44 4.30 -77.34
CA ALA C 196 4.77 3.05 -77.12
C ALA C 196 4.60 2.91 -75.64
N CYS C 197 3.38 2.46 -75.26
CA CYS C 197 3.03 2.13 -73.90
C CYS C 197 2.80 0.66 -73.97
N GLU C 198 3.56 -0.10 -73.15
CA GLU C 198 3.48 -1.53 -73.09
C GLU C 198 2.91 -1.82 -71.75
N VAL C 199 1.86 -2.66 -71.70
CA VAL C 199 1.09 -2.90 -70.51
C VAL C 199 1.18 -4.37 -70.22
N THR C 200 1.58 -4.72 -68.99
CA THR C 200 1.73 -6.08 -68.52
C THR C 200 0.70 -6.24 -67.45
N HIS C 201 -0.13 -7.32 -67.57
CA HIS C 201 -1.18 -7.59 -66.62
C HIS C 201 -1.42 -9.07 -66.72
N GLN C 202 -2.01 -9.67 -65.65
CA GLN C 202 -2.26 -11.09 -65.56
C GLN C 202 -3.46 -11.54 -66.33
N GLY C 203 -4.37 -10.60 -66.68
CA GLY C 203 -5.56 -10.84 -67.46
C GLY C 203 -5.20 -10.98 -68.91
N LEU C 204 -4.04 -10.38 -69.31
CA LEU C 204 -3.48 -10.47 -70.62
C LEU C 204 -2.68 -11.75 -70.68
N SER C 205 -2.55 -12.34 -71.90
CA SER C 205 -1.82 -13.56 -72.13
C SER C 205 -0.42 -13.25 -72.63
N SER C 206 -0.07 -11.95 -72.67
CA SER C 206 1.21 -11.43 -73.09
C SER C 206 0.96 -9.95 -73.23
N PRO C 207 1.90 -9.07 -72.85
CA PRO C 207 1.80 -7.62 -72.96
C PRO C 207 1.16 -7.06 -74.21
N VAL C 208 0.27 -6.04 -74.04
CA VAL C 208 -0.38 -5.36 -75.12
C VAL C 208 0.31 -4.04 -75.23
N THR C 209 0.77 -3.71 -76.47
CA THR C 209 1.46 -2.48 -76.76
C THR C 209 0.52 -1.65 -77.59
N LYS C 210 0.31 -0.38 -77.19
CA LYS C 210 -0.39 0.61 -77.97
C LYS C 210 0.60 1.71 -78.18
N SER C 211 0.75 2.16 -79.45
CA SER C 211 1.76 3.11 -79.83
C SER C 211 1.13 4.05 -80.81
N PHE C 212 1.78 5.22 -81.02
CA PHE C 212 1.40 6.14 -82.05
C PHE C 212 2.66 6.68 -82.64
N ASN C 213 2.51 7.23 -83.87
CA ASN C 213 3.54 7.94 -84.58
C ASN C 213 3.18 9.37 -84.44
N ARG C 214 4.19 10.20 -84.06
CA ARG C 214 4.20 11.61 -83.78
C ARG C 214 3.12 12.43 -84.43
N GLY C 215 2.43 13.27 -83.61
CA GLY C 215 1.29 14.06 -84.03
C GLY C 215 0.10 13.20 -84.29
N GLU C 216 -0.98 13.82 -84.83
CA GLU C 216 -2.18 13.13 -85.23
C GLU C 216 -2.14 13.02 -86.72
N MET D 1 -7.03 -1.83 86.71
CA MET D 1 -7.63 -2.81 85.85
C MET D 1 -7.79 -2.25 84.49
N ASN D 2 -7.85 -3.16 83.49
CA ASN D 2 -7.94 -2.84 82.09
C ASN D 2 -9.34 -3.17 81.62
N GLY D 3 -10.19 -3.68 82.54
CA GLY D 3 -11.60 -3.90 82.31
C GLY D 3 -11.94 -4.96 83.31
N THR D 4 -12.13 -6.21 82.83
CA THR D 4 -12.34 -7.36 83.65
C THR D 4 -11.62 -8.45 82.92
N GLU D 5 -10.54 -8.97 83.54
CA GLU D 5 -9.69 -9.97 82.96
C GLU D 5 -10.27 -11.31 83.30
N GLY D 6 -10.01 -12.31 82.43
CA GLY D 6 -10.44 -13.66 82.63
C GLY D 6 -9.39 -14.52 82.00
N PRO D 7 -9.41 -15.83 82.24
CA PRO D 7 -8.45 -16.76 81.65
C PRO D 7 -9.01 -17.28 80.35
N ASN D 8 -10.27 -16.91 80.01
CA ASN D 8 -10.87 -17.31 78.76
C ASN D 8 -11.82 -16.21 78.33
N PHE D 9 -11.54 -14.96 78.73
CA PHE D 9 -12.32 -13.85 78.24
C PHE D 9 -11.60 -12.59 78.62
N TYR D 10 -12.00 -11.48 77.96
CA TYR D 10 -11.59 -10.16 78.33
C TYR D 10 -12.78 -9.30 78.06
N VAL D 11 -13.68 -9.12 79.07
CA VAL D 11 -14.73 -8.14 78.99
C VAL D 11 -14.07 -6.79 79.17
N PRO D 12 -14.10 -5.81 78.26
CA PRO D 12 -13.39 -4.55 78.44
C PRO D 12 -14.16 -3.62 79.34
N PHE D 13 -15.40 -4.00 79.71
CA PHE D 13 -16.26 -3.27 80.60
C PHE D 13 -15.97 -3.77 81.98
N SER D 14 -15.75 -2.83 82.93
CA SER D 14 -15.45 -3.12 84.31
C SER D 14 -16.59 -3.82 85.01
N ASN D 15 -16.25 -4.73 85.95
CA ASN D 15 -17.20 -5.52 86.69
C ASN D 15 -17.75 -4.66 87.80
N LYS D 16 -19.09 -4.49 87.80
CA LYS D 16 -19.80 -3.67 88.74
C LYS D 16 -21.27 -3.97 88.55
N THR D 17 -21.59 -4.87 87.58
CA THR D 17 -22.93 -5.34 87.34
C THR D 17 -23.07 -6.71 87.94
N GLY D 18 -21.93 -7.34 88.35
CA GLY D 18 -21.87 -8.56 89.10
C GLY D 18 -22.27 -9.76 88.29
N VAL D 19 -22.09 -9.69 86.94
CA VAL D 19 -22.47 -10.73 86.03
C VAL D 19 -21.44 -10.78 84.93
N VAL D 20 -20.25 -10.16 85.15
CA VAL D 20 -19.19 -10.12 84.18
C VAL D 20 -18.37 -11.36 84.36
N ARG D 21 -18.66 -12.36 83.49
CA ARG D 21 -18.02 -13.64 83.44
C ARG D 21 -17.65 -13.79 81.99
N SER D 22 -17.50 -15.06 81.50
CA SER D 22 -17.33 -15.38 80.10
C SER D 22 -18.57 -14.96 79.33
N PRO D 23 -18.47 -14.37 78.15
CA PRO D 23 -19.63 -14.05 77.34
C PRO D 23 -19.78 -15.13 76.30
N PHE D 24 -19.68 -16.41 76.74
CA PHE D 24 -19.95 -17.55 75.90
C PHE D 24 -21.33 -18.08 76.19
N GLU D 25 -22.01 -17.50 77.22
CA GLU D 25 -23.27 -17.98 77.72
C GLU D 25 -23.92 -16.84 78.48
N ALA D 26 -23.27 -15.65 78.51
CA ALA D 26 -23.77 -14.53 79.28
C ALA D 26 -24.02 -13.37 78.34
N PRO D 27 -25.23 -12.80 78.26
CA PRO D 27 -25.53 -11.63 77.44
C PRO D 27 -24.74 -10.43 77.89
N GLN D 28 -24.42 -9.51 76.97
CA GLN D 28 -23.55 -8.40 77.26
C GLN D 28 -24.27 -7.14 76.85
N TYR D 29 -25.51 -6.96 77.36
CA TYR D 29 -26.38 -5.85 77.02
C TYR D 29 -26.23 -4.76 78.04
N TYR D 30 -25.26 -4.91 78.98
CA TYR D 30 -24.98 -3.94 80.01
C TYR D 30 -23.72 -3.17 79.69
N LEU D 31 -23.01 -3.54 78.59
CA LEU D 31 -21.84 -2.82 78.14
C LEU D 31 -22.11 -2.18 76.81
N ALA D 32 -23.26 -2.52 76.18
CA ALA D 32 -23.66 -1.90 74.96
C ALA D 32 -25.14 -2.04 74.94
N GLU D 33 -25.83 -1.00 74.42
CA GLU D 33 -27.27 -0.99 74.31
C GLU D 33 -27.70 -1.94 73.21
N PRO D 34 -28.95 -2.42 73.17
CA PRO D 34 -29.47 -3.24 72.09
C PRO D 34 -29.36 -2.57 70.73
N TRP D 35 -29.46 -1.22 70.67
CA TRP D 35 -29.37 -0.48 69.43
C TRP D 35 -27.97 -0.54 68.91
N GLN D 36 -26.95 -0.43 69.80
CA GLN D 36 -25.54 -0.59 69.46
C GLN D 36 -25.19 -1.94 68.89
N PHE D 37 -25.90 -3.02 69.33
CA PHE D 37 -25.80 -4.34 68.75
C PHE D 37 -26.37 -4.40 67.37
N SER D 38 -27.48 -3.67 67.11
CA SER D 38 -28.07 -3.55 65.80
C SER D 38 -27.13 -2.86 64.84
N MET D 39 -26.43 -1.79 65.30
CA MET D 39 -25.42 -1.08 64.54
C MET D 39 -24.21 -1.93 64.25
N LEU D 40 -23.79 -2.79 65.21
CA LEU D 40 -22.75 -3.77 65.05
C LEU D 40 -23.10 -4.74 63.94
N ALA D 41 -24.34 -5.29 63.99
CA ALA D 41 -24.88 -6.20 63.00
C ALA D 41 -25.01 -5.55 61.65
N ALA D 42 -25.47 -4.28 61.61
CA ALA D 42 -25.53 -3.45 60.42
C ALA D 42 -24.20 -3.32 59.73
N TYR D 43 -23.15 -3.01 60.54
CA TYR D 43 -21.79 -2.87 60.07
C TYR D 43 -21.23 -4.16 59.50
N MET D 44 -21.48 -5.31 60.16
CA MET D 44 -21.06 -6.61 59.66
C MET D 44 -21.74 -7.02 58.38
N PHE D 45 -23.02 -6.60 58.22
CA PHE D 45 -23.82 -6.84 57.04
C PHE D 45 -23.23 -6.09 55.87
N LEU D 46 -22.93 -4.78 56.07
CA LEU D 46 -22.24 -3.89 55.16
C LEU D 46 -20.98 -4.51 54.60
N LEU D 47 -20.05 -4.93 55.50
CA LEU D 47 -18.77 -5.52 55.14
C LEU D 47 -18.88 -6.75 54.26
N ILE D 48 -19.96 -7.55 54.41
CA ILE D 48 -20.24 -8.72 53.58
C ILE D 48 -20.74 -8.25 52.24
N MET D 49 -21.78 -7.39 52.24
CA MET D 49 -22.44 -6.82 51.07
C MET D 49 -21.53 -6.10 50.11
N LEU D 50 -20.51 -5.38 50.64
CA LEU D 50 -19.51 -4.74 49.81
C LEU D 50 -18.39 -5.68 49.50
N GLY D 51 -17.84 -6.35 50.54
CA GLY D 51 -16.65 -7.17 50.45
C GLY D 51 -16.72 -8.32 49.49
N PHE D 52 -17.84 -9.08 49.48
CA PHE D 52 -17.99 -10.23 48.60
C PHE D 52 -18.06 -9.87 47.12
N PRO D 53 -18.87 -8.93 46.63
CA PRO D 53 -18.89 -8.53 45.23
C PRO D 53 -17.56 -8.02 44.73
N ILE D 54 -16.94 -7.07 45.46
CA ILE D 54 -15.66 -6.46 45.17
C ILE D 54 -14.56 -7.49 44.97
N ASN D 55 -14.47 -8.51 45.85
CA ASN D 55 -13.41 -9.50 45.83
C ASN D 55 -13.71 -10.59 44.83
N PHE D 56 -15.01 -10.93 44.62
CA PHE D 56 -15.41 -11.92 43.66
C PHE D 56 -15.11 -11.44 42.25
N LEU D 57 -15.47 -10.17 41.95
CA LEU D 57 -15.20 -9.46 40.72
C LEU D 57 -13.74 -9.48 40.33
N THR D 58 -12.82 -9.31 41.32
CA THR D 58 -11.38 -9.31 41.13
C THR D 58 -10.90 -10.62 40.56
N LEU D 59 -11.42 -11.76 41.06
CA LEU D 59 -11.11 -13.07 40.54
C LEU D 59 -11.73 -13.30 39.20
N TYR D 60 -13.00 -12.84 39.04
CA TYR D 60 -13.83 -13.09 37.89
C TYR D 60 -13.34 -12.45 36.62
N VAL D 61 -13.06 -11.12 36.68
CA VAL D 61 -12.63 -10.32 35.54
C VAL D 61 -11.32 -10.80 34.92
N THR D 62 -10.41 -11.38 35.75
CA THR D 62 -9.10 -11.83 35.34
C THR D 62 -9.16 -13.05 34.46
N VAL D 63 -10.14 -13.95 34.70
CA VAL D 63 -10.32 -15.19 33.96
C VAL D 63 -10.75 -14.95 32.53
N GLN D 64 -11.39 -13.79 32.24
CA GLN D 64 -11.97 -13.52 30.95
C GLN D 64 -11.25 -12.42 30.21
N HIS D 65 -10.20 -11.80 30.79
CA HIS D 65 -9.43 -10.80 30.09
C HIS D 65 -7.97 -11.11 30.15
N LYS D 66 -7.42 -11.40 28.95
CA LYS D 66 -6.06 -11.71 28.61
C LYS D 66 -5.00 -10.94 29.33
N LYS D 67 -5.06 -9.59 29.24
CA LYS D 67 -4.09 -8.67 29.81
C LYS D 67 -3.93 -8.74 31.31
N LEU D 68 -4.97 -9.23 32.00
CA LEU D 68 -5.00 -9.37 33.44
C LEU D 68 -4.27 -10.59 33.92
N ARG D 69 -4.14 -11.63 33.07
CA ARG D 69 -3.53 -12.89 33.43
C ARG D 69 -2.04 -12.74 33.25
N THR D 70 -1.34 -12.38 34.36
CA THR D 70 0.08 -12.16 34.38
C THR D 70 0.51 -12.56 35.78
N PRO D 71 1.77 -12.96 36.00
CA PRO D 71 2.33 -13.27 37.31
C PRO D 71 2.12 -12.22 38.38
N LEU D 72 2.22 -10.93 38.00
CA LEU D 72 2.15 -9.79 38.89
C LEU D 72 0.77 -9.56 39.46
N ASN D 73 -0.25 -10.28 38.95
CA ASN D 73 -1.62 -10.16 39.38
C ASN D 73 -1.95 -11.23 40.40
N TYR D 74 -1.15 -12.33 40.47
CA TYR D 74 -1.32 -13.43 41.42
C TYR D 74 -1.53 -12.98 42.84
N ILE D 75 -0.69 -12.04 43.33
CA ILE D 75 -0.71 -11.50 44.67
C ILE D 75 -1.99 -10.74 44.96
N LEU D 76 -2.55 -10.06 43.94
CA LEU D 76 -3.81 -9.35 44.03
C LEU D 76 -4.98 -10.30 44.12
N LEU D 77 -4.96 -11.42 43.35
CA LEU D 77 -5.94 -12.48 43.46
C LEU D 77 -5.92 -13.10 44.84
N ASN D 78 -4.70 -13.34 45.38
CA ASN D 78 -4.46 -13.86 46.70
C ASN D 78 -5.05 -12.96 47.77
N LEU D 79 -4.80 -11.64 47.68
CA LEU D 79 -5.39 -10.60 48.49
C LEU D 79 -6.89 -10.67 48.54
N ALA D 80 -7.55 -10.86 47.36
CA ALA D 80 -8.99 -10.93 47.25
C ALA D 80 -9.54 -12.14 47.98
N VAL D 81 -8.84 -13.29 47.88
CA VAL D 81 -9.15 -14.52 48.60
C VAL D 81 -9.03 -14.34 50.09
N ALA D 82 -7.93 -13.70 50.56
CA ALA D 82 -7.66 -13.35 51.94
C ALA D 82 -8.79 -12.57 52.57
N ASP D 83 -9.26 -11.53 51.85
CA ASP D 83 -10.37 -10.68 52.21
C ASP D 83 -11.64 -11.48 52.39
N LEU D 84 -11.87 -12.50 51.53
CA LEU D 84 -13.02 -13.39 51.56
C LEU D 84 -12.98 -14.32 52.75
N PHE D 85 -11.78 -14.79 53.16
CA PHE D 85 -11.59 -15.51 54.42
C PHE D 85 -12.11 -14.71 55.59
N MET D 86 -11.76 -13.40 55.67
CA MET D 86 -12.30 -12.50 56.66
C MET D 86 -13.81 -12.34 56.58
N VAL D 87 -14.41 -12.43 55.37
CA VAL D 87 -15.83 -12.22 55.17
C VAL D 87 -16.63 -13.38 55.71
N PHE D 88 -16.21 -14.63 55.40
CA PHE D 88 -17.02 -15.78 55.74
C PHE D 88 -16.62 -16.40 57.05
N GLY D 89 -15.33 -16.24 57.44
CA GLY D 89 -14.85 -16.70 58.72
C GLY D 89 -15.16 -15.75 59.82
N GLY D 90 -14.95 -14.44 59.60
CA GLY D 90 -15.06 -13.44 60.63
C GLY D 90 -16.41 -12.80 60.64
N PHE D 91 -16.71 -12.04 59.55
CA PHE D 91 -17.83 -11.12 59.45
C PHE D 91 -19.16 -11.78 59.65
N THR D 92 -19.37 -12.94 58.98
CA THR D 92 -20.61 -13.68 59.00
C THR D 92 -20.90 -14.23 60.38
N THR D 93 -19.91 -14.90 61.01
CA THR D 93 -19.96 -15.33 62.40
C THR D 93 -20.35 -14.20 63.35
N THR D 94 -19.67 -13.04 63.23
CA THR D 94 -19.89 -11.88 64.09
C THR D 94 -21.27 -11.28 63.90
N LEU D 95 -21.82 -11.33 62.67
CA LEU D 95 -23.17 -10.93 62.33
C LEU D 95 -24.18 -11.77 63.05
N TYR D 96 -23.98 -13.12 63.04
CA TYR D 96 -24.82 -14.08 63.73
C TYR D 96 -24.86 -13.82 65.22
N THR D 97 -23.65 -13.75 65.85
CA THR D 97 -23.45 -13.58 67.28
C THR D 97 -23.99 -12.28 67.83
N SER D 98 -23.75 -11.14 67.13
CA SER D 98 -24.14 -9.80 67.52
C SER D 98 -25.61 -9.64 67.89
N LEU D 99 -26.51 -10.40 67.22
CA LEU D 99 -27.93 -10.32 67.40
C LEU D 99 -28.39 -11.04 68.66
N HIS D 100 -27.54 -11.95 69.22
CA HIS D 100 -27.74 -12.52 70.54
C HIS D 100 -27.18 -11.62 71.60
N GLY D 101 -26.19 -10.77 71.22
CA GLY D 101 -25.55 -9.80 72.08
C GLY D 101 -24.38 -10.40 72.82
N TYR D 102 -23.96 -11.63 72.45
CA TYR D 102 -22.80 -12.25 73.01
C TYR D 102 -22.45 -13.35 72.05
N PHE D 103 -21.26 -13.98 72.26
CA PHE D 103 -20.68 -14.95 71.37
C PHE D 103 -21.28 -16.28 71.75
N VAL D 104 -22.01 -16.96 70.83
CA VAL D 104 -22.81 -18.11 71.16
C VAL D 104 -22.18 -19.40 70.73
N PHE D 105 -20.99 -19.36 70.09
CA PHE D 105 -20.35 -20.57 69.58
C PHE D 105 -19.36 -21.11 70.56
N GLY D 106 -19.16 -20.42 71.72
CA GLY D 106 -18.37 -20.94 72.81
C GLY D 106 -16.89 -20.80 72.57
N PRO D 107 -16.06 -21.23 73.53
CA PRO D 107 -14.61 -21.09 73.52
C PRO D 107 -13.97 -21.70 72.29
N THR D 108 -14.44 -22.88 71.83
CA THR D 108 -13.89 -23.56 70.68
C THR D 108 -14.21 -22.79 69.41
N GLY D 109 -15.48 -22.34 69.29
CA GLY D 109 -15.95 -21.45 68.25
C GLY D 109 -15.16 -20.18 68.14
N CYS D 110 -14.84 -19.57 69.30
CA CYS D 110 -14.01 -18.39 69.44
C CYS D 110 -12.63 -18.57 68.86
N ASN D 111 -12.02 -19.76 69.08
CA ASN D 111 -10.72 -20.11 68.57
C ASN D 111 -10.75 -20.27 67.07
N LEU D 112 -11.80 -20.94 66.54
CA LEU D 112 -12.05 -21.08 65.11
C LEU D 112 -12.23 -19.76 64.39
N GLU D 113 -13.23 -18.95 64.80
CA GLU D 113 -13.56 -17.66 64.24
C GLU D 113 -12.40 -16.69 64.28
N GLY D 114 -11.68 -16.67 65.43
CA GLY D 114 -10.52 -15.85 65.69
C GLY D 114 -9.37 -16.25 64.81
N PHE D 115 -9.25 -17.56 64.50
CA PHE D 115 -8.24 -18.12 63.65
C PHE D 115 -8.45 -17.67 62.22
N PHE D 116 -9.70 -17.78 61.71
CA PHE D 116 -10.01 -17.47 60.34
C PHE D 116 -9.89 -15.98 60.07
N ALA D 117 -10.32 -15.14 61.05
CA ALA D 117 -10.21 -13.71 60.99
C ALA D 117 -8.77 -13.26 60.96
N THR D 118 -7.93 -13.83 61.85
CA THR D 118 -6.51 -13.55 61.94
C THR D 118 -5.78 -13.98 60.70
N LEU D 119 -6.01 -15.24 60.24
CA LEU D 119 -5.43 -15.81 59.03
C LEU D 119 -5.65 -14.92 57.83
N GLY D 120 -6.94 -14.58 57.59
CA GLY D 120 -7.41 -13.64 56.58
C GLY D 120 -6.67 -12.34 56.60
N GLY D 121 -6.77 -11.62 57.74
CA GLY D 121 -6.16 -10.34 58.00
C GLY D 121 -4.66 -10.31 57.86
N GLU D 122 -3.98 -11.45 58.13
CA GLU D 122 -2.55 -11.55 58.07
C GLU D 122 -2.10 -11.77 56.66
N ILE D 123 -2.81 -12.62 55.87
CA ILE D 123 -2.54 -12.79 54.45
C ILE D 123 -2.70 -11.46 53.74
N ALA D 124 -3.75 -10.68 54.09
CA ALA D 124 -4.00 -9.33 53.62
C ALA D 124 -2.85 -8.40 53.93
N LEU D 125 -2.45 -8.31 55.23
CA LEU D 125 -1.32 -7.54 55.74
C LEU D 125 -0.07 -7.77 54.94
N TRP D 126 0.32 -9.05 54.82
CA TRP D 126 1.53 -9.47 54.15
C TRP D 126 1.46 -9.32 52.65
N SER D 127 0.24 -9.34 52.05
CA SER D 127 0.01 -8.99 50.67
C SER D 127 0.44 -7.57 50.42
N LEU D 128 -0.08 -6.59 51.20
CA LEU D 128 0.35 -5.20 51.14
C LEU D 128 1.85 -4.98 51.22
N VAL D 129 2.57 -5.85 51.98
CA VAL D 129 4.02 -5.80 52.09
C VAL D 129 4.64 -6.29 50.81
N VAL D 130 4.29 -7.54 50.38
CA VAL D 130 4.75 -8.15 49.15
C VAL D 130 4.54 -7.29 47.94
N LEU D 131 3.36 -6.65 47.83
CA LEU D 131 2.98 -5.72 46.77
C LEU D 131 3.93 -4.55 46.68
N ALA D 132 4.31 -3.96 47.84
CA ALA D 132 5.28 -2.90 47.92
C ALA D 132 6.64 -3.33 47.48
N ILE D 133 7.06 -4.56 47.87
CA ILE D 133 8.30 -5.19 47.45
C ILE D 133 8.32 -5.33 45.96
N GLU D 134 7.31 -6.00 45.35
CA GLU D 134 7.18 -6.20 43.93
C GLU D 134 7.22 -4.92 43.13
N ARG D 135 6.51 -3.85 43.59
CA ARG D 135 6.55 -2.55 42.95
C ARG D 135 7.91 -1.91 42.97
N TYR D 136 8.62 -2.01 44.13
CA TYR D 136 9.97 -1.56 44.31
C TYR D 136 10.94 -2.26 43.40
N VAL D 137 10.84 -3.61 43.32
CA VAL D 137 11.65 -4.48 42.49
C VAL D 137 11.50 -4.13 41.03
N VAL D 138 10.24 -4.03 40.56
CA VAL D 138 9.88 -3.76 39.19
C VAL D 138 10.35 -2.40 38.73
N VAL D 139 10.23 -1.35 39.57
CA VAL D 139 10.45 0.00 39.10
C VAL D 139 11.88 0.45 39.34
N CYS D 140 12.41 0.25 40.56
CA CYS D 140 13.75 0.66 40.94
C CYS D 140 14.87 -0.22 40.41
N LYS D 141 14.54 -1.48 40.03
CA LYS D 141 15.49 -2.46 39.51
C LYS D 141 16.68 -2.72 40.45
N PRO D 142 16.49 -3.17 41.70
CA PRO D 142 17.58 -3.29 42.66
C PRO D 142 18.33 -4.59 42.46
N MET D 143 17.82 -5.51 41.61
CA MET D 143 18.38 -6.81 41.37
C MET D 143 19.40 -6.71 40.29
N SER D 144 20.18 -7.82 40.09
CA SER D 144 21.19 -7.93 39.08
C SER D 144 20.53 -8.60 37.90
N ASN D 145 19.45 -7.96 37.41
CA ASN D 145 18.65 -8.30 36.26
C ASN D 145 17.75 -9.46 36.56
N PHE D 146 16.49 -9.34 36.09
CA PHE D 146 15.48 -10.32 36.33
C PHE D 146 14.43 -10.10 35.28
N ARG D 147 13.62 -11.15 35.07
CA ARG D 147 12.42 -11.09 34.28
C ARG D 147 11.42 -11.60 35.26
N PHE D 148 10.35 -10.80 35.53
CA PHE D 148 9.39 -11.15 36.54
C PHE D 148 8.45 -12.14 35.90
N GLY D 149 8.51 -13.40 36.38
CA GLY D 149 7.79 -14.52 35.85
C GLY D 149 7.10 -15.19 36.99
N GLU D 150 6.43 -16.32 36.66
CA GLU D 150 5.62 -17.15 37.53
C GLU D 150 6.24 -17.49 38.86
N ASN D 151 7.55 -17.86 38.90
CA ASN D 151 8.24 -18.30 40.08
C ASN D 151 8.30 -17.28 41.19
N HIS D 152 8.59 -15.99 40.84
CA HIS D 152 8.67 -14.92 41.82
C HIS D 152 7.33 -14.66 42.47
N ALA D 153 6.27 -14.61 41.63
CA ALA D 153 4.89 -14.46 42.00
C ALA D 153 4.39 -15.46 43.01
N ILE D 154 4.70 -16.76 42.76
CA ILE D 154 4.33 -17.89 43.57
C ILE D 154 4.99 -17.81 44.93
N MET D 155 6.31 -17.51 44.96
CA MET D 155 7.06 -17.27 46.17
C MET D 155 6.47 -16.17 47.02
N GLY D 156 6.17 -15.00 46.39
CA GLY D 156 5.49 -13.88 46.99
C GLY D 156 4.20 -14.24 47.68
N VAL D 157 3.34 -15.04 47.01
CA VAL D 157 2.07 -15.53 47.53
C VAL D 157 2.28 -16.45 48.71
N ALA D 158 3.18 -17.45 48.54
CA ALA D 158 3.55 -18.40 49.55
C ALA D 158 4.05 -17.76 50.83
N PHE D 159 4.92 -16.72 50.70
CA PHE D 159 5.44 -15.95 51.80
C PHE D 159 4.39 -15.35 52.71
N THR D 160 3.27 -14.84 52.14
CA THR D 160 2.23 -14.20 52.92
C THR D 160 1.51 -15.23 53.74
N TRP D 161 1.24 -16.41 53.12
CA TRP D 161 0.62 -17.54 53.75
C TRP D 161 1.40 -18.03 54.95
N VAL D 162 2.74 -18.21 54.79
CA VAL D 162 3.66 -18.69 55.80
C VAL D 162 3.73 -17.77 56.99
N MET D 163 3.90 -16.44 56.74
CA MET D 163 3.89 -15.41 57.75
C MET D 163 2.59 -15.32 58.51
N ALA D 164 1.47 -15.62 57.83
CA ALA D 164 0.15 -15.56 58.39
C ALA D 164 -0.06 -16.70 59.34
N LEU D 165 0.33 -17.94 58.94
CA LEU D 165 0.37 -19.10 59.81
C LEU D 165 1.25 -18.89 61.01
N ALA D 166 2.42 -18.21 60.84
CA ALA D 166 3.32 -17.81 61.91
C ALA D 166 2.69 -16.92 62.98
N CYS D 167 1.46 -16.39 62.73
CA CYS D 167 0.77 -15.48 63.61
C CYS D 167 -0.47 -16.17 64.11
N ALA D 168 -1.25 -16.76 63.18
CA ALA D 168 -2.54 -17.35 63.44
C ALA D 168 -2.45 -18.66 64.19
N ALA D 169 -1.37 -19.44 64.00
CA ALA D 169 -1.21 -20.73 64.63
C ALA D 169 -0.82 -20.64 66.10
N PRO D 170 0.13 -19.80 66.59
CA PRO D 170 0.45 -19.68 68.01
C PRO D 170 -0.69 -19.58 68.99
N PRO D 171 -1.77 -18.77 68.91
CA PRO D 171 -2.80 -18.75 69.93
C PRO D 171 -3.60 -20.05 70.05
N LEU D 172 -3.45 -21.00 69.09
CA LEU D 172 -4.12 -22.28 69.16
C LEU D 172 -3.35 -23.29 69.96
N VAL D 173 -2.05 -23.02 70.27
CA VAL D 173 -1.19 -23.96 70.95
C VAL D 173 -0.78 -23.38 72.27
N GLY D 174 -1.39 -22.23 72.66
CA GLY D 174 -1.34 -21.73 74.01
C GLY D 174 -0.35 -20.63 74.19
N TRP D 175 0.30 -20.14 73.09
CA TRP D 175 1.15 -18.99 73.17
C TRP D 175 0.24 -17.87 72.75
N SER D 176 -0.28 -17.13 73.75
CA SER D 176 -1.45 -16.26 73.67
C SER D 176 -2.68 -17.12 73.43
N ARG D 177 -3.84 -16.46 73.18
CA ARG D 177 -5.08 -17.15 73.00
C ARG D 177 -5.99 -16.21 72.27
N TYR D 178 -7.06 -16.76 71.64
CA TYR D 178 -8.12 -15.96 71.11
C TYR D 178 -9.15 -15.90 72.21
N ILE D 179 -9.70 -14.69 72.45
CA ILE D 179 -10.73 -14.47 73.43
C ILE D 179 -11.49 -13.28 72.91
N PRO D 180 -12.80 -13.11 73.18
CA PRO D 180 -13.61 -11.99 72.72
C PRO D 180 -13.02 -10.60 72.91
N GLU D 181 -13.19 -9.73 71.89
CA GLU D 181 -12.82 -8.33 71.89
C GLU D 181 -14.10 -7.56 71.68
N GLY D 182 -14.02 -6.21 71.75
CA GLY D 182 -15.11 -5.29 71.43
C GLY D 182 -16.32 -5.44 72.31
N MET D 183 -17.50 -5.69 71.69
CA MET D 183 -18.76 -5.82 72.39
C MET D 183 -19.01 -7.29 72.68
N GLN D 184 -18.00 -8.14 72.43
CA GLN D 184 -17.86 -9.51 72.87
C GLN D 184 -18.51 -10.45 71.92
N CYS D 185 -18.58 -10.06 70.63
CA CYS D 185 -19.23 -10.85 69.61
C CYS D 185 -18.25 -11.15 68.51
N SER D 186 -16.98 -10.77 68.69
CA SER D 186 -15.93 -11.21 67.82
C SER D 186 -14.76 -11.49 68.72
N CYS D 187 -13.88 -12.40 68.26
CA CYS D 187 -12.72 -12.85 68.99
C CYS D 187 -11.52 -12.34 68.29
N GLY D 188 -10.60 -11.71 69.06
CA GLY D 188 -9.35 -11.24 68.51
C GLY D 188 -8.28 -11.90 69.29
N ILE D 189 -7.04 -11.38 69.10
CA ILE D 189 -5.82 -11.81 69.74
C ILE D 189 -5.74 -11.21 71.10
N ASP D 190 -5.32 -12.01 72.10
CA ASP D 190 -5.14 -11.54 73.45
C ASP D 190 -3.85 -10.76 73.58
N TYR D 191 -3.98 -9.43 73.75
CA TYR D 191 -2.89 -8.50 73.87
C TYR D 191 -3.26 -7.51 74.95
N TYR D 192 -4.48 -7.69 75.51
CA TYR D 192 -5.14 -6.78 76.41
C TYR D 192 -5.35 -7.41 77.76
N THR D 193 -4.65 -8.53 78.02
CA THR D 193 -4.67 -9.22 79.29
C THR D 193 -3.21 -9.63 79.42
N PRO D 194 -2.54 -9.47 80.55
CA PRO D 194 -1.14 -9.84 80.68
C PRO D 194 -1.04 -11.16 81.42
N HIS D 195 -1.99 -12.10 81.23
CA HIS D 195 -1.99 -13.37 81.93
C HIS D 195 -0.82 -14.23 81.55
N GLU D 196 -0.04 -14.60 82.58
CA GLU D 196 1.22 -15.32 82.55
C GLU D 196 1.07 -16.68 81.92
N GLU D 197 -0.06 -17.37 82.22
CA GLU D 197 -0.36 -18.74 81.85
C GLU D 197 -0.34 -19.02 80.35
N THR D 198 -0.42 -17.98 79.49
CA THR D 198 -0.38 -18.13 78.06
C THR D 198 0.76 -17.32 77.51
N ASN D 199 1.43 -16.50 78.36
CA ASN D 199 2.63 -15.75 78.05
C ASN D 199 2.33 -14.67 77.05
N ASN D 200 1.22 -13.93 77.30
CA ASN D 200 0.71 -12.85 76.49
C ASN D 200 1.74 -11.78 76.21
N GLU D 201 2.54 -11.40 77.23
CA GLU D 201 3.51 -10.32 77.16
C GLU D 201 4.54 -10.50 76.08
N SER D 202 5.19 -11.69 76.03
CA SER D 202 6.18 -12.02 75.03
C SER D 202 5.59 -12.07 73.64
N PHE D 203 4.34 -12.59 73.51
CA PHE D 203 3.61 -12.63 72.26
C PHE D 203 3.37 -11.25 71.72
N VAL D 204 2.96 -10.28 72.58
CA VAL D 204 2.69 -8.91 72.20
C VAL D 204 3.92 -8.22 71.65
N ILE D 205 5.11 -8.48 72.25
CA ILE D 205 6.37 -7.96 71.77
C ILE D 205 6.70 -8.53 70.40
N TYR D 206 6.58 -9.88 70.25
CA TYR D 206 6.78 -10.61 69.01
C TYR D 206 5.91 -10.07 67.88
N MET D 207 4.60 -9.95 68.15
CA MET D 207 3.58 -9.39 67.29
C MET D 207 3.89 -8.01 66.81
N PHE D 208 4.19 -7.10 67.76
CA PHE D 208 4.51 -5.71 67.49
C PHE D 208 5.71 -5.58 66.59
N VAL D 209 6.77 -6.37 66.83
CA VAL D 209 7.99 -6.27 66.06
C VAL D 209 7.84 -6.92 64.71
N VAL D 210 7.54 -8.25 64.66
CA VAL D 210 7.62 -9.02 63.44
C VAL D 210 6.46 -8.73 62.51
N HIS D 211 5.27 -8.44 63.05
CA HIS D 211 4.06 -8.31 62.27
C HIS D 211 3.57 -6.89 62.15
N PHE D 212 4.23 -5.88 62.78
CA PHE D 212 3.90 -4.49 62.52
C PHE D 212 5.12 -3.73 62.08
N ILE D 213 6.19 -3.67 62.91
CA ILE D 213 7.38 -2.87 62.64
C ILE D 213 8.06 -3.28 61.35
N ILE D 214 8.39 -4.58 61.15
CA ILE D 214 8.90 -5.12 59.89
C ILE D 214 8.07 -4.65 58.69
N PRO D 215 6.77 -4.97 58.52
CA PRO D 215 5.91 -4.39 57.48
C PRO D 215 6.00 -2.89 57.30
N LEU D 216 5.91 -2.10 58.39
CA LEU D 216 5.95 -0.66 58.41
C LEU D 216 7.22 -0.12 57.80
N ILE D 217 8.38 -0.69 58.18
CA ILE D 217 9.68 -0.34 57.65
C ILE D 217 9.76 -0.66 56.17
N VAL D 218 9.42 -1.92 55.79
CA VAL D 218 9.49 -2.39 54.42
C VAL D 218 8.68 -1.54 53.45
N ILE D 219 7.40 -1.26 53.80
CA ILE D 219 6.49 -0.41 53.06
C ILE D 219 7.02 0.99 52.83
N PHE D 220 7.54 1.63 53.91
CA PHE D 220 8.07 2.98 53.87
C PHE D 220 9.29 3.07 52.98
N PHE D 221 10.20 2.09 53.09
CA PHE D 221 11.40 1.96 52.28
C PHE D 221 11.08 1.89 50.81
N CYS D 222 10.35 0.83 50.40
CA CYS D 222 9.94 0.51 49.06
C CYS D 222 9.29 1.66 48.33
N TYR D 223 8.21 2.24 48.93
CA TYR D 223 7.49 3.32 48.29
C TYR D 223 8.24 4.62 48.32
N GLY D 224 9.08 4.87 49.35
CA GLY D 224 9.99 6.01 49.40
C GLY D 224 10.96 6.02 48.25
N GLN D 225 11.64 4.87 48.01
CA GLN D 225 12.47 4.60 46.86
C GLN D 225 11.77 4.85 45.56
N LEU D 226 10.55 4.27 45.39
CA LEU D 226 9.74 4.43 44.20
C LEU D 226 9.43 5.88 43.90
N VAL D 227 9.02 6.69 44.91
CA VAL D 227 8.77 8.12 44.77
C VAL D 227 10.01 8.88 44.38
N PHE D 228 11.19 8.50 44.94
CA PHE D 228 12.47 9.08 44.62
C PHE D 228 12.79 8.86 43.15
N THR D 229 12.80 7.59 42.69
CA THR D 229 12.95 7.18 41.31
C THR D 229 12.07 7.95 40.33
N VAL D 230 10.76 8.07 40.64
CA VAL D 230 9.75 8.69 39.80
C VAL D 230 9.95 10.18 39.70
N LYS D 231 10.34 10.84 40.81
CA LYS D 231 10.73 12.23 40.85
C LYS D 231 11.92 12.53 39.98
N GLU D 232 12.97 11.68 40.06
CA GLU D 232 14.18 11.76 39.28
C GLU D 232 13.89 11.65 37.81
N ALA D 233 13.16 10.58 37.40
CA ALA D 233 12.72 10.32 36.04
C ALA D 233 12.00 11.50 35.42
N ALA D 234 11.09 12.13 36.21
CA ALA D 234 10.29 13.27 35.85
C ALA D 234 11.13 14.49 35.63
N ALA D 235 12.15 14.70 36.50
CA ALA D 235 13.12 15.77 36.39
C ALA D 235 13.89 15.70 35.09
N GLN D 236 14.23 14.46 34.65
CA GLN D 236 14.92 14.20 33.40
C GLN D 236 13.97 14.19 32.22
N GLN D 237 12.69 14.58 32.41
CA GLN D 237 11.68 14.48 31.40
C GLN D 237 10.68 15.54 31.76
N GLN D 238 11.20 16.77 31.96
CA GLN D 238 10.44 17.93 32.38
C GLN D 238 10.07 18.71 31.15
N GLU D 239 10.26 18.09 29.98
CA GLU D 239 9.92 18.57 28.67
C GLU D 239 8.58 18.01 28.28
N SER D 240 7.98 17.16 29.16
CA SER D 240 6.69 16.56 28.93
C SER D 240 5.88 16.86 30.15
N ALA D 241 4.76 17.59 29.95
CA ALA D 241 3.79 17.99 30.94
C ALA D 241 3.17 16.80 31.62
N THR D 242 2.81 15.78 30.80
CA THR D 242 2.23 14.52 31.21
C THR D 242 3.04 13.85 32.29
N THR D 243 4.36 13.68 32.07
CA THR D 243 5.28 13.05 33.00
C THR D 243 5.34 13.77 34.34
N GLN D 244 5.24 15.13 34.34
CA GLN D 244 5.19 15.92 35.56
C GLN D 244 3.93 15.73 36.37
N LYS D 245 2.77 15.64 35.67
CA LYS D 245 1.47 15.39 36.26
C LYS D 245 1.43 14.04 36.92
N ALA D 246 1.89 13.02 36.16
CA ALA D 246 2.05 11.65 36.57
C ALA D 246 2.87 11.51 37.82
N GLU D 247 3.99 12.25 37.92
CA GLU D 247 4.90 12.24 39.07
C GLU D 247 4.23 12.68 40.34
N LYS D 248 3.41 13.74 40.24
CA LYS D 248 2.64 14.30 41.32
C LYS D 248 1.56 13.34 41.76
N GLU D 249 0.85 12.74 40.77
CA GLU D 249 -0.19 11.76 40.99
C GLU D 249 0.34 10.52 41.67
N VAL D 250 1.47 9.97 41.21
CA VAL D 250 2.17 8.81 41.75
C VAL D 250 2.60 9.02 43.17
N THR D 251 3.11 10.23 43.51
CA THR D 251 3.50 10.60 44.86
C THR D 251 2.29 10.60 45.77
N ARG D 252 1.15 11.14 45.27
CA ARG D 252 -0.13 11.13 45.96
C ARG D 252 -0.60 9.72 46.24
N MET D 253 -0.62 8.83 45.22
CA MET D 253 -0.92 7.42 45.33
C MET D 253 -0.11 6.72 46.39
N VAL D 254 1.22 6.99 46.48
CA VAL D 254 2.10 6.39 47.46
C VAL D 254 1.72 6.80 48.87
N ILE D 255 1.29 8.07 49.05
CA ILE D 255 0.80 8.58 50.31
C ILE D 255 -0.47 7.85 50.70
N ILE D 256 -1.40 7.61 49.74
CA ILE D 256 -2.62 6.85 49.92
C ILE D 256 -2.31 5.42 50.34
N MET D 257 -1.35 4.75 49.65
CA MET D 257 -0.93 3.39 49.93
C MET D 257 -0.34 3.22 51.31
N VAL D 258 0.46 4.20 51.77
CA VAL D 258 1.13 4.18 53.04
C VAL D 258 0.11 4.35 54.13
N ILE D 259 -0.73 5.40 54.04
CA ILE D 259 -1.87 5.67 54.90
C ILE D 259 -2.80 4.49 55.05
N ALA D 260 -3.08 3.74 53.95
CA ALA D 260 -3.99 2.62 53.99
C ALA D 260 -3.46 1.48 54.83
N PHE D 261 -2.13 1.25 54.81
CA PHE D 261 -1.49 0.29 55.68
C PHE D 261 -1.50 0.75 57.12
N LEU D 262 -1.27 2.07 57.35
CA LEU D 262 -1.24 2.66 58.67
C LEU D 262 -2.57 2.53 59.36
N ILE D 263 -3.65 3.04 58.74
CA ILE D 263 -5.02 2.95 59.21
C ILE D 263 -5.41 1.54 59.56
N CYS D 264 -5.01 0.54 58.74
CA CYS D 264 -5.41 -0.82 58.97
C CYS D 264 -4.77 -1.48 60.18
N TRP D 265 -3.45 -1.26 60.45
CA TRP D 265 -2.76 -2.01 61.49
C TRP D 265 -2.23 -1.19 62.65
N LEU D 266 -2.07 0.14 62.48
CA LEU D 266 -1.66 1.06 63.52
C LEU D 266 -2.55 1.02 64.74
N PRO D 267 -3.90 1.04 64.69
CA PRO D 267 -4.75 0.94 65.86
C PRO D 267 -4.45 -0.23 66.76
N TYR D 268 -4.38 -1.48 66.20
CA TYR D 268 -3.99 -2.67 66.93
C TYR D 268 -2.65 -2.54 67.62
N ALA D 269 -1.64 -2.05 66.86
CA ALA D 269 -0.29 -1.87 67.37
C ALA D 269 -0.22 -0.84 68.46
N GLY D 270 -0.83 0.35 68.22
CA GLY D 270 -0.90 1.46 69.14
C GLY D 270 -1.51 1.10 70.47
N VAL D 271 -2.73 0.53 70.44
CA VAL D 271 -3.45 0.06 71.60
C VAL D 271 -2.69 -1.00 72.37
N ALA D 272 -2.19 -2.07 71.68
CA ALA D 272 -1.40 -3.13 72.28
C ALA D 272 -0.17 -2.64 73.00
N PHE D 273 0.55 -1.66 72.38
CA PHE D 273 1.75 -1.07 72.91
C PHE D 273 1.46 -0.28 74.16
N TYR D 274 0.36 0.53 74.14
CA TYR D 274 -0.05 1.37 75.24
C TYR D 274 -0.35 0.56 76.48
N ILE D 275 -1.12 -0.55 76.33
CA ILE D 275 -1.46 -1.48 77.40
C ILE D 275 -0.23 -2.12 78.00
N PHE D 276 0.80 -2.42 77.16
CA PHE D 276 2.05 -2.98 77.61
C PHE D 276 2.86 -2.00 78.43
N THR D 277 2.94 -0.72 77.96
CA THR D 277 3.69 0.33 78.61
C THR D 277 3.05 0.81 79.88
N HIS D 278 1.69 0.82 79.91
CA HIS D 278 0.92 1.27 81.04
C HIS D 278 -0.13 0.22 81.25
N GLN D 279 -0.01 -0.55 82.35
CA GLN D 279 -0.89 -1.65 82.64
C GLN D 279 -1.73 -1.20 83.78
N GLY D 280 -3.06 -1.14 83.55
CA GLY D 280 -4.04 -0.68 84.49
C GLY D 280 -4.88 0.35 83.81
N SER D 281 -4.70 0.53 82.48
CA SER D 281 -5.42 1.47 81.68
C SER D 281 -6.63 0.76 81.14
N ASP D 282 -7.83 1.26 81.50
CA ASP D 282 -9.10 0.72 81.07
C ASP D 282 -9.48 1.36 79.76
N PHE D 283 -9.89 0.52 78.79
CA PHE D 283 -10.45 0.92 77.53
C PHE D 283 -11.81 0.33 77.46
N GLY D 284 -12.82 1.16 77.08
CA GLY D 284 -14.22 0.81 77.07
C GLY D 284 -14.60 -0.20 76.03
N PRO D 285 -15.84 -0.66 76.03
CA PRO D 285 -16.38 -1.64 75.10
C PRO D 285 -16.70 -1.04 73.76
N ILE D 286 -16.42 0.26 73.55
CA ILE D 286 -16.68 0.94 72.30
C ILE D 286 -15.34 1.13 71.66
N PHE D 287 -14.34 1.59 72.46
CA PHE D 287 -12.98 1.82 72.05
C PHE D 287 -12.29 0.59 71.49
N MET D 288 -12.59 -0.62 72.03
CA MET D 288 -12.00 -1.85 71.59
C MET D 288 -12.57 -2.37 70.30
N THR D 289 -13.66 -1.76 69.78
CA THR D 289 -14.26 -2.12 68.51
C THR D 289 -13.58 -1.32 67.42
N ILE D 290 -12.96 -0.16 67.77
CA ILE D 290 -12.30 0.75 66.85
C ILE D 290 -11.19 0.11 66.02
N PRO D 291 -10.16 -0.60 66.53
CA PRO D 291 -9.17 -1.26 65.72
C PRO D 291 -9.72 -2.24 64.71
N ALA D 292 -10.84 -2.93 65.05
CA ALA D 292 -11.47 -3.90 64.20
C ALA D 292 -12.15 -3.23 63.04
N PHE D 293 -12.79 -2.06 63.30
CA PHE D 293 -13.48 -1.28 62.29
C PHE D 293 -12.54 -0.87 61.18
N PHE D 294 -11.38 -0.29 61.56
CA PHE D 294 -10.35 0.14 60.65
C PHE D 294 -9.76 -0.99 59.84
N ALA D 295 -9.44 -2.12 60.51
CA ALA D 295 -8.84 -3.26 59.87
C ALA D 295 -9.76 -3.90 58.87
N LYS D 296 -11.03 -4.18 59.29
CA LYS D 296 -12.02 -4.86 58.49
C LYS D 296 -12.41 -4.14 57.23
N THR D 297 -12.42 -2.78 57.24
CA THR D 297 -12.77 -1.99 56.08
C THR D 297 -11.74 -2.09 54.98
N SER D 298 -10.49 -2.56 55.27
CA SER D 298 -9.46 -2.72 54.27
C SER D 298 -9.80 -3.80 53.27
N ALA D 299 -10.78 -4.68 53.59
CA ALA D 299 -11.29 -5.69 52.69
C ALA D 299 -12.01 -5.08 51.51
N VAL D 300 -12.44 -3.81 51.64
CA VAL D 300 -13.06 -3.06 50.57
C VAL D 300 -12.04 -2.16 49.93
N TYR D 301 -11.30 -1.33 50.72
CA TYR D 301 -10.51 -0.26 50.13
C TYR D 301 -9.23 -0.71 49.47
N ASN D 302 -8.59 -1.81 49.93
CA ASN D 302 -7.44 -2.38 49.25
C ASN D 302 -7.73 -2.71 47.79
N PRO D 303 -8.78 -3.45 47.39
CA PRO D 303 -9.11 -3.64 46.00
C PRO D 303 -9.49 -2.38 45.26
N VAL D 304 -10.06 -1.34 45.92
CA VAL D 304 -10.33 -0.06 45.27
C VAL D 304 -9.04 0.55 44.77
N ILE D 305 -8.02 0.64 45.65
CA ILE D 305 -6.72 1.18 45.31
C ILE D 305 -6.04 0.33 44.25
N TYR D 306 -6.00 -1.01 44.41
CA TYR D 306 -5.10 -1.85 43.63
C TYR D 306 -5.72 -2.45 42.38
N ILE D 307 -7.05 -2.33 42.18
CA ILE D 307 -7.73 -2.90 41.03
C ILE D 307 -8.47 -1.79 40.35
N MET D 308 -9.48 -1.18 41.01
CA MET D 308 -10.36 -0.19 40.42
C MET D 308 -9.64 0.98 39.80
N MET D 309 -8.55 1.47 40.42
CA MET D 309 -7.76 2.55 39.88
C MET D 309 -6.67 1.94 39.05
N ASN D 310 -6.69 2.25 37.73
CA ASN D 310 -5.74 1.92 36.69
C ASN D 310 -6.56 1.52 35.49
N LYS D 311 -6.19 2.11 34.33
CA LYS D 311 -6.80 1.99 33.02
C LYS D 311 -7.16 0.59 32.58
N GLN D 312 -6.22 -0.39 32.74
CA GLN D 312 -6.37 -1.73 32.22
C GLN D 312 -7.56 -2.44 32.83
N PHE D 313 -7.61 -2.52 34.18
CA PHE D 313 -8.71 -3.10 34.92
C PHE D 313 -10.03 -2.46 34.57
N ARG D 314 -10.06 -1.11 34.48
CA ARG D 314 -11.21 -0.30 34.13
C ARG D 314 -11.85 -0.71 32.83
N ASN D 315 -11.05 -0.73 31.73
CA ASN D 315 -11.46 -1.17 30.41
C ASN D 315 -12.09 -2.53 30.43
N CYS D 316 -11.41 -3.53 31.05
CA CYS D 316 -11.88 -4.88 31.24
C CYS D 316 -13.20 -4.97 31.97
N MET D 317 -13.38 -4.19 33.06
CA MET D 317 -14.62 -4.07 33.80
C MET D 317 -15.75 -3.52 32.97
N VAL D 318 -15.48 -2.46 32.15
CA VAL D 318 -16.44 -1.86 31.25
C VAL D 318 -16.89 -2.87 30.23
N THR D 319 -15.94 -3.63 29.61
CA THR D 319 -16.20 -4.71 28.68
C THR D 319 -17.13 -5.75 29.28
N THR D 320 -16.86 -6.18 30.55
CA THR D 320 -17.61 -7.20 31.24
C THR D 320 -19.01 -6.72 31.58
N LEU D 321 -19.15 -5.43 31.97
CA LEU D 321 -20.42 -4.79 32.26
C LEU D 321 -21.26 -4.63 31.01
N CYS D 322 -20.62 -4.43 29.84
CA CYS D 322 -21.26 -4.29 28.56
C CYS D 322 -21.25 -5.63 27.86
N CYS D 323 -21.69 -6.69 28.57
CA CYS D 323 -22.04 -7.99 28.02
C CYS D 323 -20.82 -8.75 27.55
N GLY D 324 -19.76 -8.76 28.39
CA GLY D 324 -18.52 -9.44 28.11
C GLY D 324 -18.51 -10.69 28.94
N1 SGV E . 12.91 -1.84 18.09
C2 SGV E . 11.77 -1.28 18.56
N3 SGV E . 10.50 -1.72 18.41
C4 SGV E . 10.43 -2.86 17.69
C5 SGV E . 11.52 -3.55 17.12
C6 SGV E . 12.80 -2.99 17.37
N6 SGV E . 13.98 -3.60 16.92
C7 SGV E . 10.97 -4.69 16.43
C8 SGV E . 9.59 -4.63 16.62
N9 SGV E . 9.28 -3.54 17.39
C1' SGV E . 7.94 -3.13 17.80
C10 SGV E . 11.66 -5.68 15.63
N11 SGV E . 10.98 -6.85 15.43
O12 SGV E . 12.77 -5.48 15.17
C2' SGV E . 7.23 -2.39 16.72
O2' SGV E . 7.61 -1.02 16.67
C3' SGV E . 5.79 -2.60 17.09
O3' SGV E . 5.39 -1.75 18.16
C4' SGV E . 5.81 -4.02 17.62
O4' SGV E . 7.15 -4.28 18.09
C5' SGV E . 5.51 -5.02 16.51
O5' SGV E . 4.14 -4.90 16.13
C1 RET F . -0.19 -6.06 65.26
C2 RET F . 0.56 -5.11 66.21
C3 RET F . 0.81 -5.69 67.57
C4 RET F . -0.52 -6.01 68.23
C5 RET F . -1.42 -6.86 67.34
C6 RET F . -1.33 -6.84 65.99
C7 RET F . -2.23 -7.56 65.06
C8 RET F . -3.55 -7.72 65.24
C9 RET F . -4.42 -8.38 64.29
C10 RET F . -5.78 -8.29 64.46
C11 RET F . -6.75 -8.76 63.54
C12 RET F . -8.08 -8.54 63.77
C13 RET F . -9.13 -8.82 62.90
C14 RET F . -10.43 -8.44 63.24
C15 RET F . -11.52 -8.56 62.43
C16 RET F . 0.83 -7.04 64.65
C17 RET F . -0.76 -5.19 64.12
C18 RET F . -2.43 -7.74 68.10
C19 RET F . -3.81 -9.15 63.11
C20 RET F . -8.84 -9.49 61.54
N LEU A 6 -1.15 5.49 34.99
CA LEU A 6 -0.72 5.44 36.36
C LEU A 6 0.53 4.62 36.40
N GLU A 7 0.42 3.31 36.73
CA GLU A 7 1.52 2.37 36.76
C GLU A 7 2.17 2.16 35.41
N THR A 8 1.35 2.20 34.33
CA THR A 8 1.85 2.16 32.97
C THR A 8 2.73 3.36 32.65
N VAL A 9 2.36 4.57 33.15
CA VAL A 9 3.18 5.75 33.09
C VAL A 9 4.45 5.62 33.90
N VAL A 10 4.41 4.95 35.08
CA VAL A 10 5.58 4.68 35.91
C VAL A 10 6.56 3.80 35.17
N ALA A 11 6.04 2.77 34.46
CA ALA A 11 6.86 1.90 33.65
C ALA A 11 7.49 2.64 32.50
N ASN A 12 6.72 3.57 31.88
CA ASN A 12 7.20 4.46 30.83
C ASN A 12 8.25 5.41 31.34
N SER A 13 8.06 5.94 32.56
CA SER A 13 9.00 6.82 33.23
C SER A 13 10.30 6.10 33.50
N ALA A 14 10.23 4.82 33.95
CA ALA A 14 11.40 4.00 34.17
C ALA A 14 12.17 3.73 32.88
N PHE A 15 11.44 3.60 31.75
CA PHE A 15 12.02 3.43 30.43
C PHE A 15 12.80 4.66 30.04
N ILE A 16 12.22 5.86 30.28
CA ILE A 16 12.84 7.14 30.01
C ILE A 16 14.10 7.28 30.82
N ALA A 17 14.09 6.79 32.09
CA ALA A 17 15.22 6.83 32.99
C ALA A 17 16.36 5.99 32.46
N ALA A 18 16.04 4.77 31.96
CA ALA A 18 17.00 3.84 31.39
C ALA A 18 17.63 4.38 30.12
N ARG A 19 16.80 5.04 29.27
CA ARG A 19 17.18 5.66 28.02
C ARG A 19 18.20 6.74 28.25
N GLY A 20 17.98 7.55 29.32
CA GLY A 20 18.83 8.64 29.72
C GLY A 20 20.20 8.15 30.08
N SER A 21 20.29 7.04 30.85
CA SER A 21 21.53 6.39 31.21
C SER A 21 22.22 5.84 30.00
N PHE A 22 21.46 5.21 29.08
CA PHE A 22 21.95 4.63 27.84
C PHE A 22 22.52 5.70 26.91
N ASP A 23 21.80 6.84 26.78
CA ASP A 23 22.20 7.98 25.97
C ASP A 23 23.46 8.60 26.49
N ALA A 24 23.59 8.70 27.84
CA ALA A 24 24.75 9.20 28.51
C ALA A 24 25.69 8.05 28.76
N MET A 182 23.04 -17.37 26.89
CA MET A 182 21.96 -16.54 27.34
C MET A 182 21.07 -17.43 28.15
N GLY A 183 19.75 -17.12 28.19
CA GLY A 183 19.06 -17.03 29.46
C GLY A 183 18.38 -15.70 29.52
N GLU A 184 17.58 -15.49 30.59
CA GLU A 184 16.74 -14.33 30.76
C GLU A 184 17.32 -13.48 31.84
N ASP A 185 18.48 -13.87 32.41
CA ASP A 185 19.06 -13.27 33.59
C ASP A 185 20.13 -12.35 33.06
N TRP A 186 19.68 -11.37 32.25
CA TRP A 186 20.48 -10.58 31.37
C TRP A 186 19.63 -9.43 30.93
N PHE A 187 18.31 -9.44 31.27
CA PHE A 187 17.42 -8.40 30.83
C PHE A 187 16.47 -7.93 31.89
N LEU A 188 16.51 -6.58 32.09
CA LEU A 188 15.61 -5.77 32.86
C LEU A 188 14.42 -5.53 31.99
N ASP A 189 13.19 -5.63 32.52
CA ASP A 189 12.02 -5.59 31.68
C ASP A 189 11.39 -4.26 31.89
N PHE A 190 10.89 -3.66 30.78
CA PHE A 190 10.16 -2.42 30.79
C PHE A 190 8.84 -2.72 30.16
N ARG A 191 8.08 -1.65 29.88
CA ARG A 191 6.83 -1.63 29.15
C ARG A 191 6.90 -2.28 27.79
N VAL A 192 5.76 -2.87 27.36
CA VAL A 192 5.55 -3.39 26.04
C VAL A 192 5.51 -2.23 25.08
N LEU A 193 5.78 -2.51 23.80
CA LEU A 193 5.94 -1.53 22.75
C LEU A 193 4.82 -1.81 21.78
N GLY A 194 4.09 -2.92 22.04
CA GLY A 194 2.91 -3.30 21.34
C GLY A 194 2.67 -4.71 21.77
N ARG A 195 1.50 -5.26 21.41
CA ARG A 195 1.17 -6.64 21.63
C ARG A 195 0.96 -7.16 20.24
N GLY A 196 1.91 -8.02 19.77
CA GLY A 196 1.85 -8.78 18.55
C GLY A 196 0.78 -9.82 18.51
N GLY A 197 0.93 -10.82 17.60
CA GLY A 197 -0.01 -11.90 17.44
C GLY A 197 0.24 -13.02 18.41
N PHE A 198 1.53 -13.21 18.81
CA PHE A 198 1.94 -14.35 19.58
C PHE A 198 2.29 -13.92 20.98
N GLY A 199 2.24 -12.61 21.29
CA GLY A 199 2.48 -12.14 22.63
C GLY A 199 3.10 -10.79 22.53
N GLU A 200 3.80 -10.38 23.61
CA GLU A 200 4.36 -9.06 23.78
C GLU A 200 5.60 -8.87 22.95
N VAL A 201 5.90 -7.59 22.63
CA VAL A 201 7.20 -7.21 22.13
C VAL A 201 7.51 -6.04 23.02
N PHE A 202 8.42 -6.24 24.00
CA PHE A 202 8.74 -5.24 25.00
C PHE A 202 10.16 -4.79 24.90
N ALA A 203 10.44 -3.56 25.40
CA ALA A 203 11.80 -3.09 25.58
C ALA A 203 12.40 -3.74 26.78
N CYS A 204 13.76 -3.78 26.78
CA CYS A 204 14.53 -4.51 27.75
C CYS A 204 15.92 -3.93 27.67
N GLN A 205 16.81 -4.25 28.66
CA GLN A 205 18.11 -3.65 28.72
C GLN A 205 19.07 -4.67 29.26
N MET A 206 20.24 -4.76 28.59
CA MET A 206 21.40 -5.55 28.88
C MET A 206 22.11 -5.27 30.17
N LYS A 207 22.32 -6.34 30.95
CA LYS A 207 23.01 -6.38 32.22
C LYS A 207 24.43 -5.89 32.09
N ALA A 208 25.14 -6.34 31.03
CA ALA A 208 26.56 -6.18 30.92
C ALA A 208 26.93 -5.08 29.95
N THR A 209 25.94 -4.45 29.27
CA THR A 209 26.22 -3.54 28.18
C THR A 209 25.55 -2.23 28.50
N GLY A 210 24.29 -2.28 29.01
CA GLY A 210 23.53 -1.12 29.41
C GLY A 210 22.92 -0.51 28.18
N LYS A 211 22.59 -1.39 27.21
CA LYS A 211 22.08 -1.03 25.91
C LYS A 211 20.70 -1.60 25.78
N LEU A 212 19.82 -0.88 25.07
CA LEU A 212 18.42 -1.19 24.92
C LEU A 212 18.26 -2.06 23.71
N TYR A 213 17.36 -3.06 23.82
CA TYR A 213 17.06 -3.98 22.76
C TYR A 213 15.57 -4.16 22.81
N ALA A 214 14.94 -4.49 21.67
CA ALA A 214 13.60 -5.03 21.66
C ALA A 214 13.66 -6.52 21.74
N CYS A 215 12.72 -7.10 22.50
CA CYS A 215 12.57 -8.51 22.70
C CYS A 215 11.21 -8.89 22.23
N LYS A 216 11.11 -9.48 21.02
CA LYS A 216 9.89 -10.07 20.54
C LYS A 216 9.71 -11.42 21.17
N LYS A 217 8.78 -11.47 22.15
CA LYS A 217 8.37 -12.67 22.82
C LYS A 217 7.22 -13.30 22.08
N LEU A 218 7.29 -14.65 21.94
CA LEU A 218 6.24 -15.46 21.39
C LEU A 218 5.90 -16.41 22.50
N ASN A 219 4.77 -16.17 23.20
CA ASN A 219 4.28 -16.95 24.31
C ASN A 219 3.99 -18.36 23.88
N LYS A 220 4.47 -19.35 24.67
CA LYS A 220 4.39 -20.78 24.45
C LYS A 220 2.97 -21.26 24.30
N LYS A 221 2.06 -20.66 25.09
CA LYS A 221 0.64 -20.93 25.12
C LYS A 221 0.03 -20.55 23.78
N ARG A 222 0.25 -19.28 23.35
CA ARG A 222 -0.20 -18.73 22.10
C ARG A 222 0.36 -19.43 20.87
N LEU A 223 1.61 -19.96 20.98
CA LEU A 223 2.30 -20.76 20.00
C LEU A 223 1.55 -22.04 19.75
N LYS A 224 1.14 -22.74 20.84
CA LYS A 224 0.40 -23.98 20.79
C LYS A 224 -0.94 -23.78 20.12
N LYS A 225 -1.62 -22.65 20.41
CA LYS A 225 -2.91 -22.32 19.84
C LYS A 225 -2.88 -22.18 18.33
N ARG A 226 -1.94 -21.35 17.82
CA ARG A 226 -1.79 -21.11 16.40
C ARG A 226 -0.99 -22.16 15.68
N LYS A 227 -0.32 -23.08 16.42
CA LYS A 227 0.64 -24.04 15.92
C LYS A 227 1.74 -23.36 15.13
N GLY A 228 2.36 -22.34 15.76
CA GLY A 228 3.25 -21.38 15.14
C GLY A 228 4.69 -21.76 15.31
N TYR A 229 4.99 -23.08 15.36
CA TYR A 229 6.32 -23.59 15.67
C TYR A 229 7.24 -23.40 14.49
N GLN A 230 6.70 -23.61 13.26
CA GLN A 230 7.40 -23.43 12.01
C GLN A 230 7.76 -21.98 11.82
N GLY A 231 6.78 -21.07 12.07
CA GLY A 231 6.85 -19.65 11.81
C GLY A 231 7.93 -18.97 12.61
N ALA A 232 8.15 -19.47 13.85
CA ALA A 232 9.15 -18.99 14.77
C ALA A 232 10.52 -19.28 14.25
N MET A 233 10.75 -20.56 13.81
CA MET A 233 12.03 -21.04 13.32
C MET A 233 12.46 -20.32 12.05
N VAL A 234 11.47 -19.94 11.21
CA VAL A 234 11.68 -19.29 9.94
C VAL A 234 12.22 -17.90 10.18
N GLU A 235 11.56 -17.11 11.08
CA GLU A 235 11.95 -15.77 11.41
C GLU A 235 13.35 -15.67 11.96
N LYS A 236 13.74 -16.67 12.78
CA LYS A 236 15.03 -16.80 13.41
C LYS A 236 16.08 -16.94 12.34
N LYS A 237 16.04 -18.07 11.58
CA LYS A 237 17.01 -18.42 10.58
C LYS A 237 17.22 -17.40 9.49
N ILE A 238 16.12 -16.74 9.03
CA ILE A 238 16.14 -15.76 7.97
C ILE A 238 16.81 -14.48 8.44
N LEU A 239 16.29 -13.82 9.52
CA LEU A 239 16.87 -12.61 10.08
C LEU A 239 18.33 -12.78 10.47
N ALA A 240 18.70 -13.98 10.98
CA ALA A 240 20.05 -14.32 11.38
C ALA A 240 21.04 -14.25 10.24
N LYS A 241 20.57 -14.57 9.00
CA LYS A 241 21.41 -14.70 7.83
C LYS A 241 21.40 -13.44 6.99
N VAL A 242 20.25 -12.74 6.94
CA VAL A 242 20.01 -11.66 6.01
C VAL A 242 20.06 -10.36 6.76
N HIS A 243 20.87 -9.41 6.23
CA HIS A 243 21.11 -8.15 6.87
C HIS A 243 21.44 -7.14 5.80
N SER A 244 21.28 -5.85 6.15
CA SER A 244 21.72 -4.72 5.36
C SER A 244 21.53 -3.53 6.28
N ARG A 245 21.30 -2.32 5.71
CA ARG A 245 21.03 -1.13 6.47
C ARG A 245 19.56 -0.80 6.29
N PHE A 246 18.80 -1.75 5.72
CA PHE A 246 17.38 -1.64 5.47
C PHE A 246 16.75 -2.90 5.99
N ILE A 247 17.54 -3.77 6.67
CA ILE A 247 17.04 -4.97 7.30
C ILE A 247 17.72 -5.03 8.65
N VAL A 248 16.92 -5.20 9.74
CA VAL A 248 17.37 -5.32 11.11
C VAL A 248 18.18 -6.59 11.34
N SER A 249 19.13 -6.53 12.30
CA SER A 249 19.90 -7.67 12.75
C SER A 249 19.25 -8.32 13.94
N LEU A 250 19.51 -9.64 14.11
CA LEU A 250 19.09 -10.45 15.23
C LEU A 250 20.31 -10.63 16.10
N ALA A 251 20.17 -10.45 17.43
CA ALA A 251 21.28 -10.45 18.35
C ALA A 251 21.31 -11.69 19.21
N TYR A 252 20.14 -12.23 19.63
CA TYR A 252 20.09 -13.35 20.54
C TYR A 252 18.83 -14.12 20.28
N ALA A 253 18.87 -15.46 20.53
CA ALA A 253 17.71 -16.32 20.46
C ALA A 253 17.83 -17.23 21.66
N PHE A 254 17.01 -16.96 22.71
CA PHE A 254 16.91 -17.74 23.93
C PHE A 254 15.46 -17.97 24.19
N GLU A 255 15.13 -18.66 25.31
CA GLU A 255 13.77 -18.93 25.72
C GLU A 255 13.75 -18.56 27.17
N THR A 256 12.52 -18.30 27.68
CA THR A 256 12.23 -17.98 29.04
C THR A 256 11.26 -19.04 29.51
N LYS A 257 10.60 -18.76 30.65
CA LYS A 257 9.67 -19.63 31.36
C LYS A 257 8.50 -20.00 30.49
N THR A 258 7.95 -19.01 29.75
CA THR A 258 6.65 -19.09 29.15
C THR A 258 6.69 -18.49 27.77
N ASP A 259 7.88 -18.30 27.15
CA ASP A 259 7.95 -17.62 25.87
C ASP A 259 9.26 -18.01 25.23
N LEU A 260 9.30 -17.94 23.88
CA LEU A 260 10.49 -17.96 23.08
C LEU A 260 10.83 -16.53 22.78
N CYS A 261 12.12 -16.16 22.78
CA CYS A 261 12.53 -14.79 22.62
C CYS A 261 13.40 -14.69 21.42
N LEU A 262 13.16 -13.63 20.61
CA LEU A 262 14.09 -13.13 19.64
C LEU A 262 14.38 -11.75 20.10
N VAL A 263 15.66 -11.46 20.40
CA VAL A 263 16.12 -10.17 20.83
C VAL A 263 16.87 -9.60 19.68
N MET A 264 16.36 -8.49 19.10
CA MET A 264 16.87 -7.91 17.88
C MET A 264 17.30 -6.51 18.18
N THR A 265 18.15 -5.94 17.29
CA THR A 265 18.73 -4.62 17.41
C THR A 265 17.71 -3.52 17.39
N ILE A 266 17.97 -2.48 18.22
CA ILE A 266 17.15 -1.31 18.40
C ILE A 266 16.94 -0.46 17.19
N MET A 267 15.75 0.14 17.22
CA MET A 267 15.27 1.16 16.34
C MET A 267 14.55 1.95 17.39
N ASN A 268 15.09 3.14 17.76
CA ASN A 268 14.63 3.90 18.91
C ASN A 268 13.65 4.95 18.49
N GLY A 269 13.30 4.98 17.19
CA GLY A 269 12.59 6.07 16.60
C GLY A 269 11.13 5.74 16.51
N GLY A 270 10.71 4.50 16.89
CA GLY A 270 9.34 4.02 16.79
C GLY A 270 9.11 3.51 15.39
N ASP A 271 7.90 3.01 15.07
CA ASP A 271 7.63 2.41 13.78
C ASP A 271 6.81 3.39 13.00
N ILE A 272 6.86 3.25 11.66
CA ILE A 272 6.20 4.10 10.69
C ILE A 272 4.71 4.19 10.92
N ARG A 273 4.06 3.07 11.34
CA ARG A 273 2.63 3.00 11.60
C ARG A 273 2.19 3.93 12.71
N TYR A 274 2.99 3.98 13.81
CA TYR A 274 2.82 4.86 14.95
C TYR A 274 2.83 6.32 14.54
N HIS A 275 3.76 6.68 13.64
CA HIS A 275 4.10 8.04 13.26
C HIS A 275 3.06 8.67 12.40
N ILE A 276 2.23 7.86 11.71
CA ILE A 276 1.05 8.29 10.98
C ILE A 276 0.12 9.03 11.90
N TYR A 277 -0.06 8.51 13.14
CA TYR A 277 -0.99 9.03 14.10
C TYR A 277 -0.32 9.93 15.12
N ASN A 278 1.02 9.85 15.29
CA ASN A 278 1.69 10.62 16.33
C ASN A 278 2.03 12.01 15.87
N VAL A 279 2.21 12.21 14.53
CA VAL A 279 2.35 13.50 13.89
C VAL A 279 1.16 14.38 14.19
N ASP A 280 -0.03 13.71 14.24
CA ASP A 280 -1.35 14.22 14.49
C ASP A 280 -2.18 13.13 13.86
N GLU A 281 -3.21 12.66 14.60
CA GLU A 281 -4.06 11.55 14.21
C GLU A 281 -4.84 11.82 12.94
N ASP A 282 -5.38 13.05 12.81
CA ASP A 282 -6.22 13.46 11.71
C ASP A 282 -5.40 13.85 10.51
N ASN A 283 -4.09 14.18 10.69
CA ASN A 283 -3.18 14.50 9.62
C ASN A 283 -2.97 13.26 8.76
N PRO A 284 -2.97 13.32 7.42
CA PRO A 284 -2.92 12.11 6.62
C PRO A 284 -1.48 11.75 6.38
N GLY A 285 -0.98 10.76 7.15
CA GLY A 285 0.37 10.25 7.07
C GLY A 285 1.41 11.31 7.18
N PHE A 286 2.42 11.26 6.28
CA PHE A 286 3.52 12.17 6.26
C PHE A 286 3.31 13.11 5.12
N GLN A 287 4.02 14.26 5.18
CA GLN A 287 4.21 15.21 4.12
C GLN A 287 4.97 14.56 3.00
N GLU A 288 4.75 15.02 1.75
CA GLU A 288 5.29 14.39 0.56
C GLU A 288 6.80 14.16 0.55
N PRO A 289 7.74 15.07 0.79
CA PRO A 289 9.18 14.80 0.79
C PRO A 289 9.60 13.69 1.73
N ARG A 290 8.98 13.64 2.94
CA ARG A 290 9.28 12.71 3.99
C ARG A 290 8.89 11.32 3.60
N ALA A 291 7.72 11.19 2.93
CA ALA A 291 7.20 9.95 2.42
C ALA A 291 8.03 9.41 1.30
N ILE A 292 8.45 10.30 0.36
CA ILE A 292 9.25 9.95 -0.80
C ILE A 292 10.56 9.37 -0.39
N PHE A 293 11.22 10.02 0.60
CA PHE A 293 12.48 9.58 1.15
C PHE A 293 12.41 8.16 1.72
N TYR A 294 11.43 7.90 2.63
CA TYR A 294 11.26 6.60 3.26
C TYR A 294 10.92 5.51 2.28
N THR A 295 10.05 5.80 1.29
CA THR A 295 9.67 4.90 0.22
C THR A 295 10.86 4.47 -0.58
N ALA A 296 11.77 5.41 -0.90
CA ALA A 296 13.00 5.14 -1.60
C ALA A 296 13.88 4.17 -0.83
N GLN A 297 13.98 4.33 0.51
CA GLN A 297 14.73 3.44 1.37
C GLN A 297 14.14 2.06 1.49
N ILE A 298 12.78 1.93 1.56
CA ILE A 298 12.07 0.66 1.59
C ILE A 298 12.34 -0.12 0.32
N VAL A 299 12.29 0.58 -0.84
CA VAL A 299 12.56 0.06 -2.16
C VAL A 299 13.93 -0.56 -2.25
N SER A 300 14.95 0.13 -1.69
CA SER A 300 16.31 -0.36 -1.63
C SER A 300 16.44 -1.65 -0.85
N GLY A 301 15.70 -1.77 0.28
CA GLY A 301 15.67 -2.96 1.10
C GLY A 301 15.05 -4.14 0.42
N LEU A 302 13.91 -3.92 -0.28
CA LEU A 302 13.23 -4.92 -1.08
C LEU A 302 14.10 -5.41 -2.20
N GLU A 303 14.81 -4.48 -2.88
CA GLU A 303 15.72 -4.77 -3.96
C GLU A 303 16.79 -5.72 -3.54
N HIS A 304 17.37 -5.51 -2.33
CA HIS A 304 18.38 -6.34 -1.74
C HIS A 304 17.90 -7.75 -1.50
N LEU A 305 16.62 -7.93 -1.08
CA LEU A 305 16.00 -9.24 -0.91
C LEU A 305 15.87 -9.94 -2.23
N HIS A 306 15.41 -9.21 -3.28
CA HIS A 306 15.17 -9.73 -4.60
C HIS A 306 16.44 -10.16 -5.30
N GLN A 307 17.54 -9.43 -5.07
CA GLN A 307 18.89 -9.74 -5.53
C GLN A 307 19.46 -10.99 -4.90
N ARG A 308 18.92 -11.41 -3.73
CA ARG A 308 19.30 -12.61 -3.03
C ARG A 308 18.29 -13.70 -3.31
N ASN A 309 17.26 -13.39 -4.13
CA ASN A 309 16.21 -14.28 -4.57
C ASN A 309 15.34 -14.72 -3.43
N ILE A 310 14.81 -13.75 -2.65
CA ILE A 310 14.04 -14.00 -1.46
C ILE A 310 12.68 -13.46 -1.76
N ILE A 311 11.63 -14.31 -1.55
CA ILE A 311 10.26 -13.89 -1.63
C ILE A 311 9.88 -13.71 -0.20
N TYR A 312 9.33 -12.52 0.15
CA TYR A 312 9.00 -12.17 1.51
C TYR A 312 7.56 -12.60 1.74
N ARG A 313 6.65 -12.33 0.78
CA ARG A 313 5.24 -12.66 0.83
C ARG A 313 4.51 -11.74 1.81
N ASP A 314 5.22 -10.72 2.34
CA ASP A 314 4.67 -9.86 3.34
C ASP A 314 5.49 -8.59 3.31
N LEU A 315 5.11 -7.61 4.16
CA LEU A 315 5.75 -6.33 4.43
C LEU A 315 4.59 -5.51 4.88
N LYS A 316 4.77 -4.66 5.91
CA LYS A 316 3.73 -3.76 6.31
C LYS A 316 4.34 -2.60 7.05
N PRO A 317 3.68 -1.44 7.16
CA PRO A 317 4.16 -0.24 7.85
C PRO A 317 4.66 -0.47 9.25
N GLU A 318 3.97 -1.34 10.02
CA GLU A 318 4.28 -1.63 11.40
C GLU A 318 5.52 -2.47 11.56
N ASN A 319 6.02 -3.03 10.45
CA ASN A 319 7.23 -3.82 10.39
C ASN A 319 8.30 -3.00 9.72
N VAL A 320 7.99 -1.73 9.34
CA VAL A 320 9.00 -0.80 8.88
C VAL A 320 9.20 0.12 10.04
N LEU A 321 10.41 0.03 10.63
CA LEU A 321 10.75 0.71 11.84
C LEU A 321 11.60 1.89 11.44
N LEU A 322 11.46 3.01 12.18
CA LEU A 322 12.23 4.21 12.08
C LEU A 322 13.22 4.18 13.21
N ASP A 323 14.46 4.67 12.99
CA ASP A 323 15.41 4.86 14.07
C ASP A 323 15.72 6.33 14.09
N ASP A 324 16.51 6.78 15.10
CA ASP A 324 16.82 8.17 15.34
C ASP A 324 17.74 8.72 14.29
N ASP A 325 18.49 7.85 13.56
CA ASP A 325 19.35 8.27 12.46
C ASP A 325 18.56 8.90 11.35
N GLY A 326 17.40 8.30 11.02
CA GLY A 326 16.55 8.74 9.94
C GLY A 326 16.65 7.73 8.85
N ASN A 327 16.91 6.46 9.22
CA ASN A 327 16.99 5.34 8.30
C ASN A 327 15.91 4.38 8.69
N VAL A 328 15.22 3.76 7.69
CA VAL A 328 14.17 2.82 7.99
C VAL A 328 14.68 1.46 7.65
N ARG A 329 14.09 0.42 8.30
CA ARG A 329 14.45 -0.95 8.06
C ARG A 329 13.20 -1.76 8.15
N ILE A 330 13.12 -2.84 7.35
CA ILE A 330 12.10 -3.86 7.46
C ILE A 330 12.49 -4.77 8.60
N SER A 331 11.51 -5.51 9.17
CA SER A 331 11.74 -6.37 10.29
C SER A 331 10.73 -7.48 10.20
N ASP A 332 11.07 -8.66 10.79
CA ASP A 332 10.28 -9.87 10.78
C ASP A 332 10.29 -10.49 9.41
N LEU A 333 10.96 -11.65 9.27
CA LEU A 333 11.12 -12.33 8.01
C LEU A 333 10.75 -13.75 8.29
N GLY A 334 9.60 -13.93 8.98
CA GLY A 334 9.13 -15.19 9.49
C GLY A 334 8.07 -15.77 8.63
N LEU A 335 7.59 -14.99 7.64
CA LEU A 335 6.57 -15.39 6.72
C LEU A 335 7.19 -15.43 5.36
N ALA A 336 8.54 -15.38 5.30
CA ALA A 336 9.33 -15.35 4.09
C ALA A 336 9.86 -16.72 3.79
N VAL A 337 10.39 -16.89 2.56
CA VAL A 337 11.16 -18.06 2.20
C VAL A 337 12.28 -17.48 1.38
N GLU A 338 13.51 -17.98 1.62
CA GLU A 338 14.67 -17.64 0.84
C GLU A 338 14.84 -18.74 -0.15
N LEU A 339 14.77 -18.38 -1.45
CA LEU A 339 14.96 -19.31 -2.54
C LEU A 339 16.37 -19.16 -3.03
N LYS A 340 16.87 -20.23 -3.68
CA LYS A 340 18.17 -20.29 -4.29
C LYS A 340 18.05 -19.75 -5.67
N ALA A 341 19.20 -19.62 -6.38
CA ALA A 341 19.22 -19.30 -7.79
C ALA A 341 19.04 -20.62 -8.48
N GLY A 342 17.87 -20.79 -9.15
CA GLY A 342 17.52 -22.01 -9.83
C GLY A 342 16.05 -22.22 -9.70
N GLN A 343 15.40 -21.53 -8.74
CA GLN A 343 13.95 -21.50 -8.66
C GLN A 343 13.59 -20.13 -8.17
N THR A 344 12.39 -19.66 -8.57
CA THR A 344 11.86 -18.38 -8.21
C THR A 344 10.37 -18.55 -8.14
N LYS A 345 9.87 -19.80 -8.24
CA LYS A 345 8.47 -20.11 -8.26
C LYS A 345 8.18 -21.01 -7.11
N THR A 346 7.12 -20.67 -6.35
CA THR A 346 6.70 -21.38 -5.17
C THR A 346 5.20 -21.19 -5.15
N LYS A 347 4.46 -22.18 -4.60
CA LYS A 347 3.04 -22.10 -4.37
C LYS A 347 2.87 -22.28 -2.88
N GLY A 348 1.87 -21.58 -2.30
CA GLY A 348 1.61 -21.69 -0.89
C GLY A 348 0.79 -20.52 -0.48
N TYR A 349 0.42 -20.50 0.83
CA TYR A 349 -0.34 -19.46 1.45
C TYR A 349 0.58 -19.02 2.56
N ALA A 350 1.04 -17.74 2.51
CA ALA A 350 1.97 -17.23 3.48
C ALA A 350 1.79 -15.74 3.52
N GLY A 351 2.12 -15.12 4.69
CA GLY A 351 2.01 -13.70 4.90
C GLY A 351 0.72 -13.45 5.63
N THR A 352 0.56 -12.22 6.16
CA THR A 352 -0.62 -11.83 6.91
C THR A 352 -1.57 -11.18 5.92
N PRO A 353 -2.86 -11.53 5.83
CA PRO A 353 -3.86 -10.92 4.95
C PRO A 353 -3.81 -9.43 4.81
N GLY A 354 -3.98 -8.93 3.55
CA GLY A 354 -4.01 -7.52 3.23
C GLY A 354 -2.64 -7.00 2.93
N PHE A 355 -1.64 -7.89 2.94
CA PHE A 355 -0.26 -7.60 2.63
C PHE A 355 0.21 -8.79 1.85
N MET A 356 -0.77 -9.47 1.21
CA MET A 356 -0.62 -10.63 0.38
C MET A 356 -1.22 -10.24 -0.93
N ALA A 357 -0.71 -10.81 -2.03
CA ALA A 357 -1.13 -10.49 -3.37
C ALA A 357 -2.18 -11.51 -3.76
N PRO A 358 -2.98 -11.30 -4.82
CA PRO A 358 -3.95 -12.25 -5.33
C PRO A 358 -3.47 -13.66 -5.46
N GLU A 359 -2.27 -13.87 -6.06
CA GLU A 359 -1.62 -15.14 -6.25
C GLU A 359 -1.49 -16.01 -5.02
N LEU A 360 -1.11 -15.40 -3.87
CA LEU A 360 -0.92 -16.09 -2.62
C LEU A 360 -2.21 -16.61 -2.08
N LEU A 361 -3.26 -15.74 -2.10
CA LEU A 361 -4.57 -16.05 -1.57
C LEU A 361 -5.26 -17.17 -2.32
N LEU A 362 -5.03 -17.25 -3.65
CA LEU A 362 -5.63 -18.26 -4.50
C LEU A 362 -4.83 -19.53 -4.55
N GLY A 363 -3.65 -19.59 -3.87
CA GLY A 363 -2.83 -20.77 -3.77
C GLY A 363 -2.22 -21.15 -5.09
N GLU A 364 -1.60 -20.16 -5.77
CA GLU A 364 -1.09 -20.27 -7.12
C GLU A 364 0.39 -20.03 -7.06
N GLU A 365 1.07 -20.14 -8.23
CA GLU A 365 2.45 -19.77 -8.44
C GLU A 365 2.65 -18.29 -8.31
N TYR A 366 3.86 -17.88 -7.90
CA TYR A 366 4.21 -16.50 -7.70
C TYR A 366 5.69 -16.41 -7.71
N ASP A 367 6.22 -15.17 -7.82
CA ASP A 367 7.63 -14.88 -7.73
C ASP A 367 7.71 -13.64 -6.88
N PHE A 368 8.76 -12.82 -7.10
CA PHE A 368 9.07 -11.58 -6.43
C PHE A 368 7.96 -10.56 -6.42
N SER A 369 6.99 -10.70 -7.35
CA SER A 369 5.85 -9.85 -7.55
C SER A 369 5.03 -9.52 -6.33
N VAL A 370 4.81 -10.52 -5.45
CA VAL A 370 3.99 -10.41 -4.27
C VAL A 370 4.52 -9.41 -3.27
N ASP A 371 5.86 -9.26 -3.20
CA ASP A 371 6.54 -8.34 -2.30
C ASP A 371 6.30 -6.92 -2.71
N TYR A 372 6.20 -6.69 -4.04
CA TYR A 372 5.91 -5.42 -4.63
C TYR A 372 4.47 -5.06 -4.44
N PHE A 373 3.57 -6.06 -4.29
CA PHE A 373 2.18 -5.80 -3.96
C PHE A 373 2.10 -5.24 -2.56
N ALA A 374 2.85 -5.85 -1.62
CA ALA A 374 2.95 -5.42 -0.24
C ALA A 374 3.50 -4.02 -0.09
N LEU A 375 4.53 -3.66 -0.91
CA LEU A 375 5.13 -2.34 -0.99
C LEU A 375 4.13 -1.29 -1.34
N GLY A 376 3.21 -1.62 -2.28
CA GLY A 376 2.17 -0.74 -2.76
C GLY A 376 1.25 -0.39 -1.64
N VAL A 377 0.81 -1.40 -0.86
CA VAL A 377 0.01 -1.24 0.33
C VAL A 377 0.71 -0.36 1.37
N THR A 378 2.04 -0.56 1.56
CA THR A 378 2.86 0.12 2.55
C THR A 378 2.98 1.60 2.28
N LEU A 379 3.41 1.96 1.05
CA LEU A 379 3.51 3.31 0.52
C LEU A 379 2.21 4.05 0.52
N TYR A 380 1.11 3.35 0.16
CA TYR A 380 -0.21 3.93 0.12
C TYR A 380 -0.67 4.35 1.50
N GLU A 381 -0.43 3.46 2.50
CA GLU A 381 -0.78 3.66 3.89
C GLU A 381 0.05 4.72 4.56
N MET A 382 1.33 4.85 4.15
CA MET A 382 2.27 5.83 4.63
C MET A 382 1.82 7.24 4.35
N ILE A 383 1.21 7.47 3.17
CA ILE A 383 0.82 8.77 2.69
C ILE A 383 -0.59 9.11 3.08
N ALA A 384 -1.53 8.13 3.00
CA ALA A 384 -2.95 8.43 3.13
C ALA A 384 -3.46 8.17 4.52
N ALA A 385 -2.65 7.50 5.38
CA ALA A 385 -2.95 7.13 6.75
C ALA A 385 -3.86 5.93 6.81
N ARG A 386 -4.08 5.26 5.67
CA ARG A 386 -4.87 4.07 5.62
C ARG A 386 -4.46 3.34 4.39
N GLY A 387 -4.60 2.00 4.40
CA GLY A 387 -4.31 1.15 3.27
C GLY A 387 -5.43 1.29 2.28
N PRO A 388 -5.30 0.75 1.08
CA PRO A 388 -6.37 0.79 0.09
C PRO A 388 -7.42 -0.27 0.39
N PHE A 389 -7.26 -1.07 1.47
CA PHE A 389 -8.09 -2.21 1.74
C PHE A 389 -8.68 -2.10 3.12
N ARG A 390 -8.50 -0.96 3.82
CA ARG A 390 -9.14 -0.73 5.10
C ARG A 390 -9.14 0.75 5.34
N ALA A 391 -10.01 1.21 6.27
CA ALA A 391 -10.14 2.60 6.67
C ALA A 391 -9.16 2.88 7.78
N ARG A 392 -8.90 4.18 8.08
CA ARG A 392 -7.91 4.59 9.05
C ARG A 392 -8.34 4.21 10.44
N GLY A 393 -7.37 3.70 11.26
CA GLY A 393 -7.58 3.25 12.61
C GLY A 393 -8.52 2.09 12.69
N GLU A 394 -8.51 1.23 11.64
CA GLU A 394 -9.38 0.10 11.54
C GLU A 394 -8.69 -0.88 10.66
N LYS A 395 -9.00 -2.19 10.85
CA LYS A 395 -8.49 -3.25 10.03
C LYS A 395 -9.71 -4.09 9.85
N VAL A 396 -10.12 -4.34 8.59
CA VAL A 396 -11.25 -5.18 8.27
C VAL A 396 -10.88 -6.63 8.53
N GLU A 397 -11.90 -7.47 8.86
CA GLU A 397 -11.78 -8.89 9.13
C GLU A 397 -11.11 -9.63 8.00
N ASN A 398 -10.43 -10.76 8.29
CA ASN A 398 -9.57 -11.48 7.37
C ASN A 398 -10.29 -11.93 6.13
N LYS A 399 -11.53 -12.47 6.28
CA LYS A 399 -12.36 -12.93 5.19
C LYS A 399 -12.68 -11.83 4.21
N GLU A 400 -13.03 -10.63 4.75
CA GLU A 400 -13.34 -9.45 3.98
C GLU A 400 -12.12 -8.88 3.33
N LEU A 401 -10.97 -8.91 4.04
CA LEU A 401 -9.67 -8.41 3.63
C LEU A 401 -9.13 -9.15 2.43
N LYS A 402 -9.34 -10.49 2.43
CA LYS A 402 -9.06 -11.39 1.34
C LYS A 402 -9.86 -11.02 0.13
N GLN A 403 -11.15 -10.67 0.35
CA GLN A 403 -12.06 -10.24 -0.70
C GLN A 403 -11.61 -8.92 -1.29
N ARG A 404 -11.12 -7.97 -0.44
CA ARG A 404 -10.62 -6.66 -0.85
C ARG A 404 -9.45 -6.80 -1.81
N VAL A 405 -8.45 -7.64 -1.45
CA VAL A 405 -7.27 -7.84 -2.26
C VAL A 405 -7.60 -8.38 -3.62
N LEU A 406 -8.55 -9.34 -3.70
CA LEU A 406 -8.92 -9.95 -4.95
C LEU A 406 -9.79 -9.10 -5.85
N GLU A 407 -10.69 -8.24 -5.29
CA GLU A 407 -11.71 -7.58 -6.09
C GLU A 407 -11.63 -6.07 -6.11
N GLN A 408 -11.21 -5.44 -4.99
CA GLN A 408 -11.40 -4.01 -4.78
C GLN A 408 -10.32 -3.20 -5.44
N ALA A 409 -10.74 -2.37 -6.43
CA ALA A 409 -9.93 -1.39 -7.13
C ALA A 409 -9.53 -0.28 -6.20
N VAL A 410 -8.33 0.31 -6.46
CA VAL A 410 -7.74 1.33 -5.62
C VAL A 410 -8.13 2.68 -6.17
N THR A 411 -8.64 3.56 -5.28
CA THR A 411 -8.96 4.94 -5.56
C THR A 411 -7.87 5.75 -4.90
N TYR A 412 -7.62 6.98 -5.39
CA TYR A 412 -6.48 7.75 -4.97
C TYR A 412 -6.87 9.11 -4.44
N PRO A 413 -6.60 9.40 -3.16
CA PRO A 413 -6.69 10.73 -2.57
C PRO A 413 -5.85 11.77 -3.27
N ASP A 414 -6.06 13.06 -2.93
CA ASP A 414 -5.37 14.16 -3.57
C ASP A 414 -4.16 14.52 -2.75
N LYS A 415 -3.92 13.79 -1.63
CA LYS A 415 -2.74 13.91 -0.78
C LYS A 415 -1.50 13.52 -1.54
N PHE A 416 -1.62 12.45 -2.36
CA PHE A 416 -0.60 11.98 -3.28
C PHE A 416 -0.25 13.03 -4.31
N SER A 417 1.05 13.12 -4.65
CA SER A 417 1.57 13.82 -5.80
C SER A 417 1.23 13.00 -7.03
N PRO A 418 1.29 13.52 -8.25
CA PRO A 418 1.09 12.72 -9.45
C PRO A 418 2.08 11.59 -9.58
N ALA A 419 3.37 11.84 -9.28
CA ALA A 419 4.41 10.83 -9.31
C ALA A 419 4.17 9.70 -8.34
N SER A 420 3.76 10.00 -7.08
CA SER A 420 3.53 8.99 -6.07
C SER A 420 2.29 8.18 -6.35
N LYS A 421 1.23 8.83 -6.88
CA LYS A 421 -0.02 8.23 -7.31
C LYS A 421 0.22 7.17 -8.34
N ASP A 422 0.96 7.54 -9.41
CA ASP A 422 1.31 6.69 -10.54
C ASP A 422 2.10 5.49 -10.08
N PHE A 423 3.07 5.69 -9.16
CA PHE A 423 3.89 4.66 -8.57
C PHE A 423 3.06 3.65 -7.79
N CYS A 424 2.08 4.11 -6.98
CA CYS A 424 1.17 3.26 -6.24
C CYS A 424 0.33 2.40 -7.15
N GLU A 425 -0.22 2.99 -8.25
CA GLU A 425 -0.98 2.28 -9.28
C GLU A 425 -0.24 1.13 -9.89
N ALA A 426 1.06 1.34 -10.19
CA ALA A 426 1.92 0.35 -10.78
C ALA A 426 2.15 -0.86 -9.89
N LEU A 427 2.22 -0.66 -8.55
CA LEU A 427 2.47 -1.69 -7.57
C LEU A 427 1.24 -2.45 -7.15
N LEU A 428 0.07 -1.80 -7.17
CA LEU A 428 -1.17 -2.33 -6.65
C LEU A 428 -1.99 -3.01 -7.72
N GLN A 429 -1.41 -3.16 -8.95
CA GLN A 429 -1.99 -3.94 -10.02
C GLN A 429 -2.16 -5.38 -9.59
N LYS A 430 -3.30 -6.01 -10.00
CA LYS A 430 -3.73 -7.30 -9.53
C LYS A 430 -3.10 -8.49 -10.21
N ASP A 431 -2.48 -8.31 -11.40
CA ASP A 431 -1.84 -9.40 -12.10
C ASP A 431 -0.36 -9.15 -12.07
N PRO A 432 0.50 -10.15 -11.87
CA PRO A 432 1.94 -9.98 -11.72
C PRO A 432 2.58 -9.47 -12.99
N GLU A 433 2.10 -9.88 -14.18
CA GLU A 433 2.59 -9.47 -15.47
C GLU A 433 2.49 -7.98 -15.73
N LYS A 434 1.44 -7.36 -15.13
CA LYS A 434 1.10 -5.97 -15.30
C LYS A 434 1.57 -5.15 -14.13
N ARG A 435 2.28 -5.77 -13.16
CA ARG A 435 2.69 -5.16 -11.92
C ARG A 435 4.15 -4.86 -12.04
N LEU A 436 4.53 -3.59 -11.76
CA LEU A 436 5.87 -3.09 -11.81
C LEU A 436 6.76 -3.79 -10.84
N GLY A 437 8.03 -4.03 -11.23
CA GLY A 437 9.00 -4.71 -10.42
C GLY A 437 9.84 -5.51 -11.36
N PHE A 438 10.56 -6.51 -10.81
CA PHE A 438 11.50 -7.32 -11.54
C PHE A 438 10.74 -8.48 -12.13
N ARG A 439 10.50 -8.39 -13.45
CA ARG A 439 9.76 -9.37 -14.21
C ARG A 439 10.63 -9.65 -15.40
N ASP A 440 11.91 -9.99 -15.13
CA ASP A 440 12.90 -10.48 -16.08
C ASP A 440 13.56 -9.30 -16.75
N GLY A 441 13.44 -8.11 -16.12
CA GLY A 441 14.06 -6.88 -16.56
C GLY A 441 15.13 -6.62 -15.56
N SER A 442 14.81 -5.78 -14.55
CA SER A 442 15.73 -5.45 -13.49
C SER A 442 14.87 -5.01 -12.33
N CYS A 443 15.51 -4.84 -11.15
CA CYS A 443 14.91 -4.19 -10.01
C CYS A 443 15.17 -2.71 -10.08
N ASP A 444 15.90 -2.26 -11.14
CA ASP A 444 16.25 -0.88 -11.35
C ASP A 444 15.31 -0.30 -12.38
N GLY A 445 14.35 -1.12 -12.89
CA GLY A 445 13.31 -0.68 -13.79
C GLY A 445 12.26 0.03 -12.97
N LEU A 446 12.04 -0.47 -11.74
CA LEU A 446 11.20 0.11 -10.71
C LEU A 446 11.68 1.50 -10.35
N ARG A 447 13.02 1.63 -10.19
CA ARG A 447 13.76 2.84 -9.87
C ARG A 447 13.71 3.94 -10.91
N THR A 448 13.17 3.67 -12.12
CA THR A 448 13.20 4.60 -13.23
C THR A 448 12.00 5.52 -13.17
N HIS A 449 11.00 5.19 -12.30
CA HIS A 449 9.77 5.92 -12.16
C HIS A 449 10.04 7.36 -11.72
N PRO A 450 9.30 8.36 -12.20
CA PRO A 450 9.54 9.78 -11.92
C PRO A 450 9.52 10.20 -10.48
N LEU A 451 8.88 9.44 -9.57
CA LEU A 451 8.89 9.62 -8.13
C LEU A 451 10.27 9.82 -7.54
N PHE A 452 11.27 9.17 -8.16
CA PHE A 452 12.64 9.08 -7.72
C PHE A 452 13.52 10.07 -8.43
N ARG A 453 12.93 11.15 -9.01
CA ARG A 453 13.69 12.19 -9.69
C ARG A 453 14.08 13.20 -8.62
N ASP A 454 13.59 12.99 -7.37
CA ASP A 454 13.82 13.82 -6.22
C ASP A 454 14.84 13.12 -5.34
N ILE A 455 15.28 11.91 -5.75
CA ILE A 455 16.17 11.06 -4.99
C ILE A 455 17.35 10.78 -5.86
N SER A 456 18.56 10.85 -5.27
CA SER A 456 19.78 10.38 -5.88
C SER A 456 20.07 9.11 -5.13
N TRP A 457 20.24 8.00 -5.87
CA TRP A 457 20.36 6.67 -5.31
C TRP A 457 21.66 6.48 -4.58
N ARG A 458 22.77 7.05 -5.09
CA ARG A 458 24.08 6.94 -4.50
C ARG A 458 24.15 7.56 -3.13
N GLN A 459 23.48 8.74 -2.98
CA GLN A 459 23.44 9.50 -1.76
C GLN A 459 22.50 8.85 -0.76
N LEU A 460 21.39 8.26 -1.25
CA LEU A 460 20.44 7.49 -0.46
C LEU A 460 21.09 6.32 0.22
N GLU A 461 21.89 5.52 -0.54
CA GLU A 461 22.61 4.37 -0.07
C GLU A 461 23.70 4.69 0.93
N ALA A 462 24.19 5.96 0.91
CA ALA A 462 25.26 6.39 1.77
C ALA A 462 24.69 7.10 2.97
N GLY A 463 23.35 7.26 3.04
CA GLY A 463 22.63 7.80 4.16
C GLY A 463 22.75 9.29 4.28
N MET A 464 23.16 9.96 3.18
CA MET A 464 23.45 11.38 3.17
C MET A 464 22.17 12.16 3.05
N LEU A 465 21.11 11.52 2.54
CA LEU A 465 19.80 12.11 2.40
C LEU A 465 19.10 11.78 3.69
N THR A 466 18.30 12.73 4.22
CA THR A 466 17.70 12.61 5.52
C THR A 466 16.26 13.05 5.41
N PRO A 467 15.38 12.65 6.34
CA PRO A 467 13.97 13.02 6.32
C PRO A 467 13.83 14.33 7.06
N PRO A 468 12.80 15.14 6.84
CA PRO A 468 12.62 16.40 7.54
C PRO A 468 12.07 16.18 8.93
N PHE A 469 11.93 14.93 9.40
CA PHE A 469 11.51 14.62 10.74
C PHE A 469 12.56 13.68 11.24
N VAL A 470 13.24 14.08 12.34
CA VAL A 470 14.23 13.26 12.98
C VAL A 470 13.66 13.04 14.36
N PRO A 471 13.51 11.81 14.87
CA PRO A 471 12.96 11.51 16.18
C PRO A 471 13.55 12.26 17.35
N ASP A 472 12.71 12.55 18.37
CA ASP A 472 13.12 13.09 19.65
C ASP A 472 13.50 11.90 20.49
N SER A 473 14.54 12.05 21.34
CA SER A 473 15.05 10.98 22.18
C SER A 473 14.55 11.14 23.59
N ARG A 474 13.77 12.22 23.88
CA ARG A 474 13.22 12.48 25.18
C ARG A 474 11.75 12.19 25.18
N THR A 475 11.15 12.00 23.98
CA THR A 475 9.77 11.62 23.85
C THR A 475 9.86 10.33 23.11
N VAL A 476 9.51 9.22 23.80
CA VAL A 476 9.61 7.89 23.27
C VAL A 476 8.42 7.63 22.37
N TYR A 477 8.65 6.88 21.28
CA TYR A 477 7.65 6.62 20.27
C TYR A 477 7.46 5.14 20.23
N ALA A 478 6.23 4.71 20.58
CA ALA A 478 5.72 3.36 20.60
C ALA A 478 4.70 3.35 21.70
N LYS A 479 3.67 2.47 21.57
CA LYS A 479 2.61 2.27 22.54
C LYS A 479 3.15 1.80 23.87
N ASN A 480 2.51 2.25 24.97
CA ASN A 480 2.85 1.86 26.33
C ASN A 480 2.10 0.62 26.69
N ILE A 481 2.25 0.17 27.95
CA ILE A 481 1.74 -1.09 28.45
C ILE A 481 0.37 -0.88 29.02
N GLN A 482 -0.24 0.28 28.68
CA GLN A 482 -1.58 0.71 28.97
C GLN A 482 -2.61 -0.23 28.43
N ASP A 483 -2.38 -0.74 27.20
CA ASP A 483 -3.25 -1.64 26.52
C ASP A 483 -2.52 -2.95 26.48
N VAL A 484 -3.26 -4.06 26.73
CA VAL A 484 -2.73 -5.40 26.66
C VAL A 484 -3.73 -6.22 25.88
N GLY A 485 -3.27 -7.38 25.36
CA GLY A 485 -4.00 -8.29 24.52
C GLY A 485 -5.04 -9.07 25.27
N ALA A 486 -5.53 -10.16 24.63
CA ALA A 486 -6.54 -11.02 25.20
C ALA A 486 -6.76 -12.19 24.27
N PHE A 487 -5.69 -12.62 23.54
CA PHE A 487 -5.74 -13.77 22.66
C PHE A 487 -5.53 -14.99 23.54
N GLU A 488 -6.04 -16.16 23.08
CA GLU A 488 -6.15 -17.42 23.78
C GLU A 488 -4.85 -17.87 24.41
N GLU A 489 -4.96 -18.42 25.63
CA GLU A 489 -3.93 -19.17 26.30
C GLU A 489 -4.62 -20.38 26.84
N VAL A 490 -3.82 -21.40 27.24
CA VAL A 490 -4.23 -22.78 27.35
C VAL A 490 -5.30 -22.97 28.39
N LYS A 491 -6.22 -23.93 28.13
CA LYS A 491 -7.37 -24.20 28.95
C LYS A 491 -7.05 -25.33 29.89
N GLY A 492 -5.76 -25.69 30.02
CA GLY A 492 -5.27 -26.70 30.91
C GLY A 492 -4.39 -27.62 30.12
N VAL A 493 -4.10 -27.23 28.85
CA VAL A 493 -3.62 -28.13 27.84
C VAL A 493 -2.12 -28.02 27.85
N ALA A 494 -1.44 -29.14 28.16
CA ALA A 494 -0.02 -29.17 28.39
C ALA A 494 0.65 -29.45 27.08
N PHE A 495 1.84 -28.85 26.87
CA PHE A 495 2.56 -28.88 25.62
C PHE A 495 3.01 -30.28 25.31
N GLU A 496 2.97 -30.63 23.99
CA GLU A 496 3.48 -31.87 23.45
C GLU A 496 4.96 -31.97 23.66
N LYS A 497 5.49 -33.22 23.76
CA LYS A 497 6.92 -33.49 23.84
C LYS A 497 7.70 -32.86 22.71
N ALA A 498 7.15 -32.93 21.48
CA ALA A 498 7.69 -32.33 20.27
C ALA A 498 7.89 -30.84 20.39
N ASP A 499 6.89 -30.13 20.97
CA ASP A 499 6.89 -28.71 21.24
C ASP A 499 8.01 -28.32 22.16
N THR A 500 8.18 -29.06 23.29
CA THR A 500 9.23 -28.89 24.28
C THR A 500 10.61 -29.03 23.68
N GLU A 501 10.78 -30.00 22.74
CA GLU A 501 12.03 -30.26 22.05
C GLU A 501 12.38 -29.12 21.11
N PHE A 502 11.35 -28.52 20.46
CA PHE A 502 11.52 -27.34 19.64
C PHE A 502 11.96 -26.15 20.47
N PHE A 503 11.38 -25.97 21.68
CA PHE A 503 11.67 -24.85 22.55
C PHE A 503 13.10 -24.84 23.01
N GLN A 504 13.64 -26.01 23.45
CA GLN A 504 15.04 -26.16 23.82
C GLN A 504 15.99 -25.93 22.67
N GLU A 505 15.65 -26.46 21.47
CA GLU A 505 16.46 -26.38 20.28
C GLU A 505 16.60 -24.97 19.77
N PHE A 506 15.47 -24.22 19.77
CA PHE A 506 15.37 -22.82 19.45
C PHE A 506 16.31 -21.99 20.31
N ALA A 507 16.28 -22.25 21.64
CA ALA A 507 17.06 -21.55 22.63
C ALA A 507 18.53 -21.85 22.47
N SER A 508 19.37 -20.83 22.74
CA SER A 508 20.79 -20.90 22.50
C SER A 508 21.37 -19.67 23.11
N GLU B 4 -15.86 13.65 -25.42
CA GLU B 4 -15.30 13.03 -24.26
C GLU B 4 -14.00 13.75 -24.03
N VAL B 5 -12.86 13.13 -24.42
CA VAL B 5 -11.60 13.79 -24.60
C VAL B 5 -11.51 14.13 -26.05
N GLN B 6 -10.98 15.34 -26.36
CA GLN B 6 -10.89 15.81 -27.70
C GLN B 6 -9.69 16.69 -27.68
N LEU B 7 -8.93 16.69 -28.81
CA LEU B 7 -7.82 17.58 -29.02
C LEU B 7 -8.06 18.26 -30.34
N VAL B 8 -7.99 19.60 -30.38
CA VAL B 8 -8.12 20.36 -31.61
C VAL B 8 -6.82 21.12 -31.74
N GLU B 9 -6.02 20.71 -32.74
CA GLU B 9 -4.83 21.40 -33.18
C GLU B 9 -5.10 22.66 -33.95
N SER B 10 -4.15 23.60 -33.89
CA SER B 10 -4.13 24.80 -34.70
C SER B 10 -2.69 25.19 -34.87
N GLY B 11 -2.40 26.20 -35.74
CA GLY B 11 -1.09 26.80 -35.84
C GLY B 11 -0.26 26.23 -36.94
N GLY B 12 -0.88 25.51 -37.91
CA GLY B 12 -0.23 25.04 -39.12
C GLY B 12 -0.01 26.17 -40.09
N GLY B 13 0.49 25.84 -41.32
CA GLY B 13 0.81 26.86 -42.29
C GLY B 13 1.94 26.39 -43.16
N LEU B 14 2.38 27.31 -44.05
CA LEU B 14 3.51 27.12 -44.92
C LEU B 14 4.72 27.63 -44.18
N VAL B 15 5.86 26.93 -44.32
CA VAL B 15 7.07 27.26 -43.62
C VAL B 15 8.19 26.90 -44.55
N GLN B 16 9.24 27.74 -44.61
CA GLN B 16 10.44 27.51 -45.38
C GLN B 16 11.23 26.35 -44.80
N PRO B 17 11.95 25.54 -45.59
CA PRO B 17 12.92 24.58 -45.08
C PRO B 17 14.06 25.30 -44.40
N GLY B 18 14.33 24.94 -43.12
CA GLY B 18 15.38 25.50 -42.31
C GLY B 18 14.84 26.61 -41.45
N GLY B 19 13.53 26.89 -41.57
CA GLY B 19 12.82 27.87 -40.80
C GLY B 19 12.35 27.24 -39.52
N SER B 20 11.23 27.77 -38.98
CA SER B 20 10.69 27.26 -37.75
C SER B 20 9.23 27.59 -37.71
N LEU B 21 8.47 26.77 -36.96
CA LEU B 21 7.04 26.90 -36.86
C LEU B 21 6.73 26.30 -35.52
N ARG B 22 5.62 26.74 -34.89
CA ARG B 22 5.19 26.23 -33.61
C ARG B 22 3.78 25.81 -33.82
N LEU B 23 3.50 24.54 -33.50
CA LEU B 23 2.20 23.94 -33.55
C LEU B 23 1.67 23.95 -32.16
N SER B 24 0.33 24.12 -32.04
CA SER B 24 -0.36 24.12 -30.78
C SER B 24 -1.39 23.05 -30.91
N CYS B 25 -1.60 22.30 -29.81
CA CYS B 25 -2.59 21.27 -29.70
C CYS B 25 -3.33 21.63 -28.46
N ALA B 26 -4.61 22.07 -28.61
CA ALA B 26 -5.43 22.44 -27.49
C ALA B 26 -6.14 21.19 -27.06
N ALA B 27 -6.04 20.88 -25.76
CA ALA B 27 -6.51 19.67 -25.17
C ALA B 27 -7.68 19.97 -24.28
N SER B 28 -8.67 19.06 -24.25
CA SER B 28 -9.80 19.22 -23.38
C SER B 28 -10.32 17.85 -23.05
N GLY B 29 -11.03 17.77 -21.90
CA GLY B 29 -11.67 16.58 -21.40
C GLY B 29 -10.78 15.91 -20.38
N PHE B 30 -9.64 16.54 -20.01
CA PHE B 30 -8.74 15.99 -19.03
C PHE B 30 -7.88 17.11 -18.53
N ASN B 31 -7.22 16.89 -17.36
CA ASN B 31 -6.29 17.81 -16.76
C ASN B 31 -4.95 17.46 -17.33
N LEU B 32 -4.25 18.49 -17.87
CA LEU B 32 -3.03 18.33 -18.62
C LEU B 32 -1.91 17.72 -17.80
N TYR B 33 -1.76 18.12 -16.52
CA TYR B 33 -0.73 17.62 -15.63
C TYR B 33 -0.94 16.16 -15.25
N SER B 34 -2.12 15.59 -15.58
CA SER B 34 -2.48 14.23 -15.25
C SER B 34 -2.41 13.34 -16.46
N SER B 35 -1.79 13.81 -17.57
CA SER B 35 -1.61 13.01 -18.75
C SER B 35 -0.34 13.44 -19.41
N SER B 36 0.52 12.46 -19.76
CA SER B 36 1.66 12.63 -20.64
C SER B 36 1.19 12.95 -22.04
N ILE B 37 2.02 13.65 -22.84
CA ILE B 37 1.63 14.10 -24.16
C ILE B 37 2.78 13.76 -25.07
N HIS B 38 2.46 13.41 -26.34
CA HIS B 38 3.40 13.04 -27.35
C HIS B 38 2.97 13.71 -28.62
N TRP B 39 3.86 13.74 -29.64
CA TRP B 39 3.58 14.13 -31.00
C TRP B 39 3.90 12.95 -31.86
N VAL B 40 3.06 12.67 -32.88
CA VAL B 40 3.22 11.61 -33.86
C VAL B 40 2.96 12.29 -35.18
N ARG B 41 3.63 11.90 -36.29
CA ARG B 41 3.42 12.52 -37.58
C ARG B 41 3.16 11.45 -38.60
N GLN B 42 2.48 11.84 -39.71
CA GLN B 42 2.20 10.97 -40.84
C GLN B 42 2.55 11.68 -42.11
N ALA B 43 3.58 11.19 -42.82
CA ALA B 43 3.90 11.60 -44.18
C ALA B 43 2.79 11.13 -45.10
N PRO B 44 2.34 11.84 -46.14
CA PRO B 44 1.20 11.48 -46.97
C PRO B 44 1.20 10.09 -47.56
N GLY B 45 0.20 9.25 -47.20
CA GLY B 45 0.03 7.91 -47.69
C GLY B 45 1.11 6.98 -47.21
N LYS B 46 1.50 7.09 -45.93
CA LYS B 46 2.59 6.34 -45.34
C LYS B 46 2.16 5.99 -43.94
N GLY B 47 3.04 5.27 -43.21
CA GLY B 47 2.91 4.92 -41.82
C GLY B 47 2.90 6.11 -40.88
N LEU B 48 3.02 5.80 -39.57
CA LEU B 48 3.02 6.78 -38.51
C LEU B 48 4.34 6.68 -37.81
N GLU B 49 5.01 7.84 -37.59
CA GLU B 49 6.27 7.92 -36.88
C GLU B 49 6.07 8.74 -35.64
N TRP B 50 6.45 8.19 -34.46
CA TRP B 50 6.49 8.92 -33.20
C TRP B 50 7.60 9.95 -33.23
N VAL B 51 7.33 11.15 -32.67
CA VAL B 51 8.21 12.29 -32.73
C VAL B 51 8.84 12.49 -31.38
N ALA B 52 8.03 12.69 -30.31
CA ALA B 52 8.59 13.00 -29.01
C ALA B 52 7.53 12.80 -27.98
N SER B 53 7.92 12.58 -26.69
CA SER B 53 7.01 12.54 -25.58
C SER B 53 7.58 13.36 -24.48
N ILE B 54 6.71 13.84 -23.56
CA ILE B 54 7.13 14.49 -22.34
C ILE B 54 6.17 14.06 -21.29
N TYR B 55 6.73 13.68 -20.11
CA TYR B 55 6.08 13.19 -18.91
C TYR B 55 4.85 13.99 -18.48
N SER B 56 3.96 13.33 -17.73
CA SER B 56 2.65 13.73 -17.31
C SER B 56 2.64 14.99 -16.49
N TYR B 57 3.52 15.07 -15.47
CA TYR B 57 3.63 16.19 -14.57
C TYR B 57 4.84 17.00 -14.98
N TYR B 58 5.50 16.58 -16.09
CA TYR B 58 6.47 17.33 -16.84
C TYR B 58 7.81 17.30 -16.16
N GLY B 59 8.78 16.66 -16.83
CA GLY B 59 10.05 16.34 -16.26
C GLY B 59 10.83 15.73 -17.36
N SER B 60 10.97 14.37 -17.33
CA SER B 60 11.67 13.58 -18.32
C SER B 60 11.03 13.72 -19.68
N THR B 61 11.90 13.79 -20.72
CA THR B 61 11.51 14.00 -22.10
C THR B 61 12.29 12.95 -22.84
N SER B 62 11.71 12.40 -23.93
CA SER B 62 12.39 11.51 -24.83
C SER B 62 12.02 11.90 -26.23
N TYR B 63 12.85 11.49 -27.22
CA TYR B 63 12.72 11.92 -28.59
C TYR B 63 13.07 10.76 -29.45
N ALA B 64 12.40 10.66 -30.63
CA ALA B 64 12.80 9.81 -31.73
C ALA B 64 14.03 10.40 -32.33
N ASP B 65 15.01 9.53 -32.72
CA ASP B 65 16.33 9.91 -33.18
C ASP B 65 16.35 10.84 -34.37
N SER B 66 15.42 10.65 -35.33
CA SER B 66 15.33 11.43 -36.56
C SER B 66 15.01 12.88 -36.37
N VAL B 67 14.26 13.22 -35.29
CA VAL B 67 13.79 14.55 -35.00
C VAL B 67 14.49 15.11 -33.77
N LYS B 68 15.32 14.29 -33.10
CA LYS B 68 15.92 14.61 -31.82
C LYS B 68 16.85 15.79 -31.89
N GLY B 69 16.65 16.75 -30.96
CA GLY B 69 17.45 17.94 -30.82
C GLY B 69 17.16 18.97 -31.88
N ARG B 70 16.02 18.85 -32.58
CA ARG B 70 15.60 19.77 -33.60
C ARG B 70 14.22 20.21 -33.29
N PHE B 71 13.38 19.28 -32.80
CA PHE B 71 12.03 19.60 -32.41
C PHE B 71 12.05 19.41 -30.93
N THR B 72 11.39 20.34 -30.21
CA THR B 72 11.31 20.38 -28.78
C THR B 72 9.86 20.40 -28.41
N ILE B 73 9.41 19.33 -27.71
CA ILE B 73 8.08 19.22 -27.17
C ILE B 73 8.04 19.99 -25.89
N SER B 74 6.89 20.64 -25.62
CA SER B 74 6.69 21.40 -24.42
C SER B 74 5.20 21.48 -24.20
N ALA B 75 4.78 22.00 -23.03
CA ALA B 75 3.40 22.09 -22.70
C ALA B 75 3.27 23.11 -21.62
N ASP B 76 2.05 23.64 -21.43
CA ASP B 76 1.74 24.57 -20.37
C ASP B 76 0.46 24.06 -19.77
N THR B 77 0.52 23.70 -18.48
CA THR B 77 -0.51 23.10 -17.67
C THR B 77 -1.71 23.99 -17.54
N SER B 78 -1.48 25.31 -17.36
CA SER B 78 -2.51 26.29 -17.06
C SER B 78 -3.38 26.60 -18.26
N LYS B 79 -2.89 26.32 -19.48
CA LYS B 79 -3.63 26.62 -20.69
C LYS B 79 -4.31 25.36 -21.18
N ASN B 80 -3.88 24.18 -20.66
CA ASN B 80 -4.24 22.86 -21.14
C ASN B 80 -3.83 22.69 -22.58
N THR B 81 -2.57 23.04 -22.92
CA THR B 81 -2.17 23.12 -24.31
C THR B 81 -0.78 22.56 -24.34
N ALA B 82 -0.52 21.71 -25.36
CA ALA B 82 0.78 21.17 -25.66
C ALA B 82 1.23 21.84 -26.91
N TYR B 83 2.56 22.06 -27.03
CA TYR B 83 3.14 22.77 -28.14
C TYR B 83 4.22 21.88 -28.65
N LEU B 84 4.53 22.02 -29.96
CA LEU B 84 5.70 21.42 -30.54
C LEU B 84 6.34 22.54 -31.27
N GLN B 85 7.56 22.89 -30.83
CA GLN B 85 8.38 23.89 -31.46
C GLN B 85 9.26 23.13 -32.39
N MET B 86 9.20 23.48 -33.70
CA MET B 86 9.86 22.75 -34.73
C MET B 86 10.86 23.69 -35.31
N ASN B 87 12.15 23.34 -35.14
CA ASN B 87 13.28 24.10 -35.61
C ASN B 87 13.99 23.21 -36.60
N SER B 88 14.35 23.76 -37.78
CA SER B 88 15.13 23.08 -38.80
C SER B 88 14.30 22.12 -39.60
N LEU B 89 13.19 22.62 -40.20
CA LEU B 89 12.30 21.87 -41.06
C LEU B 89 13.02 21.41 -42.31
N ARG B 90 12.59 20.27 -42.88
CA ARG B 90 13.23 19.63 -43.99
C ARG B 90 12.12 19.14 -44.89
N ALA B 91 12.45 18.74 -46.14
CA ALA B 91 11.47 18.33 -47.11
C ALA B 91 10.66 17.12 -46.69
N GLU B 92 11.31 16.11 -46.07
CA GLU B 92 10.68 14.91 -45.53
C GLU B 92 9.80 15.18 -44.32
N ASP B 93 9.95 16.36 -43.69
CA ASP B 93 9.19 16.77 -42.53
C ASP B 93 7.82 17.22 -42.92
N THR B 94 7.56 17.46 -44.24
CA THR B 94 6.26 17.81 -44.78
C THR B 94 5.29 16.72 -44.44
N ALA B 95 4.32 17.01 -43.56
CA ALA B 95 3.46 16.00 -43.05
C ALA B 95 2.28 16.66 -42.41
N VAL B 96 1.21 15.86 -42.21
CA VAL B 96 0.18 16.11 -41.25
C VAL B 96 0.75 15.72 -39.90
N TYR B 97 0.63 16.62 -38.89
CA TYR B 97 1.15 16.43 -37.56
C TYR B 97 0.02 16.23 -36.60
N TYR B 98 0.15 15.17 -35.78
CA TYR B 98 -0.79 14.73 -34.79
C TYR B 98 -0.16 14.91 -33.44
N CYS B 99 -0.97 15.37 -32.46
CA CYS B 99 -0.67 15.22 -31.06
C CYS B 99 -1.41 14.00 -30.64
N ALA B 100 -0.97 13.35 -29.55
CA ALA B 100 -1.69 12.24 -29.01
C ALA B 100 -1.54 12.38 -27.54
N ARG B 101 -2.33 11.58 -26.82
CA ARG B 101 -2.41 11.58 -25.39
C ARG B 101 -1.88 10.25 -24.97
N TYR B 102 -1.59 10.15 -23.66
CA TYR B 102 -1.01 8.99 -23.07
C TYR B 102 -1.56 9.08 -21.68
N GLU B 103 -1.37 8.04 -20.84
CA GLU B 103 -1.78 8.10 -19.46
C GLU B 103 -0.67 7.45 -18.70
N GLY B 104 -0.12 8.17 -17.69
CA GLY B 104 0.96 7.74 -16.82
C GLY B 104 2.18 7.35 -17.58
N TRP B 105 3.06 6.55 -16.95
CA TRP B 105 4.37 6.33 -17.49
C TRP B 105 5.08 5.45 -16.51
N TRP B 106 5.56 4.29 -17.02
CA TRP B 106 6.25 3.23 -16.31
C TRP B 106 5.30 2.27 -15.66
N TRP B 107 4.48 1.59 -16.50
CA TRP B 107 3.64 0.48 -16.14
C TRP B 107 2.46 0.98 -15.34
N ALA B 108 1.89 2.12 -15.76
CA ALA B 108 0.96 2.87 -14.94
C ALA B 108 -0.42 2.28 -14.99
N ASN B 109 -0.70 1.56 -16.08
CA ASN B 109 -1.95 0.87 -16.28
C ASN B 109 -1.72 0.01 -17.50
N THR B 110 -0.53 0.14 -18.14
CA THR B 110 -0.12 -0.57 -19.33
C THR B 110 -0.93 0.02 -20.46
N TYR B 111 -0.94 1.38 -20.45
CA TYR B 111 -1.46 2.31 -21.40
C TYR B 111 -1.34 2.03 -22.88
N ALA B 112 -2.15 2.75 -23.69
CA ALA B 112 -1.88 2.89 -25.10
C ALA B 112 -2.37 4.26 -25.45
N LEU B 113 -2.05 4.73 -26.69
CA LEU B 113 -2.12 6.13 -27.07
C LEU B 113 -3.55 6.33 -27.46
N ASP B 114 -4.36 6.81 -26.48
CA ASP B 114 -5.78 6.63 -26.51
C ASP B 114 -6.56 7.73 -27.16
N TYR B 115 -6.01 8.95 -27.27
CA TYR B 115 -6.74 10.05 -27.88
C TYR B 115 -5.76 10.74 -28.75
N TRP B 116 -6.16 11.07 -29.99
CA TRP B 116 -5.30 11.67 -30.99
C TRP B 116 -5.99 12.90 -31.45
N GLY B 117 -5.19 13.88 -31.94
CA GLY B 117 -5.64 15.05 -32.66
C GLY B 117 -6.28 14.71 -33.98
N GLN B 118 -6.70 15.76 -34.70
CA GLN B 118 -7.38 15.65 -35.97
C GLN B 118 -6.39 15.89 -37.08
N GLY B 119 -5.12 16.18 -36.73
CA GLY B 119 -4.07 16.52 -37.63
C GLY B 119 -4.10 17.99 -37.97
N THR B 120 -2.90 18.60 -38.14
CA THR B 120 -2.74 19.97 -38.55
C THR B 120 -1.66 19.89 -39.59
N LEU B 121 -1.87 20.59 -40.73
CA LEU B 121 -1.02 20.46 -41.88
C LEU B 121 0.15 21.37 -41.74
N VAL B 122 1.36 20.80 -41.94
CA VAL B 122 2.59 21.55 -42.03
C VAL B 122 3.06 21.26 -43.42
N THR B 123 3.39 22.33 -44.18
CA THR B 123 3.91 22.16 -45.52
C THR B 123 5.24 22.82 -45.50
N VAL B 124 6.31 22.04 -45.78
CA VAL B 124 7.66 22.55 -45.84
C VAL B 124 7.96 22.68 -47.30
N SER B 125 8.11 23.94 -47.79
CA SER B 125 8.37 24.17 -49.19
C SER B 125 8.90 25.59 -49.28
N SER B 126 9.64 25.89 -50.37
CA SER B 126 10.21 27.19 -50.63
C SER B 126 9.63 27.70 -51.93
N ALA B 127 8.79 26.89 -52.62
CA ALA B 127 8.13 27.24 -53.87
C ALA B 127 7.15 28.37 -53.68
N SER B 128 7.01 29.21 -54.72
CA SER B 128 6.07 30.31 -54.76
C SER B 128 4.78 29.84 -55.37
N THR B 129 3.66 30.51 -55.01
CA THR B 129 2.33 30.28 -55.54
C THR B 129 2.30 30.54 -57.03
N LYS B 130 1.41 29.83 -57.76
CA LYS B 130 1.45 29.79 -59.20
C LYS B 130 0.24 29.00 -59.65
N GLY B 131 -0.58 29.63 -60.52
CA GLY B 131 -1.76 29.04 -61.14
C GLY B 131 -1.44 27.86 -62.05
N PRO B 132 -2.44 27.25 -62.66
CA PRO B 132 -2.26 26.07 -63.47
C PRO B 132 -2.02 26.44 -64.91
N SER B 133 -1.03 25.79 -65.57
CA SER B 133 -0.96 25.78 -67.01
C SER B 133 -1.71 24.53 -67.39
N VAL B 134 -2.64 24.65 -68.34
CA VAL B 134 -3.51 23.58 -68.74
C VAL B 134 -3.23 23.30 -70.18
N PHE B 135 -2.81 22.06 -70.49
CA PHE B 135 -2.47 21.67 -71.83
C PHE B 135 -3.44 20.58 -72.20
N PRO B 136 -4.00 20.55 -73.40
CA PRO B 136 -4.83 19.44 -73.82
C PRO B 136 -3.97 18.24 -74.14
N LEU B 137 -4.43 17.03 -73.76
CA LEU B 137 -3.85 15.77 -74.18
C LEU B 137 -4.75 15.28 -75.26
N ALA B 138 -4.36 15.51 -76.53
CA ALA B 138 -5.12 15.15 -77.70
C ALA B 138 -5.30 13.64 -77.80
N PRO B 139 -6.47 13.11 -78.20
CA PRO B 139 -6.66 11.71 -78.54
C PRO B 139 -5.81 11.32 -79.72
N SER B 140 -5.63 9.99 -79.92
CA SER B 140 -4.79 9.47 -80.96
C SER B 140 -5.72 8.96 -82.00
N SER B 141 -5.20 8.80 -83.24
CA SER B 141 -5.92 8.21 -84.34
C SER B 141 -5.48 6.76 -84.45
N LYS B 142 -4.62 6.31 -83.51
CA LYS B 142 -4.09 4.97 -83.45
C LYS B 142 -4.64 4.29 -82.22
N SER B 143 -5.48 5.00 -81.41
CA SER B 143 -6.17 4.42 -80.27
C SER B 143 -7.56 4.05 -80.73
N THR B 144 -7.95 4.55 -81.93
CA THR B 144 -9.13 4.23 -82.72
C THR B 144 -9.28 2.73 -82.97
N SER B 145 -8.16 1.97 -82.85
CA SER B 145 -8.03 0.54 -83.02
C SER B 145 -8.88 -0.31 -82.09
N GLY B 146 -9.47 0.27 -81.02
CA GLY B 146 -10.32 -0.45 -80.10
C GLY B 146 -11.72 0.09 -80.16
N GLY B 147 -11.92 1.22 -80.88
CA GLY B 147 -13.17 1.91 -81.02
C GLY B 147 -13.39 2.91 -79.93
N THR B 148 -12.46 2.97 -78.94
CA THR B 148 -12.56 3.87 -77.80
C THR B 148 -11.26 4.63 -77.77
N ALA B 149 -11.35 5.95 -77.53
CA ALA B 149 -10.20 6.81 -77.42
C ALA B 149 -10.24 7.43 -76.06
N ALA B 150 -9.07 7.59 -75.39
CA ALA B 150 -8.99 8.36 -74.18
C ALA B 150 -8.29 9.64 -74.49
N LEU B 151 -8.79 10.76 -73.92
CA LEU B 151 -8.21 12.07 -74.08
C LEU B 151 -8.31 12.69 -72.73
N GLY B 152 -7.58 13.81 -72.51
CA GLY B 152 -7.50 14.33 -71.17
C GLY B 152 -6.85 15.67 -71.18
N CYS B 153 -6.44 16.14 -69.99
CA CYS B 153 -5.78 17.41 -69.82
C CYS B 153 -4.70 17.18 -68.82
N LEU B 154 -3.53 17.80 -69.08
CA LEU B 154 -2.39 17.77 -68.22
C LEU B 154 -2.33 19.11 -67.56
N VAL B 155 -2.47 19.13 -66.21
CA VAL B 155 -2.50 20.33 -65.43
C VAL B 155 -1.17 20.33 -64.74
N LYS B 156 -0.26 21.21 -65.19
CA LYS B 156 1.15 21.07 -64.97
C LYS B 156 1.62 22.36 -64.37
N ASP B 157 2.61 22.26 -63.44
CA ASP B 157 3.38 23.37 -62.92
C ASP B 157 2.55 24.34 -62.10
N TYR B 158 1.78 23.81 -61.12
CA TYR B 158 1.00 24.63 -60.21
C TYR B 158 1.59 24.43 -58.84
N PHE B 159 1.35 25.40 -57.93
CA PHE B 159 1.69 25.25 -56.54
C PHE B 159 0.77 26.20 -55.81
N PRO B 160 0.29 25.93 -54.60
CA PRO B 160 0.27 24.65 -53.93
C PRO B 160 -1.01 23.93 -54.29
N GLU B 161 -1.17 22.68 -53.79
CA GLU B 161 -2.42 21.93 -53.76
C GLU B 161 -3.50 22.66 -52.99
N PRO B 162 -4.80 22.51 -53.29
CA PRO B 162 -5.32 21.50 -54.21
C PRO B 162 -5.87 22.15 -55.45
N VAL B 163 -5.74 21.48 -56.61
CA VAL B 163 -6.53 21.78 -57.78
C VAL B 163 -7.65 20.78 -57.83
N THR B 164 -8.76 21.15 -58.51
CA THR B 164 -9.83 20.26 -58.86
C THR B 164 -9.92 20.32 -60.35
N VAL B 165 -10.14 19.15 -61.01
CA VAL B 165 -10.33 19.08 -62.44
C VAL B 165 -11.62 18.33 -62.58
N SER B 166 -12.54 18.91 -63.39
CA SER B 166 -13.82 18.33 -63.72
C SER B 166 -13.91 18.40 -65.21
N TRP B 167 -14.87 17.68 -65.79
CA TRP B 167 -15.10 17.66 -67.22
C TRP B 167 -16.50 18.09 -67.45
N ASN B 168 -16.66 19.07 -68.38
CA ASN B 168 -17.92 19.66 -68.80
C ASN B 168 -18.69 20.22 -67.62
N SER B 169 -17.96 20.90 -66.70
CA SER B 169 -18.45 21.58 -65.53
C SER B 169 -18.97 20.63 -64.47
N GLY B 170 -18.48 19.38 -64.47
CA GLY B 170 -18.86 18.35 -63.53
C GLY B 170 -19.96 17.47 -64.06
N ALA B 171 -20.46 17.73 -65.29
CA ALA B 171 -21.47 16.93 -65.94
C ALA B 171 -20.96 15.55 -66.25
N LEU B 172 -19.68 15.49 -66.68
CA LEU B 172 -18.98 14.28 -67.03
C LEU B 172 -18.01 14.06 -65.90
N THR B 173 -18.17 12.92 -65.20
CA THR B 173 -17.43 12.60 -64.00
C THR B 173 -17.35 11.09 -63.90
N SER B 174 -18.10 10.38 -64.77
CA SER B 174 -18.11 8.93 -64.81
C SER B 174 -17.14 8.53 -65.89
N GLY B 175 -16.08 7.79 -65.48
CA GLY B 175 -14.99 7.40 -66.33
C GLY B 175 -13.90 8.41 -66.24
N VAL B 176 -14.15 9.53 -65.52
CA VAL B 176 -13.19 10.57 -65.27
C VAL B 176 -12.34 10.09 -64.13
N HIS B 177 -11.02 10.00 -64.37
CA HIS B 177 -10.08 9.66 -63.35
C HIS B 177 -9.16 10.82 -63.25
N THR B 178 -9.25 11.54 -62.12
CA THR B 178 -8.41 12.64 -61.78
C THR B 178 -7.52 12.01 -60.77
N PHE B 179 -6.24 11.85 -61.12
CA PHE B 179 -5.28 11.14 -60.32
C PHE B 179 -4.78 12.03 -59.22
N PRO B 180 -4.38 11.50 -58.07
CA PRO B 180 -3.54 12.17 -57.08
C PRO B 180 -2.41 12.97 -57.68
N ALA B 181 -2.13 14.17 -57.14
CA ALA B 181 -1.01 14.98 -57.54
C ALA B 181 0.29 14.29 -57.27
N VAL B 182 1.26 14.46 -58.18
CA VAL B 182 2.59 13.96 -57.99
C VAL B 182 3.43 15.20 -57.89
N LEU B 183 4.40 15.19 -56.96
CA LEU B 183 5.34 16.26 -56.75
C LEU B 183 6.46 16.01 -57.71
N GLN B 184 6.69 17.01 -58.60
CA GLN B 184 7.73 16.98 -59.60
C GLN B 184 9.02 17.44 -58.98
N SER B 185 10.10 17.40 -59.78
CA SER B 185 11.43 17.79 -59.37
C SER B 185 11.65 19.25 -59.66
N SER B 186 10.56 19.97 -60.03
CA SER B 186 10.55 21.41 -60.18
C SER B 186 9.99 22.03 -58.92
N GLY B 187 9.50 21.20 -57.98
CA GLY B 187 8.90 21.63 -56.74
C GLY B 187 7.52 22.16 -56.96
N LEU B 188 6.90 21.77 -58.11
CA LEU B 188 5.57 22.15 -58.48
C LEU B 188 4.85 20.86 -58.70
N TYR B 189 3.52 20.87 -58.47
CA TYR B 189 2.70 19.69 -58.58
C TYR B 189 2.20 19.59 -59.98
N SER B 190 1.87 18.34 -60.40
CA SER B 190 1.33 18.06 -61.71
C SER B 190 0.39 16.90 -61.55
N LEU B 191 -0.72 16.90 -62.32
CA LEU B 191 -1.63 15.79 -62.37
C LEU B 191 -2.19 15.72 -63.75
N SER B 192 -2.72 14.53 -64.11
CA SER B 192 -3.41 14.33 -65.35
C SER B 192 -4.79 13.98 -64.92
N SER B 193 -5.78 14.41 -65.73
CA SER B 193 -7.15 14.02 -65.56
C SER B 193 -7.48 13.52 -66.92
N VAL B 194 -8.06 12.31 -67.01
CA VAL B 194 -8.34 11.69 -68.27
C VAL B 194 -9.75 11.18 -68.23
N VAL B 195 -10.32 10.98 -69.42
CA VAL B 195 -11.62 10.37 -69.57
C VAL B 195 -11.52 9.57 -70.84
N THR B 196 -12.07 8.33 -70.82
CA THR B 196 -12.19 7.51 -72.00
C THR B 196 -13.58 7.66 -72.52
N VAL B 197 -13.66 7.92 -73.84
CA VAL B 197 -14.87 8.22 -74.56
C VAL B 197 -14.84 7.29 -75.75
N PRO B 198 -15.95 7.00 -76.42
CA PRO B 198 -15.96 6.43 -77.76
C PRO B 198 -15.16 7.26 -78.74
N SER B 199 -14.27 6.61 -79.55
CA SER B 199 -13.47 7.26 -80.57
C SER B 199 -14.38 7.89 -81.61
N SER B 200 -15.49 7.17 -81.91
CA SER B 200 -16.57 7.56 -82.78
C SER B 200 -17.28 8.85 -82.43
N SER B 201 -17.32 9.22 -81.12
CA SER B 201 -18.01 10.40 -80.64
C SER B 201 -17.12 11.61 -80.70
N LEU B 202 -15.81 11.43 -81.00
CA LEU B 202 -14.89 12.54 -81.21
C LEU B 202 -15.23 13.23 -82.50
N GLY B 203 -15.54 14.54 -82.42
CA GLY B 203 -15.88 15.38 -83.54
C GLY B 203 -17.35 15.59 -83.63
N THR B 204 -18.14 14.87 -82.79
CA THR B 204 -19.57 15.09 -82.66
C THR B 204 -19.81 15.44 -81.22
N GLN B 205 -18.73 15.58 -80.42
CA GLN B 205 -18.81 15.95 -79.04
C GLN B 205 -17.49 16.60 -78.76
N THR B 206 -17.49 17.57 -77.82
CA THR B 206 -16.32 18.28 -77.39
C THR B 206 -16.19 17.99 -75.92
N TYR B 207 -14.93 17.76 -75.48
CA TYR B 207 -14.59 17.42 -74.13
C TYR B 207 -13.69 18.52 -73.66
N ILE B 208 -14.14 19.21 -72.59
CA ILE B 208 -13.51 20.39 -72.06
C ILE B 208 -13.25 20.07 -70.62
N CYS B 209 -11.99 20.27 -70.18
CA CYS B 209 -11.60 20.16 -68.81
C CYS B 209 -11.71 21.52 -68.20
N ASN B 210 -12.30 21.57 -67.00
CA ASN B 210 -12.52 22.76 -66.24
C ASN B 210 -11.57 22.60 -65.09
N VAL B 211 -10.55 23.48 -65.00
CA VAL B 211 -9.50 23.36 -64.02
C VAL B 211 -9.67 24.56 -63.15
N ASN B 212 -9.76 24.33 -61.82
CA ASN B 212 -9.81 25.37 -60.83
C ASN B 212 -8.68 25.11 -59.90
N HIS B 213 -7.91 26.18 -59.58
CA HIS B 213 -6.85 26.15 -58.61
C HIS B 213 -7.22 27.16 -57.59
N LYS B 214 -7.76 26.68 -56.45
CA LYS B 214 -8.24 27.47 -55.34
C LYS B 214 -7.22 28.36 -54.63
N PRO B 215 -5.97 28.00 -54.30
CA PRO B 215 -5.06 28.88 -53.56
C PRO B 215 -4.42 29.97 -54.40
N SER B 216 -5.08 30.44 -55.48
CA SER B 216 -4.73 31.62 -56.22
C SER B 216 -5.99 32.06 -56.90
N ASN B 217 -7.05 31.22 -56.85
CA ASN B 217 -8.34 31.38 -57.48
C ASN B 217 -8.26 31.60 -58.97
N THR B 218 -7.45 30.75 -59.62
CA THR B 218 -7.13 30.82 -61.03
C THR B 218 -7.86 29.68 -61.68
N LYS B 219 -8.61 29.96 -62.77
CA LYS B 219 -9.47 28.98 -63.41
C LYS B 219 -9.22 29.05 -64.89
N VAL B 220 -8.91 27.88 -65.50
CA VAL B 220 -8.57 27.77 -66.90
C VAL B 220 -9.39 26.60 -67.42
N ASP B 221 -10.17 26.84 -68.50
CA ASP B 221 -10.95 25.84 -69.17
C ASP B 221 -10.31 25.57 -70.51
N LYS B 222 -9.92 24.31 -70.78
CA LYS B 222 -9.27 23.91 -72.02
C LYS B 222 -10.08 22.87 -72.73
N LYS B 223 -10.55 23.23 -73.95
CA LYS B 223 -11.18 22.34 -74.88
C LYS B 223 -10.12 21.47 -75.51
N VAL B 224 -10.37 20.14 -75.49
CA VAL B 224 -9.44 19.14 -75.96
C VAL B 224 -9.99 18.69 -77.26
N GLU B 225 -9.15 18.80 -78.31
CA GLU B 225 -9.47 18.63 -79.71
C GLU B 225 -9.96 17.22 -79.97
N PRO B 226 -10.83 16.97 -80.93
CA PRO B 226 -11.21 15.63 -81.34
C PRO B 226 -10.07 15.03 -82.13
N ASP C 2 16.70 -3.20 -33.94
CA ASP C 2 16.31 -3.23 -32.56
C ASP C 2 14.85 -3.58 -32.58
N ILE C 3 13.96 -2.57 -32.39
CA ILE C 3 12.54 -2.74 -32.25
C ILE C 3 11.93 -2.40 -33.58
N GLN C 4 11.03 -3.28 -34.06
CA GLN C 4 10.48 -3.18 -35.39
C GLN C 4 9.19 -3.93 -35.29
N MET C 5 8.18 -3.51 -36.07
CA MET C 5 6.91 -4.18 -36.16
C MET C 5 6.87 -4.73 -37.55
N THR C 6 6.55 -6.02 -37.68
CA THR C 6 6.37 -6.66 -38.95
C THR C 6 4.98 -7.20 -38.83
N GLN C 7 4.29 -7.34 -39.99
CA GLN C 7 2.98 -7.93 -40.07
C GLN C 7 3.01 -8.90 -41.21
N SER C 8 2.02 -9.82 -41.22
CA SER C 8 1.81 -10.72 -42.31
C SER C 8 0.34 -11.01 -42.27
N PRO C 9 -0.27 -11.41 -43.39
CA PRO C 9 0.15 -11.14 -44.77
C PRO C 9 0.26 -9.65 -45.04
N SER C 10 1.04 -9.26 -46.07
CA SER C 10 1.19 -7.89 -46.52
C SER C 10 -0.12 -7.31 -47.02
N SER C 11 -0.88 -8.08 -47.83
CA SER C 11 -2.19 -7.72 -48.27
C SER C 11 -3.00 -8.98 -48.26
N LEU C 12 -4.34 -8.84 -48.12
CA LEU C 12 -5.23 -9.98 -48.24
C LEU C 12 -6.50 -9.51 -48.88
N SER C 13 -7.08 -10.38 -49.74
CA SER C 13 -8.33 -10.16 -50.41
C SER C 13 -9.40 -10.86 -49.62
N ALA C 14 -10.41 -10.08 -49.16
CA ALA C 14 -11.49 -10.58 -48.35
C ALA C 14 -12.76 -9.94 -48.84
N SER C 15 -13.91 -10.49 -48.42
CA SER C 15 -15.24 -10.01 -48.71
C SER C 15 -15.86 -9.75 -47.37
N VAL C 16 -16.98 -9.00 -47.35
CA VAL C 16 -17.76 -8.76 -46.15
C VAL C 16 -18.32 -10.03 -45.56
N GLY C 17 -18.34 -10.10 -44.21
CA GLY C 17 -18.80 -11.24 -43.45
C GLY C 17 -17.83 -12.39 -43.49
N ASP C 18 -16.52 -12.10 -43.66
CA ASP C 18 -15.47 -13.10 -43.65
C ASP C 18 -14.76 -12.99 -42.34
N ARG C 19 -14.03 -14.06 -41.95
CA ARG C 19 -13.16 -14.05 -40.80
C ARG C 19 -11.77 -13.81 -41.29
N VAL C 20 -11.20 -12.64 -40.92
CA VAL C 20 -9.88 -12.21 -41.30
C VAL C 20 -9.04 -12.38 -40.09
N THR C 21 -7.86 -13.00 -40.25
CA THR C 21 -6.92 -13.20 -39.18
C THR C 21 -5.61 -12.71 -39.75
N ILE C 22 -4.98 -11.76 -39.03
CA ILE C 22 -3.70 -11.21 -39.39
C ILE C 22 -2.84 -11.38 -38.18
N THR C 23 -1.50 -11.41 -38.40
CA THR C 23 -0.53 -11.69 -37.38
C THR C 23 0.42 -10.52 -37.40
N CYS C 24 1.11 -10.34 -36.26
CA CYS C 24 2.09 -9.32 -36.06
C CYS C 24 3.21 -10.00 -35.35
N ARG C 25 4.44 -9.53 -35.63
CA ARG C 25 5.65 -10.09 -35.11
C ARG C 25 6.53 -8.93 -34.74
N ALA C 26 7.13 -9.01 -33.53
CA ALA C 26 8.12 -8.07 -33.07
C ALA C 26 9.44 -8.77 -33.23
N SER C 27 10.51 -7.98 -33.54
CA SER C 27 11.82 -8.53 -33.83
C SER C 27 12.67 -8.65 -32.58
N GLN C 28 12.12 -8.25 -31.43
CA GLN C 28 12.69 -8.50 -30.15
C GLN C 28 11.55 -8.38 -29.19
N SER C 29 11.72 -8.92 -27.96
CA SER C 29 10.68 -8.94 -26.96
C SER C 29 10.48 -7.55 -26.40
N VAL C 30 9.23 -7.06 -26.54
CA VAL C 30 8.79 -5.77 -26.06
C VAL C 30 7.72 -6.05 -25.03
N SER C 31 7.65 -7.34 -24.58
CA SER C 31 6.67 -7.88 -23.67
C SER C 31 5.27 -7.79 -24.22
N SER C 32 4.27 -8.27 -23.43
CA SER C 32 2.87 -8.13 -23.71
C SER C 32 2.52 -6.67 -23.67
N ALA C 33 2.32 -6.08 -24.86
CA ALA C 33 2.29 -4.66 -25.01
C ALA C 33 2.09 -4.46 -26.47
N VAL C 34 0.85 -4.69 -26.93
CA VAL C 34 0.52 -4.60 -28.32
C VAL C 34 -0.84 -3.98 -28.39
N ALA C 35 -0.92 -2.89 -29.17
CA ALA C 35 -2.14 -2.23 -29.50
C ALA C 35 -2.32 -2.45 -30.97
N TRP C 36 -3.57 -2.46 -31.46
CA TRP C 36 -3.87 -2.59 -32.87
C TRP C 36 -4.67 -1.40 -33.26
N TYR C 37 -4.27 -0.74 -34.38
CA TYR C 37 -4.89 0.46 -34.88
C TYR C 37 -5.41 0.19 -36.26
N GLN C 38 -6.49 0.90 -36.62
CA GLN C 38 -7.07 0.96 -37.93
C GLN C 38 -6.82 2.35 -38.41
N GLN C 39 -6.38 2.49 -39.67
CA GLN C 39 -6.21 3.77 -40.30
C GLN C 39 -6.86 3.59 -41.63
N LYS C 40 -7.63 4.62 -42.05
CA LYS C 40 -8.23 4.70 -43.36
C LYS C 40 -8.02 6.12 -43.78
N PRO C 41 -7.53 6.45 -44.98
CA PRO C 41 -7.25 7.81 -45.43
C PRO C 41 -8.34 8.82 -45.16
N GLY C 42 -7.96 10.03 -44.68
CA GLY C 42 -8.86 11.11 -44.38
C GLY C 42 -9.35 11.02 -42.96
N LYS C 43 -8.67 10.21 -42.12
CA LYS C 43 -9.03 10.00 -40.74
C LYS C 43 -7.72 10.05 -40.01
N ALA C 44 -7.80 10.26 -38.67
CA ALA C 44 -6.68 10.12 -37.77
C ALA C 44 -6.68 8.68 -37.33
N PRO C 45 -5.53 8.03 -37.10
CA PRO C 45 -5.39 6.74 -36.43
C PRO C 45 -6.32 6.50 -35.25
N LYS C 46 -6.91 5.28 -35.15
CA LYS C 46 -7.87 4.95 -34.14
C LYS C 46 -7.58 3.59 -33.55
N LEU C 47 -7.45 3.54 -32.21
CA LEU C 47 -7.22 2.39 -31.36
C LEU C 47 -8.35 1.39 -31.44
N LEU C 48 -8.00 0.08 -31.56
CA LEU C 48 -8.94 -1.01 -31.59
C LEU C 48 -8.77 -1.86 -30.35
N ILE C 49 -7.51 -2.27 -30.05
CA ILE C 49 -7.20 -3.24 -29.02
C ILE C 49 -6.02 -2.64 -28.32
N TYR C 50 -5.94 -2.78 -26.97
CA TYR C 50 -4.88 -2.29 -26.15
C TYR C 50 -4.58 -3.37 -25.15
N SER C 51 -3.37 -3.31 -24.53
CA SER C 51 -2.86 -4.22 -23.51
C SER C 51 -2.19 -5.38 -24.17
N ALA C 52 -3.02 -6.31 -24.71
CA ALA C 52 -2.52 -7.46 -25.43
C ALA C 52 -3.69 -8.14 -26.08
N SER C 53 -4.94 -7.71 -25.77
CA SER C 53 -6.12 -8.45 -26.14
C SER C 53 -7.35 -7.80 -25.59
N SER C 54 -7.23 -6.62 -24.95
CA SER C 54 -8.35 -6.00 -24.26
C SER C 54 -8.98 -5.03 -25.20
N LEU C 55 -10.31 -5.13 -25.37
CA LEU C 55 -11.06 -4.33 -26.29
C LEU C 55 -11.15 -2.91 -25.77
N TYR C 56 -10.78 -1.93 -26.63
CA TYR C 56 -10.91 -0.52 -26.37
C TYR C 56 -12.36 -0.10 -26.37
N SER C 57 -12.71 0.88 -25.52
CA SER C 57 -14.04 1.43 -25.37
C SER C 57 -14.50 2.09 -26.65
N GLY C 58 -15.79 1.85 -27.02
CA GLY C 58 -16.41 2.39 -28.20
C GLY C 58 -15.91 1.75 -29.47
N VAL C 59 -15.42 0.49 -29.39
CA VAL C 59 -14.96 -0.25 -30.53
C VAL C 59 -15.82 -1.50 -30.52
N PRO C 60 -16.46 -1.93 -31.61
CA PRO C 60 -17.14 -3.22 -31.75
C PRO C 60 -16.34 -4.41 -31.30
N SER C 61 -17.04 -5.50 -30.87
CA SER C 61 -16.43 -6.66 -30.26
C SER C 61 -16.12 -7.69 -31.31
N ARG C 62 -16.26 -7.30 -32.60
CA ARG C 62 -15.82 -8.02 -33.77
C ARG C 62 -14.32 -8.19 -33.77
N PHE C 63 -13.59 -7.14 -33.33
CA PHE C 63 -12.17 -7.18 -33.19
C PHE C 63 -11.86 -7.83 -31.88
N SER C 64 -10.85 -8.74 -31.90
CA SER C 64 -10.33 -9.34 -30.70
C SER C 64 -8.92 -9.69 -31.01
N GLY C 65 -8.09 -9.87 -29.97
CA GLY C 65 -6.73 -10.29 -30.13
C GLY C 65 -6.46 -11.37 -29.13
N SER C 66 -5.42 -12.19 -29.39
CA SER C 66 -4.98 -13.16 -28.44
C SER C 66 -3.49 -13.26 -28.57
N ARG C 67 -2.89 -14.15 -27.75
CA ARG C 67 -1.51 -14.59 -27.81
C ARG C 67 -0.62 -13.64 -27.07
N SER C 68 0.61 -14.11 -26.79
CA SER C 68 1.63 -13.34 -26.14
C SER C 68 2.90 -13.70 -26.85
N GLY C 69 4.07 -13.49 -26.20
CA GLY C 69 5.36 -13.76 -26.77
C GLY C 69 5.69 -12.65 -27.72
N THR C 70 6.23 -12.99 -28.91
CA THR C 70 6.64 -12.00 -29.88
C THR C 70 5.66 -12.04 -31.03
N ASP C 71 4.62 -12.90 -30.98
CA ASP C 71 3.72 -13.13 -32.08
C ASP C 71 2.33 -12.90 -31.57
N PHE C 72 1.69 -11.84 -32.11
CA PHE C 72 0.40 -11.38 -31.64
C PHE C 72 -0.54 -11.61 -32.79
N THR C 73 -1.86 -11.75 -32.52
CA THR C 73 -2.83 -11.94 -33.57
C THR C 73 -4.01 -11.04 -33.31
N LEU C 74 -4.61 -10.55 -34.43
CA LEU C 74 -5.81 -9.75 -34.46
C LEU C 74 -6.75 -10.48 -35.36
N THR C 75 -7.96 -10.77 -34.85
CA THR C 75 -8.97 -11.52 -35.56
C THR C 75 -10.15 -10.59 -35.63
N ILE C 76 -10.76 -10.50 -36.84
CA ILE C 76 -11.99 -9.82 -37.09
C ILE C 76 -12.93 -10.94 -37.46
N SER C 77 -13.93 -11.21 -36.58
CA SER C 77 -14.86 -12.32 -36.71
C SER C 77 -15.75 -12.23 -37.92
N SER C 78 -16.27 -11.02 -38.23
CA SER C 78 -17.08 -10.78 -39.39
C SER C 78 -16.72 -9.42 -39.89
N LEU C 79 -16.57 -9.28 -41.23
CA LEU C 79 -16.20 -8.03 -41.85
C LEU C 79 -17.41 -7.21 -42.12
N GLN C 80 -17.16 -5.89 -42.24
CA GLN C 80 -18.16 -4.87 -42.47
C GLN C 80 -17.57 -4.09 -43.63
N PRO C 81 -18.30 -3.20 -44.30
CA PRO C 81 -17.80 -2.49 -45.47
C PRO C 81 -16.80 -1.39 -45.14
N GLU C 82 -16.40 -1.25 -43.86
CA GLU C 82 -15.47 -0.22 -43.41
C GLU C 82 -14.26 -0.89 -42.82
N ASP C 83 -14.11 -2.22 -43.05
CA ASP C 83 -13.01 -2.99 -42.52
C ASP C 83 -12.01 -3.23 -43.61
N PHE C 84 -12.23 -2.62 -44.80
CA PHE C 84 -11.25 -2.58 -45.85
C PHE C 84 -10.43 -1.37 -45.52
N ALA C 85 -9.19 -1.60 -45.04
CA ALA C 85 -8.46 -0.57 -44.36
C ALA C 85 -7.05 -1.05 -44.24
N THR C 86 -6.18 -0.18 -43.66
CA THR C 86 -4.81 -0.52 -43.35
C THR C 86 -4.79 -0.74 -41.87
N TYR C 87 -4.20 -1.88 -41.42
CA TYR C 87 -4.14 -2.24 -40.02
C TYR C 87 -2.70 -2.28 -39.61
N TYR C 88 -2.38 -1.62 -38.47
CA TYR C 88 -1.05 -1.51 -37.92
C TYR C 88 -1.11 -2.10 -36.54
N CYS C 89 -0.09 -2.91 -36.12
CA CYS C 89 0.10 -3.18 -34.71
C CYS C 89 1.18 -2.25 -34.26
N GLN C 90 1.22 -1.88 -32.97
CA GLN C 90 2.29 -1.06 -32.45
C GLN C 90 2.54 -1.50 -31.05
N GLN C 91 3.75 -1.17 -30.53
CA GLN C 91 4.20 -1.57 -29.23
C GLN C 91 4.53 -0.31 -28.52
N TYR C 92 4.27 -0.27 -27.19
CA TYR C 92 4.59 0.84 -26.31
C TYR C 92 5.50 0.28 -25.27
N TYR C 93 6.44 1.15 -24.81
CA TYR C 93 7.39 0.96 -23.73
C TYR C 93 8.66 1.52 -24.29
N GLU C 94 9.52 2.05 -23.39
CA GLU C 94 10.71 2.77 -23.77
C GLU C 94 11.76 2.25 -22.85
N TRP C 95 13.03 2.44 -23.23
CA TRP C 95 14.16 2.30 -22.36
C TRP C 95 15.01 3.51 -22.64
N LEU C 96 15.45 3.67 -23.90
CA LEU C 96 14.82 4.63 -24.77
C LEU C 96 14.75 3.95 -26.10
N SER C 97 13.57 4.04 -26.77
CA SER C 97 13.34 3.30 -27.98
C SER C 97 12.19 3.98 -28.67
N LEU C 98 12.04 3.67 -29.98
CA LEU C 98 11.10 4.29 -30.85
C LEU C 98 9.82 3.53 -30.66
N PHE C 99 8.66 4.23 -30.76
CA PHE C 99 7.38 3.56 -30.68
C PHE C 99 7.07 3.20 -32.10
N THR C 100 7.26 1.92 -32.45
CA THR C 100 7.26 1.48 -33.81
C THR C 100 5.89 0.98 -34.15
N PHE C 101 5.48 1.26 -35.41
CA PHE C 101 4.18 0.95 -35.93
C PHE C 101 4.44 0.07 -37.12
N GLY C 102 3.47 -0.85 -37.38
CA GLY C 102 3.35 -1.68 -38.55
C GLY C 102 3.56 -0.99 -39.88
N GLN C 103 3.76 -1.83 -40.91
CA GLN C 103 4.02 -1.39 -42.26
C GLN C 103 2.71 -1.41 -43.01
N GLY C 104 1.62 -1.75 -42.28
CA GLY C 104 0.27 -1.82 -42.76
C GLY C 104 -0.04 -3.11 -43.44
N THR C 105 -1.24 -3.64 -43.11
CA THR C 105 -1.80 -4.78 -43.80
C THR C 105 -3.04 -4.23 -44.46
N LYS C 106 -3.08 -4.30 -45.80
CA LYS C 106 -4.19 -3.81 -46.57
C LYS C 106 -5.19 -4.91 -46.77
N VAL C 107 -6.39 -4.74 -46.18
CA VAL C 107 -7.52 -5.59 -46.43
C VAL C 107 -8.25 -4.95 -47.57
N GLU C 108 -8.38 -5.66 -48.70
CA GLU C 108 -8.95 -5.13 -49.92
C GLU C 108 -10.10 -6.00 -50.33
N ILE C 109 -10.93 -5.48 -51.26
CA ILE C 109 -12.16 -6.11 -51.70
C ILE C 109 -11.80 -7.09 -52.80
N LYS C 110 -12.08 -8.38 -52.54
CA LYS C 110 -11.94 -9.49 -53.48
C LYS C 110 -12.91 -9.36 -54.62
N ARG C 111 -12.43 -9.57 -55.87
CA ARG C 111 -13.28 -9.58 -57.02
C ARG C 111 -12.58 -10.27 -58.17
N THR C 112 -13.34 -10.49 -59.27
CA THR C 112 -12.90 -10.98 -60.55
C THR C 112 -11.85 -10.12 -61.21
N VAL C 113 -10.95 -10.77 -62.00
CA VAL C 113 -9.98 -10.18 -62.90
C VAL C 113 -10.67 -9.36 -63.97
N ALA C 114 -10.05 -8.23 -64.37
CA ALA C 114 -10.48 -7.44 -65.51
C ALA C 114 -9.22 -6.98 -66.19
N ALA C 115 -9.21 -7.06 -67.53
CA ALA C 115 -8.11 -6.60 -68.37
C ALA C 115 -8.11 -5.08 -68.46
N PRO C 116 -6.97 -4.43 -68.67
CA PRO C 116 -6.90 -2.98 -68.79
C PRO C 116 -7.22 -2.54 -70.20
N SER C 117 -7.99 -1.43 -70.34
CA SER C 117 -8.18 -0.78 -71.62
C SER C 117 -7.01 0.16 -71.78
N VAL C 118 -6.22 0.00 -72.86
CA VAL C 118 -4.97 0.70 -73.04
C VAL C 118 -5.20 1.80 -74.04
N PHE C 119 -4.84 3.04 -73.66
CA PHE C 119 -4.96 4.21 -74.50
C PHE C 119 -3.63 4.91 -74.43
N ILE C 120 -3.15 5.45 -75.58
CA ILE C 120 -1.96 6.27 -75.64
C ILE C 120 -2.40 7.59 -76.23
N PHE C 121 -1.91 8.71 -75.63
CA PHE C 121 -2.38 10.05 -75.90
C PHE C 121 -1.22 10.86 -76.43
N PRO C 122 -1.30 11.44 -77.63
CA PRO C 122 -0.44 12.51 -78.11
C PRO C 122 -0.49 13.77 -77.27
N PRO C 123 0.60 14.48 -76.93
CA PRO C 123 0.56 15.87 -76.51
C PRO C 123 0.02 16.75 -77.63
N SER C 124 -0.68 17.85 -77.28
CA SER C 124 -1.16 18.80 -78.26
C SER C 124 -0.06 19.78 -78.57
N ASP C 125 -0.32 20.67 -79.57
CA ASP C 125 0.52 21.77 -79.97
C ASP C 125 0.84 22.70 -78.82
N SER C 126 -0.17 22.96 -77.96
CA SER C 126 -0.09 23.81 -76.79
C SER C 126 0.92 23.32 -75.79
N GLN C 127 0.99 21.98 -75.59
CA GLN C 127 1.93 21.37 -74.70
C GLN C 127 3.35 21.55 -75.21
N LEU C 128 3.56 21.39 -76.54
CA LEU C 128 4.85 21.57 -77.18
C LEU C 128 5.34 23.00 -77.18
N LYS C 129 4.41 23.98 -77.10
CA LYS C 129 4.75 25.39 -76.97
C LYS C 129 5.40 25.77 -75.66
N SER C 130 5.19 24.99 -74.57
CA SER C 130 5.75 25.31 -73.27
C SER C 130 7.11 24.67 -73.10
N GLY C 131 7.55 23.86 -74.08
CA GLY C 131 8.91 23.37 -74.16
C GLY C 131 9.05 22.01 -73.54
N THR C 132 7.91 21.38 -73.17
CA THR C 132 7.86 20.11 -72.51
C THR C 132 6.89 19.29 -73.30
N ALA C 133 7.07 17.96 -73.32
CA ALA C 133 6.18 17.05 -73.99
C ALA C 133 5.79 16.03 -72.96
N SER C 134 4.46 15.86 -72.73
CA SER C 134 3.95 14.83 -71.86
C SER C 134 3.09 13.92 -72.67
N VAL C 135 3.45 12.60 -72.67
CA VAL C 135 2.77 11.58 -73.41
C VAL C 135 2.11 10.78 -72.32
N VAL C 136 0.78 10.58 -72.40
CA VAL C 136 0.01 10.02 -71.32
C VAL C 136 -0.50 8.68 -71.76
N CYS C 137 -0.39 7.66 -70.88
CA CYS C 137 -0.94 6.34 -71.10
C CYS C 137 -1.92 6.08 -70.00
N LEU C 138 -3.15 5.62 -70.38
CA LEU C 138 -4.21 5.32 -69.44
C LEU C 138 -4.47 3.85 -69.52
N LEU C 139 -4.45 3.19 -68.35
CA LEU C 139 -4.83 1.81 -68.16
C LEU C 139 -6.09 1.92 -67.35
N ASN C 140 -7.25 1.56 -67.93
CA ASN C 140 -8.51 1.90 -67.31
C ASN C 140 -9.21 0.63 -66.92
N ASN C 141 -9.74 0.62 -65.67
CA ASN C 141 -10.70 -0.33 -65.14
C ASN C 141 -10.22 -1.76 -65.08
N PHE C 142 -9.03 -1.99 -64.49
CA PHE C 142 -8.44 -3.31 -64.40
C PHE C 142 -8.48 -3.76 -62.96
N TYR C 143 -8.30 -5.08 -62.73
CA TYR C 143 -8.18 -5.67 -61.42
C TYR C 143 -7.34 -6.92 -61.65
N PRO C 144 -6.47 -7.42 -60.77
CA PRO C 144 -5.97 -6.82 -59.53
C PRO C 144 -5.22 -5.55 -59.78
N ARG C 145 -4.71 -4.90 -58.71
CA ARG C 145 -4.03 -3.63 -58.77
C ARG C 145 -2.65 -3.82 -59.37
N GLU C 146 -2.16 -5.08 -59.40
CA GLU C 146 -0.90 -5.45 -59.99
C GLU C 146 -0.93 -5.32 -61.50
N ALA C 147 -0.28 -4.25 -62.00
CA ALA C 147 -0.14 -3.93 -63.39
C ALA C 147 1.21 -3.28 -63.48
N LYS C 148 1.90 -3.42 -64.64
CA LYS C 148 3.18 -2.79 -64.86
C LYS C 148 3.08 -2.13 -66.20
N VAL C 149 3.45 -0.82 -66.25
CA VAL C 149 3.52 -0.06 -67.47
C VAL C 149 4.98 0.03 -67.77
N GLN C 150 5.31 0.09 -69.08
CA GLN C 150 6.65 0.35 -69.52
C GLN C 150 6.41 1.23 -70.71
N TRP C 151 7.29 2.23 -70.86
CA TRP C 151 7.23 3.18 -71.94
C TRP C 151 8.41 2.87 -72.76
N LYS C 152 8.23 2.78 -74.10
CA LYS C 152 9.34 2.69 -74.99
C LYS C 152 9.11 3.76 -76.00
N VAL C 153 10.16 4.54 -76.30
CA VAL C 153 10.11 5.53 -77.34
C VAL C 153 11.24 5.15 -78.25
N ASP C 154 10.90 4.79 -79.51
CA ASP C 154 11.80 4.35 -80.56
C ASP C 154 12.35 2.98 -80.24
N ASN C 155 11.67 2.25 -79.32
CA ASN C 155 11.96 0.94 -78.80
C ASN C 155 12.92 1.05 -77.62
N ALA C 156 13.42 2.27 -77.32
CA ALA C 156 14.33 2.51 -76.23
C ALA C 156 13.54 2.64 -74.97
N LEU C 157 13.99 2.00 -73.86
CA LEU C 157 13.23 1.91 -72.64
C LEU C 157 13.36 3.22 -71.91
N GLN C 158 12.22 3.82 -71.55
CA GLN C 158 12.14 5.10 -70.90
C GLN C 158 11.76 4.79 -69.48
N SER C 159 12.67 5.13 -68.54
CA SER C 159 12.46 4.92 -67.13
C SER C 159 13.23 6.03 -66.49
N GLY C 160 12.72 6.53 -65.33
CA GLY C 160 13.39 7.56 -64.56
C GLY C 160 13.08 8.91 -65.16
N ASN C 161 11.89 9.01 -65.79
CA ASN C 161 11.45 10.17 -66.52
C ASN C 161 9.97 10.01 -66.75
N SER C 162 9.38 8.92 -66.19
CA SER C 162 7.98 8.62 -66.24
C SER C 162 7.57 8.46 -64.80
N GLN C 163 6.31 8.86 -64.50
CA GLN C 163 5.77 8.80 -63.17
C GLN C 163 4.44 8.14 -63.33
N GLU C 164 4.09 7.27 -62.36
CA GLU C 164 2.84 6.56 -62.35
C GLU C 164 2.07 7.09 -61.18
N SER C 165 0.73 7.02 -61.27
CA SER C 165 -0.15 7.34 -60.19
C SER C 165 -1.28 6.37 -60.40
N VAL C 166 -1.78 5.82 -59.28
CA VAL C 166 -2.77 4.78 -59.27
C VAL C 166 -3.83 5.30 -58.35
N THR C 167 -5.11 5.20 -58.74
CA THR C 167 -6.20 5.51 -57.85
C THR C 167 -6.51 4.28 -57.04
N GLU C 168 -7.08 4.47 -55.83
CA GLU C 168 -7.67 3.46 -54.99
C GLU C 168 -8.80 2.71 -55.64
N GLN C 169 -9.36 1.69 -54.93
CA GLN C 169 -10.48 0.90 -55.35
C GLN C 169 -11.68 1.81 -55.51
N ASP C 170 -12.18 1.90 -56.75
CA ASP C 170 -13.29 2.73 -57.15
C ASP C 170 -14.57 2.35 -56.47
N SER C 171 -15.47 3.35 -56.30
CA SER C 171 -16.73 3.18 -55.63
C SER C 171 -17.82 3.24 -56.67
N LYS C 172 -17.45 3.45 -57.96
CA LYS C 172 -18.38 3.63 -59.03
C LYS C 172 -18.36 2.44 -59.96
N ASP C 173 -17.43 1.49 -59.76
CA ASP C 173 -17.33 0.34 -60.64
C ASP C 173 -16.39 -0.69 -60.05
N SER C 174 -15.72 -0.37 -58.91
CA SER C 174 -14.86 -1.27 -58.19
C SER C 174 -13.76 -1.88 -59.01
N THR C 175 -12.87 -1.02 -59.54
CA THR C 175 -11.73 -1.42 -60.33
C THR C 175 -10.66 -0.42 -59.97
N TYR C 176 -9.46 -0.54 -60.59
CA TYR C 176 -8.39 0.41 -60.42
C TYR C 176 -8.11 0.98 -61.76
N SER C 177 -7.59 2.23 -61.79
CA SER C 177 -7.14 2.87 -62.98
C SER C 177 -5.78 3.38 -62.65
N LEU C 178 -4.93 3.52 -63.69
CA LEU C 178 -3.56 3.94 -63.53
C LEU C 178 -3.31 4.86 -64.67
N SER C 179 -2.67 6.02 -64.41
CA SER C 179 -2.20 6.92 -65.43
C SER C 179 -0.74 7.06 -65.23
N SER C 180 0.02 6.87 -66.32
CA SER C 180 1.44 6.99 -66.32
C SER C 180 1.72 8.06 -67.33
N THR C 181 2.53 9.06 -66.93
CA THR C 181 2.84 10.21 -67.74
C THR C 181 4.32 10.15 -67.92
N LEU C 182 4.74 10.03 -69.20
CA LEU C 182 6.12 10.09 -69.59
C LEU C 182 6.36 11.52 -69.97
N THR C 183 7.33 12.16 -69.29
CA THR C 183 7.62 13.56 -69.46
C THR C 183 9.00 13.60 -70.05
N LEU C 184 9.12 14.31 -71.19
CA LEU C 184 10.35 14.51 -71.91
C LEU C 184 10.37 15.98 -72.16
N SER C 185 11.54 16.54 -72.56
CA SER C 185 11.60 17.84 -73.19
C SER C 185 10.91 17.76 -74.52
N LYS C 186 10.33 18.88 -75.01
CA LYS C 186 9.79 19.00 -76.34
C LYS C 186 10.83 18.75 -77.39
N ALA C 187 12.04 19.28 -77.18
CA ALA C 187 13.16 19.14 -78.10
C ALA C 187 13.56 17.70 -78.27
N ASP C 188 13.67 16.93 -77.16
CA ASP C 188 13.95 15.52 -77.14
C ASP C 188 12.90 14.70 -77.82
N TYR C 189 11.63 15.07 -77.56
CA TYR C 189 10.41 14.48 -78.06
C TYR C 189 10.33 14.51 -79.57
N GLU C 190 10.85 15.59 -80.20
CA GLU C 190 10.76 15.80 -81.64
C GLU C 190 11.92 15.15 -82.36
N LYS C 191 12.81 14.43 -81.62
CA LYS C 191 13.86 13.62 -82.21
C LYS C 191 13.36 12.20 -82.31
N HIS C 192 12.06 11.98 -82.00
CA HIS C 192 11.48 10.68 -81.84
C HIS C 192 10.25 10.66 -82.71
N LYS C 193 9.67 9.45 -82.88
CA LYS C 193 8.65 9.20 -83.85
C LYS C 193 7.64 8.31 -83.21
N VAL C 194 8.04 7.07 -82.85
CA VAL C 194 7.15 6.06 -82.31
C VAL C 194 7.20 6.18 -80.81
N TYR C 195 6.02 6.41 -80.18
CA TYR C 195 5.87 6.49 -78.75
C TYR C 195 4.96 5.35 -78.47
N ALA C 196 5.37 4.44 -77.55
CA ALA C 196 4.67 3.21 -77.33
C ALA C 196 4.51 3.03 -75.86
N CYS C 197 3.29 2.61 -75.46
CA CYS C 197 2.94 2.26 -74.11
C CYS C 197 2.66 0.80 -74.17
N GLU C 198 3.41 0.01 -73.37
CA GLU C 198 3.29 -1.41 -73.29
C GLU C 198 2.72 -1.69 -71.93
N VAL C 199 1.66 -2.52 -71.87
CA VAL C 199 0.91 -2.77 -70.67
C VAL C 199 1.00 -4.23 -70.39
N THR C 200 1.42 -4.58 -69.17
CA THR C 200 1.60 -5.93 -68.70
C THR C 200 0.60 -6.12 -67.60
N HIS C 201 -0.18 -7.22 -67.69
CA HIS C 201 -1.22 -7.54 -66.75
C HIS C 201 -1.38 -9.02 -66.89
N GLN C 202 -1.95 -9.68 -65.84
CA GLN C 202 -2.07 -11.12 -65.77
C GLN C 202 -3.36 -11.63 -66.36
N GLY C 203 -4.16 -10.69 -66.94
CA GLY C 203 -5.40 -10.95 -67.63
C GLY C 203 -5.09 -10.95 -69.10
N LEU C 204 -3.82 -10.62 -69.45
CA LEU C 204 -3.27 -10.59 -70.77
C LEU C 204 -2.24 -11.69 -70.77
N SER C 205 -2.09 -12.40 -71.91
CA SER C 205 -1.13 -13.47 -72.05
C SER C 205 0.18 -12.95 -72.58
N SER C 206 0.19 -11.70 -73.06
CA SER C 206 1.39 -11.05 -73.54
C SER C 206 1.09 -9.58 -73.44
N PRO C 207 2.07 -8.69 -73.31
CA PRO C 207 1.87 -7.24 -73.31
C PRO C 207 1.09 -6.72 -74.49
N VAL C 208 0.20 -5.72 -74.26
CA VAL C 208 -0.58 -5.08 -75.29
C VAL C 208 0.09 -3.75 -75.47
N THR C 209 0.45 -3.44 -76.73
CA THR C 209 1.15 -2.23 -77.07
C THR C 209 0.17 -1.36 -77.81
N LYS C 210 0.05 -0.09 -77.38
CA LYS C 210 -0.63 0.94 -78.13
C LYS C 210 0.42 1.98 -78.34
N SER C 211 0.57 2.43 -79.60
CA SER C 211 1.61 3.35 -79.97
C SER C 211 1.02 4.31 -80.95
N PHE C 212 1.69 5.46 -81.17
CA PHE C 212 1.33 6.35 -82.24
C PHE C 212 2.61 6.87 -82.81
N ASN C 213 2.51 7.34 -84.06
CA ASN C 213 3.55 8.06 -84.75
C ASN C 213 3.09 9.49 -84.72
N ARG C 214 4.00 10.43 -84.34
CA ARG C 214 3.86 11.87 -84.25
C ARG C 214 2.52 12.50 -84.55
N GLY C 215 1.84 13.00 -83.49
CA GLY C 215 0.52 13.59 -83.55
C GLY C 215 -0.56 12.59 -83.88
N GLU C 216 -1.81 13.09 -84.03
CA GLU C 216 -2.94 12.29 -84.43
C GLU C 216 -3.10 12.48 -85.90
N MET D 1 -6.29 -3.87 85.63
CA MET D 1 -6.31 -4.20 84.25
C MET D 1 -7.23 -3.20 83.60
N ASN D 2 -8.28 -3.68 82.90
CA ASN D 2 -9.17 -2.83 82.14
C ASN D 2 -10.34 -3.68 81.73
N GLY D 3 -10.30 -5.00 82.02
CA GLY D 3 -11.37 -5.91 81.74
C GLY D 3 -11.70 -6.71 82.95
N THR D 4 -12.20 -7.93 82.68
CA THR D 4 -12.61 -8.90 83.65
C THR D 4 -12.21 -10.22 83.08
N GLU D 5 -11.27 -10.93 83.74
CA GLU D 5 -10.76 -12.18 83.26
C GLU D 5 -11.66 -13.26 83.79
N GLY D 6 -11.70 -14.37 83.03
CA GLY D 6 -12.46 -15.53 83.34
C GLY D 6 -11.66 -16.66 82.77
N PRO D 7 -11.99 -17.90 83.10
CA PRO D 7 -11.29 -19.08 82.62
C PRO D 7 -11.73 -19.43 81.20
N ASN D 8 -12.47 -18.53 80.49
CA ASN D 8 -12.86 -18.77 79.13
C ASN D 8 -13.28 -17.47 78.50
N PHE D 9 -12.83 -16.30 79.04
CA PHE D 9 -13.19 -15.05 78.40
C PHE D 9 -12.36 -13.95 78.99
N TYR D 10 -12.35 -12.80 78.27
CA TYR D 10 -11.80 -11.58 78.75
C TYR D 10 -12.69 -10.52 78.18
N VAL D 11 -13.75 -10.12 78.93
CA VAL D 11 -14.57 -8.99 78.55
C VAL D 11 -13.71 -7.75 78.79
N PRO D 12 -13.37 -6.90 77.82
CA PRO D 12 -12.51 -5.73 78.01
C PRO D 12 -13.25 -4.58 78.65
N PHE D 13 -14.32 -4.85 79.43
CA PHE D 13 -15.05 -3.90 80.22
C PHE D 13 -14.82 -4.38 81.62
N SER D 14 -14.36 -3.45 82.51
CA SER D 14 -14.12 -3.74 83.90
C SER D 14 -15.45 -3.92 84.59
N ASN D 15 -15.51 -4.87 85.56
CA ASN D 15 -16.71 -5.19 86.29
C ASN D 15 -17.09 -4.02 87.18
N LYS D 16 -18.35 -3.56 87.08
CA LYS D 16 -18.82 -2.42 87.82
C LYS D 16 -20.32 -2.37 87.71
N THR D 17 -20.91 -3.30 86.90
CA THR D 17 -22.35 -3.44 86.76
C THR D 17 -22.77 -4.67 87.50
N GLY D 18 -21.81 -5.39 88.14
CA GLY D 18 -22.04 -6.52 89.00
C GLY D 18 -21.95 -7.80 88.22
N VAL D 19 -22.51 -7.81 86.99
CA VAL D 19 -22.53 -8.96 86.13
C VAL D 19 -21.80 -8.52 84.90
N VAL D 20 -20.62 -9.14 84.68
CA VAL D 20 -19.74 -8.91 83.55
C VAL D 20 -19.02 -10.23 83.53
N ARG D 21 -19.81 -11.31 83.31
CA ARG D 21 -19.34 -12.67 83.27
C ARG D 21 -19.05 -13.01 81.84
N SER D 22 -19.18 -14.32 81.48
CA SER D 22 -19.03 -14.83 80.14
C SER D 22 -20.05 -14.19 79.21
N PRO D 23 -19.70 -13.82 77.98
CA PRO D 23 -20.65 -13.32 77.01
C PRO D 23 -20.95 -14.45 76.05
N PHE D 24 -21.00 -15.69 76.57
CA PHE D 24 -21.48 -16.83 75.83
C PHE D 24 -22.66 -17.36 76.60
N GLU D 25 -22.78 -16.93 77.88
CA GLU D 25 -23.73 -17.49 78.81
C GLU D 25 -24.63 -16.39 79.30
N ALA D 26 -24.48 -15.15 78.76
CA ALA D 26 -25.28 -14.04 79.20
C ALA D 26 -25.32 -13.05 78.07
N PRO D 27 -26.38 -12.23 77.96
CA PRO D 27 -26.49 -11.26 76.90
C PRO D 27 -25.84 -10.01 77.39
N GLN D 28 -25.29 -9.19 76.47
CA GLN D 28 -24.52 -8.02 76.84
C GLN D 28 -25.39 -6.86 76.45
N TYR D 29 -25.68 -6.01 77.45
CA TYR D 29 -26.59 -4.90 77.38
C TYR D 29 -26.28 -4.06 78.60
N TYR D 30 -25.19 -4.43 79.33
CA TYR D 30 -24.69 -3.74 80.49
C TYR D 30 -23.34 -3.18 80.17
N LEU D 31 -23.01 -3.08 78.87
CA LEU D 31 -21.78 -2.48 78.41
C LEU D 31 -21.98 -2.03 76.99
N ALA D 32 -23.23 -2.15 76.49
CA ALA D 32 -23.61 -1.70 75.19
C ALA D 32 -25.10 -1.52 75.27
N GLU D 33 -25.71 -0.97 74.20
CA GLU D 33 -27.12 -0.68 74.15
C GLU D 33 -27.63 -1.32 72.89
N PRO D 34 -28.94 -1.58 72.74
CA PRO D 34 -29.51 -2.18 71.54
C PRO D 34 -29.22 -1.44 70.26
N TRP D 35 -29.08 -0.08 70.30
CA TRP D 35 -28.85 0.72 69.12
C TRP D 35 -27.45 0.47 68.61
N GLN D 36 -26.47 0.36 69.53
CA GLN D 36 -25.08 0.03 69.23
C GLN D 36 -24.92 -1.31 68.55
N PHE D 37 -25.79 -2.29 68.90
CA PHE D 37 -25.87 -3.57 68.24
C PHE D 37 -26.42 -3.48 66.85
N SER D 38 -27.41 -2.59 66.62
CA SER D 38 -27.98 -2.35 65.31
C SER D 38 -26.94 -1.75 64.39
N MET D 39 -26.14 -0.78 64.90
CA MET D 39 -25.03 -0.18 64.19
C MET D 39 -23.93 -1.15 63.88
N LEU D 40 -23.63 -2.09 64.81
CA LEU D 40 -22.70 -3.18 64.62
C LEU D 40 -23.13 -4.06 63.48
N ALA D 41 -24.43 -4.49 63.50
CA ALA D 41 -25.04 -5.32 62.49
C ALA D 41 -25.10 -4.64 61.15
N ALA D 42 -25.43 -3.32 61.13
CA ALA D 42 -25.41 -2.48 59.95
C ALA D 42 -24.06 -2.46 59.29
N TYR D 43 -23.01 -2.24 60.11
CA TYR D 43 -21.63 -2.20 59.67
C TYR D 43 -21.15 -3.52 59.07
N MET D 44 -21.50 -4.65 59.71
CA MET D 44 -21.20 -5.98 59.21
C MET D 44 -21.90 -6.30 57.92
N PHE D 45 -23.13 -5.77 57.74
CA PHE D 45 -23.93 -5.94 56.55
C PHE D 45 -23.25 -5.27 55.38
N LEU D 46 -22.84 -3.98 55.57
CA LEU D 46 -22.01 -3.22 54.66
C LEU D 46 -20.79 -3.96 54.18
N LEU D 47 -19.94 -4.45 55.12
CA LEU D 47 -18.70 -5.14 54.79
C LEU D 47 -18.87 -6.39 53.94
N ILE D 48 -20.00 -7.10 54.09
CA ILE D 48 -20.33 -8.27 53.30
C ILE D 48 -20.78 -7.84 51.92
N MET D 49 -21.79 -6.94 51.87
CA MET D 49 -22.41 -6.40 50.69
C MET D 49 -21.47 -5.74 49.71
N LEU D 50 -20.43 -5.04 50.22
CA LEU D 50 -19.42 -4.41 49.43
C LEU D 50 -18.31 -5.39 49.15
N GLY D 51 -17.80 -6.05 50.21
CA GLY D 51 -16.63 -6.91 50.16
C GLY D 51 -16.73 -8.07 49.21
N PHE D 52 -17.87 -8.80 49.18
CA PHE D 52 -18.02 -9.96 48.32
C PHE D 52 -18.04 -9.62 46.83
N PRO D 53 -18.80 -8.67 46.28
CA PRO D 53 -18.76 -8.31 44.87
C PRO D 53 -17.40 -7.86 44.40
N ILE D 54 -16.79 -6.90 45.13
CA ILE D 54 -15.48 -6.34 44.87
C ILE D 54 -14.40 -7.39 44.73
N ASN D 55 -14.38 -8.40 45.65
CA ASN D 55 -13.35 -9.42 45.70
C ASN D 55 -13.63 -10.50 44.71
N PHE D 56 -14.93 -10.80 44.43
CA PHE D 56 -15.31 -11.79 43.46
C PHE D 56 -14.92 -11.32 42.06
N LEU D 57 -15.20 -10.05 41.73
CA LEU D 57 -14.83 -9.38 40.50
C LEU D 57 -13.34 -9.47 40.18
N THR D 58 -12.47 -9.32 41.23
CA THR D 58 -11.02 -9.40 41.11
C THR D 58 -10.58 -10.74 40.59
N LEU D 59 -11.19 -11.84 41.08
CA LEU D 59 -10.93 -13.18 40.63
C LEU D 59 -11.50 -13.40 39.25
N TYR D 60 -12.71 -12.86 39.00
CA TYR D 60 -13.51 -13.09 37.82
C TYR D 60 -12.88 -12.53 36.57
N VAL D 61 -12.50 -11.23 36.59
CA VAL D 61 -11.92 -10.53 35.46
C VAL D 61 -10.63 -11.16 34.97
N THR D 62 -9.83 -11.75 35.89
CA THR D 62 -8.56 -12.37 35.59
C THR D 62 -8.69 -13.66 34.82
N VAL D 63 -9.78 -14.43 35.11
CA VAL D 63 -10.08 -15.70 34.48
C VAL D 63 -10.48 -15.54 33.02
N GLN D 64 -10.99 -14.37 32.61
CA GLN D 64 -11.54 -14.17 31.29
C GLN D 64 -10.70 -13.24 30.46
N HIS D 65 -9.59 -12.72 31.04
CA HIS D 65 -8.62 -11.97 30.28
C HIS D 65 -7.30 -12.59 30.58
N LYS D 66 -6.80 -13.33 29.57
CA LYS D 66 -5.52 -14.00 29.49
C LYS D 66 -4.34 -13.27 30.07
N LYS D 67 -4.12 -12.02 29.62
CA LYS D 67 -3.01 -11.17 30.01
C LYS D 67 -2.94 -10.82 31.48
N LEU D 68 -4.07 -10.94 32.21
CA LEU D 68 -4.17 -10.67 33.62
C LEU D 68 -3.69 -11.82 34.45
N ARG D 69 -3.69 -13.06 33.88
CA ARG D 69 -3.39 -14.30 34.58
C ARG D 69 -1.95 -14.39 35.03
N THR D 70 -1.07 -13.54 34.45
CA THR D 70 0.35 -13.38 34.71
C THR D 70 0.78 -13.44 36.18
N PRO D 71 2.04 -13.80 36.49
CA PRO D 71 2.58 -13.92 37.84
C PRO D 71 2.36 -12.76 38.78
N LEU D 72 2.45 -11.51 38.30
CA LEU D 72 2.35 -10.32 39.12
C LEU D 72 0.96 -10.06 39.66
N ASN D 73 -0.04 -10.84 39.19
CA ASN D 73 -1.41 -10.72 39.58
C ASN D 73 -1.74 -11.73 40.65
N TYR D 74 -0.94 -12.81 40.82
CA TYR D 74 -1.11 -13.85 41.84
C TYR D 74 -1.40 -13.31 43.22
N ILE D 75 -0.60 -12.32 43.67
CA ILE D 75 -0.69 -11.69 44.96
C ILE D 75 -1.99 -10.92 45.12
N LEU D 76 -2.52 -10.34 44.02
CA LEU D 76 -3.77 -9.63 43.99
C LEU D 76 -4.94 -10.57 44.13
N LEU D 77 -4.90 -11.75 43.47
CA LEU D 77 -5.88 -12.80 43.64
C LEU D 77 -5.89 -13.30 45.06
N ASN D 78 -4.69 -13.47 45.65
CA ASN D 78 -4.46 -13.88 47.01
C ASN D 78 -5.09 -12.93 48.00
N LEU D 79 -4.85 -11.60 47.83
CA LEU D 79 -5.49 -10.53 48.57
C LEU D 79 -6.99 -10.61 48.57
N ALA D 80 -7.61 -10.88 47.39
CA ALA D 80 -9.04 -10.99 47.24
C ALA D 80 -9.61 -12.16 48.01
N VAL D 81 -8.90 -13.31 48.00
CA VAL D 81 -9.23 -14.51 48.75
C VAL D 81 -9.17 -14.27 50.25
N ALA D 82 -8.07 -13.61 50.71
CA ALA D 82 -7.85 -13.20 52.09
C ALA D 82 -9.01 -12.41 52.65
N ASP D 83 -9.44 -11.39 51.88
CA ASP D 83 -10.57 -10.54 52.19
C ASP D 83 -11.85 -11.32 52.34
N LEU D 84 -12.05 -12.37 51.51
CA LEU D 84 -13.21 -13.24 51.53
C LEU D 84 -13.22 -14.14 52.73
N PHE D 85 -12.03 -14.62 53.20
CA PHE D 85 -11.88 -15.30 54.47
C PHE D 85 -12.42 -14.48 55.62
N MET D 86 -12.06 -13.18 55.66
CA MET D 86 -12.60 -12.24 56.63
C MET D 86 -14.10 -12.06 56.52
N VAL D 87 -14.69 -12.18 55.30
CA VAL D 87 -16.09 -11.95 55.05
C VAL D 87 -16.92 -13.09 55.59
N PHE D 88 -16.53 -14.35 55.31
CA PHE D 88 -17.36 -15.49 55.64
C PHE D 88 -17.00 -16.07 56.97
N GLY D 89 -15.73 -15.93 57.41
CA GLY D 89 -15.30 -16.39 58.70
C GLY D 89 -15.65 -15.41 59.79
N GLY D 90 -15.40 -14.10 59.56
CA GLY D 90 -15.53 -13.09 60.57
C GLY D 90 -16.86 -12.41 60.52
N PHE D 91 -17.10 -11.67 59.40
CA PHE D 91 -18.17 -10.69 59.25
C PHE D 91 -19.54 -11.30 59.41
N THR D 92 -19.78 -12.46 58.75
CA THR D 92 -21.05 -13.15 58.73
C THR D 92 -21.41 -13.64 60.11
N THR D 93 -20.47 -14.35 60.80
CA THR D 93 -20.58 -14.74 62.20
C THR D 93 -20.98 -13.59 63.09
N THR D 94 -20.24 -12.45 62.99
CA THR D 94 -20.47 -11.27 63.81
C THR D 94 -21.82 -10.63 63.56
N LEU D 95 -22.32 -10.66 62.30
CA LEU D 95 -23.63 -10.21 61.91
C LEU D 95 -24.72 -10.99 62.60
N TYR D 96 -24.57 -12.34 62.63
CA TYR D 96 -25.47 -13.26 63.28
C TYR D 96 -25.54 -12.98 64.77
N THR D 97 -24.36 -12.96 65.44
CA THR D 97 -24.21 -12.81 66.87
C THR D 97 -24.70 -11.48 67.41
N SER D 98 -24.38 -10.35 66.72
CA SER D 98 -24.72 -8.99 67.12
C SER D 98 -26.18 -8.76 67.43
N LEU D 99 -27.09 -9.46 66.72
CA LEU D 99 -28.52 -9.29 66.85
C LEU D 99 -29.08 -9.98 68.09
N HIS D 100 -28.32 -10.94 68.68
CA HIS D 100 -28.63 -11.48 69.99
C HIS D 100 -28.05 -10.61 71.07
N GLY D 101 -26.98 -9.85 70.72
CA GLY D 101 -26.31 -8.94 71.61
C GLY D 101 -25.18 -9.60 72.34
N TYR D 102 -24.83 -10.85 71.95
CA TYR D 102 -23.73 -11.56 72.54
C TYR D 102 -23.38 -12.66 71.57
N PHE D 103 -22.22 -13.32 71.81
CA PHE D 103 -21.66 -14.31 70.93
C PHE D 103 -22.30 -15.61 71.37
N VAL D 104 -23.01 -16.30 70.44
CA VAL D 104 -23.88 -17.41 70.79
C VAL D 104 -23.27 -18.73 70.40
N PHE D 105 -22.06 -18.74 69.80
CA PHE D 105 -21.44 -19.95 69.32
C PHE D 105 -20.49 -20.54 70.33
N GLY D 106 -20.30 -19.87 71.51
CA GLY D 106 -19.56 -20.45 72.60
C GLY D 106 -18.06 -20.39 72.41
N PRO D 107 -17.30 -20.88 73.40
CA PRO D 107 -15.84 -20.84 73.43
C PRO D 107 -15.19 -21.44 72.22
N THR D 108 -15.71 -22.57 71.68
CA THR D 108 -15.15 -23.24 70.54
C THR D 108 -15.37 -22.40 69.30
N GLY D 109 -16.61 -21.85 69.14
CA GLY D 109 -16.97 -20.89 68.13
C GLY D 109 -16.10 -19.67 68.11
N CYS D 110 -15.77 -19.12 69.31
CA CYS D 110 -14.88 -18.00 69.52
C CYS D 110 -13.50 -18.25 68.96
N ASN D 111 -12.97 -19.48 69.15
CA ASN D 111 -11.67 -19.88 68.64
C ASN D 111 -11.68 -20.00 67.15
N LEU D 112 -12.76 -20.58 66.56
CA LEU D 112 -12.98 -20.66 65.14
C LEU D 112 -13.06 -19.31 64.46
N GLU D 113 -14.01 -18.44 64.88
CA GLU D 113 -14.26 -17.12 64.35
C GLU D 113 -13.03 -16.25 64.42
N GLY D 114 -12.33 -16.31 65.58
CA GLY D 114 -11.11 -15.57 65.85
C GLY D 114 -9.98 -16.01 64.96
N PHE D 115 -9.94 -17.32 64.63
CA PHE D 115 -8.92 -17.92 63.79
C PHE D 115 -9.09 -17.43 62.38
N PHE D 116 -10.34 -17.47 61.84
CA PHE D 116 -10.61 -17.12 60.47
C PHE D 116 -10.43 -15.64 60.23
N ALA D 117 -10.85 -14.80 61.21
CA ALA D 117 -10.67 -13.36 61.15
C ALA D 117 -9.22 -12.97 61.15
N THR D 118 -8.41 -13.57 62.05
CA THR D 118 -6.98 -13.33 62.16
C THR D 118 -6.26 -13.79 60.93
N LEU D 119 -6.52 -15.04 60.46
CA LEU D 119 -5.95 -15.62 59.26
C LEU D 119 -6.12 -14.72 58.06
N GLY D 120 -7.40 -14.33 57.80
CA GLY D 120 -7.83 -13.39 56.79
C GLY D 120 -7.05 -12.11 56.80
N GLY D 121 -7.13 -11.38 57.94
CA GLY D 121 -6.48 -10.11 58.18
C GLY D 121 -4.98 -10.13 58.05
N GLU D 122 -4.34 -11.28 58.33
CA GLU D 122 -2.91 -11.43 58.28
C GLU D 122 -2.44 -11.68 56.88
N ILE D 123 -3.16 -12.53 56.11
CA ILE D 123 -2.88 -12.74 54.70
C ILE D 123 -3.01 -11.43 53.94
N ALA D 124 -4.04 -10.61 54.27
CA ALA D 124 -4.26 -9.28 53.75
C ALA D 124 -3.09 -8.36 54.05
N LEU D 125 -2.69 -8.25 55.35
CA LEU D 125 -1.57 -7.48 55.85
C LEU D 125 -0.31 -7.75 55.07
N TRP D 126 0.07 -9.04 54.97
CA TRP D 126 1.28 -9.47 54.32
C TRP D 126 1.22 -9.36 52.82
N SER D 127 0.00 -9.42 52.21
CA SER D 127 -0.21 -9.14 50.81
C SER D 127 0.22 -7.75 50.47
N LEU D 128 -0.32 -6.73 51.18
CA LEU D 128 0.06 -5.34 51.03
C LEU D 128 1.55 -5.09 51.11
N VAL D 129 2.28 -5.88 51.93
CA VAL D 129 3.72 -5.81 52.08
C VAL D 129 4.38 -6.37 50.85
N VAL D 130 4.04 -7.63 50.46
CA VAL D 130 4.54 -8.30 49.27
C VAL D 130 4.34 -7.48 48.01
N LEU D 131 3.15 -6.86 47.84
CA LEU D 131 2.80 -5.99 46.74
C LEU D 131 3.73 -4.81 46.58
N ALA D 132 4.07 -4.15 47.72
CA ALA D 132 5.02 -3.07 47.80
C ALA D 132 6.40 -3.52 47.42
N ILE D 133 6.82 -4.72 47.88
CA ILE D 133 8.07 -5.36 47.55
C ILE D 133 8.17 -5.55 46.05
N GLU D 134 7.18 -6.23 45.43
CA GLU D 134 7.10 -6.49 44.01
C GLU D 134 7.19 -5.22 43.18
N ARG D 135 6.49 -4.14 43.58
CA ARG D 135 6.56 -2.85 42.92
C ARG D 135 7.93 -2.21 42.98
N TYR D 136 8.59 -2.29 44.17
CA TYR D 136 9.95 -1.84 44.39
C TYR D 136 10.93 -2.58 43.52
N VAL D 137 10.82 -3.93 43.48
CA VAL D 137 11.65 -4.82 42.71
C VAL D 137 11.59 -4.52 41.24
N VAL D 138 10.35 -4.43 40.68
CA VAL D 138 10.12 -4.18 39.28
C VAL D 138 10.60 -2.83 38.81
N VAL D 139 10.36 -1.75 39.60
CA VAL D 139 10.58 -0.41 39.11
C VAL D 139 11.95 0.12 39.46
N CYS D 140 12.37 -0.02 40.74
CA CYS D 140 13.67 0.45 41.21
C CYS D 140 14.79 -0.44 40.75
N LYS D 141 14.45 -1.70 40.38
CA LYS D 141 15.34 -2.65 39.76
C LYS D 141 16.62 -3.00 40.50
N PRO D 142 16.60 -3.51 41.74
CA PRO D 142 17.81 -3.84 42.49
C PRO D 142 18.27 -5.22 42.06
N MET D 143 17.51 -5.88 41.15
CA MET D 143 17.65 -7.21 40.62
C MET D 143 19.01 -7.49 40.02
N SER D 144 19.24 -8.79 39.70
CA SER D 144 20.44 -9.29 39.07
C SER D 144 20.19 -9.33 37.58
N ASN D 145 19.05 -8.74 37.14
CA ASN D 145 18.60 -8.54 35.78
C ASN D 145 17.81 -9.76 35.38
N PHE D 146 17.22 -10.43 36.39
CA PHE D 146 16.33 -11.54 36.20
C PHE D 146 14.97 -10.96 35.95
N ARG D 147 14.27 -11.49 34.92
CA ARG D 147 12.91 -11.10 34.59
C ARG D 147 11.99 -11.53 35.69
N PHE D 148 10.96 -10.70 36.01
CA PHE D 148 10.01 -11.02 37.06
C PHE D 148 9.12 -12.11 36.52
N GLY D 149 9.16 -13.29 37.17
CA GLY D 149 8.47 -14.47 36.70
C GLY D 149 7.79 -15.14 37.84
N GLU D 150 7.20 -16.31 37.51
CA GLU D 150 6.40 -17.18 38.33
C GLU D 150 6.92 -17.49 39.69
N ASN D 151 8.23 -17.81 39.80
CA ASN D 151 8.85 -18.26 41.05
C ASN D 151 8.77 -17.25 42.16
N HIS D 152 9.04 -15.95 41.88
CA HIS D 152 8.96 -14.90 42.87
C HIS D 152 7.57 -14.69 43.39
N ALA D 153 6.58 -14.67 42.45
CA ALA D 153 5.17 -14.55 42.73
C ALA D 153 4.62 -15.57 43.70
N ILE D 154 4.96 -16.86 43.47
CA ILE D 154 4.56 -17.99 44.27
C ILE D 154 5.14 -17.90 45.66
N MET D 155 6.46 -17.58 45.76
CA MET D 155 7.15 -17.34 47.01
C MET D 155 6.48 -16.29 47.85
N GLY D 156 6.20 -15.11 47.22
CA GLY D 156 5.45 -14.02 47.80
C GLY D 156 4.12 -14.40 48.39
N VAL D 157 3.31 -15.19 47.65
CA VAL D 157 2.01 -15.69 48.05
C VAL D 157 2.14 -16.62 49.24
N ALA D 158 3.03 -17.62 49.14
CA ALA D 158 3.34 -18.58 50.17
C ALA D 158 3.75 -17.93 51.46
N PHE D 159 4.61 -16.89 51.38
CA PHE D 159 5.08 -16.09 52.49
C PHE D 159 3.97 -15.47 53.32
N THR D 160 2.88 -14.99 52.69
CA THR D 160 1.79 -14.34 53.41
C THR D 160 1.05 -15.36 54.23
N TRP D 161 0.79 -16.56 53.64
CA TRP D 161 0.17 -17.68 54.30
C TRP D 161 0.92 -18.13 55.52
N VAL D 162 2.26 -18.33 55.39
CA VAL D 162 3.14 -18.79 56.44
C VAL D 162 3.17 -17.84 57.61
N MET D 163 3.34 -16.52 57.35
CA MET D 163 3.30 -15.48 58.35
C MET D 163 1.98 -15.37 59.06
N ALA D 164 0.87 -15.68 58.35
CA ALA D 164 -0.47 -15.59 58.88
C ALA D 164 -0.72 -16.70 59.85
N LEU D 165 -0.36 -17.95 59.48
CA LEU D 165 -0.36 -19.10 60.36
C LEU D 165 0.52 -18.89 61.57
N ALA D 166 1.69 -18.24 61.40
CA ALA D 166 2.60 -17.81 62.45
C ALA D 166 1.98 -16.89 63.50
N CYS D 167 0.77 -16.35 63.24
CA CYS D 167 0.08 -15.42 64.09
C CYS D 167 -1.17 -16.07 64.61
N ALA D 168 -1.96 -16.67 63.70
CA ALA D 168 -3.25 -17.25 64.00
C ALA D 168 -3.18 -18.53 64.80
N ALA D 169 -2.10 -19.33 64.61
CA ALA D 169 -1.94 -20.61 65.28
C ALA D 169 -1.51 -20.46 66.73
N PRO D 170 -0.57 -19.62 67.17
CA PRO D 170 -0.21 -19.44 68.58
C PRO D 170 -1.32 -19.30 69.60
N PRO D 171 -2.39 -18.49 69.54
CA PRO D 171 -3.40 -18.45 70.58
C PRO D 171 -4.22 -19.73 70.71
N LEU D 172 -4.11 -20.68 69.74
CA LEU D 172 -4.80 -21.95 69.84
C LEU D 172 -4.01 -22.97 70.62
N VAL D 173 -2.70 -22.70 70.89
CA VAL D 173 -1.83 -23.63 71.57
C VAL D 173 -1.38 -23.02 72.87
N GLY D 174 -1.97 -21.86 73.24
CA GLY D 174 -1.88 -21.32 74.57
C GLY D 174 -0.85 -20.23 74.71
N TRP D 175 -0.27 -19.75 73.59
CA TRP D 175 0.61 -18.59 73.63
C TRP D 175 -0.31 -17.44 73.28
N SER D 176 -0.77 -16.73 74.34
CA SER D 176 -1.96 -15.91 74.36
C SER D 176 -3.20 -16.74 74.05
N ARG D 177 -4.33 -16.09 73.71
CA ARG D 177 -5.57 -16.79 73.53
C ARG D 177 -6.47 -15.92 72.71
N TYR D 178 -7.53 -16.53 72.11
CA TYR D 178 -8.59 -15.78 71.51
C TYR D 178 -9.62 -15.67 72.60
N ILE D 179 -10.18 -14.45 72.75
CA ILE D 179 -11.18 -14.15 73.73
C ILE D 179 -11.97 -13.01 73.13
N PRO D 180 -13.26 -12.83 73.44
CA PRO D 180 -14.09 -11.77 72.89
C PRO D 180 -13.48 -10.38 72.94
N GLU D 181 -13.64 -9.61 71.83
CA GLU D 181 -13.27 -8.23 71.68
C GLU D 181 -14.54 -7.48 71.42
N GLY D 182 -14.45 -6.14 71.33
CA GLY D 182 -15.54 -5.26 70.94
C GLY D 182 -16.70 -5.30 71.89
N MET D 183 -17.92 -5.49 71.35
CA MET D 183 -19.15 -5.50 72.13
C MET D 183 -19.47 -6.93 72.51
N GLN D 184 -18.51 -7.84 72.24
CA GLN D 184 -18.42 -9.22 72.69
C GLN D 184 -19.08 -10.10 71.67
N CYS D 185 -19.11 -9.66 70.40
CA CYS D 185 -19.77 -10.36 69.32
C CYS D 185 -18.75 -10.69 68.27
N SER D 186 -17.46 -10.41 68.54
CA SER D 186 -16.37 -10.88 67.74
C SER D 186 -15.34 -11.29 68.72
N CYS D 187 -14.46 -12.21 68.31
CA CYS D 187 -13.36 -12.69 69.11
C CYS D 187 -12.11 -12.21 68.45
N GLY D 188 -11.21 -11.58 69.22
CA GLY D 188 -9.94 -11.11 68.70
C GLY D 188 -8.87 -11.74 69.52
N ILE D 189 -7.64 -11.20 69.33
CA ILE D 189 -6.41 -11.59 69.98
C ILE D 189 -6.32 -10.97 71.36
N ASP D 190 -5.86 -11.76 72.35
CA ASP D 190 -5.56 -11.31 73.68
C ASP D 190 -4.22 -10.61 73.64
N TYR D 191 -4.22 -9.26 73.82
CA TYR D 191 -3.03 -8.45 73.74
C TYR D 191 -3.15 -7.34 74.75
N TYR D 192 -4.36 -7.17 75.35
CA TYR D 192 -4.70 -6.07 76.22
C TYR D 192 -4.92 -6.51 77.64
N THR D 193 -4.51 -7.76 77.97
CA THR D 193 -4.60 -8.30 79.30
C THR D 193 -3.18 -8.64 79.62
N PRO D 194 -2.64 -8.44 80.82
CA PRO D 194 -1.31 -8.91 81.17
C PRO D 194 -1.51 -10.31 81.73
N HIS D 195 -1.88 -11.26 80.84
CA HIS D 195 -2.29 -12.59 81.20
C HIS D 195 -1.08 -13.48 81.21
N GLU D 196 -0.47 -13.59 82.41
CA GLU D 196 0.80 -14.25 82.67
C GLU D 196 0.76 -15.71 82.32
N GLU D 197 -0.39 -16.37 82.63
CA GLU D 197 -0.67 -17.78 82.45
C GLU D 197 -0.55 -18.29 81.03
N THR D 198 -0.54 -17.37 80.02
CA THR D 198 -0.51 -17.72 78.62
C THR D 198 0.72 -17.11 78.00
N ASN D 199 1.46 -16.27 78.77
CA ASN D 199 2.73 -15.67 78.41
C ASN D 199 2.49 -14.55 77.44
N ASN D 200 1.47 -13.72 77.77
CA ASN D 200 0.97 -12.62 76.98
C ASN D 200 2.05 -11.62 76.59
N GLU D 201 2.97 -11.30 77.54
CA GLU D 201 3.98 -10.28 77.38
C GLU D 201 4.88 -10.48 76.20
N SER D 202 5.45 -11.71 76.07
CA SER D 202 6.31 -12.07 74.97
C SER D 202 5.58 -12.07 73.64
N PHE D 203 4.30 -12.52 73.61
CA PHE D 203 3.46 -12.51 72.43
C PHE D 203 3.22 -11.11 71.92
N VAL D 204 2.90 -10.15 72.82
CA VAL D 204 2.63 -8.77 72.47
C VAL D 204 3.83 -8.10 71.83
N ILE D 205 5.04 -8.39 72.37
CA ILE D 205 6.29 -7.89 71.82
C ILE D 205 6.54 -8.47 70.44
N TYR D 206 6.38 -9.81 70.30
CA TYR D 206 6.51 -10.53 69.04
C TYR D 206 5.61 -9.98 67.95
N MET D 207 4.30 -9.84 68.26
CA MET D 207 3.30 -9.24 67.42
C MET D 207 3.63 -7.84 66.96
N PHE D 208 3.96 -6.95 67.92
CA PHE D 208 4.26 -5.57 67.65
C PHE D 208 5.47 -5.42 66.74
N VAL D 209 6.53 -6.23 66.97
CA VAL D 209 7.74 -6.12 66.20
C VAL D 209 7.59 -6.77 64.84
N VAL D 210 7.28 -8.09 64.79
CA VAL D 210 7.33 -8.86 63.56
C VAL D 210 6.18 -8.54 62.64
N HIS D 211 4.98 -8.24 63.19
CA HIS D 211 3.78 -8.10 62.41
C HIS D 211 3.29 -6.67 62.29
N PHE D 212 3.96 -5.67 62.94
CA PHE D 212 3.64 -4.27 62.67
C PHE D 212 4.86 -3.54 62.23
N ILE D 213 5.93 -3.48 63.06
CA ILE D 213 7.12 -2.68 62.80
C ILE D 213 7.81 -3.08 61.51
N ILE D 214 8.15 -4.39 61.33
CA ILE D 214 8.66 -4.95 60.09
C ILE D 214 7.83 -4.52 58.87
N PRO D 215 6.54 -4.85 58.70
CA PRO D 215 5.67 -4.32 57.66
C PRO D 215 5.74 -2.84 57.43
N LEU D 216 5.65 -2.02 58.51
CA LEU D 216 5.70 -0.57 58.48
C LEU D 216 6.96 -0.05 57.86
N ILE D 217 8.12 -0.64 58.24
CA ILE D 217 9.41 -0.31 57.69
C ILE D 217 9.45 -0.63 56.22
N VAL D 218 9.07 -1.88 55.84
CA VAL D 218 9.06 -2.33 54.46
C VAL D 218 8.21 -1.47 53.55
N ILE D 219 6.96 -1.14 53.95
CA ILE D 219 6.03 -0.28 53.23
C ILE D 219 6.62 1.09 52.96
N PHE D 220 7.20 1.72 54.00
CA PHE D 220 7.81 3.04 53.92
C PHE D 220 8.98 3.06 52.99
N PHE D 221 9.86 2.03 53.10
CA PHE D 221 11.03 1.85 52.28
C PHE D 221 10.69 1.77 50.81
N CYS D 222 9.93 0.73 50.43
CA CYS D 222 9.49 0.43 49.08
C CYS D 222 8.84 1.58 48.37
N TYR D 223 7.78 2.18 48.98
CA TYR D 223 7.07 3.27 48.35
C TYR D 223 7.86 4.55 48.34
N GLY D 224 8.71 4.78 49.37
CA GLY D 224 9.67 5.87 49.43
C GLY D 224 10.63 5.86 48.28
N GLN D 225 11.29 4.69 48.04
CA GLN D 225 12.11 4.41 46.89
C GLN D 225 11.40 4.69 45.59
N LEU D 226 10.19 4.12 45.41
CA LEU D 226 9.38 4.28 44.22
C LEU D 226 9.07 5.72 43.86
N VAL D 227 8.61 6.54 44.85
CA VAL D 227 8.35 7.96 44.65
C VAL D 227 9.61 8.72 44.33
N PHE D 228 10.75 8.35 44.98
CA PHE D 228 12.06 8.93 44.76
C PHE D 228 12.50 8.72 43.33
N THR D 229 12.55 7.45 42.86
CA THR D 229 12.83 7.02 41.51
C THR D 229 12.04 7.81 40.46
N VAL D 230 10.71 7.94 40.66
CA VAL D 230 9.81 8.59 39.73
C VAL D 230 10.05 10.09 39.68
N LYS D 231 10.34 10.73 40.84
CA LYS D 231 10.73 12.12 40.92
C LYS D 231 11.99 12.42 40.17
N GLU D 232 13.02 11.56 40.34
CA GLU D 232 14.31 11.65 39.69
C GLU D 232 14.18 11.55 38.18
N ALA D 233 13.50 10.48 37.70
CA ALA D 233 13.19 10.23 36.30
C ALA D 233 12.54 11.41 35.62
N ALA D 234 11.55 12.03 36.31
CA ALA D 234 10.78 13.17 35.88
C ALA D 234 11.63 14.40 35.76
N ALA D 235 12.54 14.61 36.75
CA ALA D 235 13.50 15.70 36.79
C ALA D 235 14.42 15.68 35.60
N GLN D 236 14.83 14.47 35.15
CA GLN D 236 15.66 14.26 33.99
C GLN D 236 14.86 14.28 32.70
N GLN D 237 13.56 14.65 32.76
CA GLN D 237 12.65 14.56 31.65
C GLN D 237 11.77 15.77 31.67
N GLN D 238 12.33 16.92 31.21
CA GLN D 238 11.65 18.21 31.22
C GLN D 238 11.14 18.50 29.84
N GLU D 239 11.21 17.49 28.91
CA GLU D 239 10.75 17.59 27.56
C GLU D 239 9.36 17.03 27.43
N SER D 240 8.74 16.56 28.53
CA SER D 240 7.42 16.01 28.48
C SER D 240 6.67 16.48 29.71
N ALA D 241 5.59 17.26 29.46
CA ALA D 241 4.65 17.78 30.41
C ALA D 241 3.96 16.68 31.17
N THR D 242 3.56 15.62 30.41
CA THR D 242 2.90 14.41 30.85
C THR D 242 3.65 13.78 31.99
N THR D 243 4.98 13.55 31.82
CA THR D 243 5.83 12.95 32.82
C THR D 243 5.85 13.73 34.13
N GLN D 244 5.75 15.09 34.07
CA GLN D 244 5.67 15.94 35.23
C GLN D 244 4.37 15.78 35.98
N LYS D 245 3.24 15.65 35.25
CA LYS D 245 1.92 15.42 35.82
C LYS D 245 1.88 14.10 36.54
N ALA D 246 2.39 13.06 35.84
CA ALA D 246 2.55 11.71 36.32
C ALA D 246 3.30 11.66 37.62
N GLU D 247 4.39 12.45 37.76
CA GLU D 247 5.22 12.53 38.94
C GLU D 247 4.43 13.01 40.14
N LYS D 248 3.57 14.04 39.95
CA LYS D 248 2.69 14.57 40.98
C LYS D 248 1.67 13.55 41.38
N GLU D 249 1.05 12.87 40.38
CA GLU D 249 0.06 11.83 40.57
C GLU D 249 0.62 10.66 41.35
N VAL D 250 1.84 10.18 40.98
CA VAL D 250 2.56 9.10 41.62
C VAL D 250 2.86 9.41 43.08
N THR D 251 3.24 10.67 43.39
CA THR D 251 3.50 11.11 44.75
C THR D 251 2.25 11.04 45.57
N ARG D 252 1.10 11.49 45.01
CA ARG D 252 -0.22 11.41 45.63
C ARG D 252 -0.60 9.98 45.94
N MET D 253 -0.54 9.08 44.94
CA MET D 253 -0.76 7.65 45.05
C MET D 253 0.04 6.99 46.14
N VAL D 254 1.36 7.29 46.25
CA VAL D 254 2.27 6.71 47.22
C VAL D 254 1.87 7.10 48.63
N ILE D 255 1.40 8.35 48.81
CA ILE D 255 0.87 8.85 50.07
C ILE D 255 -0.37 8.10 50.45
N ILE D 256 -1.29 7.84 49.48
CA ILE D 256 -2.50 7.06 49.68
C ILE D 256 -2.18 5.64 50.08
N MET D 257 -1.22 4.98 49.38
CA MET D 257 -0.79 3.62 49.64
C MET D 257 -0.21 3.41 51.01
N VAL D 258 0.62 4.37 51.50
CA VAL D 258 1.28 4.29 52.78
C VAL D 258 0.24 4.49 53.87
N ILE D 259 -0.55 5.58 53.79
CA ILE D 259 -1.67 5.88 54.66
C ILE D 259 -2.66 4.76 54.81
N ALA D 260 -3.00 4.02 53.72
CA ALA D 260 -3.96 2.93 53.77
C ALA D 260 -3.48 1.77 54.60
N PHE D 261 -2.15 1.48 54.57
CA PHE D 261 -1.54 0.48 55.41
C PHE D 261 -1.55 0.92 56.86
N LEU D 262 -1.28 2.23 57.09
CA LEU D 262 -1.26 2.81 58.42
C LEU D 262 -2.60 2.72 59.08
N ILE D 263 -3.67 3.25 58.44
CA ILE D 263 -5.04 3.17 58.91
C ILE D 263 -5.44 1.77 59.29
N CYS D 264 -5.03 0.76 58.49
CA CYS D 264 -5.45 -0.60 58.73
C CYS D 264 -4.84 -1.24 59.97
N TRP D 265 -3.52 -1.02 60.25
CA TRP D 265 -2.86 -1.76 61.33
C TRP D 265 -2.35 -0.92 62.47
N LEU D 266 -2.19 0.41 62.28
CA LEU D 266 -1.80 1.35 63.31
C LEU D 266 -2.73 1.33 64.50
N PRO D 267 -4.07 1.34 64.40
CA PRO D 267 -4.98 1.25 65.55
C PRO D 267 -4.71 0.08 66.46
N TYR D 268 -4.62 -1.17 65.94
CA TYR D 268 -4.27 -2.35 66.71
C TYR D 268 -2.95 -2.21 67.43
N ALA D 269 -1.91 -1.74 66.69
CA ALA D 269 -0.57 -1.57 67.21
C ALA D 269 -0.50 -0.52 68.28
N GLY D 270 -1.07 0.67 68.00
CA GLY D 270 -1.17 1.81 68.89
C GLY D 270 -1.82 1.50 70.19
N VAL D 271 -3.06 0.95 70.13
CA VAL D 271 -3.83 0.54 71.28
C VAL D 271 -3.12 -0.51 72.09
N ALA D 272 -2.63 -1.60 71.45
CA ALA D 272 -1.88 -2.65 72.10
C ALA D 272 -0.67 -2.17 72.86
N PHE D 273 0.11 -1.24 72.24
CA PHE D 273 1.30 -0.67 72.81
C PHE D 273 1.02 0.17 74.02
N TYR D 274 -0.02 1.05 73.93
CA TYR D 274 -0.40 1.95 75.00
C TYR D 274 -0.80 1.23 76.25
N ILE D 275 -1.68 0.20 76.11
CA ILE D 275 -2.15 -0.66 77.17
C ILE D 275 -1.02 -1.44 77.82
N PHE D 276 -0.02 -1.88 77.01
CA PHE D 276 1.13 -2.61 77.47
C PHE D 276 2.06 -1.75 78.31
N THR D 277 2.32 -0.50 77.84
CA THR D 277 3.20 0.45 78.49
C THR D 277 2.57 1.03 79.73
N HIS D 278 1.23 1.23 79.73
CA HIS D 278 0.51 1.81 80.82
C HIS D 278 -0.65 0.91 81.09
N GLN D 279 -0.60 0.19 82.23
CA GLN D 279 -1.60 -0.78 82.61
C GLN D 279 -1.98 -0.40 84.00
N GLY D 280 -3.29 -0.50 84.31
CA GLY D 280 -3.85 -0.14 85.59
C GLY D 280 -4.77 1.02 85.38
N SER D 281 -5.29 1.16 84.14
CA SER D 281 -6.21 2.21 83.76
C SER D 281 -7.23 1.53 82.91
N ASP D 282 -8.54 1.83 83.18
CA ASP D 282 -9.67 1.28 82.47
C ASP D 282 -9.67 1.73 81.02
N PHE D 283 -10.07 0.82 80.12
CA PHE D 283 -10.25 1.05 78.72
C PHE D 283 -11.53 0.35 78.40
N GLY D 284 -12.42 1.02 77.64
CA GLY D 284 -13.77 0.56 77.36
C GLY D 284 -13.81 -0.65 76.45
N PRO D 285 -15.00 -1.11 76.09
CA PRO D 285 -15.14 -2.28 75.24
C PRO D 285 -15.51 -1.81 73.85
N ILE D 286 -16.18 -0.64 73.72
CA ILE D 286 -16.57 -0.03 72.47
C ILE D 286 -15.31 0.48 71.80
N PHE D 287 -14.34 0.91 72.63
CA PHE D 287 -13.01 1.32 72.28
C PHE D 287 -12.23 0.23 71.56
N MET D 288 -12.44 -1.06 71.94
CA MET D 288 -11.81 -2.19 71.31
C MET D 288 -12.42 -2.56 69.99
N THR D 289 -13.57 -1.94 69.61
CA THR D 289 -14.21 -2.19 68.34
C THR D 289 -13.59 -1.27 67.33
N ILE D 290 -13.00 -0.13 67.77
CA ILE D 290 -12.37 0.86 66.91
C ILE D 290 -11.25 0.29 66.03
N PRO D 291 -10.22 -0.42 66.52
CA PRO D 291 -9.23 -1.09 65.69
C PRO D 291 -9.78 -2.06 64.69
N ALA D 292 -10.89 -2.75 65.03
CA ALA D 292 -11.50 -3.74 64.19
C ALA D 292 -12.17 -3.10 63.01
N PHE D 293 -12.82 -1.94 63.24
CA PHE D 293 -13.50 -1.14 62.25
C PHE D 293 -12.54 -0.74 61.15
N PHE D 294 -11.38 -0.17 61.56
CA PHE D 294 -10.35 0.25 60.66
C PHE D 294 -9.74 -0.87 59.85
N ALA D 295 -9.44 -2.01 60.51
CA ALA D 295 -8.84 -3.15 59.87
C ALA D 295 -9.77 -3.79 58.87
N LYS D 296 -11.03 -4.06 59.29
CA LYS D 296 -12.04 -4.72 58.50
C LYS D 296 -12.44 -3.99 57.23
N THR D 297 -12.42 -2.63 57.25
CA THR D 297 -12.78 -1.83 56.09
C THR D 297 -11.77 -1.96 54.98
N SER D 298 -10.53 -2.44 55.27
CA SER D 298 -9.50 -2.65 54.27
C SER D 298 -9.87 -3.72 53.27
N ALA D 299 -10.87 -4.59 53.61
CA ALA D 299 -11.40 -5.57 52.70
C ALA D 299 -12.09 -4.94 51.52
N VAL D 300 -12.50 -3.65 51.65
CA VAL D 300 -13.07 -2.87 50.59
C VAL D 300 -12.02 -1.99 49.97
N TYR D 301 -11.27 -1.18 50.77
CA TYR D 301 -10.43 -0.15 50.18
C TYR D 301 -9.15 -0.65 49.55
N ASN D 302 -8.54 -1.76 50.04
CA ASN D 302 -7.38 -2.35 49.40
C ASN D 302 -7.61 -2.71 47.95
N PRO D 303 -8.62 -3.46 47.51
CA PRO D 303 -8.87 -3.69 46.10
C PRO D 303 -9.25 -2.45 45.34
N VAL D 304 -9.86 -1.41 45.96
CA VAL D 304 -10.12 -0.16 45.28
C VAL D 304 -8.82 0.50 44.84
N ILE D 305 -7.85 0.63 45.78
CA ILE D 305 -6.54 1.20 45.52
C ILE D 305 -5.75 0.36 44.53
N TYR D 306 -5.68 -0.97 44.75
CA TYR D 306 -4.71 -1.83 44.12
C TYR D 306 -5.19 -2.49 42.85
N ILE D 307 -6.50 -2.38 42.50
CA ILE D 307 -7.07 -3.03 41.33
C ILE D 307 -7.70 -1.95 40.51
N MET D 308 -8.76 -1.28 41.04
CA MET D 308 -9.58 -0.33 40.31
C MET D 308 -8.78 0.80 39.72
N MET D 309 -7.73 1.27 40.43
CA MET D 309 -6.84 2.28 39.93
C MET D 309 -5.71 1.56 39.26
N ASN D 310 -5.56 1.81 37.94
CA ASN D 310 -4.53 1.35 37.02
C ASN D 310 -5.25 1.03 35.74
N LYS D 311 -4.75 1.66 34.65
CA LYS D 311 -5.21 1.63 33.28
C LYS D 311 -5.57 0.28 32.72
N GLN D 312 -4.68 -0.73 32.93
CA GLN D 312 -4.80 -2.06 32.37
C GLN D 312 -6.03 -2.78 32.86
N PHE D 313 -6.16 -2.89 34.21
CA PHE D 313 -7.30 -3.49 34.90
C PHE D 313 -8.60 -2.86 34.47
N ARG D 314 -8.62 -1.50 34.40
CA ARG D 314 -9.73 -0.69 33.97
C ARG D 314 -10.27 -1.08 32.63
N ASN D 315 -9.40 -1.10 31.59
CA ASN D 315 -9.73 -1.53 30.24
C ASN D 315 -10.39 -2.90 30.20
N CYS D 316 -9.77 -3.92 30.84
CA CYS D 316 -10.30 -5.26 30.97
C CYS D 316 -11.68 -5.31 31.61
N MET D 317 -11.88 -4.56 32.72
CA MET D 317 -13.17 -4.42 33.38
C MET D 317 -14.23 -3.82 32.50
N VAL D 318 -13.88 -2.76 31.72
CA VAL D 318 -14.76 -2.10 30.77
C VAL D 318 -15.18 -3.08 29.70
N THR D 319 -14.21 -3.84 29.13
CA THR D 319 -14.43 -4.89 28.16
C THR D 319 -15.43 -5.91 28.67
N THR D 320 -15.26 -6.37 29.94
CA THR D 320 -16.10 -7.37 30.57
C THR D 320 -17.49 -6.85 30.83
N LEU D 321 -17.62 -5.57 31.25
CA LEU D 321 -18.89 -4.90 31.48
C LEU D 321 -19.65 -4.67 30.20
N CYS D 322 -18.92 -4.48 29.07
CA CYS D 322 -19.48 -4.30 27.75
C CYS D 322 -19.45 -5.62 27.03
N CYS D 323 -19.97 -6.69 27.69
CA CYS D 323 -20.30 -7.97 27.10
C CYS D 323 -19.08 -8.74 26.68
N GLY D 324 -18.08 -8.83 27.58
CA GLY D 324 -16.84 -9.53 27.35
C GLY D 324 -16.80 -10.66 28.33
N1 SGV E . 12.79 -2.01 17.90
C2 SGV E . 11.71 -1.37 18.40
N3 SGV E . 10.41 -1.74 18.34
C4 SGV E . 10.24 -2.91 17.66
C5 SGV E . 11.26 -3.69 17.09
C6 SGV E . 12.58 -3.20 17.24
N6 SGV E . 13.68 -3.88 16.74
C7 SGV E . 10.60 -4.82 16.50
C8 SGV E . 9.24 -4.66 16.72
N9 SGV E . 9.04 -3.52 17.44
C1' SGV E . 7.74 -2.99 17.86
C10 SGV E . 11.19 -5.90 15.73
N11 SGV E . 10.47 -7.07 15.73
O12 SGV E . 12.25 -5.78 15.14
C2' SGV E . 7.15 -2.13 16.79
O2' SGV E . 7.62 -0.78 16.86
C3' SGV E . 5.66 -2.28 17.03
O3' SGV E . 5.21 -1.39 18.05
C4' SGV E . 5.54 -3.69 17.57
O4' SGV E . 6.82 -4.07 18.08
C5' SGV E . 5.11 -4.70 16.50
O5' SGV E . 5.90 -4.61 15.32
C1 RET F . -0.31 -5.94 65.71
C2 RET F . 0.64 -5.38 66.77
C3 RET F . -0.05 -5.13 68.09
C4 RET F . -0.58 -6.44 68.65
C5 RET F . -1.46 -7.16 67.63
C6 RET F . -1.37 -6.91 66.30
C7 RET F . -2.27 -7.51 65.28
C8 RET F . -3.59 -7.66 65.42
C9 RET F . -4.46 -8.20 64.39
C10 RET F . -5.82 -8.15 64.55
C11 RET F . -6.77 -8.54 63.60
C12 RET F . -8.12 -8.38 63.85
C13 RET F . -9.14 -8.61 62.92
C14 RET F . -10.46 -8.31 63.27
C15 RET F . -11.53 -8.40 62.43
C16 RET F . 0.55 -6.65 64.66
C17 RET F . -0.98 -4.75 65.00
C18 RET F . -2.40 -8.22 68.22
C19 RET F . -3.83 -8.79 63.13
C20 RET F . -8.80 -9.14 61.52
N LEU A 6 -0.80 5.72 34.86
CA LEU A 6 -0.46 5.65 36.24
C LEU A 6 0.79 4.82 36.30
N GLU A 7 0.65 3.50 36.57
CA GLU A 7 1.70 2.51 36.59
C GLU A 7 2.33 2.32 35.23
N THR A 8 1.52 2.44 34.16
CA THR A 8 2.00 2.43 32.79
C THR A 8 2.93 3.56 32.51
N VAL A 9 2.62 4.77 33.05
CA VAL A 9 3.52 5.90 33.02
C VAL A 9 4.79 5.67 33.84
N VAL A 10 4.70 4.97 35.00
CA VAL A 10 5.85 4.63 35.82
C VAL A 10 6.80 3.73 35.07
N ALA A 11 6.25 2.73 34.34
CA ALA A 11 7.03 1.85 33.50
C ALA A 11 7.69 2.61 32.37
N ASN A 12 6.96 3.57 31.76
CA ASN A 12 7.47 4.46 30.73
C ASN A 12 8.55 5.36 31.26
N SER A 13 8.37 5.87 32.51
CA SER A 13 9.34 6.68 33.21
C SER A 13 10.60 5.93 33.50
N ALA A 14 10.51 4.63 33.90
CA ALA A 14 11.69 3.82 34.10
C ALA A 14 12.49 3.62 32.83
N PHE A 15 11.78 3.52 31.67
CA PHE A 15 12.38 3.44 30.37
C PHE A 15 13.13 4.71 30.05
N ILE A 16 12.52 5.88 30.36
CA ILE A 16 13.10 7.19 30.14
C ILE A 16 14.37 7.34 30.94
N ALA A 17 14.37 6.80 32.19
CA ALA A 17 15.50 6.84 33.09
C ALA A 17 16.65 6.03 32.54
N ALA A 18 16.34 4.82 32.02
CA ALA A 18 17.30 3.92 31.41
C ALA A 18 17.93 4.48 30.17
N ARG A 19 17.11 5.16 29.33
CA ARG A 19 17.49 5.79 28.09
C ARG A 19 18.51 6.87 28.32
N GLY A 20 18.31 7.66 29.40
CA GLY A 20 19.17 8.74 29.80
C GLY A 20 20.54 8.25 30.15
N SER A 21 20.60 7.14 30.93
CA SER A 21 21.83 6.46 31.29
C SER A 21 22.53 5.89 30.07
N PHE A 22 21.74 5.27 29.16
CA PHE A 22 22.20 4.65 27.93
C PHE A 22 22.80 5.67 26.98
N ASP A 23 22.12 6.84 26.84
CA ASP A 23 22.55 7.96 26.01
C ASP A 23 23.83 8.56 26.54
N ALA A 24 23.95 8.66 27.88
CA ALA A 24 25.13 9.14 28.55
C ALA A 24 26.04 7.98 28.81
N MET A 182 20.03 -17.28 27.90
CA MET A 182 19.68 -16.17 28.76
C MET A 182 18.29 -16.42 29.26
N GLY A 183 17.80 -15.53 30.16
CA GLY A 183 17.23 -16.02 31.39
C GLY A 183 16.45 -14.90 32.01
N GLU A 184 16.25 -14.98 33.34
CA GLU A 184 15.45 -14.06 34.10
C GLU A 184 16.36 -13.06 34.77
N ASP A 185 17.70 -13.22 34.64
CA ASP A 185 18.66 -12.46 35.39
C ASP A 185 19.43 -11.61 34.42
N TRP A 186 19.02 -11.59 33.14
CA TRP A 186 19.80 -11.05 32.06
C TRP A 186 19.15 -9.84 31.46
N PHE A 187 17.82 -9.67 31.68
CA PHE A 187 17.14 -8.52 31.15
C PHE A 187 16.20 -7.94 32.15
N LEU A 188 16.36 -6.63 32.40
CA LEU A 188 15.47 -5.79 33.16
C LEU A 188 14.34 -5.41 32.22
N ASP A 189 13.08 -5.45 32.70
CA ASP A 189 11.92 -5.41 31.85
C ASP A 189 11.28 -4.06 31.98
N PHE A 190 10.80 -3.50 30.84
CA PHE A 190 10.03 -2.28 30.84
C PHE A 190 8.71 -2.64 30.21
N ARG A 191 7.89 -1.60 29.91
CA ARG A 191 6.62 -1.68 29.24
C ARG A 191 6.67 -2.38 27.91
N VAL A 192 5.55 -3.05 27.54
CA VAL A 192 5.34 -3.58 26.21
C VAL A 192 5.17 -2.41 25.29
N LEU A 193 5.45 -2.62 23.99
CA LEU A 193 5.50 -1.58 23.00
C LEU A 193 4.44 -1.88 21.99
N GLY A 194 3.77 -3.04 22.14
CA GLY A 194 2.72 -3.45 21.25
C GLY A 194 2.49 -4.89 21.57
N ARG A 195 1.40 -5.46 20.98
CA ARG A 195 1.12 -6.87 21.08
C ARG A 195 1.17 -7.36 19.67
N GLY A 196 2.23 -8.15 19.37
CA GLY A 196 2.43 -8.88 18.14
C GLY A 196 1.52 -10.07 18.00
N GLY A 197 1.73 -10.84 16.90
CA GLY A 197 0.95 -12.03 16.59
C GLY A 197 0.97 -13.10 17.65
N PHE A 198 2.18 -13.52 18.08
CA PHE A 198 2.33 -14.66 18.98
C PHE A 198 2.58 -14.16 20.37
N GLY A 199 2.77 -12.84 20.56
CA GLY A 199 2.92 -12.29 21.87
C GLY A 199 3.46 -10.91 21.74
N GLU A 200 3.65 -10.26 22.90
CA GLU A 200 4.04 -8.88 23.07
C GLU A 200 5.51 -8.69 22.80
N VAL A 201 5.87 -7.44 22.45
CA VAL A 201 7.22 -7.05 22.13
C VAL A 201 7.49 -5.86 22.99
N PHE A 202 8.33 -6.06 24.04
CA PHE A 202 8.57 -5.10 25.09
C PHE A 202 10.02 -4.69 25.01
N ALA A 203 10.33 -3.46 25.50
CA ALA A 203 11.69 -3.00 25.66
C ALA A 203 12.36 -3.66 26.84
N CYS A 204 13.72 -3.73 26.79
CA CYS A 204 14.50 -4.48 27.73
C CYS A 204 15.92 -3.99 27.62
N GLN A 205 16.81 -4.37 28.57
CA GLN A 205 18.17 -3.88 28.56
C GLN A 205 19.01 -5.02 29.07
N MET A 206 20.15 -5.24 28.37
CA MET A 206 21.24 -6.14 28.67
C MET A 206 22.00 -5.86 29.93
N LYS A 207 22.14 -6.91 30.77
CA LYS A 207 22.88 -6.88 32.01
C LYS A 207 24.35 -6.55 31.81
N ALA A 208 24.97 -7.16 30.77
CA ALA A 208 26.40 -7.17 30.62
C ALA A 208 26.86 -6.23 29.54
N THR A 209 25.93 -5.53 28.85
CA THR A 209 26.25 -4.73 27.69
C THR A 209 25.79 -3.33 27.98
N GLY A 210 24.59 -3.20 28.58
CA GLY A 210 24.03 -1.93 29.00
C GLY A 210 23.42 -1.25 27.81
N LYS A 211 22.92 -2.05 26.85
CA LYS A 211 22.35 -1.61 25.61
C LYS A 211 20.91 -2.06 25.59
N LEU A 212 20.04 -1.23 24.96
CA LEU A 212 18.62 -1.45 24.90
C LEU A 212 18.33 -2.26 23.68
N TYR A 213 17.40 -3.21 23.80
CA TYR A 213 17.01 -4.12 22.75
C TYR A 213 15.51 -4.25 22.84
N ALA A 214 14.84 -4.57 21.71
CA ALA A 214 13.49 -5.07 21.72
C ALA A 214 13.49 -6.57 21.83
N CYS A 215 12.52 -7.11 22.59
CA CYS A 215 12.39 -8.52 22.88
C CYS A 215 11.05 -8.95 22.36
N LYS A 216 11.04 -9.61 21.18
CA LYS A 216 9.89 -10.24 20.59
C LYS A 216 9.63 -11.56 21.26
N LYS A 217 8.58 -11.58 22.11
CA LYS A 217 8.12 -12.75 22.80
C LYS A 217 7.13 -13.47 21.94
N LEU A 218 7.26 -14.81 21.90
CA LEU A 218 6.30 -15.69 21.29
C LEU A 218 5.89 -16.55 22.44
N ASN A 219 4.69 -16.29 23.01
CA ASN A 219 4.15 -16.99 24.15
C ASN A 219 3.93 -18.46 23.84
N LYS A 220 4.39 -19.35 24.75
CA LYS A 220 4.34 -20.80 24.63
C LYS A 220 2.96 -21.36 24.44
N LYS A 221 1.96 -20.78 25.15
CA LYS A 221 0.58 -21.18 25.09
C LYS A 221 0.03 -20.94 23.71
N ARG A 222 0.16 -19.68 23.22
CA ARG A 222 -0.26 -19.23 21.93
C ARG A 222 0.40 -19.96 20.78
N LEU A 223 1.68 -20.37 20.96
CA LEU A 223 2.44 -21.18 20.04
C LEU A 223 1.82 -22.54 19.85
N LYS A 224 1.48 -23.22 20.95
CA LYS A 224 0.86 -24.53 20.94
C LYS A 224 -0.49 -24.52 20.27
N LYS A 225 -1.28 -23.47 20.54
CA LYS A 225 -2.61 -23.28 20.01
C LYS A 225 -2.64 -23.15 18.51
N ARG A 226 -1.81 -22.23 17.94
CA ARG A 226 -1.73 -22.02 16.51
C ARG A 226 -0.83 -23.00 15.79
N LYS A 227 -0.05 -23.82 16.55
CA LYS A 227 0.99 -24.68 16.03
C LYS A 227 2.02 -23.91 15.23
N GLY A 228 2.60 -22.87 15.87
CA GLY A 228 3.44 -21.86 15.24
C GLY A 228 4.89 -22.18 15.41
N TYR A 229 5.26 -23.48 15.47
CA TYR A 229 6.59 -23.94 15.77
C TYR A 229 7.50 -23.72 14.59
N GLN A 230 6.96 -23.94 13.35
CA GLN A 230 7.67 -23.73 12.11
C GLN A 230 7.99 -22.26 11.92
N GLY A 231 6.99 -21.37 12.17
CA GLY A 231 7.04 -19.96 11.92
C GLY A 231 8.10 -19.26 12.73
N ALA A 232 8.31 -19.76 13.97
CA ALA A 232 9.30 -19.27 14.89
C ALA A 232 10.69 -19.54 14.38
N MET A 233 10.94 -20.81 13.93
CA MET A 233 12.22 -21.29 13.47
C MET A 233 12.66 -20.56 12.21
N VAL A 234 11.70 -20.18 11.36
CA VAL A 234 11.91 -19.51 10.10
C VAL A 234 12.43 -18.12 10.35
N GLU A 235 11.74 -17.36 11.24
CA GLU A 235 12.11 -16.00 11.59
C GLU A 235 13.49 -15.88 12.16
N LYS A 236 13.90 -16.87 12.99
CA LYS A 236 15.21 -16.96 13.59
C LYS A 236 16.27 -17.12 12.53
N LYS A 237 16.22 -18.27 11.82
CA LYS A 237 17.22 -18.70 10.85
C LYS A 237 17.45 -17.72 9.73
N ILE A 238 16.36 -17.09 9.22
CA ILE A 238 16.40 -16.13 8.15
C ILE A 238 17.06 -14.85 8.61
N LEU A 239 16.50 -14.17 9.64
CA LEU A 239 17.06 -12.92 10.16
C LEU A 239 18.51 -13.04 10.59
N ALA A 240 18.90 -14.20 11.16
CA ALA A 240 20.25 -14.47 11.60
C ALA A 240 21.26 -14.46 10.47
N LYS A 241 20.84 -14.89 9.26
CA LYS A 241 21.74 -15.07 8.15
C LYS A 241 21.70 -13.87 7.23
N VAL A 242 20.51 -13.24 7.09
CA VAL A 242 20.23 -12.22 6.12
C VAL A 242 20.30 -10.90 6.82
N HIS A 243 21.20 -10.03 6.33
CA HIS A 243 21.43 -8.74 6.93
C HIS A 243 21.87 -7.83 5.82
N SER A 244 21.53 -6.54 5.99
CA SER A 244 22.01 -5.46 5.17
C SER A 244 21.97 -4.30 6.12
N ARG A 245 22.11 -3.07 5.60
CA ARG A 245 22.04 -1.88 6.41
C ARG A 245 20.64 -1.34 6.40
N PHE A 246 19.69 -2.04 5.73
CA PHE A 246 18.30 -1.67 5.67
C PHE A 246 17.49 -2.85 6.14
N ILE A 247 18.14 -3.84 6.80
CA ILE A 247 17.51 -4.94 7.47
C ILE A 247 18.13 -4.95 8.85
N VAL A 248 17.27 -5.02 9.91
CA VAL A 248 17.67 -5.08 11.31
C VAL A 248 18.42 -6.37 11.62
N SER A 249 19.40 -6.29 12.57
CA SER A 249 20.12 -7.43 13.08
C SER A 249 19.41 -8.09 14.22
N LEU A 250 19.67 -9.41 14.39
CA LEU A 250 19.20 -10.24 15.47
C LEU A 250 20.39 -10.40 16.38
N ALA A 251 20.20 -10.24 17.72
CA ALA A 251 21.30 -10.21 18.65
C ALA A 251 21.35 -11.45 19.50
N TYR A 252 20.17 -12.03 19.89
CA TYR A 252 20.13 -13.17 20.79
C TYR A 252 18.90 -13.96 20.47
N ALA A 253 18.97 -15.29 20.71
CA ALA A 253 17.83 -16.17 20.59
C ALA A 253 17.93 -17.09 21.78
N PHE A 254 17.07 -16.84 22.81
CA PHE A 254 16.98 -17.61 24.02
C PHE A 254 15.53 -17.90 24.28
N GLU A 255 15.23 -18.62 25.40
CA GLU A 255 13.89 -18.91 25.82
C GLU A 255 13.89 -18.57 27.28
N THR A 256 12.68 -18.33 27.83
CA THR A 256 12.44 -18.17 29.24
C THR A 256 11.31 -19.12 29.55
N LYS A 257 10.67 -18.97 30.74
CA LYS A 257 9.69 -19.88 31.29
C LYS A 257 8.46 -20.06 30.43
N THR A 258 7.91 -18.95 29.90
CA THR A 258 6.57 -18.93 29.35
C THR A 258 6.59 -18.49 27.92
N ASP A 259 7.79 -18.25 27.32
CA ASP A 259 7.85 -17.68 26.00
C ASP A 259 9.22 -17.95 25.43
N LEU A 260 9.30 -17.94 24.07
CA LEU A 260 10.52 -17.96 23.31
C LEU A 260 10.82 -16.54 22.96
N CYS A 261 12.11 -16.15 22.99
CA CYS A 261 12.49 -14.78 22.81
C CYS A 261 13.39 -14.71 21.60
N LEU A 262 13.15 -13.68 20.75
CA LEU A 262 14.11 -13.22 19.79
C LEU A 262 14.35 -11.80 20.19
N VAL A 263 15.60 -11.48 20.54
CA VAL A 263 16.00 -10.18 20.97
C VAL A 263 16.80 -9.57 19.86
N MET A 264 16.28 -8.47 19.27
CA MET A 264 16.82 -7.88 18.07
C MET A 264 17.20 -6.46 18.39
N THR A 265 18.07 -5.87 17.54
CA THR A 265 18.61 -4.54 17.69
C THR A 265 17.59 -3.44 17.63
N ILE A 266 17.81 -2.40 18.48
CA ILE A 266 17.01 -1.22 18.62
C ILE A 266 16.90 -0.38 17.40
N MET A 267 15.73 0.28 17.35
CA MET A 267 15.33 1.28 16.42
C MET A 267 14.62 2.17 17.40
N ASN A 268 15.15 3.40 17.60
CA ASN A 268 14.75 4.29 18.69
C ASN A 268 13.76 5.31 18.20
N GLY A 269 13.05 5.02 17.11
CA GLY A 269 12.30 6.00 16.37
C GLY A 269 10.89 5.53 16.20
N GLY A 270 10.54 4.30 16.67
CA GLY A 270 9.19 3.79 16.54
C GLY A 270 9.00 3.19 15.18
N ASP A 271 7.79 2.68 14.89
CA ASP A 271 7.49 2.05 13.61
C ASP A 271 6.68 3.08 12.90
N ILE A 272 6.65 2.99 11.55
CA ILE A 272 5.97 3.91 10.66
C ILE A 272 4.50 4.04 10.99
N ARG A 273 3.84 2.92 11.38
CA ARG A 273 2.43 2.89 11.69
C ARG A 273 2.05 3.78 12.85
N TYR A 274 2.87 3.76 13.94
CA TYR A 274 2.75 4.63 15.09
C TYR A 274 2.84 6.08 14.71
N HIS A 275 3.80 6.39 13.81
CA HIS A 275 4.24 7.71 13.46
C HIS A 275 3.27 8.44 12.59
N ILE A 276 2.38 7.72 11.88
CA ILE A 276 1.24 8.26 11.16
C ILE A 276 0.37 9.07 12.11
N TYR A 277 0.16 8.53 13.33
CA TYR A 277 -0.71 9.06 14.33
C TYR A 277 0.03 9.90 15.35
N ASN A 278 1.38 9.75 15.48
CA ASN A 278 2.12 10.46 16.50
C ASN A 278 2.46 11.86 16.04
N VAL A 279 2.56 12.07 14.70
CA VAL A 279 2.66 13.36 14.05
C VAL A 279 1.51 14.26 14.43
N ASP A 280 0.32 13.61 14.56
CA ASP A 280 -0.96 14.15 14.92
C ASP A 280 -1.85 13.06 14.40
N GLU A 281 -2.89 12.71 15.20
CA GLU A 281 -3.78 11.59 14.96
C GLU A 281 -4.76 11.90 13.85
N ASP A 282 -4.97 13.19 13.53
CA ASP A 282 -5.88 13.63 12.52
C ASP A 282 -5.11 14.10 11.30
N ASN A 283 -3.76 14.07 11.36
CA ASN A 283 -2.94 14.39 10.22
C ASN A 283 -2.66 13.10 9.49
N PRO A 284 -2.92 12.97 8.18
CA PRO A 284 -2.76 11.71 7.50
C PRO A 284 -1.33 11.61 7.06
N GLY A 285 -0.70 10.43 7.31
CA GLY A 285 0.66 10.11 6.97
C GLY A 285 1.68 11.14 7.36
N PHE A 286 2.54 11.47 6.38
CA PHE A 286 3.64 12.39 6.54
C PHE A 286 3.51 13.34 5.39
N GLN A 287 4.25 14.47 5.48
CA GLN A 287 4.47 15.39 4.39
C GLN A 287 5.24 14.68 3.30
N GLU A 288 4.94 15.02 2.03
CA GLU A 288 5.43 14.31 0.88
C GLU A 288 6.93 14.11 0.78
N PRO A 289 7.87 15.06 0.87
CA PRO A 289 9.30 14.79 0.75
C PRO A 289 9.89 13.76 1.69
N ARG A 290 9.46 13.76 2.99
CA ARG A 290 9.92 12.80 3.97
C ARG A 290 9.42 11.42 3.68
N ALA A 291 8.16 11.32 3.19
CA ALA A 291 7.54 10.07 2.81
C ALA A 291 8.22 9.47 1.62
N ILE A 292 8.58 10.30 0.61
CA ILE A 292 9.27 9.93 -0.61
C ILE A 292 10.61 9.33 -0.28
N PHE A 293 11.35 9.97 0.67
CA PHE A 293 12.61 9.46 1.16
C PHE A 293 12.48 8.04 1.71
N TYR A 294 11.50 7.81 2.62
CA TYR A 294 11.26 6.52 3.24
C TYR A 294 10.90 5.47 2.23
N THR A 295 10.07 5.82 1.20
CA THR A 295 9.69 4.93 0.11
C THR A 295 10.90 4.43 -0.63
N ALA A 296 11.85 5.35 -0.92
CA ALA A 296 13.09 5.04 -1.57
C ALA A 296 13.93 4.07 -0.78
N GLN A 297 13.97 4.23 0.56
CA GLN A 297 14.69 3.34 1.45
C GLN A 297 14.09 1.96 1.56
N ILE A 298 12.73 1.85 1.59
CA ILE A 298 12.02 0.59 1.63
C ILE A 298 12.31 -0.19 0.37
N VAL A 299 12.29 0.51 -0.79
CA VAL A 299 12.61 -0.03 -2.09
C VAL A 299 13.99 -0.64 -2.12
N SER A 300 15.01 0.05 -1.55
CA SER A 300 16.36 -0.44 -1.45
C SER A 300 16.49 -1.72 -0.66
N GLY A 301 15.72 -1.83 0.45
CA GLY A 301 15.68 -3.02 1.29
C GLY A 301 15.07 -4.20 0.59
N LEU A 302 13.95 -3.99 -0.12
CA LEU A 302 13.28 -4.98 -0.94
C LEU A 302 14.17 -5.46 -2.04
N GLU A 303 14.89 -4.52 -2.70
CA GLU A 303 15.80 -4.76 -3.79
C GLU A 303 16.88 -5.72 -3.38
N HIS A 304 17.44 -5.53 -2.16
CA HIS A 304 18.45 -6.38 -1.58
C HIS A 304 17.97 -7.81 -1.39
N LEU A 305 16.69 -8.00 -0.98
CA LEU A 305 16.07 -9.30 -0.86
C LEU A 305 15.94 -9.96 -2.20
N HIS A 306 15.49 -9.21 -3.23
CA HIS A 306 15.24 -9.67 -4.58
C HIS A 306 16.50 -10.07 -5.29
N GLN A 307 17.62 -9.37 -5.02
CA GLN A 307 18.94 -9.69 -5.51
C GLN A 307 19.49 -10.99 -4.96
N ARG A 308 18.94 -11.47 -3.82
CA ARG A 308 19.28 -12.75 -3.22
C ARG A 308 18.21 -13.75 -3.53
N ASN A 309 17.16 -13.33 -4.29
CA ASN A 309 16.06 -14.16 -4.75
C ASN A 309 15.24 -14.67 -3.60
N ILE A 310 14.76 -13.73 -2.76
CA ILE A 310 14.02 -14.05 -1.57
C ILE A 310 12.66 -13.47 -1.82
N ILE A 311 11.61 -14.31 -1.62
CA ILE A 311 10.25 -13.86 -1.66
C ILE A 311 9.91 -13.69 -0.21
N TYR A 312 9.40 -12.51 0.16
CA TYR A 312 9.13 -12.15 1.52
C TYR A 312 7.70 -12.55 1.81
N ARG A 313 6.77 -12.30 0.86
CA ARG A 313 5.35 -12.62 0.94
C ARG A 313 4.66 -11.72 1.94
N ASP A 314 5.36 -10.70 2.47
CA ASP A 314 4.86 -9.85 3.51
C ASP A 314 5.66 -8.58 3.41
N LEU A 315 5.29 -7.59 4.24
CA LEU A 315 5.89 -6.30 4.45
C LEU A 315 4.70 -5.53 4.92
N LYS A 316 4.88 -4.65 5.92
CA LYS A 316 3.80 -3.80 6.35
C LYS A 316 4.42 -2.62 7.05
N PRO A 317 3.70 -1.50 7.27
CA PRO A 317 4.17 -0.33 7.99
C PRO A 317 4.78 -0.65 9.33
N GLU A 318 4.19 -1.62 10.06
CA GLU A 318 4.56 -2.00 11.40
C GLU A 318 5.88 -2.76 11.43
N ASN A 319 6.36 -3.19 10.25
CA ASN A 319 7.61 -3.88 10.08
C ASN A 319 8.60 -2.94 9.44
N VAL A 320 8.22 -1.68 9.15
CA VAL A 320 9.16 -0.68 8.71
C VAL A 320 9.39 0.19 9.91
N LEU A 321 10.62 0.14 10.44
CA LEU A 321 11.00 0.79 11.66
C LEU A 321 11.81 2.00 11.31
N LEU A 322 11.66 3.06 12.13
CA LEU A 322 12.38 4.31 12.11
C LEU A 322 13.40 4.21 13.19
N ASP A 323 14.61 4.77 12.95
CA ASP A 323 15.59 4.97 13.99
C ASP A 323 15.82 6.46 14.01
N ASP A 324 16.81 6.91 14.83
CA ASP A 324 17.10 8.32 15.02
C ASP A 324 18.24 8.72 14.12
N ASP A 325 18.54 7.89 13.09
CA ASP A 325 19.49 8.22 12.06
C ASP A 325 18.70 8.74 10.88
N GLY A 326 17.35 8.64 10.96
CA GLY A 326 16.44 9.05 9.92
C GLY A 326 16.52 8.14 8.73
N ASN A 327 16.80 6.84 8.97
CA ASN A 327 16.82 5.82 7.95
C ASN A 327 15.84 4.79 8.39
N VAL A 328 15.13 4.14 7.42
CA VAL A 328 14.15 3.13 7.75
C VAL A 328 14.72 1.80 7.35
N ARG A 329 14.20 0.73 7.99
CA ARG A 329 14.62 -0.62 7.74
C ARG A 329 13.42 -1.48 7.83
N ILE A 330 13.38 -2.56 7.01
CA ILE A 330 12.42 -3.63 7.14
C ILE A 330 12.87 -4.52 8.27
N SER A 331 11.94 -5.32 8.84
CA SER A 331 12.21 -6.16 9.97
C SER A 331 11.22 -7.29 9.91
N ASP A 332 11.59 -8.46 10.50
CA ASP A 332 10.81 -9.68 10.52
C ASP A 332 10.82 -10.33 9.16
N LEU A 333 11.44 -11.54 9.06
CA LEU A 333 11.57 -12.26 7.83
C LEU A 333 11.20 -13.68 8.17
N GLY A 334 10.05 -13.84 8.87
CA GLY A 334 9.61 -15.09 9.44
C GLY A 334 8.53 -15.72 8.64
N LEU A 335 7.95 -14.97 7.68
CA LEU A 335 6.92 -15.45 6.80
C LEU A 335 7.47 -15.46 5.42
N ALA A 336 8.82 -15.42 5.30
CA ALA A 336 9.56 -15.38 4.06
C ALA A 336 10.04 -16.77 3.72
N VAL A 337 10.49 -16.95 2.47
CA VAL A 337 11.20 -18.14 2.06
C VAL A 337 12.28 -17.59 1.18
N GLU A 338 13.51 -18.14 1.37
CA GLU A 338 14.65 -17.81 0.56
C GLU A 338 14.77 -18.88 -0.48
N LEU A 339 14.66 -18.46 -1.76
CA LEU A 339 14.80 -19.34 -2.91
C LEU A 339 16.13 -19.02 -3.52
N LYS A 340 16.57 -19.89 -4.47
CA LYS A 340 17.75 -19.66 -5.25
C LYS A 340 17.28 -18.99 -6.52
N ALA A 341 18.23 -18.45 -7.32
CA ALA A 341 17.96 -17.90 -8.63
C ALA A 341 17.45 -18.98 -9.55
N GLY A 342 16.46 -18.62 -10.41
CA GLY A 342 15.91 -19.51 -11.39
C GLY A 342 14.85 -20.41 -10.85
N GLN A 343 14.14 -19.98 -9.78
CA GLN A 343 12.91 -20.65 -9.40
C GLN A 343 12.05 -19.64 -8.72
N THR A 344 10.72 -19.83 -8.88
CA THR A 344 9.68 -19.02 -8.31
C THR A 344 8.76 -19.96 -7.58
N LYS A 345 9.22 -21.22 -7.38
CA LYS A 345 8.44 -22.29 -6.80
C LYS A 345 8.16 -22.07 -5.34
N THR A 346 6.85 -22.00 -5.02
CA THR A 346 6.27 -21.86 -3.70
C THR A 346 4.85 -21.45 -3.99
N LYS A 347 3.89 -22.17 -3.37
CA LYS A 347 2.48 -21.88 -3.44
C LYS A 347 1.99 -21.64 -2.04
N GLY A 348 2.92 -21.30 -1.10
CA GLY A 348 2.66 -21.01 0.29
C GLY A 348 1.56 -19.99 0.53
N TYR A 349 0.95 -20.04 1.74
CA TYR A 349 -0.10 -19.13 2.12
C TYR A 349 0.48 -18.18 3.15
N ALA A 350 1.82 -18.18 3.32
CA ALA A 350 2.55 -17.35 4.25
C ALA A 350 2.38 -15.88 3.96
N GLY A 351 2.34 -15.06 5.03
CA GLY A 351 2.21 -13.63 4.95
C GLY A 351 1.04 -13.23 5.78
N THR A 352 0.97 -11.93 6.12
CA THR A 352 -0.06 -11.36 6.95
C THR A 352 -1.17 -10.94 6.01
N PRO A 353 -2.45 -11.23 6.24
CA PRO A 353 -3.57 -10.79 5.42
C PRO A 353 -3.56 -9.32 5.07
N GLY A 354 -3.80 -9.00 3.78
CA GLY A 354 -3.82 -7.65 3.26
C GLY A 354 -2.45 -7.17 2.91
N PHE A 355 -1.46 -8.09 2.84
CA PHE A 355 -0.10 -7.81 2.47
C PHE A 355 0.36 -8.99 1.69
N MET A 356 -0.62 -9.69 1.07
CA MET A 356 -0.44 -10.84 0.22
C MET A 356 -1.21 -10.51 -1.03
N ALA A 357 -0.64 -10.87 -2.19
CA ALA A 357 -1.16 -10.56 -3.50
C ALA A 357 -2.23 -11.57 -3.84
N PRO A 358 -3.05 -11.37 -4.88
CA PRO A 358 -4.09 -12.30 -5.34
C PRO A 358 -3.68 -13.74 -5.44
N GLU A 359 -2.51 -14.01 -6.06
CA GLU A 359 -1.93 -15.31 -6.29
C GLU A 359 -1.84 -16.20 -5.08
N LEU A 360 -1.43 -15.66 -3.91
CA LEU A 360 -1.30 -16.39 -2.68
C LEU A 360 -2.64 -16.85 -2.18
N LEU A 361 -3.64 -15.94 -2.21
CA LEU A 361 -4.98 -16.18 -1.72
C LEU A 361 -5.69 -17.26 -2.51
N LEU A 362 -5.41 -17.34 -3.83
CA LEU A 362 -6.01 -18.29 -4.73
C LEU A 362 -5.28 -19.61 -4.73
N GLY A 363 -4.16 -19.72 -3.97
CA GLY A 363 -3.44 -20.96 -3.78
C GLY A 363 -2.68 -21.37 -5.01
N GLU A 364 -2.03 -20.38 -5.67
CA GLU A 364 -1.35 -20.54 -6.92
C GLU A 364 0.09 -20.25 -6.67
N GLU A 365 1.00 -20.68 -7.60
CA GLU A 365 2.39 -20.28 -7.58
C GLU A 365 2.48 -18.82 -7.96
N TYR A 366 3.48 -18.11 -7.39
CA TYR A 366 3.68 -16.70 -7.56
C TYR A 366 5.15 -16.47 -7.70
N ASP A 367 5.52 -15.25 -8.14
CA ASP A 367 6.89 -14.83 -8.27
C ASP A 367 7.10 -13.67 -7.33
N PHE A 368 8.28 -13.02 -7.45
CA PHE A 368 8.77 -11.90 -6.70
C PHE A 368 7.86 -10.70 -6.65
N SER A 369 6.89 -10.63 -7.61
CA SER A 369 5.88 -9.62 -7.78
C SER A 369 5.10 -9.29 -6.53
N VAL A 370 4.79 -10.32 -5.71
CA VAL A 370 3.98 -10.25 -4.54
C VAL A 370 4.53 -9.35 -3.46
N ASP A 371 5.88 -9.24 -3.35
CA ASP A 371 6.54 -8.39 -2.39
C ASP A 371 6.32 -6.94 -2.73
N TYR A 372 6.28 -6.66 -4.05
CA TYR A 372 5.98 -5.37 -4.60
C TYR A 372 4.54 -5.01 -4.44
N PHE A 373 3.63 -6.02 -4.34
CA PHE A 373 2.24 -5.78 -4.01
C PHE A 373 2.12 -5.25 -2.60
N ALA A 374 2.86 -5.89 -1.65
CA ALA A 374 2.93 -5.52 -0.27
C ALA A 374 3.45 -4.11 -0.07
N LEU A 375 4.48 -3.72 -0.86
CA LEU A 375 5.06 -2.38 -0.91
C LEU A 375 4.02 -1.36 -1.25
N GLY A 376 3.11 -1.68 -2.19
CA GLY A 376 2.06 -0.82 -2.65
C GLY A 376 1.11 -0.50 -1.54
N VAL A 377 0.67 -1.55 -0.79
CA VAL A 377 -0.16 -1.40 0.39
C VAL A 377 0.50 -0.54 1.45
N THR A 378 1.83 -0.73 1.65
CA THR A 378 2.62 -0.07 2.67
C THR A 378 2.72 1.41 2.41
N LEU A 379 3.16 1.78 1.19
CA LEU A 379 3.27 3.12 0.68
C LEU A 379 1.98 3.88 0.68
N TYR A 380 0.86 3.21 0.29
CA TYR A 380 -0.43 3.82 0.23
C TYR A 380 -0.88 4.23 1.62
N GLU A 381 -0.66 3.33 2.61
CA GLU A 381 -0.97 3.54 4.00
C GLU A 381 -0.08 4.57 4.67
N MET A 382 1.21 4.65 4.25
CA MET A 382 2.17 5.59 4.76
C MET A 382 1.78 7.03 4.52
N ILE A 383 1.19 7.30 3.34
CA ILE A 383 0.87 8.63 2.89
C ILE A 383 -0.54 9.00 3.24
N ALA A 384 -1.52 8.07 3.10
CA ALA A 384 -2.92 8.39 3.24
C ALA A 384 -3.46 8.06 4.60
N ALA A 385 -2.66 7.32 5.43
CA ALA A 385 -2.98 6.90 6.78
C ALA A 385 -4.01 5.81 6.82
N ARG A 386 -4.30 5.19 5.66
CA ARG A 386 -5.22 4.09 5.58
C ARG A 386 -4.80 3.25 4.44
N GLY A 387 -5.11 1.93 4.50
CA GLY A 387 -4.79 1.00 3.46
C GLY A 387 -5.72 1.23 2.28
N PRO A 388 -5.48 0.65 1.12
CA PRO A 388 -6.37 0.75 -0.01
C PRO A 388 -7.54 -0.20 0.15
N PHE A 389 -7.61 -0.95 1.27
CA PHE A 389 -8.57 -2.02 1.47
C PHE A 389 -9.29 -1.79 2.77
N ARG A 390 -8.98 -0.68 3.50
CA ARG A 390 -9.67 -0.36 4.72
C ARG A 390 -9.45 1.09 5.00
N ALA A 391 -10.31 1.68 5.87
CA ALA A 391 -10.25 3.05 6.32
C ALA A 391 -9.28 3.16 7.47
N ARG A 392 -9.08 4.42 7.99
CA ARG A 392 -8.07 4.75 8.98
C ARG A 392 -8.31 3.97 10.26
N GLY A 393 -7.20 3.49 10.87
CA GLY A 393 -7.22 2.70 12.08
C GLY A 393 -7.62 1.29 11.75
N GLU A 394 -8.93 0.99 11.95
CA GLU A 394 -9.64 -0.25 11.69
C GLU A 394 -9.16 -1.06 10.51
N LYS A 395 -9.13 -2.40 10.68
CA LYS A 395 -8.77 -3.34 9.66
C LYS A 395 -10.00 -4.17 9.50
N VAL A 396 -10.43 -4.37 8.22
CA VAL A 396 -11.54 -5.22 7.89
C VAL A 396 -11.18 -6.66 8.15
N GLU A 397 -12.19 -7.50 8.49
CA GLU A 397 -12.09 -8.92 8.77
C GLU A 397 -11.41 -9.66 7.65
N ASN A 398 -10.77 -10.82 7.94
CA ASN A 398 -9.92 -11.55 7.02
C ASN A 398 -10.65 -11.95 5.75
N LYS A 399 -11.91 -12.44 5.88
CA LYS A 399 -12.73 -12.83 4.75
C LYS A 399 -13.00 -11.68 3.80
N GLU A 400 -13.31 -10.49 4.38
CA GLU A 400 -13.58 -9.29 3.62
C GLU A 400 -12.33 -8.76 2.98
N LEU A 401 -11.18 -8.84 3.69
CA LEU A 401 -9.88 -8.39 3.27
C LEU A 401 -9.39 -9.16 2.07
N LYS A 402 -9.66 -10.49 2.04
CA LYS A 402 -9.41 -11.36 0.91
C LYS A 402 -10.21 -10.96 -0.29
N GLN A 403 -11.49 -10.55 -0.09
CA GLN A 403 -12.33 -10.03 -1.15
C GLN A 403 -11.82 -8.71 -1.68
N ARG A 404 -11.31 -7.79 -0.80
CA ARG A 404 -10.75 -6.53 -1.22
C ARG A 404 -9.56 -6.68 -2.14
N VAL A 405 -8.59 -7.56 -1.76
CA VAL A 405 -7.38 -7.80 -2.51
C VAL A 405 -7.65 -8.35 -3.89
N LEU A 406 -8.62 -9.30 -3.99
CA LEU A 406 -8.96 -9.96 -5.22
C LEU A 406 -9.79 -9.15 -6.17
N GLU A 407 -10.67 -8.26 -5.65
CA GLU A 407 -11.74 -7.70 -6.47
C GLU A 407 -11.67 -6.20 -6.63
N GLN A 408 -11.18 -5.48 -5.60
CA GLN A 408 -11.33 -4.04 -5.55
C GLN A 408 -10.13 -3.32 -6.09
N ALA A 409 -10.41 -2.34 -6.99
CA ALA A 409 -9.44 -1.42 -7.54
C ALA A 409 -9.29 -0.27 -6.58
N VAL A 410 -8.12 0.40 -6.63
CA VAL A 410 -7.75 1.45 -5.72
C VAL A 410 -8.16 2.77 -6.31
N THR A 411 -8.69 3.68 -5.46
CA THR A 411 -9.07 5.03 -5.80
C THR A 411 -8.15 5.88 -4.99
N TYR A 412 -7.60 6.95 -5.60
CA TYR A 412 -6.54 7.74 -5.04
C TYR A 412 -7.04 9.12 -4.68
N PRO A 413 -6.66 9.69 -3.53
CA PRO A 413 -6.99 11.05 -3.16
C PRO A 413 -5.89 11.93 -3.71
N ASP A 414 -5.99 13.25 -3.43
CA ASP A 414 -5.07 14.25 -3.93
C ASP A 414 -3.98 14.50 -2.92
N LYS A 415 -3.94 13.70 -1.83
CA LYS A 415 -2.90 13.71 -0.82
C LYS A 415 -1.57 13.35 -1.43
N PHE A 416 -1.58 12.33 -2.32
CA PHE A 416 -0.46 11.93 -3.15
C PHE A 416 -0.12 13.01 -4.13
N SER A 417 1.20 13.17 -4.42
CA SER A 417 1.70 13.94 -5.53
C SER A 417 1.48 13.11 -6.79
N PRO A 418 1.57 13.62 -8.02
CA PRO A 418 1.40 12.83 -9.23
C PRO A 418 2.37 11.69 -9.37
N ALA A 419 3.67 11.90 -9.06
CA ALA A 419 4.68 10.86 -9.11
C ALA A 419 4.41 9.70 -8.18
N SER A 420 4.01 9.99 -6.91
CA SER A 420 3.72 8.98 -5.92
C SER A 420 2.45 8.25 -6.21
N LYS A 421 1.41 8.95 -6.73
CA LYS A 421 0.14 8.41 -7.16
C LYS A 421 0.31 7.34 -8.21
N ASP A 422 1.07 7.68 -9.29
CA ASP A 422 1.35 6.83 -10.41
C ASP A 422 2.09 5.59 -9.97
N PHE A 423 3.09 5.76 -9.07
CA PHE A 423 3.88 4.67 -8.52
C PHE A 423 3.03 3.69 -7.73
N CYS A 424 2.09 4.18 -6.89
CA CYS A 424 1.17 3.37 -6.13
C CYS A 424 0.25 2.56 -7.01
N GLU A 425 -0.30 3.20 -8.08
CA GLU A 425 -1.13 2.56 -9.09
C GLU A 425 -0.46 1.38 -9.75
N ALA A 426 0.84 1.52 -10.07
CA ALA A 426 1.63 0.48 -10.68
C ALA A 426 1.82 -0.75 -9.82
N LEU A 427 1.96 -0.58 -8.47
CA LEU A 427 2.19 -1.67 -7.54
C LEU A 427 0.93 -2.37 -7.11
N LEU A 428 -0.21 -1.65 -7.05
CA LEU A 428 -1.46 -2.15 -6.51
C LEU A 428 -2.32 -2.70 -7.61
N GLN A 429 -1.79 -2.78 -8.85
CA GLN A 429 -2.42 -3.45 -9.97
C GLN A 429 -2.48 -4.94 -9.71
N LYS A 430 -3.72 -5.51 -9.72
CA LYS A 430 -4.00 -6.91 -9.51
C LYS A 430 -3.47 -7.74 -10.65
N ASP A 431 -2.96 -8.95 -10.31
CA ASP A 431 -2.39 -9.95 -11.19
C ASP A 431 -0.95 -9.57 -11.48
N PRO A 432 -0.01 -10.51 -11.48
CA PRO A 432 1.41 -10.21 -11.55
C PRO A 432 1.87 -9.58 -12.85
N GLU A 433 1.28 -9.98 -14.00
CA GLU A 433 1.69 -9.57 -15.32
C GLU A 433 1.63 -8.07 -15.59
N LYS A 434 0.65 -7.37 -14.97
CA LYS A 434 0.43 -5.96 -15.17
C LYS A 434 1.00 -5.15 -14.04
N ARG A 435 1.66 -5.80 -13.07
CA ARG A 435 2.13 -5.17 -11.87
C ARG A 435 3.58 -4.87 -12.05
N LEU A 436 4.00 -3.65 -11.65
CA LEU A 436 5.37 -3.20 -11.68
C LEU A 436 6.12 -3.95 -10.63
N GLY A 437 7.23 -4.61 -11.04
CA GLY A 437 7.99 -5.41 -10.14
C GLY A 437 8.89 -6.19 -11.01
N PHE A 438 8.87 -7.54 -10.87
CA PHE A 438 9.72 -8.43 -11.59
C PHE A 438 8.97 -8.81 -12.84
N ARG A 439 9.39 -8.25 -13.98
CA ARG A 439 8.79 -8.47 -15.27
C ARG A 439 9.82 -9.12 -16.15
N ASP A 440 10.81 -9.79 -15.52
CA ASP A 440 11.77 -10.69 -16.13
C ASP A 440 12.96 -9.90 -16.56
N GLY A 441 14.06 -10.00 -15.77
CA GLY A 441 15.30 -9.33 -16.00
C GLY A 441 15.19 -7.87 -15.69
N SER A 442 14.23 -7.51 -14.80
CA SER A 442 14.02 -6.15 -14.41
C SER A 442 13.52 -6.14 -12.99
N CYS A 443 14.09 -5.22 -12.19
CA CYS A 443 13.59 -4.78 -10.92
C CYS A 443 14.14 -3.39 -10.75
N ASP A 444 14.95 -2.93 -11.74
CA ASP A 444 15.58 -1.64 -11.78
C ASP A 444 14.79 -0.80 -12.75
N GLY A 445 13.76 -1.41 -13.40
CA GLY A 445 12.82 -0.72 -14.25
C GLY A 445 11.85 0.01 -13.38
N LEU A 446 11.55 -0.57 -12.19
CA LEU A 446 10.77 0.02 -11.13
C LEU A 446 11.42 1.28 -10.64
N ARG A 447 12.76 1.24 -10.44
CA ARG A 447 13.60 2.34 -10.02
C ARG A 447 13.69 3.51 -10.98
N THR A 448 13.16 3.38 -12.22
CA THR A 448 13.26 4.38 -13.26
C THR A 448 12.08 5.32 -13.16
N HIS A 449 11.06 4.98 -12.35
CA HIS A 449 9.84 5.73 -12.20
C HIS A 449 10.11 7.13 -11.70
N PRO A 450 9.36 8.16 -12.12
CA PRO A 450 9.59 9.56 -11.77
C PRO A 450 9.57 9.91 -10.30
N LEU A 451 8.94 9.09 -9.43
CA LEU A 451 8.97 9.23 -7.98
C LEU A 451 10.35 9.41 -7.39
N PHE A 452 11.36 8.76 -8.03
CA PHE A 452 12.73 8.70 -7.59
C PHE A 452 13.59 9.69 -8.32
N ARG A 453 13.00 10.76 -8.94
CA ARG A 453 13.75 11.76 -9.65
C ARG A 453 14.37 12.69 -8.63
N ASP A 454 13.71 12.83 -7.47
CA ASP A 454 14.11 13.63 -6.33
C ASP A 454 15.33 13.03 -5.70
N ILE A 455 15.33 11.69 -5.61
CA ILE A 455 16.31 10.87 -4.96
C ILE A 455 17.44 10.57 -5.92
N SER A 456 18.66 10.40 -5.38
CA SER A 456 19.80 9.90 -6.10
C SER A 456 20.09 8.60 -5.40
N TRP A 457 20.24 7.51 -6.17
CA TRP A 457 20.34 6.17 -5.62
C TRP A 457 21.63 5.93 -4.89
N ARG A 458 22.75 6.49 -5.38
CA ARG A 458 24.06 6.36 -4.75
C ARG A 458 24.14 7.01 -3.39
N GLN A 459 23.52 8.21 -3.25
CA GLN A 459 23.53 8.97 -2.01
C GLN A 459 22.58 8.36 -1.01
N LEU A 460 21.44 7.83 -1.49
CA LEU A 460 20.45 7.09 -0.72
C LEU A 460 21.05 5.86 -0.07
N GLU A 461 21.80 5.05 -0.87
CA GLU A 461 22.46 3.84 -0.46
C GLU A 461 23.56 4.08 0.54
N ALA A 462 24.13 5.31 0.57
CA ALA A 462 25.22 5.67 1.45
C ALA A 462 24.68 6.38 2.67
N GLY A 463 23.35 6.61 2.73
CA GLY A 463 22.65 7.17 3.86
C GLY A 463 22.88 8.64 4.04
N MET A 464 23.34 9.33 2.97
CA MET A 464 23.75 10.71 3.02
C MET A 464 22.56 11.62 2.96
N LEU A 465 21.42 11.11 2.45
CA LEU A 465 20.20 11.87 2.31
C LEU A 465 19.43 11.67 3.59
N THR A 466 18.80 12.75 4.08
CA THR A 466 18.10 12.77 5.34
C THR A 466 16.71 13.29 5.03
N PRO A 467 15.66 12.85 5.72
CA PRO A 467 14.29 13.26 5.42
C PRO A 467 14.02 14.52 6.22
N PRO A 468 12.97 15.28 5.90
CA PRO A 468 12.58 16.44 6.70
C PRO A 468 11.92 16.13 8.04
N PHE A 469 12.32 15.05 8.74
CA PHE A 469 11.88 14.76 10.09
C PHE A 469 12.62 13.53 10.47
N VAL A 470 13.43 13.66 11.55
CA VAL A 470 14.17 12.58 12.15
C VAL A 470 13.60 12.54 13.54
N PRO A 471 13.04 11.43 14.04
CA PRO A 471 12.45 11.30 15.38
C PRO A 471 13.30 11.80 16.52
N ASP A 472 12.65 12.47 17.51
CA ASP A 472 13.20 12.94 18.76
C ASP A 472 13.72 11.80 19.61
N SER A 473 14.78 12.08 20.41
CA SER A 473 15.41 11.12 21.29
C SER A 473 14.95 11.34 22.71
N ARG A 474 14.06 12.34 22.93
CA ARG A 474 13.53 12.71 24.21
C ARG A 474 12.07 12.35 24.28
N THR A 475 11.55 11.66 23.25
CA THR A 475 10.17 11.24 23.18
C THR A 475 10.25 9.76 22.94
N VAL A 476 9.47 8.98 23.74
CA VAL A 476 9.45 7.54 23.68
C VAL A 476 8.34 7.16 22.74
N TYR A 477 8.59 6.13 21.88
CA TYR A 477 7.66 5.66 20.90
C TYR A 477 7.28 4.28 21.32
N ALA A 478 6.01 4.11 21.72
CA ALA A 478 5.45 2.85 22.11
C ALA A 478 3.99 3.00 21.83
N LYS A 479 3.30 1.87 21.56
CA LYS A 479 1.88 1.87 21.27
C LYS A 479 1.07 1.85 22.53
N ASN A 480 0.60 0.65 22.96
CA ASN A 480 -0.20 0.51 24.15
C ASN A 480 0.16 -0.77 24.84
N ILE A 481 -0.32 -0.87 26.10
CA ILE A 481 -0.07 -1.94 27.03
C ILE A 481 -1.41 -2.26 27.65
N GLN A 482 -2.41 -1.38 27.42
CA GLN A 482 -3.76 -1.52 27.90
C GLN A 482 -4.73 -1.76 26.78
N ASP A 483 -4.29 -1.65 25.51
CA ASP A 483 -5.12 -1.87 24.34
C ASP A 483 -4.59 -3.06 23.60
N VAL A 484 -3.69 -3.84 24.26
CA VAL A 484 -3.16 -5.08 23.79
C VAL A 484 -4.24 -6.13 23.60
N GLY A 485 -4.07 -6.97 22.56
CA GLY A 485 -5.03 -7.99 22.17
C GLY A 485 -4.85 -9.22 23.02
N ALA A 486 -5.48 -10.34 22.61
CA ALA A 486 -5.40 -11.56 23.36
C ALA A 486 -5.75 -12.71 22.45
N PHE A 487 -5.26 -13.90 22.82
CA PHE A 487 -5.54 -15.14 22.14
C PHE A 487 -5.24 -16.18 23.17
N GLU A 488 -5.95 -17.34 23.09
CA GLU A 488 -5.98 -18.46 24.01
C GLU A 488 -4.70 -18.73 24.76
N GLU A 489 -4.83 -18.85 26.10
CA GLU A 489 -3.82 -19.43 26.95
C GLU A 489 -4.42 -20.68 27.51
N VAL A 490 -3.59 -21.75 27.61
CA VAL A 490 -4.02 -23.13 27.59
C VAL A 490 -4.93 -23.49 28.73
N LYS A 491 -5.90 -24.39 28.45
CA LYS A 491 -6.87 -24.85 29.41
C LYS A 491 -6.38 -26.19 29.92
N GLY A 492 -6.81 -27.29 29.27
CA GLY A 492 -6.34 -28.63 29.56
C GLY A 492 -5.05 -28.88 28.86
N VAL A 493 -4.81 -28.12 27.76
CA VAL A 493 -3.80 -28.37 26.75
C VAL A 493 -2.44 -28.22 27.37
N ALA A 494 -1.48 -29.08 26.96
CA ALA A 494 -0.21 -29.18 27.63
C ALA A 494 0.77 -29.54 26.56
N PHE A 495 2.02 -29.03 26.71
CA PHE A 495 3.07 -29.12 25.71
C PHE A 495 3.51 -30.56 25.62
N GLU A 496 3.72 -31.04 24.37
CA GLU A 496 4.24 -32.35 24.07
C GLU A 496 5.72 -32.35 24.25
N LYS A 497 6.33 -33.56 24.37
CA LYS A 497 7.76 -33.76 24.41
C LYS A 497 8.48 -33.11 23.25
N ALA A 498 7.91 -33.25 22.03
CA ALA A 498 8.35 -32.64 20.80
C ALA A 498 8.45 -31.14 20.87
N ASP A 499 7.40 -30.50 21.44
CA ASP A 499 7.28 -29.07 21.66
C ASP A 499 8.37 -28.53 22.56
N THR A 500 8.59 -29.21 23.72
CA THR A 500 9.63 -28.93 24.69
C THR A 500 11.01 -29.00 24.08
N GLU A 501 11.22 -29.99 23.18
CA GLU A 501 12.46 -30.21 22.46
C GLU A 501 12.73 -29.12 21.49
N PHE A 502 11.68 -28.58 20.82
CA PHE A 502 11.80 -27.42 19.97
C PHE A 502 12.19 -26.20 20.76
N PHE A 503 11.60 -26.01 21.97
CA PHE A 503 11.86 -24.85 22.80
C PHE A 503 13.30 -24.76 23.26
N GLN A 504 13.89 -25.90 23.73
CA GLN A 504 15.30 -25.99 24.08
C GLN A 504 16.22 -25.75 22.92
N GLU A 505 15.89 -26.32 21.74
CA GLU A 505 16.66 -26.25 20.52
C GLU A 505 16.73 -24.84 19.99
N PHE A 506 15.58 -24.14 20.02
CA PHE A 506 15.40 -22.74 19.66
C PHE A 506 16.37 -21.87 20.42
N ALA A 507 16.45 -22.08 21.76
CA ALA A 507 17.32 -21.33 22.63
C ALA A 507 18.75 -21.74 22.36
N SER A 508 19.62 -20.74 22.13
CA SER A 508 20.96 -20.94 21.67
C SER A 508 21.86 -20.43 22.76
N GLU B 4 -15.55 14.44 -25.12
CA GLU B 4 -15.19 15.47 -24.19
C GLU B 4 -13.70 15.55 -24.19
N VAL B 5 -13.01 14.39 -24.00
CA VAL B 5 -11.61 14.23 -24.31
C VAL B 5 -11.40 14.46 -25.77
N GLN B 6 -10.71 15.57 -26.09
CA GLN B 6 -10.60 16.06 -27.43
C GLN B 6 -9.29 16.77 -27.49
N LEU B 7 -8.64 16.70 -28.67
CA LEU B 7 -7.47 17.47 -28.97
C LEU B 7 -7.80 18.18 -30.26
N VAL B 8 -7.60 19.53 -30.28
CA VAL B 8 -7.80 20.34 -31.46
C VAL B 8 -6.48 20.98 -31.74
N GLU B 9 -5.83 20.55 -32.85
CA GLU B 9 -4.62 21.14 -33.35
C GLU B 9 -4.85 22.50 -33.96
N SER B 10 -3.82 23.37 -33.91
CA SER B 10 -3.77 24.60 -34.66
C SER B 10 -2.32 24.95 -34.89
N GLY B 11 -2.05 25.99 -35.71
CA GLY B 11 -0.73 26.59 -35.84
C GLY B 11 0.07 26.10 -37.02
N GLY B 12 -0.58 25.38 -37.97
CA GLY B 12 0.03 24.98 -39.22
C GLY B 12 0.17 26.12 -40.19
N GLY B 13 0.63 25.83 -41.43
CA GLY B 13 0.87 26.83 -42.43
C GLY B 13 1.98 26.37 -43.33
N LEU B 14 2.38 27.27 -44.26
CA LEU B 14 3.52 27.07 -45.13
C LEU B 14 4.70 27.66 -44.41
N VAL B 15 5.86 26.98 -44.49
CA VAL B 15 7.05 27.39 -43.80
C VAL B 15 8.20 26.97 -44.68
N GLN B 16 9.24 27.82 -44.78
CA GLN B 16 10.46 27.58 -45.52
C GLN B 16 11.24 26.40 -44.96
N PRO B 17 11.94 25.59 -45.76
CA PRO B 17 12.91 24.61 -45.29
C PRO B 17 14.06 25.26 -44.56
N GLY B 18 14.42 24.73 -43.37
CA GLY B 18 15.49 25.21 -42.55
C GLY B 18 15.01 26.31 -41.64
N GLY B 19 13.69 26.62 -41.70
CA GLY B 19 13.04 27.61 -40.88
C GLY B 19 12.62 26.98 -39.59
N SER B 20 11.53 27.51 -39.02
CA SER B 20 11.03 27.00 -37.77
C SER B 20 9.57 27.36 -37.70
N LEU B 21 8.82 26.56 -36.93
CA LEU B 21 7.39 26.72 -36.80
C LEU B 21 7.06 26.14 -35.47
N ARG B 22 5.96 26.63 -34.84
CA ARG B 22 5.54 26.17 -33.55
C ARG B 22 4.11 25.76 -33.75
N LEU B 23 3.82 24.49 -33.40
CA LEU B 23 2.50 23.92 -33.45
C LEU B 23 1.97 23.93 -32.05
N SER B 24 0.64 24.10 -31.94
CA SER B 24 -0.07 24.08 -30.68
C SER B 24 -1.14 23.04 -30.79
N CYS B 25 -1.35 22.29 -29.68
CA CYS B 25 -2.35 21.28 -29.54
C CYS B 25 -3.09 21.65 -28.30
N ALA B 26 -4.36 22.09 -28.46
CA ALA B 26 -5.19 22.48 -27.35
C ALA B 26 -5.91 21.25 -26.89
N ALA B 27 -5.81 20.99 -25.58
CA ALA B 27 -6.29 19.80 -24.94
C ALA B 27 -7.46 20.15 -24.09
N SER B 28 -8.46 19.24 -24.05
CA SER B 28 -9.62 19.44 -23.22
C SER B 28 -10.15 18.09 -22.84
N GLY B 29 -10.92 18.04 -21.74
CA GLY B 29 -11.57 16.86 -21.23
C GLY B 29 -10.72 16.11 -20.26
N PHE B 30 -9.53 16.66 -19.92
CA PHE B 30 -8.64 16.03 -18.98
C PHE B 30 -7.72 17.11 -18.48
N ASN B 31 -7.08 16.84 -17.33
CA ASN B 31 -6.11 17.73 -16.73
C ASN B 31 -4.79 17.39 -17.35
N LEU B 32 -4.13 18.39 -17.97
CA LEU B 32 -2.90 18.22 -18.71
C LEU B 32 -1.78 17.72 -17.85
N TYR B 33 -1.66 18.24 -16.60
CA TYR B 33 -0.63 17.86 -15.65
C TYR B 33 -0.77 16.42 -15.18
N SER B 34 -1.93 15.78 -15.47
CA SER B 34 -2.23 14.41 -15.09
C SER B 34 -2.14 13.48 -16.27
N SER B 35 -1.57 13.91 -17.42
CA SER B 35 -1.43 13.05 -18.59
C SER B 35 -0.17 13.44 -19.29
N SER B 36 0.66 12.43 -19.65
CA SER B 36 1.78 12.56 -20.55
C SER B 36 1.30 12.93 -21.93
N ILE B 37 2.15 13.63 -22.73
CA ILE B 37 1.72 14.10 -24.04
C ILE B 37 2.86 13.78 -24.98
N HIS B 38 2.49 13.46 -26.25
CA HIS B 38 3.43 13.08 -27.27
C HIS B 38 3.02 13.76 -28.55
N TRP B 39 3.92 13.76 -29.56
CA TRP B 39 3.65 14.14 -30.92
C TRP B 39 3.97 12.95 -31.79
N VAL B 40 3.12 12.69 -32.81
CA VAL B 40 3.28 11.63 -33.79
C VAL B 40 3.05 12.33 -35.12
N ARG B 41 3.71 11.91 -36.23
CA ARG B 41 3.53 12.54 -37.51
C ARG B 41 3.24 11.47 -38.52
N GLN B 42 2.59 11.87 -39.64
CA GLN B 42 2.28 11.01 -40.76
C GLN B 42 2.65 11.68 -42.04
N ALA B 43 3.67 11.13 -42.75
CA ALA B 43 4.01 11.47 -44.12
C ALA B 43 2.85 11.05 -45.00
N PRO B 44 2.43 11.80 -46.02
CA PRO B 44 1.22 11.56 -46.80
C PRO B 44 1.14 10.18 -47.44
N GLY B 45 0.14 9.37 -47.01
CA GLY B 45 -0.14 8.06 -47.54
C GLY B 45 0.86 7.04 -47.10
N LYS B 46 1.43 7.20 -45.87
CA LYS B 46 2.47 6.34 -45.35
C LYS B 46 2.07 5.98 -43.95
N GLY B 47 3.00 5.33 -43.21
CA GLY B 47 2.91 4.96 -41.82
C GLY B 47 2.85 6.14 -40.88
N LEU B 48 3.02 5.82 -39.58
CA LEU B 48 3.00 6.78 -38.50
C LEU B 48 4.34 6.67 -37.81
N GLU B 49 5.02 7.82 -37.58
CA GLU B 49 6.27 7.87 -36.86
C GLU B 49 6.07 8.68 -35.62
N TRP B 50 6.43 8.12 -34.44
CA TRP B 50 6.46 8.82 -33.17
C TRP B 50 7.59 9.84 -33.19
N VAL B 51 7.33 11.05 -32.63
CA VAL B 51 8.25 12.16 -32.70
C VAL B 51 8.88 12.34 -31.34
N ALA B 52 8.08 12.57 -30.27
CA ALA B 52 8.64 12.87 -28.98
C ALA B 52 7.58 12.70 -27.93
N SER B 53 8.01 12.48 -26.66
CA SER B 53 7.12 12.45 -25.53
C SER B 53 7.72 13.29 -24.43
N ILE B 54 6.86 13.77 -23.51
CA ILE B 54 7.27 14.44 -22.29
C ILE B 54 6.30 14.00 -21.24
N TYR B 55 6.85 13.64 -20.05
CA TYR B 55 6.20 13.16 -18.85
C TYR B 55 4.95 13.93 -18.45
N SER B 56 4.09 13.24 -17.65
CA SER B 56 2.77 13.60 -17.23
C SER B 56 2.74 14.87 -16.43
N TYR B 57 3.65 15.02 -15.45
CA TYR B 57 3.73 16.17 -14.59
C TYR B 57 4.90 17.00 -15.05
N TYR B 58 5.53 16.57 -16.17
CA TYR B 58 6.46 17.31 -16.99
C TYR B 58 7.82 17.35 -16.37
N GLY B 59 8.79 16.73 -17.08
CA GLY B 59 10.09 16.47 -16.56
C GLY B 59 10.86 15.86 -17.69
N SER B 60 11.11 14.53 -17.60
CA SER B 60 11.85 13.73 -18.55
C SER B 60 11.22 13.76 -19.93
N THR B 61 12.10 13.72 -20.97
CA THR B 61 11.73 13.80 -22.37
C THR B 61 12.46 12.69 -23.07
N SER B 62 11.83 12.13 -24.13
CA SER B 62 12.50 11.21 -25.01
C SER B 62 12.08 11.60 -26.40
N TYR B 63 12.87 11.20 -27.41
CA TYR B 63 12.71 11.65 -28.77
C TYR B 63 13.06 10.47 -29.63
N ALA B 64 12.39 10.36 -30.81
CA ALA B 64 12.82 9.51 -31.90
C ALA B 64 14.08 10.11 -32.47
N ASP B 65 15.07 9.26 -32.83
CA ASP B 65 16.41 9.66 -33.22
C ASP B 65 16.50 10.62 -34.39
N SER B 66 15.61 10.46 -35.40
CA SER B 66 15.60 11.27 -36.59
C SER B 66 15.24 12.72 -36.37
N VAL B 67 14.43 13.00 -35.32
CA VAL B 67 13.91 14.32 -35.00
C VAL B 67 14.55 14.82 -33.73
N LYS B 68 15.37 13.99 -33.06
CA LYS B 68 15.95 14.26 -31.76
C LYS B 68 16.83 15.47 -31.79
N GLY B 69 16.58 16.41 -30.85
CA GLY B 69 17.30 17.65 -30.72
C GLY B 69 16.69 18.73 -31.56
N ARG B 70 16.40 18.41 -32.85
CA ARG B 70 15.84 19.32 -33.82
C ARG B 70 14.50 19.84 -33.40
N PHE B 71 13.63 18.96 -32.88
CA PHE B 71 12.31 19.32 -32.43
C PHE B 71 12.36 19.16 -30.94
N THR B 72 11.72 20.12 -30.24
CA THR B 72 11.69 20.21 -28.81
C THR B 72 10.23 20.23 -28.44
N ILE B 73 9.80 19.18 -27.71
CA ILE B 73 8.47 19.06 -27.18
C ILE B 73 8.42 19.87 -25.90
N SER B 74 7.25 20.51 -25.64
CA SER B 74 7.06 21.29 -24.45
C SER B 74 5.58 21.37 -24.23
N ALA B 75 5.16 21.90 -23.06
CA ALA B 75 3.78 22.03 -22.73
C ALA B 75 3.68 23.05 -21.65
N ASP B 76 2.47 23.63 -21.47
CA ASP B 76 2.18 24.54 -20.40
C ASP B 76 0.87 24.06 -19.83
N THR B 77 0.89 23.69 -18.54
CA THR B 77 -0.22 23.07 -17.84
C THR B 77 -1.26 24.08 -17.43
N SER B 78 -0.91 25.39 -17.46
CA SER B 78 -1.80 26.44 -17.05
C SER B 78 -2.56 26.97 -18.24
N LYS B 79 -2.21 26.48 -19.45
CA LYS B 79 -2.88 26.84 -20.68
C LYS B 79 -3.64 25.64 -21.16
N ASN B 80 -3.29 24.44 -20.63
CA ASN B 80 -3.76 23.14 -21.08
C ASN B 80 -3.45 22.92 -22.54
N THR B 81 -2.19 23.20 -22.94
CA THR B 81 -1.79 23.23 -24.32
C THR B 81 -0.44 22.61 -24.34
N ALA B 82 -0.20 21.73 -25.33
CA ALA B 82 1.08 21.14 -25.60
C ALA B 82 1.55 21.77 -26.87
N TYR B 83 2.88 21.97 -26.99
CA TYR B 83 3.47 22.68 -28.09
C TYR B 83 4.55 21.79 -28.63
N LEU B 84 4.85 21.94 -29.94
CA LEU B 84 6.01 21.33 -30.52
C LEU B 84 6.69 22.43 -31.25
N GLN B 85 7.91 22.75 -30.81
CA GLN B 85 8.76 23.73 -31.42
C GLN B 85 9.62 22.96 -32.37
N MET B 86 9.56 23.31 -33.67
CA MET B 86 10.22 22.56 -34.70
C MET B 86 11.24 23.49 -35.29
N ASN B 87 12.53 23.12 -35.11
CA ASN B 87 13.68 23.87 -35.54
C ASN B 87 14.44 23.02 -36.54
N SER B 88 14.85 23.63 -37.67
CA SER B 88 15.69 23.00 -38.68
C SER B 88 14.91 22.04 -39.53
N LEU B 89 13.81 22.54 -40.15
CA LEU B 89 12.94 21.80 -41.02
C LEU B 89 13.64 21.25 -42.24
N ARG B 90 13.14 20.11 -42.75
CA ARG B 90 13.74 19.37 -43.82
C ARG B 90 12.62 18.97 -44.73
N ALA B 91 12.97 18.49 -45.95
CA ALA B 91 12.00 18.10 -46.97
C ALA B 91 11.12 16.95 -46.52
N GLU B 92 11.70 15.94 -45.82
CA GLU B 92 11.01 14.79 -45.28
C GLU B 92 10.08 15.11 -44.14
N ASP B 93 10.19 16.33 -43.56
CA ASP B 93 9.38 16.79 -42.45
C ASP B 93 8.03 17.23 -42.91
N THR B 94 7.82 17.42 -44.24
CA THR B 94 6.54 17.78 -44.83
C THR B 94 5.53 16.71 -44.49
N ALA B 95 4.57 17.03 -43.61
CA ALA B 95 3.68 16.02 -43.09
C ALA B 95 2.52 16.70 -42.44
N VAL B 96 1.43 15.91 -42.22
CA VAL B 96 0.41 16.20 -41.26
C VAL B 96 0.95 15.80 -39.90
N TYR B 97 0.85 16.70 -38.90
CA TYR B 97 1.35 16.49 -37.56
C TYR B 97 0.21 16.32 -36.61
N TYR B 98 0.30 15.25 -35.79
CA TYR B 98 -0.66 14.82 -34.80
C TYR B 98 -0.06 14.97 -33.43
N CYS B 99 -0.88 15.44 -32.47
CA CYS B 99 -0.60 15.26 -31.06
C CYS B 99 -1.37 14.04 -30.65
N ALA B 100 -0.93 13.38 -29.56
CA ALA B 100 -1.65 12.26 -29.03
C ALA B 100 -1.49 12.37 -27.56
N ARG B 101 -2.28 11.55 -26.83
CA ARG B 101 -2.35 11.53 -25.40
C ARG B 101 -1.80 10.20 -24.99
N TYR B 102 -1.49 10.08 -23.69
CA TYR B 102 -0.89 8.93 -23.11
C TYR B 102 -1.34 9.02 -21.68
N GLU B 103 -1.01 8.02 -20.85
CA GLU B 103 -1.30 8.08 -19.44
C GLU B 103 -0.15 7.44 -18.72
N GLY B 104 0.35 8.11 -17.64
CA GLY B 104 1.43 7.70 -16.78
C GLY B 104 2.66 7.32 -17.54
N TRP B 105 3.47 6.40 -16.98
CA TRP B 105 4.77 6.12 -17.50
C TRP B 105 5.40 5.12 -16.58
N TRP B 106 5.79 3.96 -17.17
CA TRP B 106 6.35 2.78 -16.55
C TRP B 106 5.32 1.98 -15.82
N TRP B 107 4.51 1.20 -16.60
CA TRP B 107 3.58 0.20 -16.10
C TRP B 107 2.48 0.82 -15.29
N ALA B 108 1.94 1.96 -15.77
CA ALA B 108 1.08 2.79 -14.96
C ALA B 108 -0.33 2.27 -14.98
N ASN B 109 -0.66 1.49 -16.01
CA ASN B 109 -1.94 0.85 -16.17
C ASN B 109 -1.83 -0.01 -17.40
N THR B 110 -0.67 0.05 -18.11
CA THR B 110 -0.41 -0.67 -19.34
C THR B 110 -1.22 0.03 -20.42
N TYR B 111 -1.07 1.37 -20.42
CA TYR B 111 -1.55 2.35 -21.36
C TYR B 111 -1.45 2.06 -22.83
N ALA B 112 -2.16 2.84 -23.67
CA ALA B 112 -1.84 2.93 -25.07
C ALA B 112 -2.33 4.28 -25.49
N LEU B 113 -1.98 4.72 -26.74
CA LEU B 113 -2.06 6.09 -27.18
C LEU B 113 -3.49 6.23 -27.60
N ASP B 114 -4.31 6.82 -26.71
CA ASP B 114 -5.74 6.60 -26.73
C ASP B 114 -6.51 7.73 -27.32
N TYR B 115 -5.94 8.95 -27.41
CA TYR B 115 -6.65 10.07 -27.99
C TYR B 115 -5.66 10.77 -28.86
N TRP B 116 -6.09 11.09 -30.10
CA TRP B 116 -5.26 11.71 -31.09
C TRP B 116 -5.99 12.94 -31.55
N GLY B 117 -5.24 13.94 -32.05
CA GLY B 117 -5.79 15.06 -32.79
C GLY B 117 -6.21 14.61 -34.17
N GLN B 118 -6.71 15.56 -34.98
CA GLN B 118 -7.14 15.32 -36.33
C GLN B 118 -6.04 15.75 -37.26
N GLY B 119 -4.92 16.23 -36.66
CA GLY B 119 -3.74 16.71 -37.31
C GLY B 119 -3.89 18.10 -37.86
N THR B 120 -2.73 18.75 -38.09
CA THR B 120 -2.63 20.07 -38.65
C THR B 120 -1.54 19.94 -39.66
N LEU B 121 -1.76 20.54 -40.86
CA LEU B 121 -0.88 20.36 -41.99
C LEU B 121 0.24 21.34 -41.87
N VAL B 122 1.47 20.81 -41.98
CA VAL B 122 2.67 21.58 -42.05
C VAL B 122 3.20 21.27 -43.41
N THR B 123 3.54 22.32 -44.19
CA THR B 123 4.07 22.13 -45.51
C THR B 123 5.40 22.79 -45.46
N VAL B 124 6.49 22.01 -45.69
CA VAL B 124 7.82 22.53 -45.72
C VAL B 124 8.13 22.64 -47.19
N SER B 125 8.25 23.88 -47.73
CA SER B 125 8.51 24.06 -49.13
C SER B 125 8.88 25.52 -49.32
N SER B 126 9.54 25.83 -50.46
CA SER B 126 9.91 27.16 -50.86
C SER B 126 9.47 27.27 -52.29
N ALA B 127 8.66 28.32 -52.59
CA ALA B 127 8.11 28.64 -53.89
C ALA B 127 6.90 29.47 -53.61
N SER B 128 6.58 30.40 -54.53
CA SER B 128 5.40 31.24 -54.47
C SER B 128 4.26 30.51 -55.15
N THR B 129 3.01 30.88 -54.80
CA THR B 129 1.80 30.35 -55.40
C THR B 129 1.77 30.66 -56.88
N LYS B 130 1.26 29.69 -57.68
CA LYS B 130 1.35 29.70 -59.10
C LYS B 130 0.11 29.04 -59.62
N GLY B 131 -0.57 29.68 -60.61
CA GLY B 131 -1.72 29.12 -61.29
C GLY B 131 -1.27 28.06 -62.27
N PRO B 132 -2.12 27.14 -62.70
CA PRO B 132 -1.72 26.06 -63.58
C PRO B 132 -1.76 26.50 -65.01
N SER B 133 -0.83 25.96 -65.83
CA SER B 133 -0.96 25.96 -67.26
C SER B 133 -1.64 24.65 -67.57
N VAL B 134 -2.69 24.71 -68.41
CA VAL B 134 -3.55 23.61 -68.72
C VAL B 134 -3.42 23.36 -70.18
N PHE B 135 -2.98 22.14 -70.55
CA PHE B 135 -2.74 21.79 -71.92
C PHE B 135 -3.71 20.66 -72.19
N PRO B 136 -4.40 20.59 -73.33
CA PRO B 136 -5.23 19.46 -73.68
C PRO B 136 -4.31 18.32 -74.07
N LEU B 137 -4.65 17.08 -73.69
CA LEU B 137 -3.98 15.89 -74.14
C LEU B 137 -4.86 15.32 -75.19
N ALA B 138 -4.51 15.61 -76.46
CA ALA B 138 -5.27 15.23 -77.63
C ALA B 138 -5.35 13.72 -77.76
N PRO B 139 -6.51 13.12 -78.04
CA PRO B 139 -6.63 11.71 -78.40
C PRO B 139 -5.89 11.38 -79.67
N SER B 140 -5.67 10.09 -79.92
CA SER B 140 -4.90 9.60 -81.03
C SER B 140 -5.89 9.09 -82.03
N SER B 141 -5.42 8.93 -83.28
CA SER B 141 -6.17 8.34 -84.35
C SER B 141 -5.66 6.93 -84.53
N LYS B 142 -4.74 6.50 -83.64
CA LYS B 142 -4.14 5.19 -83.62
C LYS B 142 -4.63 4.46 -82.39
N SER B 143 -5.48 5.10 -81.55
CA SER B 143 -6.11 4.48 -80.41
C SER B 143 -7.51 4.06 -80.82
N THR B 144 -7.92 4.46 -82.06
CA THR B 144 -9.09 4.06 -82.82
C THR B 144 -9.21 2.55 -82.95
N SER B 145 -8.07 1.83 -82.79
CA SER B 145 -7.92 0.40 -82.83
C SER B 145 -8.75 -0.40 -81.85
N GLY B 146 -9.36 0.23 -80.84
CA GLY B 146 -10.22 -0.42 -79.87
C GLY B 146 -11.63 0.08 -79.98
N GLY B 147 -11.83 1.15 -80.78
CA GLY B 147 -13.11 1.80 -80.97
C GLY B 147 -13.38 2.85 -79.92
N THR B 148 -12.51 2.93 -78.89
CA THR B 148 -12.64 3.83 -77.78
C THR B 148 -11.33 4.56 -77.70
N ALA B 149 -11.39 5.89 -77.47
CA ALA B 149 -10.23 6.72 -77.34
C ALA B 149 -10.28 7.35 -75.99
N ALA B 150 -9.12 7.49 -75.31
CA ALA B 150 -9.02 8.23 -74.09
C ALA B 150 -8.30 9.52 -74.39
N LEU B 151 -8.79 10.61 -73.78
CA LEU B 151 -8.27 11.94 -73.95
C LEU B 151 -8.30 12.54 -72.59
N GLY B 152 -7.62 13.68 -72.40
CA GLY B 152 -7.52 14.21 -71.07
C GLY B 152 -6.94 15.57 -71.12
N CYS B 153 -6.50 16.07 -69.95
CA CYS B 153 -5.89 17.36 -69.80
C CYS B 153 -4.78 17.16 -68.83
N LEU B 154 -3.65 17.83 -69.12
CA LEU B 154 -2.47 17.81 -68.30
C LEU B 154 -2.44 19.15 -67.63
N VAL B 155 -2.56 19.14 -66.28
CA VAL B 155 -2.60 20.33 -65.46
C VAL B 155 -1.28 20.36 -64.79
N LYS B 156 -0.40 21.26 -65.24
CA LYS B 156 1.02 21.17 -65.00
C LYS B 156 1.55 22.45 -64.40
N ASP B 157 2.53 22.33 -63.47
CA ASP B 157 3.33 23.42 -62.95
C ASP B 157 2.53 24.40 -62.10
N TYR B 158 1.77 23.88 -61.11
CA TYR B 158 1.04 24.70 -60.17
C TYR B 158 1.67 24.46 -58.82
N PHE B 159 1.48 25.43 -57.90
CA PHE B 159 1.88 25.27 -56.53
C PHE B 159 0.95 26.14 -55.73
N PRO B 160 0.52 25.82 -54.52
CA PRO B 160 0.60 24.52 -53.87
C PRO B 160 -0.66 23.76 -54.24
N GLU B 161 -0.83 22.53 -53.72
CA GLU B 161 -2.05 21.76 -53.77
C GLU B 161 -3.23 22.50 -53.16
N PRO B 162 -4.48 22.33 -53.60
CA PRO B 162 -4.88 21.31 -54.55
C PRO B 162 -5.51 21.97 -55.77
N VAL B 163 -5.47 21.31 -56.94
CA VAL B 163 -6.34 21.63 -58.05
C VAL B 163 -7.47 20.64 -58.02
N THR B 164 -8.61 21.04 -58.60
CA THR B 164 -9.72 20.16 -58.88
C THR B 164 -9.88 20.22 -60.37
N VAL B 165 -10.13 19.06 -61.01
CA VAL B 165 -10.38 18.97 -62.43
C VAL B 165 -11.68 18.22 -62.53
N SER B 166 -12.62 18.80 -63.31
CA SER B 166 -13.90 18.21 -63.60
C SER B 166 -14.02 18.27 -65.09
N TRP B 167 -15.00 17.53 -65.66
CA TRP B 167 -15.24 17.49 -67.08
C TRP B 167 -16.64 17.92 -67.32
N ASN B 168 -16.79 18.90 -68.25
CA ASN B 168 -18.04 19.50 -68.68
C ASN B 168 -18.79 20.09 -67.51
N SER B 169 -18.03 20.75 -66.60
CA SER B 169 -18.50 21.46 -65.43
C SER B 169 -19.04 20.53 -64.37
N GLY B 170 -18.58 19.25 -64.37
CA GLY B 170 -19.03 18.25 -63.43
C GLY B 170 -20.13 17.41 -63.97
N ALA B 171 -20.59 17.67 -65.22
CA ALA B 171 -21.68 16.93 -65.85
C ALA B 171 -21.20 15.60 -66.37
N LEU B 172 -19.87 15.46 -66.58
CA LEU B 172 -19.24 14.27 -67.05
C LEU B 172 -18.29 13.89 -65.95
N THR B 173 -18.49 12.68 -65.38
CA THR B 173 -17.79 12.20 -64.22
C THR B 173 -17.70 10.70 -64.36
N SER B 174 -18.39 10.12 -65.37
CA SER B 174 -18.40 8.70 -65.62
C SER B 174 -17.23 8.38 -66.50
N GLY B 175 -16.30 7.56 -65.97
CA GLY B 175 -15.07 7.19 -66.63
C GLY B 175 -14.03 8.25 -66.45
N VAL B 176 -14.34 9.31 -65.67
CA VAL B 176 -13.42 10.38 -65.34
C VAL B 176 -12.58 9.89 -64.22
N HIS B 177 -11.25 9.87 -64.45
CA HIS B 177 -10.30 9.51 -63.44
C HIS B 177 -9.42 10.70 -63.30
N THR B 178 -9.54 11.37 -62.14
CA THR B 178 -8.73 12.50 -61.78
C THR B 178 -7.81 11.89 -60.78
N PHE B 179 -6.51 11.81 -61.15
CA PHE B 179 -5.51 11.15 -60.36
C PHE B 179 -5.09 12.10 -59.26
N PRO B 180 -4.70 11.64 -58.07
CA PRO B 180 -4.03 12.47 -57.09
C PRO B 180 -2.82 13.18 -57.64
N ALA B 181 -2.51 14.39 -57.09
CA ALA B 181 -1.36 15.18 -57.42
C ALA B 181 -0.09 14.44 -57.17
N VAL B 182 0.90 14.62 -58.08
CA VAL B 182 2.20 14.04 -57.93
C VAL B 182 3.08 15.24 -57.77
N LEU B 183 4.06 15.17 -56.83
CA LEU B 183 5.06 16.19 -56.64
C LEU B 183 6.16 15.89 -57.60
N GLN B 184 6.46 16.86 -58.50
CA GLN B 184 7.51 16.76 -59.48
C GLN B 184 8.80 17.21 -58.84
N SER B 185 9.90 17.08 -59.60
CA SER B 185 11.23 17.45 -59.15
C SER B 185 11.52 18.89 -59.49
N SER B 186 10.47 19.64 -59.90
CA SER B 186 10.53 21.06 -60.11
C SER B 186 10.00 21.78 -58.90
N GLY B 187 9.44 21.01 -57.92
CA GLY B 187 8.85 21.53 -56.71
C GLY B 187 7.49 22.10 -56.97
N LEU B 188 6.89 21.73 -58.14
CA LEU B 188 5.58 22.14 -58.54
C LEU B 188 4.83 20.86 -58.76
N TYR B 189 3.52 20.86 -58.46
CA TYR B 189 2.70 19.69 -58.56
C TYR B 189 2.15 19.62 -59.95
N SER B 190 1.80 18.39 -60.40
CA SER B 190 1.23 18.14 -61.71
C SER B 190 0.33 16.96 -61.56
N LEU B 191 -0.81 16.97 -62.29
CA LEU B 191 -1.68 15.83 -62.39
C LEU B 191 -2.27 15.82 -63.75
N SER B 192 -2.74 14.63 -64.19
CA SER B 192 -3.49 14.49 -65.41
C SER B 192 -4.83 13.98 -64.99
N SER B 193 -5.87 14.41 -65.73
CA SER B 193 -7.23 13.98 -65.54
C SER B 193 -7.63 13.51 -66.90
N VAL B 194 -8.24 12.30 -66.98
CA VAL B 194 -8.54 11.68 -68.24
C VAL B 194 -9.97 11.20 -68.20
N VAL B 195 -10.53 10.99 -69.41
CA VAL B 195 -11.86 10.46 -69.60
C VAL B 195 -11.76 9.63 -70.86
N THR B 196 -12.40 8.44 -70.86
CA THR B 196 -12.49 7.59 -72.03
C THR B 196 -13.83 7.83 -72.65
N VAL B 197 -13.80 8.09 -73.98
CA VAL B 197 -14.94 8.44 -74.77
C VAL B 197 -14.90 7.50 -75.96
N PRO B 198 -15.99 7.28 -76.69
CA PRO B 198 -15.98 6.68 -78.02
C PRO B 198 -15.07 7.39 -78.99
N SER B 199 -14.22 6.64 -79.73
CA SER B 199 -13.31 7.15 -80.75
C SER B 199 -14.12 7.84 -81.85
N SER B 200 -15.29 7.24 -82.17
CA SER B 200 -16.26 7.73 -83.13
C SER B 200 -16.80 9.11 -82.84
N SER B 201 -16.88 9.51 -81.54
CA SER B 201 -17.45 10.77 -81.12
C SER B 201 -16.43 11.88 -81.11
N LEU B 202 -15.13 11.58 -81.32
CA LEU B 202 -14.08 12.56 -81.42
C LEU B 202 -14.29 13.51 -82.56
N GLY B 203 -14.00 14.81 -82.32
CA GLY B 203 -14.15 15.88 -83.28
C GLY B 203 -15.59 16.14 -83.61
N THR B 204 -16.51 15.83 -82.67
CA THR B 204 -17.92 16.12 -82.81
C THR B 204 -18.29 16.60 -81.45
N GLN B 205 -18.38 15.69 -80.46
CA GLN B 205 -18.66 15.99 -79.07
C GLN B 205 -17.53 16.79 -78.48
N THR B 206 -17.89 17.81 -77.67
CA THR B 206 -16.95 18.69 -77.02
C THR B 206 -16.64 18.12 -75.66
N TYR B 207 -15.34 17.93 -75.38
CA TYR B 207 -14.86 17.45 -74.12
C TYR B 207 -14.00 18.56 -73.62
N ILE B 208 -14.39 19.11 -72.46
CA ILE B 208 -13.80 20.28 -71.89
C ILE B 208 -13.41 19.86 -70.51
N CYS B 209 -12.12 20.09 -70.14
CA CYS B 209 -11.69 19.96 -68.78
C CYS B 209 -11.82 21.32 -68.17
N ASN B 210 -12.40 21.39 -66.96
CA ASN B 210 -12.60 22.59 -66.22
C ASN B 210 -11.65 22.45 -65.08
N VAL B 211 -10.62 23.33 -65.03
CA VAL B 211 -9.56 23.24 -64.06
C VAL B 211 -9.70 24.45 -63.19
N ASN B 212 -9.76 24.23 -61.86
CA ASN B 212 -9.79 25.28 -60.88
C ASN B 212 -8.63 25.03 -59.95
N HIS B 213 -7.87 26.10 -59.64
CA HIS B 213 -6.79 26.09 -58.69
C HIS B 213 -7.14 27.11 -57.66
N LYS B 214 -7.64 26.65 -56.50
CA LYS B 214 -8.06 27.47 -55.39
C LYS B 214 -7.00 28.36 -54.76
N PRO B 215 -5.71 28.00 -54.58
CA PRO B 215 -4.75 28.89 -53.93
C PRO B 215 -4.29 30.08 -54.75
N SER B 216 -4.93 30.39 -55.89
CA SER B 216 -4.66 31.58 -56.65
C SER B 216 -5.94 32.02 -57.31
N ASN B 217 -7.00 31.17 -57.22
CA ASN B 217 -8.29 31.33 -57.86
C ASN B 217 -8.17 31.43 -59.35
N THR B 218 -7.39 30.50 -59.96
CA THR B 218 -7.04 30.53 -61.36
C THR B 218 -7.84 29.41 -61.96
N LYS B 219 -8.60 29.70 -63.04
CA LYS B 219 -9.44 28.71 -63.68
C LYS B 219 -9.26 28.76 -65.16
N VAL B 220 -8.96 27.58 -65.76
CA VAL B 220 -8.64 27.44 -67.17
C VAL B 220 -9.47 26.29 -67.67
N ASP B 221 -10.25 26.53 -68.76
CA ASP B 221 -11.06 25.54 -69.42
C ASP B 221 -10.42 25.24 -70.76
N LYS B 222 -10.07 23.95 -71.00
CA LYS B 222 -9.39 23.51 -72.21
C LYS B 222 -10.21 22.49 -72.94
N LYS B 223 -10.62 22.85 -74.19
CA LYS B 223 -11.25 21.96 -75.13
C LYS B 223 -10.22 21.02 -75.69
N VAL B 224 -10.54 19.71 -75.63
CA VAL B 224 -9.68 18.63 -76.03
C VAL B 224 -10.22 18.06 -77.31
N GLU B 225 -9.37 18.01 -78.35
CA GLU B 225 -9.78 17.67 -79.69
C GLU B 225 -8.57 17.03 -80.34
N PRO B 226 -8.70 16.13 -81.30
CA PRO B 226 -7.58 15.57 -82.05
C PRO B 226 -7.01 16.59 -83.01
N ASP C 2 16.97 -3.27 -34.49
CA ASP C 2 16.50 -3.06 -33.15
C ASP C 2 15.15 -3.71 -33.10
N ILE C 3 14.06 -2.90 -33.18
CA ILE C 3 12.70 -3.34 -33.01
C ILE C 3 12.07 -3.11 -34.35
N GLN C 4 11.70 -4.21 -35.03
CA GLN C 4 11.25 -4.21 -36.40
C GLN C 4 9.96 -4.95 -36.34
N MET C 5 8.89 -4.37 -36.91
CA MET C 5 7.59 -4.98 -36.94
C MET C 5 7.26 -5.35 -38.36
N THR C 6 6.84 -6.61 -38.52
CA THR C 6 6.41 -7.16 -39.78
C THR C 6 5.02 -7.66 -39.48
N GLN C 7 4.19 -7.70 -40.54
CA GLN C 7 2.86 -8.24 -40.46
C GLN C 7 2.71 -9.14 -41.64
N SER C 8 1.71 -10.04 -41.57
CA SER C 8 1.38 -10.91 -42.66
C SER C 8 -0.09 -11.17 -42.51
N PRO C 9 -0.83 -11.52 -43.56
CA PRO C 9 -0.58 -11.19 -44.97
C PRO C 9 -0.20 -9.75 -45.21
N SER C 10 0.67 -9.47 -46.22
CA SER C 10 1.02 -8.13 -46.65
C SER C 10 -0.19 -7.40 -47.17
N SER C 11 -1.00 -8.10 -48.00
CA SER C 11 -2.29 -7.64 -48.43
C SER C 11 -3.12 -8.89 -48.44
N LEU C 12 -4.45 -8.75 -48.28
CA LEU C 12 -5.35 -9.86 -48.40
C LEU C 12 -6.63 -9.38 -49.02
N SER C 13 -7.21 -10.24 -49.87
CA SER C 13 -8.47 -10.01 -50.53
C SER C 13 -9.53 -10.71 -49.72
N ALA C 14 -10.51 -9.94 -49.24
CA ALA C 14 -11.58 -10.42 -48.39
C ALA C 14 -12.84 -9.77 -48.88
N SER C 15 -14.00 -10.30 -48.43
CA SER C 15 -15.31 -9.82 -48.75
C SER C 15 -15.95 -9.60 -47.39
N VAL C 16 -17.07 -8.84 -47.35
CA VAL C 16 -17.84 -8.63 -46.14
C VAL C 16 -18.39 -9.93 -45.58
N GLY C 17 -18.39 -10.02 -44.23
CA GLY C 17 -18.83 -11.18 -43.49
C GLY C 17 -17.84 -12.31 -43.55
N ASP C 18 -16.54 -11.99 -43.73
CA ASP C 18 -15.48 -12.98 -43.73
C ASP C 18 -14.77 -12.87 -42.41
N ARG C 19 -14.01 -13.92 -42.03
CA ARG C 19 -13.17 -13.89 -40.88
C ARG C 19 -11.76 -13.66 -41.35
N VAL C 20 -11.19 -12.49 -40.98
CA VAL C 20 -9.87 -12.08 -41.35
C VAL C 20 -9.04 -12.25 -40.12
N THR C 21 -7.86 -12.90 -40.28
CA THR C 21 -6.94 -13.12 -39.20
C THR C 21 -5.62 -12.65 -39.75
N ILE C 22 -4.96 -11.71 -39.04
CA ILE C 22 -3.67 -11.20 -39.40
C ILE C 22 -2.80 -11.38 -38.19
N THR C 23 -1.47 -11.45 -38.44
CA THR C 23 -0.49 -11.71 -37.43
C THR C 23 0.49 -10.57 -37.54
N CYS C 24 1.24 -10.33 -36.44
CA CYS C 24 2.29 -9.37 -36.37
C CYS C 24 3.38 -10.06 -35.64
N ARG C 25 4.64 -9.72 -35.98
CA ARG C 25 5.81 -10.30 -35.41
C ARG C 25 6.77 -9.17 -35.19
N ALA C 26 7.37 -9.15 -33.97
CA ALA C 26 8.42 -8.26 -33.58
C ALA C 26 9.70 -9.04 -33.63
N SER C 27 10.82 -8.37 -33.97
CA SER C 27 12.13 -8.99 -34.12
C SER C 27 12.78 -9.25 -32.78
N GLN C 28 12.33 -8.54 -31.73
CA GLN C 28 12.77 -8.79 -30.37
C GLN C 28 11.59 -8.58 -29.49
N SER C 29 11.66 -9.14 -28.25
CA SER C 29 10.59 -9.10 -27.29
C SER C 29 10.51 -7.72 -26.70
N VAL C 30 9.30 -7.12 -26.77
CA VAL C 30 8.98 -5.82 -26.25
C VAL C 30 7.95 -5.99 -25.17
N SER C 31 7.79 -7.26 -24.70
CA SER C 31 6.81 -7.71 -23.74
C SER C 31 5.41 -7.58 -24.30
N SER C 32 4.40 -8.09 -23.55
CA SER C 32 3.00 -7.94 -23.85
C SER C 32 2.65 -6.48 -23.81
N ALA C 33 2.33 -5.92 -24.99
CA ALA C 33 2.28 -4.49 -25.13
C ALA C 33 1.62 -4.18 -26.43
N VAL C 34 1.04 -5.20 -27.12
CA VAL C 34 0.49 -5.02 -28.43
C VAL C 34 -0.83 -4.29 -28.39
N ALA C 35 -0.89 -3.18 -29.15
CA ALA C 35 -2.09 -2.45 -29.44
C ALA C 35 -2.27 -2.65 -30.92
N TRP C 36 -3.53 -2.62 -31.41
CA TRP C 36 -3.80 -2.72 -32.82
C TRP C 36 -4.57 -1.51 -33.23
N TYR C 37 -4.15 -0.86 -34.34
CA TYR C 37 -4.76 0.36 -34.84
C TYR C 37 -5.29 0.10 -36.23
N GLN C 38 -6.37 0.82 -36.57
CA GLN C 38 -6.95 0.88 -37.88
C GLN C 38 -6.68 2.27 -38.35
N GLN C 39 -6.25 2.39 -39.62
CA GLN C 39 -6.06 3.66 -40.27
C GLN C 39 -6.70 3.53 -41.60
N LYS C 40 -7.42 4.61 -42.00
CA LYS C 40 -8.05 4.71 -43.29
C LYS C 40 -7.73 6.11 -43.72
N PRO C 41 -7.35 6.40 -44.98
CA PRO C 41 -7.00 7.74 -45.43
C PRO C 41 -8.06 8.78 -45.16
N GLY C 42 -7.65 9.98 -44.68
CA GLY C 42 -8.52 11.08 -44.37
C GLY C 42 -9.06 10.97 -42.98
N LYS C 43 -8.39 10.17 -42.11
CA LYS C 43 -8.80 9.95 -40.75
C LYS C 43 -7.51 10.01 -39.97
N ALA C 44 -7.64 10.19 -38.64
CA ALA C 44 -6.56 10.05 -37.70
C ALA C 44 -6.56 8.59 -37.30
N PRO C 45 -5.43 7.97 -36.96
CA PRO C 45 -5.33 6.67 -36.29
C PRO C 45 -6.36 6.39 -35.21
N LYS C 46 -6.83 5.12 -35.11
CA LYS C 46 -7.89 4.76 -34.19
C LYS C 46 -7.47 3.47 -33.54
N LEU C 47 -7.45 3.47 -32.19
CA LEU C 47 -7.21 2.34 -31.32
C LEU C 47 -8.30 1.30 -31.45
N LEU C 48 -7.92 0.00 -31.56
CA LEU C 48 -8.85 -1.11 -31.60
C LEU C 48 -8.70 -1.94 -30.36
N ILE C 49 -7.44 -2.33 -30.05
CA ILE C 49 -7.11 -3.28 -29.02
C ILE C 49 -5.94 -2.65 -28.32
N TYR C 50 -5.87 -2.79 -26.98
CA TYR C 50 -4.82 -2.24 -26.16
C TYR C 50 -4.47 -3.31 -25.16
N SER C 51 -3.27 -3.19 -24.54
CA SER C 51 -2.71 -4.04 -23.52
C SER C 51 -2.03 -5.21 -24.13
N ALA C 52 -2.82 -6.19 -24.62
CA ALA C 52 -2.28 -7.37 -25.24
C ALA C 52 -3.36 -8.07 -26.01
N SER C 53 -4.64 -7.67 -25.81
CA SER C 53 -5.78 -8.41 -26.30
C SER C 53 -7.04 -7.87 -25.68
N SER C 54 -6.97 -6.70 -24.99
CA SER C 54 -8.08 -6.18 -24.24
C SER C 54 -8.76 -5.19 -25.14
N LEU C 55 -10.10 -5.33 -25.31
CA LEU C 55 -10.86 -4.51 -26.21
C LEU C 55 -10.97 -3.11 -25.65
N TYR C 56 -10.61 -2.11 -26.49
CA TYR C 56 -10.73 -0.70 -26.19
C TYR C 56 -12.18 -0.28 -26.18
N SER C 57 -12.52 0.70 -25.30
CA SER C 57 -13.85 1.24 -25.14
C SER C 57 -14.31 1.92 -26.39
N GLY C 58 -15.60 1.69 -26.76
CA GLY C 58 -16.23 2.26 -27.93
C GLY C 58 -15.74 1.65 -29.22
N VAL C 59 -15.26 0.38 -29.16
CA VAL C 59 -14.81 -0.35 -30.32
C VAL C 59 -15.68 -1.59 -30.34
N PRO C 60 -16.32 -1.98 -31.44
CA PRO C 60 -17.01 -3.26 -31.61
C PRO C 60 -16.25 -4.48 -31.15
N SER C 61 -16.98 -5.55 -30.76
CA SER C 61 -16.41 -6.73 -30.15
C SER C 61 -16.08 -7.75 -31.22
N ARG C 62 -16.21 -7.34 -32.50
CA ARG C 62 -15.76 -8.03 -33.68
C ARG C 62 -14.26 -8.19 -33.66
N PHE C 63 -13.55 -7.15 -33.19
CA PHE C 63 -12.12 -7.17 -33.05
C PHE C 63 -11.78 -7.87 -31.77
N SER C 64 -10.77 -8.75 -31.84
CA SER C 64 -10.26 -9.45 -30.70
C SER C 64 -8.82 -9.74 -31.02
N GLY C 65 -8.01 -10.02 -29.97
CA GLY C 65 -6.62 -10.36 -30.14
C GLY C 65 -6.33 -11.56 -29.32
N SER C 66 -5.26 -12.29 -29.68
CA SER C 66 -4.80 -13.43 -28.94
C SER C 66 -3.31 -13.43 -29.02
N ARG C 67 -2.70 -14.46 -28.38
CA ARG C 67 -1.29 -14.80 -28.47
C ARG C 67 -0.51 -14.05 -27.43
N SER C 68 0.79 -14.43 -27.31
CA SER C 68 1.74 -13.82 -26.43
C SER C 68 3.07 -14.06 -27.09
N GLY C 69 4.16 -13.55 -26.48
CA GLY C 69 5.50 -13.70 -26.99
C GLY C 69 5.75 -12.60 -27.97
N THR C 70 6.42 -12.91 -29.09
CA THR C 70 6.81 -11.94 -30.08
C THR C 70 5.82 -11.97 -31.22
N ASP C 71 4.76 -12.80 -31.14
CA ASP C 71 3.86 -13.06 -32.23
C ASP C 71 2.48 -12.78 -31.71
N PHE C 72 1.84 -11.74 -32.29
CA PHE C 72 0.58 -11.21 -31.83
C PHE C 72 -0.40 -11.48 -32.93
N THR C 73 -1.72 -11.56 -32.61
CA THR C 73 -2.75 -11.80 -33.60
C THR C 73 -3.88 -10.83 -33.37
N LEU C 74 -4.52 -10.39 -34.48
CA LEU C 74 -5.72 -9.59 -34.52
C LEU C 74 -6.66 -10.35 -35.39
N THR C 75 -7.88 -10.62 -34.87
CA THR C 75 -8.90 -11.37 -35.57
C THR C 75 -10.08 -10.44 -35.65
N ILE C 76 -10.69 -10.36 -36.85
CA ILE C 76 -11.93 -9.69 -37.10
C ILE C 76 -12.86 -10.81 -37.46
N SER C 77 -13.85 -11.09 -36.59
CA SER C 77 -14.78 -12.20 -36.72
C SER C 77 -15.68 -12.12 -37.93
N SER C 78 -16.21 -10.91 -38.23
CA SER C 78 -17.04 -10.67 -39.38
C SER C 78 -16.67 -9.32 -39.88
N LEU C 79 -16.53 -9.18 -41.22
CA LEU C 79 -16.18 -7.94 -41.86
C LEU C 79 -17.42 -7.15 -42.11
N GLN C 80 -17.23 -5.81 -42.21
CA GLN C 80 -18.27 -4.85 -42.40
C GLN C 80 -17.79 -4.03 -43.58
N PRO C 81 -18.62 -3.17 -44.19
CA PRO C 81 -18.25 -2.39 -45.38
C PRO C 81 -17.30 -1.23 -45.10
N GLU C 82 -16.47 -1.28 -44.04
CA GLU C 82 -15.59 -0.20 -43.67
C GLU C 82 -14.39 -0.80 -42.97
N ASP C 83 -14.21 -2.13 -43.11
CA ASP C 83 -13.11 -2.87 -42.52
C ASP C 83 -12.08 -3.12 -43.59
N PHE C 84 -12.26 -2.51 -44.78
CA PHE C 84 -11.28 -2.49 -45.83
C PHE C 84 -10.44 -1.29 -45.49
N ALA C 85 -9.21 -1.54 -45.02
CA ALA C 85 -8.45 -0.54 -44.33
C ALA C 85 -7.05 -1.04 -44.22
N THR C 86 -6.16 -0.20 -43.63
CA THR C 86 -4.80 -0.57 -43.35
C THR C 86 -4.75 -0.83 -41.87
N TYR C 87 -4.16 -1.98 -41.46
CA TYR C 87 -4.09 -2.40 -40.08
C TYR C 87 -2.66 -2.48 -39.65
N TYR C 88 -2.38 -1.85 -38.48
CA TYR C 88 -1.09 -1.66 -37.88
C TYR C 88 -1.08 -2.31 -36.52
N CYS C 89 0.04 -3.00 -36.17
CA CYS C 89 0.30 -3.40 -34.80
C CYS C 89 1.22 -2.35 -34.25
N GLN C 90 1.20 -2.19 -32.92
CA GLN C 90 1.94 -1.15 -32.25
C GLN C 90 2.40 -1.72 -30.95
N GLN C 91 3.45 -1.10 -30.35
CA GLN C 91 4.05 -1.57 -29.14
C GLN C 91 4.55 -0.35 -28.45
N TYR C 92 4.57 -0.40 -27.10
CA TYR C 92 5.05 0.67 -26.25
C TYR C 92 5.93 0.04 -25.21
N TYR C 93 6.72 0.91 -24.54
CA TYR C 93 7.61 0.66 -23.44
C TYR C 93 8.97 1.04 -23.93
N GLU C 94 9.49 2.17 -23.39
CA GLU C 94 10.71 2.78 -23.84
C GLU C 94 11.79 2.14 -23.01
N TRP C 95 12.99 1.96 -23.61
CA TRP C 95 14.17 1.60 -22.88
C TRP C 95 14.92 2.91 -22.76
N LEU C 96 15.57 3.36 -23.85
CA LEU C 96 14.98 4.40 -24.66
C LEU C 96 14.93 3.82 -26.03
N SER C 97 13.73 3.83 -26.65
CA SER C 97 13.51 3.13 -27.88
C SER C 97 12.29 3.74 -28.53
N LEU C 98 12.16 3.50 -29.85
CA LEU C 98 11.15 4.10 -30.68
C LEU C 98 9.90 3.30 -30.47
N PHE C 99 8.72 3.93 -30.65
CA PHE C 99 7.47 3.21 -30.59
C PHE C 99 7.28 2.69 -31.98
N THR C 100 7.23 1.36 -32.12
CA THR C 100 7.36 0.70 -33.39
C THR C 100 5.98 0.39 -33.88
N PHE C 101 5.73 0.69 -35.16
CA PHE C 101 4.47 0.51 -35.82
C PHE C 101 4.80 -0.37 -36.99
N GLY C 102 3.87 -1.30 -37.32
CA GLY C 102 3.86 -2.09 -38.53
C GLY C 102 3.92 -1.31 -39.81
N GLN C 103 3.93 -2.05 -40.94
CA GLN C 103 4.11 -1.51 -42.26
C GLN C 103 2.76 -1.45 -42.95
N GLY C 104 1.69 -1.82 -42.22
CA GLY C 104 0.33 -1.86 -42.70
C GLY C 104 -0.01 -3.10 -43.46
N THR C 105 -1.24 -3.63 -43.19
CA THR C 105 -1.82 -4.74 -43.91
C THR C 105 -3.03 -4.20 -44.58
N LYS C 106 -3.07 -4.25 -45.93
CA LYS C 106 -4.18 -3.74 -46.72
C LYS C 106 -5.20 -4.82 -46.91
N VAL C 107 -6.40 -4.62 -46.33
CA VAL C 107 -7.56 -5.44 -46.54
C VAL C 107 -8.31 -4.80 -47.67
N GLU C 108 -8.50 -5.52 -48.81
CA GLU C 108 -9.12 -4.98 -50.00
C GLU C 108 -10.30 -5.83 -50.37
N ILE C 109 -11.17 -5.30 -51.26
CA ILE C 109 -12.41 -5.92 -51.68
C ILE C 109 -12.07 -6.84 -52.83
N LYS C 110 -12.32 -8.16 -52.64
CA LYS C 110 -12.15 -9.20 -53.61
C LYS C 110 -13.11 -9.06 -54.78
N ARG C 111 -12.62 -9.32 -56.01
CA ARG C 111 -13.48 -9.43 -57.17
C ARG C 111 -12.71 -10.17 -58.25
N THR C 112 -13.40 -10.50 -59.36
CA THR C 112 -12.88 -11.08 -60.59
C THR C 112 -11.83 -10.23 -61.27
N VAL C 113 -10.89 -10.90 -61.99
CA VAL C 113 -9.91 -10.30 -62.87
C VAL C 113 -10.59 -9.52 -63.98
N ALA C 114 -10.00 -8.38 -64.39
CA ALA C 114 -10.42 -7.63 -65.55
C ALA C 114 -9.17 -7.10 -66.19
N ALA C 115 -9.11 -7.19 -67.54
CA ALA C 115 -8.02 -6.67 -68.34
C ALA C 115 -8.07 -5.16 -68.43
N PRO C 116 -6.95 -4.45 -68.62
CA PRO C 116 -6.92 -3.01 -68.73
C PRO C 116 -7.25 -2.59 -70.15
N SER C 117 -8.03 -1.49 -70.30
CA SER C 117 -8.21 -0.85 -71.59
C SER C 117 -7.05 0.09 -71.73
N VAL C 118 -6.24 -0.07 -72.79
CA VAL C 118 -4.98 0.63 -72.96
C VAL C 118 -5.21 1.71 -73.98
N PHE C 119 -4.89 2.97 -73.61
CA PHE C 119 -5.02 4.11 -74.48
C PHE C 119 -3.72 4.85 -74.39
N ILE C 120 -3.23 5.39 -75.54
CA ILE C 120 -2.05 6.20 -75.60
C ILE C 120 -2.47 7.53 -76.21
N PHE C 121 -1.96 8.65 -75.61
CA PHE C 121 -2.42 10.00 -75.87
C PHE C 121 -1.27 10.83 -76.42
N PRO C 122 -1.39 11.43 -77.62
CA PRO C 122 -0.54 12.51 -78.09
C PRO C 122 -0.53 13.74 -77.22
N PRO C 123 0.58 14.44 -76.92
CA PRO C 123 0.57 15.83 -76.48
C PRO C 123 0.00 16.71 -77.57
N SER C 124 -0.65 17.83 -77.19
CA SER C 124 -1.15 18.80 -78.14
C SER C 124 -0.02 19.71 -78.54
N ASP C 125 -0.28 20.53 -79.59
CA ASP C 125 0.60 21.59 -80.05
C ASP C 125 0.90 22.58 -78.95
N SER C 126 -0.13 22.90 -78.12
CA SER C 126 -0.04 23.81 -77.00
C SER C 126 0.93 23.35 -75.95
N GLN C 127 0.96 22.03 -75.67
CA GLN C 127 1.89 21.43 -74.73
C GLN C 127 3.32 21.52 -75.22
N LEU C 128 3.55 21.27 -76.53
CA LEU C 128 4.86 21.35 -77.15
C LEU C 128 5.41 22.75 -77.21
N LYS C 129 4.54 23.78 -77.21
CA LYS C 129 4.93 25.17 -77.16
C LYS C 129 5.57 25.60 -75.86
N SER C 130 5.30 24.90 -74.73
CA SER C 130 5.84 25.27 -73.44
C SER C 130 7.16 24.57 -73.18
N GLY C 131 7.63 23.74 -74.14
CA GLY C 131 8.97 23.21 -74.16
C GLY C 131 9.02 21.83 -73.56
N THR C 132 7.84 21.25 -73.25
CA THR C 132 7.71 19.97 -72.59
C THR C 132 6.76 19.17 -73.42
N ALA C 133 6.91 17.84 -73.42
CA ALA C 133 6.03 16.93 -74.09
C ALA C 133 5.59 15.96 -73.06
N SER C 134 4.27 15.80 -72.85
CA SER C 134 3.76 14.77 -71.95
C SER C 134 2.92 13.84 -72.76
N VAL C 135 3.30 12.55 -72.73
CA VAL C 135 2.63 11.50 -73.45
C VAL C 135 1.99 10.72 -72.34
N VAL C 136 0.66 10.50 -72.42
CA VAL C 136 -0.10 9.95 -71.31
C VAL C 136 -0.60 8.61 -71.74
N CYS C 137 -0.48 7.59 -70.87
CA CYS C 137 -1.01 6.27 -71.07
C CYS C 137 -2.00 6.01 -69.98
N LEU C 138 -3.21 5.56 -70.34
CA LEU C 138 -4.27 5.26 -69.41
C LEU C 138 -4.53 3.80 -69.48
N LEU C 139 -4.52 3.13 -68.30
CA LEU C 139 -4.91 1.76 -68.11
C LEU C 139 -6.16 1.88 -67.30
N ASN C 140 -7.33 1.54 -67.88
CA ASN C 140 -8.59 1.88 -67.27
C ASN C 140 -9.29 0.61 -66.90
N ASN C 141 -9.82 0.59 -65.65
CA ASN C 141 -10.78 -0.38 -65.14
C ASN C 141 -10.28 -1.81 -65.10
N PHE C 142 -9.09 -2.04 -64.51
CA PHE C 142 -8.51 -3.36 -64.43
C PHE C 142 -8.59 -3.79 -63.00
N TYR C 143 -8.43 -5.11 -62.76
CA TYR C 143 -8.35 -5.67 -61.43
C TYR C 143 -7.53 -6.91 -61.62
N PRO C 144 -6.66 -7.35 -60.71
CA PRO C 144 -6.27 -6.70 -59.48
C PRO C 144 -5.11 -5.82 -59.80
N ARG C 145 -4.54 -5.11 -58.78
CA ARG C 145 -3.45 -4.19 -58.97
C ARG C 145 -2.23 -5.06 -58.93
N GLU C 146 -1.84 -5.52 -60.14
CA GLU C 146 -0.73 -6.39 -60.38
C GLU C 146 -0.43 -6.11 -61.82
N ALA C 147 -0.01 -4.86 -62.10
CA ALA C 147 0.24 -4.43 -63.45
C ALA C 147 1.40 -3.49 -63.39
N LYS C 148 2.17 -3.50 -64.50
CA LYS C 148 3.37 -2.73 -64.66
C LYS C 148 3.24 -2.09 -66.01
N VAL C 149 3.44 -0.75 -66.08
CA VAL C 149 3.47 -0.04 -67.34
C VAL C 149 4.92 0.17 -67.59
N GLN C 150 5.29 0.18 -68.89
CA GLN C 150 6.61 0.52 -69.32
C GLN C 150 6.40 1.27 -70.59
N TRP C 151 7.23 2.29 -70.79
CA TRP C 151 7.15 3.20 -71.90
C TRP C 151 8.34 2.91 -72.73
N LYS C 152 8.14 2.79 -74.06
CA LYS C 152 9.23 2.67 -74.97
C LYS C 152 8.97 3.74 -75.97
N VAL C 153 9.99 4.55 -76.31
CA VAL C 153 9.90 5.51 -77.37
C VAL C 153 11.00 5.14 -78.31
N ASP C 154 10.61 4.77 -79.56
CA ASP C 154 11.47 4.32 -80.63
C ASP C 154 12.02 2.94 -80.33
N ASN C 155 11.39 2.24 -79.35
CA ASN C 155 11.69 0.92 -78.84
C ASN C 155 12.68 1.05 -77.69
N ALA C 156 13.20 2.27 -77.42
CA ALA C 156 14.16 2.53 -76.38
C ALA C 156 13.41 2.69 -75.09
N LEU C 157 13.90 2.06 -73.99
CA LEU C 157 13.17 1.98 -72.75
C LEU C 157 13.31 3.29 -72.03
N GLN C 158 12.15 3.88 -71.64
CA GLN C 158 12.07 5.15 -70.97
C GLN C 158 11.73 4.82 -69.55
N SER C 159 12.64 5.19 -68.63
CA SER C 159 12.47 4.96 -67.22
C SER C 159 13.23 6.10 -66.59
N GLY C 160 12.75 6.58 -65.43
CA GLY C 160 13.39 7.64 -64.66
C GLY C 160 13.01 8.97 -65.24
N ASN C 161 11.82 9.02 -65.86
CA ASN C 161 11.31 10.17 -66.56
C ASN C 161 9.84 9.92 -66.78
N SER C 162 9.31 8.87 -66.12
CA SER C 162 7.93 8.48 -66.18
C SER C 162 7.50 8.46 -64.75
N GLN C 163 6.23 8.83 -64.51
CA GLN C 163 5.66 8.84 -63.19
C GLN C 163 4.36 8.12 -63.34
N GLU C 164 4.01 7.30 -62.34
CA GLU C 164 2.78 6.54 -62.31
C GLU C 164 1.98 7.11 -61.19
N SER C 165 0.64 6.99 -61.30
CA SER C 165 -0.25 7.37 -60.26
C SER C 165 -1.34 6.36 -60.38
N VAL C 166 -1.83 5.88 -59.22
CA VAL C 166 -2.79 4.81 -59.13
C VAL C 166 -3.87 5.36 -58.26
N THR C 167 -5.15 5.20 -58.67
CA THR C 167 -6.28 5.50 -57.80
C THR C 167 -6.57 4.27 -56.99
N GLU C 168 -7.17 4.45 -55.79
CA GLU C 168 -7.81 3.41 -55.00
C GLU C 168 -8.98 2.78 -55.72
N GLN C 169 -9.63 1.77 -55.10
CA GLN C 169 -10.79 1.09 -55.62
C GLN C 169 -11.92 2.05 -55.91
N ASP C 170 -12.54 1.87 -57.09
CA ASP C 170 -13.60 2.70 -57.60
C ASP C 170 -14.90 2.34 -56.95
N SER C 171 -15.92 3.21 -57.16
CA SER C 171 -17.25 3.02 -56.65
C SER C 171 -18.07 2.41 -57.76
N LYS C 172 -17.45 2.28 -58.96
CA LYS C 172 -18.02 1.71 -60.15
C LYS C 172 -18.37 0.26 -59.98
N ASP C 173 -17.44 -0.49 -59.32
CA ASP C 173 -17.54 -1.91 -59.12
C ASP C 173 -16.20 -2.40 -58.57
N SER C 174 -15.40 -1.47 -58.01
CA SER C 174 -14.16 -1.75 -57.33
C SER C 174 -13.03 -2.18 -58.24
N THR C 175 -12.86 -1.44 -59.36
CA THR C 175 -11.76 -1.61 -60.29
C THR C 175 -10.69 -0.62 -59.89
N TYR C 176 -9.52 -0.68 -60.55
CA TYR C 176 -8.44 0.27 -60.39
C TYR C 176 -8.19 0.89 -61.73
N SER C 177 -7.67 2.14 -61.70
CA SER C 177 -7.22 2.82 -62.89
C SER C 177 -5.84 3.30 -62.56
N LEU C 178 -4.99 3.45 -63.60
CA LEU C 178 -3.63 3.87 -63.45
C LEU C 178 -3.41 4.80 -64.60
N SER C 179 -2.80 5.97 -64.34
CA SER C 179 -2.39 6.89 -65.38
C SER C 179 -0.91 7.04 -65.17
N SER C 180 -0.14 6.87 -66.26
CA SER C 180 1.28 7.03 -66.25
C SER C 180 1.54 8.09 -67.26
N THR C 181 2.35 9.10 -66.86
CA THR C 181 2.64 10.25 -67.67
C THR C 181 4.13 10.20 -67.85
N LEU C 182 4.55 10.07 -69.14
CA LEU C 182 5.92 10.11 -69.56
C LEU C 182 6.16 11.54 -69.95
N THR C 183 7.16 12.17 -69.31
CA THR C 183 7.46 13.57 -69.51
C THR C 183 8.81 13.58 -70.16
N LEU C 184 8.89 14.29 -71.30
CA LEU C 184 10.06 14.40 -72.13
C LEU C 184 10.22 15.86 -72.41
N SER C 185 11.41 16.24 -72.91
CA SER C 185 11.67 17.50 -73.57
C SER C 185 10.91 17.56 -74.88
N LYS C 186 10.56 18.79 -75.32
CA LYS C 186 10.02 19.07 -76.64
C LYS C 186 10.99 18.60 -77.69
N ALA C 187 12.29 18.86 -77.45
CA ALA C 187 13.38 18.49 -78.32
C ALA C 187 13.48 17.00 -78.51
N ASP C 188 13.35 16.22 -77.41
CA ASP C 188 13.34 14.77 -77.44
C ASP C 188 12.18 14.22 -78.22
N TYR C 189 10.99 14.82 -78.03
CA TYR C 189 9.74 14.49 -78.70
C TYR C 189 9.87 14.67 -80.21
N GLU C 190 10.62 15.70 -80.64
CA GLU C 190 10.76 16.06 -82.03
C GLU C 190 11.91 15.30 -82.67
N LYS C 191 12.56 14.40 -81.89
CA LYS C 191 13.59 13.48 -82.36
C LYS C 191 13.03 12.08 -82.30
N HIS C 192 11.70 11.95 -82.10
CA HIS C 192 11.03 10.71 -81.84
C HIS C 192 9.83 10.67 -82.73
N LYS C 193 9.24 9.46 -82.88
CA LYS C 193 8.21 9.18 -83.84
C LYS C 193 7.25 8.24 -83.19
N VAL C 194 7.73 7.01 -82.83
CA VAL C 194 6.88 5.99 -82.28
C VAL C 194 6.94 6.13 -80.78
N TYR C 195 5.77 6.32 -80.14
CA TYR C 195 5.64 6.41 -78.71
C TYR C 195 4.77 5.24 -78.42
N ALA C 196 5.20 4.35 -77.52
CA ALA C 196 4.53 3.10 -77.28
C ALA C 196 4.41 2.94 -75.81
N CYS C 197 3.20 2.52 -75.38
CA CYS C 197 2.90 2.19 -74.01
C CYS C 197 2.64 0.71 -74.07
N GLU C 198 3.44 -0.06 -73.31
CA GLU C 198 3.32 -1.49 -73.23
C GLU C 198 2.83 -1.78 -71.85
N VAL C 199 1.77 -2.61 -71.75
CA VAL C 199 1.05 -2.85 -70.52
C VAL C 199 1.16 -4.31 -70.23
N THR C 200 1.63 -4.64 -69.00
CA THR C 200 1.82 -5.98 -68.52
C THR C 200 0.83 -6.14 -67.42
N HIS C 201 0.04 -7.23 -67.46
CA HIS C 201 -0.98 -7.49 -66.46
C HIS C 201 -1.19 -8.98 -66.51
N GLN C 202 -1.72 -9.54 -65.40
CA GLN C 202 -1.89 -10.97 -65.21
C GLN C 202 -3.09 -11.50 -65.94
N GLY C 203 -4.04 -10.61 -66.32
CA GLY C 203 -5.24 -10.95 -67.05
C GLY C 203 -4.95 -11.02 -68.52
N LEU C 204 -3.83 -10.39 -68.95
CA LEU C 204 -3.38 -10.39 -70.33
C LEU C 204 -2.50 -11.59 -70.50
N SER C 205 -2.69 -12.31 -71.64
CA SER C 205 -1.92 -13.47 -72.03
C SER C 205 -0.47 -13.11 -72.26
N SER C 206 -0.25 -11.95 -72.91
CA SER C 206 1.05 -11.40 -73.17
C SER C 206 0.81 -9.91 -73.23
N PRO C 207 1.78 -9.05 -72.89
CA PRO C 207 1.69 -7.59 -72.97
C PRO C 207 1.02 -7.02 -74.20
N VAL C 208 0.14 -6.00 -74.01
CA VAL C 208 -0.55 -5.34 -75.09
C VAL C 208 0.13 -4.01 -75.23
N THR C 209 0.56 -3.69 -76.46
CA THR C 209 1.23 -2.45 -76.79
C THR C 209 0.27 -1.64 -77.60
N LYS C 210 0.07 -0.36 -77.20
CA LYS C 210 -0.64 0.61 -77.98
C LYS C 210 0.34 1.72 -78.21
N SER C 211 0.45 2.16 -79.48
CA SER C 211 1.44 3.12 -79.88
C SER C 211 0.78 4.06 -80.85
N PHE C 212 1.42 5.23 -81.06
CA PHE C 212 1.01 6.15 -82.10
C PHE C 212 2.26 6.69 -82.70
N ASN C 213 2.12 7.22 -83.93
CA ASN C 213 3.15 7.96 -84.63
C ASN C 213 2.74 9.39 -84.51
N ARG C 214 3.72 10.25 -84.13
CA ARG C 214 3.66 11.69 -83.91
C ARG C 214 2.63 12.45 -84.71
N GLY C 215 1.86 13.31 -84.00
CA GLY C 215 0.75 14.06 -84.56
C GLY C 215 -0.51 13.23 -84.42
N GLU C 216 -1.66 13.90 -84.61
CA GLU C 216 -2.97 13.28 -84.56
C GLU C 216 -3.37 12.97 -85.98
N MET D 1 -7.82 -2.32 87.86
CA MET D 1 -7.13 -2.93 86.78
C MET D 1 -7.55 -2.24 85.51
N ASN D 2 -7.32 -2.90 84.35
CA ASN D 2 -7.48 -2.32 83.03
C ASN D 2 -8.81 -2.71 82.43
N GLY D 3 -9.68 -3.40 83.21
CA GLY D 3 -11.03 -3.66 82.79
C GLY D 3 -11.49 -4.75 83.69
N THR D 4 -11.69 -5.94 83.10
CA THR D 4 -11.98 -7.14 83.84
C THR D 4 -11.28 -8.23 83.10
N GLU D 5 -10.26 -8.83 83.77
CA GLU D 5 -9.44 -9.85 83.20
C GLU D 5 -10.13 -11.16 83.51
N GLY D 6 -9.90 -12.17 82.65
CA GLY D 6 -10.46 -13.48 82.81
C GLY D 6 -9.46 -14.44 82.24
N PRO D 7 -9.58 -15.74 82.46
CA PRO D 7 -8.64 -16.71 81.93
C PRO D 7 -9.22 -17.30 80.67
N ASN D 8 -10.43 -16.85 80.25
CA ASN D 8 -11.05 -17.31 79.03
C ASN D 8 -11.90 -16.20 78.49
N PHE D 9 -11.65 -14.94 78.91
CA PHE D 9 -12.36 -13.82 78.36
C PHE D 9 -11.63 -12.59 78.82
N TYR D 10 -11.93 -11.45 78.16
CA TYR D 10 -11.40 -10.17 78.54
C TYR D 10 -12.48 -9.18 78.29
N VAL D 11 -13.31 -8.90 79.33
CA VAL D 11 -14.32 -7.86 79.29
C VAL D 11 -13.56 -6.55 79.34
N PRO D 12 -13.61 -5.60 78.39
CA PRO D 12 -12.84 -4.37 78.47
C PRO D 12 -13.43 -3.46 79.51
N PHE D 13 -14.78 -3.50 79.66
CA PHE D 13 -15.53 -2.81 80.66
C PHE D 13 -15.22 -3.46 81.99
N SER D 14 -15.28 -2.68 83.10
CA SER D 14 -15.01 -3.19 84.42
C SER D 14 -16.31 -3.78 84.92
N ASN D 15 -16.25 -5.03 85.44
CA ASN D 15 -17.35 -5.79 85.99
C ASN D 15 -17.90 -5.05 87.18
N LYS D 16 -19.25 -4.97 87.30
CA LYS D 16 -19.87 -4.21 88.35
C LYS D 16 -21.32 -4.57 88.44
N THR D 17 -21.83 -5.41 87.51
CA THR D 17 -23.18 -5.90 87.53
C THR D 17 -23.11 -7.35 88.00
N GLY D 18 -21.91 -7.97 87.87
CA GLY D 18 -21.60 -9.28 88.38
C GLY D 18 -21.90 -10.33 87.35
N VAL D 19 -22.51 -9.92 86.21
CA VAL D 19 -22.92 -10.78 85.14
C VAL D 19 -22.26 -10.29 83.87
N VAL D 20 -21.33 -9.31 83.98
CA VAL D 20 -20.65 -8.73 82.85
C VAL D 20 -19.60 -9.72 82.38
N ARG D 21 -19.06 -10.52 83.34
CA ARG D 21 -18.19 -11.65 83.12
C ARG D 21 -18.84 -12.76 82.32
N SER D 22 -18.00 -13.50 81.56
CA SER D 22 -18.35 -14.67 80.79
C SER D 22 -19.38 -14.33 79.71
N PRO D 23 -19.03 -13.55 78.69
CA PRO D 23 -19.93 -13.19 77.59
C PRO D 23 -20.12 -14.30 76.58
N PHE D 24 -19.95 -15.60 76.97
CA PHE D 24 -20.31 -16.70 76.12
C PHE D 24 -21.68 -17.20 76.50
N GLU D 25 -22.22 -16.71 77.63
CA GLU D 25 -23.44 -17.22 78.21
C GLU D 25 -24.25 -16.04 78.67
N ALA D 26 -23.57 -14.90 78.97
CA ALA D 26 -24.20 -13.72 79.49
C ALA D 26 -24.50 -12.80 78.35
N PRO D 27 -25.70 -12.20 78.24
CA PRO D 27 -26.04 -11.36 77.11
C PRO D 27 -25.62 -9.96 77.43
N GLN D 28 -24.48 -9.52 76.81
CA GLN D 28 -23.91 -8.23 77.08
C GLN D 28 -24.79 -7.11 76.61
N TYR D 29 -25.12 -6.25 77.58
CA TYR D 29 -26.05 -5.15 77.53
C TYR D 29 -25.79 -4.41 78.82
N TYR D 30 -24.76 -4.87 79.57
CA TYR D 30 -24.31 -4.35 80.84
C TYR D 30 -23.09 -3.50 80.56
N LEU D 31 -22.82 -3.19 79.27
CA LEU D 31 -21.67 -2.41 78.91
C LEU D 31 -21.90 -1.78 77.56
N ALA D 32 -23.10 -1.99 76.97
CA ALA D 32 -23.42 -1.37 75.72
C ALA D 32 -24.92 -1.36 75.60
N GLU D 33 -25.44 -0.52 74.68
CA GLU D 33 -26.84 -0.35 74.44
C GLU D 33 -27.22 -1.21 73.27
N PRO D 34 -28.50 -1.61 73.11
CA PRO D 34 -28.98 -2.35 71.95
C PRO D 34 -28.74 -1.67 70.62
N TRP D 35 -28.74 -0.32 70.58
CA TRP D 35 -28.59 0.42 69.34
C TRP D 35 -27.19 0.27 68.81
N GLN D 36 -26.17 0.31 69.71
CA GLN D 36 -24.78 0.07 69.37
C GLN D 36 -24.51 -1.29 68.77
N PHE D 37 -25.27 -2.33 69.22
CA PHE D 37 -25.27 -3.65 68.63
C PHE D 37 -25.85 -3.68 67.25
N SER D 38 -26.91 -2.88 67.00
CA SER D 38 -27.52 -2.71 65.69
C SER D 38 -26.54 -2.08 64.72
N MET D 39 -25.77 -1.05 65.18
CA MET D 39 -24.73 -0.41 64.41
C MET D 39 -23.59 -1.35 64.09
N LEU D 40 -23.22 -2.26 65.03
CA LEU D 40 -22.27 -3.32 64.81
C LEU D 40 -22.73 -4.23 63.70
N ALA D 41 -24.00 -4.70 63.78
CA ALA D 41 -24.61 -5.57 62.80
C ALA D 41 -24.73 -4.91 61.44
N ALA D 42 -25.10 -3.60 61.41
CA ALA D 42 -25.14 -2.77 60.22
C ALA D 42 -23.80 -2.74 59.52
N TYR D 43 -22.73 -2.50 60.31
CA TYR D 43 -21.37 -2.45 59.83
C TYR D 43 -20.90 -3.76 59.25
N MET D 44 -21.22 -4.91 59.89
CA MET D 44 -20.91 -6.23 59.38
C MET D 44 -21.62 -6.57 58.11
N PHE D 45 -22.87 -6.06 57.96
CA PHE D 45 -23.69 -6.24 56.78
C PHE D 45 -23.04 -5.54 55.59
N LEU D 46 -22.65 -4.25 55.79
CA LEU D 46 -21.87 -3.45 54.88
C LEU D 46 -20.66 -4.17 54.33
N LEU D 47 -19.78 -4.66 55.24
CA LEU D 47 -18.55 -5.34 54.89
C LEU D 47 -18.73 -6.58 54.03
N ILE D 48 -19.86 -7.30 54.19
CA ILE D 48 -20.20 -8.46 53.40
C ILE D 48 -20.65 -8.00 52.04
N MET D 49 -21.66 -7.08 52.00
CA MET D 49 -22.27 -6.51 50.82
C MET D 49 -21.31 -5.86 49.85
N LEU D 50 -20.26 -5.19 50.37
CA LEU D 50 -19.23 -4.62 49.54
C LEU D 50 -18.16 -5.63 49.27
N GLY D 51 -17.65 -6.30 50.32
CA GLY D 51 -16.50 -7.17 50.25
C GLY D 51 -16.61 -8.33 49.31
N PHE D 52 -17.76 -9.06 49.29
CA PHE D 52 -17.93 -10.22 48.44
C PHE D 52 -17.97 -9.88 46.94
N PRO D 53 -18.75 -8.92 46.42
CA PRO D 53 -18.74 -8.54 45.02
C PRO D 53 -17.39 -8.08 44.53
N ILE D 54 -16.76 -7.14 45.26
CA ILE D 54 -15.45 -6.58 44.99
C ILE D 54 -14.38 -7.63 44.80
N ASN D 55 -14.34 -8.66 45.69
CA ASN D 55 -13.31 -9.67 45.69
C ASN D 55 -13.61 -10.73 44.68
N PHE D 56 -14.90 -11.04 44.44
CA PHE D 56 -15.31 -12.01 43.45
C PHE D 56 -14.97 -11.50 42.06
N LEU D 57 -15.29 -10.22 41.77
CA LEU D 57 -14.97 -9.50 40.56
C LEU D 57 -13.50 -9.54 40.19
N THR D 58 -12.59 -9.43 41.20
CA THR D 58 -11.15 -9.48 41.03
C THR D 58 -10.70 -10.79 40.43
N LEU D 59 -11.30 -11.92 40.91
CA LEU D 59 -11.04 -13.24 40.37
C LEU D 59 -11.65 -13.39 39.00
N TYR D 60 -12.87 -12.85 38.82
CA TYR D 60 -13.70 -13.02 37.65
C TYR D 60 -13.12 -12.38 36.41
N VAL D 61 -12.73 -11.08 36.48
CA VAL D 61 -12.18 -10.33 35.37
C VAL D 61 -10.89 -10.94 34.82
N THR D 62 -10.08 -11.57 35.70
CA THR D 62 -8.82 -12.19 35.37
C THR D 62 -8.97 -13.43 34.54
N VAL D 63 -10.06 -14.20 34.79
CA VAL D 63 -10.39 -15.44 34.11
C VAL D 63 -10.78 -15.22 32.65
N GLN D 64 -11.25 -14.02 32.28
CA GLN D 64 -11.81 -13.76 30.96
C GLN D 64 -10.93 -12.84 30.17
N HIS D 65 -9.79 -12.37 30.73
CA HIS D 65 -8.83 -11.60 29.97
C HIS D 65 -7.50 -12.25 30.20
N LYS D 66 -6.98 -12.92 29.14
CA LYS D 66 -5.68 -13.57 29.04
C LYS D 66 -4.54 -12.84 29.67
N LYS D 67 -4.37 -11.56 29.26
CA LYS D 67 -3.30 -10.67 29.64
C LYS D 67 -3.21 -10.34 31.11
N LEU D 68 -4.32 -10.53 31.87
CA LEU D 68 -4.38 -10.31 33.29
C LEU D 68 -3.77 -11.48 34.04
N ARG D 69 -3.75 -12.68 33.42
CA ARG D 69 -3.22 -13.89 34.02
C ARG D 69 -1.74 -13.85 33.77
N THR D 70 -1.00 -13.29 34.75
CA THR D 70 0.43 -13.11 34.72
C THR D 70 0.89 -13.33 36.13
N PRO D 71 2.15 -13.68 36.38
CA PRO D 71 2.72 -13.90 37.70
C PRO D 71 2.48 -12.80 38.71
N LEU D 72 2.57 -11.52 38.27
CA LEU D 72 2.44 -10.36 39.11
C LEU D 72 1.04 -10.11 39.61
N ASN D 73 0.05 -10.86 39.07
CA ASN D 73 -1.34 -10.73 39.42
C ASN D 73 -1.71 -11.77 40.45
N TYR D 74 -0.92 -12.87 40.59
CA TYR D 74 -1.12 -13.93 41.58
C TYR D 74 -1.39 -13.43 42.98
N ILE D 75 -0.55 -12.48 43.45
CA ILE D 75 -0.60 -11.87 44.75
C ILE D 75 -1.88 -11.07 44.95
N LEU D 76 -2.40 -10.44 43.87
CA LEU D 76 -3.63 -9.69 43.87
C LEU D 76 -4.83 -10.60 44.02
N LEU D 77 -4.83 -11.76 43.32
CA LEU D 77 -5.84 -12.80 43.49
C LEU D 77 -5.84 -13.32 44.90
N ASN D 78 -4.63 -13.55 45.46
CA ASN D 78 -4.41 -14.00 46.82
C ASN D 78 -5.01 -13.03 47.83
N LEU D 79 -4.75 -11.72 47.68
CA LEU D 79 -5.35 -10.65 48.45
C LEU D 79 -6.85 -10.71 48.48
N ALA D 80 -7.49 -10.95 47.30
CA ALA D 80 -8.92 -11.04 47.19
C ALA D 80 -9.49 -12.22 47.95
N VAL D 81 -8.79 -13.38 47.90
CA VAL D 81 -9.10 -14.58 48.64
C VAL D 81 -9.01 -14.37 50.14
N ALA D 82 -7.92 -13.73 50.61
CA ALA D 82 -7.66 -13.33 51.99
C ALA D 82 -8.80 -12.55 52.57
N ASP D 83 -9.26 -11.52 51.82
CA ASP D 83 -10.37 -10.67 52.16
C ASP D 83 -11.65 -11.47 52.34
N LEU D 84 -11.87 -12.51 51.50
CA LEU D 84 -13.02 -13.38 51.55
C LEU D 84 -12.99 -14.30 52.75
N PHE D 85 -11.78 -14.76 53.18
CA PHE D 85 -11.60 -15.45 54.45
C PHE D 85 -12.14 -14.64 55.61
N MET D 86 -11.80 -13.33 55.65
CA MET D 86 -12.35 -12.41 56.63
C MET D 86 -13.86 -12.27 56.57
N VAL D 87 -14.47 -12.39 55.36
CA VAL D 87 -15.89 -12.21 55.14
C VAL D 87 -16.67 -13.38 55.70
N PHE D 88 -16.22 -14.62 55.40
CA PHE D 88 -17.01 -15.79 55.72
C PHE D 88 -16.62 -16.39 57.04
N GLY D 89 -15.35 -16.19 57.47
CA GLY D 89 -14.91 -16.61 58.77
C GLY D 89 -15.30 -15.65 59.84
N GLY D 90 -15.09 -14.33 59.60
CA GLY D 90 -15.25 -13.31 60.59
C GLY D 90 -16.59 -12.64 60.56
N PHE D 91 -16.86 -11.91 59.44
CA PHE D 91 -17.93 -10.94 59.31
C PHE D 91 -19.30 -11.54 59.51
N THR D 92 -19.58 -12.70 58.87
CA THR D 92 -20.86 -13.37 58.93
C THR D 92 -21.18 -13.87 60.33
N THR D 93 -20.21 -14.57 60.97
CA THR D 93 -20.27 -14.98 62.36
C THR D 93 -20.61 -13.82 63.29
N THR D 94 -19.87 -12.69 63.15
CA THR D 94 -20.03 -11.50 63.96
C THR D 94 -21.38 -10.84 63.78
N LEU D 95 -21.94 -10.89 62.54
CA LEU D 95 -23.26 -10.42 62.21
C LEU D 95 -24.33 -11.18 62.95
N TYR D 96 -24.20 -12.53 62.98
CA TYR D 96 -25.07 -13.43 63.69
C TYR D 96 -25.07 -13.15 65.19
N THR D 97 -23.86 -13.12 65.80
CA THR D 97 -23.65 -12.95 67.23
C THR D 97 -24.11 -11.61 67.75
N SER D 98 -23.78 -10.50 67.03
CA SER D 98 -24.10 -9.13 67.42
C SER D 98 -25.55 -8.86 67.75
N LEU D 99 -26.49 -9.54 67.05
CA LEU D 99 -27.91 -9.34 67.21
C LEU D 99 -28.46 -10.02 68.45
N HIS D 100 -27.72 -11.00 69.02
CA HIS D 100 -28.00 -11.55 70.33
C HIS D 100 -27.40 -10.70 71.40
N GLY D 101 -26.34 -9.94 71.07
CA GLY D 101 -25.66 -9.02 71.94
C GLY D 101 -24.55 -9.69 72.68
N TYR D 102 -24.19 -10.94 72.31
CA TYR D 102 -23.07 -11.62 72.90
C TYR D 102 -22.71 -12.72 71.95
N PHE D 103 -21.56 -13.39 72.23
CA PHE D 103 -20.98 -14.38 71.35
C PHE D 103 -21.61 -15.68 71.80
N VAL D 104 -22.39 -16.33 70.89
CA VAL D 104 -23.25 -17.43 71.26
C VAL D 104 -22.67 -18.76 70.85
N PHE D 105 -21.49 -18.77 70.19
CA PHE D 105 -20.90 -20.00 69.69
C PHE D 105 -19.92 -20.58 70.67
N GLY D 106 -19.67 -19.89 71.82
CA GLY D 106 -18.88 -20.45 72.88
C GLY D 106 -17.40 -20.38 72.62
N PRO D 107 -16.58 -20.86 73.55
CA PRO D 107 -15.13 -20.81 73.51
C PRO D 107 -14.54 -21.44 72.27
N THR D 108 -15.09 -22.59 71.79
CA THR D 108 -14.57 -23.27 70.63
C THR D 108 -14.85 -22.47 69.37
N GLY D 109 -16.10 -21.95 69.25
CA GLY D 109 -16.52 -21.02 68.22
C GLY D 109 -15.66 -19.80 68.14
N CYS D 110 -15.31 -19.21 69.31
CA CYS D 110 -14.44 -18.07 69.48
C CYS D 110 -13.07 -18.29 68.90
N ASN D 111 -12.52 -19.51 69.12
CA ASN D 111 -11.22 -19.92 68.62
C ASN D 111 -11.24 -20.08 67.12
N LEU D 112 -12.31 -20.69 66.57
CA LEU D 112 -12.53 -20.81 65.15
C LEU D 112 -12.64 -19.48 64.43
N GLU D 113 -13.62 -18.64 64.83
CA GLU D 113 -13.89 -17.33 64.27
C GLU D 113 -12.69 -16.41 64.33
N GLY D 114 -12.00 -16.42 65.50
CA GLY D 114 -10.81 -15.64 65.76
C GLY D 114 -9.66 -16.07 64.90
N PHE D 115 -9.58 -17.39 64.59
CA PHE D 115 -8.54 -17.98 63.77
C PHE D 115 -8.71 -17.52 62.34
N PHE D 116 -9.96 -17.60 61.81
CA PHE D 116 -10.23 -17.27 60.42
C PHE D 116 -10.07 -15.79 60.16
N ALA D 117 -10.50 -14.94 61.13
CA ALA D 117 -10.37 -13.51 61.07
C ALA D 117 -8.92 -13.09 61.05
N THR D 118 -8.10 -13.67 61.96
CA THR D 118 -6.68 -13.40 62.07
C THR D 118 -5.95 -13.86 60.84
N LEU D 119 -6.19 -15.12 60.38
CA LEU D 119 -5.62 -15.69 59.18
C LEU D 119 -5.81 -14.80 57.97
N GLY D 120 -7.08 -14.42 57.71
CA GLY D 120 -7.53 -13.50 56.70
C GLY D 120 -6.76 -12.21 56.70
N GLY D 121 -6.86 -11.47 57.84
CA GLY D 121 -6.23 -10.19 58.08
C GLY D 121 -4.74 -10.19 57.96
N GLU D 122 -4.08 -11.34 58.26
CA GLU D 122 -2.65 -11.47 58.22
C GLU D 122 -2.17 -11.71 56.81
N ILE D 123 -2.89 -12.56 56.03
CA ILE D 123 -2.60 -12.76 54.63
C ILE D 123 -2.73 -11.46 53.87
N ALA D 124 -3.77 -10.64 54.19
CA ALA D 124 -3.98 -9.30 53.68
C ALA D 124 -2.82 -8.39 53.99
N LEU D 125 -2.42 -8.28 55.28
CA LEU D 125 -1.29 -7.54 55.79
C LEU D 125 -0.03 -7.81 55.00
N TRP D 126 0.33 -9.11 54.90
CA TRP D 126 1.54 -9.56 54.26
C TRP D 126 1.51 -9.43 52.76
N SER D 127 0.29 -9.45 52.14
CA SER D 127 0.09 -9.14 50.74
C SER D 127 0.55 -7.74 50.46
N LEU D 128 0.02 -6.73 51.21
CA LEU D 128 0.45 -5.35 51.12
C LEU D 128 1.94 -5.13 51.23
N VAL D 129 2.66 -5.96 52.03
CA VAL D 129 4.09 -5.92 52.18
C VAL D 129 4.74 -6.43 50.94
N VAL D 130 4.41 -7.69 50.53
CA VAL D 130 4.90 -8.34 49.33
C VAL D 130 4.73 -7.49 48.08
N LEU D 131 3.55 -6.85 47.92
CA LEU D 131 3.22 -5.95 46.85
C LEU D 131 4.14 -4.76 46.74
N ALA D 132 4.48 -4.13 47.90
CA ALA D 132 5.44 -3.05 47.98
C ALA D 132 6.82 -3.49 47.56
N ILE D 133 7.24 -4.70 48.00
CA ILE D 133 8.48 -5.34 47.62
C ILE D 133 8.53 -5.50 46.12
N GLU D 134 7.52 -6.16 45.51
CA GLU D 134 7.40 -6.38 44.09
C GLU D 134 7.48 -5.11 43.27
N ARG D 135 6.80 -4.01 43.70
CA ARG D 135 6.86 -2.73 43.04
C ARG D 135 8.25 -2.12 43.06
N TYR D 136 8.93 -2.22 44.23
CA TYR D 136 10.30 -1.80 44.42
C TYR D 136 11.26 -2.54 43.54
N VAL D 137 11.16 -3.89 43.51
CA VAL D 137 11.98 -4.77 42.72
C VAL D 137 11.88 -4.49 41.24
N VAL D 138 10.63 -4.44 40.73
CA VAL D 138 10.34 -4.24 39.32
C VAL D 138 10.78 -2.90 38.80
N VAL D 139 10.56 -1.79 39.57
CA VAL D 139 10.75 -0.48 39.03
C VAL D 139 12.14 0.06 39.32
N CYS D 140 12.59 -0.02 40.59
CA CYS D 140 13.87 0.50 41.01
C CYS D 140 15.07 -0.34 40.61
N LYS D 141 14.85 -1.64 40.29
CA LYS D 141 15.87 -2.58 39.88
C LYS D 141 17.00 -2.71 40.90
N PRO D 142 16.77 -3.17 42.14
CA PRO D 142 17.78 -3.20 43.20
C PRO D 142 18.71 -4.38 43.03
N MET D 143 18.61 -5.12 41.90
CA MET D 143 19.41 -6.26 41.58
C MET D 143 19.85 -6.01 40.18
N SER D 144 20.90 -6.73 39.73
CA SER D 144 21.47 -6.57 38.42
C SER D 144 20.64 -7.40 37.46
N ASN D 145 19.55 -6.78 36.95
CA ASN D 145 18.65 -7.30 35.94
C ASN D 145 17.78 -8.38 36.51
N PHE D 146 16.44 -8.18 36.43
CA PHE D 146 15.52 -9.12 36.99
C PHE D 146 14.27 -9.09 36.15
N ARG D 147 13.64 -10.28 36.00
CA ARG D 147 12.37 -10.47 35.36
C ARG D 147 11.52 -11.04 36.44
N PHE D 148 10.25 -10.59 36.54
CA PHE D 148 9.34 -11.07 37.54
C PHE D 148 8.58 -12.18 36.86
N GLY D 149 8.89 -13.43 37.26
CA GLY D 149 8.36 -14.63 36.65
C GLY D 149 7.62 -15.42 37.68
N GLU D 150 7.04 -16.53 37.20
CA GLU D 150 6.17 -17.46 37.91
C GLU D 150 6.67 -17.92 39.27
N ASN D 151 7.96 -18.29 39.36
CA ASN D 151 8.58 -18.80 40.57
C ASN D 151 8.56 -17.81 41.70
N HIS D 152 8.87 -16.53 41.40
CA HIS D 152 8.92 -15.45 42.36
C HIS D 152 7.55 -15.16 42.94
N ALA D 153 6.54 -15.13 42.05
CA ALA D 153 5.14 -14.97 42.37
C ALA D 153 4.61 -15.97 43.37
N ILE D 154 4.92 -17.27 43.14
CA ILE D 154 4.52 -18.37 43.98
C ILE D 154 5.12 -18.25 45.35
N MET D 155 6.45 -17.97 45.43
CA MET D 155 7.15 -17.69 46.67
C MET D 155 6.54 -16.58 47.47
N GLY D 156 6.28 -15.41 46.81
CA GLY D 156 5.59 -14.27 47.38
C GLY D 156 4.26 -14.59 48.02
N VAL D 157 3.41 -15.38 47.32
CA VAL D 157 2.11 -15.83 47.78
C VAL D 157 2.25 -16.74 48.99
N ALA D 158 3.14 -17.76 48.87
CA ALA D 158 3.45 -18.71 49.92
C ALA D 158 3.91 -18.04 51.19
N PHE D 159 4.79 -17.02 51.08
CA PHE D 159 5.30 -16.23 52.18
C PHE D 159 4.23 -15.59 53.03
N THR D 160 3.13 -15.08 52.42
CA THR D 160 2.08 -14.41 53.15
C THR D 160 1.32 -15.40 53.98
N TRP D 161 1.03 -16.59 53.40
CA TRP D 161 0.39 -17.70 54.06
C TRP D 161 1.15 -18.16 55.28
N VAL D 162 2.49 -18.38 55.13
CA VAL D 162 3.38 -18.86 56.17
C VAL D 162 3.46 -17.91 57.34
N MET D 163 3.66 -16.60 57.06
CA MET D 163 3.66 -15.56 58.06
C MET D 163 2.36 -15.42 58.81
N ALA D 164 1.23 -15.69 58.11
CA ALA D 164 -0.09 -15.59 58.66
C ALA D 164 -0.35 -16.71 59.62
N LEU D 165 0.00 -17.96 59.22
CA LEU D 165 -0.02 -19.12 60.08
C LEU D 165 0.86 -18.97 61.29
N ALA D 166 2.04 -18.33 61.13
CA ALA D 166 2.96 -17.95 62.21
C ALA D 166 2.34 -17.04 63.26
N CYS D 167 1.15 -16.47 63.01
CA CYS D 167 0.47 -15.53 63.86
C CYS D 167 -0.80 -16.17 64.36
N ALA D 168 -1.59 -16.75 63.44
CA ALA D 168 -2.89 -17.32 63.72
C ALA D 168 -2.81 -18.62 64.49
N ALA D 169 -1.75 -19.42 64.30
CA ALA D 169 -1.62 -20.72 64.94
C ALA D 169 -1.22 -20.62 66.39
N PRO D 170 -0.27 -19.80 66.89
CA PRO D 170 0.06 -19.66 68.30
C PRO D 170 -1.10 -19.51 69.27
N PRO D 171 -2.16 -18.70 69.16
CA PRO D 171 -3.22 -18.64 70.17
C PRO D 171 -4.02 -19.92 70.30
N LEU D 172 -3.89 -20.90 69.36
CA LEU D 172 -4.58 -22.17 69.46
C LEU D 172 -3.83 -23.16 70.30
N VAL D 173 -2.53 -22.91 70.60
CA VAL D 173 -1.67 -23.83 71.32
C VAL D 173 -1.23 -23.20 72.61
N GLY D 174 -1.82 -22.03 72.97
CA GLY D 174 -1.74 -21.50 74.31
C GLY D 174 -0.74 -20.40 74.46
N TRP D 175 -0.10 -19.92 73.36
CA TRP D 175 0.74 -18.75 73.42
C TRP D 175 -0.19 -17.65 72.99
N SER D 176 -0.72 -16.92 74.00
CA SER D 176 -1.93 -16.14 73.93
C SER D 176 -3.13 -17.00 73.62
N ARG D 177 -4.29 -16.38 73.35
CA ARG D 177 -5.52 -17.09 73.16
C ARG D 177 -6.43 -16.17 72.41
N TYR D 178 -7.48 -16.73 71.79
CA TYR D 178 -8.53 -15.92 71.22
C TYR D 178 -9.54 -15.81 72.31
N ILE D 179 -10.05 -14.58 72.54
CA ILE D 179 -11.03 -14.28 73.54
C ILE D 179 -11.77 -13.10 72.99
N PRO D 180 -13.05 -12.86 73.30
CA PRO D 180 -13.82 -11.73 72.82
C PRO D 180 -13.15 -10.37 72.95
N GLU D 181 -13.30 -9.53 71.90
CA GLU D 181 -12.85 -8.16 71.83
C GLU D 181 -14.11 -7.36 71.64
N GLY D 182 -13.99 -6.01 71.65
CA GLY D 182 -15.08 -5.09 71.38
C GLY D 182 -16.16 -5.20 72.42
N MET D 183 -17.43 -5.31 71.96
CA MET D 183 -18.59 -5.40 72.82
C MET D 183 -18.94 -6.84 73.06
N GLN D 184 -17.99 -7.75 72.70
CA GLN D 184 -17.90 -9.13 73.08
C GLN D 184 -18.66 -9.99 72.10
N CYS D 185 -18.74 -9.55 70.83
CA CYS D 185 -19.46 -10.24 69.79
C CYS D 185 -18.51 -10.55 68.67
N SER D 186 -17.19 -10.29 68.87
CA SER D 186 -16.18 -10.73 67.95
C SER D 186 -15.10 -11.20 68.85
N CYS D 187 -14.25 -12.12 68.35
CA CYS D 187 -13.13 -12.65 69.05
C CYS D 187 -11.92 -12.15 68.35
N GLY D 188 -10.98 -11.56 69.13
CA GLY D 188 -9.73 -11.10 68.61
C GLY D 188 -8.66 -11.80 69.37
N ILE D 189 -7.42 -11.29 69.20
CA ILE D 189 -6.20 -11.73 69.80
C ILE D 189 -6.11 -11.18 71.20
N ASP D 190 -5.65 -12.02 72.15
CA ASP D 190 -5.39 -11.60 73.51
C ASP D 190 -4.05 -10.88 73.53
N TYR D 191 -4.11 -9.55 73.73
CA TYR D 191 -2.97 -8.66 73.74
C TYR D 191 -3.23 -7.64 74.82
N TYR D 192 -4.50 -7.52 75.24
CA TYR D 192 -5.01 -6.50 76.12
C TYR D 192 -5.18 -7.00 77.54
N THR D 193 -4.78 -8.27 77.80
CA THR D 193 -4.85 -8.87 79.12
C THR D 193 -3.40 -9.16 79.43
N PRO D 194 -2.87 -8.85 80.61
CA PRO D 194 -1.52 -9.22 80.99
C PRO D 194 -1.62 -10.52 81.77
N HIS D 195 -2.22 -11.56 81.16
CA HIS D 195 -2.51 -12.82 81.83
C HIS D 195 -1.35 -13.73 81.63
N GLU D 196 -0.68 -14.06 82.76
CA GLU D 196 0.57 -14.79 82.83
C GLU D 196 0.48 -16.18 82.23
N GLU D 197 -0.66 -16.87 82.47
CA GLU D 197 -0.91 -18.25 82.11
C GLU D 197 -0.79 -18.59 80.63
N THR D 198 -0.81 -17.58 79.74
CA THR D 198 -0.74 -17.78 78.31
C THR D 198 0.45 -17.05 77.75
N ASN D 199 1.15 -16.24 78.58
CA ASN D 199 2.40 -15.58 78.26
C ASN D 199 2.18 -14.47 77.26
N ASN D 200 1.10 -13.69 77.49
CA ASN D 200 0.65 -12.57 76.68
C ASN D 200 1.72 -11.55 76.40
N GLU D 201 2.53 -11.20 77.43
CA GLU D 201 3.54 -10.15 77.37
C GLU D 201 4.55 -10.35 76.27
N SER D 202 5.15 -11.56 76.18
CA SER D 202 6.11 -11.93 75.16
C SER D 202 5.50 -11.94 73.77
N PHE D 203 4.22 -12.40 73.67
CA PHE D 203 3.45 -12.42 72.43
C PHE D 203 3.24 -11.01 71.91
N VAL D 204 2.89 -10.04 72.78
CA VAL D 204 2.65 -8.66 72.43
C VAL D 204 3.89 -8.01 71.84
N ILE D 205 5.08 -8.32 72.41
CA ILE D 205 6.35 -7.84 71.89
C ILE D 205 6.61 -8.43 70.52
N TYR D 206 6.44 -9.77 70.38
CA TYR D 206 6.57 -10.51 69.13
C TYR D 206 5.71 -9.95 68.01
N MET D 207 4.40 -9.77 68.31
CA MET D 207 3.40 -9.17 67.45
C MET D 207 3.77 -7.80 66.98
N PHE D 208 4.12 -6.90 67.92
CA PHE D 208 4.47 -5.53 67.64
C PHE D 208 5.69 -5.43 66.74
N VAL D 209 6.72 -6.27 66.98
CA VAL D 209 7.94 -6.21 66.21
C VAL D 209 7.77 -6.86 64.86
N VAL D 210 7.42 -8.17 64.83
CA VAL D 210 7.45 -8.95 63.60
C VAL D 210 6.30 -8.62 62.67
N HIS D 211 5.11 -8.29 63.21
CA HIS D 211 3.91 -8.13 62.43
C HIS D 211 3.47 -6.68 62.29
N PHE D 212 4.14 -5.69 62.92
CA PHE D 212 3.85 -4.30 62.64
C PHE D 212 5.09 -3.57 62.19
N ILE D 213 6.14 -3.52 63.05
CA ILE D 213 7.35 -2.76 62.80
C ILE D 213 8.07 -3.19 61.54
N ILE D 214 8.39 -4.50 61.38
CA ILE D 214 8.93 -5.08 60.16
C ILE D 214 8.15 -4.65 58.91
N PRO D 215 6.85 -4.96 58.71
CA PRO D 215 6.02 -4.43 57.64
C PRO D 215 6.14 -2.94 57.40
N LEU D 216 6.03 -2.12 58.48
CA LEU D 216 6.10 -0.68 58.44
C LEU D 216 7.39 -0.18 57.85
N ILE D 217 8.54 -0.77 58.28
CA ILE D 217 9.86 -0.45 57.78
C ILE D 217 9.98 -0.79 56.32
N VAL D 218 9.61 -2.04 55.93
CA VAL D 218 9.69 -2.53 54.57
C VAL D 218 8.91 -1.68 53.60
N ILE D 219 7.63 -1.37 53.94
CA ILE D 219 6.73 -0.51 53.21
C ILE D 219 7.30 0.87 52.98
N PHE D 220 7.84 1.51 54.04
CA PHE D 220 8.41 2.84 53.99
C PHE D 220 9.62 2.91 53.09
N PHE D 221 10.52 1.90 53.19
CA PHE D 221 11.72 1.75 52.38
C PHE D 221 11.39 1.70 50.90
N CYS D 222 10.63 0.65 50.50
CA CYS D 222 10.17 0.37 49.17
C CYS D 222 9.54 1.54 48.48
N TYR D 223 8.52 2.15 49.13
CA TYR D 223 7.79 3.26 48.57
C TYR D 223 8.56 4.54 48.53
N GLY D 224 9.46 4.77 49.52
CA GLY D 224 10.41 5.88 49.52
C GLY D 224 11.29 5.87 48.32
N GLN D 225 11.94 4.70 48.07
CA GLN D 225 12.70 4.40 46.87
C GLN D 225 11.94 4.66 45.59
N LEU D 226 10.71 4.09 45.48
CA LEU D 226 9.85 4.25 44.32
C LEU D 226 9.55 5.69 43.99
N VAL D 227 9.16 6.50 45.01
CA VAL D 227 8.90 7.93 44.86
C VAL D 227 10.14 8.69 44.45
N PHE D 228 11.32 8.31 44.99
CA PHE D 228 12.61 8.88 44.63
C PHE D 228 12.87 8.67 43.16
N THR D 229 12.88 7.39 42.70
CA THR D 229 13.01 6.98 41.32
C THR D 229 12.13 7.75 40.35
N VAL D 230 10.81 7.87 40.65
CA VAL D 230 9.83 8.50 39.78
C VAL D 230 10.04 9.99 39.68
N LYS D 231 10.41 10.66 40.81
CA LYS D 231 10.80 12.04 40.85
C LYS D 231 12.01 12.34 40.01
N GLU D 232 13.05 11.48 40.12
CA GLU D 232 14.30 11.55 39.39
C GLU D 232 14.07 11.43 37.91
N ALA D 233 13.35 10.39 37.47
CA ALA D 233 12.96 10.14 36.08
C ALA D 233 12.29 11.34 35.42
N ALA D 234 11.35 11.98 36.16
CA ALA D 234 10.61 13.14 35.74
C ALA D 234 11.51 14.34 35.58
N ALA D 235 12.46 14.53 36.53
CA ALA D 235 13.47 15.56 36.52
C ALA D 235 14.37 15.49 35.30
N GLN D 236 14.70 14.25 34.85
CA GLN D 236 15.54 14.01 33.70
C GLN D 236 14.78 14.09 32.40
N GLN D 237 13.50 14.53 32.41
CA GLN D 237 12.70 14.53 31.21
C GLN D 237 11.50 15.36 31.51
N GLN D 238 11.67 16.70 31.42
CA GLN D 238 10.66 17.67 31.77
C GLN D 238 10.02 18.20 30.51
N GLU D 239 10.43 17.65 29.33
CA GLU D 239 9.91 17.97 28.03
C GLU D 239 8.44 17.64 27.92
N SER D 240 8.05 16.45 28.42
CA SER D 240 6.68 15.97 28.36
C SER D 240 5.97 16.39 29.62
N ALA D 241 4.82 17.09 29.44
CA ALA D 241 3.91 17.54 30.46
C ALA D 241 3.35 16.38 31.26
N THR D 242 2.97 15.31 30.51
CA THR D 242 2.40 14.07 30.99
C THR D 242 3.22 13.45 32.09
N THR D 243 4.55 13.26 31.87
CA THR D 243 5.44 12.68 32.86
C THR D 243 5.50 13.47 34.15
N GLN D 244 5.41 14.82 34.10
CA GLN D 244 5.39 15.68 35.28
C GLN D 244 4.13 15.50 36.10
N LYS D 245 2.97 15.39 35.41
CA LYS D 245 1.67 15.18 36.01
C LYS D 245 1.61 13.86 36.72
N ALA D 246 2.05 12.81 35.99
CA ALA D 246 2.21 11.45 36.42
C ALA D 246 3.03 11.33 37.67
N GLU D 247 4.16 12.08 37.76
CA GLU D 247 5.07 12.05 38.88
C GLU D 247 4.41 12.51 40.14
N LYS D 248 3.59 13.59 40.04
CA LYS D 248 2.80 14.13 41.12
C LYS D 248 1.71 13.18 41.55
N GLU D 249 0.99 12.60 40.55
CA GLU D 249 -0.08 11.65 40.79
C GLU D 249 0.40 10.40 41.47
N VAL D 250 1.51 9.81 40.98
CA VAL D 250 2.18 8.63 41.51
C VAL D 250 2.64 8.82 42.92
N THR D 251 3.22 10.01 43.26
CA THR D 251 3.65 10.35 44.59
C THR D 251 2.47 10.40 45.53
N ARG D 252 1.35 11.00 45.07
CA ARG D 252 0.08 11.05 45.78
C ARG D 252 -0.46 9.68 46.09
N MET D 253 -0.58 8.80 45.07
CA MET D 253 -0.95 7.40 45.19
C MET D 253 -0.14 6.65 46.21
N VAL D 254 1.20 6.82 46.22
CA VAL D 254 2.11 6.16 47.12
C VAL D 254 1.86 6.56 48.56
N ILE D 255 1.53 7.85 48.79
CA ILE D 255 1.16 8.39 50.08
C ILE D 255 -0.12 7.74 50.56
N ILE D 256 -1.12 7.55 49.66
CA ILE D 256 -2.36 6.84 49.92
C ILE D 256 -2.08 5.40 50.30
N MET D 257 -1.20 4.70 49.54
CA MET D 257 -0.82 3.32 49.77
C MET D 257 -0.18 3.07 51.11
N VAL D 258 0.70 4.00 51.57
CA VAL D 258 1.41 3.90 52.83
C VAL D 258 0.44 4.12 53.96
N ILE D 259 -0.32 5.24 53.90
CA ILE D 259 -1.40 5.60 54.80
C ILE D 259 -2.41 4.51 55.01
N ALA D 260 -2.80 3.75 53.94
CA ALA D 260 -3.78 2.70 54.03
C ALA D 260 -3.31 1.55 54.88
N PHE D 261 -1.99 1.22 54.84
CA PHE D 261 -1.39 0.23 55.70
C PHE D 261 -1.35 0.72 57.13
N LEU D 262 -1.04 2.02 57.33
CA LEU D 262 -0.97 2.64 58.64
C LEU D 262 -2.30 2.59 59.34
N ILE D 263 -3.37 3.12 58.71
CA ILE D 263 -4.74 3.09 59.19
C ILE D 263 -5.17 1.71 59.60
N CYS D 264 -4.79 0.67 58.81
CA CYS D 264 -5.23 -0.68 59.04
C CYS D 264 -4.65 -1.32 60.29
N TRP D 265 -3.34 -1.11 60.60
CA TRP D 265 -2.69 -1.84 61.69
C TRP D 265 -2.20 -0.99 62.84
N LEU D 266 -2.04 0.34 62.64
CA LEU D 266 -1.65 1.28 63.67
C LEU D 266 -2.58 1.28 64.87
N PRO D 267 -3.93 1.28 64.79
CA PRO D 267 -4.82 1.21 65.94
C PRO D 267 -4.54 0.06 66.87
N TYR D 268 -4.44 -1.19 66.35
CA TYR D 268 -4.08 -2.36 67.12
C TYR D 268 -2.76 -2.21 67.84
N ALA D 269 -1.72 -1.72 67.12
CA ALA D 269 -0.40 -1.51 67.66
C ALA D 269 -0.39 -0.46 68.73
N GLY D 270 -1.01 0.71 68.46
CA GLY D 270 -1.15 1.81 69.38
C GLY D 270 -1.79 1.45 70.70
N VAL D 271 -3.00 0.85 70.63
CA VAL D 271 -3.74 0.38 71.80
C VAL D 271 -2.97 -0.63 72.59
N ALA D 272 -2.45 -1.70 71.93
CA ALA D 272 -1.66 -2.74 72.56
C ALA D 272 -0.46 -2.22 73.31
N PHE D 273 0.26 -1.25 72.68
CA PHE D 273 1.45 -0.65 73.23
C PHE D 273 1.15 0.17 74.47
N TYR D 274 0.07 1.00 74.43
CA TYR D 274 -0.30 1.86 75.52
C TYR D 274 -0.64 1.08 76.78
N ILE D 275 -1.47 0.02 76.65
CA ILE D 275 -1.85 -0.86 77.72
C ILE D 275 -0.66 -1.59 78.31
N PHE D 276 0.33 -1.97 77.47
CA PHE D 276 1.53 -2.65 77.89
C PHE D 276 2.43 -1.73 78.71
N THR D 277 2.59 -0.47 78.26
CA THR D 277 3.42 0.53 78.88
C THR D 277 2.81 1.07 80.16
N HIS D 278 1.47 1.17 80.21
CA HIS D 278 0.75 1.72 81.33
C HIS D 278 -0.24 0.70 81.77
N GLN D 279 -0.02 0.13 82.98
CA GLN D 279 -0.86 -0.90 83.55
C GLN D 279 -2.01 -0.24 84.27
N GLY D 280 -3.19 -0.90 84.21
CA GLY D 280 -4.39 -0.43 84.86
C GLY D 280 -5.09 0.65 84.10
N SER D 281 -4.88 0.72 82.76
CA SER D 281 -5.50 1.69 81.91
C SER D 281 -6.78 1.08 81.40
N ASP D 282 -7.92 1.48 81.99
CA ASP D 282 -9.23 0.99 81.64
C ASP D 282 -9.73 1.72 80.42
N PHE D 283 -10.06 0.95 79.36
CA PHE D 283 -10.67 1.45 78.15
C PHE D 283 -11.90 0.63 77.94
N GLY D 284 -12.99 1.30 77.49
CA GLY D 284 -14.30 0.71 77.32
C GLY D 284 -14.34 -0.30 76.19
N PRO D 285 -15.48 -0.98 76.01
CA PRO D 285 -15.66 -1.99 74.98
C PRO D 285 -15.82 -1.35 73.63
N ILE D 286 -16.43 -0.14 73.57
CA ILE D 286 -16.69 0.62 72.37
C ILE D 286 -15.37 0.98 71.71
N PHE D 287 -14.40 1.43 72.55
CA PHE D 287 -13.05 1.74 72.18
C PHE D 287 -12.31 0.57 71.56
N MET D 288 -12.58 -0.67 72.04
CA MET D 288 -11.97 -1.88 71.52
C MET D 288 -12.55 -2.35 70.20
N THR D 289 -13.65 -1.73 69.74
CA THR D 289 -14.24 -2.05 68.46
C THR D 289 -13.58 -1.20 67.40
N ILE D 290 -12.99 -0.04 67.80
CA ILE D 290 -12.32 0.90 66.91
C ILE D 290 -11.20 0.28 66.08
N PRO D 291 -10.18 -0.42 66.62
CA PRO D 291 -9.16 -1.11 65.83
C PRO D 291 -9.69 -2.10 64.84
N ALA D 292 -10.82 -2.78 65.16
CA ALA D 292 -11.42 -3.78 64.32
C ALA D 292 -12.05 -3.15 63.12
N PHE D 293 -12.71 -1.98 63.32
CA PHE D 293 -13.34 -1.21 62.28
C PHE D 293 -12.34 -0.81 61.21
N PHE D 294 -11.20 -0.24 61.64
CA PHE D 294 -10.13 0.18 60.76
C PHE D 294 -9.52 -0.96 59.98
N ALA D 295 -9.23 -2.09 60.66
CA ALA D 295 -8.62 -3.25 60.03
C ALA D 295 -9.55 -3.87 59.02
N LYS D 296 -10.81 -4.15 59.42
CA LYS D 296 -11.80 -4.82 58.60
C LYS D 296 -12.19 -4.10 57.33
N THR D 297 -12.16 -2.74 57.33
CA THR D 297 -12.50 -1.94 56.17
C THR D 297 -11.48 -2.08 55.06
N SER D 298 -10.25 -2.57 55.37
CA SER D 298 -9.22 -2.78 54.37
C SER D 298 -9.58 -3.86 53.38
N ALA D 299 -10.58 -4.71 53.72
CA ALA D 299 -11.10 -5.71 52.81
C ALA D 299 -11.81 -5.10 51.63
N VAL D 300 -12.23 -3.81 51.74
CA VAL D 300 -12.83 -3.06 50.67
C VAL D 300 -11.79 -2.17 50.02
N TYR D 301 -11.04 -1.35 50.81
CA TYR D 301 -10.22 -0.30 50.21
C TYR D 301 -8.95 -0.80 49.57
N ASN D 302 -8.36 -1.92 50.07
CA ASN D 302 -7.22 -2.55 49.42
C ASN D 302 -7.52 -2.89 47.97
N PRO D 303 -8.59 -3.59 47.57
CA PRO D 303 -8.88 -3.80 46.17
C PRO D 303 -9.18 -2.55 45.37
N VAL D 304 -9.73 -1.47 45.97
CA VAL D 304 -9.92 -0.22 45.25
C VAL D 304 -8.60 0.35 44.80
N ILE D 305 -7.65 0.48 45.76
CA ILE D 305 -6.31 1.00 45.53
C ILE D 305 -5.50 0.13 44.58
N TYR D 306 -5.49 -1.19 44.83
CA TYR D 306 -4.53 -2.10 44.26
C TYR D 306 -4.97 -2.81 43.01
N ILE D 307 -6.25 -2.67 42.58
CA ILE D 307 -6.77 -3.39 41.44
C ILE D 307 -7.31 -2.37 40.48
N MET D 308 -8.36 -1.60 40.85
CA MET D 308 -9.06 -0.69 39.96
C MET D 308 -8.17 0.31 39.29
N MET D 309 -7.18 0.87 40.03
CA MET D 309 -6.25 1.86 39.55
C MET D 309 -5.42 1.33 38.40
N ASN D 310 -5.15 2.23 37.42
CA ASN D 310 -4.35 2.03 36.23
C ASN D 310 -5.23 1.55 35.10
N LYS D 311 -4.92 2.09 33.90
CA LYS D 311 -5.54 1.93 32.61
C LYS D 311 -5.90 0.53 32.21
N GLN D 312 -4.99 -0.45 32.41
CA GLN D 312 -5.14 -1.81 31.93
C GLN D 312 -6.34 -2.47 32.56
N PHE D 313 -6.40 -2.50 33.91
CA PHE D 313 -7.51 -3.01 34.69
C PHE D 313 -8.83 -2.37 34.33
N ARG D 314 -8.83 -1.02 34.20
CA ARG D 314 -9.97 -0.19 33.86
C ARG D 314 -10.64 -0.63 32.59
N ASN D 315 -9.87 -0.69 31.48
CA ASN D 315 -10.28 -1.15 30.17
C ASN D 315 -10.93 -2.52 30.22
N CYS D 316 -10.26 -3.51 30.87
CA CYS D 316 -10.79 -4.84 31.08
C CYS D 316 -12.11 -4.86 31.82
N MET D 317 -12.27 -4.04 32.89
CA MET D 317 -13.52 -3.87 33.61
C MET D 317 -14.63 -3.32 32.75
N VAL D 318 -14.33 -2.30 31.90
CA VAL D 318 -15.26 -1.69 30.97
C VAL D 318 -15.73 -2.71 29.96
N THR D 319 -14.79 -3.50 29.38
CA THR D 319 -15.05 -4.59 28.46
C THR D 319 -16.01 -5.59 29.07
N THR D 320 -15.78 -5.99 30.35
CA THR D 320 -16.56 -6.98 31.06
C THR D 320 -17.94 -6.45 31.38
N LEU D 321 -18.06 -5.15 31.75
CA LEU D 321 -19.32 -4.49 32.02
C LEU D 321 -20.16 -4.33 30.78
N CYS D 322 -19.50 -4.17 29.60
CA CYS D 322 -20.16 -4.06 28.32
C CYS D 322 -20.14 -5.40 27.64
N CYS D 323 -20.58 -6.46 28.37
CA CYS D 323 -20.91 -7.77 27.86
C CYS D 323 -19.71 -8.49 27.31
N GLY D 324 -18.63 -8.56 28.13
CA GLY D 324 -17.38 -9.20 27.75
C GLY D 324 -17.47 -10.66 28.09
N1 SGV E . 13.00 -2.21 17.69
C2 SGV E . 12.01 -1.46 18.24
N3 SGV E . 10.68 -1.72 18.24
C4 SGV E . 10.37 -2.87 17.60
C5 SGV E . 11.27 -3.75 17.00
C6 SGV E . 12.64 -3.37 17.06
N6 SGV E . 13.65 -4.14 16.50
C7 SGV E . 10.50 -4.83 16.47
C8 SGV E . 9.17 -4.55 16.75
N9 SGV E . 9.10 -3.37 17.45
C1' SGV E . 7.89 -2.72 17.93
C10 SGV E . 10.95 -6.01 15.74
N11 SGV E . 10.12 -7.10 15.82
O12 SGV E . 12.00 -6.03 15.14
C2' SGV E . 7.31 -1.79 16.91
O2' SGV E . 7.95 -0.52 16.89
C3' SGV E . 5.86 -1.74 17.32
O3' SGV E . 5.68 -0.90 18.45
C4' SGV E . 5.61 -3.16 17.75
O4' SGV E . 6.87 -3.68 18.21
C5' SGV E . 5.15 -3.99 16.56
O5' SGV E . 4.65 -5.24 17.02
C1 RET F . -0.17 -5.68 65.57
C2 RET F . 0.66 -4.78 66.48
C3 RET F . 0.88 -5.34 67.87
C4 RET F . -0.47 -5.57 68.54
C5 RET F . -1.39 -6.44 67.67
C6 RET F . -1.29 -6.46 66.31
C7 RET F . -2.19 -7.20 65.41
C8 RET F . -3.51 -7.39 65.59
C9 RET F . -4.35 -8.10 64.63
C10 RET F . -5.72 -8.06 64.80
C11 RET F . -6.66 -8.56 63.88
C12 RET F . -8.00 -8.37 64.08
C13 RET F . -9.01 -8.71 63.18
C14 RET F . -10.33 -8.35 63.47
C15 RET F . -11.38 -8.50 62.62
C16 RET F . 0.79 -6.69 64.90
C17 RET F . -0.76 -4.79 64.46
C18 RET F . -2.39 -7.29 68.45
C19 RET F . -3.71 -8.84 63.47
C20 RET F . -8.65 -9.41 61.87
N LEU A 6 -1.26 4.70 34.14
CA LEU A 6 -1.15 4.77 35.56
C LEU A 6 0.15 4.10 35.88
N GLU A 7 0.14 2.81 36.26
CA GLU A 7 1.34 2.01 36.47
C GLU A 7 2.14 1.83 35.20
N THR A 8 1.44 1.72 34.04
CA THR A 8 2.06 1.71 32.74
C THR A 8 2.78 3.00 32.44
N VAL A 9 2.21 4.15 32.87
CA VAL A 9 2.87 5.44 32.82
C VAL A 9 4.10 5.50 33.71
N VAL A 10 4.09 4.87 34.92
CA VAL A 10 5.25 4.74 35.79
C VAL A 10 6.35 3.97 35.12
N ALA A 11 5.97 2.85 34.45
CA ALA A 11 6.89 2.03 33.68
C ALA A 11 7.46 2.79 32.52
N ASN A 12 6.62 3.61 31.85
CA ASN A 12 6.98 4.49 30.76
C ASN A 12 7.93 5.56 31.22
N SER A 13 7.70 6.12 32.43
CA SER A 13 8.59 7.09 33.04
C SER A 13 9.93 6.48 33.35
N ALA A 14 9.96 5.22 33.86
CA ALA A 14 11.19 4.50 34.10
C ALA A 14 11.97 4.23 32.83
N PHE A 15 11.24 3.98 31.71
CA PHE A 15 11.80 3.76 30.39
C PHE A 15 12.49 5.02 29.91
N ILE A 16 11.84 6.19 30.10
CA ILE A 16 12.35 7.49 29.75
C ILE A 16 13.62 7.78 30.54
N ALA A 17 13.66 7.35 31.83
CA ALA A 17 14.79 7.51 32.72
C ALA A 17 15.97 6.73 32.22
N ALA A 18 15.71 5.47 31.79
CA ALA A 18 16.69 4.55 31.26
C ALA A 18 17.29 5.06 29.96
N ARG A 19 16.45 5.67 29.10
CA ARG A 19 16.81 6.23 27.82
C ARG A 19 17.81 7.34 27.99
N GLY A 20 17.61 8.18 29.02
CA GLY A 20 18.46 9.29 29.37
C GLY A 20 19.84 8.82 29.74
N SER A 21 19.93 7.73 30.56
CA SER A 21 21.16 7.09 30.95
C SER A 21 21.86 6.48 29.74
N PHE A 22 21.06 5.83 28.86
CA PHE A 22 21.50 5.18 27.64
C PHE A 22 22.09 6.18 26.66
N ASP A 23 21.42 7.34 26.51
CA ASP A 23 21.85 8.44 25.66
C ASP A 23 23.15 9.02 26.15
N ALA A 24 23.30 9.13 27.48
CA ALA A 24 24.50 9.60 28.13
C ALA A 24 25.40 8.41 28.39
N MET A 182 21.04 -18.42 28.57
CA MET A 182 20.35 -17.23 28.16
C MET A 182 18.89 -17.59 28.20
N GLY A 183 18.02 -16.59 28.50
CA GLY A 183 17.02 -16.77 29.52
C GLY A 183 16.96 -15.49 30.29
N GLU A 184 16.22 -15.54 31.43
CA GLU A 184 15.96 -14.39 32.28
C GLU A 184 17.07 -14.28 33.28
N ASP A 185 17.09 -13.15 34.04
CA ASP A 185 18.19 -12.69 34.86
C ASP A 185 19.29 -12.18 33.96
N TRP A 186 18.90 -11.37 32.96
CA TRP A 186 19.76 -10.97 31.88
C TRP A 186 19.12 -9.82 31.18
N PHE A 187 17.81 -9.59 31.42
CA PHE A 187 17.15 -8.45 30.88
C PHE A 187 16.24 -7.87 31.93
N LEU A 188 16.43 -6.56 32.18
CA LEU A 188 15.58 -5.72 32.99
C LEU A 188 14.43 -5.31 32.10
N ASP A 189 13.19 -5.34 32.61
CA ASP A 189 11.99 -5.27 31.81
C ASP A 189 11.40 -3.90 31.95
N PHE A 190 10.88 -3.35 30.83
CA PHE A 190 10.15 -2.11 30.82
C PHE A 190 8.78 -2.44 30.27
N ARG A 191 8.00 -1.38 29.96
CA ARG A 191 6.68 -1.44 29.38
C ARG A 191 6.62 -2.22 28.09
N VAL A 192 5.44 -2.85 27.86
CA VAL A 192 5.10 -3.45 26.58
C VAL A 192 4.89 -2.33 25.61
N LEU A 193 5.05 -2.61 24.29
CA LEU A 193 5.05 -1.59 23.27
C LEU A 193 3.89 -1.88 22.37
N GLY A 194 3.21 -3.03 22.59
CA GLY A 194 2.04 -3.40 21.85
C GLY A 194 1.80 -4.84 22.17
N ARG A 195 0.64 -5.36 21.74
CA ARG A 195 0.31 -6.76 21.78
C ARG A 195 0.14 -7.07 20.32
N GLY A 196 1.11 -7.84 19.77
CA GLY A 196 1.14 -8.38 18.42
C GLY A 196 0.12 -9.47 18.20
N GLY A 197 0.49 -10.47 17.37
CA GLY A 197 -0.38 -11.58 17.05
C GLY A 197 -0.20 -12.70 18.02
N PHE A 198 1.05 -12.94 18.47
CA PHE A 198 1.40 -14.08 19.29
C PHE A 198 1.69 -13.64 20.69
N GLY A 199 1.64 -12.31 20.97
CA GLY A 199 1.83 -11.81 22.31
C GLY A 199 2.51 -10.49 22.21
N GLU A 200 2.94 -9.96 23.38
CA GLU A 200 3.50 -8.66 23.55
C GLU A 200 4.91 -8.56 23.06
N VAL A 201 5.33 -7.32 22.72
CA VAL A 201 6.67 -7.00 22.28
C VAL A 201 7.03 -5.85 23.14
N PHE A 202 7.95 -6.09 24.13
CA PHE A 202 8.29 -5.11 25.14
C PHE A 202 9.73 -4.71 25.00
N ALA A 203 10.05 -3.48 25.49
CA ALA A 203 11.40 -3.03 25.62
C ALA A 203 12.08 -3.68 26.78
N CYS A 204 13.43 -3.74 26.73
CA CYS A 204 14.23 -4.50 27.65
C CYS A 204 15.64 -3.96 27.51
N GLN A 205 16.55 -4.32 28.45
CA GLN A 205 17.90 -3.80 28.44
C GLN A 205 18.87 -4.84 28.93
N MET A 206 20.01 -4.96 28.20
CA MET A 206 21.17 -5.78 28.48
C MET A 206 21.93 -5.44 29.73
N LYS A 207 22.16 -6.47 30.57
CA LYS A 207 22.89 -6.40 31.82
C LYS A 207 24.31 -5.94 31.60
N ALA A 208 24.98 -6.51 30.56
CA ALA A 208 26.41 -6.42 30.40
C ALA A 208 26.80 -5.40 29.37
N THR A 209 25.84 -4.67 28.77
CA THR A 209 26.14 -3.83 27.62
C THR A 209 25.44 -2.51 27.83
N GLY A 210 24.28 -2.51 28.55
CA GLY A 210 23.55 -1.32 28.94
C GLY A 210 22.92 -0.68 27.75
N LYS A 211 22.42 -1.51 26.80
CA LYS A 211 21.83 -1.08 25.57
C LYS A 211 20.40 -1.55 25.53
N LEU A 212 19.52 -0.73 24.92
CA LEU A 212 18.11 -0.98 24.85
C LEU A 212 17.85 -1.78 23.61
N TYR A 213 16.96 -2.79 23.72
CA TYR A 213 16.61 -3.68 22.64
C TYR A 213 15.13 -3.91 22.76
N ALA A 214 14.47 -4.24 21.62
CA ALA A 214 13.15 -4.81 21.64
C ALA A 214 13.24 -6.30 21.70
N CYS A 215 12.30 -6.89 22.48
CA CYS A 215 12.15 -8.30 22.71
C CYS A 215 10.78 -8.65 22.24
N LYS A 216 10.67 -9.26 21.05
CA LYS A 216 9.44 -9.79 20.53
C LYS A 216 9.18 -11.12 21.20
N LYS A 217 8.22 -11.10 22.15
CA LYS A 217 7.77 -12.26 22.87
C LYS A 217 6.65 -12.90 22.10
N LEU A 218 6.67 -14.24 22.02
CA LEU A 218 5.62 -15.03 21.44
C LEU A 218 5.22 -15.91 22.60
N ASN A 219 4.07 -15.57 23.23
CA ASN A 219 3.50 -16.25 24.37
C ASN A 219 3.13 -17.67 23.99
N LYS A 220 3.55 -18.64 24.85
CA LYS A 220 3.36 -20.07 24.69
C LYS A 220 1.91 -20.45 24.56
N LYS A 221 1.03 -19.75 25.32
CA LYS A 221 -0.39 -19.96 25.34
C LYS A 221 -1.00 -19.62 24.00
N ARG A 222 -0.74 -18.39 23.50
CA ARG A 222 -1.17 -17.89 22.21
C ARG A 222 -0.64 -18.68 21.04
N LEU A 223 0.59 -19.25 21.17
CA LEU A 223 1.24 -20.11 20.22
C LEU A 223 0.45 -21.37 20.02
N LYS A 224 0.04 -22.04 21.13
CA LYS A 224 -0.73 -23.25 21.12
C LYS A 224 -2.07 -23.06 20.47
N LYS A 225 -2.73 -21.92 20.76
CA LYS A 225 -4.04 -21.58 20.23
C LYS A 225 -4.05 -21.45 18.73
N ARG A 226 -3.13 -20.61 18.18
CA ARG A 226 -3.02 -20.36 16.76
C ARG A 226 -2.25 -21.42 16.01
N LYS A 227 -1.56 -22.33 16.74
CA LYS A 227 -0.64 -23.31 16.20
C LYS A 227 0.46 -22.66 15.40
N GLY A 228 1.13 -21.65 16.01
CA GLY A 228 2.04 -20.75 15.34
C GLY A 228 3.47 -21.18 15.50
N TYR A 229 3.73 -22.51 15.60
CA TYR A 229 5.04 -23.06 15.89
C TYR A 229 5.95 -22.97 14.69
N GLN A 230 5.38 -23.22 13.48
CA GLN A 230 6.07 -23.14 12.21
C GLN A 230 6.50 -21.72 11.95
N GLY A 231 5.57 -20.76 12.19
CA GLY A 231 5.70 -19.35 11.90
C GLY A 231 6.82 -18.72 12.66
N ALA A 232 7.04 -19.19 13.91
CA ALA A 232 8.07 -18.75 14.81
C ALA A 232 9.42 -19.12 14.25
N MET A 233 9.59 -20.39 13.81
CA MET A 233 10.85 -20.91 13.29
C MET A 233 11.27 -20.22 12.02
N VAL A 234 10.29 -19.81 11.17
CA VAL A 234 10.51 -19.18 9.89
C VAL A 234 11.10 -17.81 10.10
N GLU A 235 10.45 -17.01 10.98
CA GLU A 235 10.84 -15.66 11.34
C GLU A 235 12.24 -15.59 11.92
N LYS A 236 12.61 -16.61 12.72
CA LYS A 236 13.89 -16.79 13.36
C LYS A 236 14.96 -16.94 12.31
N LYS A 237 14.88 -18.05 11.52
CA LYS A 237 15.85 -18.45 10.53
C LYS A 237 16.13 -17.39 9.49
N ILE A 238 15.09 -16.66 9.06
CA ILE A 238 15.16 -15.63 8.05
C ILE A 238 15.92 -14.43 8.59
N LEU A 239 15.47 -13.80 9.71
CA LEU A 239 16.18 -12.68 10.31
C LEU A 239 17.61 -12.99 10.67
N ALA A 240 17.88 -14.24 11.12
CA ALA A 240 19.19 -14.75 11.49
C ALA A 240 20.16 -14.76 10.33
N LYS A 241 19.65 -14.98 9.09
CA LYS A 241 20.44 -15.20 7.92
C LYS A 241 20.61 -13.94 7.13
N VAL A 242 19.57 -13.07 7.12
CA VAL A 242 19.48 -11.94 6.24
C VAL A 242 19.82 -10.71 7.02
N HIS A 243 20.86 -9.98 6.54
CA HIS A 243 21.36 -8.81 7.21
C HIS A 243 21.83 -7.87 6.13
N SER A 244 21.59 -6.56 6.34
CA SER A 244 22.14 -5.50 5.55
C SER A 244 22.08 -4.31 6.47
N ARG A 245 22.02 -3.08 5.91
CA ARG A 245 21.85 -1.88 6.70
C ARG A 245 20.43 -1.41 6.53
N PHE A 246 19.64 -2.13 5.71
CA PHE A 246 18.24 -1.85 5.45
C PHE A 246 17.44 -2.95 6.09
N ILE A 247 18.12 -3.93 6.72
CA ILE A 247 17.47 -5.04 7.41
C ILE A 247 18.19 -5.20 8.73
N VAL A 248 17.42 -5.24 9.84
CA VAL A 248 17.88 -5.44 11.20
C VAL A 248 18.44 -6.83 11.41
N SER A 249 19.41 -6.96 12.35
CA SER A 249 19.94 -8.23 12.80
C SER A 249 19.17 -8.76 13.97
N LEU A 250 19.29 -10.09 14.18
CA LEU A 250 18.75 -10.82 15.31
C LEU A 250 19.93 -11.08 16.21
N ALA A 251 19.77 -10.85 17.55
CA ALA A 251 20.87 -10.92 18.47
C ALA A 251 20.76 -12.14 19.35
N TYR A 252 19.53 -12.57 19.74
CA TYR A 252 19.36 -13.70 20.62
C TYR A 252 18.03 -14.34 20.33
N ALA A 253 17.97 -15.67 20.55
CA ALA A 253 16.76 -16.45 20.48
C ALA A 253 16.84 -17.36 21.67
N PHE A 254 16.07 -17.05 22.73
CA PHE A 254 16.01 -17.82 23.96
C PHE A 254 14.56 -18.01 24.29
N GLU A 255 14.28 -18.70 25.42
CA GLU A 255 12.94 -18.92 25.91
C GLU A 255 13.03 -18.57 27.36
N THR A 256 11.85 -18.27 27.95
CA THR A 256 11.66 -18.04 29.36
C THR A 256 10.48 -18.90 29.74
N LYS A 257 9.84 -18.61 30.90
CA LYS A 257 8.81 -19.40 31.53
C LYS A 257 7.59 -19.57 30.65
N THR A 258 7.12 -18.47 30.02
CA THR A 258 5.79 -18.40 29.45
C THR A 258 5.85 -17.94 28.02
N ASP A 259 7.06 -17.75 27.44
CA ASP A 259 7.16 -17.15 26.12
C ASP A 259 8.50 -17.49 25.52
N LEU A 260 8.55 -17.44 24.17
CA LEU A 260 9.75 -17.51 23.37
C LEU A 260 10.13 -16.10 23.02
N CYS A 261 11.44 -15.79 23.02
CA CYS A 261 11.92 -14.44 22.88
C CYS A 261 12.78 -14.37 21.64
N LEU A 262 12.60 -13.29 20.84
CA LEU A 262 13.54 -12.87 19.86
C LEU A 262 13.95 -11.49 20.29
N VAL A 263 15.25 -11.28 20.56
CA VAL A 263 15.81 -10.00 20.95
C VAL A 263 16.57 -9.52 19.76
N MET A 264 16.13 -8.38 19.16
CA MET A 264 16.67 -7.93 17.89
C MET A 264 17.26 -6.58 18.14
N THR A 265 18.15 -6.15 17.21
CA THR A 265 18.95 -4.95 17.29
C THR A 265 18.17 -3.66 17.31
N ILE A 266 18.72 -2.72 18.13
CA ILE A 266 18.33 -1.36 18.43
C ILE A 266 17.66 -0.63 17.30
N MET A 267 16.51 0.00 17.61
CA MET A 267 15.68 0.79 16.73
C MET A 267 14.78 1.44 17.73
N ASN A 268 15.18 2.66 18.19
CA ASN A 268 14.56 3.36 19.29
C ASN A 268 13.82 4.56 18.77
N GLY A 269 13.27 4.43 17.54
CA GLY A 269 12.77 5.56 16.78
C GLY A 269 11.34 5.28 16.44
N GLY A 270 10.80 4.09 16.84
CA GLY A 270 9.43 3.70 16.62
C GLY A 270 9.23 3.13 15.25
N ASP A 271 7.97 2.73 14.95
CA ASP A 271 7.58 2.15 13.69
C ASP A 271 6.82 3.22 12.97
N ILE A 272 6.79 3.11 11.62
CA ILE A 272 6.10 4.00 10.72
C ILE A 272 4.63 4.10 11.04
N ARG A 273 3.99 2.98 11.46
CA ARG A 273 2.57 2.92 11.74
C ARG A 273 2.16 3.84 12.86
N TYR A 274 2.96 3.86 13.97
CA TYR A 274 2.83 4.77 15.09
C TYR A 274 2.92 6.21 14.66
N HIS A 275 3.90 6.49 13.77
CA HIS A 275 4.35 7.81 13.39
C HIS A 275 3.36 8.52 12.51
N ILE A 276 2.47 7.76 11.82
CA ILE A 276 1.33 8.29 11.09
C ILE A 276 0.45 9.11 12.02
N TYR A 277 0.24 8.60 13.25
CA TYR A 277 -0.66 9.18 14.22
C TYR A 277 0.07 10.03 15.24
N ASN A 278 1.41 9.84 15.41
CA ASN A 278 2.15 10.53 16.45
C ASN A 278 2.60 11.89 16.01
N VAL A 279 2.77 12.10 14.67
CA VAL A 279 3.04 13.38 14.04
C VAL A 279 1.96 14.39 14.39
N ASP A 280 0.71 13.86 14.49
CA ASP A 280 -0.53 14.51 14.80
C ASP A 280 -1.51 13.51 14.24
N GLU A 281 -2.70 13.41 14.90
CA GLU A 281 -3.73 12.48 14.54
C GLU A 281 -4.70 13.14 13.62
N ASP A 282 -4.44 14.41 13.26
CA ASP A 282 -5.23 15.19 12.35
C ASP A 282 -4.37 15.49 11.15
N ASN A 283 -3.19 14.83 11.04
CA ASN A 283 -2.31 14.95 9.92
C ASN A 283 -2.16 13.55 9.34
N PRO A 284 -2.74 13.25 8.17
CA PRO A 284 -2.65 11.92 7.59
C PRO A 284 -1.25 11.68 7.10
N GLY A 285 -0.70 10.48 7.34
CA GLY A 285 0.63 10.09 6.94
C GLY A 285 1.70 11.07 7.31
N PHE A 286 2.51 11.45 6.30
CA PHE A 286 3.61 12.36 6.44
C PHE A 286 3.48 13.34 5.32
N GLN A 287 4.23 14.46 5.43
CA GLN A 287 4.46 15.41 4.37
C GLN A 287 5.17 14.71 3.25
N GLU A 288 4.87 15.13 2.00
CA GLU A 288 5.30 14.49 0.79
C GLU A 288 6.80 14.25 0.68
N PRO A 289 7.76 15.16 0.86
CA PRO A 289 9.19 14.88 0.81
C PRO A 289 9.65 13.78 1.74
N ARG A 290 9.09 13.73 2.98
CA ARG A 290 9.43 12.75 3.99
C ARG A 290 8.98 11.38 3.59
N ALA A 291 7.78 11.31 2.98
CA ALA A 291 7.18 10.09 2.49
C ALA A 291 7.93 9.52 1.33
N ILE A 292 8.36 10.39 0.36
CA ILE A 292 9.10 10.04 -0.83
C ILE A 292 10.41 9.39 -0.44
N PHE A 293 11.10 10.03 0.54
CA PHE A 293 12.33 9.52 1.11
C PHE A 293 12.18 8.11 1.64
N TYR A 294 11.16 7.88 2.49
CA TYR A 294 10.90 6.61 3.12
C TYR A 294 10.58 5.54 2.12
N THR A 295 9.80 5.86 1.05
CA THR A 295 9.49 4.95 -0.05
C THR A 295 10.74 4.47 -0.72
N ALA A 296 11.69 5.41 -0.98
CA ALA A 296 12.96 5.11 -1.58
C ALA A 296 13.78 4.14 -0.76
N GLN A 297 13.81 4.32 0.58
CA GLN A 297 14.51 3.47 1.51
C GLN A 297 13.92 2.08 1.63
N ILE A 298 12.57 1.97 1.64
CA ILE A 298 11.85 0.70 1.68
C ILE A 298 12.16 -0.11 0.44
N VAL A 299 12.15 0.57 -0.73
CA VAL A 299 12.48 0.00 -2.03
C VAL A 299 13.86 -0.61 -2.05
N SER A 300 14.87 0.10 -1.48
CA SER A 300 16.23 -0.38 -1.38
C SER A 300 16.35 -1.65 -0.57
N GLY A 301 15.58 -1.75 0.54
CA GLY A 301 15.52 -2.92 1.39
C GLY A 301 14.93 -4.10 0.67
N LEU A 302 13.84 -3.87 -0.09
CA LEU A 302 13.21 -4.86 -0.95
C LEU A 302 14.16 -5.37 -2.01
N GLU A 303 14.94 -4.45 -2.64
CA GLU A 303 15.90 -4.78 -3.67
C GLU A 303 16.93 -5.75 -3.17
N HIS A 304 17.44 -5.55 -1.93
CA HIS A 304 18.40 -6.44 -1.30
C HIS A 304 17.86 -7.84 -1.12
N LEU A 305 16.55 -7.97 -0.76
CA LEU A 305 15.89 -9.26 -0.65
C LEU A 305 15.78 -9.94 -2.00
N HIS A 306 15.38 -9.20 -3.06
CA HIS A 306 15.17 -9.71 -4.39
C HIS A 306 16.44 -10.17 -5.06
N GLN A 307 17.56 -9.45 -4.78
CA GLN A 307 18.90 -9.78 -5.21
C GLN A 307 19.43 -11.05 -4.59
N ARG A 308 18.83 -11.47 -3.45
CA ARG A 308 19.16 -12.68 -2.74
C ARG A 308 18.14 -13.75 -3.05
N ASN A 309 17.15 -13.42 -3.92
CA ASN A 309 16.10 -14.31 -4.40
C ASN A 309 15.18 -14.73 -3.28
N ILE A 310 14.67 -13.76 -2.52
CA ILE A 310 13.86 -14.00 -1.36
C ILE A 310 12.51 -13.42 -1.69
N ILE A 311 11.45 -14.24 -1.49
CA ILE A 311 10.09 -13.77 -1.57
C ILE A 311 9.74 -13.57 -0.13
N TYR A 312 9.26 -12.36 0.21
CA TYR A 312 8.96 -11.98 1.56
C TYR A 312 7.48 -12.23 1.74
N ARG A 313 6.68 -11.77 0.75
CA ARG A 313 5.24 -11.84 0.70
C ARG A 313 4.70 -10.69 1.47
N ASP A 314 5.04 -10.65 2.78
CA ASP A 314 4.65 -9.65 3.74
C ASP A 314 5.54 -8.44 3.61
N LEU A 315 5.18 -7.40 4.39
CA LEU A 315 5.83 -6.13 4.54
C LEU A 315 4.66 -5.31 5.00
N LYS A 316 4.86 -4.46 6.02
CA LYS A 316 3.79 -3.60 6.47
C LYS A 316 4.39 -2.43 7.19
N PRO A 317 3.69 -1.29 7.36
CA PRO A 317 4.17 -0.11 8.05
C PRO A 317 4.75 -0.37 9.42
N GLU A 318 4.12 -1.27 10.20
CA GLU A 318 4.50 -1.59 11.56
C GLU A 318 5.77 -2.40 11.63
N ASN A 319 6.22 -2.92 10.48
CA ASN A 319 7.43 -3.70 10.33
C ASN A 319 8.48 -2.84 9.66
N VAL A 320 8.18 -1.55 9.35
CA VAL A 320 9.17 -0.60 8.88
C VAL A 320 9.47 0.30 10.05
N LEU A 321 10.72 0.21 10.57
CA LEU A 321 11.17 0.90 11.76
C LEU A 321 12.01 2.07 11.35
N LEU A 322 11.93 3.16 12.16
CA LEU A 322 12.73 4.35 12.00
C LEU A 322 13.86 4.23 12.96
N ASP A 323 15.07 4.69 12.55
CA ASP A 323 16.20 4.87 13.43
C ASP A 323 16.17 6.34 13.79
N ASP A 324 17.15 6.79 14.61
CA ASP A 324 17.20 8.16 15.09
C ASP A 324 18.09 8.99 14.21
N ASP A 325 18.40 8.51 12.98
CA ASP A 325 19.14 9.26 12.00
C ASP A 325 18.11 9.90 11.11
N GLY A 326 17.18 9.07 10.60
CA GLY A 326 16.10 9.49 9.75
C GLY A 326 15.86 8.42 8.73
N ASN A 327 16.85 7.53 8.51
CA ASN A 327 16.77 6.38 7.65
C ASN A 327 15.78 5.36 8.16
N VAL A 328 14.99 4.76 7.24
CA VAL A 328 14.05 3.73 7.61
C VAL A 328 14.61 2.44 7.08
N ARG A 329 14.17 1.33 7.70
CA ARG A 329 14.61 0.01 7.37
C ARG A 329 13.43 -0.87 7.50
N ILE A 330 13.34 -1.92 6.64
CA ILE A 330 12.38 -2.98 6.83
C ILE A 330 12.97 -3.85 7.91
N SER A 331 12.11 -4.62 8.61
CA SER A 331 12.53 -5.36 9.76
C SER A 331 11.44 -6.32 10.10
N ASP A 332 11.74 -7.26 11.02
CA ASP A 332 10.83 -8.27 11.49
C ASP A 332 10.37 -9.17 10.36
N LEU A 333 11.34 -9.91 9.77
CA LEU A 333 11.12 -10.70 8.58
C LEU A 333 10.49 -12.00 9.00
N GLY A 334 9.15 -12.06 8.91
CA GLY A 334 8.32 -13.12 9.42
C GLY A 334 8.16 -14.18 8.38
N LEU A 335 6.88 -14.56 8.12
CA LEU A 335 6.45 -15.54 7.15
C LEU A 335 6.91 -15.17 5.77
N ALA A 336 7.86 -15.97 5.25
CA ALA A 336 8.52 -15.71 4.00
C ALA A 336 9.14 -17.00 3.59
N VAL A 337 9.71 -17.06 2.36
CA VAL A 337 10.50 -18.18 1.96
C VAL A 337 11.68 -17.61 1.23
N GLU A 338 12.87 -18.16 1.52
CA GLU A 338 14.08 -17.81 0.82
C GLU A 338 14.28 -18.87 -0.23
N LEU A 339 14.28 -18.45 -1.51
CA LEU A 339 14.49 -19.31 -2.63
C LEU A 339 15.94 -19.16 -3.05
N LYS A 340 16.44 -20.13 -3.83
CA LYS A 340 17.77 -20.09 -4.40
C LYS A 340 17.65 -19.39 -5.73
N ALA A 341 18.81 -19.18 -6.40
CA ALA A 341 18.84 -18.71 -7.76
C ALA A 341 18.64 -19.92 -8.62
N GLY A 342 17.44 -20.02 -9.23
CA GLY A 342 17.03 -21.12 -10.07
C GLY A 342 15.69 -21.60 -9.59
N GLN A 343 15.11 -20.92 -8.58
CA GLN A 343 13.73 -21.09 -8.18
C GLN A 343 13.17 -19.70 -8.15
N THR A 344 11.96 -19.54 -8.72
CA THR A 344 11.29 -18.27 -8.78
C THR A 344 9.83 -18.51 -8.49
N LYS A 345 9.35 -19.75 -8.68
CA LYS A 345 7.96 -20.07 -8.52
C LYS A 345 7.85 -20.94 -7.31
N THR A 346 6.81 -20.65 -6.49
CA THR A 346 6.53 -21.37 -5.28
C THR A 346 5.06 -21.11 -5.07
N LYS A 347 4.42 -21.92 -4.22
CA LYS A 347 3.02 -21.81 -3.89
C LYS A 347 2.86 -21.83 -2.41
N GLY A 348 1.64 -21.45 -1.94
CA GLY A 348 1.30 -21.42 -0.55
C GLY A 348 0.26 -20.36 -0.37
N TYR A 349 -0.29 -20.29 0.85
CA TYR A 349 -1.24 -19.29 1.26
C TYR A 349 -0.78 -18.96 2.65
N ALA A 350 0.48 -18.47 2.75
CA ALA A 350 1.13 -18.15 3.99
C ALA A 350 1.59 -16.72 3.89
N GLY A 351 1.31 -15.95 4.98
CA GLY A 351 1.65 -14.56 5.09
C GLY A 351 0.51 -13.90 5.81
N THR A 352 0.71 -12.63 6.20
CA THR A 352 -0.24 -11.83 6.96
C THR A 352 -1.29 -11.31 5.99
N PRO A 353 -2.59 -11.55 6.17
CA PRO A 353 -3.66 -11.02 5.33
C PRO A 353 -3.61 -9.53 5.10
N GLY A 354 -3.80 -9.11 3.82
CA GLY A 354 -3.82 -7.73 3.40
C GLY A 354 -2.46 -7.26 3.01
N PHE A 355 -1.46 -8.17 3.00
CA PHE A 355 -0.11 -7.89 2.61
C PHE A 355 0.30 -9.08 1.82
N MET A 356 -0.62 -9.54 0.95
CA MET A 356 -0.46 -10.68 0.10
C MET A 356 -1.23 -10.37 -1.15
N ALA A 357 -0.71 -10.81 -2.30
CA ALA A 357 -1.24 -10.51 -3.60
C ALA A 357 -2.33 -11.50 -3.94
N PRO A 358 -3.14 -11.31 -4.98
CA PRO A 358 -4.16 -12.24 -5.45
C PRO A 358 -3.71 -13.67 -5.56
N GLU A 359 -2.53 -13.92 -6.18
CA GLU A 359 -1.92 -15.22 -6.38
C GLU A 359 -1.82 -16.07 -5.13
N LEU A 360 -1.42 -15.47 -3.99
CA LEU A 360 -1.24 -16.13 -2.72
C LEU A 360 -2.54 -16.61 -2.15
N LEU A 361 -3.58 -15.73 -2.19
CA LEU A 361 -4.87 -15.99 -1.61
C LEU A 361 -5.58 -17.15 -2.28
N LEU A 362 -5.39 -17.29 -3.61
CA LEU A 362 -6.01 -18.32 -4.41
C LEU A 362 -5.22 -19.60 -4.40
N GLY A 363 -4.04 -19.61 -3.72
CA GLY A 363 -3.23 -20.78 -3.50
C GLY A 363 -2.46 -21.17 -4.74
N GLU A 364 -2.24 -20.20 -5.65
CA GLU A 364 -1.61 -20.40 -6.93
C GLU A 364 -0.13 -20.15 -6.80
N GLU A 365 0.62 -20.41 -7.89
CA GLU A 365 2.02 -20.07 -8.05
C GLU A 365 2.20 -18.58 -8.05
N TYR A 366 3.39 -18.11 -7.61
CA TYR A 366 3.70 -16.70 -7.55
C TYR A 366 5.19 -16.56 -7.58
N ASP A 367 5.67 -15.35 -7.93
CA ASP A 367 7.07 -15.01 -7.92
C ASP A 367 7.21 -13.75 -7.10
N PHE A 368 8.37 -13.06 -7.28
CA PHE A 368 8.79 -11.85 -6.59
C PHE A 368 7.81 -10.70 -6.63
N SER A 369 6.85 -10.72 -7.58
CA SER A 369 5.80 -9.75 -7.79
C SER A 369 5.01 -9.40 -6.55
N VAL A 370 4.73 -10.41 -5.70
CA VAL A 370 3.90 -10.32 -4.52
C VAL A 370 4.44 -9.37 -3.47
N ASP A 371 5.79 -9.23 -3.38
CA ASP A 371 6.45 -8.35 -2.44
C ASP A 371 6.20 -6.92 -2.80
N TYR A 372 6.12 -6.65 -4.12
CA TYR A 372 5.79 -5.37 -4.67
C TYR A 372 4.35 -5.04 -4.49
N PHE A 373 3.46 -6.06 -4.36
CA PHE A 373 2.08 -5.84 -4.02
C PHE A 373 1.98 -5.29 -2.61
N ALA A 374 2.75 -5.91 -1.67
CA ALA A 374 2.84 -5.49 -0.29
C ALA A 374 3.37 -4.09 -0.13
N LEU A 375 4.37 -3.71 -0.95
CA LEU A 375 4.94 -2.37 -1.01
C LEU A 375 3.91 -1.34 -1.33
N GLY A 376 2.99 -1.67 -2.27
CA GLY A 376 1.91 -0.83 -2.72
C GLY A 376 0.98 -0.52 -1.60
N VAL A 377 0.56 -1.57 -0.85
CA VAL A 377 -0.27 -1.47 0.33
C VAL A 377 0.38 -0.60 1.40
N THR A 378 1.71 -0.77 1.60
CA THR A 378 2.51 -0.09 2.61
C THR A 378 2.58 1.38 2.35
N LEU A 379 3.00 1.74 1.11
CA LEU A 379 3.11 3.08 0.60
C LEU A 379 1.82 3.85 0.61
N TYR A 380 0.70 3.18 0.25
CA TYR A 380 -0.60 3.81 0.22
C TYR A 380 -1.02 4.20 1.62
N GLU A 381 -0.80 3.27 2.58
CA GLU A 381 -1.14 3.43 3.96
C GLU A 381 -0.28 4.46 4.66
N MET A 382 1.00 4.55 4.25
CA MET A 382 1.98 5.49 4.75
C MET A 382 1.62 6.93 4.49
N ILE A 383 1.04 7.21 3.30
CA ILE A 383 0.77 8.54 2.83
C ILE A 383 -0.63 8.98 3.18
N ALA A 384 -1.62 8.07 3.04
CA ALA A 384 -3.02 8.45 3.17
C ALA A 384 -3.56 8.17 4.54
N ALA A 385 -2.79 7.42 5.36
CA ALA A 385 -3.10 6.99 6.71
C ALA A 385 -3.96 5.76 6.69
N ARG A 386 -5.05 5.78 5.89
CA ARG A 386 -5.89 4.65 5.61
C ARG A 386 -5.21 3.72 4.64
N GLY A 387 -5.52 2.41 4.75
CA GLY A 387 -5.01 1.40 3.85
C GLY A 387 -5.80 1.47 2.57
N PRO A 388 -5.43 0.75 1.52
CA PRO A 388 -6.19 0.71 0.28
C PRO A 388 -7.44 -0.11 0.45
N PHE A 389 -7.46 -1.07 1.40
CA PHE A 389 -8.49 -2.06 1.52
C PHE A 389 -9.16 -1.93 2.87
N ARG A 390 -8.86 -0.85 3.62
CA ARG A 390 -9.48 -0.60 4.90
C ARG A 390 -9.26 0.85 5.24
N ALA A 391 -10.02 1.36 6.23
CA ALA A 391 -9.91 2.72 6.71
C ALA A 391 -8.83 2.80 7.77
N ARG A 392 -8.46 4.05 8.17
CA ARG A 392 -7.37 4.32 9.07
C ARG A 392 -7.63 3.79 10.45
N GLY A 393 -6.60 3.14 11.04
CA GLY A 393 -6.65 2.55 12.37
C GLY A 393 -7.64 1.44 12.48
N GLU A 394 -7.89 0.72 11.36
CA GLU A 394 -8.82 -0.36 11.31
C GLU A 394 -8.20 -1.43 10.46
N LYS A 395 -8.72 -2.66 10.60
CA LYS A 395 -8.30 -3.81 9.85
C LYS A 395 -9.60 -4.57 9.75
N VAL A 396 -9.95 -5.06 8.55
CA VAL A 396 -11.15 -5.84 8.34
C VAL A 396 -10.81 -7.30 8.48
N GLU A 397 -11.84 -8.15 8.65
CA GLU A 397 -11.75 -9.59 8.80
C GLU A 397 -11.07 -10.22 7.62
N ASN A 398 -10.35 -11.35 7.84
CA ASN A 398 -9.48 -11.99 6.88
C ASN A 398 -10.20 -12.38 5.61
N LYS A 399 -11.42 -12.96 5.75
CA LYS A 399 -12.27 -13.37 4.65
C LYS A 399 -12.67 -12.22 3.76
N GLU A 400 -13.05 -11.07 4.38
CA GLU A 400 -13.45 -9.87 3.69
C GLU A 400 -12.28 -9.22 3.01
N LEU A 401 -11.10 -9.23 3.67
CA LEU A 401 -9.84 -8.69 3.25
C LEU A 401 -9.35 -9.38 2.01
N LYS A 402 -9.55 -10.72 1.94
CA LYS A 402 -9.30 -11.55 0.79
C LYS A 402 -10.15 -11.12 -0.39
N GLN A 403 -11.44 -10.77 -0.14
CA GLN A 403 -12.31 -10.28 -1.17
C GLN A 403 -11.86 -8.92 -1.67
N ARG A 404 -11.38 -8.01 -0.77
CA ARG A 404 -10.89 -6.69 -1.14
C ARG A 404 -9.72 -6.78 -2.09
N VAL A 405 -8.71 -7.62 -1.76
CA VAL A 405 -7.50 -7.77 -2.54
C VAL A 405 -7.79 -8.28 -3.94
N LEU A 406 -8.72 -9.25 -4.06
CA LEU A 406 -9.07 -9.84 -5.33
C LEU A 406 -9.96 -8.99 -6.21
N GLU A 407 -10.87 -8.17 -5.61
CA GLU A 407 -11.94 -7.56 -6.37
C GLU A 407 -11.94 -6.06 -6.37
N GLN A 408 -11.50 -5.43 -5.26
CA GLN A 408 -11.72 -4.03 -5.01
C GLN A 408 -10.58 -3.22 -5.57
N ALA A 409 -10.90 -2.39 -6.60
CA ALA A 409 -10.02 -1.41 -7.20
C ALA A 409 -9.72 -0.32 -6.21
N VAL A 410 -8.48 0.22 -6.27
CA VAL A 410 -8.01 1.23 -5.36
C VAL A 410 -8.15 2.56 -6.03
N THR A 411 -8.72 3.55 -5.29
CA THR A 411 -8.89 4.92 -5.72
C THR A 411 -7.87 5.69 -4.91
N TYR A 412 -7.36 6.81 -5.46
CA TYR A 412 -6.24 7.52 -4.89
C TYR A 412 -6.65 8.94 -4.55
N PRO A 413 -6.61 9.34 -3.28
CA PRO A 413 -6.79 10.71 -2.83
C PRO A 413 -5.87 11.72 -3.46
N ASP A 414 -6.11 13.02 -3.17
CA ASP A 414 -5.36 14.12 -3.72
C ASP A 414 -4.23 14.45 -2.76
N LYS A 415 -4.13 13.67 -1.65
CA LYS A 415 -3.04 13.70 -0.70
C LYS A 415 -1.75 13.30 -1.37
N PHE A 416 -1.84 12.27 -2.24
CA PHE A 416 -0.77 11.83 -3.11
C PHE A 416 -0.40 12.89 -4.09
N SER A 417 0.91 13.01 -4.39
CA SER A 417 1.47 13.72 -5.50
C SER A 417 1.13 12.95 -6.76
N PRO A 418 1.14 13.49 -7.97
CA PRO A 418 0.94 12.72 -9.19
C PRO A 418 1.96 11.63 -9.37
N ALA A 419 3.25 11.89 -9.08
CA ALA A 419 4.31 10.91 -9.15
C ALA A 419 4.10 9.73 -8.22
N SER A 420 3.72 10.00 -6.94
CA SER A 420 3.48 8.96 -5.95
C SER A 420 2.24 8.17 -6.24
N LYS A 421 1.17 8.86 -6.75
CA LYS A 421 -0.09 8.30 -7.17
C LYS A 421 0.09 7.24 -8.22
N ASP A 422 0.84 7.60 -9.29
CA ASP A 422 1.17 6.78 -10.42
C ASP A 422 1.93 5.55 -9.98
N PHE A 423 2.91 5.73 -9.04
CA PHE A 423 3.70 4.66 -8.48
C PHE A 423 2.85 3.65 -7.73
N CYS A 424 1.87 4.12 -6.91
CA CYS A 424 0.94 3.30 -6.17
C CYS A 424 0.07 2.48 -7.11
N GLU A 425 -0.47 3.09 -8.19
CA GLU A 425 -1.23 2.42 -9.23
C GLU A 425 -0.50 1.26 -9.85
N ALA A 426 0.80 1.45 -10.13
CA ALA A 426 1.66 0.47 -10.74
C ALA A 426 1.86 -0.76 -9.90
N LEU A 427 1.93 -0.61 -8.56
CA LEU A 427 2.18 -1.68 -7.61
C LEU A 427 0.94 -2.45 -7.24
N LEU A 428 -0.25 -1.80 -7.27
CA LEU A 428 -1.48 -2.34 -6.75
C LEU A 428 -2.30 -3.03 -7.82
N GLN A 429 -1.78 -3.21 -9.06
CA GLN A 429 -2.40 -4.05 -10.07
C GLN A 429 -2.51 -5.49 -9.62
N LYS A 430 -3.73 -6.05 -9.78
CA LYS A 430 -4.12 -7.36 -9.34
C LYS A 430 -3.40 -8.49 -10.03
N ASP A 431 -3.18 -8.40 -11.36
CA ASP A 431 -2.47 -9.42 -12.10
C ASP A 431 -0.99 -9.14 -12.00
N PRO A 432 -0.12 -10.13 -11.87
CA PRO A 432 1.32 -9.94 -11.73
C PRO A 432 1.91 -9.35 -12.99
N GLU A 433 1.38 -9.72 -14.17
CA GLU A 433 1.82 -9.28 -15.47
C GLU A 433 1.73 -7.79 -15.70
N LYS A 434 0.73 -7.14 -15.06
CA LYS A 434 0.49 -5.72 -15.21
C LYS A 434 1.04 -4.97 -14.03
N ARG A 435 1.69 -5.68 -13.09
CA ARG A 435 2.17 -5.13 -11.85
C ARG A 435 3.61 -4.81 -12.06
N LEU A 436 4.03 -3.61 -11.59
CA LEU A 436 5.39 -3.14 -11.65
C LEU A 436 6.14 -3.88 -10.60
N GLY A 437 7.15 -4.64 -11.03
CA GLY A 437 7.90 -5.47 -10.13
C GLY A 437 8.87 -6.14 -11.03
N PHE A 438 9.04 -7.47 -10.85
CA PHE A 438 9.99 -8.23 -11.60
C PHE A 438 9.27 -8.75 -12.81
N ARG A 439 9.41 -8.00 -13.93
CA ARG A 439 8.86 -8.33 -15.22
C ARG A 439 10.04 -8.62 -16.10
N ASP A 440 11.19 -8.98 -15.47
CA ASP A 440 12.40 -9.46 -16.09
C ASP A 440 13.21 -8.26 -16.48
N GLY A 441 14.56 -8.42 -16.48
CA GLY A 441 15.48 -7.33 -16.77
C GLY A 441 15.56 -6.44 -15.57
N SER A 442 15.82 -7.07 -14.39
CA SER A 442 15.90 -6.50 -13.07
C SER A 442 14.62 -5.78 -12.67
N CYS A 443 14.70 -4.92 -11.63
CA CYS A 443 13.63 -4.03 -11.27
C CYS A 443 14.25 -2.66 -11.15
N ASP A 444 14.99 -2.25 -12.21
CA ASP A 444 15.63 -0.96 -12.28
C ASP A 444 14.84 -0.12 -13.22
N GLY A 445 13.78 -0.72 -13.84
CA GLY A 445 12.80 -0.03 -14.64
C GLY A 445 11.82 0.61 -13.70
N LEU A 446 11.57 -0.06 -12.55
CA LEU A 446 10.79 0.42 -11.44
C LEU A 446 11.40 1.70 -10.88
N ARG A 447 12.74 1.71 -10.73
CA ARG A 447 13.53 2.82 -10.26
C ARG A 447 13.53 4.06 -11.14
N THR A 448 13.01 3.96 -12.38
CA THR A 448 13.04 5.05 -13.35
C THR A 448 11.83 5.94 -13.21
N HIS A 449 10.82 5.49 -12.42
CA HIS A 449 9.55 6.15 -12.23
C HIS A 449 9.74 7.56 -11.69
N PRO A 450 8.93 8.56 -12.06
CA PRO A 450 9.13 9.96 -11.69
C PRO A 450 9.17 10.25 -10.22
N LEU A 451 8.58 9.39 -9.35
CA LEU A 451 8.64 9.46 -7.92
C LEU A 451 10.04 9.63 -7.35
N PHE A 452 11.04 9.03 -8.03
CA PHE A 452 12.42 8.95 -7.63
C PHE A 452 13.26 9.97 -8.34
N ARG A 453 12.65 11.05 -8.88
CA ARG A 453 13.37 12.10 -9.59
C ARG A 453 13.98 13.02 -8.56
N ASP A 454 13.50 12.93 -7.29
CA ASP A 454 13.88 13.75 -6.18
C ASP A 454 14.91 13.03 -5.34
N ILE A 455 15.25 11.77 -5.72
CA ILE A 455 16.13 10.93 -4.95
C ILE A 455 17.25 10.51 -5.86
N SER A 456 18.51 10.63 -5.36
CA SER A 456 19.67 10.06 -6.00
C SER A 456 19.89 8.75 -5.30
N TRP A 457 19.99 7.64 -6.07
CA TRP A 457 20.07 6.30 -5.56
C TRP A 457 21.37 6.03 -4.87
N ARG A 458 22.48 6.60 -5.39
CA ARG A 458 23.81 6.41 -4.87
C ARG A 458 23.98 6.98 -3.49
N GLN A 459 23.39 8.17 -3.25
CA GLN A 459 23.44 8.87 -1.99
C GLN A 459 22.52 8.27 -0.96
N LEU A 460 21.35 7.79 -1.43
CA LEU A 460 20.34 7.08 -0.66
C LEU A 460 20.89 5.81 -0.05
N GLU A 461 21.59 5.00 -0.87
CA GLU A 461 22.20 3.74 -0.50
C GLU A 461 23.33 3.90 0.48
N ALA A 462 23.96 5.09 0.54
CA ALA A 462 25.09 5.36 1.39
C ALA A 462 24.63 6.04 2.66
N GLY A 463 23.31 6.32 2.77
CA GLY A 463 22.65 6.83 3.95
C GLY A 463 22.83 8.31 4.13
N MET A 464 23.43 8.99 3.13
CA MET A 464 23.78 10.40 3.16
C MET A 464 22.56 11.27 3.27
N LEU A 465 21.51 10.91 2.50
CA LEU A 465 20.27 11.62 2.44
C LEU A 465 19.47 11.28 3.67
N THR A 466 18.69 12.27 4.17
CA THR A 466 17.85 12.12 5.33
C THR A 466 16.68 13.02 5.08
N PRO A 467 15.48 12.74 5.57
CA PRO A 467 14.29 13.50 5.27
C PRO A 467 14.13 14.60 6.29
N PRO A 468 13.16 15.49 6.12
CA PRO A 468 12.75 16.43 7.16
C PRO A 468 12.24 15.64 8.34
N PHE A 469 12.48 16.11 9.59
CA PHE A 469 12.09 15.47 10.82
C PHE A 469 12.97 14.27 11.10
N VAL A 470 13.65 14.31 12.27
CA VAL A 470 14.47 13.24 12.76
C VAL A 470 13.85 12.90 14.09
N PRO A 471 13.55 11.63 14.42
CA PRO A 471 12.96 11.22 15.69
C PRO A 471 13.63 11.77 16.92
N ASP A 472 12.82 12.29 17.89
CA ASP A 472 13.22 12.73 19.20
C ASP A 472 13.74 11.55 20.00
N SER A 473 14.80 11.78 20.82
CA SER A 473 15.41 10.75 21.62
C SER A 473 15.15 11.02 23.08
N ARG A 474 14.34 12.04 23.39
CA ARG A 474 14.01 12.42 24.74
C ARG A 474 12.60 11.98 25.07
N THR A 475 11.90 11.38 24.08
CA THR A 475 10.56 10.87 24.26
C THR A 475 10.59 9.56 23.52
N VAL A 476 10.15 8.48 24.22
CA VAL A 476 10.16 7.13 23.74
C VAL A 476 8.93 6.89 22.87
N TYR A 477 9.00 5.87 22.00
CA TYR A 477 7.96 5.52 21.06
C TYR A 477 7.38 4.20 21.47
N ALA A 478 6.07 4.19 21.79
CA ALA A 478 5.35 2.99 22.12
C ALA A 478 3.91 3.28 21.85
N LYS A 479 3.14 2.23 21.47
CA LYS A 479 1.71 2.32 21.26
C LYS A 479 1.02 2.10 22.58
N ASN A 480 -0.17 2.72 22.74
CA ASN A 480 -1.05 2.55 23.89
C ASN A 480 -1.51 1.13 24.01
N ILE A 481 -1.79 0.70 25.27
CA ILE A 481 -2.01 -0.67 25.62
C ILE A 481 -3.49 -0.98 25.56
N GLN A 482 -4.32 0.06 25.29
CA GLN A 482 -5.75 -0.07 25.10
C GLN A 482 -6.04 0.05 23.61
N ASP A 483 -4.98 0.24 22.79
CA ASP A 483 -5.06 0.39 21.36
C ASP A 483 -4.65 -0.94 20.73
N VAL A 484 -4.31 -1.93 21.58
CA VAL A 484 -4.02 -3.28 21.16
C VAL A 484 -5.00 -4.18 21.86
N GLY A 485 -5.46 -5.23 21.13
CA GLY A 485 -6.49 -6.14 21.56
C GLY A 485 -5.91 -7.26 22.38
N ALA A 486 -6.68 -8.37 22.49
CA ALA A 486 -6.30 -9.55 23.24
C ALA A 486 -6.77 -10.73 22.44
N PHE A 487 -6.18 -11.92 22.71
CA PHE A 487 -6.50 -13.13 21.99
C PHE A 487 -6.26 -14.24 22.98
N GLU A 488 -6.98 -15.38 22.77
CA GLU A 488 -7.08 -16.57 23.58
C GLU A 488 -5.83 -16.96 24.32
N GLU A 489 -5.98 -17.28 25.61
CA GLU A 489 -4.99 -17.97 26.40
C GLU A 489 -5.71 -19.10 27.08
N VAL A 490 -4.92 -20.07 27.62
CA VAL A 490 -5.33 -21.43 27.84
C VAL A 490 -6.48 -21.55 28.81
N LYS A 491 -7.37 -22.53 28.55
CA LYS A 491 -8.58 -22.78 29.30
C LYS A 491 -8.42 -24.09 30.02
N GLY A 492 -7.15 -24.54 30.20
CA GLY A 492 -6.81 -25.75 30.91
C GLY A 492 -5.88 -26.54 30.04
N VAL A 493 -5.41 -25.92 28.92
CA VAL A 493 -4.81 -26.60 27.82
C VAL A 493 -3.33 -26.67 28.10
N ALA A 494 -2.76 -27.89 28.01
CA ALA A 494 -1.42 -28.18 28.45
C ALA A 494 -0.67 -28.57 27.22
N PHE A 495 0.53 -27.97 27.03
CA PHE A 495 1.31 -28.04 25.82
C PHE A 495 1.75 -29.46 25.51
N GLU A 496 1.67 -29.81 24.20
CA GLU A 496 2.16 -31.03 23.62
C GLU A 496 3.66 -31.18 23.75
N LYS A 497 4.14 -32.45 23.77
CA LYS A 497 5.55 -32.79 23.75
C LYS A 497 6.31 -32.14 22.61
N ALA A 498 5.69 -32.14 21.40
CA ALA A 498 6.22 -31.54 20.19
C ALA A 498 6.56 -30.09 20.35
N ASP A 499 5.66 -29.34 21.02
CA ASP A 499 5.81 -27.94 21.36
C ASP A 499 7.00 -27.71 22.25
N THR A 500 7.14 -28.53 23.33
CA THR A 500 8.26 -28.51 24.26
C THR A 500 9.60 -28.73 23.60
N GLU A 501 9.67 -29.66 22.61
CA GLU A 501 10.86 -29.99 21.87
C GLU A 501 11.26 -28.85 20.98
N PHE A 502 10.25 -28.15 20.40
CA PHE A 502 10.45 -26.96 19.62
C PHE A 502 11.00 -25.83 20.47
N PHE A 503 10.49 -25.65 21.71
CA PHE A 503 10.89 -24.60 22.62
C PHE A 503 12.34 -24.70 23.01
N GLN A 504 12.82 -25.92 23.37
CA GLN A 504 14.21 -26.16 23.66
C GLN A 504 15.13 -25.91 22.49
N GLU A 505 14.72 -26.36 21.28
CA GLU A 505 15.48 -26.24 20.06
C GLU A 505 15.65 -24.81 19.64
N PHE A 506 14.54 -24.02 19.72
CA PHE A 506 14.47 -22.60 19.50
C PHE A 506 15.45 -21.85 20.38
N ALA A 507 15.46 -22.20 21.69
CA ALA A 507 16.29 -21.56 22.69
C ALA A 507 17.74 -21.91 22.48
N SER A 508 18.62 -20.93 22.78
CA SER A 508 20.03 -21.05 22.52
C SER A 508 20.68 -19.90 23.24
N GLU B 4 -15.88 14.02 -25.85
CA GLU B 4 -14.79 13.19 -25.48
C GLU B 4 -13.65 14.11 -25.13
N VAL B 5 -12.46 13.52 -24.88
CA VAL B 5 -11.18 14.20 -24.92
C VAL B 5 -10.93 14.69 -26.32
N GLN B 6 -10.32 15.88 -26.47
CA GLN B 6 -10.18 16.49 -27.77
C GLN B 6 -8.94 17.30 -27.71
N LEU B 7 -8.24 17.35 -28.88
CA LEU B 7 -7.06 18.15 -29.08
C LEU B 7 -7.35 18.98 -30.31
N VAL B 8 -7.14 20.31 -30.23
CA VAL B 8 -7.27 21.18 -31.37
C VAL B 8 -5.93 21.81 -31.55
N GLU B 9 -5.24 21.39 -32.63
CA GLU B 9 -4.02 21.96 -33.14
C GLU B 9 -4.21 23.29 -33.81
N SER B 10 -3.16 24.13 -33.80
CA SER B 10 -3.06 25.35 -34.55
C SER B 10 -1.58 25.55 -34.80
N GLY B 11 -1.23 26.56 -35.64
CA GLY B 11 0.15 26.98 -35.81
C GLY B 11 0.83 26.36 -36.99
N GLY B 12 0.06 25.69 -37.89
CA GLY B 12 0.55 25.17 -39.15
C GLY B 12 0.64 26.27 -40.17
N GLY B 13 1.05 25.93 -41.41
CA GLY B 13 1.26 26.92 -42.44
C GLY B 13 2.33 26.43 -43.37
N LEU B 14 2.71 27.31 -44.33
CA LEU B 14 3.80 27.08 -45.23
C LEU B 14 5.02 27.65 -44.56
N VAL B 15 6.17 26.96 -44.68
CA VAL B 15 7.39 27.34 -44.04
C VAL B 15 8.50 26.92 -44.95
N GLN B 16 9.56 27.76 -45.05
CA GLN B 16 10.74 27.52 -45.85
C GLN B 16 11.52 26.31 -45.37
N PRO B 17 12.16 25.52 -46.25
CA PRO B 17 13.12 24.49 -45.89
C PRO B 17 14.30 25.05 -45.13
N GLY B 18 14.72 24.36 -44.04
CA GLY B 18 15.84 24.72 -43.21
C GLY B 18 15.49 25.84 -42.28
N GLY B 19 14.18 26.16 -42.14
CA GLY B 19 13.67 27.18 -41.27
C GLY B 19 13.32 26.56 -39.96
N SER B 20 12.27 27.10 -39.31
CA SER B 20 11.82 26.63 -38.05
C SER B 20 10.38 27.03 -37.92
N LEU B 21 9.62 26.26 -37.11
CA LEU B 21 8.21 26.47 -36.97
C LEU B 21 7.87 25.92 -35.62
N ARG B 22 6.80 26.46 -34.99
CA ARG B 22 6.35 26.00 -33.70
C ARG B 22 4.89 25.67 -33.91
N LEU B 23 4.52 24.42 -33.56
CA LEU B 23 3.18 23.93 -33.62
C LEU B 23 2.66 23.99 -32.22
N SER B 24 1.36 24.24 -32.06
CA SER B 24 0.71 24.28 -30.79
C SER B 24 -0.41 23.29 -30.89
N CYS B 25 -0.62 22.52 -29.80
CA CYS B 25 -1.69 21.57 -29.65
C CYS B 25 -2.33 21.93 -28.35
N ALA B 26 -3.58 22.46 -28.40
CA ALA B 26 -4.30 22.78 -27.20
C ALA B 26 -5.06 21.54 -26.85
N ALA B 27 -4.90 21.10 -25.59
CA ALA B 27 -5.43 19.85 -25.11
C ALA B 27 -6.51 20.14 -24.14
N SER B 28 -7.58 19.32 -24.16
CA SER B 28 -8.66 19.48 -23.21
C SER B 28 -9.29 18.14 -22.98
N GLY B 29 -9.95 18.03 -21.80
CA GLY B 29 -10.65 16.86 -21.35
C GLY B 29 -9.78 16.10 -20.38
N PHE B 30 -8.57 16.62 -20.06
CA PHE B 30 -7.67 15.99 -19.13
C PHE B 30 -6.68 17.04 -18.70
N ASN B 31 -5.92 16.72 -17.62
CA ASN B 31 -4.90 17.57 -17.07
C ASN B 31 -3.58 17.10 -17.60
N LEU B 32 -2.83 18.03 -18.25
CA LEU B 32 -1.53 17.77 -18.82
C LEU B 32 -0.54 17.40 -17.76
N TYR B 33 -0.58 18.07 -16.59
CA TYR B 33 0.37 17.88 -15.52
C TYR B 33 0.28 16.52 -14.86
N SER B 34 -0.80 15.75 -15.14
CA SER B 34 -1.04 14.44 -14.60
C SER B 34 -0.80 13.38 -15.67
N SER B 35 -0.17 13.77 -16.80
CA SER B 35 0.02 12.91 -17.94
C SER B 35 1.29 13.30 -18.62
N SER B 36 1.64 12.57 -19.69
CA SER B 36 2.65 12.94 -20.64
C SER B 36 1.94 13.20 -21.94
N ILE B 37 2.59 13.95 -22.84
CA ILE B 37 2.00 14.30 -24.12
C ILE B 37 3.09 14.08 -25.13
N HIS B 38 2.69 13.66 -26.35
CA HIS B 38 3.61 13.36 -27.42
C HIS B 38 3.10 13.86 -28.74
N TRP B 39 4.00 13.86 -29.76
CA TRP B 39 3.72 14.18 -31.14
C TRP B 39 4.05 12.99 -31.99
N VAL B 40 3.19 12.72 -33.01
CA VAL B 40 3.31 11.65 -33.99
C VAL B 40 3.07 12.36 -35.30
N ARG B 41 3.72 11.95 -36.40
CA ARG B 41 3.52 12.57 -37.69
C ARG B 41 3.23 11.47 -38.68
N GLN B 42 2.55 11.84 -39.79
CA GLN B 42 2.26 10.95 -40.89
C GLN B 42 2.58 11.64 -42.17
N ALA B 43 3.61 11.14 -42.90
CA ALA B 43 3.93 11.55 -44.25
C ALA B 43 2.78 11.15 -45.15
N PRO B 44 2.36 11.94 -46.14
CA PRO B 44 1.18 11.69 -46.95
C PRO B 44 1.22 10.38 -47.70
N GLY B 45 0.19 9.52 -47.49
CA GLY B 45 0.05 8.23 -48.14
C GLY B 45 1.07 7.25 -47.66
N LYS B 46 1.37 7.26 -46.34
CA LYS B 46 2.40 6.43 -45.74
C LYS B 46 1.91 6.13 -44.36
N GLY B 47 2.70 5.31 -43.61
CA GLY B 47 2.52 5.03 -42.21
C GLY B 47 2.75 6.24 -41.33
N LEU B 48 2.72 6.02 -40.00
CA LEU B 48 2.94 7.05 -39.03
C LEU B 48 4.15 6.72 -38.20
N GLU B 49 4.95 7.78 -37.90
CA GLU B 49 6.15 7.73 -37.09
C GLU B 49 5.92 8.58 -35.88
N TRP B 50 6.14 8.01 -34.68
CA TRP B 50 6.17 8.73 -33.42
C TRP B 50 7.41 9.60 -33.38
N VAL B 51 7.27 10.83 -32.84
CA VAL B 51 8.31 11.82 -32.90
C VAL B 51 8.95 11.94 -31.54
N ALA B 52 8.17 12.29 -30.49
CA ALA B 52 8.76 12.52 -29.18
C ALA B 52 7.66 12.52 -28.16
N SER B 53 8.00 12.25 -26.88
CA SER B 53 7.07 12.42 -25.79
C SER B 53 7.81 13.17 -24.72
N ILE B 54 7.08 13.89 -23.84
CA ILE B 54 7.64 14.57 -22.70
C ILE B 54 6.63 14.49 -21.59
N TYR B 55 7.13 14.16 -20.37
CA TYR B 55 6.35 14.14 -19.16
C TYR B 55 6.28 15.57 -18.69
N SER B 56 5.29 15.90 -17.85
CA SER B 56 4.98 17.25 -17.42
C SER B 56 6.09 17.92 -16.65
N TYR B 57 6.80 17.13 -15.80
CA TYR B 57 7.88 17.62 -14.96
C TYR B 57 9.15 17.69 -15.73
N TYR B 58 9.20 17.04 -16.92
CA TYR B 58 10.23 17.13 -17.93
C TYR B 58 11.34 16.18 -17.57
N GLY B 59 11.07 15.22 -16.65
CA GLY B 59 12.07 14.34 -16.10
C GLY B 59 12.28 13.16 -16.99
N SER B 60 11.23 12.77 -17.75
CA SER B 60 11.29 11.67 -18.67
C SER B 60 10.86 12.22 -20.00
N THR B 61 11.79 12.25 -20.96
CA THR B 61 11.52 12.67 -22.31
C THR B 61 12.17 11.60 -23.13
N SER B 62 11.57 11.26 -24.30
CA SER B 62 12.18 10.36 -25.24
C SER B 62 11.93 10.92 -26.61
N TYR B 63 12.76 10.50 -27.60
CA TYR B 63 12.72 11.00 -28.95
C TYR B 63 13.04 9.83 -29.83
N ALA B 64 12.45 9.81 -31.06
CA ALA B 64 12.87 8.95 -32.14
C ALA B 64 14.15 9.52 -32.66
N ASP B 65 15.13 8.65 -33.00
CA ASP B 65 16.50 9.04 -33.33
C ASP B 65 16.63 10.02 -34.47
N SER B 66 15.79 9.89 -35.52
CA SER B 66 15.83 10.73 -36.70
C SER B 66 15.49 12.19 -36.45
N VAL B 67 14.65 12.46 -35.43
CA VAL B 67 14.15 13.78 -35.11
C VAL B 67 14.76 14.26 -33.81
N LYS B 68 15.54 13.38 -33.12
CA LYS B 68 16.10 13.64 -31.81
C LYS B 68 17.04 14.80 -31.82
N GLY B 69 16.76 15.80 -30.95
CA GLY B 69 17.54 17.00 -30.83
C GLY B 69 17.03 18.08 -31.74
N ARG B 70 16.79 17.73 -33.04
CA ARG B 70 16.34 18.65 -34.06
C ARG B 70 15.02 19.27 -33.71
N PHE B 71 14.09 18.44 -33.19
CA PHE B 71 12.79 18.89 -32.76
C PHE B 71 12.86 18.71 -31.28
N THR B 72 12.30 19.69 -30.55
CA THR B 72 12.29 19.73 -29.12
C THR B 72 10.84 19.85 -28.77
N ILE B 73 10.31 18.81 -28.10
CA ILE B 73 8.98 18.78 -27.57
C ILE B 73 8.98 19.52 -26.27
N SER B 74 7.87 20.23 -25.98
CA SER B 74 7.75 21.00 -24.78
C SER B 74 6.29 21.13 -24.52
N ALA B 75 5.95 21.67 -23.34
CA ALA B 75 4.58 21.76 -22.89
C ALA B 75 4.58 22.80 -21.83
N ASP B 76 3.37 23.33 -21.53
CA ASP B 76 3.18 24.30 -20.49
C ASP B 76 2.00 23.77 -19.73
N THR B 77 2.23 23.49 -18.43
CA THR B 77 1.34 22.82 -17.52
C THR B 77 0.25 23.73 -17.03
N SER B 78 0.44 25.07 -17.18
CA SER B 78 -0.48 26.06 -16.69
C SER B 78 -1.41 26.48 -17.80
N LYS B 79 -1.34 25.78 -18.97
CA LYS B 79 -2.16 26.07 -20.11
C LYS B 79 -2.76 24.77 -20.57
N ASN B 80 -2.15 23.63 -20.19
CA ASN B 80 -2.45 22.29 -20.67
C ASN B 80 -2.30 22.24 -22.18
N THR B 81 -1.11 22.61 -22.68
CA THR B 81 -0.89 22.83 -24.08
C THR B 81 0.47 22.26 -24.33
N ALA B 82 0.62 21.52 -25.44
CA ALA B 82 1.87 20.96 -25.88
C ALA B 82 2.29 21.73 -27.07
N TYR B 83 3.62 21.92 -27.22
CA TYR B 83 4.20 22.66 -28.29
C TYR B 83 5.22 21.74 -28.88
N LEU B 84 5.52 21.90 -30.17
CA LEU B 84 6.62 21.21 -30.79
C LEU B 84 7.37 22.29 -31.48
N GLN B 85 8.62 22.51 -31.04
CA GLN B 85 9.53 23.44 -31.65
C GLN B 85 10.34 22.63 -32.62
N MET B 86 10.29 23.00 -33.90
CA MET B 86 10.90 22.24 -34.96
C MET B 86 11.96 23.12 -35.53
N ASN B 87 13.23 22.68 -35.38
CA ASN B 87 14.40 23.37 -35.86
C ASN B 87 14.97 22.42 -36.86
N SER B 88 15.32 22.96 -38.07
CA SER B 88 15.85 22.23 -39.19
C SER B 88 14.70 21.52 -39.85
N LEU B 89 14.28 22.01 -41.04
CA LEU B 89 13.17 21.47 -41.76
C LEU B 89 13.71 20.94 -43.05
N ARG B 90 13.06 19.87 -43.56
CA ARG B 90 13.54 19.10 -44.68
C ARG B 90 12.31 18.70 -45.43
N ALA B 91 12.50 18.15 -46.66
CA ALA B 91 11.42 17.73 -47.52
C ALA B 91 10.59 16.62 -46.90
N GLU B 92 11.27 15.64 -46.24
CA GLU B 92 10.64 14.53 -45.53
C GLU B 92 9.87 14.94 -44.30
N ASP B 93 10.08 16.18 -43.80
CA ASP B 93 9.40 16.72 -42.64
C ASP B 93 8.03 17.20 -43.02
N THR B 94 7.75 17.36 -44.34
CA THR B 94 6.44 17.72 -44.85
C THR B 94 5.45 16.64 -44.50
N ALA B 95 4.50 16.96 -43.60
CA ALA B 95 3.61 15.95 -43.09
C ALA B 95 2.45 16.64 -42.45
N VAL B 96 1.37 15.88 -42.24
CA VAL B 96 0.34 16.16 -41.27
C VAL B 96 0.88 15.75 -39.93
N TYR B 97 0.79 16.64 -38.92
CA TYR B 97 1.29 16.42 -37.58
C TYR B 97 0.14 16.28 -36.64
N TYR B 98 0.18 15.19 -35.83
CA TYR B 98 -0.80 14.84 -34.83
C TYR B 98 -0.12 14.96 -33.50
N CYS B 99 -0.82 15.52 -32.49
CA CYS B 99 -0.45 15.28 -31.13
C CYS B 99 -1.35 14.16 -30.70
N ALA B 100 -0.95 13.39 -29.67
CA ALA B 100 -1.81 12.41 -29.07
C ALA B 100 -1.41 12.45 -27.64
N ARG B 101 -2.19 11.80 -26.75
CA ARG B 101 -1.88 11.79 -25.34
C ARG B 101 -1.57 10.39 -24.96
N TYR B 102 -0.95 10.25 -23.78
CA TYR B 102 -0.48 9.02 -23.22
C TYR B 102 -0.91 9.18 -21.78
N GLU B 103 -0.97 8.07 -21.00
CA GLU B 103 -1.28 8.15 -19.59
C GLU B 103 -0.15 7.52 -18.83
N GLY B 104 0.41 8.25 -17.83
CA GLY B 104 1.45 7.86 -16.91
C GLY B 104 2.67 7.23 -17.53
N TRP B 105 3.40 6.44 -16.73
CA TRP B 105 4.69 5.92 -17.13
C TRP B 105 4.99 4.70 -16.33
N TRP B 106 5.78 3.79 -16.94
CA TRP B 106 6.22 2.50 -16.45
C TRP B 106 5.17 1.66 -15.78
N TRP B 107 4.22 1.11 -16.59
CA TRP B 107 3.24 0.15 -16.15
C TRP B 107 2.22 0.81 -15.29
N ALA B 108 1.76 2.01 -15.69
CA ALA B 108 0.94 2.87 -14.84
C ALA B 108 -0.46 2.36 -14.78
N ASN B 109 -0.86 1.68 -15.87
CA ASN B 109 -2.11 1.01 -16.03
C ASN B 109 -1.93 0.21 -17.31
N THR B 110 -0.65 0.17 -17.82
CA THR B 110 -0.20 -0.46 -19.03
C THR B 110 -0.98 0.08 -20.21
N TYR B 111 -1.04 1.43 -20.22
CA TYR B 111 -1.55 2.35 -21.20
C TYR B 111 -1.44 2.04 -22.67
N ALA B 112 -2.27 2.72 -23.50
CA ALA B 112 -2.01 2.84 -24.90
C ALA B 112 -2.48 4.20 -25.29
N LEU B 113 -2.18 4.62 -26.55
CA LEU B 113 -2.17 5.99 -27.00
C LEU B 113 -3.60 6.27 -27.39
N ASP B 114 -4.40 6.72 -26.41
CA ASP B 114 -5.83 6.60 -26.45
C ASP B 114 -6.56 7.70 -27.17
N TYR B 115 -5.98 8.92 -27.26
CA TYR B 115 -6.63 10.02 -27.93
C TYR B 115 -5.64 10.72 -28.76
N TRP B 116 -6.05 11.02 -30.03
CA TRP B 116 -5.23 11.60 -31.06
C TRP B 116 -5.94 12.82 -31.53
N GLY B 117 -5.15 13.78 -32.08
CA GLY B 117 -5.60 14.96 -32.76
C GLY B 117 -6.29 14.69 -34.05
N GLN B 118 -6.56 15.80 -34.77
CA GLN B 118 -7.26 15.83 -36.03
C GLN B 118 -6.27 16.08 -37.13
N GLY B 119 -4.98 16.30 -36.75
CA GLY B 119 -3.89 16.63 -37.64
C GLY B 119 -3.91 18.09 -38.00
N THR B 120 -2.70 18.68 -38.20
CA THR B 120 -2.51 20.03 -38.65
C THR B 120 -1.46 19.92 -39.69
N LEU B 121 -1.66 20.61 -40.84
CA LEU B 121 -0.79 20.48 -41.98
C LEU B 121 0.38 21.38 -41.82
N VAL B 122 1.58 20.81 -42.00
CA VAL B 122 2.82 21.53 -42.08
C VAL B 122 3.29 21.24 -43.46
N THR B 123 3.65 22.30 -44.23
CA THR B 123 4.14 22.13 -45.57
C THR B 123 5.49 22.77 -45.55
N VAL B 124 6.55 21.98 -45.84
CA VAL B 124 7.89 22.48 -45.93
C VAL B 124 8.13 22.58 -47.42
N SER B 125 8.22 23.81 -47.97
CA SER B 125 8.44 24.00 -49.38
C SER B 125 8.75 25.46 -49.59
N SER B 126 9.40 25.78 -50.73
CA SER B 126 9.74 27.12 -51.14
C SER B 126 9.20 27.26 -52.54
N ALA B 127 8.37 28.31 -52.76
CA ALA B 127 7.73 28.65 -54.00
C ALA B 127 6.52 29.46 -53.61
N SER B 128 6.11 30.40 -54.49
CA SER B 128 4.94 31.22 -54.32
C SER B 128 3.80 30.52 -55.02
N THR B 129 2.54 30.89 -54.67
CA THR B 129 1.34 30.37 -55.27
C THR B 129 1.32 30.70 -56.75
N LYS B 130 0.89 29.72 -57.57
CA LYS B 130 1.03 29.75 -58.99
C LYS B 130 -0.15 29.01 -59.57
N GLY B 131 -0.86 29.65 -60.53
CA GLY B 131 -1.96 29.06 -61.26
C GLY B 131 -1.46 28.01 -62.21
N PRO B 132 -2.28 27.10 -62.72
CA PRO B 132 -1.81 26.03 -63.60
C PRO B 132 -1.81 26.48 -65.03
N SER B 133 -0.87 25.93 -65.83
CA SER B 133 -0.97 25.93 -67.26
C SER B 133 -1.65 24.62 -67.57
N VAL B 134 -2.68 24.69 -68.44
CA VAL B 134 -3.53 23.57 -68.75
C VAL B 134 -3.36 23.33 -70.21
N PHE B 135 -2.93 22.10 -70.56
CA PHE B 135 -2.65 21.75 -71.93
C PHE B 135 -3.63 20.65 -72.22
N PRO B 136 -4.28 20.59 -73.38
CA PRO B 136 -5.12 19.47 -73.75
C PRO B 136 -4.22 18.32 -74.13
N LEU B 137 -4.59 17.08 -73.75
CA LEU B 137 -3.92 15.87 -74.16
C LEU B 137 -4.77 15.29 -75.24
N ALA B 138 -4.38 15.56 -76.51
CA ALA B 138 -5.11 15.17 -77.69
C ALA B 138 -5.25 13.66 -77.77
N PRO B 139 -6.41 13.10 -78.16
CA PRO B 139 -6.57 11.69 -78.48
C PRO B 139 -5.73 11.30 -79.67
N SER B 140 -5.56 9.98 -79.86
CA SER B 140 -4.73 9.44 -80.90
C SER B 140 -5.69 8.97 -81.96
N SER B 141 -5.19 8.82 -83.20
CA SER B 141 -5.93 8.28 -84.31
C SER B 141 -5.50 6.84 -84.49
N LYS B 142 -4.74 6.31 -83.49
CA LYS B 142 -4.24 4.95 -83.46
C LYS B 142 -4.77 4.27 -82.22
N SER B 143 -5.57 4.98 -81.39
CA SER B 143 -6.22 4.39 -80.23
C SER B 143 -7.63 4.01 -80.62
N THR B 144 -8.04 4.42 -81.85
CA THR B 144 -9.24 4.06 -82.59
C THR B 144 -9.41 2.56 -82.74
N SER B 145 -8.31 1.79 -82.58
CA SER B 145 -8.18 0.35 -82.70
C SER B 145 -9.04 -0.48 -81.77
N GLY B 146 -9.65 0.15 -80.72
CA GLY B 146 -10.53 -0.53 -79.80
C GLY B 146 -11.92 0.00 -79.91
N GLY B 147 -12.10 1.10 -80.69
CA GLY B 147 -13.35 1.79 -80.88
C GLY B 147 -13.56 2.86 -79.85
N THR B 148 -12.70 2.92 -78.82
CA THR B 148 -12.80 3.85 -77.73
C THR B 148 -11.46 4.53 -77.66
N ALA B 149 -11.48 5.86 -77.45
CA ALA B 149 -10.30 6.68 -77.32
C ALA B 149 -10.37 7.34 -75.98
N ALA B 150 -9.22 7.48 -75.29
CA ALA B 150 -9.15 8.27 -74.09
C ALA B 150 -8.41 9.53 -74.42
N LEU B 151 -8.89 10.66 -73.88
CA LEU B 151 -8.31 11.97 -74.08
C LEU B 151 -8.40 12.61 -72.73
N GLY B 152 -7.68 13.73 -72.53
CA GLY B 152 -7.60 14.26 -71.19
C GLY B 152 -6.96 15.61 -71.22
N CYS B 153 -6.56 16.08 -70.03
CA CYS B 153 -5.92 17.37 -69.85
C CYS B 153 -4.84 17.16 -68.86
N LEU B 154 -3.69 17.81 -69.13
CA LEU B 154 -2.54 17.79 -68.28
C LEU B 154 -2.51 19.12 -67.60
N VAL B 155 -2.65 19.12 -66.25
CA VAL B 155 -2.71 20.31 -65.44
C VAL B 155 -1.38 20.33 -64.75
N LYS B 156 -0.50 21.25 -65.19
CA LYS B 156 0.91 21.16 -64.95
C LYS B 156 1.41 22.44 -64.36
N ASP B 157 2.40 22.34 -63.43
CA ASP B 157 3.18 23.45 -62.91
C ASP B 157 2.36 24.41 -62.07
N TYR B 158 1.61 23.88 -61.08
CA TYR B 158 0.87 24.69 -60.13
C TYR B 158 1.48 24.45 -58.78
N PHE B 159 1.29 25.41 -57.86
CA PHE B 159 1.70 25.26 -56.49
C PHE B 159 0.74 26.11 -55.70
N PRO B 160 0.31 25.78 -54.49
CA PRO B 160 0.40 24.47 -53.86
C PRO B 160 -0.84 23.69 -54.25
N GLU B 161 -0.99 22.45 -53.75
CA GLU B 161 -2.22 21.68 -53.82
C GLU B 161 -3.38 22.38 -53.14
N PRO B 162 -4.64 22.22 -53.57
CA PRO B 162 -5.06 21.24 -54.54
C PRO B 162 -5.68 21.93 -55.74
N VAL B 163 -5.62 21.27 -56.93
CA VAL B 163 -6.48 21.61 -58.04
C VAL B 163 -7.60 20.61 -58.03
N THR B 164 -8.75 21.00 -58.62
CA THR B 164 -9.85 20.11 -58.91
C THR B 164 -10.03 20.19 -60.40
N VAL B 165 -10.28 19.02 -61.05
CA VAL B 165 -10.52 18.95 -62.46
C VAL B 165 -11.82 18.21 -62.58
N SER B 166 -12.75 18.79 -63.36
CA SER B 166 -14.04 18.24 -63.67
C SER B 166 -14.13 18.34 -65.17
N TRP B 167 -15.11 17.64 -65.77
CA TRP B 167 -15.31 17.65 -67.20
C TRP B 167 -16.69 18.13 -67.46
N ASN B 168 -16.81 19.14 -68.35
CA ASN B 168 -18.04 19.78 -68.77
C ASN B 168 -18.80 20.34 -67.59
N SER B 169 -18.05 20.96 -66.65
CA SER B 169 -18.52 21.64 -65.46
C SER B 169 -19.09 20.68 -64.44
N GLY B 170 -18.64 19.40 -64.47
CA GLY B 170 -19.06 18.37 -63.57
C GLY B 170 -20.18 17.53 -64.13
N ALA B 171 -20.66 17.85 -65.36
CA ALA B 171 -21.70 17.11 -66.04
C ALA B 171 -21.22 15.72 -66.40
N LEU B 172 -19.95 15.64 -66.85
CA LEU B 172 -19.28 14.43 -67.23
C LEU B 172 -18.34 14.11 -66.10
N THR B 173 -18.52 12.91 -65.52
CA THR B 173 -17.82 12.46 -64.33
C THR B 173 -17.76 10.96 -64.41
N SER B 174 -18.44 10.36 -65.42
CA SER B 174 -18.47 8.94 -65.63
C SER B 174 -17.29 8.58 -66.49
N GLY B 175 -16.36 7.78 -65.91
CA GLY B 175 -15.12 7.38 -66.54
C GLY B 175 -14.08 8.45 -66.40
N VAL B 176 -14.39 9.54 -65.64
CA VAL B 176 -13.46 10.59 -65.36
C VAL B 176 -12.60 10.11 -64.23
N HIS B 177 -11.28 10.07 -64.47
CA HIS B 177 -10.33 9.70 -63.47
C HIS B 177 -9.42 10.87 -63.33
N THR B 178 -9.52 11.56 -62.16
CA THR B 178 -8.66 12.66 -61.80
C THR B 178 -7.77 12.00 -60.79
N PHE B 179 -6.48 11.85 -61.14
CA PHE B 179 -5.53 11.12 -60.36
C PHE B 179 -5.00 12.00 -59.25
N PRO B 180 -4.57 11.45 -58.11
CA PRO B 180 -3.72 12.12 -57.13
C PRO B 180 -2.61 12.95 -57.73
N ALA B 181 -2.36 14.16 -57.16
CA ALA B 181 -1.26 15.00 -57.52
C ALA B 181 0.06 14.33 -57.25
N VAL B 182 1.03 14.50 -58.17
CA VAL B 182 2.36 14.00 -57.98
C VAL B 182 3.22 15.23 -57.89
N LEU B 183 4.19 15.20 -56.94
CA LEU B 183 5.16 16.25 -56.76
C LEU B 183 6.27 15.99 -57.72
N GLN B 184 6.52 16.96 -58.62
CA GLN B 184 7.55 16.89 -59.62
C GLN B 184 8.85 17.37 -59.02
N SER B 185 9.94 17.24 -59.81
CA SER B 185 11.27 17.64 -59.42
C SER B 185 11.45 19.13 -59.50
N SER B 186 10.49 19.83 -60.17
CA SER B 186 10.44 21.27 -60.24
C SER B 186 9.97 21.88 -58.93
N GLY B 187 9.30 21.08 -58.08
CA GLY B 187 8.76 21.52 -56.82
C GLY B 187 7.38 22.09 -57.04
N LEU B 188 6.77 21.75 -58.20
CA LEU B 188 5.44 22.16 -58.57
C LEU B 188 4.71 20.88 -58.80
N TYR B 189 3.39 20.87 -58.49
CA TYR B 189 2.58 19.70 -58.60
C TYR B 189 2.02 19.61 -59.99
N SER B 190 1.67 18.37 -60.42
CA SER B 190 1.11 18.10 -61.72
C SER B 190 0.18 16.93 -61.56
N LEU B 191 -0.94 16.93 -62.30
CA LEU B 191 -1.83 15.80 -62.37
C LEU B 191 -2.41 15.74 -63.73
N SER B 192 -2.93 14.54 -64.09
CA SER B 192 -3.61 14.34 -65.35
C SER B 192 -5.00 13.97 -64.95
N SER B 193 -5.97 14.40 -65.77
CA SER B 193 -7.35 14.02 -65.64
C SER B 193 -7.69 13.51 -67.00
N VAL B 194 -8.32 12.32 -67.07
CA VAL B 194 -8.61 11.68 -68.33
C VAL B 194 -10.03 11.23 -68.30
N VAL B 195 -10.60 11.03 -69.51
CA VAL B 195 -11.92 10.50 -69.68
C VAL B 195 -11.85 9.65 -70.94
N THR B 196 -12.50 8.47 -70.91
CA THR B 196 -12.61 7.60 -72.05
C THR B 196 -13.95 7.85 -72.67
N VAL B 197 -13.92 8.08 -74.00
CA VAL B 197 -15.06 8.43 -74.82
C VAL B 197 -15.01 7.48 -76.00
N PRO B 198 -16.09 7.24 -76.74
CA PRO B 198 -16.05 6.65 -78.07
C PRO B 198 -15.14 7.39 -79.02
N SER B 199 -14.26 6.67 -79.76
CA SER B 199 -13.33 7.25 -80.72
C SER B 199 -14.07 7.97 -81.82
N SER B 200 -15.22 7.39 -82.24
CA SER B 200 -16.13 7.92 -83.22
C SER B 200 -16.70 9.29 -82.91
N SER B 201 -16.84 9.64 -81.59
CA SER B 201 -17.43 10.88 -81.16
C SER B 201 -16.43 11.99 -81.02
N LEU B 202 -15.11 11.70 -81.17
CA LEU B 202 -14.05 12.69 -81.14
C LEU B 202 -14.22 13.71 -82.25
N GLY B 203 -14.15 15.01 -81.87
CA GLY B 203 -14.32 16.14 -82.76
C GLY B 203 -15.71 16.21 -83.34
N THR B 204 -16.69 15.67 -82.59
CA THR B 204 -18.10 15.68 -82.95
C THR B 204 -18.82 15.99 -81.66
N GLN B 205 -18.10 15.89 -80.52
CA GLN B 205 -18.61 16.16 -79.21
C GLN B 205 -17.48 16.84 -78.53
N THR B 206 -17.78 17.95 -77.82
CA THR B 206 -16.81 18.74 -77.12
C THR B 206 -16.57 18.14 -75.77
N TYR B 207 -15.27 17.91 -75.44
CA TYR B 207 -14.86 17.41 -74.17
C TYR B 207 -13.97 18.51 -73.69
N ILE B 208 -14.37 19.14 -72.56
CA ILE B 208 -13.74 20.30 -72.01
C ILE B 208 -13.42 19.93 -70.61
N CYS B 209 -12.15 20.12 -70.19
CA CYS B 209 -11.76 20.00 -68.82
C CYS B 209 -11.87 21.36 -68.22
N ASN B 210 -12.47 21.43 -67.02
CA ASN B 210 -12.68 22.64 -66.27
C ASN B 210 -11.73 22.46 -65.13
N VAL B 211 -10.70 23.32 -65.05
CA VAL B 211 -9.64 23.21 -64.09
C VAL B 211 -9.79 24.41 -63.22
N ASN B 212 -9.85 24.19 -61.89
CA ASN B 212 -9.88 25.24 -60.91
C ASN B 212 -8.71 24.98 -59.99
N HIS B 213 -7.95 26.05 -59.68
CA HIS B 213 -6.87 26.04 -58.73
C HIS B 213 -7.25 27.07 -57.72
N LYS B 214 -7.77 26.62 -56.56
CA LYS B 214 -8.24 27.45 -55.49
C LYS B 214 -7.20 28.36 -54.82
N PRO B 215 -5.91 28.02 -54.61
CA PRO B 215 -5.00 28.91 -53.91
C PRO B 215 -4.67 30.21 -54.63
N SER B 216 -4.71 30.25 -55.98
CA SER B 216 -4.50 31.46 -56.73
C SER B 216 -5.81 31.91 -57.32
N ASN B 217 -6.87 31.07 -57.21
CA ASN B 217 -8.18 31.23 -57.80
C ASN B 217 -8.11 31.39 -59.30
N THR B 218 -7.33 30.49 -59.95
CA THR B 218 -7.01 30.54 -61.36
C THR B 218 -7.82 29.43 -61.95
N LYS B 219 -8.59 29.72 -63.02
CA LYS B 219 -9.50 28.78 -63.60
C LYS B 219 -9.29 28.81 -65.08
N VAL B 220 -9.01 27.63 -65.69
CA VAL B 220 -8.70 27.48 -67.09
C VAL B 220 -9.52 26.33 -67.61
N ASP B 221 -10.29 26.58 -68.70
CA ASP B 221 -11.08 25.58 -69.38
C ASP B 221 -10.42 25.28 -70.71
N LYS B 222 -10.05 24.00 -70.95
CA LYS B 222 -9.41 23.57 -72.19
C LYS B 222 -10.23 22.54 -72.88
N LYS B 223 -10.72 22.88 -74.10
CA LYS B 223 -11.37 21.97 -75.01
C LYS B 223 -10.30 21.11 -75.64
N VAL B 224 -10.51 19.77 -75.60
CA VAL B 224 -9.57 18.78 -76.03
C VAL B 224 -10.10 18.23 -77.33
N GLU B 225 -9.26 18.30 -78.38
CA GLU B 225 -9.65 18.01 -79.74
C GLU B 225 -8.52 17.19 -80.30
N PRO B 226 -8.71 16.43 -81.38
CA PRO B 226 -7.63 15.76 -82.10
C PRO B 226 -6.65 16.74 -82.65
N ASP C 2 16.98 -3.37 -33.94
CA ASP C 2 16.38 -2.86 -32.75
C ASP C 2 15.00 -3.46 -32.71
N ILE C 3 13.95 -2.64 -32.95
CA ILE C 3 12.57 -3.04 -32.83
C ILE C 3 12.00 -2.84 -34.21
N GLN C 4 11.32 -3.89 -34.72
CA GLN C 4 10.87 -3.97 -36.08
C GLN C 4 9.56 -4.66 -35.93
N MET C 5 8.51 -4.14 -36.61
CA MET C 5 7.19 -4.71 -36.56
C MET C 5 6.97 -5.25 -37.94
N THR C 6 6.56 -6.53 -38.04
CA THR C 6 6.19 -7.13 -39.29
C THR C 6 4.81 -7.63 -39.06
N GLN C 7 4.03 -7.72 -40.16
CA GLN C 7 2.71 -8.28 -40.14
C GLN C 7 2.65 -9.23 -41.30
N SER C 8 1.68 -10.15 -41.25
CA SER C 8 1.37 -10.99 -42.38
C SER C 8 -0.10 -11.35 -42.25
N PRO C 9 -0.80 -11.69 -43.33
CA PRO C 9 -0.58 -11.30 -44.72
C PRO C 9 -0.27 -9.83 -44.90
N SER C 10 0.63 -9.48 -45.86
CA SER C 10 0.95 -8.10 -46.22
C SER C 10 -0.26 -7.40 -46.78
N SER C 11 -1.02 -8.10 -47.65
CA SER C 11 -2.31 -7.66 -48.12
C SER C 11 -3.13 -8.91 -48.19
N LEU C 12 -4.46 -8.77 -48.08
CA LEU C 12 -5.36 -9.88 -48.25
C LEU C 12 -6.61 -9.40 -48.92
N SER C 13 -7.18 -10.24 -49.81
CA SER C 13 -8.41 -9.98 -50.49
C SER C 13 -9.48 -10.70 -49.73
N ALA C 14 -10.48 -9.94 -49.25
CA ALA C 14 -11.57 -10.46 -48.45
C ALA C 14 -12.83 -9.81 -48.95
N SER C 15 -13.99 -10.37 -48.55
CA SER C 15 -15.30 -9.88 -48.88
C SER C 15 -15.93 -9.60 -47.53
N VAL C 16 -17.02 -8.80 -47.51
CA VAL C 16 -17.78 -8.52 -46.31
C VAL C 16 -18.37 -9.77 -45.70
N GLY C 17 -18.40 -9.81 -44.34
CA GLY C 17 -18.86 -10.92 -43.55
C GLY C 17 -17.93 -12.09 -43.59
N ASP C 18 -16.59 -11.83 -43.68
CA ASP C 18 -15.59 -12.87 -43.67
C ASP C 18 -14.84 -12.78 -42.38
N ARG C 19 -14.25 -13.92 -41.96
CA ARG C 19 -13.34 -13.99 -40.84
C ARG C 19 -11.96 -13.65 -41.32
N VAL C 20 -11.45 -12.49 -40.84
CA VAL C 20 -10.13 -12.00 -41.19
C VAL C 20 -9.28 -12.26 -39.99
N THR C 21 -8.11 -12.87 -40.20
CA THR C 21 -7.15 -13.12 -39.16
C THR C 21 -5.86 -12.62 -39.71
N ILE C 22 -5.20 -11.70 -38.96
CA ILE C 22 -3.88 -11.22 -39.31
C ILE C 22 -3.06 -11.42 -38.07
N THR C 23 -1.73 -11.54 -38.25
CA THR C 23 -0.79 -11.81 -37.19
C THR C 23 0.23 -10.72 -37.30
N CYS C 24 0.93 -10.48 -36.17
CA CYS C 24 1.96 -9.50 -36.06
C CYS C 24 3.06 -10.15 -35.30
N ARG C 25 4.32 -9.76 -35.62
CA ARG C 25 5.49 -10.29 -34.99
C ARG C 25 6.41 -9.12 -34.75
N ALA C 26 6.96 -9.05 -33.52
CA ALA C 26 7.97 -8.10 -33.12
C ALA C 26 9.28 -8.84 -33.12
N SER C 27 10.39 -8.13 -33.45
CA SER C 27 11.71 -8.72 -33.56
C SER C 27 12.33 -8.99 -32.21
N GLN C 28 11.83 -8.31 -31.15
CA GLN C 28 12.24 -8.57 -29.79
C GLN C 28 11.00 -8.50 -28.94
N SER C 29 11.07 -9.11 -27.74
CA SER C 29 9.96 -9.21 -26.83
C SER C 29 9.75 -7.89 -26.13
N VAL C 30 8.52 -7.36 -26.24
CA VAL C 30 8.10 -6.11 -25.65
C VAL C 30 7.02 -6.41 -24.66
N SER C 31 6.82 -7.72 -24.34
CA SER C 31 5.77 -8.25 -23.49
C SER C 31 4.40 -7.93 -24.03
N SER C 32 3.33 -8.24 -23.23
CA SER C 32 1.97 -7.87 -23.52
C SER C 32 1.91 -6.36 -23.48
N ALA C 33 1.80 -5.74 -24.67
CA ALA C 33 2.04 -4.34 -24.80
C ALA C 33 1.83 -3.97 -26.23
N VAL C 34 0.96 -4.72 -26.94
CA VAL C 34 0.73 -4.50 -28.35
C VAL C 34 -0.68 -4.05 -28.51
N ALA C 35 -0.82 -2.91 -29.21
CA ALA C 35 -2.06 -2.31 -29.57
C ALA C 35 -2.19 -2.42 -31.06
N TRP C 36 -3.45 -2.47 -31.56
CA TRP C 36 -3.74 -2.55 -32.97
C TRP C 36 -4.58 -1.36 -33.31
N TYR C 37 -4.18 -0.64 -34.40
CA TYR C 37 -4.81 0.57 -34.86
C TYR C 37 -5.32 0.34 -36.25
N GLN C 38 -6.41 1.05 -36.58
CA GLN C 38 -7.00 1.14 -37.89
C GLN C 38 -6.80 2.52 -38.38
N GLN C 39 -6.37 2.68 -39.66
CA GLN C 39 -6.39 3.97 -40.31
C GLN C 39 -7.02 3.67 -41.63
N LYS C 40 -7.92 4.58 -42.04
CA LYS C 40 -8.61 4.50 -43.29
C LYS C 40 -8.79 5.93 -43.72
N PRO C 41 -8.81 6.26 -45.02
CA PRO C 41 -8.82 7.61 -45.57
C PRO C 41 -9.60 8.68 -44.84
N GLY C 42 -8.95 9.85 -44.61
CA GLY C 42 -9.56 11.02 -44.02
C GLY C 42 -9.77 10.90 -42.55
N LYS C 43 -8.95 10.08 -41.86
CA LYS C 43 -9.08 9.85 -40.44
C LYS C 43 -7.70 9.90 -39.88
N ALA C 44 -7.61 10.10 -38.55
CA ALA C 44 -6.40 9.95 -37.78
C ALA C 44 -6.45 8.53 -37.28
N PRO C 45 -5.34 7.81 -37.10
CA PRO C 45 -5.25 6.55 -36.38
C PRO C 45 -6.14 6.39 -35.16
N LYS C 46 -6.81 5.21 -35.03
CA LYS C 46 -7.76 4.95 -33.98
C LYS C 46 -7.52 3.57 -33.43
N LEU C 47 -7.37 3.50 -32.09
CA LEU C 47 -7.13 2.33 -31.28
C LEU C 47 -8.27 1.35 -31.36
N LEU C 48 -7.96 0.04 -31.52
CA LEU C 48 -8.92 -1.03 -31.55
C LEU C 48 -8.75 -1.92 -30.35
N ILE C 49 -7.50 -2.38 -30.11
CA ILE C 49 -7.17 -3.40 -29.13
C ILE C 49 -5.92 -2.87 -28.47
N TYR C 50 -5.75 -3.08 -27.15
CA TYR C 50 -4.57 -2.68 -26.43
C TYR C 50 -4.24 -3.83 -25.51
N SER C 51 -2.97 -3.92 -25.04
CA SER C 51 -2.46 -4.92 -24.13
C SER C 51 -2.69 -6.34 -24.58
N ALA C 52 -2.31 -6.62 -25.84
CA ALA C 52 -2.38 -7.89 -26.52
C ALA C 52 -3.75 -8.43 -26.85
N SER C 53 -4.85 -7.99 -26.18
CA SER C 53 -6.09 -8.72 -26.31
C SER C 53 -7.27 -8.02 -25.70
N SER C 54 -7.07 -6.83 -25.08
CA SER C 54 -8.11 -6.18 -24.33
C SER C 54 -8.78 -5.18 -25.24
N LEU C 55 -10.13 -5.26 -25.33
CA LEU C 55 -10.92 -4.41 -26.18
C LEU C 55 -10.96 -3.01 -25.63
N TYR C 56 -10.63 -2.02 -26.51
CA TYR C 56 -10.76 -0.60 -26.21
C TYR C 56 -12.21 -0.18 -26.22
N SER C 57 -12.56 0.79 -25.35
CA SER C 57 -13.88 1.34 -25.22
C SER C 57 -14.32 2.04 -26.47
N GLY C 58 -15.60 1.85 -26.86
CA GLY C 58 -16.20 2.43 -28.04
C GLY C 58 -15.72 1.81 -29.31
N VAL C 59 -15.26 0.54 -29.25
CA VAL C 59 -14.82 -0.21 -30.40
C VAL C 59 -15.71 -1.43 -30.41
N PRO C 60 -16.35 -1.83 -31.52
CA PRO C 60 -17.06 -3.09 -31.66
C PRO C 60 -16.32 -4.31 -31.18
N SER C 61 -17.07 -5.36 -30.75
CA SER C 61 -16.51 -6.53 -30.12
C SER C 61 -16.22 -7.57 -31.17
N ARG C 62 -16.40 -7.18 -32.46
CA ARG C 62 -15.98 -7.90 -33.63
C ARG C 62 -14.49 -8.05 -33.66
N PHE C 63 -13.77 -6.98 -33.24
CA PHE C 63 -12.33 -7.01 -33.11
C PHE C 63 -12.03 -7.65 -31.80
N SER C 64 -11.04 -8.56 -31.81
CA SER C 64 -10.56 -9.21 -30.62
C SER C 64 -9.13 -9.53 -30.94
N GLY C 65 -8.32 -9.76 -29.89
CA GLY C 65 -6.95 -10.14 -30.04
C GLY C 65 -6.71 -11.28 -29.12
N SER C 66 -5.66 -12.06 -29.41
CA SER C 66 -5.26 -13.15 -28.58
C SER C 66 -3.77 -13.21 -28.66
N ARG C 67 -3.18 -14.19 -27.93
CA ARG C 67 -1.80 -14.58 -28.01
C ARG C 67 -0.90 -13.70 -27.20
N SER C 68 0.27 -14.26 -26.84
CA SER C 68 1.29 -13.59 -26.09
C SER C 68 2.58 -13.94 -26.79
N GLY C 69 3.74 -13.68 -26.13
CA GLY C 69 5.04 -13.94 -26.68
C GLY C 69 5.37 -12.82 -27.61
N THR C 70 5.99 -13.15 -28.77
CA THR C 70 6.42 -12.17 -29.74
C THR C 70 5.44 -12.15 -30.88
N ASP C 71 4.36 -12.95 -30.81
CA ASP C 71 3.45 -13.16 -31.91
C ASP C 71 2.07 -12.87 -31.41
N PHE C 72 1.45 -11.80 -31.97
CA PHE C 72 0.18 -11.26 -31.52
C PHE C 72 -0.77 -11.50 -32.65
N THR C 73 -2.09 -11.57 -32.35
CA THR C 73 -3.08 -11.86 -33.37
C THR C 73 -4.20 -10.87 -33.20
N LEU C 74 -4.81 -10.46 -34.35
CA LEU C 74 -5.98 -9.63 -34.43
C LEU C 74 -6.95 -10.39 -35.28
N THR C 75 -8.18 -10.60 -34.76
CA THR C 75 -9.22 -11.35 -35.43
C THR C 75 -10.39 -10.40 -35.56
N ILE C 76 -10.99 -10.35 -36.77
CA ILE C 76 -12.22 -9.65 -37.05
C ILE C 76 -13.19 -10.75 -37.37
N SER C 77 -14.21 -10.97 -36.49
CA SER C 77 -15.17 -12.04 -36.60
C SER C 77 -16.03 -11.97 -37.83
N SER C 78 -16.53 -10.76 -38.16
CA SER C 78 -17.29 -10.52 -39.36
C SER C 78 -16.79 -9.21 -39.88
N LEU C 79 -16.46 -9.19 -41.19
CA LEU C 79 -15.93 -8.03 -41.85
C LEU C 79 -17.08 -7.13 -42.22
N GLN C 80 -16.80 -5.82 -42.35
CA GLN C 80 -17.78 -4.80 -42.62
C GLN C 80 -17.22 -4.02 -43.79
N PRO C 81 -18.00 -3.20 -44.51
CA PRO C 81 -17.51 -2.49 -45.68
C PRO C 81 -16.68 -1.28 -45.31
N GLU C 82 -16.35 -1.09 -44.00
CA GLU C 82 -15.55 0.02 -43.53
C GLU C 82 -14.29 -0.56 -42.92
N ASP C 83 -14.09 -1.89 -43.08
CA ASP C 83 -12.97 -2.61 -42.53
C ASP C 83 -11.99 -2.90 -43.63
N PHE C 84 -12.21 -2.35 -44.85
CA PHE C 84 -11.24 -2.38 -45.90
C PHE C 84 -10.38 -1.18 -45.64
N ALA C 85 -9.18 -1.44 -45.06
CA ALA C 85 -8.43 -0.41 -44.40
C ALA C 85 -7.06 -0.98 -44.16
N THR C 86 -6.15 -0.14 -43.59
CA THR C 86 -4.83 -0.57 -43.19
C THR C 86 -4.81 -0.74 -41.69
N TYR C 87 -4.29 -1.90 -41.23
CA TYR C 87 -4.22 -2.24 -39.83
C TYR C 87 -2.78 -2.37 -39.47
N TYR C 88 -2.37 -1.69 -38.37
CA TYR C 88 -1.01 -1.64 -37.89
C TYR C 88 -1.05 -2.19 -36.51
N CYS C 89 -0.04 -3.03 -36.12
CA CYS C 89 0.18 -3.30 -34.72
C CYS C 89 1.28 -2.36 -34.31
N GLN C 90 1.35 -1.99 -33.03
CA GLN C 90 2.41 -1.18 -32.52
C GLN C 90 2.66 -1.61 -31.12
N GLN C 91 3.87 -1.28 -30.61
CA GLN C 91 4.31 -1.64 -29.30
C GLN C 91 4.62 -0.35 -28.63
N TYR C 92 4.38 -0.29 -27.30
CA TYR C 92 4.70 0.86 -26.49
C TYR C 92 5.66 0.40 -25.45
N TYR C 93 6.60 1.29 -25.08
CA TYR C 93 7.61 1.23 -24.04
C TYR C 93 8.86 1.76 -24.68
N GLU C 94 9.71 2.43 -23.87
CA GLU C 94 10.85 3.17 -24.35
C GLU C 94 11.94 2.77 -23.41
N TRP C 95 13.20 2.95 -23.86
CA TRP C 95 14.35 2.95 -22.99
C TRP C 95 15.28 4.03 -23.48
N LEU C 96 15.19 4.39 -24.79
CA LEU C 96 14.57 5.63 -25.21
C LEU C 96 14.03 5.36 -26.60
N SER C 97 13.94 4.06 -26.98
CA SER C 97 13.54 3.59 -28.29
C SER C 97 12.14 4.01 -28.64
N LEU C 98 11.92 4.27 -29.95
CA LEU C 98 10.69 4.82 -30.47
C LEU C 98 9.61 3.79 -30.44
N PHE C 99 8.35 4.24 -30.43
CA PHE C 99 7.20 3.37 -30.45
C PHE C 99 7.00 3.02 -31.91
N THR C 100 7.19 1.73 -32.26
CA THR C 100 7.32 1.30 -33.62
C THR C 100 6.00 0.76 -34.08
N PHE C 101 5.61 1.13 -35.32
CA PHE C 101 4.34 0.80 -35.91
C PHE C 101 4.66 -0.03 -37.11
N GLY C 102 3.76 -1.00 -37.41
CA GLY C 102 3.69 -1.77 -38.64
C GLY C 102 3.66 -0.96 -39.90
N GLN C 103 3.64 -1.68 -41.04
CA GLN C 103 3.69 -1.09 -42.36
C GLN C 103 2.28 -0.96 -42.87
N GLY C 104 1.29 -1.44 -42.09
CA GLY C 104 -0.11 -1.51 -42.46
C GLY C 104 -0.36 -2.74 -43.27
N THR C 105 -1.50 -3.41 -42.98
CA THR C 105 -1.94 -4.57 -43.72
C THR C 105 -3.22 -4.14 -44.35
N LYS C 106 -3.26 -4.15 -45.70
CA LYS C 106 -4.39 -3.71 -46.46
C LYS C 106 -5.34 -4.85 -46.70
N VAL C 107 -6.56 -4.70 -46.14
CA VAL C 107 -7.66 -5.58 -46.41
C VAL C 107 -8.37 -4.90 -47.55
N GLU C 108 -8.48 -5.57 -48.72
CA GLU C 108 -9.01 -4.99 -49.94
C GLU C 108 -10.17 -5.84 -50.38
N ILE C 109 -10.97 -5.29 -51.33
CA ILE C 109 -12.20 -5.88 -51.79
C ILE C 109 -11.86 -6.85 -52.89
N LYS C 110 -12.18 -8.15 -52.65
CA LYS C 110 -12.05 -9.25 -53.56
C LYS C 110 -13.01 -9.11 -54.73
N ARG C 111 -12.53 -9.38 -55.96
CA ARG C 111 -13.39 -9.44 -57.13
C ARG C 111 -12.65 -10.18 -58.21
N THR C 112 -13.37 -10.45 -59.33
CA THR C 112 -12.87 -11.00 -60.56
C THR C 112 -11.81 -10.14 -61.22
N VAL C 113 -10.86 -10.80 -61.93
CA VAL C 113 -9.86 -10.22 -62.80
C VAL C 113 -10.53 -9.48 -63.93
N ALA C 114 -9.94 -8.33 -64.35
CA ALA C 114 -10.38 -7.62 -65.53
C ALA C 114 -9.13 -7.09 -66.18
N ALA C 115 -9.06 -7.24 -67.53
CA ALA C 115 -7.99 -6.71 -68.36
C ALA C 115 -8.07 -5.19 -68.44
N PRO C 116 -6.95 -4.48 -68.62
CA PRO C 116 -6.95 -3.04 -68.74
C PRO C 116 -7.30 -2.61 -70.14
N SER C 117 -8.09 -1.51 -70.28
CA SER C 117 -8.29 -0.87 -71.56
C SER C 117 -7.14 0.08 -71.71
N VAL C 118 -6.35 -0.08 -72.80
CA VAL C 118 -5.10 0.63 -72.98
C VAL C 118 -5.34 1.71 -73.99
N PHE C 119 -5.00 2.96 -73.62
CA PHE C 119 -5.13 4.11 -74.48
C PHE C 119 -3.81 4.82 -74.40
N ILE C 120 -3.30 5.33 -75.54
CA ILE C 120 -2.10 6.12 -75.60
C ILE C 120 -2.50 7.45 -76.21
N PHE C 121 -1.98 8.56 -75.63
CA PHE C 121 -2.40 9.91 -75.92
C PHE C 121 -1.19 10.65 -76.45
N PRO C 122 -1.17 11.24 -77.65
CA PRO C 122 -0.17 12.22 -78.06
C PRO C 122 -0.31 13.52 -77.30
N PRO C 123 0.75 14.27 -76.93
CA PRO C 123 0.66 15.67 -76.55
C PRO C 123 0.09 16.51 -77.66
N SER C 124 -0.59 17.62 -77.31
CA SER C 124 -1.11 18.57 -78.27
C SER C 124 0.02 19.47 -78.71
N ASP C 125 -0.22 20.26 -79.78
CA ASP C 125 0.66 21.30 -80.26
C ASP C 125 0.99 22.31 -79.19
N SER C 126 -0.04 22.67 -78.36
CA SER C 126 0.01 23.60 -77.25
C SER C 126 0.96 23.18 -76.17
N GLN C 127 0.99 21.86 -75.87
CA GLN C 127 1.87 21.27 -74.89
C GLN C 127 3.31 21.40 -75.29
N LEU C 128 3.61 21.18 -76.59
CA LEU C 128 4.93 21.27 -77.16
C LEU C 128 5.49 22.66 -77.18
N LYS C 129 4.63 23.71 -77.16
CA LYS C 129 5.07 25.09 -77.11
C LYS C 129 5.73 25.48 -75.81
N SER C 130 5.44 24.78 -74.69
CA SER C 130 5.95 25.16 -73.39
C SER C 130 7.28 24.49 -73.10
N GLY C 131 7.79 23.67 -74.03
CA GLY C 131 9.14 23.15 -73.99
C GLY C 131 9.17 21.77 -73.39
N THR C 132 7.98 21.21 -73.10
CA THR C 132 7.82 19.93 -72.47
C THR C 132 6.85 19.17 -73.32
N ALA C 133 6.97 17.83 -73.32
CA ALA C 133 6.07 16.96 -74.02
C ALA C 133 5.62 15.98 -72.99
N SER C 134 4.30 15.84 -72.78
CA SER C 134 3.76 14.84 -71.87
C SER C 134 2.92 13.90 -72.66
N VAL C 135 3.29 12.60 -72.60
CA VAL C 135 2.65 11.53 -73.32
C VAL C 135 1.97 10.76 -72.24
N VAL C 136 0.64 10.53 -72.37
CA VAL C 136 -0.14 9.94 -71.28
C VAL C 136 -0.62 8.60 -71.73
N CYS C 137 -0.51 7.57 -70.85
CA CYS C 137 -1.05 6.26 -71.08
C CYS C 137 -2.04 6.00 -69.98
N LEU C 138 -3.25 5.55 -70.34
CA LEU C 138 -4.32 5.26 -69.41
C LEU C 138 -4.59 3.79 -69.48
N LEU C 139 -4.57 3.12 -68.31
CA LEU C 139 -4.96 1.74 -68.12
C LEU C 139 -6.21 1.85 -67.30
N ASN C 140 -7.39 1.52 -67.87
CA ASN C 140 -8.65 1.85 -67.25
C ASN C 140 -9.36 0.57 -66.87
N ASN C 141 -9.89 0.53 -65.63
CA ASN C 141 -10.82 -0.45 -65.11
C ASN C 141 -10.29 -1.86 -65.07
N PHE C 142 -9.10 -2.06 -64.48
CA PHE C 142 -8.48 -3.36 -64.39
C PHE C 142 -8.53 -3.78 -62.94
N TYR C 143 -8.31 -5.09 -62.70
CA TYR C 143 -8.19 -5.66 -61.39
C TYR C 143 -7.26 -6.84 -61.60
N PRO C 144 -6.35 -7.22 -60.69
CA PRO C 144 -6.03 -6.57 -59.44
C PRO C 144 -4.94 -5.55 -59.68
N ARG C 145 -4.22 -5.14 -58.60
CA ARG C 145 -3.21 -4.11 -58.63
C ARG C 145 -1.96 -4.51 -59.35
N GLU C 146 -1.80 -5.81 -59.69
CA GLU C 146 -0.65 -6.31 -60.41
C GLU C 146 -0.73 -5.97 -61.87
N ALA C 147 -0.17 -4.79 -62.22
CA ALA C 147 -0.08 -4.31 -63.56
C ALA C 147 1.22 -3.56 -63.57
N LYS C 148 1.90 -3.54 -64.73
CA LYS C 148 3.13 -2.81 -64.92
C LYS C 148 2.95 -2.08 -66.20
N VAL C 149 3.24 -0.76 -66.20
CA VAL C 149 3.23 0.03 -67.39
C VAL C 149 4.69 0.19 -67.70
N GLN C 150 5.01 0.26 -69.00
CA GLN C 150 6.34 0.51 -69.46
C GLN C 150 6.15 1.40 -70.64
N TRP C 151 7.07 2.36 -70.76
CA TRP C 151 7.07 3.32 -71.83
C TRP C 151 8.26 2.96 -72.64
N LYS C 152 8.07 2.89 -73.98
CA LYS C 152 9.18 2.73 -74.88
C LYS C 152 9.03 3.81 -75.88
N VAL C 153 10.14 4.52 -76.18
CA VAL C 153 10.20 5.52 -77.21
C VAL C 153 11.31 5.03 -78.09
N ASP C 154 10.95 4.71 -79.37
CA ASP C 154 11.82 4.15 -80.38
C ASP C 154 12.36 2.80 -79.93
N ASN C 155 11.52 2.04 -79.19
CA ASN C 155 11.78 0.73 -78.62
C ASN C 155 12.67 0.79 -77.40
N ALA C 156 13.28 1.97 -77.09
CA ALA C 156 14.18 2.16 -75.98
C ALA C 156 13.36 2.40 -74.75
N LEU C 157 13.73 1.73 -73.62
CA LEU C 157 12.93 1.72 -72.41
C LEU C 157 13.15 3.02 -71.69
N GLN C 158 12.04 3.71 -71.36
CA GLN C 158 12.02 4.99 -70.71
C GLN C 158 11.60 4.75 -69.30
N SER C 159 12.50 5.07 -68.36
CA SER C 159 12.27 4.91 -66.94
C SER C 159 13.06 6.03 -66.33
N GLY C 160 12.55 6.59 -65.20
CA GLY C 160 13.22 7.63 -64.45
C GLY C 160 12.89 8.96 -65.06
N ASN C 161 11.70 9.05 -65.69
CA ASN C 161 11.26 10.20 -66.42
C ASN C 161 9.77 10.03 -66.64
N SER C 162 9.19 8.96 -66.04
CA SER C 162 7.79 8.64 -66.09
C SER C 162 7.37 8.55 -64.66
N GLN C 163 6.10 8.94 -64.38
CA GLN C 163 5.55 8.93 -63.06
C GLN C 163 4.23 8.26 -63.23
N GLU C 164 3.86 7.42 -62.24
CA GLU C 164 2.63 6.68 -62.22
C GLU C 164 1.82 7.22 -61.09
N SER C 165 0.48 7.12 -61.22
CA SER C 165 -0.43 7.42 -60.16
C SER C 165 -1.55 6.44 -60.35
N VAL C 166 -2.04 5.89 -59.22
CA VAL C 166 -3.00 4.83 -59.19
C VAL C 166 -4.09 5.29 -58.27
N THR C 167 -5.37 5.12 -58.68
CA THR C 167 -6.49 5.32 -57.78
C THR C 167 -6.69 4.02 -57.05
N GLU C 168 -7.29 4.08 -55.83
CA GLU C 168 -7.77 2.91 -55.11
C GLU C 168 -9.05 2.38 -55.72
N GLN C 169 -9.93 1.74 -54.90
CA GLN C 169 -11.19 1.19 -55.31
C GLN C 169 -12.10 2.27 -55.86
N ASP C 170 -12.79 1.95 -56.97
CA ASP C 170 -13.73 2.83 -57.63
C ASP C 170 -15.06 2.74 -56.94
N SER C 171 -15.87 3.82 -57.06
CA SER C 171 -17.18 3.90 -56.46
C SER C 171 -18.18 3.20 -57.33
N LYS C 172 -17.83 3.00 -58.62
CA LYS C 172 -18.67 2.41 -59.63
C LYS C 172 -19.04 0.99 -59.34
N ASP C 173 -18.07 0.17 -58.90
CA ASP C 173 -18.25 -1.24 -58.64
C ASP C 173 -16.95 -1.80 -58.14
N SER C 174 -15.93 -0.93 -57.96
CA SER C 174 -14.61 -1.24 -57.48
C SER C 174 -13.78 -1.83 -58.58
N THR C 175 -12.75 -1.06 -59.00
CA THR C 175 -11.81 -1.41 -60.03
C THR C 175 -10.67 -0.47 -59.76
N TYR C 176 -9.55 -0.60 -60.51
CA TYR C 176 -8.47 0.35 -60.43
C TYR C 176 -8.29 0.95 -61.79
N SER C 177 -7.79 2.21 -61.82
CA SER C 177 -7.35 2.85 -63.02
C SER C 177 -5.99 3.37 -62.67
N LEU C 178 -5.12 3.52 -63.69
CA LEU C 178 -3.76 3.96 -63.49
C LEU C 178 -3.51 4.88 -64.64
N SER C 179 -2.89 6.06 -64.37
CA SER C 179 -2.46 6.97 -65.40
C SER C 179 -0.99 7.11 -65.18
N SER C 180 -0.21 6.93 -66.25
CA SER C 180 1.22 7.07 -66.24
C SER C 180 1.50 8.13 -67.25
N THR C 181 2.32 9.12 -66.84
CA THR C 181 2.63 10.27 -67.63
C THR C 181 4.11 10.23 -67.81
N LEU C 182 4.55 10.10 -69.08
CA LEU C 182 5.93 10.15 -69.48
C LEU C 182 6.16 11.57 -69.86
N THR C 183 7.15 12.22 -69.20
CA THR C 183 7.43 13.62 -69.37
C THR C 183 8.79 13.63 -70.00
N LEU C 184 8.89 14.34 -71.15
CA LEU C 184 10.08 14.42 -71.95
C LEU C 184 10.27 15.88 -72.24
N SER C 185 11.48 16.24 -72.71
CA SER C 185 11.80 17.48 -73.36
C SER C 185 11.08 17.57 -74.68
N LYS C 186 10.79 18.82 -75.13
CA LYS C 186 10.31 19.13 -76.46
C LYS C 186 11.29 18.66 -77.49
N ALA C 187 12.59 18.86 -77.19
CA ALA C 187 13.71 18.44 -78.02
C ALA C 187 13.76 16.96 -78.21
N ASP C 188 13.55 16.17 -77.11
CA ASP C 188 13.50 14.72 -77.14
C ASP C 188 12.35 14.23 -77.97
N TYR C 189 11.17 14.88 -77.83
CA TYR C 189 9.96 14.59 -78.56
C TYR C 189 10.17 14.75 -80.05
N GLU C 190 10.97 15.77 -80.45
CA GLU C 190 11.22 16.11 -81.81
C GLU C 190 12.39 15.37 -82.39
N LYS C 191 13.00 14.44 -81.61
CA LYS C 191 14.05 13.56 -82.06
C LYS C 191 13.54 12.15 -82.20
N HIS C 192 12.27 11.90 -81.83
CA HIS C 192 11.73 10.55 -81.76
C HIS C 192 10.39 10.58 -82.41
N LYS C 193 9.92 9.37 -82.84
CA LYS C 193 8.78 9.25 -83.72
C LYS C 193 7.81 8.27 -83.13
N VAL C 194 8.30 7.10 -82.66
CA VAL C 194 7.48 6.02 -82.18
C VAL C 194 7.33 6.17 -80.69
N TYR C 195 6.06 6.28 -80.23
CA TYR C 195 5.72 6.35 -78.83
C TYR C 195 4.90 5.15 -78.57
N ALA C 196 5.29 4.32 -77.59
CA ALA C 196 4.63 3.07 -77.33
C ALA C 196 4.42 2.98 -75.86
N CYS C 197 3.21 2.54 -75.48
CA CYS C 197 2.86 2.23 -74.12
C CYS C 197 2.62 0.75 -74.19
N GLU C 198 3.40 -0.01 -73.40
CA GLU C 198 3.30 -1.45 -73.34
C GLU C 198 2.75 -1.73 -71.98
N VAL C 199 1.70 -2.58 -71.93
CA VAL C 199 0.95 -2.82 -70.73
C VAL C 199 1.05 -4.28 -70.46
N THR C 200 1.49 -4.64 -69.23
CA THR C 200 1.69 -5.98 -68.77
C THR C 200 0.68 -6.20 -67.69
N HIS C 201 -0.09 -7.30 -67.80
CA HIS C 201 -1.12 -7.64 -66.86
C HIS C 201 -1.26 -9.13 -67.01
N GLN C 202 -1.81 -9.80 -65.96
CA GLN C 202 -1.92 -11.25 -65.91
C GLN C 202 -3.24 -11.74 -66.43
N GLY C 203 -4.08 -10.80 -66.93
CA GLY C 203 -5.35 -11.08 -67.55
C GLY C 203 -5.14 -11.06 -69.04
N LEU C 204 -3.97 -10.54 -69.47
CA LEU C 204 -3.52 -10.49 -70.83
C LEU C 204 -2.58 -11.66 -70.98
N SER C 205 -2.70 -12.40 -72.11
CA SER C 205 -1.87 -13.53 -72.45
C SER C 205 -0.43 -13.11 -72.62
N SER C 206 -0.23 -11.94 -73.28
CA SER C 206 1.06 -11.35 -73.48
C SER C 206 0.79 -9.87 -73.54
N PRO C 207 1.73 -8.99 -73.17
CA PRO C 207 1.60 -7.54 -73.24
C PRO C 207 0.92 -6.95 -74.45
N VAL C 208 0.03 -5.94 -74.24
CA VAL C 208 -0.66 -5.26 -75.30
C VAL C 208 0.03 -3.93 -75.41
N THR C 209 0.45 -3.59 -76.66
CA THR C 209 1.12 -2.36 -76.96
C THR C 209 0.16 -1.53 -77.75
N LYS C 210 -0.01 -0.26 -77.32
CA LYS C 210 -0.73 0.76 -78.07
C LYS C 210 0.28 1.84 -78.29
N SER C 211 0.38 2.30 -79.55
CA SER C 211 1.41 3.21 -79.95
C SER C 211 0.80 4.22 -80.87
N PHE C 212 1.50 5.37 -81.07
CA PHE C 212 1.15 6.34 -82.06
C PHE C 212 2.45 6.80 -82.63
N ASN C 213 2.37 7.40 -83.84
CA ASN C 213 3.46 8.07 -84.47
C ASN C 213 3.17 9.53 -84.32
N ARG C 214 4.21 10.29 -83.88
CA ARG C 214 4.27 11.71 -83.59
C ARG C 214 3.24 12.59 -84.25
N GLY C 215 2.51 13.39 -83.42
CA GLY C 215 1.41 14.21 -83.85
C GLY C 215 0.26 13.36 -84.30
N GLU C 216 -0.55 13.88 -85.24
CA GLU C 216 -1.63 13.15 -85.86
C GLU C 216 -1.09 12.56 -87.13
N MET D 1 -6.09 -3.48 85.72
CA MET D 1 -6.77 -3.99 84.57
C MET D 1 -7.89 -3.05 84.25
N ASN D 2 -8.22 -2.96 82.95
CA ASN D 2 -9.22 -2.06 82.43
C ASN D 2 -10.35 -2.91 81.88
N GLY D 3 -10.33 -4.21 82.21
CA GLY D 3 -11.37 -5.13 81.86
C GLY D 3 -11.79 -5.90 83.08
N THR D 4 -12.15 -7.17 82.82
CA THR D 4 -12.58 -8.13 83.81
C THR D 4 -11.99 -9.41 83.32
N GLU D 5 -11.04 -10.00 84.10
CA GLU D 5 -10.32 -11.17 83.66
C GLU D 5 -11.10 -12.39 84.04
N GLY D 6 -10.88 -13.45 83.24
CA GLY D 6 -11.45 -14.75 83.43
C GLY D 6 -10.42 -15.70 82.90
N PRO D 7 -10.54 -16.99 83.16
CA PRO D 7 -9.63 -18.01 82.66
C PRO D 7 -9.95 -18.35 81.22
N ASN D 8 -10.83 -17.58 80.53
CA ASN D 8 -11.15 -17.82 79.15
C ASN D 8 -11.76 -16.58 78.55
N PHE D 9 -11.55 -15.38 79.15
CA PHE D 9 -12.07 -14.17 78.55
C PHE D 9 -11.46 -12.99 79.23
N TYR D 10 -11.59 -11.82 78.55
CA TYR D 10 -11.19 -10.55 79.06
C TYR D 10 -12.20 -9.58 78.53
N VAL D 11 -13.31 -9.30 79.27
CA VAL D 11 -14.28 -8.32 78.84
C VAL D 11 -13.61 -6.96 78.99
N PRO D 12 -13.41 -6.13 77.97
CA PRO D 12 -12.69 -4.86 78.07
C PRO D 12 -13.53 -3.77 78.70
N PHE D 13 -14.70 -4.10 79.29
CA PHE D 13 -15.51 -3.18 80.04
C PHE D 13 -15.08 -3.38 81.47
N SER D 14 -14.47 -2.32 82.06
CA SER D 14 -13.98 -2.30 83.41
C SER D 14 -15.14 -2.41 84.38
N ASN D 15 -14.93 -3.12 85.51
CA ASN D 15 -15.90 -3.25 86.58
C ASN D 15 -16.15 -1.92 87.22
N LYS D 16 -17.42 -1.69 87.61
CA LYS D 16 -17.91 -0.47 88.21
C LYS D 16 -19.39 -0.61 88.33
N THR D 17 -19.92 -1.82 87.98
CA THR D 17 -21.31 -2.17 88.12
C THR D 17 -21.30 -3.57 88.65
N GLY D 18 -20.23 -4.35 88.32
CA GLY D 18 -19.93 -5.65 88.89
C GLY D 18 -20.87 -6.72 88.39
N VAL D 19 -21.40 -6.55 87.16
CA VAL D 19 -22.34 -7.45 86.55
C VAL D 19 -21.70 -8.07 85.35
N VAL D 20 -20.37 -7.89 85.19
CA VAL D 20 -19.61 -8.39 84.06
C VAL D 20 -19.34 -9.85 84.30
N ARG D 21 -19.85 -10.70 83.40
CA ARG D 21 -19.71 -12.14 83.45
C ARG D 21 -19.02 -12.53 82.17
N SER D 22 -18.91 -13.88 81.94
CA SER D 22 -18.41 -14.49 80.73
C SER D 22 -19.31 -14.10 79.56
N PRO D 23 -18.77 -13.89 78.36
CA PRO D 23 -19.57 -13.64 77.17
C PRO D 23 -19.69 -14.93 76.40
N PHE D 24 -19.89 -16.05 77.12
CA PHE D 24 -20.25 -17.32 76.52
C PHE D 24 -21.36 -17.89 77.34
N GLU D 25 -21.53 -17.39 78.59
CA GLU D 25 -22.43 -17.98 79.55
C GLU D 25 -23.46 -16.96 79.93
N ALA D 26 -23.40 -15.73 79.35
CA ALA D 26 -24.32 -14.69 79.71
C ALA D 26 -24.34 -13.72 78.56
N PRO D 27 -25.43 -12.97 78.34
CA PRO D 27 -25.51 -12.03 77.25
C PRO D 27 -24.97 -10.72 77.73
N GLN D 28 -24.36 -9.93 76.81
CA GLN D 28 -23.74 -8.67 77.15
C GLN D 28 -24.71 -7.67 76.61
N TYR D 29 -25.16 -6.76 77.49
CA TYR D 29 -26.22 -5.80 77.25
C TYR D 29 -26.15 -4.82 78.40
N TYR D 30 -25.21 -5.05 79.34
CA TYR D 30 -24.96 -4.22 80.49
C TYR D 30 -23.67 -3.46 80.29
N LEU D 31 -23.06 -3.58 79.09
CA LEU D 31 -21.87 -2.86 78.74
C LEU D 31 -22.09 -2.09 77.47
N ALA D 32 -23.22 -2.35 76.77
CA ALA D 32 -23.59 -1.62 75.60
C ALA D 32 -25.07 -1.82 75.46
N GLU D 33 -25.75 -0.85 74.82
CA GLU D 33 -27.17 -0.88 74.60
C GLU D 33 -27.51 -1.84 73.49
N PRO D 34 -28.73 -2.40 73.41
CA PRO D 34 -29.17 -3.25 72.32
C PRO D 34 -29.04 -2.62 70.95
N TRP D 35 -29.18 -1.27 70.85
CA TRP D 35 -29.12 -0.57 69.60
C TRP D 35 -27.71 -0.61 69.06
N GLN D 36 -26.69 -0.45 69.95
CA GLN D 36 -25.29 -0.58 69.62
C GLN D 36 -24.90 -1.92 69.05
N PHE D 37 -25.57 -3.01 69.49
CA PHE D 37 -25.45 -4.34 68.92
C PHE D 37 -26.03 -4.44 67.54
N SER D 38 -27.16 -3.73 67.28
CA SER D 38 -27.77 -3.64 65.97
C SER D 38 -26.86 -2.93 64.99
N MET D 39 -26.20 -1.84 65.46
CA MET D 39 -25.21 -1.09 64.70
C MET D 39 -23.98 -1.90 64.40
N LEU D 40 -23.54 -2.77 65.35
CA LEU D 40 -22.48 -3.72 65.15
C LEU D 40 -22.81 -4.67 64.02
N ALA D 41 -24.03 -5.27 64.06
CA ALA D 41 -24.53 -6.17 63.05
C ALA D 41 -24.68 -5.50 61.70
N ALA D 42 -25.16 -4.23 61.70
CA ALA D 42 -25.26 -3.36 60.55
C ALA D 42 -23.92 -3.15 59.88
N TYR D 43 -22.88 -2.84 60.68
CA TYR D 43 -21.53 -2.59 60.22
C TYR D 43 -20.96 -3.83 59.55
N MET D 44 -21.20 -5.02 60.15
CA MET D 44 -20.80 -6.28 59.56
C MET D 44 -21.51 -6.60 58.28
N PHE D 45 -22.79 -6.16 58.16
CA PHE D 45 -23.61 -6.34 56.98
C PHE D 45 -23.03 -5.58 55.82
N LEU D 46 -22.70 -4.28 56.05
CA LEU D 46 -21.98 -3.42 55.14
C LEU D 46 -20.72 -4.06 54.60
N LEU D 47 -19.83 -4.51 55.51
CA LEU D 47 -18.56 -5.13 55.18
C LEU D 47 -18.67 -6.38 54.32
N ILE D 48 -19.77 -7.15 54.45
CA ILE D 48 -20.06 -8.31 53.62
C ILE D 48 -20.52 -7.85 52.26
N MET D 49 -21.57 -6.98 52.24
CA MET D 49 -22.22 -6.43 51.07
C MET D 49 -21.30 -5.73 50.09
N LEU D 50 -20.27 -5.02 50.61
CA LEU D 50 -19.28 -4.40 49.77
C LEU D 50 -18.18 -5.38 49.47
N GLY D 51 -17.63 -6.04 50.51
CA GLY D 51 -16.45 -6.87 50.42
C GLY D 51 -16.56 -8.02 49.45
N PHE D 52 -17.67 -8.78 49.45
CA PHE D 52 -17.84 -9.93 48.58
C PHE D 52 -17.91 -9.58 47.09
N PRO D 53 -18.72 -8.63 46.60
CA PRO D 53 -18.74 -8.26 45.18
C PRO D 53 -17.40 -7.76 44.68
N ILE D 54 -16.76 -6.81 45.40
CA ILE D 54 -15.46 -6.25 45.11
C ILE D 54 -14.38 -7.31 44.93
N ASN D 55 -14.33 -8.33 45.81
CA ASN D 55 -13.30 -9.34 45.82
C ASN D 55 -13.60 -10.40 44.79
N PHE D 56 -14.89 -10.69 44.54
CA PHE D 56 -15.32 -11.64 43.53
C PHE D 56 -14.94 -11.12 42.16
N LEU D 57 -15.23 -9.81 41.89
CA LEU D 57 -14.88 -9.08 40.70
C LEU D 57 -13.40 -9.16 40.35
N THR D 58 -12.49 -9.10 41.37
CA THR D 58 -11.06 -9.20 41.21
C THR D 58 -10.66 -10.52 40.58
N LEU D 59 -11.29 -11.63 41.03
CA LEU D 59 -11.08 -12.95 40.46
C LEU D 59 -11.68 -13.05 39.08
N TYR D 60 -12.88 -12.46 38.90
CA TYR D 60 -13.72 -12.55 37.73
C TYR D 60 -13.12 -11.91 36.50
N VAL D 61 -12.66 -10.64 36.63
CA VAL D 61 -12.15 -9.83 35.54
C VAL D 61 -10.96 -10.45 34.83
N THR D 62 -10.12 -11.22 35.56
CA THR D 62 -8.94 -11.88 35.03
C THR D 62 -9.31 -13.03 34.11
N VAL D 63 -10.43 -13.72 34.40
CA VAL D 63 -10.97 -14.82 33.65
C VAL D 63 -11.49 -14.40 32.29
N GLN D 64 -11.89 -13.11 32.12
CA GLN D 64 -12.54 -12.65 30.91
C GLN D 64 -11.65 -11.73 30.12
N HIS D 65 -10.42 -11.46 30.62
CA HIS D 65 -9.43 -10.75 29.85
C HIS D 65 -8.14 -11.46 30.04
N LYS D 66 -7.73 -12.17 28.95
CA LYS D 66 -6.52 -12.90 28.73
C LYS D 66 -5.26 -12.25 29.27
N LYS D 67 -5.03 -10.97 28.87
CA LYS D 67 -3.86 -10.18 29.17
C LYS D 67 -3.59 -9.94 30.64
N LEU D 68 -4.61 -10.10 31.51
CA LEU D 68 -4.50 -9.92 32.93
C LEU D 68 -3.85 -11.11 33.58
N ARG D 69 -3.93 -12.30 32.95
CA ARG D 69 -3.37 -13.54 33.46
C ARG D 69 -1.87 -13.46 33.32
N THR D 70 -1.19 -13.02 34.41
CA THR D 70 0.23 -12.81 34.43
C THR D 70 0.66 -13.11 35.86
N PRO D 71 1.94 -13.43 36.11
CA PRO D 71 2.50 -13.63 37.43
C PRO D 71 2.23 -12.53 38.43
N LEU D 72 2.26 -11.25 37.99
CA LEU D 72 2.13 -10.08 38.83
C LEU D 72 0.73 -9.88 39.37
N ASN D 73 -0.27 -10.66 38.90
CA ASN D 73 -1.63 -10.57 39.36
C ASN D 73 -1.92 -11.61 40.40
N TYR D 74 -1.11 -12.70 40.50
CA TYR D 74 -1.26 -13.78 41.47
C TYR D 74 -1.50 -13.29 42.88
N ILE D 75 -0.65 -12.33 43.33
CA ILE D 75 -0.67 -11.73 44.65
C ILE D 75 -1.95 -10.94 44.89
N LEU D 76 -2.50 -10.31 43.84
CA LEU D 76 -3.74 -9.56 43.88
C LEU D 76 -4.92 -10.47 44.03
N LEU D 77 -4.94 -11.61 43.31
CA LEU D 77 -5.93 -12.65 43.46
C LEU D 77 -5.91 -13.23 44.86
N ASN D 78 -4.68 -13.45 45.40
CA ASN D 78 -4.44 -13.92 46.76
C ASN D 78 -5.02 -12.98 47.79
N LEU D 79 -4.76 -11.66 47.65
CA LEU D 79 -5.34 -10.58 48.44
C LEU D 79 -6.85 -10.64 48.49
N ALA D 80 -7.51 -10.86 47.32
CA ALA D 80 -8.94 -10.93 47.21
C ALA D 80 -9.51 -12.12 47.97
N VAL D 81 -8.82 -13.27 47.91
CA VAL D 81 -9.13 -14.49 48.63
C VAL D 81 -9.01 -14.29 50.13
N ALA D 82 -7.91 -13.65 50.59
CA ALA D 82 -7.63 -13.27 51.96
C ALA D 82 -8.75 -12.48 52.58
N ASP D 83 -9.21 -11.45 51.83
CA ASP D 83 -10.31 -10.58 52.18
C ASP D 83 -11.60 -11.37 52.37
N LEU D 84 -11.82 -12.40 51.52
CA LEU D 84 -12.99 -13.26 51.56
C LEU D 84 -12.96 -14.19 52.76
N PHE D 85 -11.76 -14.66 53.19
CA PHE D 85 -11.58 -15.36 54.46
C PHE D 85 -12.10 -14.55 55.61
N MET D 86 -11.75 -13.24 55.66
CA MET D 86 -12.27 -12.32 56.66
C MET D 86 -13.78 -12.17 56.61
N VAL D 87 -14.40 -12.29 55.41
CA VAL D 87 -15.83 -12.10 55.21
C VAL D 87 -16.60 -13.27 55.76
N PHE D 88 -16.16 -14.51 55.45
CA PHE D 88 -16.94 -15.69 55.74
C PHE D 88 -16.54 -16.32 57.05
N GLY D 89 -15.27 -16.13 57.47
CA GLY D 89 -14.80 -16.58 58.76
C GLY D 89 -15.17 -15.62 59.84
N GLY D 90 -14.97 -14.30 59.60
CA GLY D 90 -15.13 -13.29 60.61
C GLY D 90 -16.48 -12.63 60.59
N PHE D 91 -16.77 -11.88 59.49
CA PHE D 91 -17.86 -10.92 59.42
C PHE D 91 -19.21 -11.52 59.63
N THR D 92 -19.49 -12.67 58.97
CA THR D 92 -20.77 -13.35 59.02
C THR D 92 -21.05 -13.89 60.40
N THR D 93 -20.09 -14.62 61.00
CA THR D 93 -20.09 -15.07 62.38
C THR D 93 -20.41 -13.96 63.35
N THR D 94 -19.69 -12.82 63.24
CA THR D 94 -19.84 -11.68 64.13
C THR D 94 -21.20 -11.02 64.02
N LEU D 95 -21.79 -11.01 62.80
CA LEU D 95 -23.14 -10.54 62.54
C LEU D 95 -24.16 -11.39 63.26
N TYR D 96 -24.00 -12.73 63.19
CA TYR D 96 -24.85 -13.71 63.84
C TYR D 96 -24.84 -13.54 65.35
N THR D 97 -23.63 -13.55 65.94
CA THR D 97 -23.38 -13.47 67.37
C THR D 97 -23.86 -12.17 67.98
N SER D 98 -23.60 -11.01 67.32
CA SER D 98 -23.97 -9.68 67.79
C SER D 98 -25.44 -9.52 68.15
N LEU D 99 -26.34 -10.23 67.43
CA LEU D 99 -27.77 -10.13 67.61
C LEU D 99 -28.25 -10.89 68.83
N HIS D 100 -27.43 -11.83 69.36
CA HIS D 100 -27.66 -12.45 70.66
C HIS D 100 -27.07 -11.58 71.73
N GLY D 101 -26.06 -10.75 71.38
CA GLY D 101 -25.41 -9.81 72.26
C GLY D 101 -24.20 -10.41 72.90
N TYR D 102 -23.84 -11.66 72.52
CA TYR D 102 -22.65 -12.30 73.04
C TYR D 102 -22.32 -13.38 72.07
N PHE D 103 -21.15 -14.01 72.27
CA PHE D 103 -20.59 -14.99 71.38
C PHE D 103 -21.18 -16.30 71.83
N VAL D 104 -21.97 -16.97 70.95
CA VAL D 104 -22.80 -18.09 71.33
C VAL D 104 -22.20 -19.40 70.89
N PHE D 105 -21.03 -19.39 70.22
CA PHE D 105 -20.40 -20.61 69.74
C PHE D 105 -19.39 -21.11 70.73
N GLY D 106 -19.19 -20.38 71.86
CA GLY D 106 -18.36 -20.84 72.94
C GLY D 106 -16.89 -20.67 72.67
N PRO D 107 -16.04 -21.05 73.63
CA PRO D 107 -14.59 -20.90 73.57
C PRO D 107 -13.96 -21.53 72.36
N THR D 108 -14.42 -22.73 71.94
CA THR D 108 -13.86 -23.44 70.80
C THR D 108 -14.21 -22.72 69.51
N GLY D 109 -15.48 -22.27 69.39
CA GLY D 109 -15.98 -21.42 68.33
C GLY D 109 -15.20 -20.14 68.18
N CYS D 110 -14.88 -19.49 69.34
CA CYS D 110 -14.07 -18.30 69.44
C CYS D 110 -12.69 -18.48 68.87
N ASN D 111 -12.07 -19.66 69.12
CA ASN D 111 -10.76 -20.00 68.63
C ASN D 111 -10.77 -20.19 67.14
N LEU D 112 -11.82 -20.88 66.61
CA LEU D 112 -12.07 -21.03 65.18
C LEU D 112 -12.25 -19.72 64.45
N GLU D 113 -13.27 -18.91 64.85
CA GLU D 113 -13.60 -17.62 64.26
C GLU D 113 -12.44 -16.66 64.29
N GLY D 114 -11.73 -16.62 65.44
CA GLY D 114 -10.58 -15.79 65.70
C GLY D 114 -9.42 -16.17 64.84
N PHE D 115 -9.29 -17.49 64.53
CA PHE D 115 -8.26 -18.05 63.70
C PHE D 115 -8.48 -17.60 62.27
N PHE D 116 -9.73 -17.72 61.76
CA PHE D 116 -10.04 -17.41 60.37
C PHE D 116 -9.92 -15.92 60.11
N ALA D 117 -10.36 -15.09 61.08
CA ALA D 117 -10.27 -13.64 61.01
C ALA D 117 -8.83 -13.18 60.98
N THR D 118 -7.99 -13.73 61.88
CA THR D 118 -6.57 -13.43 61.97
C THR D 118 -5.84 -13.87 60.73
N LEU D 119 -6.06 -15.13 60.29
CA LEU D 119 -5.49 -15.71 59.08
C LEU D 119 -5.70 -14.82 57.88
N GLY D 120 -7.00 -14.48 57.63
CA GLY D 120 -7.47 -13.57 56.62
C GLY D 120 -6.74 -12.27 56.61
N GLY D 121 -6.84 -11.52 57.75
CA GLY D 121 -6.24 -10.23 57.98
C GLY D 121 -4.75 -10.20 57.83
N GLU D 122 -4.05 -11.33 58.12
CA GLU D 122 -2.62 -11.42 58.05
C GLU D 122 -2.16 -11.67 56.65
N ILE D 123 -2.86 -12.54 55.89
CA ILE D 123 -2.57 -12.76 54.48
C ILE D 123 -2.72 -11.46 53.72
N ALA D 124 -3.78 -10.67 54.04
CA ALA D 124 -4.02 -9.34 53.52
C ALA D 124 -2.87 -8.39 53.83
N LEU D 125 -2.50 -8.27 55.14
CA LEU D 125 -1.41 -7.47 55.67
C LEU D 125 -0.13 -7.70 54.90
N TRP D 126 0.29 -8.98 54.80
CA TRP D 126 1.51 -9.41 54.17
C TRP D 126 1.47 -9.30 52.67
N SER D 127 0.26 -9.35 52.04
CA SER D 127 0.07 -9.07 50.64
C SER D 127 0.49 -7.67 50.36
N LEU D 128 -0.04 -6.67 51.10
CA LEU D 128 0.35 -5.27 51.00
C LEU D 128 1.85 -5.03 51.10
N VAL D 129 2.58 -5.86 51.89
CA VAL D 129 4.02 -5.80 52.02
C VAL D 129 4.66 -6.31 50.76
N VAL D 130 4.33 -7.56 50.35
CA VAL D 130 4.82 -8.21 49.14
C VAL D 130 4.64 -7.36 47.89
N LEU D 131 3.45 -6.75 47.74
CA LEU D 131 3.09 -5.85 46.66
C LEU D 131 4.00 -4.66 46.56
N ALA D 132 4.33 -4.03 47.72
CA ALA D 132 5.27 -2.93 47.83
C ALA D 132 6.66 -3.33 47.42
N ILE D 133 7.10 -4.55 47.83
CA ILE D 133 8.36 -5.17 47.47
C ILE D 133 8.43 -5.31 45.97
N GLU D 134 7.43 -5.99 45.34
CA GLU D 134 7.37 -6.19 43.90
C GLU D 134 7.45 -4.91 43.10
N ARG D 135 6.72 -3.85 43.54
CA ARG D 135 6.77 -2.55 42.91
C ARG D 135 8.12 -1.89 43.00
N TYR D 136 8.77 -1.98 44.17
CA TYR D 136 10.12 -1.49 44.40
C TYR D 136 11.14 -2.19 43.52
N VAL D 137 11.10 -3.53 43.47
CA VAL D 137 11.98 -4.35 42.66
C VAL D 137 11.87 -4.03 41.20
N VAL D 138 10.64 -4.03 40.65
CA VAL D 138 10.40 -3.81 39.25
C VAL D 138 10.77 -2.42 38.78
N VAL D 139 10.45 -1.36 39.57
CA VAL D 139 10.58 -0.01 39.06
C VAL D 139 11.90 0.61 39.44
N CYS D 140 12.30 0.51 40.73
CA CYS D 140 13.56 1.08 41.21
C CYS D 140 14.76 0.27 40.79
N LYS D 141 14.54 -1.02 40.43
CA LYS D 141 15.53 -1.92 39.89
C LYS D 141 16.80 -2.07 40.71
N PRO D 142 16.76 -2.54 41.97
CA PRO D 142 17.92 -2.61 42.83
C PRO D 142 18.82 -3.74 42.38
N MET D 143 18.23 -4.85 41.88
CA MET D 143 18.93 -6.02 41.42
C MET D 143 19.40 -5.75 40.01
N SER D 144 20.52 -6.43 39.62
CA SER D 144 21.11 -6.28 38.32
C SER D 144 20.43 -7.25 37.40
N ASN D 145 19.33 -6.77 36.76
CA ASN D 145 18.54 -7.42 35.74
C ASN D 145 17.72 -8.51 36.34
N PHE D 146 16.38 -8.33 36.25
CA PHE D 146 15.44 -9.24 36.83
C PHE D 146 14.19 -9.22 36.00
N ARG D 147 13.58 -10.41 35.83
CA ARG D 147 12.29 -10.57 35.22
C ARG D 147 11.47 -11.22 36.29
N PHE D 148 10.21 -10.76 36.47
CA PHE D 148 9.32 -11.29 37.47
C PHE D 148 8.53 -12.35 36.76
N GLY D 149 8.89 -13.63 37.03
CA GLY D 149 8.31 -14.79 36.39
C GLY D 149 7.45 -15.50 37.38
N GLU D 150 6.78 -16.57 36.88
CA GLU D 150 5.83 -17.41 37.58
C GLU D 150 6.27 -17.89 38.94
N ASN D 151 7.54 -18.35 39.04
CA ASN D 151 8.12 -18.89 40.25
C ASN D 151 8.17 -17.90 41.38
N HIS D 152 8.55 -16.63 41.05
CA HIS D 152 8.65 -15.55 42.02
C HIS D 152 7.31 -15.21 42.60
N ALA D 153 6.27 -15.13 41.73
CA ALA D 153 4.88 -14.91 42.08
C ALA D 153 4.35 -15.89 43.10
N ILE D 154 4.61 -17.20 42.88
CA ILE D 154 4.19 -18.29 43.74
C ILE D 154 4.83 -18.17 45.10
N MET D 155 6.17 -17.93 45.13
CA MET D 155 6.92 -17.66 46.33
C MET D 155 6.37 -16.52 47.15
N GLY D 156 6.11 -15.36 46.49
CA GLY D 156 5.48 -14.18 47.05
C GLY D 156 4.18 -14.46 47.75
N VAL D 157 3.29 -15.26 47.11
CA VAL D 157 2.01 -15.69 47.65
C VAL D 157 2.22 -16.58 48.86
N ALA D 158 3.09 -17.60 48.72
CA ALA D 158 3.45 -18.54 49.76
C ALA D 158 3.96 -17.88 51.01
N PHE D 159 4.84 -16.85 50.86
CA PHE D 159 5.39 -16.06 51.94
C PHE D 159 4.35 -15.43 52.84
N THR D 160 3.22 -14.92 52.27
CA THR D 160 2.17 -14.26 53.02
C THR D 160 1.44 -15.26 53.86
N TRP D 161 1.15 -16.45 53.27
CA TRP D 161 0.57 -17.58 53.95
C TRP D 161 1.36 -18.05 55.14
N VAL D 162 2.70 -18.23 54.98
CA VAL D 162 3.62 -18.69 56.00
C VAL D 162 3.67 -17.74 57.17
N MET D 163 3.82 -16.42 56.88
CA MET D 163 3.79 -15.36 57.86
C MET D 163 2.48 -15.25 58.60
N ALA D 164 1.36 -15.57 57.92
CA ALA D 164 0.03 -15.48 58.48
C ALA D 164 -0.18 -16.59 59.46
N LEU D 165 0.18 -17.84 59.09
CA LEU D 165 0.21 -18.99 59.95
C LEU D 165 1.11 -18.78 61.15
N ALA D 166 2.27 -18.12 60.97
CA ALA D 166 3.18 -17.69 62.03
C ALA D 166 2.55 -16.80 63.08
N CYS D 167 1.34 -16.26 62.84
CA CYS D 167 0.64 -15.33 63.70
C CYS D 167 -0.61 -16.00 64.20
N ALA D 168 -1.40 -16.59 63.28
CA ALA D 168 -2.68 -17.18 63.56
C ALA D 168 -2.59 -18.49 64.32
N ALA D 169 -1.52 -19.27 64.11
CA ALA D 169 -1.37 -20.57 64.74
C ALA D 169 -0.96 -20.49 66.20
N PRO D 170 0.00 -19.67 66.69
CA PRO D 170 0.34 -19.57 68.10
C PRO D 170 -0.80 -19.46 69.10
N PRO D 171 -1.87 -18.66 69.04
CA PRO D 171 -2.90 -18.65 70.08
C PRO D 171 -3.69 -19.95 70.19
N LEU D 172 -3.55 -20.89 69.21
CA LEU D 172 -4.22 -22.17 69.27
C LEU D 172 -3.44 -23.19 70.05
N VAL D 173 -2.14 -22.92 70.35
CA VAL D 173 -1.27 -23.86 71.02
C VAL D 173 -0.84 -23.28 72.34
N GLY D 174 -1.45 -22.13 72.73
CA GLY D 174 -1.39 -21.62 74.08
C GLY D 174 -0.38 -20.53 74.25
N TRP D 175 0.23 -20.04 73.15
CA TRP D 175 1.10 -18.88 73.21
C TRP D 175 0.20 -17.74 72.84
N SER D 176 -0.26 -17.01 73.88
CA SER D 176 -1.41 -16.14 73.90
C SER D 176 -2.67 -16.95 73.63
N ARG D 177 -3.81 -16.29 73.37
CA ARG D 177 -5.06 -16.97 73.22
C ARG D 177 -5.97 -16.06 72.46
N TYR D 178 -7.02 -16.66 71.85
CA TYR D 178 -8.12 -15.92 71.29
C TYR D 178 -9.15 -15.85 72.36
N ILE D 179 -9.75 -14.65 72.55
CA ILE D 179 -10.83 -14.42 73.48
C ILE D 179 -11.57 -13.27 72.87
N PRO D 180 -12.89 -13.11 73.05
CA PRO D 180 -13.67 -12.02 72.51
C PRO D 180 -13.09 -10.64 72.74
N GLU D 181 -13.15 -9.77 71.71
CA GLU D 181 -12.74 -8.39 71.72
C GLU D 181 -13.99 -7.61 71.44
N GLY D 182 -13.90 -6.25 71.51
CA GLY D 182 -15.00 -5.37 71.17
C GLY D 182 -16.11 -5.48 72.17
N MET D 183 -17.35 -5.71 71.68
CA MET D 183 -18.54 -5.82 72.50
C MET D 183 -18.77 -7.28 72.82
N GLN D 184 -17.80 -8.13 72.44
CA GLN D 184 -17.61 -9.50 72.84
C GLN D 184 -18.31 -10.43 71.90
N CYS D 185 -18.42 -10.01 70.61
CA CYS D 185 -19.14 -10.74 69.60
C CYS D 185 -18.21 -11.02 68.46
N SER D 186 -16.91 -10.66 68.60
CA SER D 186 -15.90 -11.09 67.67
C SER D 186 -14.74 -11.43 68.54
N CYS D 187 -13.85 -12.32 68.05
CA CYS D 187 -12.71 -12.81 68.80
C CYS D 187 -11.49 -12.28 68.18
N GLY D 188 -10.60 -11.68 69.00
CA GLY D 188 -9.31 -11.23 68.54
C GLY D 188 -8.30 -11.91 69.39
N ILE D 189 -7.05 -11.41 69.28
CA ILE D 189 -5.89 -11.80 70.03
C ILE D 189 -5.90 -11.10 71.36
N ASP D 190 -5.54 -11.82 72.45
CA ASP D 190 -5.44 -11.21 73.75
C ASP D 190 -4.11 -10.47 73.82
N TYR D 191 -4.19 -9.11 73.81
CA TYR D 191 -3.04 -8.24 73.77
C TYR D 191 -3.24 -7.16 74.81
N TYR D 192 -4.47 -7.07 75.36
CA TYR D 192 -4.92 -6.05 76.27
C TYR D 192 -4.87 -6.54 77.69
N THR D 193 -4.21 -7.70 77.92
CA THR D 193 -4.03 -8.28 79.22
C THR D 193 -2.65 -8.86 79.18
N PRO D 194 -1.81 -8.70 80.20
CA PRO D 194 -0.54 -9.40 80.28
C PRO D 194 -0.83 -10.68 81.04
N HIS D 195 -1.56 -11.64 80.43
CA HIS D 195 -2.02 -12.84 81.10
C HIS D 195 -0.92 -13.86 81.02
N GLU D 196 -0.25 -14.07 82.17
CA GLU D 196 0.97 -14.82 82.34
C GLU D 196 0.85 -16.27 81.93
N GLU D 197 -0.31 -16.91 82.25
CA GLU D 197 -0.59 -18.31 82.02
C GLU D 197 -0.50 -18.74 80.57
N THR D 198 -0.54 -17.78 79.61
CA THR D 198 -0.47 -18.05 78.20
C THR D 198 0.71 -17.32 77.61
N ASN D 199 1.37 -16.45 78.41
CA ASN D 199 2.62 -15.77 78.10
C ASN D 199 2.40 -14.68 77.08
N ASN D 200 1.33 -13.89 77.29
CA ASN D 200 0.90 -12.78 76.46
C ASN D 200 1.97 -11.76 76.20
N GLU D 201 2.78 -11.40 77.22
CA GLU D 201 3.76 -10.34 77.15
C GLU D 201 4.77 -10.51 76.05
N SER D 202 5.39 -11.72 75.97
CA SER D 202 6.34 -12.06 74.93
C SER D 202 5.70 -12.09 73.56
N PHE D 203 4.44 -12.59 73.46
CA PHE D 203 3.67 -12.63 72.23
C PHE D 203 3.41 -11.24 71.69
N VAL D 204 3.02 -10.27 72.56
CA VAL D 204 2.72 -8.90 72.20
C VAL D 204 3.93 -8.22 71.62
N ILE D 205 5.13 -8.47 72.19
CA ILE D 205 6.39 -7.95 71.70
C ILE D 205 6.69 -8.53 70.33
N TYR D 206 6.57 -9.87 70.18
CA TYR D 206 6.74 -10.60 68.94
C TYR D 206 5.86 -10.07 67.81
N MET D 207 4.54 -9.92 68.11
CA MET D 207 3.51 -9.37 67.27
C MET D 207 3.82 -7.99 66.78
N PHE D 208 4.14 -7.07 67.72
CA PHE D 208 4.47 -5.70 67.44
C PHE D 208 5.67 -5.58 66.53
N VAL D 209 6.74 -6.37 66.78
CA VAL D 209 7.95 -6.28 66.00
C VAL D 209 7.81 -6.93 64.65
N VAL D 210 7.53 -8.25 64.61
CA VAL D 210 7.60 -9.02 63.39
C VAL D 210 6.44 -8.75 62.45
N HIS D 211 5.24 -8.49 63.01
CA HIS D 211 4.03 -8.38 62.22
C HIS D 211 3.51 -6.98 62.09
N PHE D 212 4.15 -5.96 62.73
CA PHE D 212 3.78 -4.58 62.47
C PHE D 212 4.98 -3.79 62.03
N ILE D 213 6.04 -3.68 62.87
CA ILE D 213 7.21 -2.85 62.60
C ILE D 213 7.92 -3.22 61.33
N ILE D 214 8.33 -4.50 61.15
CA ILE D 214 8.89 -5.02 59.92
C ILE D 214 8.07 -4.63 58.70
N PRO D 215 6.80 -5.05 58.50
CA PRO D 215 5.91 -4.55 57.45
C PRO D 215 5.89 -3.05 57.23
N LEU D 216 5.71 -2.26 58.32
CA LEU D 216 5.62 -0.82 58.32
C LEU D 216 6.85 -0.16 57.73
N ILE D 217 8.05 -0.66 58.15
CA ILE D 217 9.34 -0.22 57.68
C ILE D 217 9.50 -0.53 56.21
N VAL D 218 9.24 -1.81 55.81
CA VAL D 218 9.36 -2.27 54.44
C VAL D 218 8.51 -1.44 53.49
N ILE D 219 7.23 -1.20 53.83
CA ILE D 219 6.29 -0.37 53.10
C ILE D 219 6.78 1.05 52.91
N PHE D 220 7.28 1.69 53.99
CA PHE D 220 7.78 3.06 53.96
C PHE D 220 8.96 3.19 53.05
N PHE D 221 9.91 2.22 53.14
CA PHE D 221 11.10 2.14 52.33
C PHE D 221 10.76 2.07 50.86
N CYS D 222 10.07 0.99 50.44
CA CYS D 222 9.64 0.70 49.10
C CYS D 222 8.94 1.84 48.40
N TYR D 223 7.85 2.37 49.01
CA TYR D 223 7.08 3.43 48.40
C TYR D 223 7.80 4.77 48.43
N GLY D 224 8.63 5.02 49.47
CA GLY D 224 9.51 6.17 49.55
C GLY D 224 10.49 6.23 48.41
N GLN D 225 11.18 5.10 48.16
CA GLN D 225 12.02 4.86 47.01
C GLN D 225 11.29 5.12 45.72
N LEU D 226 10.09 4.51 45.53
CA LEU D 226 9.29 4.66 44.34
C LEU D 226 8.93 6.10 44.01
N VAL D 227 8.44 6.90 44.99
CA VAL D 227 8.15 8.31 44.78
C VAL D 227 9.38 9.11 44.46
N PHE D 228 10.53 8.78 45.11
CA PHE D 228 11.82 9.39 44.88
C PHE D 228 12.25 9.19 43.44
N THR D 229 12.36 7.91 43.01
CA THR D 229 12.66 7.48 41.66
C THR D 229 11.85 8.19 40.59
N VAL D 230 10.49 8.24 40.73
CA VAL D 230 9.63 8.83 39.73
C VAL D 230 9.74 10.33 39.64
N LYS D 231 9.90 11.02 40.80
CA LYS D 231 10.15 12.45 40.87
C LYS D 231 11.42 12.82 40.16
N GLU D 232 12.50 12.05 40.42
CA GLU D 232 13.81 12.17 39.85
C GLU D 232 13.76 11.99 38.36
N ALA D 233 13.16 10.87 37.87
CA ALA D 233 12.98 10.54 36.47
C ALA D 233 12.35 11.66 35.66
N ALA D 234 11.27 12.27 36.23
CA ALA D 234 10.55 13.36 35.64
C ALA D 234 11.38 14.60 35.56
N ALA D 235 12.15 14.90 36.64
CA ALA D 235 13.06 16.01 36.72
C ALA D 235 14.17 15.98 35.70
N GLN D 236 14.71 14.77 35.40
CA GLN D 236 15.79 14.57 34.46
C GLN D 236 15.34 14.51 33.02
N GLN D 237 14.05 14.79 32.73
CA GLN D 237 13.56 14.73 31.39
C GLN D 237 12.13 15.17 31.51
N GLN D 238 11.90 16.47 31.23
CA GLN D 238 10.60 17.06 31.31
C GLN D 238 10.47 17.87 30.06
N GLU D 239 9.53 17.46 29.19
CA GLU D 239 9.18 18.16 27.98
C GLU D 239 7.96 17.47 27.45
N SER D 240 7.55 16.36 28.10
CA SER D 240 6.42 15.56 27.71
C SER D 240 5.47 15.64 28.85
N ALA D 241 4.15 15.66 28.52
CA ALA D 241 3.03 15.73 29.42
C ALA D 241 3.02 14.58 30.40
N THR D 242 3.30 13.36 29.87
CA THR D 242 3.32 12.11 30.60
C THR D 242 4.17 12.15 31.85
N THR D 243 5.47 12.56 31.74
CA THR D 243 6.37 12.62 32.88
C THR D 243 5.89 13.54 34.00
N GLN D 244 5.24 14.67 33.63
CA GLN D 244 4.67 15.62 34.56
C GLN D 244 3.50 15.06 35.33
N LYS D 245 2.64 14.31 34.60
CA LYS D 245 1.50 13.62 35.18
C LYS D 245 1.94 12.55 36.14
N ALA D 246 2.89 11.69 35.71
CA ALA D 246 3.47 10.62 36.47
C ALA D 246 4.01 11.05 37.81
N GLU D 247 4.76 12.17 37.87
CA GLU D 247 5.35 12.67 39.09
C GLU D 247 4.30 13.04 40.10
N LYS D 248 3.21 13.73 39.64
CA LYS D 248 2.10 14.12 40.45
C LYS D 248 1.29 12.95 40.96
N GLU D 249 0.97 12.01 40.03
CA GLU D 249 0.17 10.83 40.28
C GLU D 249 0.84 9.92 41.27
N VAL D 250 2.15 9.63 41.07
CA VAL D 250 2.95 8.81 41.95
C VAL D 250 3.04 9.37 43.34
N THR D 251 3.17 10.71 43.50
CA THR D 251 3.19 11.30 44.83
C THR D 251 1.87 11.09 45.53
N ARG D 252 0.72 11.29 44.83
CA ARG D 252 -0.58 11.01 45.39
C ARG D 252 -0.78 9.57 45.81
N MET D 253 -0.53 8.62 44.88
CA MET D 253 -0.60 7.18 45.09
C MET D 253 0.20 6.67 46.26
N VAL D 254 1.47 7.12 46.41
CA VAL D 254 2.35 6.69 47.48
C VAL D 254 1.84 7.12 48.82
N ILE D 255 1.26 8.35 48.91
CA ILE D 255 0.64 8.85 50.11
C ILE D 255 -0.57 8.02 50.48
N ILE D 256 -1.42 7.67 49.49
CA ILE D 256 -2.59 6.83 49.66
C ILE D 256 -2.22 5.45 50.14
N MET D 257 -1.21 4.81 49.52
CA MET D 257 -0.72 3.49 49.85
C MET D 257 -0.17 3.35 51.24
N VAL D 258 0.58 4.37 51.70
CA VAL D 258 1.20 4.37 53.01
C VAL D 258 0.13 4.55 54.06
N ILE D 259 -0.73 5.60 53.91
CA ILE D 259 -1.90 5.87 54.72
C ILE D 259 -2.83 4.68 54.87
N ALA D 260 -3.06 3.89 53.80
CA ALA D 260 -3.95 2.75 53.84
C ALA D 260 -3.44 1.63 54.71
N PHE D 261 -2.09 1.41 54.74
CA PHE D 261 -1.47 0.45 55.63
C PHE D 261 -1.56 0.93 57.05
N LEU D 262 -1.37 2.26 57.27
CA LEU D 262 -1.43 2.87 58.57
C LEU D 262 -2.79 2.71 59.19
N ILE D 263 -3.86 3.17 58.51
CA ILE D 263 -5.24 3.03 58.96
C ILE D 263 -5.59 1.61 59.34
N CYS D 264 -5.13 0.61 58.56
CA CYS D 264 -5.49 -0.76 58.81
C CYS D 264 -4.87 -1.38 60.05
N TRP D 265 -3.56 -1.12 60.34
CA TRP D 265 -2.88 -1.81 61.43
C TRP D 265 -2.40 -0.96 62.55
N LEU D 266 -2.26 0.37 62.35
CA LEU D 266 -1.87 1.32 63.38
C LEU D 266 -2.80 1.30 64.58
N PRO D 267 -4.14 1.28 64.47
CA PRO D 267 -5.04 1.18 65.61
C PRO D 267 -4.75 0.01 66.52
N TYR D 268 -4.64 -1.23 65.98
CA TYR D 268 -4.26 -2.40 66.75
C TYR D 268 -2.96 -2.25 67.49
N ALA D 269 -1.92 -1.77 66.79
CA ALA D 269 -0.60 -1.57 67.36
C ALA D 269 -0.59 -0.51 68.43
N GLY D 270 -1.19 0.67 68.13
CA GLY D 270 -1.32 1.80 69.02
C GLY D 270 -2.01 1.48 70.32
N VAL D 271 -3.24 0.92 70.22
CA VAL D 271 -4.03 0.48 71.34
C VAL D 271 -3.31 -0.56 72.17
N ALA D 272 -2.78 -1.63 71.53
CA ALA D 272 -2.04 -2.68 72.20
C ALA D 272 -0.87 -2.18 73.01
N PHE D 273 -0.10 -1.22 72.43
CA PHE D 273 1.05 -0.63 73.06
C PHE D 273 0.68 0.20 74.27
N TYR D 274 -0.39 1.03 74.15
CA TYR D 274 -0.85 1.91 75.20
C TYR D 274 -1.28 1.16 76.44
N ILE D 275 -2.12 0.12 76.27
CA ILE D 275 -2.60 -0.77 77.30
C ILE D 275 -1.48 -1.53 77.98
N PHE D 276 -0.43 -1.91 77.20
CA PHE D 276 0.72 -2.61 77.71
C PHE D 276 1.58 -1.73 78.60
N THR D 277 1.80 -0.46 78.17
CA THR D 277 2.59 0.51 78.89
C THR D 277 1.88 1.03 80.12
N HIS D 278 0.53 1.17 80.03
CA HIS D 278 -0.29 1.67 81.11
C HIS D 278 -1.45 0.73 81.18
N GLN D 279 -1.48 -0.12 82.23
CA GLN D 279 -2.49 -1.14 82.39
C GLN D 279 -3.37 -0.65 83.50
N GLY D 280 -4.67 -0.49 83.18
CA GLY D 280 -5.67 0.00 84.10
C GLY D 280 -6.18 1.32 83.61
N SER D 281 -6.01 1.60 82.29
CA SER D 281 -6.52 2.80 81.68
C SER D 281 -7.86 2.40 81.11
N ASP D 282 -8.94 2.81 81.81
CA ASP D 282 -10.31 2.51 81.47
C ASP D 282 -10.72 3.01 80.13
N PHE D 283 -11.43 2.12 79.38
CA PHE D 283 -12.04 2.41 78.11
C PHE D 283 -13.20 1.46 78.04
N GLY D 284 -14.21 1.80 77.19
CA GLY D 284 -15.42 1.03 77.04
C GLY D 284 -15.15 -0.15 76.13
N PRO D 285 -16.16 -0.97 75.86
CA PRO D 285 -16.04 -2.13 74.99
C PRO D 285 -16.02 -1.69 73.56
N ILE D 286 -16.74 -0.59 73.23
CA ILE D 286 -16.87 -0.03 71.92
C ILE D 286 -15.53 0.42 71.37
N PHE D 287 -14.65 0.96 72.25
CA PHE D 287 -13.31 1.38 71.93
C PHE D 287 -12.44 0.28 71.35
N MET D 288 -12.59 -0.98 71.82
CA MET D 288 -11.88 -2.12 71.30
C MET D 288 -12.43 -2.63 69.99
N THR D 289 -13.60 -2.12 69.55
CA THR D 289 -14.21 -2.48 68.29
C THR D 289 -13.68 -1.56 67.22
N ILE D 290 -13.18 -0.35 67.62
CA ILE D 290 -12.63 0.64 66.71
C ILE D 290 -11.50 0.12 65.83
N PRO D 291 -10.41 -0.52 66.33
CA PRO D 291 -9.40 -1.13 65.50
C PRO D 291 -9.91 -2.15 64.52
N ALA D 292 -10.99 -2.89 64.87
CA ALA D 292 -11.54 -3.91 64.02
C ALA D 292 -12.25 -3.30 62.84
N PHE D 293 -12.97 -2.18 63.06
CA PHE D 293 -13.67 -1.44 62.01
C PHE D 293 -12.72 -0.97 60.94
N PHE D 294 -11.60 -0.34 61.37
CA PHE D 294 -10.56 0.16 60.50
C PHE D 294 -9.88 -0.94 59.70
N ALA D 295 -9.55 -2.07 60.36
CA ALA D 295 -8.88 -3.19 59.75
C ALA D 295 -9.76 -3.85 58.72
N LYS D 296 -11.02 -4.16 59.10
CA LYS D 296 -11.98 -4.86 58.28
C LYS D 296 -12.36 -4.13 57.01
N THR D 297 -12.38 -2.77 57.03
CA THR D 297 -12.71 -1.96 55.89
C THR D 297 -11.67 -2.03 54.79
N SER D 298 -10.43 -2.52 55.10
CA SER D 298 -9.38 -2.69 54.12
C SER D 298 -9.72 -3.75 53.10
N ALA D 299 -10.72 -4.62 53.40
CA ALA D 299 -11.23 -5.59 52.47
C ALA D 299 -11.92 -4.94 51.29
N VAL D 300 -12.33 -3.65 51.45
CA VAL D 300 -12.90 -2.87 50.38
C VAL D 300 -11.85 -1.97 49.79
N TYR D 301 -11.10 -1.17 50.60
CA TYR D 301 -10.27 -0.13 50.04
C TYR D 301 -9.00 -0.62 49.41
N ASN D 302 -8.39 -1.72 49.89
CA ASN D 302 -7.22 -2.32 49.25
C ASN D 302 -7.46 -2.66 47.78
N PRO D 303 -8.49 -3.40 47.35
CA PRO D 303 -8.76 -3.62 45.93
C PRO D 303 -9.12 -2.36 45.19
N VAL D 304 -9.70 -1.31 45.81
CA VAL D 304 -9.93 -0.05 45.14
C VAL D 304 -8.61 0.56 44.70
N ILE D 305 -7.62 0.65 45.62
CA ILE D 305 -6.29 1.17 45.37
C ILE D 305 -5.55 0.32 44.35
N TYR D 306 -5.55 -1.02 44.53
CA TYR D 306 -4.63 -1.92 43.86
C TYR D 306 -5.16 -2.51 42.58
N ILE D 307 -6.45 -2.29 42.25
CA ILE D 307 -7.08 -2.86 41.08
C ILE D 307 -7.64 -1.71 40.28
N MET D 308 -8.63 -0.96 40.81
CA MET D 308 -9.29 0.12 40.09
C MET D 308 -8.36 1.23 39.63
N MET D 309 -7.34 1.58 40.45
CA MET D 309 -6.39 2.64 40.15
C MET D 309 -5.14 2.03 39.54
N ASN D 310 -5.26 0.84 38.92
CA ASN D 310 -4.18 0.18 38.21
C ASN D 310 -4.65 0.05 36.79
N LYS D 311 -3.81 0.57 35.85
CA LYS D 311 -4.02 0.72 34.42
C LYS D 311 -4.61 -0.47 33.69
N GLN D 312 -4.05 -1.69 33.92
CA GLN D 312 -4.39 -2.90 33.19
C GLN D 312 -5.84 -3.26 33.40
N PHE D 313 -6.21 -3.42 34.69
CA PHE D 313 -7.55 -3.68 35.16
C PHE D 313 -8.53 -2.65 34.68
N ARG D 314 -8.15 -1.35 34.77
CA ARG D 314 -8.94 -0.22 34.36
C ARG D 314 -9.43 -0.34 32.94
N ASN D 315 -8.49 -0.51 31.97
CA ASN D 315 -8.78 -0.73 30.57
C ASN D 315 -9.76 -1.87 30.34
N CYS D 316 -9.46 -3.05 30.94
CA CYS D 316 -10.30 -4.23 30.91
C CYS D 316 -11.71 -4.02 31.43
N MET D 317 -11.86 -3.30 32.57
CA MET D 317 -13.11 -2.91 33.16
C MET D 317 -13.92 -2.01 32.26
N VAL D 318 -13.26 -1.02 31.61
CA VAL D 318 -13.86 -0.11 30.65
C VAL D 318 -14.38 -0.88 29.46
N THR D 319 -13.55 -1.81 28.91
CA THR D 319 -13.91 -2.73 27.84
C THR D 319 -15.15 -3.52 28.17
N THR D 320 -15.24 -4.09 29.40
CA THR D 320 -16.34 -4.93 29.85
C THR D 320 -17.60 -4.13 30.04
N LEU D 321 -17.48 -2.89 30.57
CA LEU D 321 -18.61 -1.99 30.74
C LEU D 321 -19.14 -1.50 29.43
N CYS D 322 -18.25 -1.37 28.41
CA CYS D 322 -18.60 -0.99 27.06
C CYS D 322 -18.70 -2.25 26.23
N CYS D 323 -19.48 -3.24 26.73
CA CYS D 323 -19.94 -4.41 26.02
C CYS D 323 -18.83 -5.26 25.44
N GLY D 324 -17.97 -5.81 26.32
CA GLY D 324 -16.86 -6.62 25.89
C GLY D 324 -16.43 -7.44 27.06
N1 SGV E . 11.52 -1.82 17.90
C2 SGV E . 10.55 -0.98 18.35
N3 SGV E . 9.20 -1.18 18.35
C4 SGV E . 8.86 -2.37 17.79
C5 SGV E . 9.75 -3.31 17.26
C6 SGV E . 11.14 -3.02 17.36
N6 SGV E . 12.13 -3.90 16.95
C7 SGV E . 8.93 -4.40 16.79
C8 SGV E . 7.62 -4.06 17.04
N9 SGV E . 7.59 -2.87 17.71
C1' SGV E . 6.40 -2.24 18.30
C10 SGV E . 9.36 -5.62 16.12
N11 SGV E . 8.52 -6.69 16.29
O12 SGV E . 10.40 -5.68 15.48
C2' SGV E . 5.53 -1.58 17.25
O2' SGV E . 4.97 -0.41 17.83
C3' SGV E . 4.47 -2.63 17.03
O3' SGV E . 3.25 -2.15 16.48
C4' SGV E . 4.29 -3.17 18.42
O4' SGV E . 5.61 -3.25 18.95
C5' SGV E . 3.58 -4.52 18.47
O5' SGV E . 4.18 -5.45 17.57
C1 RET F . -0.26 -5.87 65.36
C2 RET F . 0.55 -4.94 66.27
C3 RET F . 0.76 -5.49 67.67
C4 RET F . -0.60 -5.70 68.32
C5 RET F . -1.51 -6.57 67.47
C6 RET F . -1.40 -6.62 66.10
C7 RET F . -2.32 -7.36 65.21
C8 RET F . -3.63 -7.53 65.37
C9 RET F . -4.48 -8.23 64.43
C10 RET F . -5.84 -8.16 64.56
C11 RET F . -6.78 -8.64 63.64
C12 RET F . -8.12 -8.42 63.82
C13 RET F . -9.13 -8.75 62.91
C14 RET F . -10.45 -8.37 63.18
C15 RET F . -11.51 -8.52 62.33
C16 RET F . 0.71 -6.91 64.75
C17 RET F . -0.83 -5.01 64.21
C18 RET F . -2.53 -7.40 68.25
C19 RET F . -3.85 -9.00 63.27
C20 RET F . -8.77 -9.47 61.60
#